data_1FPY
#
_entry.id   1FPY
#
_cell.length_a   230.600
_cell.length_b   132.500
_cell.length_c   195.900
_cell.angle_alpha   90.00
_cell.angle_beta   102.40
_cell.angle_gamma   90.00
#
_symmetry.space_group_name_H-M   'C 1 2 1'
#
loop_
_entity.id
_entity.type
_entity.pdbx_description
1 polymer 'GLUTAMINE SYNTHETASE'
2 non-polymer 'MANGANESE (II) ION'
3 non-polymer "ADENOSINE-5'-DIPHOSPHATE"
4 non-polymer PHOSPHINOTHRICIN
5 water water
#
_entity_poly.entity_id   1
_entity_poly.type   'polypeptide(L)'
_entity_poly.pdbx_seq_one_letter_code
;SAEHVLTMLNEHEVKFVDLRFTDTKGKEQHVTIPAHQVNAEFFEEGKMFDGSSIGGWKGINESDMVLMPDASTAVIDPFF
ADSTLIIRCDILEPGTLQGYDRDPRSIAKRAEDYLRATGIADTVLFGPEPEFFLFDDIRFGASISGSHVAIDDIEGAWNS
STKYEGGNKGHRPGVKGGYFPVPPVDSAQDIRSEMCLVMEQMGLVVEAHHHEVATAGQNEVATRFNTMTKKADEIQIYKY
VVHNVAHRFGKTATFMPKPMFGDNGSGMHCHMSLAKNGTNLFSGDKYAGLSEQALYYIGGVIKHAKAINALANPTTNSYK
RLVPGYEAPVMLAYSARNRSASIRIPVVASPKARRIEVRFPDPAANPYLCFAALLMAGLDGIKNKIHPGEPMDKNLYDLP
PEEAKEIPQVAGSLEEALNALDLDREFLKAGGVFTDEAIDAYIALRREEDDRVRMTPHPVEFELYYSV
;
_entity_poly.pdbx_strand_id   A,B,C,D,E,F,G,H,I,J,K,L
#
loop_
_chem_comp.id
_chem_comp.type
_chem_comp.name
_chem_comp.formula
ADP non-polymer ADENOSINE-5'-DIPHOSPHATE 'C10 H15 N5 O10 P2'
MN non-polymer 'MANGANESE (II) ION' 'Mn 2'
PPQ non-polymer PHOSPHINOTHRICIN 'C5 H12 N O4 P'
#
# COMPACT_ATOMS: atom_id res chain seq x y z
N SER A 1 -37.45 -50.82 11.34
CA SER A 1 -36.78 -50.96 12.67
C SER A 1 -37.35 -50.02 13.76
N ALA A 2 -38.66 -50.07 13.99
CA ALA A 2 -39.22 -49.18 15.05
C ALA A 2 -38.46 -49.50 16.34
N GLU A 3 -38.46 -50.81 16.66
CA GLU A 3 -37.74 -51.31 17.81
C GLU A 3 -36.23 -50.98 17.74
N HIS A 4 -35.56 -51.45 16.67
CA HIS A 4 -34.13 -51.22 16.46
C HIS A 4 -33.72 -49.77 16.76
N VAL A 5 -34.44 -48.82 16.15
CA VAL A 5 -34.19 -47.40 16.37
C VAL A 5 -34.17 -47.02 17.85
N LEU A 6 -35.18 -47.44 18.61
CA LEU A 6 -35.21 -47.09 20.03
C LEU A 6 -33.97 -47.52 20.75
N THR A 7 -33.50 -48.73 20.47
CA THR A 7 -32.28 -49.24 21.11
C THR A 7 -31.07 -48.40 20.69
N MET A 8 -31.07 -48.06 19.40
CA MET A 8 -30.01 -47.26 18.80
C MET A 8 -29.89 -45.83 19.40
N LEU A 9 -30.97 -45.33 20.00
CA LEU A 9 -30.92 -44.01 20.61
C LEU A 9 -30.10 -44.12 21.90
N ASN A 10 -30.38 -45.18 22.69
CA ASN A 10 -29.66 -45.39 23.96
C ASN A 10 -28.24 -45.83 23.75
N GLU A 11 -28.04 -46.50 22.63
CA GLU A 11 -26.73 -47.04 22.28
C GLU A 11 -25.72 -45.97 21.91
N HIS A 12 -26.22 -44.86 21.37
CA HIS A 12 -25.32 -43.77 20.97
C HIS A 12 -25.58 -42.49 21.76
N GLU A 13 -26.38 -42.58 22.83
CA GLU A 13 -26.74 -41.41 23.65
C GLU A 13 -27.09 -40.30 22.66
N VAL A 14 -27.98 -40.66 21.74
CA VAL A 14 -28.41 -39.74 20.70
C VAL A 14 -29.17 -38.58 21.32
N LYS A 15 -28.83 -37.38 20.88
CA LYS A 15 -29.48 -36.19 21.39
C LYS A 15 -30.54 -35.71 20.40
N PHE A 16 -30.28 -35.86 19.10
CA PHE A 16 -31.25 -35.41 18.10
C PHE A 16 -31.53 -36.42 17.03
N VAL A 17 -32.59 -36.12 16.28
CA VAL A 17 -33.01 -36.95 15.17
C VAL A 17 -33.23 -36.05 13.98
N ASP A 18 -32.54 -36.38 12.92
CA ASP A 18 -32.64 -35.58 11.74
C ASP A 18 -33.49 -36.24 10.69
N LEU A 19 -34.62 -35.62 10.44
CA LEU A 19 -35.56 -36.14 9.48
C LEU A 19 -35.15 -35.64 8.13
N ARG A 20 -34.90 -36.55 7.21
CA ARG A 20 -34.54 -36.14 5.88
C ARG A 20 -35.43 -36.75 4.83
N PHE A 21 -35.63 -35.98 3.78
CA PHE A 21 -36.44 -36.40 2.67
C PHE A 21 -35.94 -35.63 1.47
N THR A 22 -36.47 -35.95 0.30
CA THR A 22 -35.97 -35.34 -0.92
C THR A 22 -36.99 -34.56 -1.71
N ASP A 23 -36.60 -33.36 -2.14
CA ASP A 23 -37.50 -32.48 -2.89
C ASP A 23 -37.54 -32.87 -4.35
N THR A 24 -38.42 -32.21 -5.08
CA THR A 24 -38.61 -32.50 -6.49
C THR A 24 -37.34 -32.42 -7.32
N LYS A 25 -36.59 -31.30 -7.20
CA LYS A 25 -35.35 -31.13 -7.97
C LYS A 25 -34.33 -32.22 -7.62
N GLY A 26 -34.41 -32.72 -6.40
CA GLY A 26 -33.50 -33.77 -6.01
C GLY A 26 -32.69 -33.42 -4.79
N LYS A 27 -32.82 -32.18 -4.33
CA LYS A 27 -32.07 -31.73 -3.16
C LYS A 27 -32.65 -32.33 -1.88
N GLU A 28 -31.79 -32.99 -1.11
CA GLU A 28 -32.16 -33.61 0.16
C GLU A 28 -32.46 -32.52 1.21
N GLN A 29 -33.60 -32.63 1.90
CA GLN A 29 -33.99 -31.65 2.92
C GLN A 29 -33.96 -32.34 4.29
N HIS A 30 -33.92 -31.55 5.37
CA HIS A 30 -33.86 -32.13 6.70
C HIS A 30 -34.51 -31.33 7.82
N VAL A 31 -34.86 -31.96 8.92
CA VAL A 31 -35.43 -31.20 10.01
C VAL A 31 -35.10 -31.93 11.28
N THR A 32 -34.75 -31.16 12.28
CA THR A 32 -34.32 -31.80 13.49
C THR A 32 -35.26 -31.77 14.64
N ILE A 33 -35.33 -32.93 15.27
CA ILE A 33 -36.20 -33.21 16.38
C ILE A 33 -35.37 -33.80 17.50
N PRO A 34 -35.63 -33.37 18.74
CA PRO A 34 -34.89 -33.88 19.89
C PRO A 34 -35.22 -35.35 20.01
N ALA A 35 -34.29 -36.15 20.47
CA ALA A 35 -34.54 -37.58 20.60
C ALA A 35 -35.79 -37.87 21.46
N HIS A 36 -36.05 -37.02 22.46
CA HIS A 36 -37.20 -37.25 23.32
C HIS A 36 -38.54 -37.11 22.60
N GLN A 37 -38.52 -36.43 21.47
CA GLN A 37 -39.72 -36.23 20.67
C GLN A 37 -40.08 -37.48 19.88
N VAL A 38 -39.19 -38.47 19.98
CA VAL A 38 -39.39 -39.74 19.30
C VAL A 38 -40.03 -40.76 20.23
N ASN A 39 -41.26 -41.12 19.88
CA ASN A 39 -42.05 -42.05 20.66
C ASN A 39 -42.80 -43.03 19.78
N ALA A 40 -43.66 -43.79 20.44
CA ALA A 40 -44.48 -44.82 19.82
C ALA A 40 -45.24 -44.36 18.57
N GLU A 41 -46.14 -43.40 18.73
CA GLU A 41 -46.95 -42.93 17.61
C GLU A 41 -46.19 -42.19 16.53
N PHE A 42 -45.07 -41.59 16.91
CA PHE A 42 -44.25 -40.88 15.95
C PHE A 42 -44.00 -41.79 14.74
N PHE A 43 -43.81 -43.07 15.01
CA PHE A 43 -43.56 -44.04 13.96
C PHE A 43 -44.74 -44.45 13.11
N GLU A 44 -45.91 -44.54 13.72
CA GLU A 44 -47.10 -44.93 12.99
C GLU A 44 -47.82 -43.76 12.33
N GLU A 45 -47.71 -42.56 12.88
CA GLU A 45 -48.37 -41.40 12.27
C GLU A 45 -47.44 -40.25 11.81
N GLY A 46 -46.13 -40.40 11.99
CA GLY A 46 -45.20 -39.38 11.58
C GLY A 46 -45.38 -38.04 12.26
N LYS A 47 -44.87 -36.98 11.62
CA LYS A 47 -44.99 -35.62 12.16
C LYS A 47 -45.54 -34.71 11.11
N MET A 48 -46.14 -33.62 11.57
CA MET A 48 -46.72 -32.64 10.68
C MET A 48 -45.76 -31.57 10.24
N PHE A 49 -45.94 -31.12 9.01
CA PHE A 49 -45.12 -30.03 8.48
C PHE A 49 -45.72 -29.45 7.19
N ASP A 50 -45.41 -28.18 6.94
CA ASP A 50 -45.89 -27.47 5.76
C ASP A 50 -44.89 -27.55 4.60
N GLY A 51 -45.33 -28.12 3.49
CA GLY A 51 -44.45 -28.23 2.33
C GLY A 51 -44.45 -26.98 1.47
N SER A 52 -45.44 -26.12 1.64
CA SER A 52 -45.60 -24.89 0.86
C SER A 52 -44.37 -24.17 0.34
N SER A 53 -43.35 -24.01 1.18
CA SER A 53 -42.12 -23.31 0.80
C SER A 53 -41.07 -24.25 0.23
N ILE A 54 -41.55 -25.23 -0.54
CA ILE A 54 -40.69 -26.20 -1.17
C ILE A 54 -40.97 -26.15 -2.67
N GLY A 55 -39.92 -26.42 -3.44
CA GLY A 55 -40.05 -26.40 -4.88
C GLY A 55 -41.11 -27.31 -5.44
N GLY A 56 -42.14 -26.70 -6.03
CA GLY A 56 -43.22 -27.43 -6.69
C GLY A 56 -44.14 -28.34 -5.91
N TRP A 57 -44.28 -28.07 -4.64
CA TRP A 57 -45.16 -28.80 -3.74
C TRP A 57 -46.11 -27.78 -3.23
N LYS A 58 -45.77 -26.64 -3.72
CA LYS A 58 -46.44 -25.41 -3.44
C LYS A 58 -47.84 -25.81 -3.31
N GLY A 59 -48.55 -24.91 -2.71
CA GLY A 59 -49.95 -25.11 -2.41
C GLY A 59 -50.12 -24.38 -1.11
N ILE A 60 -50.01 -23.07 -1.21
CA ILE A 60 -50.06 -22.27 0.00
C ILE A 60 -51.48 -22.29 0.49
N ASN A 61 -52.13 -23.43 0.34
CA ASN A 61 -53.47 -23.58 0.80
C ASN A 61 -53.76 -24.99 1.35
N GLU A 62 -53.40 -26.00 0.58
CA GLU A 62 -53.69 -27.41 0.97
C GLU A 62 -52.50 -28.31 1.45
N SER A 63 -51.28 -28.01 0.97
CA SER A 63 -50.06 -28.84 1.19
C SER A 63 -49.42 -28.81 2.58
N ASP A 64 -50.20 -29.28 3.53
CA ASP A 64 -49.76 -29.49 4.90
C ASP A 64 -49.62 -30.98 4.95
N MET A 65 -48.39 -31.46 4.69
CA MET A 65 -48.11 -32.89 4.63
C MET A 65 -47.47 -33.56 5.84
N VAL A 66 -47.37 -34.90 5.74
CA VAL A 66 -46.80 -35.76 6.78
C VAL A 66 -45.42 -36.35 6.49
N LEU A 67 -44.53 -36.26 7.47
CA LEU A 67 -43.21 -36.83 7.34
C LEU A 67 -43.30 -38.22 7.93
N MET A 68 -43.16 -39.23 7.09
CA MET A 68 -43.25 -40.57 7.60
C MET A 68 -41.92 -41.26 7.69
N PRO A 69 -41.40 -41.36 8.93
CA PRO A 69 -40.12 -42.01 9.20
C PRO A 69 -40.09 -43.43 8.70
N ASP A 70 -38.93 -43.82 8.20
CA ASP A 70 -38.72 -45.15 7.69
C ASP A 70 -37.66 -45.77 8.61
N ALA A 71 -38.15 -46.50 9.60
CA ALA A 71 -37.31 -47.14 10.60
C ALA A 71 -36.06 -47.82 10.07
N SER A 72 -36.11 -48.30 8.85
CA SER A 72 -34.95 -48.99 8.29
C SER A 72 -33.75 -48.09 7.96
N THR A 73 -34.05 -46.90 7.44
CA THR A 73 -33.05 -45.91 7.03
C THR A 73 -32.15 -45.26 8.10
N ALA A 74 -32.44 -45.54 9.37
CA ALA A 74 -31.69 -44.95 10.48
C ALA A 74 -30.20 -45.14 10.55
N VAL A 75 -29.49 -44.02 10.65
CA VAL A 75 -28.05 -44.03 10.80
C VAL A 75 -27.48 -42.71 11.29
N ILE A 76 -26.48 -42.82 12.16
CA ILE A 76 -25.81 -41.69 12.76
C ILE A 76 -25.18 -40.71 11.77
N ASP A 77 -25.28 -39.42 12.09
CA ASP A 77 -24.64 -38.40 11.25
C ASP A 77 -23.21 -38.29 11.77
N PRO A 78 -22.23 -38.48 10.90
CA PRO A 78 -20.83 -38.43 11.29
C PRO A 78 -20.18 -37.07 11.31
N PHE A 79 -20.93 -36.04 10.92
CA PHE A 79 -20.40 -34.69 10.85
C PHE A 79 -20.90 -33.78 11.99
N PHE A 80 -22.15 -33.99 12.38
CA PHE A 80 -22.77 -33.19 13.42
C PHE A 80 -22.05 -33.32 14.76
N ALA A 81 -21.98 -32.19 15.46
CA ALA A 81 -21.29 -32.11 16.75
C ALA A 81 -21.96 -32.87 17.87
N ASP A 82 -23.27 -32.73 17.97
CA ASP A 82 -24.00 -33.41 19.03
C ASP A 82 -24.50 -34.70 18.39
N SER A 83 -24.46 -35.81 19.12
CA SER A 83 -24.85 -37.11 18.58
C SER A 83 -26.23 -37.10 17.95
N THR A 84 -26.34 -37.09 16.62
CA THR A 84 -27.69 -37.13 16.06
C THR A 84 -27.90 -38.30 15.08
N LEU A 85 -29.15 -38.82 15.13
CA LEU A 85 -29.58 -39.92 14.28
C LEU A 85 -30.41 -39.41 13.10
N ILE A 86 -30.05 -39.87 11.90
CA ILE A 86 -30.76 -39.47 10.69
C ILE A 86 -31.80 -40.52 10.35
N ILE A 87 -32.94 -40.06 9.85
CA ILE A 87 -34.00 -40.96 9.44
C ILE A 87 -34.66 -40.38 8.21
N ARG A 88 -34.57 -41.16 7.15
CA ARG A 88 -35.15 -40.80 5.88
C ARG A 88 -36.65 -40.93 6.04
N CYS A 89 -37.38 -39.97 5.49
CA CYS A 89 -38.81 -39.99 5.61
C CYS A 89 -39.45 -40.01 4.25
N ASP A 90 -40.73 -40.37 4.22
CA ASP A 90 -41.56 -40.40 3.02
C ASP A 90 -42.58 -39.29 3.25
N ILE A 91 -43.00 -38.67 2.18
CA ILE A 91 -44.00 -37.63 2.27
C ILE A 91 -45.35 -38.24 1.96
N LEU A 92 -46.19 -38.32 2.97
CA LEU A 92 -47.52 -38.88 2.84
C LEU A 92 -48.56 -37.80 2.84
N GLU A 93 -49.71 -38.12 2.25
CA GLU A 93 -50.85 -37.21 2.19
C GLU A 93 -51.54 -37.25 3.58
N PRO A 94 -51.89 -36.06 4.14
CA PRO A 94 -52.52 -36.05 5.47
C PRO A 94 -53.86 -36.83 5.52
N GLY A 95 -54.02 -37.63 6.57
CA GLY A 95 -55.24 -38.41 6.73
C GLY A 95 -55.22 -39.67 5.88
N THR A 96 -55.28 -39.49 4.55
CA THR A 96 -55.26 -40.61 3.60
C THR A 96 -54.04 -41.50 3.89
N LEU A 97 -52.89 -40.83 4.03
CA LEU A 97 -51.62 -41.47 4.37
C LEU A 97 -51.03 -42.52 3.42
N GLN A 98 -51.31 -42.46 2.13
CA GLN A 98 -50.71 -43.49 1.27
C GLN A 98 -49.55 -43.03 0.37
N GLY A 99 -49.23 -41.74 0.39
CA GLY A 99 -48.09 -41.31 -0.40
C GLY A 99 -48.30 -40.22 -1.41
N TYR A 100 -47.68 -39.08 -1.13
CA TYR A 100 -47.76 -37.89 -1.98
C TYR A 100 -47.36 -38.10 -3.45
N ASP A 101 -48.24 -37.59 -4.31
CA ASP A 101 -48.09 -37.67 -5.75
C ASP A 101 -46.78 -37.13 -6.26
N ARG A 102 -46.29 -36.12 -5.55
CA ARG A 102 -45.04 -35.47 -5.91
C ARG A 102 -43.81 -35.88 -5.13
N ASP A 103 -43.99 -36.71 -4.10
CA ASP A 103 -42.86 -37.21 -3.32
C ASP A 103 -42.09 -38.20 -4.21
N PRO A 104 -40.91 -37.78 -4.69
CA PRO A 104 -40.05 -38.57 -5.57
C PRO A 104 -39.75 -39.93 -5.00
N ARG A 105 -39.64 -40.02 -3.69
CA ARG A 105 -39.36 -41.30 -3.09
C ARG A 105 -40.56 -42.22 -3.22
N SER A 106 -41.76 -41.65 -3.07
CA SER A 106 -42.98 -42.45 -3.20
C SER A 106 -43.07 -42.96 -4.63
N ILE A 107 -42.81 -42.05 -5.57
CA ILE A 107 -42.82 -42.38 -6.99
C ILE A 107 -41.85 -43.52 -7.32
N ALA A 108 -40.69 -43.51 -6.69
CA ALA A 108 -39.70 -44.55 -6.95
C ALA A 108 -40.22 -45.87 -6.44
N LYS A 109 -40.87 -45.83 -5.28
CA LYS A 109 -41.41 -47.04 -4.67
C LYS A 109 -42.55 -47.57 -5.53
N ARG A 110 -43.41 -46.66 -5.99
CA ARG A 110 -44.53 -47.00 -6.86
C ARG A 110 -44.01 -47.80 -8.05
N ALA A 111 -42.98 -47.26 -8.69
CA ALA A 111 -42.37 -47.91 -9.84
C ALA A 111 -41.82 -49.31 -9.49
N GLU A 112 -41.27 -49.48 -8.29
CA GLU A 112 -40.75 -50.79 -7.88
C GLU A 112 -41.90 -51.78 -7.67
N ASP A 113 -43.03 -51.28 -7.18
CA ASP A 113 -44.23 -52.09 -6.94
C ASP A 113 -44.74 -52.62 -8.28
N TYR A 114 -44.94 -51.68 -9.21
CA TYR A 114 -45.40 -51.95 -10.56
C TYR A 114 -44.51 -52.98 -11.28
N LEU A 115 -43.26 -53.10 -10.87
CA LEU A 115 -42.37 -54.05 -11.51
C LEU A 115 -42.82 -55.45 -11.09
N ARG A 116 -43.01 -55.65 -9.79
CA ARG A 116 -43.46 -56.94 -9.27
C ARG A 116 -44.88 -57.24 -9.72
N ALA A 117 -45.67 -56.18 -9.86
CA ALA A 117 -47.05 -56.29 -10.30
C ALA A 117 -47.16 -56.85 -11.73
N THR A 118 -46.37 -56.33 -12.66
CA THR A 118 -46.41 -56.82 -14.04
C THR A 118 -45.79 -58.21 -14.11
N GLY A 119 -45.32 -58.69 -12.95
CA GLY A 119 -44.69 -60.00 -12.87
C GLY A 119 -43.46 -60.17 -13.74
N ILE A 120 -43.05 -59.11 -14.45
CA ILE A 120 -41.88 -59.15 -15.32
C ILE A 120 -40.62 -59.54 -14.56
N ALA A 121 -40.47 -58.99 -13.34
CA ALA A 121 -39.33 -59.29 -12.47
C ALA A 121 -39.71 -58.93 -11.03
N ASP A 122 -38.90 -59.35 -10.06
CA ASP A 122 -39.21 -59.03 -8.67
C ASP A 122 -38.32 -57.99 -7.99
N THR A 123 -37.23 -57.58 -8.65
CA THR A 123 -36.32 -56.53 -8.14
C THR A 123 -35.52 -55.90 -9.28
N VAL A 124 -35.33 -54.57 -9.19
CA VAL A 124 -34.54 -53.83 -10.17
C VAL A 124 -33.20 -53.50 -9.55
N LEU A 125 -32.14 -53.59 -10.34
CA LEU A 125 -30.81 -53.30 -9.82
C LEU A 125 -30.17 -52.09 -10.48
N PHE A 126 -29.72 -51.16 -9.63
CA PHE A 126 -29.07 -49.94 -10.07
C PHE A 126 -27.68 -49.78 -9.48
N GLY A 127 -26.74 -49.44 -10.35
CA GLY A 127 -25.37 -49.23 -9.96
C GLY A 127 -24.91 -47.99 -10.70
N PRO A 128 -25.00 -46.82 -10.06
CA PRO A 128 -24.59 -45.55 -10.66
C PRO A 128 -23.15 -45.17 -10.31
N GLU A 129 -22.50 -44.50 -11.26
CA GLU A 129 -21.11 -44.04 -11.14
C GLU A 129 -21.18 -42.54 -11.19
N PRO A 130 -21.44 -41.95 -10.03
CA PRO A 130 -21.56 -40.51 -9.89
C PRO A 130 -20.22 -39.81 -9.68
N GLU A 131 -19.81 -39.07 -10.71
CA GLU A 131 -18.55 -38.32 -10.72
C GLU A 131 -18.72 -36.89 -10.12
N PHE A 132 -17.62 -36.27 -9.72
CA PHE A 132 -17.66 -34.92 -9.17
C PHE A 132 -16.30 -34.24 -9.18
N PHE A 133 -16.32 -32.97 -8.82
CA PHE A 133 -15.11 -32.17 -8.76
C PHE A 133 -14.87 -31.62 -7.36
N LEU A 134 -13.61 -31.37 -7.05
CA LEU A 134 -13.21 -30.80 -5.77
C LEU A 134 -12.36 -29.55 -6.00
N PHE A 135 -12.95 -28.40 -5.67
CA PHE A 135 -12.28 -27.12 -5.84
C PHE A 135 -11.91 -26.52 -4.49
N ASP A 136 -11.22 -25.40 -4.55
CA ASP A 136 -10.74 -24.73 -3.36
C ASP A 136 -11.54 -23.45 -3.27
N ASP A 137 -11.91 -22.93 -4.43
CA ASP A 137 -12.63 -21.68 -4.48
C ASP A 137 -13.51 -21.64 -5.72
N ILE A 138 -14.76 -21.21 -5.49
CA ILE A 138 -15.76 -21.07 -6.52
C ILE A 138 -16.55 -19.76 -6.32
N ARG A 139 -16.50 -18.90 -7.32
CA ARG A 139 -17.23 -17.63 -7.24
C ARG A 139 -17.98 -17.43 -8.55
N PHE A 140 -19.13 -16.79 -8.43
CA PHE A 140 -19.98 -16.52 -9.58
C PHE A 140 -21.08 -15.53 -9.21
N GLY A 141 -21.73 -15.00 -10.24
CA GLY A 141 -22.80 -14.06 -10.02
C GLY A 141 -23.32 -13.44 -11.27
N ALA A 142 -24.52 -12.89 -11.17
CA ALA A 142 -25.17 -12.24 -12.29
C ALA A 142 -25.96 -11.07 -11.76
N SER A 143 -25.75 -9.95 -12.42
CA SER A 143 -26.37 -8.69 -12.10
C SER A 143 -26.68 -8.07 -13.47
N ILE A 144 -27.32 -6.91 -13.45
CA ILE A 144 -27.67 -6.26 -14.69
C ILE A 144 -26.45 -5.87 -15.53
N SER A 145 -25.39 -5.40 -14.86
CA SER A 145 -24.16 -4.96 -15.50
C SER A 145 -23.19 -6.04 -15.95
N GLY A 146 -23.48 -7.29 -15.57
CA GLY A 146 -22.64 -8.40 -16.00
C GLY A 146 -22.91 -9.70 -15.28
N SER A 147 -22.02 -10.66 -15.49
CA SER A 147 -22.12 -11.96 -14.83
C SER A 147 -20.77 -12.60 -14.93
N HIS A 148 -20.56 -13.63 -14.11
CA HIS A 148 -19.28 -14.34 -14.12
C HIS A 148 -19.24 -15.60 -13.31
N VAL A 149 -18.16 -16.33 -13.50
CA VAL A 149 -17.90 -17.56 -12.78
C VAL A 149 -16.37 -17.72 -12.73
N ALA A 150 -15.88 -18.17 -11.59
CA ALA A 150 -14.46 -18.37 -11.42
C ALA A 150 -14.20 -19.61 -10.59
N ILE A 151 -13.46 -20.52 -11.19
CA ILE A 151 -13.13 -21.76 -10.54
C ILE A 151 -11.67 -21.75 -10.19
N ASP A 152 -11.38 -22.40 -9.08
CA ASP A 152 -10.03 -22.55 -8.69
C ASP A 152 -9.78 -23.69 -7.75
N ASP A 153 -8.74 -24.45 -8.11
CA ASP A 153 -8.28 -25.55 -7.31
C ASP A 153 -6.78 -25.58 -7.42
N ILE A 154 -6.21 -26.20 -6.41
CA ILE A 154 -4.78 -26.41 -6.32
C ILE A 154 -4.34 -27.28 -7.51
N GLU A 155 -5.26 -28.13 -7.97
CA GLU A 155 -4.94 -29.03 -9.08
C GLU A 155 -5.09 -28.38 -10.45
N GLY A 156 -5.79 -27.27 -10.50
CA GLY A 156 -6.00 -26.61 -11.77
C GLY A 156 -4.77 -26.36 -12.61
N ALA A 157 -4.76 -26.91 -13.80
CA ALA A 157 -3.62 -26.76 -14.69
C ALA A 157 -3.20 -25.31 -14.88
N TRP A 158 -4.17 -24.39 -14.82
CA TRP A 158 -3.87 -22.97 -15.01
C TRP A 158 -2.92 -22.40 -13.95
N ASN A 159 -2.87 -23.05 -12.79
CA ASN A 159 -2.00 -22.66 -11.69
C ASN A 159 -0.52 -23.02 -11.83
N SER A 160 -0.13 -23.58 -12.95
CA SER A 160 1.26 -23.94 -13.17
C SER A 160 2.14 -22.69 -13.09
N SER A 161 1.50 -21.56 -13.40
CA SER A 161 2.12 -20.23 -13.44
C SER A 161 1.95 -19.38 -12.20
N THR A 162 0.91 -19.68 -11.45
CA THR A 162 0.50 -18.99 -10.24
C THR A 162 1.51 -18.92 -9.10
N LYS A 163 1.64 -17.74 -8.48
CA LYS A 163 2.57 -17.56 -7.34
C LYS A 163 1.88 -17.95 -6.04
N TYR A 164 2.58 -18.69 -5.19
CA TYR A 164 1.97 -19.13 -3.94
C TYR A 164 2.72 -18.64 -2.75
N GLU A 165 1.99 -18.53 -1.64
CA GLU A 165 2.51 -18.05 -0.38
C GLU A 165 3.83 -18.71 -0.03
N GLY A 166 3.83 -20.04 0.09
CA GLY A 166 5.06 -20.73 0.39
C GLY A 166 5.73 -21.38 -0.81
N GLY A 167 5.54 -20.81 -1.99
CA GLY A 167 6.12 -21.37 -3.21
C GLY A 167 5.16 -22.33 -3.91
N ASN A 168 5.24 -22.35 -5.24
CA ASN A 168 4.44 -23.22 -6.10
C ASN A 168 5.12 -24.56 -6.23
N LYS A 169 4.47 -25.65 -5.76
CA LYS A 169 5.10 -27.00 -5.76
C LYS A 169 4.87 -27.81 -7.09
N GLY A 170 4.20 -27.15 -8.01
CA GLY A 170 3.91 -27.51 -9.43
C GLY A 170 3.49 -28.91 -9.84
N HIS A 171 3.05 -29.89 -9.01
CA HIS A 171 2.63 -31.21 -9.59
C HIS A 171 1.10 -31.28 -9.83
N ARG A 172 0.71 -30.79 -10.99
CA ARG A 172 -0.70 -30.70 -11.32
C ARG A 172 -1.06 -31.52 -12.54
N PRO A 173 -2.31 -31.99 -12.58
CA PRO A 173 -2.88 -32.79 -13.65
C PRO A 173 -3.11 -31.84 -14.82
N GLY A 174 -2.70 -32.23 -16.02
N GLY A 174 -3.07 -33.75 -14.87
CA GLY A 174 -2.92 -31.37 -17.17
CA GLY A 174 -3.57 -32.68 -15.70
C GLY A 174 -4.36 -31.51 -17.65
C GLY A 174 -4.75 -33.15 -16.56
N VAL A 175 -4.76 -30.79 -18.71
N VAL A 175 -5.08 -32.40 -17.62
CA VAL A 175 -6.13 -30.95 -19.21
CA VAL A 175 -6.19 -32.76 -18.49
C VAL A 175 -6.34 -32.42 -19.61
C VAL A 175 -6.21 -34.29 -18.74
N LYS A 176 -7.35 -33.05 -19.01
N LYS A 176 -7.31 -34.95 -18.33
CA LYS A 176 -7.63 -34.47 -19.21
CA LYS A 176 -7.42 -36.38 -18.53
C LYS A 176 -6.46 -35.27 -18.64
C LYS A 176 -6.55 -37.14 -17.53
N GLY A 177 -5.60 -34.58 -17.94
N GLY A 177 -6.18 -36.33 -16.54
CA GLY A 177 -4.45 -35.23 -17.37
CA GLY A 177 -5.37 -36.66 -15.38
C GLY A 177 -4.72 -36.14 -16.18
C GLY A 177 -4.59 -37.93 -15.59
N GLY A 178 -5.82 -35.78 -15.46
N GLY A 178 -4.55 -38.41 -16.84
CA GLY A 178 -6.29 -36.36 -14.19
CA GLY A 178 -3.84 -39.66 -17.06
C GLY A 178 -6.75 -37.80 -14.17
C GLY A 178 -3.94 -40.33 -15.71
N TYR A 179 -5.93 -38.64 -14.72
N TYR A 179 -4.96 -41.09 -15.52
CA TYR A 179 -6.35 -40.00 -14.60
CA TYR A 179 -5.13 -41.50 -14.15
C TYR A 179 -5.19 -40.83 -14.17
C TYR A 179 -4.42 -42.69 -13.63
N PHE A 180 -5.40 -41.22 -12.95
N PHE A 180 -4.36 -42.62 -12.30
CA PHE A 180 -4.55 -42.13 -12.23
CA PHE A 180 -3.78 -43.60 -11.43
C PHE A 180 -3.13 -41.65 -11.98
C PHE A 180 -2.26 -43.67 -11.54
N PRO A 181 -2.65 -40.43 -12.30
CA PRO A 181 -1.28 -40.16 -11.77
C PRO A 181 -1.16 -40.44 -10.25
N VAL A 182 0.00 -40.88 -9.85
CA VAL A 182 0.24 -41.13 -8.45
C VAL A 182 0.43 -39.81 -7.80
N PRO A 183 0.08 -39.69 -6.56
CA PRO A 183 0.42 -38.45 -5.85
C PRO A 183 1.91 -38.20 -6.03
N PRO A 184 2.34 -36.96 -5.91
CA PRO A 184 1.52 -35.78 -5.62
C PRO A 184 0.71 -35.17 -6.71
N VAL A 185 0.78 -35.80 -7.85
CA VAL A 185 -0.01 -35.16 -8.91
C VAL A 185 -1.50 -35.16 -8.51
N ASP A 186 -1.93 -36.28 -7.90
CA ASP A 186 -3.26 -36.53 -7.39
C ASP A 186 -3.27 -36.09 -5.90
N SER A 187 -3.71 -34.87 -5.67
CA SER A 187 -3.75 -34.33 -4.33
C SER A 187 -4.83 -34.94 -3.47
N ALA A 188 -5.49 -36.02 -3.90
CA ALA A 188 -6.67 -36.39 -3.10
C ALA A 188 -6.82 -37.83 -2.58
N GLN A 189 -5.75 -38.57 -2.33
CA GLN A 189 -5.95 -39.92 -1.81
C GLN A 189 -6.67 -39.91 -0.51
N ASP A 190 -6.03 -39.25 0.45
CA ASP A 190 -6.54 -39.16 1.79
C ASP A 190 -7.99 -38.69 1.90
N ILE A 191 -8.36 -37.77 1.02
CA ILE A 191 -9.71 -37.21 0.97
C ILE A 191 -10.69 -38.29 0.55
N ARG A 192 -10.47 -38.85 -0.65
CA ARG A 192 -11.35 -39.89 -1.15
C ARG A 192 -11.45 -41.03 -0.15
N SER A 193 -10.31 -41.48 0.36
CA SER A 193 -10.35 -42.55 1.34
C SER A 193 -11.26 -42.24 2.52
N GLU A 194 -11.34 -40.97 2.94
CA GLU A 194 -12.23 -40.60 4.06
C GLU A 194 -13.67 -40.78 3.60
N MET A 195 -13.98 -40.14 2.47
CA MET A 195 -15.33 -40.25 1.90
C MET A 195 -15.72 -41.73 1.88
N CYS A 196 -14.77 -42.58 1.51
CA CYS A 196 -15.05 -44.01 1.49
C CYS A 196 -15.37 -44.53 2.88
N LEU A 197 -14.44 -44.41 3.80
CA LEU A 197 -14.66 -44.88 5.16
C LEU A 197 -16.01 -44.46 5.67
N VAL A 198 -16.27 -43.16 5.54
CA VAL A 198 -17.53 -42.56 5.99
C VAL A 198 -18.73 -43.16 5.32
N MET A 199 -18.73 -43.15 4.00
CA MET A 199 -19.82 -43.74 3.22
C MET A 199 -20.17 -45.14 3.73
N GLU A 200 -19.15 -45.94 4.01
CA GLU A 200 -19.35 -47.29 4.51
C GLU A 200 -19.98 -47.28 5.88
N GLN A 201 -19.49 -46.40 6.75
CA GLN A 201 -20.03 -46.25 8.10
C GLN A 201 -21.51 -45.86 8.03
N MET A 202 -21.89 -45.23 6.93
CA MET A 202 -23.26 -44.81 6.72
C MET A 202 -24.03 -45.82 5.89
N GLY A 203 -23.58 -47.07 5.90
CA GLY A 203 -24.27 -48.10 5.16
C GLY A 203 -23.92 -48.43 3.71
N LEU A 204 -23.29 -47.51 2.99
CA LEU A 204 -22.92 -47.82 1.61
C LEU A 204 -21.76 -48.82 1.55
N VAL A 205 -21.59 -49.44 0.37
CA VAL A 205 -20.51 -50.39 0.17
C VAL A 205 -19.64 -49.89 -0.97
N VAL A 206 -18.41 -49.59 -0.61
CA VAL A 206 -17.45 -49.04 -1.56
C VAL A 206 -16.66 -50.10 -2.28
N GLU A 207 -16.73 -50.04 -3.61
CA GLU A 207 -16.00 -50.97 -4.43
C GLU A 207 -14.64 -50.40 -4.78
N ALA A 208 -14.56 -49.08 -4.84
CA ALA A 208 -13.32 -48.41 -5.16
C ALA A 208 -13.44 -46.90 -5.31
N HIS A 209 -12.25 -46.28 -5.41
CA HIS A 209 -12.06 -44.84 -5.64
C HIS A 209 -10.82 -44.51 -6.45
N HIS A 210 -10.89 -43.38 -7.14
N HIS A 210 -12.31 -43.40 -6.57
CA HIS A 210 -9.79 -42.96 -8.00
CA HIS A 210 -11.41 -43.43 -7.73
C HIS A 210 -9.95 -41.53 -8.45
C HIS A 210 -11.43 -42.09 -8.51
N HIS A 211 -8.87 -40.90 -8.89
N HIS A 211 -10.25 -41.64 -8.95
CA HIS A 211 -8.98 -39.56 -9.42
CA HIS A 211 -10.02 -40.37 -9.64
C HIS A 211 -9.70 -39.76 -10.73
C HIS A 211 -10.20 -40.44 -11.17
N GLU A 212 -10.04 -38.68 -11.44
N GLU A 212 -10.17 -39.29 -11.89
CA GLU A 212 -10.77 -38.84 -12.68
CA GLU A 212 -10.41 -39.39 -13.31
C GLU A 212 -10.21 -37.86 -13.73
C GLU A 212 -10.98 -38.04 -13.75
N VAL A 213 -10.33 -38.19 -15.01
CA VAL A 213 -9.80 -37.46 -16.18
C VAL A 213 -9.48 -35.96 -16.07
N ALA A 214 -10.47 -35.12 -15.78
CA ALA A 214 -10.28 -33.66 -15.75
C ALA A 214 -9.34 -33.09 -14.67
N THR A 215 -8.66 -32.02 -15.05
CA THR A 215 -7.77 -31.31 -14.13
C THR A 215 -8.67 -30.65 -13.08
N ALA A 216 -8.08 -30.00 -12.10
CA ALA A 216 -8.85 -29.31 -11.07
C ALA A 216 -9.75 -30.21 -10.24
N GLY A 217 -9.20 -31.33 -9.77
CA GLY A 217 -9.88 -32.21 -8.83
C GLY A 217 -11.10 -33.04 -9.22
N GLN A 218 -11.21 -33.53 -10.44
CA GLN A 218 -12.34 -34.41 -10.73
C GLN A 218 -12.04 -35.76 -10.07
N ASN A 219 -13.01 -36.30 -9.35
CA ASN A 219 -12.85 -37.58 -8.65
C ASN A 219 -14.12 -38.40 -8.69
N GLU A 220 -14.00 -39.69 -8.39
CA GLU A 220 -15.13 -40.61 -8.40
C GLU A 220 -14.90 -41.66 -7.34
N VAL A 221 -16.00 -42.07 -6.71
CA VAL A 221 -16.04 -43.14 -5.71
C VAL A 221 -17.12 -44.12 -6.18
N ALA A 222 -16.68 -45.33 -6.49
CA ALA A 222 -17.56 -46.38 -6.97
C ALA A 222 -18.17 -47.14 -5.82
N THR A 223 -19.48 -47.23 -5.85
CA THR A 223 -20.21 -47.92 -4.81
C THR A 223 -21.01 -49.05 -5.41
N ARG A 224 -21.17 -50.09 -4.60
CA ARG A 224 -21.93 -51.26 -5.01
C ARG A 224 -23.40 -50.97 -5.18
N PHE A 225 -23.97 -51.57 -6.22
CA PHE A 225 -25.37 -51.46 -6.61
C PHE A 225 -26.30 -51.88 -5.49
N ASN A 226 -27.60 -51.70 -5.75
CA ASN A 226 -28.65 -52.08 -4.80
C ASN A 226 -30.03 -51.93 -5.45
N THR A 227 -31.06 -52.39 -4.73
CA THR A 227 -32.44 -52.30 -5.22
C THR A 227 -32.67 -50.83 -5.58
N MET A 228 -33.25 -50.59 -6.76
CA MET A 228 -33.48 -49.22 -7.22
C MET A 228 -33.75 -48.16 -6.17
N THR A 229 -34.74 -48.35 -5.32
CA THR A 229 -35.04 -47.32 -4.33
C THR A 229 -33.97 -47.12 -3.26
N LYS A 230 -33.45 -48.21 -2.70
CA LYS A 230 -32.40 -48.09 -1.71
C LYS A 230 -31.17 -47.40 -2.32
N LYS A 231 -30.93 -47.63 -3.62
CA LYS A 231 -29.79 -47.01 -4.27
C LYS A 231 -29.92 -45.50 -4.38
N ALA A 232 -31.08 -45.01 -4.80
CA ALA A 232 -31.30 -43.55 -4.89
C ALA A 232 -31.12 -42.92 -3.49
N ASP A 233 -31.39 -43.69 -2.45
CA ASP A 233 -31.20 -43.25 -1.07
C ASP A 233 -29.70 -43.05 -0.91
N GLU A 234 -28.97 -44.14 -1.17
CA GLU A 234 -27.52 -44.17 -1.07
C GLU A 234 -26.88 -43.03 -1.86
N ILE A 235 -27.50 -42.63 -2.97
CA ILE A 235 -26.98 -41.54 -3.77
C ILE A 235 -26.99 -40.26 -2.95
N GLN A 236 -28.13 -40.00 -2.33
CA GLN A 236 -28.25 -38.82 -1.49
C GLN A 236 -27.20 -38.86 -0.38
N ILE A 237 -27.01 -40.03 0.22
CA ILE A 237 -26.02 -40.16 1.29
C ILE A 237 -24.63 -39.88 0.73
N TYR A 238 -24.38 -40.47 -0.42
CA TYR A 238 -23.14 -40.28 -1.17
C TYR A 238 -22.79 -38.81 -1.28
N LYS A 239 -23.70 -38.09 -1.92
CA LYS A 239 -23.53 -36.65 -2.14
C LYS A 239 -23.31 -35.91 -0.85
N TYR A 240 -24.01 -36.33 0.19
CA TYR A 240 -23.88 -35.69 1.48
C TYR A 240 -22.46 -35.90 1.95
N VAL A 241 -22.08 -37.16 2.10
CA VAL A 241 -20.73 -37.51 2.55
C VAL A 241 -19.69 -36.76 1.73
N VAL A 242 -19.85 -36.77 0.41
CA VAL A 242 -18.91 -36.08 -0.48
C VAL A 242 -18.88 -34.59 -0.15
N HIS A 243 -20.01 -33.93 -0.31
CA HIS A 243 -20.12 -32.50 -0.04
C HIS A 243 -19.52 -32.06 1.28
N ASN A 244 -19.79 -32.82 2.33
CA ASN A 244 -19.35 -32.53 3.68
C ASN A 244 -17.93 -32.89 4.02
N VAL A 245 -17.47 -34.07 3.60
CA VAL A 245 -16.08 -34.43 3.87
C VAL A 245 -15.23 -33.36 3.15
N ALA A 246 -15.64 -33.02 1.93
CA ALA A 246 -14.95 -32.00 1.13
C ALA A 246 -14.88 -30.72 1.93
N HIS A 247 -16.02 -30.32 2.43
CA HIS A 247 -16.13 -29.10 3.20
C HIS A 247 -15.16 -29.11 4.36
N ARG A 248 -15.21 -30.19 5.14
CA ARG A 248 -14.34 -30.39 6.29
C ARG A 248 -12.85 -30.40 5.91
N PHE A 249 -12.51 -30.63 4.65
CA PHE A 249 -11.09 -30.60 4.27
C PHE A 249 -10.79 -29.27 3.64
N GLY A 250 -11.69 -28.32 3.85
CA GLY A 250 -11.48 -27.02 3.29
C GLY A 250 -11.64 -27.03 1.78
N LYS A 251 -12.34 -28.03 1.28
CA LYS A 251 -12.60 -28.06 -0.14
C LYS A 251 -14.09 -27.82 -0.34
N THR A 252 -14.48 -27.70 -1.59
CA THR A 252 -15.89 -27.46 -1.93
C THR A 252 -16.21 -28.39 -3.10
N ALA A 253 -17.18 -29.30 -2.91
CA ALA A 253 -17.53 -30.24 -3.99
C ALA A 253 -18.74 -29.84 -4.80
N THR A 254 -18.74 -30.20 -6.08
CA THR A 254 -19.89 -29.95 -6.93
C THR A 254 -20.24 -31.12 -7.83
N PHE A 255 -21.51 -31.45 -7.86
CA PHE A 255 -21.93 -32.51 -8.74
C PHE A 255 -22.49 -31.95 -10.03
N MET A 256 -22.26 -30.68 -10.31
CA MET A 256 -22.77 -30.14 -11.56
C MET A 256 -22.02 -30.83 -12.70
N PRO A 257 -22.75 -31.20 -13.75
CA PRO A 257 -22.27 -31.89 -14.94
C PRO A 257 -21.12 -31.33 -15.77
N LYS A 258 -21.14 -30.02 -16.03
CA LYS A 258 -20.08 -29.43 -16.84
C LYS A 258 -19.59 -28.08 -16.28
N PRO A 259 -18.80 -28.12 -15.19
CA PRO A 259 -18.28 -26.91 -14.55
C PRO A 259 -17.32 -26.20 -15.48
N MET A 260 -16.29 -26.92 -15.91
CA MET A 260 -15.36 -26.36 -16.85
C MET A 260 -15.65 -26.91 -18.22
N PHE A 261 -15.20 -26.15 -19.20
N PHE A 261 -15.44 -26.05 -19.17
CA PHE A 261 -15.30 -26.42 -20.65
CA PHE A 261 -15.67 -26.41 -20.57
C PHE A 261 -13.92 -26.79 -21.20
C PHE A 261 -14.63 -27.44 -20.86
N GLY A 262 -13.84 -27.83 -22.01
N GLY A 262 -13.44 -27.14 -20.37
CA GLY A 262 -12.55 -28.17 -22.56
CA GLY A 262 -12.28 -27.99 -20.51
C GLY A 262 -11.91 -29.34 -21.86
C GLY A 262 -12.41 -29.31 -21.23
N ASP A 263 -12.55 -29.81 -20.82
N ASP A 263 -12.74 -30.37 -20.49
CA ASP A 263 -12.12 -30.95 -20.08
CA ASP A 263 -12.77 -31.72 -21.09
C ASP A 263 -13.37 -31.71 -19.75
C ASP A 263 -13.62 -32.82 -20.41
N ASN A 264 -13.19 -32.88 -19.24
N ASN A 264 -13.40 -34.10 -20.86
CA ASN A 264 -14.28 -33.74 -18.95
CA ASN A 264 -13.96 -35.28 -20.35
C ASN A 264 -15.35 -33.15 -18.08
C ASN A 264 -14.72 -34.85 -19.07
N GLY A 265 -16.54 -33.57 -18.43
N GLY A 265 -16.04 -34.68 -19.14
CA GLY A 265 -17.70 -33.26 -17.69
CA GLY A 265 -16.80 -34.13 -17.99
C GLY A 265 -17.86 -34.44 -16.75
C GLY A 265 -17.21 -35.09 -16.87
N SER A 266 -18.62 -34.25 -15.67
N SER A 266 -18.13 -34.62 -16.00
CA SER A 266 -18.85 -35.32 -14.74
CA SER A 266 -18.67 -35.40 -14.84
C SER A 266 -20.20 -35.90 -15.05
C SER A 266 -20.08 -35.91 -15.18
N GLY A 267 -20.26 -37.21 -15.00
CA GLY A 267 -21.48 -37.92 -15.34
C GLY A 267 -21.82 -39.05 -14.40
N MET A 268 -23.07 -39.49 -14.45
CA MET A 268 -23.52 -40.60 -13.62
C MET A 268 -24.07 -41.76 -14.45
N HIS A 269 -23.18 -42.63 -14.92
CA HIS A 269 -23.57 -43.80 -15.72
C HIS A 269 -24.44 -44.71 -14.87
N CYS A 270 -25.41 -45.34 -15.52
CA CYS A 270 -26.32 -46.22 -14.82
C CYS A 270 -26.38 -47.65 -15.27
N HIS A 271 -25.84 -48.50 -14.40
CA HIS A 271 -25.82 -49.92 -14.62
C HIS A 271 -27.13 -50.45 -14.11
N MET A 272 -27.74 -51.31 -14.90
CA MET A 272 -29.01 -51.89 -14.55
C MET A 272 -29.11 -53.33 -15.00
N SER A 273 -30.04 -54.03 -14.37
CA SER A 273 -30.35 -55.42 -14.66
C SER A 273 -31.57 -55.78 -13.81
N LEU A 274 -32.36 -56.72 -14.31
CA LEU A 274 -33.53 -57.15 -13.57
C LEU A 274 -33.36 -58.55 -13.05
N ALA A 275 -34.03 -58.85 -11.95
CA ALA A 275 -33.93 -60.17 -11.35
C ALA A 275 -35.28 -60.74 -10.94
N LYS A 276 -35.31 -62.05 -10.75
CA LYS A 276 -36.51 -62.77 -10.36
C LYS A 276 -36.03 -64.05 -9.68
N ASN A 277 -36.30 -64.17 -8.38
CA ASN A 277 -35.92 -65.34 -7.59
C ASN A 277 -34.45 -65.64 -7.77
N GLY A 278 -33.60 -64.70 -7.36
CA GLY A 278 -32.16 -64.87 -7.46
C GLY A 278 -31.55 -65.13 -8.83
N THR A 279 -32.35 -65.08 -9.91
CA THR A 279 -31.82 -65.31 -11.25
C THR A 279 -31.73 -64.00 -12.03
N ASN A 280 -30.65 -63.84 -12.79
CA ASN A 280 -30.47 -62.62 -13.55
C ASN A 280 -31.12 -62.68 -14.92
N LEU A 281 -32.31 -62.09 -14.99
CA LEU A 281 -33.09 -62.04 -16.23
C LEU A 281 -32.40 -61.36 -17.40
N PHE A 282 -31.25 -60.73 -17.17
CA PHE A 282 -30.56 -60.04 -18.26
C PHE A 282 -29.51 -60.86 -18.97
N SER A 283 -29.30 -62.11 -18.55
CA SER A 283 -28.33 -62.97 -19.22
C SER A 283 -29.06 -63.89 -20.19
N GLY A 284 -28.42 -64.19 -21.32
CA GLY A 284 -29.03 -65.06 -22.31
C GLY A 284 -27.98 -65.50 -23.31
N ASP A 285 -28.42 -65.77 -24.53
CA ASP A 285 -27.53 -66.22 -25.60
C ASP A 285 -27.45 -65.28 -26.81
N LYS A 286 -28.06 -64.11 -26.70
CA LYS A 286 -28.00 -63.10 -27.76
C LYS A 286 -26.73 -62.27 -27.56
N TYR A 287 -26.68 -61.13 -28.24
CA TYR A 287 -25.50 -60.26 -28.15
C TYR A 287 -24.82 -60.12 -26.78
N ALA A 288 -23.52 -60.37 -26.76
CA ALA A 288 -22.73 -60.23 -25.54
C ALA A 288 -23.17 -61.01 -24.28
N GLY A 289 -23.95 -62.06 -24.46
CA GLY A 289 -24.39 -62.84 -23.31
C GLY A 289 -25.69 -62.35 -22.71
N LEU A 290 -26.34 -61.42 -23.42
CA LEU A 290 -27.61 -60.83 -23.01
C LEU A 290 -28.83 -61.67 -23.28
N SER A 291 -29.88 -61.45 -22.49
CA SER A 291 -31.14 -62.15 -22.69
C SER A 291 -31.98 -61.33 -23.64
N GLU A 292 -33.09 -61.91 -24.08
CA GLU A 292 -34.01 -61.25 -24.97
C GLU A 292 -34.51 -60.04 -24.20
N GLN A 293 -34.91 -60.31 -22.96
CA GLN A 293 -35.43 -59.31 -22.02
C GLN A 293 -34.66 -57.99 -22.04
N ALA A 294 -33.36 -58.08 -21.80
CA ALA A 294 -32.47 -56.94 -21.77
C ALA A 294 -32.61 -56.06 -23.02
N LEU A 295 -32.61 -56.70 -24.18
CA LEU A 295 -32.70 -55.94 -25.41
C LEU A 295 -34.01 -55.18 -25.57
N TYR A 296 -35.08 -55.70 -24.99
CA TYR A 296 -36.34 -54.98 -25.04
C TYR A 296 -36.23 -53.77 -24.11
N TYR A 297 -35.55 -53.96 -22.98
CA TYR A 297 -35.31 -52.89 -22.00
C TYR A 297 -34.59 -51.79 -22.77
N ILE A 298 -33.48 -52.18 -23.41
CA ILE A 298 -32.68 -51.26 -24.20
C ILE A 298 -33.50 -50.52 -25.23
N GLY A 299 -34.37 -51.26 -25.90
CA GLY A 299 -35.22 -50.65 -26.90
C GLY A 299 -36.10 -49.59 -26.29
N GLY A 300 -36.64 -49.88 -25.09
CA GLY A 300 -37.50 -48.93 -24.41
C GLY A 300 -36.73 -47.68 -24.04
N VAL A 301 -35.59 -47.88 -23.39
CA VAL A 301 -34.73 -46.80 -22.98
C VAL A 301 -34.42 -45.91 -24.17
N ILE A 302 -34.03 -46.53 -25.28
CA ILE A 302 -33.73 -45.80 -26.49
C ILE A 302 -34.96 -45.07 -27.03
N LYS A 303 -36.13 -45.68 -26.90
CA LYS A 303 -37.34 -45.06 -27.41
C LYS A 303 -37.70 -43.81 -26.64
N HIS A 304 -37.65 -43.92 -25.32
CA HIS A 304 -38.01 -42.83 -24.42
C HIS A 304 -36.88 -41.91 -23.98
N ALA A 305 -35.70 -42.12 -24.56
CA ALA A 305 -34.53 -41.33 -24.22
C ALA A 305 -34.76 -39.85 -23.92
N LYS A 306 -35.19 -39.08 -24.92
CA LYS A 306 -35.41 -37.66 -24.72
C LYS A 306 -36.28 -37.34 -23.49
N ALA A 307 -37.27 -38.18 -23.23
CA ALA A 307 -38.13 -37.94 -22.08
C ALA A 307 -37.31 -38.26 -20.85
N ILE A 308 -36.61 -39.39 -20.88
CA ILE A 308 -35.79 -39.77 -19.74
C ILE A 308 -34.76 -38.66 -19.45
N ASN A 309 -34.27 -38.03 -20.52
CA ASN A 309 -33.31 -36.94 -20.38
C ASN A 309 -33.79 -35.92 -19.36
N ALA A 310 -35.02 -35.46 -19.51
CA ALA A 310 -35.60 -34.49 -18.58
C ALA A 310 -35.41 -34.89 -17.10
N LEU A 311 -35.30 -36.19 -16.82
CA LEU A 311 -35.08 -36.61 -15.44
C LEU A 311 -33.63 -36.86 -15.08
N ALA A 312 -32.90 -37.47 -16.02
CA ALA A 312 -31.50 -37.80 -15.85
C ALA A 312 -30.52 -36.75 -16.35
N ASN A 313 -31.03 -35.61 -16.82
CA ASN A 313 -30.22 -34.50 -17.34
C ASN A 313 -31.12 -33.27 -17.21
N PRO A 314 -31.51 -32.92 -15.96
CA PRO A 314 -32.40 -31.81 -15.59
C PRO A 314 -31.86 -30.40 -15.66
N THR A 315 -30.63 -30.27 -16.13
CA THR A 315 -30.00 -28.96 -16.18
C THR A 315 -29.56 -28.53 -17.55
N THR A 316 -29.63 -27.22 -17.77
CA THR A 316 -29.15 -26.66 -19.04
C THR A 316 -27.69 -27.05 -19.19
N ASN A 317 -26.97 -27.04 -18.07
CA ASN A 317 -25.56 -27.39 -17.98
C ASN A 317 -25.35 -28.83 -18.45
N SER A 318 -26.34 -29.68 -18.14
CA SER A 318 -26.30 -31.10 -18.49
C SER A 318 -25.98 -31.30 -19.95
N TYR A 319 -26.52 -30.37 -20.76
CA TYR A 319 -26.35 -30.36 -22.21
C TYR A 319 -25.05 -29.80 -22.70
N LYS A 320 -24.30 -29.22 -21.78
CA LYS A 320 -22.99 -28.68 -22.13
C LYS A 320 -21.96 -29.82 -22.08
N ARG A 321 -22.36 -30.89 -21.39
CA ARG A 321 -21.57 -32.11 -21.23
C ARG A 321 -21.74 -33.06 -22.39
N LEU A 322 -23.01 -33.24 -22.77
CA LEU A 322 -23.41 -34.12 -23.87
C LEU A 322 -22.94 -33.60 -25.23
N VAL A 323 -21.63 -33.78 -25.45
CA VAL A 323 -20.94 -33.40 -26.67
C VAL A 323 -19.78 -34.40 -26.95
N PRO A 324 -19.37 -34.51 -28.22
CA PRO A 324 -18.30 -35.43 -28.61
C PRO A 324 -16.95 -35.07 -28.02
N GLY A 325 -16.12 -36.09 -27.81
CA GLY A 325 -14.76 -35.88 -27.34
C GLY A 325 -14.44 -35.92 -25.87
N TYR A 326 -15.49 -35.99 -25.02
CA TYR A 326 -15.24 -35.94 -23.59
C TYR A 326 -15.85 -37.15 -22.89
N GLU A 327 -15.81 -38.31 -23.50
CA GLU A 327 -16.33 -39.55 -22.95
C GLU A 327 -17.82 -39.48 -22.59
N ALA A 328 -18.53 -38.53 -23.22
CA ALA A 328 -19.96 -38.32 -23.03
C ALA A 328 -20.64 -38.74 -24.32
N PRO A 329 -21.35 -39.87 -24.28
CA PRO A 329 -22.03 -40.37 -25.47
C PRO A 329 -23.37 -39.72 -25.69
N VAL A 330 -23.62 -39.39 -26.96
CA VAL A 330 -24.87 -38.77 -27.41
C VAL A 330 -25.69 -39.73 -28.26
N MET A 331 -24.99 -40.69 -28.86
CA MET A 331 -25.58 -41.69 -29.74
C MET A 331 -26.40 -42.69 -28.96
N LEU A 332 -27.68 -42.76 -29.32
CA LEU A 332 -28.62 -43.68 -28.70
C LEU A 332 -28.50 -45.07 -29.33
N ALA A 333 -27.42 -45.76 -28.98
CA ALA A 333 -27.14 -47.08 -29.49
C ALA A 333 -26.53 -47.93 -28.41
N TYR A 334 -26.40 -49.22 -28.67
CA TYR A 334 -25.79 -50.09 -27.70
C TYR A 334 -24.65 -50.87 -28.35
N SER A 335 -23.70 -51.28 -27.51
CA SER A 335 -22.53 -52.02 -27.94
C SER A 335 -21.70 -52.42 -26.74
N ALA A 336 -20.91 -53.47 -26.91
CA ALA A 336 -20.04 -53.92 -25.86
C ALA A 336 -18.64 -53.34 -26.16
N ARG A 337 -18.43 -53.04 -27.48
CA ARG A 337 -17.18 -52.51 -28.01
C ARG A 337 -17.09 -51.00 -28.04
N ASN A 338 -17.74 -50.47 -29.09
CA ASN A 338 -17.76 -49.06 -29.40
C ASN A 338 -18.26 -48.20 -28.24
N ARG A 339 -17.44 -47.24 -27.83
CA ARG A 339 -17.78 -46.39 -26.71
C ARG A 339 -18.30 -45.01 -27.12
N SER A 340 -18.85 -44.97 -28.33
CA SER A 340 -19.48 -43.76 -28.86
C SER A 340 -20.97 -43.93 -28.54
N ALA A 341 -21.32 -45.15 -28.12
CA ALA A 341 -22.66 -45.58 -27.74
C ALA A 341 -23.01 -45.22 -26.31
N SER A 342 -24.20 -44.64 -26.13
CA SER A 342 -24.67 -44.23 -24.81
C SER A 342 -25.03 -45.41 -23.94
N ILE A 343 -25.37 -46.53 -24.57
CA ILE A 343 -25.64 -47.74 -23.79
C ILE A 343 -24.46 -48.63 -24.11
N ARG A 344 -23.78 -49.09 -23.08
CA ARG A 344 -22.64 -49.93 -23.29
C ARG A 344 -22.97 -51.22 -22.55
N ILE A 345 -22.55 -52.34 -23.14
CA ILE A 345 -22.80 -53.64 -22.53
C ILE A 345 -21.51 -54.14 -21.94
N PRO A 346 -21.42 -54.14 -20.61
CA PRO A 346 -20.21 -54.62 -19.98
C PRO A 346 -20.06 -56.12 -20.26
N VAL A 347 -18.86 -56.46 -20.71
CA VAL A 347 -18.54 -57.83 -21.00
C VAL A 347 -18.06 -58.41 -19.68
N VAL A 348 -18.52 -59.61 -19.36
CA VAL A 348 -18.11 -60.22 -18.12
C VAL A 348 -18.27 -61.75 -18.06
N ALA A 349 -17.27 -62.39 -17.46
CA ALA A 349 -17.24 -63.86 -17.29
C ALA A 349 -18.59 -64.54 -17.06
N SER A 350 -19.07 -64.53 -15.82
CA SER A 350 -20.33 -65.24 -15.50
C SER A 350 -21.56 -64.58 -16.16
N PRO A 351 -22.71 -65.20 -15.94
CA PRO A 351 -24.00 -64.63 -16.32
C PRO A 351 -24.57 -63.86 -15.12
N LYS A 352 -24.12 -64.23 -13.92
CA LYS A 352 -24.58 -63.62 -12.68
C LYS A 352 -24.43 -62.10 -12.69
N ALA A 353 -23.46 -61.60 -13.45
CA ALA A 353 -23.20 -60.18 -13.52
C ALA A 353 -23.56 -59.47 -14.82
N ARG A 354 -24.33 -60.12 -15.69
CA ARG A 354 -24.71 -59.50 -16.96
C ARG A 354 -25.64 -58.32 -16.69
N ARG A 355 -25.49 -57.25 -17.45
CA ARG A 355 -26.34 -56.07 -17.26
C ARG A 355 -26.10 -55.07 -18.38
N ILE A 356 -26.69 -53.89 -18.23
CA ILE A 356 -26.48 -52.81 -19.20
C ILE A 356 -26.05 -51.55 -18.46
N GLU A 357 -25.39 -50.64 -19.17
CA GLU A 357 -24.94 -49.38 -18.61
C GLU A 357 -25.39 -48.26 -19.50
N VAL A 358 -26.28 -47.44 -18.97
CA VAL A 358 -26.79 -46.29 -19.70
C VAL A 358 -25.96 -45.11 -19.23
N ARG A 359 -25.08 -44.70 -20.11
CA ARG A 359 -24.13 -43.68 -19.79
C ARG A 359 -24.60 -42.22 -19.82
N PHE A 360 -25.68 -41.83 -20.47
CA PHE A 360 -25.97 -40.39 -20.57
C PHE A 360 -26.44 -39.67 -19.30
N PRO A 361 -27.01 -40.37 -18.31
CA PRO A 361 -27.38 -39.66 -17.07
C PRO A 361 -26.23 -38.87 -16.41
N ASP A 362 -26.52 -37.69 -15.80
CA ASP A 362 -25.48 -36.98 -15.05
C ASP A 362 -25.95 -36.82 -13.58
N PRO A 363 -25.02 -36.28 -12.72
CA PRO A 363 -25.19 -36.11 -11.24
C PRO A 363 -26.36 -35.33 -10.76
N ALA A 364 -26.62 -34.32 -11.53
CA ALA A 364 -27.67 -33.39 -11.21
C ALA A 364 -29.06 -34.02 -11.18
N ALA A 365 -29.20 -35.21 -11.75
CA ALA A 365 -30.47 -35.91 -11.83
C ALA A 365 -31.03 -36.28 -10.47
N ASN A 366 -32.36 -36.19 -10.34
CA ASN A 366 -33.01 -36.58 -9.10
C ASN A 366 -32.94 -38.10 -9.18
N PRO A 367 -32.13 -38.74 -8.32
CA PRO A 367 -31.96 -40.20 -8.32
C PRO A 367 -33.28 -40.94 -8.53
N TYR A 368 -34.20 -40.74 -7.61
CA TYR A 368 -35.50 -41.36 -7.65
C TYR A 368 -36.19 -41.20 -9.01
N LEU A 369 -36.44 -39.97 -9.42
CA LEU A 369 -37.09 -39.73 -10.69
C LEU A 369 -36.32 -40.34 -11.85
N CYS A 370 -35.03 -40.06 -11.90
CA CYS A 370 -34.17 -40.55 -12.95
C CYS A 370 -34.24 -42.08 -13.05
N PHE A 371 -34.01 -42.76 -11.94
CA PHE A 371 -34.07 -44.22 -11.91
C PHE A 371 -35.39 -44.78 -12.38
N ALA A 372 -36.48 -44.24 -11.83
CA ALA A 372 -37.82 -44.65 -12.21
C ALA A 372 -38.00 -44.57 -13.72
N ALA A 373 -37.71 -43.40 -14.29
CA ALA A 373 -37.85 -43.17 -15.73
C ALA A 373 -37.10 -44.22 -16.52
N LEU A 374 -35.91 -44.57 -16.06
CA LEU A 374 -35.11 -45.58 -16.72
C LEU A 374 -35.85 -46.90 -16.66
N LEU A 375 -36.32 -47.27 -15.47
CA LEU A 375 -37.04 -48.52 -15.23
C LEU A 375 -38.32 -48.65 -16.01
N MET A 376 -39.14 -47.61 -15.96
CA MET A 376 -40.42 -47.59 -16.65
C MET A 376 -40.29 -47.65 -18.17
N ALA A 377 -39.23 -47.06 -18.71
CA ALA A 377 -39.01 -47.06 -20.15
C ALA A 377 -38.52 -48.46 -20.50
N GLY A 378 -37.86 -49.10 -19.54
CA GLY A 378 -37.35 -50.44 -19.77
C GLY A 378 -38.48 -51.42 -19.81
N LEU A 379 -39.42 -51.26 -18.88
CA LEU A 379 -40.59 -52.13 -18.79
C LEU A 379 -41.46 -51.98 -20.03
N ASP A 380 -41.64 -50.75 -20.48
CA ASP A 380 -42.45 -50.47 -21.66
C ASP A 380 -41.82 -51.07 -22.91
N GLY A 381 -40.51 -51.20 -22.91
CA GLY A 381 -39.82 -51.77 -24.06
C GLY A 381 -40.04 -53.27 -24.10
N ILE A 382 -40.22 -53.84 -22.92
CA ILE A 382 -40.45 -55.27 -22.74
C ILE A 382 -41.90 -55.65 -23.08
N LYS A 383 -42.86 -54.96 -22.45
CA LYS A 383 -44.27 -55.21 -22.71
C LYS A 383 -44.51 -55.13 -24.20
N ASN A 384 -44.14 -54.01 -24.82
CA ASN A 384 -44.32 -53.81 -26.26
C ASN A 384 -43.21 -54.41 -27.17
N LYS A 385 -42.40 -55.37 -26.68
CA LYS A 385 -41.32 -56.01 -27.48
C LYS A 385 -40.61 -55.07 -28.47
N ILE A 386 -40.14 -53.94 -27.94
CA ILE A 386 -39.47 -52.95 -28.75
C ILE A 386 -38.07 -53.38 -29.09
N HIS A 387 -37.83 -53.64 -30.37
CA HIS A 387 -36.51 -54.07 -30.74
C HIS A 387 -35.51 -52.94 -30.84
N PRO A 388 -34.36 -53.09 -30.17
CA PRO A 388 -33.23 -52.16 -30.10
C PRO A 388 -32.39 -52.12 -31.38
N GLY A 389 -32.77 -52.91 -32.37
CA GLY A 389 -32.04 -52.93 -33.61
C GLY A 389 -30.68 -53.58 -33.46
N GLU A 390 -29.78 -53.27 -34.38
CA GLU A 390 -28.43 -53.82 -34.37
C GLU A 390 -27.43 -52.97 -33.61
N PRO A 391 -26.52 -53.61 -32.86
CA PRO A 391 -25.46 -52.96 -32.07
C PRO A 391 -24.49 -52.17 -32.93
N MET A 392 -23.96 -51.09 -32.36
CA MET A 392 -22.99 -50.25 -33.07
C MET A 392 -21.60 -50.78 -32.82
N ASP A 393 -20.95 -51.30 -33.86
CA ASP A 393 -19.60 -51.78 -33.67
C ASP A 393 -18.63 -51.04 -34.60
N LYS A 394 -19.08 -49.85 -35.03
CA LYS A 394 -18.34 -48.95 -35.95
C LYS A 394 -17.39 -47.92 -35.25
N ASN A 395 -17.22 -46.75 -35.90
CA ASN A 395 -16.29 -45.71 -35.40
C ASN A 395 -16.91 -44.64 -34.44
N LEU A 396 -16.02 -44.12 -33.62
CA LEU A 396 -16.25 -43.22 -32.47
C LEU A 396 -17.07 -41.90 -32.67
N TYR A 397 -16.48 -40.69 -32.62
CA TYR A 397 -17.34 -39.48 -32.62
C TYR A 397 -17.74 -38.80 -33.97
N ASP A 398 -16.78 -38.36 -34.77
CA ASP A 398 -17.11 -37.83 -36.10
C ASP A 398 -16.41 -38.38 -37.34
N LEU A 399 -16.67 -39.68 -37.50
CA LEU A 399 -16.24 -40.48 -38.65
C LEU A 399 -17.54 -40.75 -39.40
N PRO A 400 -18.65 -40.81 -38.60
CA PRO A 400 -20.03 -41.08 -39.09
C PRO A 400 -20.53 -40.32 -40.32
N PRO A 401 -20.66 -38.96 -40.36
CA PRO A 401 -21.32 -38.38 -41.56
C PRO A 401 -20.67 -38.74 -42.93
N GLU A 402 -20.59 -40.04 -43.23
CA GLU A 402 -20.04 -40.61 -44.46
C GLU A 402 -21.23 -40.94 -45.35
N GLU A 403 -22.37 -40.99 -44.66
CA GLU A 403 -23.70 -41.27 -45.13
C GLU A 403 -24.58 -40.46 -44.18
N ALA A 404 -23.91 -39.40 -43.67
CA ALA A 404 -24.41 -38.43 -42.68
C ALA A 404 -25.27 -39.21 -41.69
N LYS A 405 -24.61 -40.03 -40.86
CA LYS A 405 -25.41 -40.87 -39.98
C LYS A 405 -26.29 -40.08 -39.02
N GLU A 406 -27.60 -40.20 -39.13
CA GLU A 406 -28.51 -39.58 -38.24
C GLU A 406 -29.29 -40.62 -37.41
N ILE A 407 -28.60 -41.48 -36.67
CA ILE A 407 -29.31 -42.44 -35.83
C ILE A 407 -29.81 -41.66 -34.60
N PRO A 408 -30.78 -42.21 -33.86
CA PRO A 408 -31.34 -41.54 -32.69
C PRO A 408 -30.31 -40.99 -31.68
N GLN A 409 -30.63 -39.82 -31.11
CA GLN A 409 -29.76 -39.19 -30.15
C GLN A 409 -30.49 -38.56 -29.00
N VAL A 410 -29.77 -38.41 -27.89
CA VAL A 410 -30.34 -37.79 -26.69
C VAL A 410 -30.74 -36.34 -26.97
N ALA A 411 -31.61 -35.81 -26.13
CA ALA A 411 -32.10 -34.44 -26.29
C ALA A 411 -30.97 -33.43 -26.49
N GLY A 412 -31.14 -32.51 -27.42
CA GLY A 412 -30.11 -31.52 -27.68
C GLY A 412 -30.04 -30.38 -26.67
N SER A 413 -31.17 -30.07 -26.07
CA SER A 413 -31.26 -29.00 -25.09
C SER A 413 -32.14 -29.47 -23.94
N LEU A 414 -32.46 -28.56 -23.04
CA LEU A 414 -33.31 -28.94 -21.93
C LEU A 414 -34.77 -28.76 -22.34
N GLU A 415 -35.06 -27.67 -23.05
CA GLU A 415 -36.42 -27.37 -23.51
C GLU A 415 -36.93 -28.59 -24.26
N GLU A 416 -36.05 -29.15 -25.08
CA GLU A 416 -36.33 -30.34 -25.86
C GLU A 416 -36.69 -31.47 -24.89
N ALA A 417 -35.72 -31.90 -24.10
CA ALA A 417 -35.92 -32.99 -23.13
C ALA A 417 -37.22 -32.83 -22.36
N LEU A 418 -37.56 -31.58 -22.04
CA LEU A 418 -38.76 -31.32 -21.28
C LEU A 418 -39.97 -31.57 -22.14
N ASN A 419 -40.07 -30.83 -23.22
CA ASN A 419 -41.18 -30.97 -24.15
C ASN A 419 -41.40 -32.46 -24.53
N ALA A 420 -40.32 -33.21 -24.66
CA ALA A 420 -40.38 -34.65 -24.96
C ALA A 420 -41.10 -35.38 -23.81
N LEU A 421 -40.67 -35.11 -22.59
CA LEU A 421 -41.32 -35.73 -21.44
C LEU A 421 -42.78 -35.30 -21.41
N ASP A 422 -43.07 -34.10 -21.91
CA ASP A 422 -44.44 -33.60 -21.95
C ASP A 422 -45.28 -34.61 -22.74
N LEU A 423 -44.93 -34.74 -24.02
CA LEU A 423 -45.58 -35.65 -24.94
C LEU A 423 -45.48 -37.13 -24.55
N ASP A 424 -44.28 -37.69 -24.67
CA ASP A 424 -44.03 -39.09 -24.36
C ASP A 424 -44.23 -39.44 -22.87
N ARG A 425 -45.16 -38.74 -22.23
CA ARG A 425 -45.41 -38.98 -20.81
C ARG A 425 -46.16 -40.26 -20.50
N GLU A 426 -46.68 -40.88 -21.54
CA GLU A 426 -47.48 -42.06 -21.31
C GLU A 426 -46.86 -43.22 -20.56
N PHE A 427 -45.65 -43.63 -20.93
CA PHE A 427 -45.06 -44.76 -20.25
C PHE A 427 -44.77 -44.52 -18.77
N LEU A 428 -44.76 -43.27 -18.36
CA LEU A 428 -44.49 -42.94 -16.96
C LEU A 428 -45.74 -43.01 -16.11
N LYS A 429 -46.87 -42.66 -16.70
CA LYS A 429 -48.14 -42.66 -15.98
C LYS A 429 -48.65 -44.07 -15.72
N ALA A 430 -48.07 -45.03 -16.43
CA ALA A 430 -48.41 -46.44 -16.27
C ALA A 430 -48.35 -46.82 -14.80
N GLY A 431 -49.21 -47.74 -14.38
CA GLY A 431 -49.25 -48.18 -13.00
C GLY A 431 -49.49 -47.06 -12.02
N GLY A 432 -49.91 -45.89 -12.52
CA GLY A 432 -50.15 -44.73 -11.66
C GLY A 432 -48.90 -44.29 -10.89
N VAL A 433 -47.74 -44.58 -11.48
CA VAL A 433 -46.44 -44.25 -10.91
C VAL A 433 -46.28 -42.74 -10.98
N PHE A 434 -46.32 -42.21 -12.20
CA PHE A 434 -46.23 -40.78 -12.38
C PHE A 434 -47.61 -40.28 -12.68
N THR A 435 -47.94 -39.14 -12.12
CA THR A 435 -49.23 -38.56 -12.35
C THR A 435 -49.00 -37.34 -13.21
N ASP A 436 -50.06 -36.86 -13.85
CA ASP A 436 -49.93 -35.72 -14.71
C ASP A 436 -49.41 -34.48 -14.03
N GLU A 437 -50.05 -34.01 -12.96
CA GLU A 437 -49.52 -32.81 -12.33
C GLU A 437 -48.15 -33.02 -11.69
N ALA A 438 -47.84 -34.26 -11.30
CA ALA A 438 -46.52 -34.53 -10.71
C ALA A 438 -45.53 -34.16 -11.81
N ILE A 439 -45.85 -34.63 -13.02
CA ILE A 439 -45.05 -34.38 -14.20
C ILE A 439 -45.17 -32.93 -14.69
N ASP A 440 -46.36 -32.35 -14.61
CA ASP A 440 -46.53 -30.98 -15.08
C ASP A 440 -45.84 -29.98 -14.17
N ALA A 441 -45.74 -30.34 -12.88
CA ALA A 441 -45.10 -29.50 -11.88
C ALA A 441 -43.61 -29.48 -12.13
N TYR A 442 -43.02 -30.67 -12.32
CA TYR A 442 -41.60 -30.80 -12.62
C TYR A 442 -41.25 -29.94 -13.83
N ILE A 443 -41.98 -30.13 -14.92
CA ILE A 443 -41.73 -29.38 -16.14
C ILE A 443 -41.74 -27.89 -15.87
N ALA A 444 -42.68 -27.43 -15.05
CA ALA A 444 -42.80 -26.01 -14.73
C ALA A 444 -41.55 -25.41 -14.06
N LEU A 445 -41.01 -26.15 -13.09
CA LEU A 445 -39.84 -25.77 -12.31
C LEU A 445 -38.63 -25.60 -13.17
N ARG A 446 -38.38 -26.65 -13.93
CA ARG A 446 -37.27 -26.68 -14.82
C ARG A 446 -37.42 -25.62 -15.91
N ARG A 447 -38.67 -25.34 -16.29
CA ARG A 447 -38.92 -24.36 -17.33
C ARG A 447 -38.46 -22.99 -16.88
N GLU A 448 -38.62 -22.69 -15.59
CA GLU A 448 -38.21 -21.38 -15.10
C GLU A 448 -36.71 -21.30 -14.94
N GLU A 449 -36.07 -22.43 -14.65
CA GLU A 449 -34.61 -22.48 -14.55
C GLU A 449 -34.05 -22.26 -15.95
N ASP A 450 -34.57 -23.00 -16.92
CA ASP A 450 -34.14 -22.86 -18.30
C ASP A 450 -34.32 -21.40 -18.75
N ASP A 451 -35.39 -20.74 -18.29
CA ASP A 451 -35.64 -19.35 -18.68
C ASP A 451 -34.48 -18.46 -18.32
N ARG A 452 -33.99 -18.63 -17.10
CA ARG A 452 -32.90 -17.83 -16.59
C ARG A 452 -31.69 -17.90 -17.46
N VAL A 453 -31.26 -19.12 -17.74
CA VAL A 453 -30.09 -19.28 -18.58
C VAL A 453 -30.36 -18.77 -20.00
N ARG A 454 -31.57 -19.05 -20.49
CA ARG A 454 -31.91 -18.64 -21.84
C ARG A 454 -32.03 -17.16 -22.01
N MET A 455 -32.37 -16.47 -20.92
CA MET A 455 -32.58 -15.04 -20.98
C MET A 455 -31.43 -14.16 -20.56
N THR A 456 -30.51 -14.68 -19.76
CA THR A 456 -29.35 -13.91 -19.27
C THR A 456 -28.20 -13.93 -20.28
N PRO A 457 -27.70 -12.75 -20.69
CA PRO A 457 -26.59 -12.71 -21.67
C PRO A 457 -25.42 -13.56 -21.22
N HIS A 458 -24.80 -14.25 -22.16
CA HIS A 458 -23.66 -15.10 -21.86
C HIS A 458 -22.39 -14.34 -22.18
N PRO A 459 -21.38 -14.46 -21.32
CA PRO A 459 -20.09 -13.78 -21.51
C PRO A 459 -19.58 -13.91 -22.95
N VAL A 460 -19.61 -15.14 -23.45
CA VAL A 460 -19.15 -15.45 -24.80
C VAL A 460 -19.84 -14.64 -25.89
N GLU A 461 -21.07 -14.21 -25.60
CA GLU A 461 -21.79 -13.41 -26.57
C GLU A 461 -21.07 -12.09 -26.80
N PHE A 462 -20.37 -11.62 -25.78
CA PHE A 462 -19.67 -10.36 -25.95
C PHE A 462 -18.43 -10.54 -26.79
N GLU A 463 -17.80 -11.67 -26.51
CA GLU A 463 -16.61 -12.06 -27.23
C GLU A 463 -16.98 -12.16 -28.69
N LEU A 464 -18.08 -12.83 -28.97
CA LEU A 464 -18.59 -13.03 -30.32
C LEU A 464 -19.32 -11.85 -30.91
N TYR A 465 -20.06 -11.07 -30.11
CA TYR A 465 -20.90 -10.07 -30.77
C TYR A 465 -20.74 -8.58 -30.42
N TYR A 466 -20.00 -8.27 -29.39
CA TYR A 466 -19.89 -6.85 -29.00
C TYR A 466 -19.51 -5.90 -30.13
N SER A 467 -18.54 -6.33 -30.92
CA SER A 467 -18.04 -5.45 -31.97
C SER A 467 -18.82 -5.58 -33.26
N VAL A 468 -20.04 -6.08 -33.13
CA VAL A 468 -20.90 -6.26 -34.28
C VAL A 468 -21.28 -4.95 -34.98
N SER B 1 2.93 -64.00 -3.63
CA SER B 1 2.48 -64.06 -2.21
C SER B 1 0.95 -63.91 -2.03
N ALA B 2 0.16 -64.77 -2.71
CA ALA B 2 -1.31 -64.63 -2.54
C ALA B 2 -1.59 -64.76 -1.04
N GLU B 3 -1.06 -65.87 -0.48
CA GLU B 3 -1.16 -66.14 0.94
C GLU B 3 -0.54 -65.00 1.78
N HIS B 4 0.74 -64.72 1.57
CA HIS B 4 1.48 -63.68 2.29
C HIS B 4 0.66 -62.37 2.41
N VAL B 5 0.15 -61.90 1.27
CA VAL B 5 -0.67 -60.69 1.24
C VAL B 5 -1.84 -60.75 2.21
N LEU B 6 -2.61 -61.84 2.20
CA LEU B 6 -3.74 -61.93 3.12
C LEU B 6 -3.35 -61.73 4.55
N THR B 7 -2.25 -62.33 4.96
CA THR B 7 -1.76 -62.21 6.34
C THR B 7 -1.35 -60.75 6.60
N MET B 8 -0.71 -60.18 5.60
CA MET B 8 -0.24 -58.79 5.67
C MET B 8 -1.38 -57.74 5.81
N LEU B 9 -2.60 -58.12 5.42
CA LEU B 9 -3.73 -57.21 5.55
C LEU B 9 -4.09 -57.14 7.05
N ASN B 10 -4.14 -58.32 7.69
CA ASN B 10 -4.51 -58.39 9.12
C ASN B 10 -3.39 -57.88 10.01
N GLU B 11 -2.18 -58.01 9.50
CA GLU B 11 -1.00 -57.61 10.24
C GLU B 11 -0.85 -56.09 10.37
N HIS B 12 -1.38 -55.37 9.37
CA HIS B 12 -1.29 -53.91 9.40
C HIS B 12 -2.66 -53.24 9.48
N GLU B 13 -3.71 -54.04 9.74
CA GLU B 13 -5.08 -53.53 9.80
C GLU B 13 -5.26 -52.62 8.59
N VAL B 14 -4.89 -53.17 7.43
CA VAL B 14 -4.95 -52.45 6.19
C VAL B 14 -6.39 -52.13 5.85
N LYS B 15 -6.62 -50.88 5.46
CA LYS B 15 -7.94 -50.44 5.10
C LYS B 15 -8.11 -50.43 3.57
N PHE B 16 -7.05 -50.09 2.86
CA PHE B 16 -7.13 -50.04 1.40
C PHE B 16 -6.00 -50.73 0.69
N VAL B 17 -6.21 -50.91 -0.61
CA VAL B 17 -5.23 -51.54 -1.46
C VAL B 17 -5.09 -50.67 -2.69
N ASP B 18 -3.84 -50.27 -2.92
CA ASP B 18 -3.59 -49.41 -4.03
C ASP B 18 -2.95 -50.16 -5.18
N LEU B 19 -3.70 -50.25 -6.25
CA LEU B 19 -3.25 -50.95 -7.42
C LEU B 19 -2.46 -50.01 -8.25
N ARG B 20 -1.20 -50.37 -8.50
CA ARG B 20 -0.39 -49.50 -9.33
C ARG B 20 0.19 -50.23 -10.51
N PHE B 21 0.35 -49.48 -11.59
CA PHE B 21 0.90 -50.00 -12.81
C PHE B 21 1.51 -48.82 -13.53
N THR B 22 2.19 -49.09 -14.63
CA THR B 22 2.88 -48.03 -15.33
C THR B 22 2.44 -47.80 -16.76
N ASP B 23 2.23 -46.54 -17.12
CA ASP B 23 1.78 -46.19 -18.46
C ASP B 23 2.93 -46.16 -19.44
N THR B 24 2.59 -45.95 -20.70
CA THR B 24 3.57 -45.95 -21.76
C THR B 24 4.71 -44.95 -21.55
N LYS B 25 4.37 -43.69 -21.25
CA LYS B 25 5.40 -42.66 -21.05
C LYS B 25 6.30 -43.00 -19.86
N GLY B 26 5.75 -43.73 -18.90
CA GLY B 26 6.55 -44.14 -17.77
C GLY B 26 5.96 -43.72 -16.45
N LYS B 27 4.89 -42.92 -16.51
CA LYS B 27 4.25 -42.43 -15.31
C LYS B 27 3.46 -43.54 -14.62
N GLU B 28 3.76 -43.76 -13.35
CA GLU B 28 3.10 -44.76 -12.52
C GLU B 28 1.66 -44.34 -12.23
N GLN B 29 0.70 -45.23 -12.46
CA GLN B 29 -0.73 -44.95 -12.21
C GLN B 29 -1.22 -45.80 -11.04
N HIS B 30 -2.35 -45.42 -10.44
CA HIS B 30 -2.86 -46.17 -9.30
C HIS B 30 -4.37 -46.18 -9.13
N VAL B 31 -4.90 -47.15 -8.41
CA VAL B 31 -6.33 -47.16 -8.19
C VAL B 31 -6.57 -47.84 -6.87
N THR B 32 -7.51 -47.29 -6.12
CA THR B 32 -7.71 -47.83 -4.82
C THR B 32 -8.95 -48.63 -4.62
N ILE B 33 -8.73 -49.73 -3.90
CA ILE B 33 -9.74 -50.71 -3.62
C ILE B 33 -9.72 -50.97 -2.12
N PRO B 34 -10.90 -51.09 -1.52
CA PRO B 34 -10.99 -51.36 -0.08
C PRO B 34 -10.41 -52.72 0.16
N ALA B 35 -9.79 -52.93 1.31
CA ALA B 35 -9.19 -54.23 1.58
C ALA B 35 -10.20 -55.37 1.46
N HIS B 36 -11.47 -55.11 1.80
CA HIS B 36 -12.47 -56.15 1.72
C HIS B 36 -12.75 -56.63 0.30
N GLN B 37 -12.39 -55.80 -0.68
CA GLN B 37 -12.59 -56.14 -2.08
C GLN B 37 -11.54 -57.14 -2.56
N VAL B 38 -10.61 -57.44 -1.67
CA VAL B 38 -9.53 -58.38 -1.95
C VAL B 38 -9.88 -59.76 -1.45
N ASN B 39 -10.07 -60.66 -2.41
CA ASN B 39 -10.44 -62.03 -2.15
C ASN B 39 -9.68 -63.01 -3.01
N ALA B 40 -10.12 -64.26 -2.91
CA ALA B 40 -9.55 -65.38 -3.63
C ALA B 40 -9.37 -65.15 -5.14
N GLU B 41 -10.47 -64.96 -5.84
CA GLU B 41 -10.41 -64.77 -7.30
C GLU B 41 -9.73 -63.51 -7.76
N PHE B 42 -9.77 -62.48 -6.91
CA PHE B 42 -9.14 -61.21 -7.24
C PHE B 42 -7.71 -61.50 -7.72
N PHE B 43 -7.06 -62.46 -7.08
CA PHE B 43 -5.69 -62.82 -7.43
C PHE B 43 -5.50 -63.60 -8.71
N GLU B 44 -6.44 -64.49 -9.00
CA GLU B 44 -6.33 -65.30 -10.20
C GLU B 44 -6.92 -64.63 -11.45
N GLU B 45 -7.91 -63.76 -11.28
CA GLU B 45 -8.50 -63.08 -12.43
C GLU B 45 -8.40 -61.54 -12.45
N GLY B 46 -7.76 -60.96 -11.42
CA GLY B 46 -7.61 -59.52 -11.37
C GLY B 46 -8.91 -58.73 -11.34
N LYS B 47 -8.84 -57.46 -11.73
CA LYS B 47 -10.01 -56.60 -11.75
C LYS B 47 -10.13 -55.94 -13.10
N MET B 48 -11.34 -55.53 -13.42
CA MET B 48 -11.62 -54.89 -14.69
C MET B 48 -11.44 -53.39 -14.64
N PHE B 49 -10.99 -52.84 -15.76
CA PHE B 49 -10.85 -51.39 -15.87
C PHE B 49 -10.65 -50.96 -17.33
N ASP B 50 -11.05 -49.72 -17.64
CA ASP B 50 -10.91 -49.15 -18.97
C ASP B 50 -9.62 -48.36 -19.14
N GLY B 51 -8.78 -48.79 -20.08
CA GLY B 51 -7.53 -48.09 -20.30
C GLY B 51 -7.67 -46.91 -21.23
N SER B 52 -8.77 -46.83 -21.96
CA SER B 52 -9.04 -45.77 -22.94
C SER B 52 -8.50 -44.36 -22.69
N SER B 53 -8.63 -43.88 -21.46
CA SER B 53 -8.16 -42.53 -21.12
C SER B 53 -6.73 -42.53 -20.59
N ILE B 54 -5.91 -43.37 -21.22
CA ILE B 54 -4.51 -43.50 -20.87
C ILE B 54 -3.70 -43.26 -22.13
N GLY B 55 -2.53 -42.68 -21.94
CA GLY B 55 -1.66 -42.38 -23.06
C GLY B 55 -1.30 -43.57 -23.94
N GLY B 56 -1.79 -43.53 -25.17
CA GLY B 56 -1.48 -44.56 -26.17
C GLY B 56 -1.93 -45.99 -25.98
N TRP B 57 -2.98 -46.16 -25.23
CA TRP B 57 -3.59 -47.46 -24.96
C TRP B 57 -4.98 -47.33 -25.48
N LYS B 58 -5.14 -46.11 -25.91
CA LYS B 58 -6.36 -45.60 -26.44
C LYS B 58 -6.92 -46.76 -27.16
N GLY B 59 -8.18 -46.60 -27.42
CA GLY B 59 -8.97 -47.62 -28.06
C GLY B 59 -10.31 -47.47 -27.42
N ILE B 60 -10.94 -46.36 -27.75
CA ILE B 60 -12.20 -46.05 -27.11
C ILE B 60 -13.23 -46.99 -27.69
N ASN B 61 -12.80 -48.23 -27.92
CA ASN B 61 -13.69 -49.22 -28.43
C ASN B 61 -13.40 -50.62 -27.87
N GLU B 62 -12.14 -51.02 -27.93
CA GLU B 62 -11.73 -52.39 -27.50
C GLU B 62 -10.94 -52.53 -26.15
N SER B 63 -10.18 -51.48 -25.78
CA SER B 63 -9.25 -51.49 -24.62
C SER B 63 -9.86 -51.45 -23.22
N ASP B 64 -10.60 -52.49 -22.92
CA ASP B 64 -11.15 -52.74 -21.61
C ASP B 64 -10.26 -53.84 -21.10
N MET B 65 -9.21 -53.45 -20.36
CA MET B 65 -8.21 -54.39 -19.86
C MET B 65 -8.30 -54.86 -18.42
N VAL B 66 -7.43 -55.82 -18.09
CA VAL B 66 -7.33 -56.42 -16.76
C VAL B 66 -6.12 -56.03 -15.93
N LEU B 67 -6.37 -55.69 -14.67
CA LEU B 67 -5.29 -55.35 -13.76
C LEU B 67 -4.93 -56.62 -13.04
N MET B 68 -3.74 -57.14 -13.31
CA MET B 68 -3.36 -58.37 -12.66
C MET B 68 -2.36 -58.17 -11.55
N PRO B 69 -2.85 -58.26 -10.30
CA PRO B 69 -2.02 -58.10 -9.11
C PRO B 69 -0.86 -59.08 -9.10
N ASP B 70 0.26 -58.59 -8.61
CA ASP B 70 1.45 -59.40 -8.49
C ASP B 70 1.74 -59.51 -6.99
N ALA B 71 1.25 -60.60 -6.41
CA ALA B 71 1.39 -60.86 -4.99
C ALA B 71 2.74 -60.54 -4.39
N SER B 72 3.81 -60.66 -5.19
CA SER B 72 5.14 -60.40 -4.65
C SER B 72 5.43 -58.93 -4.34
N THR B 73 4.94 -58.04 -5.20
CA THR B 73 5.16 -56.59 -5.09
C THR B 73 4.53 -55.84 -3.90
N ALA B 74 3.73 -56.52 -3.10
CA ALA B 74 3.03 -55.90 -1.98
C ALA B 74 3.85 -55.22 -0.91
N VAL B 75 3.50 -53.96 -0.65
CA VAL B 75 4.14 -53.20 0.39
C VAL B 75 3.35 -51.94 0.78
N ILE B 76 3.35 -51.68 2.08
CA ILE B 76 2.65 -50.56 2.68
C ILE B 76 3.05 -49.18 2.13
N ASP B 77 2.06 -48.30 1.97
CA ASP B 77 2.35 -46.94 1.53
C ASP B 77 2.65 -46.16 2.81
N PRO B 78 3.83 -45.54 2.87
CA PRO B 78 4.24 -44.79 4.05
C PRO B 78 3.79 -43.36 4.14
N PHE B 79 3.09 -42.90 3.12
CA PHE B 79 2.62 -41.51 3.08
C PHE B 79 1.13 -41.37 3.33
N PHE B 80 0.35 -42.34 2.85
CA PHE B 80 -1.09 -42.31 3.00
C PHE B 80 -1.53 -42.33 4.46
N ALA B 81 -2.60 -41.59 4.73
CA ALA B 81 -3.13 -41.44 6.07
C ALA B 81 -3.78 -42.69 6.64
N ASP B 82 -4.57 -43.36 5.81
CA ASP B 82 -5.24 -44.56 6.27
C ASP B 82 -4.34 -45.71 5.81
N SER B 83 -4.17 -46.73 6.64
CA SER B 83 -3.27 -47.83 6.31
C SER B 83 -3.56 -48.47 4.97
N THR B 84 -2.75 -48.19 3.95
CA THR B 84 -3.04 -48.85 2.67
C THR B 84 -1.84 -49.65 2.13
N LEU B 85 -2.20 -50.79 1.48
CA LEU B 85 -1.24 -51.68 0.86
C LEU B 85 -1.17 -51.48 -0.65
N ILE B 86 0.04 -51.34 -1.16
CA ILE B 86 0.26 -51.13 -2.59
C ILE B 86 0.55 -52.46 -3.24
N ILE B 87 0.05 -52.63 -4.45
CA ILE B 87 0.30 -53.84 -5.21
C ILE B 87 0.44 -53.46 -6.67
N ARG B 88 1.62 -53.78 -7.18
CA ARG B 88 1.96 -53.50 -8.56
C ARG B 88 1.16 -54.50 -9.39
N CYS B 89 0.62 -54.03 -10.49
CA CYS B 89 -0.17 -54.89 -11.34
C CYS B 89 0.42 -54.94 -12.73
N ASP B 90 -0.01 -55.95 -13.49
CA ASP B 90 0.38 -56.15 -14.88
C ASP B 90 -0.91 -55.92 -15.65
N ILE B 91 -0.77 -55.40 -16.86
CA ILE B 91 -1.93 -55.19 -17.69
C ILE B 91 -2.04 -56.36 -18.65
N LEU B 92 -3.09 -57.15 -18.45
CA LEU B 92 -3.35 -58.33 -19.27
C LEU B 92 -4.49 -58.07 -20.21
N GLU B 93 -4.50 -58.83 -21.32
CA GLU B 93 -5.55 -58.74 -22.32
C GLU B 93 -6.78 -59.50 -21.76
N PRO B 94 -7.99 -58.92 -21.88
CA PRO B 94 -9.18 -59.60 -21.35
C PRO B 94 -9.44 -60.98 -21.98
N GLY B 95 -9.75 -61.96 -21.13
CA GLY B 95 -10.01 -63.30 -21.62
C GLY B 95 -8.74 -64.07 -21.91
N THR B 96 -8.01 -63.65 -22.94
CA THR B 96 -6.74 -64.28 -23.33
C THR B 96 -5.82 -64.34 -22.10
N LEU B 97 -5.71 -63.21 -21.42
CA LEU B 97 -4.93 -63.06 -20.20
C LEU B 97 -3.42 -63.31 -20.23
N GLN B 98 -2.74 -63.12 -21.35
CA GLN B 98 -1.31 -63.36 -21.31
C GLN B 98 -0.40 -62.13 -21.32
N GLY B 99 -0.98 -60.93 -21.42
CA GLY B 99 -0.14 -59.75 -21.36
C GLY B 99 -0.20 -58.77 -22.48
N TYR B 100 -0.72 -57.60 -22.18
CA TYR B 100 -0.89 -56.50 -23.13
C TYR B 100 0.38 -56.08 -23.87
N ASP B 101 0.23 -55.96 -25.19
CA ASP B 101 1.28 -55.60 -26.10
C ASP B 101 1.97 -54.30 -25.75
N ARG B 102 1.19 -53.40 -25.17
CA ARG B 102 1.67 -52.09 -24.79
C ARG B 102 2.01 -51.90 -23.33
N ASP B 103 1.72 -52.91 -22.49
CA ASP B 103 2.06 -52.84 -21.07
C ASP B 103 3.59 -52.97 -20.96
N PRO B 104 4.25 -51.84 -20.65
CA PRO B 104 5.72 -51.75 -20.51
C PRO B 104 6.26 -52.79 -19.57
N ARG B 105 5.51 -53.12 -18.54
CA ARG B 105 5.99 -54.11 -17.60
C ARG B 105 5.99 -55.48 -18.25
N SER B 106 4.97 -55.76 -19.07
CA SER B 106 4.90 -57.05 -19.76
C SER B 106 6.07 -57.15 -20.70
N ILE B 107 6.31 -56.06 -21.44
CA ILE B 107 7.42 -55.97 -22.38
C ILE B 107 8.77 -56.24 -21.71
N ALA B 108 8.93 -55.71 -20.50
CA ALA B 108 10.18 -55.90 -19.79
C ALA B 108 10.34 -57.35 -19.42
N LYS B 109 9.23 -57.99 -19.02
CA LYS B 109 9.25 -59.39 -18.64
C LYS B 109 9.53 -60.25 -19.86
N ARG B 110 8.90 -59.90 -20.99
CA ARG B 110 9.09 -60.61 -22.25
C ARG B 110 10.58 -60.65 -22.56
N ALA B 111 11.22 -59.48 -22.49
CA ALA B 111 12.64 -59.37 -22.75
C ALA B 111 13.48 -60.23 -21.80
N GLU B 112 13.07 -60.35 -20.54
CA GLU B 112 13.81 -61.17 -19.57
C GLU B 112 13.65 -62.65 -19.92
N ASP B 113 12.48 -63.03 -20.44
CA ASP B 113 12.19 -64.42 -20.83
C ASP B 113 13.11 -64.79 -22.00
N TYR B 114 13.08 -63.93 -23.02
CA TYR B 114 13.89 -64.08 -24.23
C TYR B 114 15.38 -64.21 -23.91
N LEU B 115 15.81 -63.68 -22.77
CA LEU B 115 17.21 -63.76 -22.40
C LEU B 115 17.52 -65.22 -22.06
N ARG B 116 16.68 -65.81 -21.19
CA ARG B 116 16.86 -67.20 -20.79
C ARG B 116 16.61 -68.14 -21.97
N ALA B 117 15.70 -67.73 -22.84
CA ALA B 117 15.36 -68.50 -24.02
C ALA B 117 16.55 -68.64 -24.99
N THR B 118 17.26 -67.54 -25.27
CA THR B 118 18.41 -67.64 -26.16
C THR B 118 19.56 -68.35 -25.46
N GLY B 119 19.31 -68.74 -24.21
CA GLY B 119 20.32 -69.42 -23.41
C GLY B 119 21.61 -68.64 -23.19
N ILE B 120 21.67 -67.40 -23.70
CA ILE B 120 22.85 -66.56 -23.55
C ILE B 120 23.20 -66.32 -22.08
N ALA B 121 22.18 -66.10 -21.25
CA ALA B 121 22.35 -65.90 -19.81
C ALA B 121 21.01 -66.20 -19.11
N ASP B 122 21.02 -66.30 -17.79
CA ASP B 122 19.77 -66.56 -17.07
C ASP B 122 19.18 -65.40 -16.26
N THR B 123 19.92 -64.30 -16.13
CA THR B 123 19.46 -63.09 -15.45
C THR B 123 20.25 -61.86 -15.89
N VAL B 124 19.52 -60.73 -16.03
CA VAL B 124 20.14 -59.45 -16.42
C VAL B 124 20.21 -58.58 -15.18
N LEU B 125 21.31 -57.85 -15.02
CA LEU B 125 21.48 -56.99 -13.88
C LEU B 125 21.55 -55.52 -14.22
N PHE B 126 20.69 -54.75 -13.56
CA PHE B 126 20.61 -53.30 -13.76
C PHE B 126 20.82 -52.53 -12.46
N GLY B 127 21.67 -51.52 -12.56
CA GLY B 127 21.99 -50.67 -11.44
C GLY B 127 22.00 -49.25 -11.99
N PRO B 128 20.86 -48.54 -11.88
CA PRO B 128 20.74 -47.16 -12.36
C PRO B 128 21.01 -46.13 -11.26
N GLU B 129 21.58 -45.00 -11.70
CA GLU B 129 21.95 -43.88 -10.81
C GLU B 129 21.08 -42.73 -11.26
N PRO B 130 19.86 -42.70 -10.75
CA PRO B 130 18.89 -41.67 -11.10
C PRO B 130 19.04 -40.41 -10.26
N GLU B 131 19.49 -39.35 -10.91
CA GLU B 131 19.70 -38.04 -10.28
C GLU B 131 18.42 -37.16 -10.32
N PHE B 132 18.35 -36.14 -9.47
CA PHE B 132 17.20 -35.24 -9.44
C PHE B 132 17.50 -33.93 -8.74
N PHE B 133 16.53 -33.03 -8.81
CA PHE B 133 16.66 -31.72 -8.18
C PHE B 133 15.55 -31.51 -7.15
N LEU B 134 15.83 -30.65 -6.17
CA LEU B 134 14.87 -30.30 -5.14
C LEU B 134 14.73 -28.78 -5.07
N PHE B 135 13.58 -28.29 -5.50
CA PHE B 135 13.30 -26.86 -5.51
C PHE B 135 12.26 -26.52 -4.45
N ASP B 136 12.02 -25.22 -4.32
CA ASP B 136 11.09 -24.72 -3.33
C ASP B 136 9.90 -24.20 -4.10
N ASP B 137 10.18 -23.71 -5.30
CA ASP B 137 9.13 -23.14 -6.13
C ASP B 137 9.48 -23.29 -7.60
N ILE B 138 8.47 -23.74 -8.33
CA ILE B 138 8.55 -23.94 -9.77
C ILE B 138 7.29 -23.42 -10.47
N ARG B 139 7.47 -22.47 -11.38
CA ARG B 139 6.34 -21.91 -12.11
C ARG B 139 6.70 -21.86 -13.58
N PHE B 140 5.68 -22.04 -14.41
CA PHE B 140 5.86 -22.03 -15.86
C PHE B 140 4.51 -21.98 -16.55
N GLY B 141 4.55 -21.67 -17.84
CA GLY B 141 3.32 -21.61 -18.60
C GLY B 141 3.54 -21.12 -20.01
N ALA B 142 2.56 -21.40 -20.85
CA ALA B 142 2.60 -20.98 -22.25
C ALA B 142 1.19 -20.64 -22.66
N SER B 143 1.08 -19.48 -23.29
CA SER B 143 -0.15 -18.93 -23.78
C SER B 143 0.24 -18.28 -25.11
N ILE B 144 -0.75 -17.74 -25.81
CA ILE B 144 -0.49 -17.12 -27.08
C ILE B 144 0.45 -15.93 -26.99
N SER B 145 0.28 -15.13 -25.94
CA SER B 145 1.06 -13.91 -25.71
C SER B 145 2.45 -14.10 -25.13
N GLY B 146 2.77 -15.33 -24.74
CA GLY B 146 4.10 -15.61 -24.22
C GLY B 146 4.23 -16.97 -23.54
N SER B 147 5.37 -17.16 -22.89
CA SER B 147 5.61 -18.39 -22.15
C SER B 147 6.73 -18.11 -21.18
N HIS B 148 6.89 -18.99 -20.20
CA HIS B 148 7.94 -18.81 -19.20
C HIS B 148 8.14 -19.99 -18.28
N VAL B 149 9.23 -19.89 -17.53
CA VAL B 149 9.58 -20.88 -16.52
C VAL B 149 10.41 -20.15 -15.47
N ALA B 150 10.16 -20.51 -14.21
CA ALA B 150 10.87 -19.89 -13.11
C ALA B 150 11.16 -20.92 -12.04
N ILE B 151 12.44 -21.05 -11.77
CA ILE B 151 12.88 -21.99 -10.77
C ILE B 151 13.39 -21.24 -9.58
N ASP B 152 13.18 -21.87 -8.42
CA ASP B 152 13.69 -21.30 -7.22
C ASP B 152 13.85 -22.30 -6.11
N ASP B 153 15.03 -22.19 -5.50
CA ASP B 153 15.36 -22.99 -4.36
C ASP B 153 16.20 -22.14 -3.45
N ILE B 154 16.19 -22.54 -2.19
CA ILE B 154 16.95 -21.90 -1.15
C ILE B 154 18.45 -22.06 -1.50
N GLU B 155 18.78 -23.13 -2.22
CA GLU B 155 20.17 -23.38 -2.58
C GLU B 155 20.63 -22.63 -3.81
N GLY B 156 19.68 -22.14 -4.59
CA GLY B 156 20.01 -21.43 -5.81
C GLY B 156 21.04 -20.33 -5.66
N ALA B 157 22.15 -20.47 -6.37
CA ALA B 157 23.20 -19.48 -6.31
C ALA B 157 22.71 -18.06 -6.54
N TRP B 158 21.67 -17.91 -7.35
CA TRP B 158 21.13 -16.58 -7.64
C TRP B 158 20.60 -15.84 -6.41
N ASN B 159 20.24 -16.61 -5.39
CA ASN B 159 19.73 -16.07 -4.13
C ASN B 159 20.76 -15.48 -3.17
N SER B 160 22.01 -15.42 -3.58
CA SER B 160 23.06 -14.86 -2.74
C SER B 160 22.73 -13.40 -2.43
N SER B 161 21.97 -12.79 -3.35
CA SER B 161 21.57 -11.39 -3.32
C SER B 161 20.17 -11.12 -2.74
N THR B 162 19.34 -12.14 -2.81
CA THR B 162 17.95 -12.11 -2.38
C THR B 162 17.66 -11.78 -0.92
N LYS B 163 16.66 -10.92 -0.69
CA LYS B 163 16.29 -10.53 0.69
C LYS B 163 15.31 -11.55 1.27
N TYR B 164 15.52 -11.94 2.53
CA TYR B 164 14.65 -12.94 3.12
C TYR B 164 13.96 -12.41 4.34
N GLU B 165 12.82 -13.02 4.64
CA GLU B 165 11.98 -12.65 5.77
C GLU B 165 12.79 -12.50 7.04
N GLY B 166 13.46 -13.57 7.44
CA GLY B 166 14.28 -13.48 8.64
C GLY B 166 15.77 -13.32 8.38
N GLY B 167 16.12 -12.68 7.27
CA GLY B 167 17.53 -12.50 6.91
C GLY B 167 18.04 -13.63 6.02
N ASN B 168 18.97 -13.27 5.13
CA ASN B 168 19.63 -14.21 4.21
C ASN B 168 20.82 -14.84 4.90
N LYS B 169 20.80 -16.17 5.08
CA LYS B 169 21.89 -16.87 5.83
C LYS B 169 23.09 -17.32 4.93
N GLY B 170 22.98 -16.96 3.66
CA GLY B 170 23.96 -17.05 2.55
C GLY B 170 24.82 -18.30 2.33
N HIS B 171 24.62 -19.51 2.89
CA HIS B 171 25.52 -20.64 2.53
C HIS B 171 24.96 -21.51 1.38
N ARG B 172 25.25 -21.07 0.17
CA ARG B 172 24.72 -21.73 -1.01
C ARG B 172 25.79 -22.27 -1.91
N PRO B 173 25.46 -23.36 -2.63
CA PRO B 173 26.33 -24.04 -3.58
C PRO B 173 26.43 -23.15 -4.79
N GLY B 174 27.64 -22.92 -5.30
N GLY B 174 27.57 -24.61 -4.33
CA GLY B 174 27.80 -22.09 -6.48
CA GLY B 174 27.25 -23.85 -5.52
C GLY B 174 27.46 -22.90 -7.73
C GLY B 174 27.49 -24.68 -6.79
N VAL B 175 27.55 -22.31 -8.91
N VAL B 175 27.59 -24.03 -7.95
CA VAL B 175 27.27 -23.09 -10.14
CA VAL B 175 27.80 -24.73 -9.20
C VAL B 175 28.27 -24.26 -10.19
C VAL B 175 28.82 -25.88 -9.02
N LYS B 176 27.73 -25.48 -10.26
N LYS B 176 28.39 -27.12 -9.27
CA LYS B 176 28.53 -26.71 -10.23
CA LYS B 176 29.28 -28.25 -9.13
C LYS B 176 29.20 -26.81 -8.85
C LYS B 176 29.50 -28.60 -7.66
N GLY B 177 28.78 -25.95 -7.97
N GLY B 177 28.57 -27.99 -6.90
CA GLY B 177 29.35 -25.94 -6.65
CA GLY B 177 28.40 -28.07 -5.47
C GLY B 177 28.95 -27.10 -5.75
C GLY B 177 29.65 -28.58 -4.79
N GLY B 178 27.73 -27.62 -6.04
N GLY B 178 30.77 -28.62 -5.54
CA GLY B 178 26.99 -28.65 -5.29
CA GLY B 178 31.97 -29.15 -4.93
C GLY B 178 27.58 -30.05 -5.20
C GLY B 178 31.43 -30.05 -3.85
N TYR B 179 28.81 -30.11 -4.86
N TYR B 179 31.22 -31.28 -4.18
CA TYR B 179 29.30 -31.45 -4.70
CA TYR B 179 30.47 -32.03 -3.22
C TYR B 179 30.08 -31.53 -3.43
C TYR B 179 31.16 -32.68 -2.09
N PHE B 180 29.40 -32.25 -2.60
N PHE B 180 30.30 -32.92 -1.11
CA PHE B 180 29.87 -32.66 -1.31
CA PHE B 180 30.56 -33.58 0.15
C PHE B 180 30.13 -31.54 -0.31
C PHE B 180 31.43 -32.73 1.07
N PRO B 181 29.90 -30.23 -0.54
CA PRO B 181 30.08 -29.35 0.67
C PRO B 181 29.31 -29.89 1.90
N VAL B 182 29.88 -29.66 3.05
CA VAL B 182 29.23 -30.07 4.28
C VAL B 182 28.15 -29.09 4.53
N PRO B 183 27.10 -29.49 5.16
CA PRO B 183 26.10 -28.50 5.59
C PRO B 183 26.83 -27.42 6.37
N PRO B 184 26.24 -26.22 6.42
CA PRO B 184 24.98 -25.83 5.80
C PRO B 184 24.95 -25.55 4.33
N VAL B 185 26.08 -25.72 3.73
CA VAL B 185 26.01 -25.42 2.29
C VAL B 185 25.00 -26.36 1.61
N ASP B 186 25.03 -27.63 2.05
CA ASP B 186 24.17 -28.72 1.61
C ASP B 186 22.94 -28.74 2.55
N SER B 187 21.88 -28.09 2.13
CA SER B 187 20.67 -28.02 2.94
C SER B 187 19.92 -29.33 3.00
N ALA B 188 20.49 -30.44 2.53
CA ALA B 188 19.58 -31.60 2.43
C ALA B 188 19.98 -32.95 3.06
N GLN B 189 20.78 -32.97 4.13
CA GLN B 189 21.11 -34.27 4.70
C GLN B 189 19.89 -34.99 5.17
N ASP B 190 19.21 -34.34 6.11
CA ASP B 190 18.02 -34.89 6.71
C ASP B 190 16.96 -35.38 5.73
N ILE B 191 16.82 -34.65 4.62
CA ILE B 191 15.87 -34.97 3.57
C ILE B 191 16.27 -36.28 2.90
N ARG B 192 17.47 -36.29 2.33
CA ARG B 192 17.96 -37.49 1.66
C ARG B 192 17.89 -38.69 2.59
N SER B 193 18.38 -38.52 3.81
CA SER B 193 18.34 -39.62 4.76
C SER B 193 16.92 -40.19 4.93
N GLU B 194 15.90 -39.34 4.87
CA GLU B 194 14.51 -39.83 4.99
C GLU B 194 14.19 -40.67 3.78
N MET B 195 14.41 -40.08 2.60
CA MET B 195 14.17 -40.79 1.35
C MET B 195 14.83 -42.17 1.44
N CYS B 196 16.03 -42.20 2.02
CA CYS B 196 16.71 -43.47 2.17
C CYS B 196 15.94 -44.41 3.08
N LEU B 197 15.74 -44.01 4.33
CA LEU B 197 15.01 -44.84 5.29
C LEU B 197 13.75 -45.40 4.66
N VAL B 198 12.98 -44.51 4.07
CA VAL B 198 11.70 -44.86 3.43
C VAL B 198 11.89 -45.85 2.31
N MET B 199 12.74 -45.52 1.36
CA MET B 199 13.04 -46.43 0.24
C MET B 199 13.33 -47.84 0.73
N GLU B 200 14.12 -47.95 1.79
CA GLU B 200 14.45 -49.24 2.36
C GLU B 200 13.23 -49.93 2.93
N GLN B 201 12.42 -49.16 3.66
CA GLN B 201 11.17 -49.70 4.23
C GLN B 201 10.26 -50.22 3.12
N MET B 202 10.44 -49.66 1.93
CA MET B 202 9.65 -50.07 0.78
C MET B 202 10.37 -51.11 -0.07
N GLY B 203 11.30 -51.82 0.55
CA GLY B 203 12.03 -52.85 -0.18
C GLY B 203 13.33 -52.55 -0.90
N LEU B 204 13.60 -51.29 -1.24
CA LEU B 204 14.85 -50.97 -1.91
C LEU B 204 16.05 -51.10 -0.95
N VAL B 205 17.25 -51.18 -1.53
CA VAL B 205 18.47 -51.28 -0.73
C VAL B 205 19.37 -50.11 -1.10
N VAL B 206 19.58 -49.25 -0.13
CA VAL B 206 20.35 -48.06 -0.31
C VAL B 206 21.82 -48.24 -0.06
N GLU B 207 22.62 -47.92 -1.06
CA GLU B 207 24.07 -48.03 -0.94
C GLU B 207 24.65 -46.72 -0.45
N ALA B 208 23.97 -45.62 -0.78
CA ALA B 208 24.42 -44.30 -0.36
C ALA B 208 23.60 -43.18 -0.94
N HIS B 209 23.90 -41.98 -0.38
CA HIS B 209 23.32 -40.68 -0.79
C HIS B 209 24.30 -39.52 -0.64
N HIS B 210 24.08 -38.50 -1.46
N HIS B 210 23.00 -39.46 -1.97
CA HIS B 210 24.94 -37.34 -1.46
CA HIS B 210 24.23 -38.70 -2.22
C HIS B 210 24.34 -36.19 -2.26
C HIS B 210 23.96 -37.47 -3.12
N HIS B 211 24.81 -34.98 -2.02
N HIS B 211 24.60 -36.33 -2.79
CA HIS B 211 24.34 -33.86 -2.80
CA HIS B 211 24.43 -35.03 -3.45
C HIS B 211 24.96 -34.11 -4.18
C HIS B 211 25.38 -34.82 -4.65
N GLU B 212 24.64 -33.28 -5.17
N GLU B 212 25.22 -33.72 -5.43
CA GLU B 212 25.18 -33.52 -6.50
CA GLU B 212 26.08 -33.59 -6.57
C GLU B 212 25.58 -32.18 -7.12
C GLU B 212 25.31 -32.75 -7.59
N VAL B 213 26.55 -32.20 -8.04
CA VAL B 213 27.16 -31.03 -8.72
C VAL B 213 26.39 -29.70 -8.82
N ALA B 214 25.24 -29.68 -9.45
CA ALA B 214 24.47 -28.43 -9.68
C ALA B 214 23.92 -27.71 -8.43
N THR B 215 23.91 -26.38 -8.53
CA THR B 215 23.35 -25.55 -7.47
C THR B 215 21.83 -25.80 -7.48
N ALA B 216 21.12 -25.20 -6.53
CA ALA B 216 19.67 -25.36 -6.48
C ALA B 216 19.18 -26.77 -6.24
N GLY B 217 19.79 -27.44 -5.27
CA GLY B 217 19.34 -28.76 -4.81
C GLY B 217 19.45 -30.01 -5.69
N GLN B 218 20.47 -30.16 -6.51
CA GLN B 218 20.59 -31.42 -7.22
C GLN B 218 21.08 -32.46 -6.22
N ASN B 219 20.43 -33.62 -6.20
CA ASN B 219 20.79 -34.71 -5.27
C ASN B 219 20.63 -36.06 -5.93
N GLU B 220 21.24 -37.08 -5.31
CA GLU B 220 21.20 -38.44 -5.82
C GLU B 220 21.21 -39.39 -4.65
N VAL B 221 20.49 -40.50 -4.80
CA VAL B 221 20.43 -41.60 -3.85
C VAL B 221 20.75 -42.87 -4.64
N ALA B 222 21.86 -43.50 -4.28
CA ALA B 222 22.33 -44.71 -4.93
C ALA B 222 21.70 -45.92 -4.31
N THR B 223 21.11 -46.73 -5.17
CA THR B 223 20.46 -47.94 -4.72
C THR B 223 21.10 -49.15 -5.39
N ARG B 224 21.08 -50.25 -4.66
CA ARG B 224 21.63 -51.51 -5.14
C ARG B 224 20.84 -52.07 -6.30
N PHE B 225 21.57 -52.62 -7.26
CA PHE B 225 21.07 -53.23 -8.48
C PHE B 225 20.11 -54.37 -8.19
N ASN B 226 19.52 -54.90 -9.25
CA ASN B 226 18.59 -56.03 -9.17
C ASN B 226 18.24 -56.54 -10.57
N THR B 227 17.51 -57.67 -10.61
CA THR B 227 17.10 -58.26 -11.88
C THR B 227 16.38 -57.15 -12.65
N MET B 228 16.72 -57.00 -13.93
CA MET B 228 16.13 -55.95 -14.77
C MET B 228 14.70 -55.53 -14.45
N THR B 229 13.75 -56.46 -14.44
CA THR B 229 12.37 -56.06 -14.18
C THR B 229 12.11 -55.55 -12.77
N LYS B 230 12.61 -56.25 -11.76
CA LYS B 230 12.43 -55.81 -10.39
C LYS B 230 13.06 -54.41 -10.20
N LYS B 231 14.14 -54.13 -10.91
CA LYS B 231 14.79 -52.84 -10.80
C LYS B 231 13.94 -51.70 -11.34
N ALA B 232 13.35 -51.87 -12.52
CA ALA B 232 12.49 -50.84 -13.08
C ALA B 232 11.30 -50.57 -12.13
N ASP B 233 10.91 -51.60 -11.36
CA ASP B 233 9.86 -51.48 -10.36
C ASP B 233 10.39 -50.50 -9.31
N GLU B 234 11.55 -50.87 -8.76
CA GLU B 234 12.23 -50.10 -7.74
C GLU B 234 12.42 -48.64 -8.17
N ILE B 235 12.61 -48.42 -9.47
CA ILE B 235 12.77 -47.06 -9.98
C ILE B 235 11.50 -46.27 -9.72
N GLN B 236 10.38 -46.87 -10.08
CA GLN B 236 9.09 -46.21 -9.86
C GLN B 236 8.92 -45.92 -8.37
N ILE B 237 9.30 -46.88 -7.51
CA ILE B 237 9.16 -46.68 -6.07
C ILE B 237 10.06 -45.52 -5.63
N TYR B 238 11.28 -45.56 -6.15
CA TYR B 238 12.28 -44.53 -5.93
C TYR B 238 11.69 -43.14 -6.15
N LYS B 239 11.25 -42.94 -7.39
CA LYS B 239 10.66 -41.66 -7.79
C LYS B 239 9.50 -41.26 -6.89
N TYR B 240 8.71 -42.26 -6.52
CA TYR B 240 7.57 -41.98 -5.67
C TYR B 240 8.10 -41.46 -4.34
N VAL B 241 8.91 -42.27 -3.67
CA VAL B 241 9.48 -41.88 -2.39
C VAL B 241 10.11 -40.50 -2.49
N VAL B 242 10.90 -40.28 -3.54
CA VAL B 242 11.56 -38.98 -3.73
C VAL B 242 10.51 -37.88 -3.85
N HIS B 243 9.68 -37.97 -4.87
CA HIS B 243 8.64 -36.98 -5.10
C HIS B 243 7.83 -36.60 -3.87
N ASN B 244 7.43 -37.62 -3.11
CA ASN B 244 6.61 -37.47 -1.93
C ASN B 244 7.31 -37.02 -0.67
N VAL B 245 8.47 -37.58 -0.38
CA VAL B 245 9.20 -37.14 0.81
C VAL B 245 9.49 -35.65 0.58
N ALA B 246 9.89 -35.31 -0.65
CA ALA B 246 10.18 -33.92 -1.02
C ALA B 246 8.97 -33.06 -0.72
N HIS B 247 7.83 -33.53 -1.21
CA HIS B 247 6.59 -32.83 -1.03
C HIS B 247 6.31 -32.56 0.43
N ARG B 248 6.40 -33.62 1.22
CA ARG B 248 6.20 -33.56 2.67
C ARG B 248 7.19 -32.63 3.37
N PHE B 249 8.32 -32.30 2.74
CA PHE B 249 9.27 -31.39 3.39
C PHE B 249 9.07 -30.02 2.78
N GLY B 250 7.94 -29.84 2.13
CA GLY B 250 7.68 -28.56 1.53
C GLY B 250 8.58 -28.30 0.35
N LYS B 251 9.13 -29.36 -0.21
CA LYS B 251 9.94 -29.17 -1.40
C LYS B 251 9.20 -29.79 -2.57
N THR B 252 9.74 -29.61 -3.76
CA THR B 252 9.12 -30.15 -4.97
C THR B 252 10.26 -30.78 -5.78
N ALA B 253 10.17 -32.08 -6.04
CA ALA B 253 11.22 -32.76 -6.81
C ALA B 253 10.93 -32.94 -8.28
N THR B 254 11.97 -32.90 -9.10
CA THR B 254 11.80 -33.17 -10.53
C THR B 254 12.89 -34.06 -11.11
N PHE B 255 12.44 -35.03 -11.88
CA PHE B 255 13.41 -35.88 -12.51
C PHE B 255 13.67 -35.45 -13.94
N MET B 256 13.23 -34.25 -14.31
CA MET B 256 13.48 -33.82 -15.68
C MET B 256 15.00 -33.65 -15.83
N PRO B 257 15.53 -34.11 -16.97
CA PRO B 257 16.94 -34.08 -17.33
C PRO B 257 17.74 -32.78 -17.33
N LYS B 258 17.16 -31.71 -17.85
CA LYS B 258 17.87 -30.43 -17.89
C LYS B 258 16.99 -29.24 -17.51
N PRO B 259 16.71 -29.09 -16.21
CA PRO B 259 15.86 -27.99 -15.71
C PRO B 259 16.53 -26.66 -15.92
N MET B 260 17.74 -26.53 -15.39
CA MET B 260 18.50 -25.34 -15.59
C MET B 260 19.57 -25.60 -16.64
N PHE B 261 20.00 -24.51 -17.23
N PHE B 261 19.80 -24.57 -17.39
CA PHE B 261 21.06 -24.42 -18.25
CA PHE B 261 20.80 -24.65 -18.45
C PHE B 261 22.31 -23.80 -17.67
C PHE B 261 22.11 -24.79 -17.73
N GLY B 262 23.48 -24.37 -17.95
N GLY B 262 22.22 -24.00 -16.67
CA GLY B 262 24.68 -23.76 -17.41
CA GLY B 262 23.36 -23.97 -15.81
C GLY B 262 25.21 -24.49 -16.21
C GLY B 262 24.53 -24.90 -16.08
N ASP B 263 24.47 -25.47 -15.75
N ASP B 263 24.48 -26.10 -15.50
CA ASP B 263 24.85 -26.30 -14.65
CA ASP B 263 25.61 -27.03 -15.61
C ASP B 263 24.44 -27.70 -15.04
C ASP B 263 25.38 -28.54 -15.40
N ASN B 264 24.86 -28.62 -14.26
N ASN B 264 26.49 -29.30 -15.26
CA ASN B 264 24.60 -30.00 -14.55
CA ASN B 264 26.56 -30.68 -14.96
C ASN B 264 23.17 -30.35 -14.77
C ASN B 264 25.10 -31.09 -14.64
N GLY B 265 23.03 -31.28 -15.70
N GLY B 265 24.39 -31.68 -15.61
CA GLY B 265 21.80 -31.88 -15.99
CA GLY B 265 22.94 -31.97 -15.41
C GLY B 265 21.78 -33.12 -15.13
C GLY B 265 22.56 -33.23 -14.62
N SER B 266 20.59 -33.67 -14.89
N SER B 266 21.25 -33.61 -14.71
CA SER B 266 20.46 -34.87 -14.11
CA SER B 266 20.67 -34.80 -14.05
C SER B 266 20.33 -36.02 -15.07
C SER B 266 20.47 -35.93 -15.08
N GLY B 267 21.00 -37.09 -14.75
CA GLY B 267 21.01 -38.26 -15.60
C GLY B 267 20.87 -39.58 -14.87
N MET B 268 20.54 -40.62 -15.61
CA MET B 268 20.40 -41.95 -15.02
C MET B 268 21.32 -42.98 -15.69
N HIS B 269 22.57 -43.03 -15.23
CA HIS B 269 23.57 -43.97 -15.77
C HIS B 269 23.09 -45.39 -15.49
N CYS B 270 23.39 -46.28 -16.43
CA CYS B 270 22.96 -47.66 -16.31
C CYS B 270 24.05 -48.71 -16.31
N HIS B 271 24.24 -49.27 -15.12
CA HIS B 271 25.19 -50.33 -14.90
C HIS B 271 24.51 -51.61 -15.26
N MET B 272 25.21 -52.44 -16.01
CA MET B 272 24.67 -53.71 -16.43
C MET B 272 25.73 -54.77 -16.47
N SER B 273 25.25 -56.01 -16.45
CA SER B 273 26.08 -57.21 -16.51
C SER B 273 25.12 -58.39 -16.60
N LEU B 274 25.58 -59.46 -17.24
CA LEU B 274 24.74 -60.65 -17.36
C LEU B 274 25.30 -61.77 -16.52
N ALA B 275 24.41 -62.66 -16.10
CA ALA B 275 24.81 -63.79 -15.28
C ALA B 275 24.19 -65.11 -15.72
N LYS B 276 24.81 -66.19 -15.28
CA LYS B 276 24.34 -67.54 -15.59
C LYS B 276 24.88 -68.44 -14.48
N ASN B 277 23.96 -69.00 -13.69
CA ASN B 277 24.30 -69.88 -12.58
C ASN B 277 25.33 -69.24 -11.67
N GLY B 278 24.94 -68.12 -11.07
CA GLY B 278 25.84 -67.41 -10.16
C GLY B 278 27.19 -66.93 -10.68
N THR B 279 27.45 -67.09 -11.98
CA THR B 279 28.73 -66.64 -12.55
C THR B 279 28.54 -65.37 -13.37
N ASN B 280 29.49 -64.44 -13.25
CA ASN B 280 29.37 -63.19 -13.99
C ASN B 280 29.97 -63.28 -15.38
N LEU B 281 29.10 -63.48 -16.35
CA LEU B 281 29.49 -63.58 -17.76
C LEU B 281 30.22 -62.36 -18.32
N PHE B 282 30.27 -61.28 -17.57
CA PHE B 282 30.94 -60.08 -18.07
C PHE B 282 32.41 -59.94 -17.69
N SER B 283 32.94 -60.91 -16.95
CA SER B 283 34.36 -60.87 -16.57
C SER B 283 35.15 -61.77 -17.52
N GLY B 284 36.36 -61.37 -17.83
CA GLY B 284 37.20 -62.14 -18.71
C GLY B 284 38.63 -61.65 -18.64
N ASP B 285 39.37 -61.82 -19.75
CA ASP B 285 40.77 -61.39 -19.81
C ASP B 285 41.06 -60.31 -20.87
N LYS B 286 40.02 -59.78 -21.48
CA LYS B 286 40.17 -58.70 -22.45
C LYS B 286 40.20 -57.37 -21.69
N TYR B 287 40.03 -56.28 -22.43
CA TYR B 287 40.06 -54.94 -21.82
C TYR B 287 39.43 -54.79 -20.42
N ALA B 288 40.21 -54.24 -19.50
CA ALA B 288 39.73 -53.98 -18.15
C ALA B 288 39.12 -55.15 -17.34
N GLY B 289 39.45 -56.37 -17.71
CA GLY B 289 38.92 -57.52 -16.98
C GLY B 289 37.59 -58.02 -17.51
N LEU B 290 37.21 -57.50 -18.67
CA LEU B 290 35.97 -57.84 -19.36
C LEU B 290 36.01 -59.15 -20.13
N SER B 291 34.85 -59.76 -20.32
CA SER B 291 34.74 -60.98 -21.09
C SER B 291 34.48 -60.58 -22.54
N GLU B 292 34.54 -61.56 -23.41
CA GLU B 292 34.28 -61.35 -24.83
C GLU B 292 32.84 -60.88 -24.90
N GLN B 293 31.99 -61.61 -24.21
CA GLN B 293 30.55 -61.37 -24.11
C GLN B 293 30.19 -59.88 -23.96
N ALA B 294 30.74 -59.28 -22.91
CA ALA B 294 30.52 -57.87 -22.61
C ALA B 294 30.77 -56.97 -23.81
N LEU B 295 31.88 -57.18 -24.49
CA LEU B 295 32.21 -56.34 -25.62
C LEU B 295 31.23 -56.45 -26.77
N TYR B 296 30.61 -57.60 -26.93
CA TYR B 296 29.60 -57.75 -27.96
C TYR B 296 28.36 -56.96 -27.52
N TYR B 297 28.07 -57.00 -26.22
CA TYR B 297 26.95 -56.27 -25.64
C TYR B 297 27.18 -54.80 -25.99
N ILE B 298 28.37 -54.32 -25.64
CA ILE B 298 28.78 -52.95 -25.90
C ILE B 298 28.61 -52.59 -27.36
N GLY B 299 29.02 -53.51 -28.22
CA GLY B 299 28.92 -53.27 -29.64
C GLY B 299 27.47 -53.08 -30.04
N GLY B 300 26.60 -53.90 -29.46
CA GLY B 300 25.18 -53.83 -29.77
C GLY B 300 24.61 -52.49 -29.33
N VAL B 301 24.87 -52.16 -28.05
CA VAL B 301 24.42 -50.92 -27.48
C VAL B 301 24.84 -49.75 -28.35
N ILE B 302 26.11 -49.76 -28.74
CA ILE B 302 26.63 -48.70 -29.59
C ILE B 302 25.96 -48.71 -30.97
N LYS B 303 25.63 -49.89 -31.47
CA LYS B 303 25.01 -49.96 -32.79
C LYS B 303 23.62 -49.37 -32.78
N HIS B 304 22.84 -49.76 -31.78
CA HIS B 304 21.46 -49.33 -31.65
C HIS B 304 21.21 -48.07 -30.82
N ALA B 305 22.30 -47.42 -30.41
CA ALA B 305 22.22 -46.22 -29.60
C ALA B 305 21.07 -45.25 -29.91
N LYS B 306 21.07 -44.66 -31.10
CA LYS B 306 20.02 -43.72 -31.46
C LYS B 306 18.60 -44.26 -31.22
N ALA B 307 18.41 -45.55 -31.47
CA ALA B 307 17.10 -46.13 -31.27
C ALA B 307 16.88 -46.22 -29.78
N ILE B 308 17.88 -46.70 -29.05
CA ILE B 308 17.77 -46.81 -27.60
C ILE B 308 17.48 -45.42 -27.01
N ASN B 309 18.06 -44.39 -27.60
CA ASN B 309 17.83 -43.01 -27.16
C ASN B 309 16.34 -42.74 -26.99
N ALA B 310 15.56 -43.04 -28.02
CA ALA B 310 14.11 -42.85 -27.96
C ALA B 310 13.47 -43.41 -26.69
N LEU B 311 14.08 -44.43 -26.08
CA LEU B 311 13.53 -44.97 -24.85
C LEU B 311 14.15 -44.42 -23.59
N ALA B 312 15.48 -44.26 -23.63
CA ALA B 312 16.26 -43.77 -22.51
C ALA B 312 16.48 -42.25 -22.50
N ASN B 313 15.88 -41.54 -23.46
CA ASN B 313 16.00 -40.08 -23.58
C ASN B 313 14.77 -39.66 -24.38
N PRO B 314 13.56 -39.92 -23.82
CA PRO B 314 12.24 -39.64 -24.41
C PRO B 314 11.76 -38.21 -24.48
N THR B 315 12.61 -37.29 -24.04
CA THR B 315 12.20 -35.90 -24.00
C THR B 315 13.08 -34.97 -24.80
N THR B 316 12.45 -33.93 -25.33
CA THR B 316 13.19 -32.92 -26.07
C THR B 316 14.26 -32.34 -25.12
N ASN B 317 13.87 -32.20 -23.86
CA ASN B 317 14.72 -31.69 -22.78
C ASN B 317 15.94 -32.59 -22.63
N SER B 318 15.74 -33.89 -22.84
CA SER B 318 16.79 -34.90 -22.71
C SER B 318 18.02 -34.51 -23.49
N TYR B 319 17.74 -33.89 -24.65
CA TYR B 319 18.77 -33.44 -25.59
C TYR B 319 19.42 -32.14 -25.23
N LYS B 320 18.87 -31.47 -24.24
CA LYS B 320 19.45 -30.21 -23.76
C LYS B 320 20.58 -30.55 -22.77
N ARG B 321 20.54 -31.79 -22.27
CA ARG B 321 21.52 -32.32 -21.33
C ARG B 321 22.73 -32.88 -22.04
N LEU B 322 22.46 -33.66 -23.10
CA LEU B 322 23.47 -34.30 -23.92
C LEU B 322 24.30 -33.29 -24.72
N VAL B 323 25.20 -32.63 -23.98
CA VAL B 323 26.12 -31.64 -24.50
C VAL B 323 27.45 -31.70 -23.70
N PRO B 324 28.55 -31.24 -24.32
CA PRO B 324 29.86 -31.26 -23.67
C PRO B 324 29.95 -30.35 -22.46
N GLY B 325 30.81 -30.72 -21.52
CA GLY B 325 31.06 -29.90 -20.35
C GLY B 325 30.29 -30.11 -19.07
N TYR B 326 29.25 -30.97 -19.13
CA TYR B 326 28.40 -31.13 -17.95
C TYR B 326 28.33 -32.60 -17.54
N GLU B 327 29.41 -33.34 -17.68
CA GLU B 327 29.49 -34.75 -17.30
C GLU B 327 28.47 -35.62 -18.02
N ALA B 328 27.99 -35.13 -19.18
CA ALA B 328 27.02 -35.84 -20.03
C ALA B 328 27.77 -36.24 -21.29
N PRO B 329 28.04 -37.53 -21.43
CA PRO B 329 28.76 -38.03 -22.60
C PRO B 329 27.87 -38.23 -23.81
N VAL B 330 28.37 -37.81 -24.96
CA VAL B 330 27.68 -37.92 -26.25
C VAL B 330 28.37 -38.93 -27.15
N MET B 331 29.67 -39.13 -26.89
CA MET B 331 30.50 -40.05 -27.65
C MET B 331 30.16 -41.49 -27.38
N LEU B 332 29.79 -42.19 -28.45
CA LEU B 332 29.44 -43.59 -28.39
C LEU B 332 30.70 -44.46 -28.41
N ALA B 333 31.40 -44.46 -27.28
CA ALA B 333 32.63 -45.23 -27.13
C ALA B 333 32.71 -45.80 -25.75
N TYR B 334 33.69 -46.68 -25.54
CA TYR B 334 33.85 -47.25 -24.22
C TYR B 334 35.27 -47.05 -23.75
N SER B 335 35.44 -47.03 -22.43
CA SER B 335 36.73 -46.84 -21.80
C SER B 335 36.59 -46.97 -20.29
N ALA B 336 37.70 -47.31 -19.63
CA ALA B 336 37.70 -47.41 -18.20
C ALA B 336 38.27 -46.09 -17.66
N ARG B 337 39.06 -45.41 -18.53
CA ARG B 337 39.73 -44.15 -18.25
C ARG B 337 38.94 -42.91 -18.58
N ASN B 338 39.01 -42.60 -19.88
CA ASN B 338 38.39 -41.44 -20.47
C ASN B 338 36.89 -41.34 -20.18
N ARG B 339 36.49 -40.22 -19.59
CA ARG B 339 35.11 -40.02 -19.23
C ARG B 339 34.33 -39.13 -20.20
N SER B 340 34.82 -39.11 -21.44
CA SER B 340 34.17 -38.40 -22.53
C SER B 340 33.29 -39.46 -23.23
N ALA B 341 33.56 -40.72 -22.85
CA ALA B 341 32.87 -41.91 -23.35
C ALA B 341 31.56 -42.18 -22.64
N SER B 342 30.53 -42.44 -23.42
CA SER B 342 29.20 -42.71 -22.89
C SER B 342 29.11 -44.06 -22.20
N ILE B 343 29.99 -44.98 -22.59
CA ILE B 343 30.04 -46.27 -21.91
C ILE B 343 31.34 -46.22 -21.15
N ARG B 344 31.26 -46.45 -19.86
CA ARG B 344 32.45 -46.40 -19.05
C ARG B 344 32.54 -47.77 -18.41
N ILE B 345 33.77 -48.28 -18.28
CA ILE B 345 33.98 -49.58 -17.69
C ILE B 345 34.53 -49.38 -16.29
N PRO B 346 33.70 -49.66 -15.29
CA PRO B 346 34.18 -49.50 -13.93
C PRO B 346 35.28 -50.51 -13.64
N VAL B 347 36.37 -49.99 -13.11
CA VAL B 347 37.50 -50.81 -12.76
C VAL B 347 37.21 -51.31 -11.36
N VAL B 348 37.45 -52.60 -11.13
CA VAL B 348 37.19 -53.15 -9.81
C VAL B 348 37.95 -54.45 -9.49
N ALA B 349 38.41 -54.53 -8.25
CA ALA B 349 39.16 -55.70 -7.75
C ALA B 349 38.71 -57.07 -8.29
N SER B 350 37.65 -57.64 -7.72
CA SER B 350 37.22 -58.98 -8.14
C SER B 350 36.66 -59.01 -9.57
N PRO B 351 36.30 -60.21 -10.00
CA PRO B 351 35.57 -60.41 -11.26
C PRO B 351 34.07 -60.41 -10.97
N LYS B 352 33.72 -60.74 -9.72
CA LYS B 352 32.33 -60.83 -9.28
C LYS B 352 31.54 -59.55 -9.57
N ALA B 353 32.25 -58.43 -9.62
CA ALA B 353 31.61 -57.14 -9.85
C ALA B 353 31.88 -56.47 -11.20
N ARG B 354 32.43 -57.22 -12.15
CA ARG B 354 32.72 -56.63 -13.46
C ARG B 354 31.41 -56.31 -14.17
N ARG B 355 31.38 -55.19 -14.89
CA ARG B 355 30.15 -54.80 -15.60
C ARG B 355 30.43 -53.60 -16.49
N ILE B 356 29.37 -53.05 -17.07
CA ILE B 356 29.49 -51.85 -17.90
C ILE B 356 28.50 -50.80 -17.40
N GLU B 357 28.79 -49.53 -17.72
CA GLU B 357 27.93 -48.41 -17.33
C GLU B 357 27.65 -47.59 -18.54
N VAL B 358 26.38 -47.59 -18.95
CA VAL B 358 25.96 -46.80 -20.08
C VAL B 358 25.40 -45.51 -19.50
N ARG B 359 26.18 -44.47 -19.67
CA ARG B 359 25.86 -43.20 -19.07
C ARG B 359 24.83 -42.32 -19.76
N PHE B 360 24.48 -42.47 -21.04
CA PHE B 360 23.58 -41.49 -21.66
C PHE B 360 22.11 -41.49 -21.23
N PRO B 361 21.58 -42.63 -20.71
CA PRO B 361 20.18 -42.58 -20.24
C PRO B 361 19.88 -41.45 -19.23
N ASP B 362 18.67 -40.85 -19.27
CA ASP B 362 18.29 -39.88 -18.23
C ASP B 362 17.01 -40.38 -17.53
N PRO B 363 16.61 -39.63 -16.44
CA PRO B 363 15.46 -39.96 -15.53
C PRO B 363 14.12 -40.13 -16.14
N ALA B 364 13.91 -39.30 -17.12
CA ALA B 364 12.66 -39.26 -17.81
C ALA B 364 12.30 -40.55 -18.52
N ALA B 365 13.27 -41.42 -18.74
CA ALA B 365 13.09 -42.67 -19.44
C ALA B 365 12.11 -43.61 -18.74
N ASN B 366 11.32 -44.34 -19.52
CA ASN B 366 10.41 -45.32 -18.96
C ASN B 366 11.36 -46.45 -18.60
N PRO B 367 11.57 -46.69 -17.30
CA PRO B 367 12.49 -47.75 -16.82
C PRO B 367 12.38 -49.03 -17.64
N TYR B 368 11.20 -49.62 -17.63
CA TYR B 368 10.92 -50.84 -18.36
C TYR B 368 11.39 -50.77 -19.81
N LEU B 369 10.82 -49.85 -20.57
CA LEU B 369 11.20 -49.72 -21.97
C LEU B 369 12.68 -49.48 -22.15
N CYS B 370 13.20 -48.51 -21.42
CA CYS B 370 14.60 -48.16 -21.49
C CYS B 370 15.49 -49.36 -21.22
N PHE B 371 15.27 -50.04 -20.10
CA PHE B 371 16.06 -51.22 -19.76
C PHE B 371 16.01 -52.30 -20.82
N ALA B 372 14.80 -52.64 -21.26
CA ALA B 372 14.61 -53.64 -22.30
C ALA B 372 15.47 -53.29 -23.53
N ALA B 373 15.32 -52.08 -24.04
CA ALA B 373 16.06 -51.63 -25.22
C ALA B 373 17.55 -51.83 -25.03
N LEU B 374 18.04 -51.54 -23.84
CA LEU B 374 19.44 -51.71 -23.55
C LEU B 374 19.78 -53.19 -23.66
N LEU B 375 18.98 -54.03 -23.01
CA LEU B 375 19.17 -55.47 -22.99
C LEU B 375 19.12 -56.11 -24.35
N MET B 376 18.08 -55.78 -25.11
CA MET B 376 17.89 -56.33 -26.45
C MET B 376 18.97 -55.93 -27.44
N ALA B 377 19.51 -54.73 -27.28
CA ALA B 377 20.57 -54.26 -28.16
C ALA B 377 21.84 -54.99 -27.75
N GLY B 378 21.91 -55.36 -26.48
CA GLY B 378 23.07 -56.05 -25.97
C GLY B 378 23.09 -57.46 -26.49
N LEU B 379 21.92 -58.10 -26.47
CA LEU B 379 21.78 -59.46 -26.95
C LEU B 379 22.06 -59.54 -28.45
N ASP B 380 21.57 -58.56 -29.19
CA ASP B 380 21.78 -58.53 -30.64
C ASP B 380 23.24 -58.34 -30.97
N GLY B 381 23.97 -57.69 -30.09
CA GLY B 381 25.39 -57.46 -30.31
C GLY B 381 26.16 -58.74 -30.12
N ILE B 382 25.63 -59.59 -29.25
CA ILE B 382 26.21 -60.88 -28.91
C ILE B 382 25.91 -61.92 -30.00
N LYS B 383 24.64 -62.09 -30.34
CA LYS B 383 24.24 -63.03 -31.38
C LYS B 383 25.04 -62.73 -32.63
N ASN B 384 25.00 -61.51 -33.12
CA ASN B 384 25.74 -61.08 -34.32
C ASN B 384 27.23 -60.71 -34.10
N LYS B 385 27.85 -61.11 -32.99
CA LYS B 385 29.28 -60.80 -32.68
C LYS B 385 29.75 -59.42 -33.17
N ILE B 386 29.00 -58.40 -32.77
CA ILE B 386 29.31 -57.05 -33.16
C ILE B 386 30.48 -56.48 -32.38
N HIS B 387 31.57 -56.25 -33.09
CA HIS B 387 32.72 -55.74 -32.38
C HIS B 387 32.65 -54.25 -32.08
N PRO B 388 32.87 -53.89 -30.81
CA PRO B 388 32.86 -52.53 -30.27
C PRO B 388 34.09 -51.70 -30.65
N GLY B 389 35.00 -52.30 -31.41
CA GLY B 389 36.19 -51.59 -31.82
C GLY B 389 37.14 -51.37 -30.66
N GLU B 390 38.02 -50.38 -30.81
CA GLU B 390 39.00 -50.05 -29.79
C GLU B 390 38.52 -48.99 -28.80
N PRO B 391 38.85 -49.16 -27.52
CA PRO B 391 38.49 -48.25 -26.42
C PRO B 391 39.10 -46.86 -26.60
N MET B 392 38.38 -45.85 -26.12
CA MET B 392 38.84 -44.47 -26.21
C MET B 392 39.68 -44.14 -24.99
N ASP B 393 40.97 -43.93 -25.18
CA ASP B 393 41.80 -43.58 -24.05
C ASP B 393 42.48 -42.22 -24.28
N LYS B 394 41.86 -41.44 -25.18
CA LYS B 394 42.32 -40.09 -25.57
C LYS B 394 41.75 -38.91 -24.72
N ASN B 395 41.60 -37.74 -25.36
CA ASN B 395 41.15 -36.51 -24.66
C ASN B 395 39.60 -36.26 -24.64
N LEU B 396 39.21 -35.53 -23.60
CA LEU B 396 37.83 -35.26 -23.16
C LEU B 396 36.80 -34.64 -24.16
N TYR B 397 36.39 -33.37 -24.05
CA TYR B 397 35.26 -32.90 -24.91
C TYR B 397 35.56 -32.27 -26.30
N ASP B 398 36.31 -31.18 -26.37
CA ASP B 398 36.70 -30.63 -27.67
C ASP B 398 38.19 -30.35 -27.97
N LEU B 399 38.91 -31.47 -27.92
CA LEU B 399 40.32 -31.59 -28.26
C LEU B 399 40.32 -32.36 -29.58
N PRO B 400 39.27 -33.24 -29.71
CA PRO B 400 39.06 -34.11 -30.90
C PRO B 400 39.17 -33.50 -32.29
N PRO B 401 38.37 -32.49 -32.75
CA PRO B 401 38.49 -32.13 -34.19
C PRO B 401 39.90 -31.70 -34.66
N GLU B 402 40.88 -32.60 -34.50
CA GLU B 402 42.28 -32.44 -34.87
C GLU B 402 42.45 -33.16 -36.21
N GLU B 403 41.45 -34.02 -36.43
CA GLU B 403 41.26 -34.88 -37.56
C GLU B 403 39.74 -34.98 -37.67
N ALA B 404 39.14 -33.89 -37.13
CA ALA B 404 37.69 -33.66 -36.99
C ALA B 404 37.06 -35.00 -36.64
N LYS B 405 37.31 -35.48 -35.41
CA LYS B 405 36.81 -36.80 -35.08
C LYS B 405 35.30 -36.92 -35.17
N GLU B 406 34.78 -37.74 -36.08
CA GLU B 406 33.39 -37.99 -36.17
C GLU B 406 33.05 -39.44 -35.84
N ILE B 407 33.40 -39.90 -34.64
CA ILE B 407 33.04 -41.27 -34.26
C ILE B 407 31.55 -41.24 -33.89
N PRO B 408 30.89 -42.41 -33.86
CA PRO B 408 29.46 -42.50 -33.55
C PRO B 408 29.01 -41.72 -32.30
N GLN B 409 27.82 -41.13 -32.39
CA GLN B 409 27.27 -40.37 -31.29
C GLN B 409 25.79 -40.56 -31.10
N VAL B 410 25.33 -40.32 -29.87
CA VAL B 410 23.92 -40.45 -29.53
C VAL B 410 23.08 -39.47 -30.36
N ALA B 411 21.79 -39.75 -30.46
CA ALA B 411 20.88 -38.92 -31.24
C ALA B 411 20.99 -37.43 -30.89
N GLY B 412 21.00 -36.58 -31.92
CA GLY B 412 21.11 -35.15 -31.66
C GLY B 412 19.85 -34.47 -31.18
N SER B 413 18.71 -35.01 -31.56
CA SER B 413 17.42 -34.47 -31.18
C SER B 413 16.50 -35.62 -30.82
N LEU B 414 15.23 -35.31 -30.60
CA LEU B 414 14.29 -36.36 -30.27
C LEU B 414 13.73 -36.96 -31.56
N GLU B 415 13.43 -36.10 -32.53
CA GLU B 415 12.88 -36.52 -33.82
C GLU B 415 13.81 -37.59 -34.39
N GLU B 416 15.10 -37.32 -34.26
CA GLU B 416 16.14 -38.23 -34.71
C GLU B 416 15.97 -39.55 -33.96
N ALA B 417 16.19 -39.54 -32.65
CA ALA B 417 16.06 -40.74 -31.82
C ALA B 417 14.82 -41.54 -32.15
N LEU B 418 13.74 -40.84 -32.45
CA LEU B 418 12.50 -41.49 -32.75
C LEU B 418 12.59 -42.18 -34.09
N ASN B 419 12.83 -41.38 -35.12
CA ASN B 419 12.95 -41.90 -36.48
C ASN B 419 13.93 -43.10 -36.52
N ALA B 420 15.00 -43.05 -35.72
CA ALA B 420 15.97 -44.13 -35.61
C ALA B 420 15.28 -45.39 -35.07
N LEU B 421 14.55 -45.24 -33.99
CA LEU B 421 13.82 -46.37 -33.43
C LEU B 421 12.81 -46.88 -34.47
N ASP B 422 12.33 -45.98 -35.32
CA ASP B 422 11.37 -46.37 -36.36
C ASP B 422 12.04 -47.44 -37.22
N LEU B 423 13.14 -47.03 -37.87
CA LEU B 423 13.92 -47.90 -38.73
C LEU B 423 14.57 -49.09 -38.03
N ASP B 424 15.56 -48.81 -37.19
CA ASP B 424 16.28 -49.86 -36.45
C ASP B 424 15.40 -50.60 -35.42
N ARG B 425 14.11 -50.73 -35.74
CA ARG B 425 13.21 -51.41 -34.83
C ARG B 425 13.36 -52.92 -34.77
N GLU B 426 14.13 -53.45 -35.70
CA GLU B 426 14.25 -54.89 -35.76
C GLU B 426 14.72 -55.63 -34.53
N PHE B 427 15.80 -55.16 -33.92
CA PHE B 427 16.30 -55.88 -32.74
C PHE B 427 15.34 -55.89 -31.56
N LEU B 428 14.36 -55.01 -31.58
CA LEU B 428 13.41 -54.93 -30.48
C LEU B 428 12.27 -55.91 -30.66
N LYS B 429 11.87 -56.13 -31.91
CA LYS B 429 10.78 -57.04 -32.22
C LYS B 429 11.15 -58.50 -32.01
N ALA B 430 12.46 -58.74 -31.91
CA ALA B 430 12.98 -60.09 -31.66
C ALA B 430 12.26 -60.71 -30.47
N GLY B 431 12.08 -62.02 -30.50
CA GLY B 431 11.41 -62.72 -29.42
C GLY B 431 10.01 -62.23 -29.16
N GLY B 432 9.46 -61.43 -30.08
CA GLY B 432 8.12 -60.87 -29.92
C GLY B 432 8.00 -60.00 -28.67
N VAL B 433 9.14 -59.41 -28.25
CA VAL B 433 9.23 -58.55 -27.09
C VAL B 433 8.50 -57.26 -27.40
N PHE B 434 8.97 -56.58 -28.43
CA PHE B 434 8.32 -55.35 -28.87
C PHE B 434 7.53 -55.68 -30.11
N THR B 435 6.35 -55.10 -30.20
CA THR B 435 5.53 -55.33 -31.35
C THR B 435 5.51 -54.04 -32.12
N ASP B 436 5.12 -54.11 -33.38
CA ASP B 436 5.10 -52.93 -34.21
C ASP B 436 4.22 -51.82 -33.69
N GLU B 437 2.93 -52.08 -33.47
CA GLU B 437 2.10 -50.99 -32.97
C GLU B 437 2.48 -50.54 -31.56
N ALA B 438 3.09 -51.42 -30.77
CA ALA B 438 3.53 -51.03 -29.43
C ALA B 438 4.54 -49.90 -29.66
N ILE B 439 5.42 -50.16 -30.62
CA ILE B 439 6.45 -49.22 -31.00
C ILE B 439 5.89 -48.02 -31.80
N ASP B 440 4.91 -48.27 -32.66
CA ASP B 440 4.36 -47.18 -33.45
C ASP B 440 3.55 -46.23 -32.59
N ALA B 441 2.95 -46.77 -31.52
CA ALA B 441 2.14 -45.98 -30.59
C ALA B 441 3.05 -45.05 -29.81
N TYR B 442 4.14 -45.60 -29.28
CA TYR B 442 5.11 -44.83 -28.52
C TYR B 442 5.60 -43.66 -29.38
N ILE B 443 6.05 -43.97 -30.59
CA ILE B 443 6.54 -42.94 -31.49
C ILE B 443 5.51 -41.83 -31.68
N ALA B 444 4.25 -42.21 -31.82
CA ALA B 444 3.18 -41.24 -32.02
C ALA B 444 3.02 -40.22 -30.87
N LEU B 445 3.08 -40.73 -29.65
CA LEU B 445 2.95 -39.96 -28.42
C LEU B 445 4.02 -38.92 -28.29
N ARG B 446 5.23 -39.42 -28.40
CA ARG B 446 6.40 -38.59 -28.31
C ARG B 446 6.42 -37.58 -29.47
N ARG B 447 5.88 -37.98 -30.61
CA ARG B 447 5.88 -37.10 -31.77
C ARG B 447 5.04 -35.87 -31.49
N GLU B 448 3.95 -36.04 -30.75
CA GLU B 448 3.09 -34.90 -30.45
C GLU B 448 3.69 -34.02 -29.38
N GLU B 449 4.46 -34.62 -28.48
CA GLU B 449 5.15 -33.84 -27.45
C GLU B 449 6.23 -33.00 -28.14
N ASP B 450 7.02 -33.65 -28.98
CA ASP B 450 8.07 -32.95 -29.72
C ASP B 450 7.43 -31.80 -30.53
N ASP B 451 6.22 -32.02 -31.06
CA ASP B 451 5.55 -30.96 -31.85
C ASP B 451 5.41 -29.69 -31.06
N ARG B 452 4.94 -29.85 -29.82
CA ARG B 452 4.71 -28.72 -28.95
C ARG B 452 5.92 -27.88 -28.77
N VAL B 453 7.01 -28.51 -28.39
CA VAL B 453 8.24 -27.76 -28.20
C VAL B 453 8.73 -27.18 -29.52
N ARG B 454 8.61 -27.96 -30.58
CA ARG B 454 9.09 -27.51 -31.88
C ARG B 454 8.29 -26.38 -32.44
N MET B 455 7.03 -26.30 -32.06
CA MET B 455 6.15 -25.29 -32.59
C MET B 455 5.94 -24.03 -31.76
N THR B 456 6.18 -24.12 -30.45
CA THR B 456 6.00 -22.97 -29.55
C THR B 456 7.25 -22.09 -29.52
N PRO B 457 7.11 -20.77 -29.79
CA PRO B 457 8.27 -19.87 -29.77
C PRO B 457 9.05 -19.98 -28.47
N HIS B 458 10.37 -19.93 -28.57
CA HIS B 458 11.22 -20.03 -27.40
C HIS B 458 11.64 -18.63 -27.00
N PRO B 459 11.65 -18.35 -25.68
CA PRO B 459 12.03 -17.04 -25.16
C PRO B 459 13.29 -16.49 -25.83
N VAL B 460 14.32 -17.35 -25.90
CA VAL B 460 15.60 -17.00 -26.49
C VAL B 460 15.50 -16.50 -27.94
N GLU B 461 14.46 -16.94 -28.63
CA GLU B 461 14.28 -16.49 -29.99
C GLU B 461 14.04 -14.99 -30.01
N PHE B 462 13.46 -14.47 -28.94
CA PHE B 462 13.20 -13.03 -28.92
C PHE B 462 14.48 -12.26 -28.68
N GLU B 463 15.25 -12.86 -27.79
CA GLU B 463 16.54 -12.31 -27.43
C GLU B 463 17.36 -12.23 -28.69
N LEU B 464 17.37 -13.32 -29.44
CA LEU B 464 18.11 -13.44 -30.69
C LEU B 464 17.46 -12.79 -31.89
N TYR B 465 16.13 -12.79 -31.98
CA TYR B 465 15.57 -12.34 -33.26
C TYR B 465 14.57 -11.16 -33.28
N TYR B 466 14.09 -10.74 -32.12
CA TYR B 466 13.08 -9.67 -32.14
C TYR B 466 13.47 -8.43 -32.94
N SER B 467 14.73 -8.01 -32.77
CA SER B 467 15.16 -6.79 -33.42
C SER B 467 15.69 -7.02 -34.81
N VAL B 468 15.28 -8.13 -35.39
CA VAL B 468 15.69 -8.49 -36.73
C VAL B 468 15.22 -7.50 -37.81
N SER C 1 40.46 -47.67 15.00
CA SER C 1 39.34 -48.32 15.74
C SER C 1 38.38 -49.12 14.81
N ALA C 2 38.92 -50.07 14.03
CA ALA C 2 38.00 -50.84 13.16
C ALA C 2 36.95 -51.49 14.08
N GLU C 3 37.49 -52.19 15.09
CA GLU C 3 36.67 -52.81 16.11
C GLU C 3 35.77 -51.78 16.85
N HIS C 4 36.39 -50.78 17.46
CA HIS C 4 35.69 -49.73 18.20
C HIS C 4 34.46 -49.21 17.43
N VAL C 5 34.68 -48.83 16.17
CA VAL C 5 33.60 -48.34 15.31
C VAL C 5 32.41 -49.30 15.26
N LEU C 6 32.66 -50.59 15.03
CA LEU C 6 31.55 -51.53 14.95
C LEU C 6 30.70 -51.52 16.18
N THR C 7 31.34 -51.47 17.35
CA THR C 7 30.60 -51.45 18.62
C THR C 7 29.80 -50.14 18.72
N MET C 8 30.45 -49.07 18.29
CA MET C 8 29.84 -47.73 18.28
C MET C 8 28.58 -47.60 17.40
N LEU C 9 28.45 -48.49 16.42
CA LEU C 9 27.28 -48.45 15.55
C LEU C 9 26.08 -48.98 16.36
N ASN C 10 26.30 -50.09 17.08
CA ASN C 10 25.24 -50.71 17.88
C ASN C 10 24.91 -49.90 19.12
N GLU C 11 25.93 -49.19 19.57
CA GLU C 11 25.81 -48.38 20.78
C GLU C 11 24.93 -47.15 20.59
N HIS C 12 24.91 -46.63 19.36
CA HIS C 12 24.09 -45.44 19.08
C HIS C 12 22.99 -45.73 18.08
N GLU C 13 22.74 -47.01 17.78
CA GLU C 13 21.73 -47.41 16.80
C GLU C 13 21.90 -46.49 15.59
N VAL C 14 23.16 -46.42 15.14
CA VAL C 14 23.53 -45.58 14.03
C VAL C 14 22.85 -46.06 12.77
N LYS C 15 22.27 -45.11 12.03
CA LYS C 15 21.60 -45.43 10.80
C LYS C 15 22.50 -45.13 9.60
N PHE C 16 23.30 -44.08 9.70
CA PHE C 16 24.18 -43.73 8.59
C PHE C 16 25.60 -43.44 8.99
N VAL C 17 26.46 -43.38 7.97
CA VAL C 17 27.85 -43.10 8.15
C VAL C 17 28.23 -42.02 7.16
N ASP C 18 28.77 -40.95 7.71
CA ASP C 18 29.14 -39.85 6.87
C ASP C 18 30.62 -39.78 6.66
N LEU C 19 31.00 -40.02 5.42
CA LEU C 19 32.39 -40.01 5.05
C LEU C 19 32.78 -38.61 4.74
N ARG C 20 33.77 -38.11 5.46
CA ARG C 20 34.23 -36.77 5.19
C ARG C 20 35.71 -36.71 4.91
N PHE C 21 36.06 -35.76 4.05
CA PHE C 21 37.42 -35.55 3.67
C PHE C 21 37.52 -34.10 3.26
N THR C 22 38.73 -33.65 2.98
CA THR C 22 38.93 -32.24 2.66
C THR C 22 39.51 -31.96 1.30
N ASP C 23 38.92 -30.99 0.60
CA ASP C 23 39.36 -30.64 -0.74
C ASP C 23 40.55 -29.71 -0.70
N THR C 24 41.09 -29.43 -1.87
CA THR C 24 42.27 -28.60 -1.98
C THR C 24 42.13 -27.23 -1.34
N LYS C 25 41.04 -26.52 -1.65
CA LYS C 25 40.83 -25.17 -1.09
C LYS C 25 40.70 -25.22 0.43
N GLY C 26 40.23 -26.36 0.93
CA GLY C 26 40.11 -26.50 2.37
C GLY C 26 38.72 -26.82 2.83
N LYS C 27 37.78 -26.81 1.89
CA LYS C 27 36.40 -27.09 2.21
C LYS C 27 36.19 -28.58 2.46
N GLU C 28 35.63 -28.89 3.62
CA GLU C 28 35.34 -30.27 4.02
C GLU C 28 34.18 -30.84 3.18
N GLN C 29 34.36 -32.03 2.61
CA GLN C 29 33.33 -32.67 1.78
C GLN C 29 32.81 -33.92 2.51
N HIS C 30 31.64 -34.41 2.10
CA HIS C 30 31.08 -35.58 2.77
C HIS C 30 30.21 -36.49 1.92
N VAL C 31 30.03 -37.73 2.32
CA VAL C 31 29.18 -38.60 1.54
C VAL C 31 28.59 -39.61 2.49
N THR C 32 27.33 -39.89 2.28
CA THR C 32 26.69 -40.77 3.22
C THR C 32 26.40 -42.15 2.75
N ILE C 33 26.67 -43.06 3.66
CA ILE C 33 26.53 -44.48 3.46
C ILE C 33 25.73 -45.05 4.60
N PRO C 34 24.81 -45.96 4.30
CA PRO C 34 23.97 -46.59 5.33
C PRO C 34 24.90 -47.39 6.22
N ALA C 35 24.58 -47.48 7.50
CA ALA C 35 25.43 -48.22 8.40
C ALA C 35 25.66 -49.66 7.93
N HIS C 36 24.67 -50.26 7.29
CA HIS C 36 24.81 -51.64 6.82
C HIS C 36 25.87 -51.81 5.74
N GLN C 37 26.21 -50.72 5.08
CA GLN C 37 27.21 -50.73 4.02
C GLN C 37 28.63 -50.79 4.61
N VAL C 38 28.68 -50.72 5.94
CA VAL C 38 29.94 -50.78 6.67
C VAL C 38 30.23 -52.18 7.13
N ASN C 39 31.28 -52.75 6.54
CA ASN C 39 31.71 -54.11 6.83
C ASN C 39 33.21 -54.22 6.95
N ALA C 40 33.64 -55.47 7.04
CA ALA C 40 35.03 -55.84 7.17
C ALA C 40 35.97 -55.18 6.16
N GLU C 41 35.77 -55.47 4.88
CA GLU C 41 36.65 -54.94 3.83
C GLU C 41 36.55 -53.44 3.64
N PHE C 42 35.41 -52.87 3.96
CA PHE C 42 35.20 -51.44 3.84
C PHE C 42 36.39 -50.73 4.49
N PHE C 43 36.85 -51.27 5.63
CA PHE C 43 37.96 -50.69 6.34
C PHE C 43 39.35 -50.87 5.76
N GLU C 44 39.58 -52.03 5.14
CA GLU C 44 40.87 -52.29 4.55
C GLU C 44 41.00 -51.79 3.12
N GLU C 45 39.90 -51.72 2.38
CA GLU C 45 39.98 -51.22 1.00
C GLU C 45 39.15 -49.96 0.67
N GLY C 46 38.47 -49.40 1.68
CA GLY C 46 37.68 -48.20 1.46
C GLY C 46 36.57 -48.33 0.44
N LYS C 47 36.13 -47.21 -0.11
CA LYS C 47 35.06 -47.19 -1.10
C LYS C 47 35.52 -46.39 -2.30
N MET C 48 34.89 -46.68 -3.43
CA MET C 48 35.21 -46.02 -4.67
C MET C 48 34.41 -44.77 -4.90
N PHE C 49 35.04 -43.79 -5.54
CA PHE C 49 34.36 -42.54 -5.87
C PHE C 49 35.17 -41.73 -6.89
N ASP C 50 34.45 -40.91 -7.67
CA ASP C 50 35.06 -40.06 -8.68
C ASP C 50 35.36 -38.66 -8.14
N GLY C 51 36.63 -38.29 -8.17
CA GLY C 51 37.01 -36.97 -7.68
C GLY C 51 36.87 -35.89 -8.73
N SER C 52 36.76 -36.27 -9.99
CA SER C 52 36.66 -35.35 -11.13
C SER C 52 35.95 -34.00 -10.94
N SER C 53 34.81 -34.00 -10.27
CA SER C 53 34.06 -32.76 -10.04
C SER C 53 34.43 -32.08 -8.73
N ILE C 54 35.72 -32.12 -8.44
CA ILE C 54 36.26 -31.51 -7.24
C ILE C 54 37.34 -30.54 -7.68
N GLY C 55 37.48 -29.47 -6.91
CA GLY C 55 38.47 -28.46 -7.21
C GLY C 55 39.90 -28.97 -7.32
N GLY C 56 40.45 -28.90 -8.54
CA GLY C 56 41.83 -29.28 -8.79
C GLY C 56 42.30 -30.70 -8.60
N TRP C 57 41.39 -31.63 -8.71
CA TRP C 57 41.65 -33.05 -8.60
C TRP C 57 41.22 -33.61 -9.91
N LYS C 58 40.71 -32.65 -10.60
CA LYS C 58 40.17 -32.81 -11.91
C LYS C 58 41.02 -33.85 -12.52
N GLY C 59 40.47 -34.38 -13.56
CA GLY C 59 41.08 -35.46 -14.29
C GLY C 59 39.90 -36.27 -14.74
N ILE C 60 39.18 -35.67 -15.66
CA ILE C 60 37.95 -36.31 -16.11
C ILE C 60 38.35 -37.49 -16.95
N ASN C 61 39.42 -38.16 -16.55
CA ASN C 61 39.89 -39.31 -17.25
C ASN C 61 40.47 -40.38 -16.31
N GLU C 62 41.36 -39.96 -15.43
CA GLU C 62 42.07 -40.91 -14.52
C GLU C 62 41.66 -40.91 -13.01
N SER C 63 41.21 -39.75 -12.50
CA SER C 63 40.91 -39.51 -11.06
C SER C 63 39.66 -40.18 -10.47
N ASP C 64 39.70 -41.49 -10.49
CA ASP C 64 38.71 -42.33 -9.84
C ASP C 64 39.46 -42.82 -8.62
N MET C 65 39.28 -42.11 -7.51
CA MET C 65 39.99 -42.40 -6.26
C MET C 65 39.26 -43.18 -5.17
N VAL C 66 40.04 -43.51 -4.14
CA VAL C 66 39.56 -44.27 -2.97
C VAL C 66 39.40 -43.47 -1.67
N LEU C 67 38.26 -43.67 -1.02
CA LEU C 67 38.02 -43.03 0.25
C LEU C 67 38.46 -44.00 1.31
N MET C 68 39.52 -43.66 2.02
CA MET C 68 40.00 -44.56 3.04
C MET C 68 39.65 -44.12 4.43
N PRO C 69 38.64 -44.77 5.03
CA PRO C 69 38.19 -44.48 6.39
C PRO C 69 39.31 -44.59 7.40
N ASP C 70 39.28 -43.69 8.36
CA ASP C 70 40.26 -43.67 9.42
C ASP C 70 39.48 -43.98 10.70
N ALA C 71 39.50 -45.25 11.06
CA ALA C 71 38.79 -45.74 12.24
C ALA C 71 38.88 -44.87 13.48
N SER C 72 40.00 -44.16 13.63
CA SER C 72 40.17 -43.33 14.83
C SER C 72 39.27 -42.09 14.88
N THR C 73 39.08 -41.45 13.72
CA THR C 73 38.28 -40.22 13.59
C THR C 73 36.77 -40.28 13.85
N ALA C 74 36.24 -41.49 14.05
CA ALA C 74 34.80 -41.68 14.26
C ALA C 74 34.12 -40.95 15.39
N VAL C 75 33.07 -40.23 15.03
CA VAL C 75 32.26 -39.53 16.01
C VAL C 75 30.90 -39.09 15.46
N ILE C 76 29.90 -39.22 16.33
CA ILE C 76 28.52 -38.88 16.03
C ILE C 76 28.30 -37.45 15.55
N ASP C 77 27.40 -37.28 14.59
CA ASP C 77 27.06 -35.94 14.12
C ASP C 77 25.93 -35.48 15.05
N PRO C 78 26.12 -34.34 15.70
CA PRO C 78 25.13 -33.81 16.64
C PRO C 78 24.03 -32.98 16.05
N PHE C 79 24.07 -32.75 14.75
CA PHE C 79 23.08 -31.92 14.07
C PHE C 79 22.08 -32.73 13.24
N PHE C 80 22.56 -33.80 12.63
CA PHE C 80 21.73 -34.65 11.79
C PHE C 80 20.57 -35.27 12.55
N ALA C 81 19.44 -35.36 11.87
CA ALA C 81 18.21 -35.90 12.44
C ALA C 81 18.24 -37.38 12.73
N ASP C 82 18.77 -38.15 11.78
CA ASP C 82 18.82 -39.59 11.97
C ASP C 82 20.22 -39.86 12.50
N SER C 83 20.35 -40.77 13.46
CA SER C 83 21.65 -41.04 14.09
C SER C 83 22.74 -41.36 13.09
N THR C 84 23.65 -40.43 12.82
CA THR C 84 24.72 -40.79 11.88
C THR C 84 26.12 -40.60 12.47
N LEU C 85 27.02 -41.53 12.05
CA LEU C 85 28.41 -41.53 12.46
C LEU C 85 29.31 -40.94 11.36
N ILE C 86 30.18 -40.02 11.76
CA ILE C 86 31.09 -39.37 10.84
C ILE C 86 32.42 -40.08 10.88
N ILE C 87 33.07 -40.19 9.73
CA ILE C 87 34.37 -40.81 9.64
C ILE C 87 35.17 -40.07 8.61
N ARG C 88 36.27 -39.50 9.08
CA ARG C 88 37.19 -38.76 8.26
C ARG C 88 37.91 -39.78 7.39
N CYS C 89 38.08 -39.44 6.13
CA CYS C 89 38.74 -40.36 5.21
C CYS C 89 39.95 -39.70 4.61
N ASP C 90 40.81 -40.55 4.05
CA ASP C 90 42.02 -40.13 3.35
C ASP C 90 41.76 -40.50 1.90
N ILE C 91 42.32 -39.71 1.00
CA ILE C 91 42.17 -39.99 -0.42
C ILE C 91 43.40 -40.73 -0.88
N LEU C 92 43.20 -42.00 -1.24
CA LEU C 92 44.27 -42.86 -1.69
C LEU C 92 44.18 -43.07 -3.18
N GLU C 93 45.31 -43.39 -3.78
CA GLU C 93 45.41 -43.67 -5.21
C GLU C 93 44.86 -45.10 -5.43
N PRO C 94 44.00 -45.30 -6.45
CA PRO C 94 43.45 -46.65 -6.68
C PRO C 94 44.52 -47.71 -6.97
N GLY C 95 44.38 -48.87 -6.33
CA GLY C 95 45.33 -49.96 -6.52
C GLY C 95 46.60 -49.75 -5.70
N THR C 96 47.38 -48.74 -6.07
CA THR C 96 48.64 -48.42 -5.36
C THR C 96 48.33 -48.26 -3.87
N LEU C 97 47.29 -47.48 -3.58
CA LEU C 97 46.80 -47.23 -2.22
C LEU C 97 47.71 -46.56 -1.21
N GLN C 98 48.67 -45.73 -1.62
CA GLN C 98 49.51 -45.12 -0.58
C GLN C 98 49.26 -43.64 -0.30
N GLY C 99 48.35 -43.01 -1.05
CA GLY C 99 48.05 -41.62 -0.74
C GLY C 99 48.19 -40.61 -1.83
N TYR C 100 47.06 -40.06 -2.23
CA TYR C 100 46.98 -39.05 -3.30
C TYR C 100 47.86 -37.81 -3.10
N ASP C 101 48.56 -37.49 -4.16
CA ASP C 101 49.48 -36.36 -4.22
C ASP C 101 48.85 -35.04 -3.85
N ARG C 102 47.57 -34.93 -4.17
CA ARG C 102 46.81 -33.73 -3.89
C ARG C 102 45.92 -33.76 -2.67
N ASP C 103 45.81 -34.92 -2.02
CA ASP C 103 45.01 -35.03 -0.79
C ASP C 103 45.77 -34.28 0.31
N PRO C 104 45.26 -33.11 0.71
CA PRO C 104 45.84 -32.24 1.72
C PRO C 104 46.09 -32.97 3.01
N ARG C 105 45.23 -33.92 3.34
CA ARG C 105 45.44 -34.66 4.57
C ARG C 105 46.64 -35.57 4.44
N SER C 106 46.83 -36.16 3.26
CA SER C 106 47.97 -37.05 3.04
C SER C 106 49.23 -36.21 3.15
N ILE C 107 49.21 -35.04 2.51
CA ILE C 107 50.32 -34.10 2.54
C ILE C 107 50.70 -33.71 3.96
N ALA C 108 49.70 -33.52 4.82
CA ALA C 108 49.96 -33.14 6.19
C ALA C 108 50.64 -34.27 6.91
N LYS C 109 50.19 -35.49 6.63
CA LYS C 109 50.75 -36.68 7.25
C LYS C 109 52.18 -36.88 6.77
N ARG C 110 52.40 -36.70 5.48
CA ARG C 110 53.72 -36.82 4.87
C ARG C 110 54.69 -35.92 5.63
N ALA C 111 54.29 -34.66 5.80
CA ALA C 111 55.11 -33.69 6.53
C ALA C 111 55.39 -34.14 7.97
N GLU C 112 54.44 -34.78 8.64
CA GLU C 112 54.65 -35.24 10.01
C GLU C 112 55.65 -36.40 10.02
N ASP C 113 55.62 -37.23 8.98
CA ASP C 113 56.52 -38.38 8.84
C ASP C 113 57.95 -37.86 8.69
N TYR C 114 58.12 -36.95 7.73
CA TYR C 114 59.39 -36.30 7.45
C TYR C 114 60.00 -35.63 8.68
N LEU C 115 59.16 -35.27 9.65
CA LEU C 115 59.68 -34.63 10.84
C LEU C 115 60.43 -35.68 11.65
N ARG C 116 59.79 -36.83 11.86
CA ARG C 116 60.42 -37.92 12.61
C ARG C 116 61.58 -38.50 11.84
N ALA C 117 61.47 -38.48 10.52
CA ALA C 117 62.52 -38.97 9.63
C ALA C 117 63.81 -38.16 9.75
N THR C 118 63.73 -36.84 9.74
CA THR C 118 64.94 -36.02 9.89
C THR C 118 65.45 -36.10 11.32
N GLY C 119 64.74 -36.87 12.15
CA GLY C 119 65.11 -37.03 13.54
C GLY C 119 65.16 -35.75 14.35
N ILE C 120 64.83 -34.60 13.72
CA ILE C 120 64.83 -33.31 14.39
C ILE C 120 63.91 -33.30 15.62
N ALA C 121 62.74 -33.92 15.49
CA ALA C 121 61.76 -34.03 16.58
C ALA C 121 60.82 -35.18 16.28
N ASP C 122 60.02 -35.60 17.27
CA ASP C 122 59.08 -36.69 17.02
C ASP C 122 57.59 -36.33 16.92
N THR C 123 57.25 -35.07 17.23
CA THR C 123 55.88 -34.57 17.13
C THR C 123 55.84 -33.04 17.02
N VAL C 124 54.94 -32.54 16.17
CA VAL C 124 54.77 -31.08 15.98
C VAL C 124 53.50 -30.68 16.70
N LEU C 125 53.53 -29.52 17.35
CA LEU C 125 52.36 -29.04 18.08
C LEU C 125 51.78 -27.76 17.51
N PHE C 126 50.49 -27.81 17.24
CA PHE C 126 49.76 -26.68 16.69
C PHE C 126 48.58 -26.28 17.56
N GLY C 127 48.48 -24.98 17.79
CA GLY C 127 47.42 -24.41 18.60
C GLY C 127 46.97 -23.17 17.87
N PRO C 128 45.93 -23.27 17.03
CA PRO C 128 45.40 -22.14 16.26
C PRO C 128 44.22 -21.46 16.97
N GLU C 129 44.14 -20.15 16.76
CA GLU C 129 43.12 -19.28 17.35
C GLU C 129 42.32 -18.77 16.18
N PRO C 130 41.35 -19.56 15.74
CA PRO C 130 40.51 -19.22 14.61
C PRO C 130 39.31 -18.36 15.00
N GLU C 131 39.36 -17.11 14.56
CA GLU C 131 38.30 -16.12 14.82
C GLU C 131 37.19 -16.16 13.74
N PHE C 132 36.02 -15.60 14.07
CA PHE C 132 34.91 -15.56 13.11
C PHE C 132 33.85 -14.54 13.49
N PHE C 133 32.90 -14.37 12.58
CA PHE C 133 31.80 -13.45 12.80
C PHE C 133 30.46 -14.16 12.76
N LEU C 134 29.48 -13.58 13.43
CA LEU C 134 28.12 -14.11 13.45
C LEU C 134 27.14 -13.01 13.04
N PHE C 135 26.56 -13.18 11.86
CA PHE C 135 25.61 -12.23 11.32
C PHE C 135 24.20 -12.81 11.31
N ASP C 136 23.26 -11.96 10.92
CA ASP C 136 21.86 -12.35 10.90
C ASP C 136 21.48 -12.42 9.45
N ASP C 137 22.12 -11.58 8.65
CA ASP C 137 21.81 -11.52 7.25
C ASP C 137 23.03 -11.07 6.45
N ILE C 138 23.26 -11.81 5.37
CA ILE C 138 24.35 -11.57 4.45
C ILE C 138 23.87 -11.70 2.99
N ARG C 139 24.02 -10.62 2.23
CA ARG C 139 23.62 -10.64 0.83
C ARG C 139 24.72 -10.03 0.00
N PHE C 140 24.86 -10.54 -1.22
CA PHE C 140 25.88 -10.07 -2.14
C PHE C 140 25.63 -10.62 -3.53
N GLY C 141 26.32 -10.04 -4.50
CA GLY C 141 26.17 -10.49 -5.87
C GLY C 141 26.91 -9.62 -6.85
N ALA C 142 27.13 -10.19 -8.02
CA ALA C 142 27.82 -9.49 -9.10
C ALA C 142 27.19 -9.92 -10.41
N SER C 143 26.90 -8.92 -11.20
CA SER C 143 26.27 -9.06 -12.49
C SER C 143 26.96 -8.01 -13.35
N ILE C 144 26.62 -7.97 -14.63
CA ILE C 144 27.23 -7.01 -15.53
C ILE C 144 26.95 -5.56 -15.14
N SER C 145 25.72 -5.30 -14.70
CA SER C 145 25.26 -3.96 -14.32
C SER C 145 25.69 -3.46 -12.94
N GLY C 146 26.30 -4.34 -12.15
CA GLY C 146 26.78 -3.94 -10.84
C GLY C 146 27.19 -5.09 -9.94
N SER C 147 27.43 -4.77 -8.68
CA SER C 147 27.79 -5.78 -7.70
C SER C 147 27.54 -5.16 -6.35
N HIS C 148 27.49 -6.02 -5.32
CA HIS C 148 27.26 -5.52 -3.96
C HIS C 148 27.43 -6.56 -2.88
N VAL C 149 27.42 -6.06 -1.66
CA VAL C 149 27.51 -6.87 -0.46
C VAL C 149 26.81 -6.10 0.65
N ALA C 150 26.08 -6.84 1.47
CA ALA C 150 25.36 -6.23 2.58
C ALA C 150 25.41 -7.13 3.79
N ILE C 151 25.94 -6.58 4.86
CA ILE C 151 26.04 -7.32 6.08
C ILE C 151 25.09 -6.75 7.09
N ASP C 152 24.60 -7.63 7.93
CA ASP C 152 23.73 -7.21 8.98
C ASP C 152 23.66 -8.17 10.13
N ASP C 153 23.80 -7.57 11.31
CA ASP C 153 23.68 -8.30 12.54
C ASP C 153 23.02 -7.39 13.53
N ILE C 154 22.42 -8.02 14.52
CA ILE C 154 21.75 -7.36 15.61
C ILE C 154 22.82 -6.54 16.37
N GLU C 155 24.06 -7.01 16.35
CA GLU C 155 25.13 -6.32 17.06
C GLU C 155 25.73 -5.16 16.28
N GLY C 156 25.49 -5.12 14.99
CA GLY C 156 26.05 -4.07 14.16
C GLY C 156 25.83 -2.67 14.68
N ALA C 157 26.92 -1.96 14.91
CA ALA C 157 26.85 -0.60 15.41
C ALA C 157 25.94 0.29 14.58
N TRP C 158 25.86 0.02 13.28
CA TRP C 158 25.02 0.83 12.39
C TRP C 158 23.54 0.79 12.74
N ASN C 159 23.12 -0.28 13.43
CA ASN C 159 21.75 -0.47 13.86
C ASN C 159 21.29 0.35 15.08
N SER C 160 22.16 1.21 15.58
CA SER C 160 21.81 2.04 16.73
C SER C 160 20.61 2.91 16.39
N SER C 161 20.49 3.19 15.08
CA SER C 161 19.45 4.04 14.50
C SER C 161 18.24 3.32 13.93
N THR C 162 18.44 2.06 13.59
CA THR C 162 17.46 1.18 12.98
C THR C 162 16.17 0.92 13.76
N LYS C 163 15.02 0.96 13.05
CA LYS C 163 13.72 0.70 13.70
C LYS C 163 13.44 -0.79 13.73
N TYR C 164 12.95 -1.29 14.86
CA TYR C 164 12.70 -2.72 14.96
C TYR C 164 11.25 -3.01 15.26
N GLU C 165 10.84 -4.22 14.87
CA GLU C 165 9.48 -4.69 15.03
C GLU C 165 8.97 -4.42 16.45
N GLY C 166 9.65 -4.97 17.44
CA GLY C 166 9.22 -4.75 18.81
C GLY C 166 10.05 -3.71 19.55
N GLY C 167 10.59 -2.73 18.83
CA GLY C 167 11.41 -1.70 19.45
C GLY C 167 12.89 -2.06 19.43
N ASN C 168 13.74 -1.03 19.30
CA ASN C 168 15.19 -1.16 19.30
C ASN C 168 15.70 -1.15 20.74
N LYS C 169 16.33 -2.25 21.18
CA LYS C 169 16.79 -2.37 22.60
C LYS C 169 18.23 -1.80 22.85
N GLY C 170 18.79 -1.26 21.78
CA GLY C 170 20.07 -0.50 21.66
C GLY C 170 21.35 -0.93 22.37
N HIS C 171 21.57 -2.13 22.93
CA HIS C 171 22.91 -2.41 23.54
C HIS C 171 23.87 -3.13 22.57
N ARG C 172 24.56 -2.32 21.78
CA ARG C 172 25.42 -2.83 20.74
C ARG C 172 26.87 -2.42 20.93
N PRO C 173 27.79 -3.28 20.47
CA PRO C 173 29.24 -3.09 20.53
C PRO C 173 29.56 -2.01 19.51
N GLY C 174 30.37 -1.03 19.89
N GLY C 174 30.66 -2.63 20.95
CA GLY C 174 30.73 0.01 18.93
CA GLY C 174 30.85 -1.91 19.70
C GLY C 174 31.85 -0.50 18.02
C GLY C 174 32.27 -2.11 19.15
N VAL C 175 32.33 0.31 17.09
N VAL C 175 32.70 -1.25 18.23
CA VAL C 175 33.43 -0.14 16.22
CA VAL C 175 34.03 -1.36 17.65
C VAL C 175 34.64 -0.49 17.12
C VAL C 175 35.07 -1.72 18.72
N LYS C 176 35.10 -1.73 17.02
N LYS C 176 35.73 -2.89 18.56
CA LYS C 176 36.19 -2.25 17.86
CA LYS C 176 36.73 -3.30 19.52
C LYS C 176 35.68 -2.29 19.31
C LYS C 176 36.08 -3.81 20.80
N GLY C 177 34.41 -2.07 19.46
N GLY C 177 34.77 -4.05 20.59
CA GLY C 177 33.83 -2.07 20.78
CA GLY C 177 33.80 -4.58 21.52
C GLY C 177 33.71 -3.43 21.44
C GLY C 177 34.27 -4.42 22.95
N GLY C 178 33.58 -4.47 20.56
N GLY C 178 35.34 -3.64 23.15
CA GLY C 178 33.31 -5.87 20.87
CA GLY C 178 35.85 -3.53 24.50
C GLY C 178 34.35 -6.67 21.66
C GLY C 178 35.38 -4.81 25.14
N TYR C 179 34.78 -6.09 22.73
N TYR C 179 36.20 -5.82 25.07
CA TYR C 179 35.68 -6.90 23.49
CA TYR C 179 35.63 -7.07 25.45
C TYR C 179 35.30 -6.84 24.92
C TYR C 179 35.62 -7.47 26.88
N PHE C 180 34.82 -8.01 25.26
N PHE C 180 34.68 -8.40 27.07
CA PHE C 180 34.44 -8.39 26.58
CA PHE C 180 34.37 -9.07 28.31
C PHE C 180 33.29 -7.60 27.19
C PHE C 180 33.72 -8.15 29.33
N PRO C 181 32.57 -6.66 26.55
CA PRO C 181 31.38 -6.18 27.33
C PRO C 181 30.50 -7.34 27.83
N VAL C 182 29.90 -7.13 28.98
CA VAL C 182 29.01 -8.13 29.53
C VAL C 182 27.74 -8.03 28.76
N PRO C 183 27.03 -9.11 28.62
CA PRO C 183 25.70 -9.01 28.03
C PRO C 183 24.93 -7.94 28.79
N PRO C 184 23.93 -7.35 28.16
CA PRO C 184 23.48 -7.62 26.80
C PRO C 184 24.25 -7.04 25.66
N VAL C 185 25.31 -6.38 26.01
CA VAL C 185 26.04 -5.82 24.85
C VAL C 185 26.52 -6.97 23.94
N ASP C 186 26.98 -8.05 24.59
CA ASP C 186 27.45 -9.28 23.98
C ASP C 186 26.25 -10.23 23.85
N SER C 187 25.62 -10.22 22.69
CA SER C 187 24.45 -11.05 22.47
C SER C 187 24.78 -12.52 22.34
N ALA C 188 26.00 -12.95 22.64
CA ALA C 188 26.28 -14.35 22.27
C ALA C 188 26.84 -15.34 23.32
N GLN C 189 26.56 -15.17 24.60
CA GLN C 189 27.09 -16.14 25.54
C GLN C 189 26.59 -17.52 25.26
N ASP C 190 25.27 -17.64 25.33
CA ASP C 190 24.59 -18.90 25.12
C ASP C 190 24.99 -19.63 23.85
N ILE C 191 25.22 -18.86 22.79
CA ILE C 191 25.61 -19.39 21.48
C ILE C 191 26.99 -20.01 21.59
N ARG C 192 27.97 -19.20 21.97
CA ARG C 192 29.34 -19.69 22.10
C ARG C 192 29.39 -20.90 23.03
N SER C 193 28.73 -20.79 24.18
CA SER C 193 28.73 -21.92 25.09
C SER C 193 28.24 -23.21 24.43
N GLU C 194 27.28 -23.11 23.51
CA GLU C 194 26.79 -24.32 22.81
C GLU C 194 27.90 -24.85 21.93
N MET C 195 28.45 -23.97 21.09
CA MET C 195 29.54 -24.35 20.21
C MET C 195 30.60 -25.08 21.05
N CYS C 196 30.84 -24.57 22.25
CA CYS C 196 31.81 -25.21 23.12
C CYS C 196 31.37 -26.61 23.50
N LEU C 197 30.23 -26.72 24.17
CA LEU C 197 29.71 -28.03 24.57
C LEU C 197 29.82 -29.03 23.44
N VAL C 198 29.30 -28.62 22.29
CA VAL C 198 29.29 -29.46 21.09
C VAL C 198 30.67 -29.87 20.65
N MET C 199 31.53 -28.87 20.45
CA MET C 199 32.92 -29.12 20.06
C MET C 199 33.56 -30.20 20.95
N GLU C 200 33.32 -30.10 22.26
CA GLU C 200 33.86 -31.07 23.19
C GLU C 200 33.27 -32.43 22.97
N GLN C 201 31.95 -32.49 22.78
CA GLN C 201 31.26 -33.75 22.50
C GLN C 201 31.83 -34.40 21.23
N MET C 202 32.38 -33.57 20.36
CA MET C 202 32.96 -34.04 19.12
C MET C 202 34.47 -34.23 19.25
N GLY C 203 34.95 -34.41 20.47
CA GLY C 203 36.36 -34.63 20.67
C GLY C 203 37.31 -33.47 20.94
N LEU C 204 36.95 -32.25 20.56
CA LEU C 204 37.83 -31.12 20.83
C LEU C 204 37.88 -30.77 22.33
N VAL C 205 38.90 -30.02 22.72
CA VAL C 205 39.04 -29.59 24.11
C VAL C 205 39.07 -28.07 24.15
N VAL C 206 38.03 -27.53 24.78
CA VAL C 206 37.86 -26.09 24.85
C VAL C 206 38.54 -25.48 26.04
N GLU C 207 39.40 -24.51 25.76
CA GLU C 207 40.10 -23.80 26.82
C GLU C 207 39.34 -22.57 27.23
N ALA C 208 38.58 -22.03 26.28
CA ALA C 208 37.78 -20.84 26.56
C ALA C 208 37.10 -20.27 25.33
N HIS C 209 36.21 -19.30 25.63
CA HIS C 209 35.44 -18.51 24.65
C HIS C 209 35.16 -17.08 25.10
N HIS C 210 35.00 -16.21 24.12
N HIS C 210 35.35 -17.44 23.28
CA HIS C 210 34.78 -14.81 24.41
CA HIS C 210 35.68 -16.09 23.72
C HIS C 210 34.34 -14.06 23.15
C HIS C 210 35.43 -15.05 22.60
N HIS C 211 33.72 -12.89 23.35
N HIS C 211 34.88 -13.88 22.98
CA HIS C 211 33.36 -12.09 22.19
CA HIS C 211 34.48 -12.79 22.08
C HIS C 211 34.70 -11.59 21.68
C HIS C 211 35.62 -11.79 21.79
N GLU C 212 34.72 -10.88 20.55
N GLU C 212 35.42 -10.82 20.86
CA GLU C 212 35.98 -10.42 20.01
CA GLU C 212 36.52 -9.95 20.57
C GLU C 212 35.83 -8.99 19.50
C GLU C 212 36.32 -9.46 19.13
N VAL C 213 36.92 -8.22 19.48
CA VAL C 213 36.99 -6.79 19.11
C VAL C 213 35.91 -6.15 18.21
N ALA C 214 35.74 -6.63 16.99
CA ALA C 214 34.79 -6.03 16.03
C ALA C 214 33.30 -6.11 16.38
N THR C 215 32.59 -5.05 15.98
CA THR C 215 31.15 -4.98 16.17
C THR C 215 30.54 -6.04 15.23
N ALA C 216 29.23 -6.20 15.29
CA ALA C 216 28.55 -7.16 14.42
C ALA C 216 28.98 -8.61 14.63
N GLY C 217 29.02 -9.04 15.88
CA GLY C 217 29.25 -10.45 16.23
C GLY C 217 30.59 -11.15 15.99
N GLN C 218 31.73 -10.46 16.11
CA GLN C 218 32.97 -11.20 15.98
C GLN C 218 33.16 -12.00 17.27
N ASN C 219 33.49 -13.28 17.15
CA ASN C 219 33.67 -14.16 18.31
C ASN C 219 34.80 -15.14 18.08
N GLU C 220 35.28 -15.75 19.16
CA GLU C 220 36.38 -16.71 19.10
C GLU C 220 36.17 -17.74 20.19
N VAL C 221 36.54 -18.98 19.86
CA VAL C 221 36.52 -20.12 20.79
C VAL C 221 37.91 -20.72 20.74
N ALA C 222 38.59 -20.68 21.88
CA ALA C 222 39.94 -21.19 22.01
C ALA C 222 39.92 -22.67 22.35
N THR C 223 40.65 -23.41 21.55
CA THR C 223 40.73 -24.84 21.74
C THR C 223 42.16 -25.25 21.97
N ARG C 224 42.32 -26.32 22.76
CA ARG C 224 43.62 -26.85 23.08
C ARG C 224 44.30 -27.46 21.87
N PHE C 225 45.61 -27.23 21.80
CA PHE C 225 46.50 -27.69 20.74
C PHE C 225 46.49 -29.20 20.60
N ASN C 226 47.19 -29.68 19.59
CA ASN C 226 47.32 -31.11 19.32
C ASN C 226 48.34 -31.37 18.21
N THR C 227 48.65 -32.65 17.98
CA THR C 227 49.61 -33.04 16.95
C THR C 227 49.13 -32.38 15.65
N MET C 228 50.04 -31.75 14.92
CA MET C 228 49.69 -31.04 13.69
C MET C 228 48.53 -31.60 12.87
N THR C 229 48.58 -32.88 12.49
CA THR C 229 47.50 -33.41 11.67
C THR C 229 46.15 -33.52 12.39
N LYS C 230 46.15 -34.03 13.60
CA LYS C 230 44.91 -34.14 14.36
C LYS C 230 44.31 -32.73 14.56
N LYS C 231 45.15 -31.72 14.68
CA LYS C 231 44.66 -30.37 14.89
C LYS C 231 43.93 -29.83 13.65
N ALA C 232 44.51 -30.00 12.48
CA ALA C 232 43.85 -29.55 11.24
C ALA C 232 42.49 -30.25 11.10
N ASP C 233 42.38 -31.46 11.64
CA ASP C 233 41.14 -32.23 11.64
C ASP C 233 40.17 -31.43 12.49
N GLU C 234 40.59 -31.19 13.74
CA GLU C 234 39.82 -30.45 14.72
C GLU C 234 39.36 -29.09 14.18
N ILE C 235 40.17 -28.49 13.32
CA ILE C 235 39.81 -27.21 12.73
C ILE C 235 38.56 -27.37 11.90
N GLN C 236 38.57 -28.38 11.05
CA GLN C 236 37.41 -28.66 10.21
C GLN C 236 36.19 -28.90 11.09
N ILE C 237 36.37 -29.66 12.18
CA ILE C 237 35.25 -29.94 13.08
C ILE C 237 34.75 -28.64 13.69
N TYR C 238 35.72 -27.84 14.12
CA TYR C 238 35.49 -26.51 14.69
C TYR C 238 34.55 -25.71 13.80
N LYS C 239 35.01 -25.51 12.58
CA LYS C 239 34.25 -24.73 11.59
C LYS C 239 32.86 -25.31 11.38
N TYR C 240 32.78 -26.63 11.37
CA TYR C 240 31.51 -27.27 11.17
C TYR C 240 30.62 -26.90 12.33
N VAL C 241 31.04 -27.24 13.55
CA VAL C 241 30.27 -26.94 14.74
C VAL C 241 29.86 -25.47 14.74
N VAL C 242 30.80 -24.59 14.46
CA VAL C 242 30.52 -23.14 14.42
C VAL C 242 29.44 -22.85 13.39
N HIS C 243 29.75 -23.14 12.13
CA HIS C 243 28.81 -22.90 11.04
C HIS C 243 27.39 -23.36 11.29
N ASN C 244 27.28 -24.58 11.83
CA ASN C 244 26.01 -25.23 12.11
C ASN C 244 25.28 -24.80 13.36
N VAL C 245 25.99 -24.64 14.46
CA VAL C 245 25.34 -24.18 15.68
C VAL C 245 24.77 -22.80 15.34
N ALA C 246 25.58 -21.99 14.64
CA ALA C 246 25.17 -20.65 14.22
C ALA C 246 23.88 -20.74 13.42
N HIS C 247 23.90 -21.63 12.45
CA HIS C 247 22.76 -21.83 11.59
C HIS C 247 21.51 -22.15 12.40
N ARG C 248 21.65 -23.13 13.28
CA ARG C 248 20.57 -23.56 14.17
C ARG C 248 20.09 -22.44 15.10
N PHE C 249 20.87 -21.38 15.31
CA PHE C 249 20.39 -20.30 16.16
C PHE C 249 19.90 -19.19 15.27
N GLY C 250 19.66 -19.52 14.01
CA GLY C 250 19.19 -18.52 13.10
C GLY C 250 20.26 -17.49 12.78
N LYS C 251 21.51 -17.87 13.00
CA LYS C 251 22.58 -16.98 12.63
C LYS C 251 23.33 -17.59 11.45
N THR C 252 24.27 -16.84 10.92
CA THR C 252 25.06 -17.31 9.79
C THR C 252 26.51 -16.95 10.10
N ALA C 253 27.38 -17.95 10.17
CA ALA C 253 28.79 -17.69 10.48
C ALA C 253 29.71 -17.63 9.27
N THR C 254 30.75 -16.80 9.36
CA THR C 254 31.75 -16.74 8.29
C THR C 254 33.17 -16.68 8.81
N PHE C 255 34.01 -17.50 8.20
CA PHE C 255 35.39 -17.46 8.60
C PHE C 255 36.20 -16.61 7.63
N MET C 256 35.55 -15.82 6.79
CA MET C 256 36.31 -14.99 5.87
C MET C 256 37.07 -13.97 6.71
N PRO C 257 38.33 -13.74 6.35
CA PRO C 257 39.26 -12.83 7.01
C PRO C 257 38.90 -11.35 7.21
N LYS C 258 38.33 -10.71 6.20
CA LYS C 258 38.01 -9.29 6.33
C LYS C 258 36.63 -8.96 5.72
N PRO C 259 35.55 -9.32 6.43
CA PRO C 259 34.18 -9.07 5.97
C PRO C 259 33.89 -7.61 5.93
N MET C 260 34.08 -6.94 7.08
CA MET C 260 33.91 -5.52 7.14
C MET C 260 35.27 -4.86 7.15
N PHE C 261 35.24 -3.62 6.74
N PHE C 261 35.30 -3.74 6.50
CA PHE C 261 36.39 -2.68 6.66
CA PHE C 261 36.52 -2.95 6.42
C PHE C 261 36.27 -1.63 7.76
C PHE C 261 36.78 -2.51 7.83
N GLY C 262 37.36 -1.34 8.46
N GLY C 262 35.69 -2.09 8.46
CA GLY C 262 37.26 -0.32 9.48
CA GLY C 262 35.68 -1.62 9.82
C GLY C 262 37.16 -0.90 10.87
C GLY C 262 36.97 -1.63 10.62
N ASP C 263 37.06 -2.20 10.96
N ASP C 263 37.25 -2.74 11.30
CA ASP C 263 37.01 -2.90 12.19
CA ASP C 263 38.42 -2.80 12.18
C ASP C 263 37.85 -4.13 11.98
C ASP C 263 39.03 -4.17 12.55
N ASN C 264 38.09 -4.81 13.04
N ASN C 264 39.94 -4.17 13.57
CA ASN C 264 38.93 -5.96 13.01
CA ASN C 264 40.56 -5.28 14.16
C ASN C 264 38.57 -7.00 12.01
C ASN C 264 39.86 -6.52 13.54
N GLY C 265 39.63 -7.56 11.48
N GLY C 265 40.47 -7.14 12.53
CA GLY C 265 39.54 -8.67 10.61
CA GLY C 265 39.79 -8.23 11.80
C GLY C 265 39.69 -9.88 11.52
C GLY C 265 39.80 -9.64 12.40
N SER C 266 39.25 -11.03 11.04
N SER C 266 39.43 -10.65 11.59
CA SER C 266 39.37 -12.24 11.81
CA SER C 266 39.39 -12.09 11.97
C SER C 266 40.58 -12.98 11.33
C SER C 266 40.61 -12.83 11.39
N GLY C 267 41.32 -13.51 12.26
CA GLY C 267 42.55 -14.20 11.94
C GLY C 267 42.76 -15.50 12.70
N MET C 268 43.67 -16.32 12.20
CA MET C 268 43.97 -17.59 12.85
C MET C 268 45.46 -17.70 13.23
N HIS C 269 45.81 -17.15 14.39
CA HIS C 269 47.19 -17.18 14.89
C HIS C 269 47.58 -18.63 15.13
N CYS C 270 48.86 -18.92 14.86
CA CYS C 270 49.36 -20.28 15.02
C CYS C 270 50.49 -20.48 15.99
N HIS C 271 50.14 -21.11 17.09
CA HIS C 271 51.08 -21.44 18.13
C HIS C 271 51.70 -22.76 17.75
N MET C 272 53.02 -22.82 17.87
CA MET C 272 53.76 -24.01 17.52
C MET C 272 54.91 -24.23 18.46
N SER C 273 55.37 -25.48 18.46
CA SER C 273 56.51 -25.93 19.24
C SER C 273 56.77 -27.38 18.85
N LEU C 274 58.01 -27.80 18.96
CA LEU C 274 58.36 -29.17 18.61
C LEU C 274 58.74 -29.94 19.85
N ALA C 275 58.52 -31.25 19.79
CA ALA C 275 58.83 -32.11 20.93
C ALA C 275 59.56 -33.38 20.52
N LYS C 276 60.21 -33.99 21.50
CA LYS C 276 60.96 -35.24 21.31
C LYS C 276 61.00 -35.91 22.68
N ASN C 277 60.36 -37.07 22.78
CA ASN C 277 60.31 -37.85 24.01
C ASN C 277 59.87 -36.99 25.18
N GLY C 278 58.64 -36.49 25.08
CA GLY C 278 58.08 -35.66 26.14
C GLY C 278 58.82 -34.38 26.54
N THR C 279 59.88 -34.02 25.81
CA THR C 279 60.64 -32.80 26.12
C THR C 279 60.36 -31.71 25.11
N ASN C 280 60.23 -30.47 25.59
CA ASN C 280 59.93 -29.37 24.68
C ASN C 280 61.18 -28.75 24.09
N LEU C 281 61.49 -29.15 22.88
CA LEU C 281 62.66 -28.66 22.16
C LEU C 281 62.69 -27.15 21.93
N PHE C 282 61.61 -26.46 22.24
CA PHE C 282 61.58 -25.02 22.02
C PHE C 282 61.99 -24.17 23.22
N SER C 283 62.33 -24.81 24.34
CA SER C 283 62.76 -24.06 25.51
C SER C 283 64.28 -24.09 25.57
N GLY C 284 64.86 -22.99 26.05
CA GLY C 284 66.31 -22.91 26.16
C GLY C 284 66.69 -21.73 27.02
N ASP C 285 67.87 -21.16 26.76
CA ASP C 285 68.37 -20.02 27.52
C ASP C 285 68.59 -18.74 26.70
N LYS C 286 68.15 -18.76 25.44
CA LYS C 286 68.25 -17.58 24.58
C LYS C 286 67.01 -16.71 24.82
N TYR C 287 66.77 -15.78 23.90
CA TYR C 287 65.63 -14.87 24.04
C TYR C 287 64.32 -15.45 24.59
N ALA C 288 63.79 -14.81 25.63
CA ALA C 288 62.52 -15.23 26.21
C ALA C 288 62.37 -16.68 26.68
N GLY C 289 63.47 -17.36 26.93
CA GLY C 289 63.38 -18.74 27.39
C GLY C 289 63.36 -19.76 26.27
N LEU C 290 63.63 -19.27 25.06
CA LEU C 290 63.66 -20.08 23.84
C LEU C 290 64.93 -20.88 23.63
N SER C 291 64.81 -21.97 22.89
CA SER C 291 65.96 -22.79 22.56
C SER C 291 66.54 -22.27 21.26
N GLU C 292 67.72 -22.79 20.92
CA GLU C 292 68.38 -22.41 19.68
C GLU C 292 67.45 -22.84 18.57
N GLN C 293 66.98 -24.08 18.69
CA GLN C 293 66.06 -24.73 17.76
C GLN C 293 64.94 -23.81 17.26
N ALA C 294 64.18 -23.28 18.22
CA ALA C 294 63.07 -22.39 17.96
C ALA C 294 63.45 -21.24 17.04
N LEU C 295 64.58 -20.59 17.33
CA LEU C 295 64.99 -19.46 16.53
C LEU C 295 65.31 -19.81 15.09
N TYR C 296 65.77 -21.04 14.86
CA TYR C 296 66.03 -21.46 13.50
C TYR C 296 64.67 -21.66 12.81
N TYR C 297 63.70 -22.19 13.55
CA TYR C 297 62.35 -22.40 13.05
C TYR C 297 61.85 -21.03 12.60
N ILE C 298 61.93 -20.07 13.52
CA ILE C 298 61.53 -18.70 13.25
C ILE C 298 62.20 -18.14 12.01
N GLY C 299 63.49 -18.40 11.89
CA GLY C 299 64.22 -17.93 10.74
C GLY C 299 63.65 -18.50 9.46
N GLY C 300 63.31 -19.79 9.50
CA GLY C 300 62.76 -20.45 8.34
C GLY C 300 61.42 -19.85 7.96
N VAL C 301 60.54 -19.76 8.96
CA VAL C 301 59.22 -19.19 8.77
C VAL C 301 59.34 -17.81 8.14
N ILE C 302 60.22 -16.99 8.69
CA ILE C 302 60.44 -15.66 8.17
C ILE C 302 61.00 -15.70 6.74
N LYS C 303 61.85 -16.69 6.45
CA LYS C 303 62.43 -16.77 5.12
C LYS C 303 61.40 -17.10 4.07
N HIS C 304 60.58 -18.10 4.38
CA HIS C 304 59.55 -18.57 3.46
C HIS C 304 58.17 -17.94 3.59
N ALA C 305 58.08 -16.92 4.42
CA ALA C 305 56.83 -16.22 4.66
C ALA C 305 55.91 -16.04 3.45
N LYS C 306 56.33 -15.28 2.45
CA LYS C 306 55.50 -15.06 1.28
C LYS C 306 54.96 -16.34 0.66
N ALA C 307 55.76 -17.40 0.66
CA ALA C 307 55.30 -18.66 0.11
C ALA C 307 54.28 -19.23 1.05
N ILE C 308 54.59 -19.21 2.34
CA ILE C 308 53.64 -19.72 3.33
C ILE C 308 52.32 -18.95 3.22
N ASN C 309 52.40 -17.66 2.92
CA ASN C 309 51.21 -16.83 2.75
C ASN C 309 50.21 -17.51 1.84
N ALA C 310 50.65 -17.93 0.66
CA ALA C 310 49.79 -18.61 -0.30
C ALA C 310 48.95 -19.74 0.34
N LEU C 311 49.45 -20.34 1.42
CA LEU C 311 48.68 -21.40 2.07
C LEU C 311 47.86 -20.92 3.25
N ALA C 312 48.46 -20.03 4.05
CA ALA C 312 47.84 -19.49 5.24
C ALA C 312 47.07 -18.17 5.02
N ASN C 313 46.99 -17.72 3.78
CA ASN C 313 46.30 -16.47 3.40
C ASN C 313 45.96 -16.66 1.92
N PRO C 314 45.14 -17.68 1.58
CA PRO C 314 44.70 -18.06 0.23
C PRO C 314 43.69 -17.20 -0.47
N THR C 315 43.30 -16.11 0.17
CA THR C 315 42.29 -15.26 -0.41
C THR C 315 42.70 -13.83 -0.64
N THR C 316 42.14 -13.24 -1.68
CA THR C 316 42.41 -11.84 -1.98
C THR C 316 42.00 -11.02 -0.74
N ASN C 317 40.90 -11.46 -0.12
CA ASN C 317 40.34 -10.84 1.07
C ASN C 317 41.35 -10.89 2.20
N SER C 318 42.14 -11.97 2.24
CA SER C 318 43.15 -12.19 3.26
C SER C 318 44.05 -10.99 3.41
N TYR C 319 44.33 -10.38 2.24
CA TYR C 319 45.19 -9.20 2.14
C TYR C 319 44.53 -7.91 2.51
N LYS C 320 43.23 -7.93 2.69
CA LYS C 320 42.49 -6.75 3.10
C LYS C 320 42.60 -6.61 4.63
N ARG C 321 42.95 -7.73 5.27
CA ARG C 321 43.14 -7.82 6.71
C ARG C 321 44.53 -7.40 7.13
N LEU C 322 45.52 -7.89 6.38
CA LEU C 322 46.93 -7.61 6.62
C LEU C 322 47.28 -6.15 6.34
N VAL C 323 46.87 -5.31 7.29
CA VAL C 323 47.11 -3.88 7.28
C VAL C 323 47.28 -3.37 8.74
N PRO C 324 47.97 -2.23 8.91
CA PRO C 324 48.21 -1.66 10.23
C PRO C 324 46.94 -1.20 10.93
N GLY C 325 46.98 -1.25 12.26
CA GLY C 325 45.87 -0.75 13.06
C GLY C 325 44.77 -1.67 13.51
N TYR C 326 44.78 -2.93 13.02
CA TYR C 326 43.69 -3.83 13.34
C TYR C 326 44.22 -5.12 13.94
N GLU C 327 45.27 -5.05 14.74
CA GLU C 327 45.87 -6.20 15.41
C GLU C 327 46.34 -7.29 14.43
N ALA C 328 46.58 -6.89 13.18
CA ALA C 328 47.04 -7.77 12.11
C ALA C 328 48.46 -7.35 11.80
N PRO C 329 49.44 -8.17 12.17
CA PRO C 329 50.84 -7.85 11.94
C PRO C 329 51.29 -8.22 10.54
N VAL C 330 52.05 -7.30 9.94
CA VAL C 330 52.61 -7.46 8.60
C VAL C 330 54.13 -7.64 8.65
N MET C 331 54.71 -7.13 9.73
CA MET C 331 56.15 -7.17 9.96
C MET C 331 56.63 -8.56 10.29
N LEU C 332 57.54 -9.05 9.46
CA LEU C 332 58.13 -10.37 9.61
C LEU C 332 59.27 -10.32 10.63
N ALA C 333 58.88 -10.21 11.90
CA ALA C 333 59.85 -10.15 12.98
C ALA C 333 59.31 -10.90 14.18
N TYR C 334 60.16 -11.09 15.18
CA TYR C 334 59.70 -11.78 16.37
C TYR C 334 59.99 -10.91 17.59
N SER C 335 59.21 -11.14 18.63
CA SER C 335 59.33 -10.42 19.89
C SER C 335 58.36 -10.98 20.91
N ALA C 336 58.67 -10.78 22.18
CA ALA C 336 57.80 -11.22 23.24
C ALA C 336 56.96 -9.99 23.67
N ARG C 337 57.54 -8.80 23.40
CA ARG C 337 56.97 -7.50 23.73
C ARG C 337 56.09 -6.89 22.67
N ASN C 338 56.79 -6.29 21.71
CA ASN C 338 56.21 -5.58 20.60
C ASN C 338 55.21 -6.43 19.80
N ARG C 339 53.98 -5.92 19.69
CA ARG C 339 52.95 -6.65 18.99
C ARG C 339 52.68 -6.15 17.58
N SER C 340 53.73 -5.55 17.00
CA SER C 340 53.71 -5.08 15.62
C SER C 340 54.33 -6.24 14.81
N ALA C 341 54.93 -7.17 15.56
CA ALA C 341 55.59 -8.37 15.05
C ALA C 341 54.63 -9.50 14.77
N SER C 342 54.78 -10.10 13.59
CA SER C 342 53.92 -11.19 13.17
C SER C 342 54.20 -12.47 13.94
N ILE C 343 55.42 -12.60 14.46
CA ILE C 343 55.73 -13.76 15.29
C ILE C 343 55.87 -13.17 16.67
N ARG C 344 55.12 -13.71 17.60
CA ARG C 344 55.15 -13.20 18.95
C ARG C 344 55.57 -14.38 19.80
N ILE C 345 56.38 -14.11 20.82
CA ILE C 345 56.84 -15.15 21.71
C ILE C 345 56.09 -15.06 23.02
N PRO C 346 55.18 -15.99 23.26
CA PRO C 346 54.44 -15.93 24.51
C PRO C 346 55.40 -16.17 25.67
N VAL C 347 55.29 -15.27 26.64
CA VAL C 347 56.10 -15.36 27.84
C VAL C 347 55.32 -16.27 28.77
N VAL C 348 56.03 -17.20 29.41
CA VAL C 348 55.36 -18.12 30.31
C VAL C 348 56.27 -18.78 31.35
N ALA C 349 55.75 -18.88 32.57
CA ALA C 349 56.46 -19.51 33.70
C ALA C 349 57.36 -20.70 33.36
N SER C 350 56.78 -21.89 33.22
CA SER C 350 57.62 -23.08 32.96
C SER C 350 58.28 -23.06 31.58
N PRO C 351 59.07 -24.10 31.33
CA PRO C 351 59.64 -24.35 30.00
C PRO C 351 58.71 -25.29 29.23
N LYS C 352 57.91 -26.05 29.98
CA LYS C 352 56.98 -27.02 29.39
C LYS C 352 56.04 -26.40 28.37
N ALA C 353 55.77 -25.11 28.52
CA ALA C 353 54.88 -24.39 27.63
C ALA C 353 55.52 -23.39 26.67
N ARG C 354 56.84 -23.42 26.53
CA ARG C 354 57.50 -22.47 25.64
C ARG C 354 57.11 -22.77 24.19
N ARG C 355 56.93 -21.74 23.38
CA ARG C 355 56.56 -21.95 21.97
C ARG C 355 56.60 -20.63 21.22
N ILE C 356 56.13 -20.66 19.98
CA ILE C 356 56.04 -19.44 19.17
C ILE C 356 54.63 -19.31 18.63
N GLU C 357 54.25 -18.07 18.28
CA GLU C 357 52.93 -17.79 17.72
C GLU C 357 53.10 -16.99 16.46
N VAL C 358 52.74 -17.60 15.34
CA VAL C 358 52.82 -16.95 14.06
C VAL C 358 51.43 -16.41 13.80
N ARG C 359 51.33 -15.11 13.93
CA ARG C 359 50.05 -14.43 13.84
C ARG C 359 49.48 -14.17 12.44
N PHE C 360 50.23 -14.16 11.35
CA PHE C 360 49.63 -13.75 10.08
C PHE C 360 48.62 -14.70 9.42
N PRO C 361 48.66 -16.02 9.72
CA PRO C 361 47.63 -16.90 9.13
C PRO C 361 46.18 -16.44 9.38
N ASP C 362 45.25 -16.64 8.42
CA ASP C 362 43.84 -16.36 8.68
C ASP C 362 43.02 -17.66 8.47
N PRO C 363 41.69 -17.58 8.79
CA PRO C 363 40.71 -18.71 8.78
C PRO C 363 40.54 -19.47 7.50
N ALA C 364 40.59 -18.68 6.46
CA ALA C 364 40.39 -19.18 5.14
C ALA C 364 41.42 -20.23 4.71
N ALA C 365 42.54 -20.30 5.42
CA ALA C 365 43.63 -21.21 5.10
C ALA C 365 43.22 -22.67 5.18
N ASN C 366 43.76 -23.49 4.28
CA ASN C 366 43.50 -24.92 4.33
C ASN C 366 44.37 -25.36 5.49
N PRO C 367 43.77 -25.76 6.62
CA PRO C 367 44.52 -26.19 7.82
C PRO C 367 45.73 -27.04 7.48
N TYR C 368 45.48 -28.18 6.85
CA TYR C 368 46.51 -29.10 6.46
C TYR C 368 47.66 -28.43 5.70
N LEU C 369 47.34 -27.83 4.56
CA LEU C 369 48.36 -27.16 3.77
C LEU C 369 49.08 -26.08 4.56
N CYS C 370 48.31 -25.22 5.19
CA CYS C 370 48.85 -24.12 5.96
C CYS C 370 49.81 -24.62 7.04
N PHE C 371 49.36 -25.56 7.85
CA PHE C 371 50.21 -26.13 8.91
C PHE C 371 51.49 -26.73 8.37
N ALA C 372 51.37 -27.58 7.35
CA ALA C 372 52.53 -28.20 6.73
C ALA C 372 53.55 -27.14 6.33
N ALA C 373 53.12 -26.14 5.56
CA ALA C 373 53.99 -25.07 5.10
C ALA C 373 54.73 -24.42 6.26
N LEU C 374 54.03 -24.22 7.35
CA LEU C 374 54.63 -23.63 8.53
C LEU C 374 55.73 -24.57 9.04
N LEU C 375 55.39 -25.85 9.18
CA LEU C 375 56.30 -26.87 9.68
C LEU C 375 57.52 -27.06 8.82
N MET C 376 57.31 -27.20 7.51
CA MET C 376 58.40 -27.41 6.56
C MET C 376 59.35 -26.22 6.48
N ALA C 377 58.83 -25.01 6.65
CA ALA C 377 59.67 -23.82 6.59
C ALA C 377 60.44 -23.77 7.89
N GLY C 378 59.86 -24.34 8.94
CA GLY C 378 60.50 -24.35 10.23
C GLY C 378 61.66 -25.31 10.22
N LEU C 379 61.43 -26.48 9.62
CA LEU C 379 62.45 -27.51 9.52
C LEU C 379 63.62 -27.04 8.66
N ASP C 380 63.30 -26.36 7.56
CA ASP C 380 64.32 -25.85 6.64
C ASP C 380 65.16 -24.79 7.32
N GLY C 381 64.58 -24.08 8.28
CA GLY C 381 65.30 -23.03 8.98
C GLY C 381 66.29 -23.65 9.94
N ILE C 382 65.94 -24.84 10.43
CA ILE C 382 66.75 -25.61 11.36
C ILE C 382 67.91 -26.32 10.65
N LYS C 383 67.59 -27.09 9.60
CA LYS C 383 68.61 -27.78 8.83
C LYS C 383 69.65 -26.79 8.39
N ASN C 384 69.24 -25.72 7.71
CA ASN C 384 70.15 -24.68 7.24
C ASN C 384 70.53 -23.58 8.27
N LYS C 385 70.35 -23.82 9.58
CA LYS C 385 70.70 -22.84 10.65
C LYS C 385 70.46 -21.37 10.28
N ILE C 386 69.23 -21.11 9.81
CA ILE C 386 68.87 -19.77 9.41
C ILE C 386 68.63 -18.86 10.58
N HIS C 387 69.48 -17.88 10.74
CA HIS C 387 69.31 -17.00 11.88
C HIS C 387 68.23 -15.96 11.67
N PRO C 388 67.31 -15.87 12.64
CA PRO C 388 66.18 -14.93 12.69
C PRO C 388 66.56 -13.50 13.02
N GLY C 389 67.85 -13.26 13.21
CA GLY C 389 68.31 -11.93 13.53
C GLY C 389 67.89 -11.50 14.92
N GLU C 390 67.86 -10.19 15.15
CA GLU C 390 67.50 -9.63 16.44
C GLU C 390 66.02 -9.32 16.58
N PRO C 391 65.44 -9.59 17.76
CA PRO C 391 64.03 -9.35 18.08
C PRO C 391 63.64 -7.88 18.00
N MET C 392 62.39 -7.61 17.63
CA MET C 392 61.89 -6.24 17.53
C MET C 392 61.34 -5.82 18.86
N ASP C 393 61.99 -4.87 19.52
CA ASP C 393 61.46 -4.41 20.80
C ASP C 393 61.16 -2.90 20.75
N LYS C 394 60.99 -2.41 19.50
CA LYS C 394 60.71 -1.00 19.18
C LYS C 394 59.20 -0.62 19.14
N ASN C 395 58.88 0.37 18.29
CA ASN C 395 57.48 0.90 18.20
C ASN C 395 56.56 0.21 17.14
N LEU C 396 55.27 0.29 17.45
CA LEU C 396 54.13 -0.38 16.80
C LEU C 396 53.92 -0.23 15.25
N TYR C 397 52.92 0.50 14.74
CA TYR C 397 52.65 0.44 13.28
C TYR C 397 53.35 1.45 12.33
N ASP C 398 53.13 2.75 12.50
CA ASP C 398 53.87 3.74 11.70
C ASP C 398 54.64 4.88 12.38
N LEU C 399 55.61 4.39 13.16
CA LEU C 399 56.61 5.18 13.87
C LEU C 399 57.91 4.92 13.11
N PRO C 400 57.97 3.67 12.55
CA PRO C 400 59.13 3.15 11.78
C PRO C 400 59.74 4.05 10.70
N PRO C 401 59.07 4.50 9.60
CA PRO C 401 59.86 5.21 8.57
C PRO C 401 60.63 6.48 9.05
N GLU C 402 61.53 6.29 10.03
CA GLU C 402 62.37 7.31 10.63
C GLU C 402 63.74 7.17 9.96
N GLU C 403 63.89 6.00 9.35
CA GLU C 403 65.01 5.50 8.63
C GLU C 403 64.39 4.57 7.58
N ALA C 404 63.11 4.94 7.31
CA ALA C 404 62.17 4.27 6.42
C ALA C 404 62.38 2.77 6.58
N LYS C 405 61.98 2.24 7.74
CA LYS C 405 62.29 0.82 7.97
C LYS C 405 61.65 -0.10 6.95
N GLU C 406 62.45 -0.81 6.16
CA GLU C 406 61.97 -1.77 5.25
C GLU C 406 62.41 -3.19 5.62
N ILE C 407 62.07 -3.65 6.82
CA ILE C 407 62.43 -5.02 7.20
C ILE C 407 61.43 -5.94 6.47
N PRO C 408 61.75 -7.24 6.35
CA PRO C 408 60.87 -8.20 5.66
C PRO C 408 59.38 -8.17 6.06
N GLN C 409 58.52 -8.36 5.07
CA GLN C 409 57.09 -8.34 5.33
C GLN C 409 56.34 -9.39 4.54
N VAL C 410 55.18 -9.76 5.05
CA VAL C 410 54.32 -10.76 4.40
C VAL C 410 53.89 -10.26 3.03
N ALA C 411 53.47 -11.20 2.18
CA ALA C 411 53.05 -10.87 0.82
C ALA C 411 52.03 -9.72 0.77
N GLY C 412 52.21 -8.80 -0.16
CA GLY C 412 51.28 -7.67 -0.25
C GLY C 412 49.95 -7.98 -0.90
N SER C 413 49.95 -8.96 -1.79
CA SER C 413 48.75 -9.37 -2.49
C SER C 413 48.70 -10.88 -2.56
N LEU C 414 47.76 -11.41 -3.31
CA LEU C 414 47.67 -12.85 -3.43
C LEU C 414 48.57 -13.31 -4.56
N GLU C 415 48.57 -12.57 -5.67
CA GLU C 415 49.37 -12.88 -6.84
C GLU C 415 50.82 -13.05 -6.38
N GLU C 416 51.23 -12.14 -5.51
CA GLU C 416 52.55 -12.15 -4.94
C GLU C 416 52.74 -13.47 -4.18
N ALA C 417 51.98 -13.66 -3.11
CA ALA C 417 52.06 -14.88 -2.30
C ALA C 417 52.12 -16.14 -3.14
N LEU C 418 51.38 -16.12 -4.25
CA LEU C 418 51.34 -17.27 -5.11
C LEU C 418 52.65 -17.41 -5.84
N ASN C 419 52.98 -16.40 -6.63
CA ASN C 419 54.21 -16.39 -7.37
C ASN C 419 55.43 -16.76 -6.48
N ALA C 420 55.40 -16.32 -5.21
CA ALA C 420 56.43 -16.64 -4.23
C ALA C 420 56.46 -18.14 -4.00
N LEU C 421 55.30 -18.73 -3.74
CA LEU C 421 55.23 -20.16 -3.54
C LEU C 421 55.69 -20.87 -4.81
N ASP C 422 55.48 -20.24 -5.96
CA ASP C 422 55.91 -20.82 -7.23
C ASP C 422 57.42 -21.05 -7.15
N LEU C 423 58.15 -19.95 -6.99
CA LEU C 423 59.60 -19.96 -6.89
C LEU C 423 60.15 -20.72 -5.67
N ASP C 424 59.94 -20.14 -4.49
CA ASP C 424 60.41 -20.72 -3.23
C ASP C 424 59.73 -22.06 -2.89
N ARG C 425 59.37 -22.83 -3.92
CA ARG C 425 58.71 -24.10 -3.70
C ARG C 425 59.61 -25.21 -3.19
N GLU C 426 60.91 -24.96 -3.22
CA GLU C 426 61.83 -26.00 -2.83
C GLU C 426 61.68 -26.62 -1.46
N PHE C 427 61.55 -25.79 -0.43
CA PHE C 427 61.45 -26.37 0.91
C PHE C 427 60.21 -27.22 1.14
N LEU C 428 59.22 -27.08 0.27
CA LEU C 428 57.99 -27.85 0.41
C LEU C 428 58.09 -29.22 -0.22
N LYS C 429 58.85 -29.29 -1.32
CA LYS C 429 59.02 -30.55 -2.05
C LYS C 429 59.91 -31.53 -1.29
N ALA C 430 60.63 -31.01 -0.30
CA ALA C 430 61.49 -31.83 0.54
C ALA C 430 60.71 -33.02 1.09
N GLY C 431 61.39 -34.14 1.26
CA GLY C 431 60.77 -35.35 1.77
C GLY C 431 59.61 -35.82 0.92
N GLY C 432 59.48 -35.27 -0.30
CA GLY C 432 58.38 -35.63 -1.19
C GLY C 432 57.01 -35.34 -0.59
N VAL C 433 56.97 -34.34 0.31
CA VAL C 433 55.76 -33.91 0.99
C VAL C 433 54.87 -33.24 -0.04
N PHE C 434 55.38 -32.17 -0.63
CA PHE C 434 54.65 -31.47 -1.67
C PHE C 434 55.25 -31.86 -2.98
N THR C 435 54.39 -32.07 -3.96
CA THR C 435 54.86 -32.42 -5.28
C THR C 435 54.61 -31.21 -6.15
N ASP C 436 55.28 -31.17 -7.29
CA ASP C 436 55.13 -30.05 -8.18
C ASP C 436 53.72 -29.83 -8.66
N GLU C 437 53.08 -30.81 -9.28
CA GLU C 437 51.73 -30.56 -9.74
C GLU C 437 50.74 -30.35 -8.59
N ALA C 438 51.03 -30.89 -7.41
CA ALA C 438 50.14 -30.67 -6.26
C ALA C 438 50.16 -29.17 -6.04
N ILE C 439 51.37 -28.62 -6.09
CA ILE C 439 51.59 -27.20 -5.92
C ILE C 439 51.15 -26.38 -7.14
N ASP C 440 51.36 -26.91 -8.34
CA ASP C 440 50.98 -26.18 -9.54
C ASP C 440 49.48 -26.11 -9.69
N ALA C 441 48.79 -27.13 -9.17
CA ALA C 441 47.33 -27.22 -9.23
C ALA C 441 46.74 -26.17 -8.31
N TYR C 442 47.25 -26.12 -7.08
CA TYR C 442 46.80 -25.14 -6.09
C TYR C 442 46.94 -23.74 -6.68
N ILE C 443 48.13 -23.41 -7.17
CA ILE C 443 48.36 -22.10 -7.74
C ILE C 443 47.34 -21.78 -8.83
N ALA C 444 47.02 -22.76 -9.66
CA ALA C 444 46.06 -22.56 -10.74
C ALA C 444 44.65 -22.13 -10.27
N LEU C 445 44.17 -22.82 -9.24
CA LEU C 445 42.86 -22.59 -8.63
C LEU C 445 42.73 -21.20 -8.09
N ARG C 446 43.69 -20.87 -7.26
CA ARG C 446 43.74 -19.58 -6.64
C ARG C 446 43.92 -18.49 -7.69
N ARG C 447 44.63 -18.82 -8.76
CA ARG C 447 44.87 -17.84 -9.82
C ARG C 447 43.57 -17.42 -10.46
N GLU C 448 42.64 -18.38 -10.60
CA GLU C 448 41.38 -18.04 -11.24
C GLU C 448 40.47 -17.28 -10.29
N GLU C 449 40.61 -17.54 -8.99
CA GLU C 449 39.83 -16.79 -7.99
C GLU C 449 40.34 -15.35 -8.00
N ASP C 450 41.66 -15.20 -7.92
CA ASP C 450 42.27 -13.87 -7.94
C ASP C 450 41.82 -13.13 -9.22
N ASP C 451 41.68 -13.85 -10.33
CA ASP C 451 41.27 -13.21 -11.60
C ASP C 451 39.94 -12.50 -11.44
N ARG C 452 39.00 -13.19 -10.81
CA ARG C 452 37.67 -12.67 -10.63
C ARG C 452 37.67 -11.36 -9.90
N VAL C 453 38.33 -11.33 -8.76
CA VAL C 453 38.38 -10.09 -8.01
C VAL C 453 39.16 -9.03 -8.77
N ARG C 454 40.24 -9.44 -9.42
CA ARG C 454 41.06 -8.48 -10.13
C ARG C 454 40.39 -7.91 -11.35
N MET C 455 39.46 -8.67 -11.92
CA MET C 455 38.79 -8.24 -13.13
C MET C 455 37.43 -7.58 -12.97
N THR C 456 36.75 -7.84 -11.87
CA THR C 456 35.41 -7.27 -11.62
C THR C 456 35.51 -5.87 -10.99
N PRO C 457 34.86 -4.86 -11.60
CA PRO C 457 34.93 -3.50 -11.05
C PRO C 457 34.52 -3.47 -9.58
N HIS C 458 35.21 -2.65 -8.80
CA HIS C 458 34.93 -2.54 -7.39
C HIS C 458 34.07 -1.31 -7.17
N PRO C 459 33.07 -1.42 -6.29
CA PRO C 459 32.16 -0.30 -5.99
C PRO C 459 32.92 1.00 -5.77
N VAL C 460 33.96 0.93 -4.95
CA VAL C 460 34.79 2.09 -4.62
C VAL C 460 35.39 2.80 -5.83
N GLU C 461 35.57 2.03 -6.90
CA GLU C 461 36.11 2.62 -8.10
C GLU C 461 35.15 3.67 -8.65
N PHE C 462 33.87 3.47 -8.39
CA PHE C 462 32.91 4.44 -8.90
C PHE C 462 32.94 5.72 -8.07
N GLU C 463 33.09 5.45 -6.78
CA GLU C 463 33.18 6.53 -5.82
C GLU C 463 34.37 7.38 -6.21
N LEU C 464 35.48 6.72 -6.46
CA LEU C 464 36.73 7.36 -6.85
C LEU C 464 36.82 7.80 -8.29
N TYR C 465 36.22 7.07 -9.23
CA TYR C 465 36.52 7.43 -10.61
C TYR C 465 35.35 7.78 -11.56
N TYR C 466 34.12 7.55 -11.16
CA TYR C 466 33.02 7.82 -12.09
C TYR C 466 33.02 9.22 -12.71
N SER C 467 33.30 10.22 -11.88
CA SER C 467 33.25 11.58 -12.35
C SER C 467 34.54 12.05 -12.96
N VAL C 468 35.35 11.08 -13.36
CA VAL C 468 36.64 11.38 -13.97
C VAL C 468 36.54 12.15 -15.29
N SER D 1 37.47 -18.09 48.92
CA SER D 1 36.79 -19.43 48.88
C SER D 1 37.36 -20.39 47.80
N ALA D 2 38.68 -20.63 47.83
CA ALA D 2 39.23 -21.56 46.79
C ALA D 2 38.47 -22.87 46.93
N GLU D 3 38.48 -23.37 48.18
CA GLU D 3 37.75 -24.58 48.54
C GLU D 3 36.24 -24.45 48.23
N HIS D 4 35.57 -23.46 48.82
CA HIS D 4 34.14 -23.22 48.63
C HIS D 4 33.73 -23.33 47.16
N VAL D 5 34.45 -22.59 46.29
CA VAL D 5 34.20 -22.62 44.86
C VAL D 5 34.17 -24.03 44.29
N LEU D 6 35.19 -24.84 44.59
CA LEU D 6 35.20 -26.20 44.06
C LEU D 6 33.97 -26.97 44.38
N THR D 7 33.50 -26.86 45.62
CA THR D 7 32.29 -27.56 46.06
C THR D 7 31.08 -27.02 45.27
N MET D 8 31.08 -25.71 45.11
CA MET D 8 30.02 -25.00 44.39
C MET D 8 29.88 -25.40 42.90
N LEU D 9 30.97 -25.94 42.33
CA LEU D 9 30.92 -26.36 40.94
C LEU D 9 30.09 -27.66 40.87
N ASN D 10 30.37 -28.57 41.81
CA ASN D 10 29.66 -29.86 41.85
C ASN D 10 28.23 -29.72 42.32
N GLU D 11 28.03 -28.69 43.14
CA GLU D 11 26.73 -28.42 43.72
C GLU D 11 25.71 -27.90 42.71
N HIS D 12 26.21 -27.22 41.69
CA HIS D 12 25.31 -26.67 40.65
C HIS D 12 25.57 -27.29 39.29
N GLU D 13 26.37 -28.36 39.23
CA GLU D 13 26.73 -29.01 37.96
C GLU D 13 27.08 -27.89 36.99
N VAL D 14 27.96 -27.02 37.46
CA VAL D 14 28.40 -25.88 36.69
C VAL D 14 29.16 -26.32 35.47
N LYS D 15 28.81 -25.73 34.33
CA LYS D 15 29.45 -26.07 33.09
C LYS D 15 30.52 -25.03 32.74
N PHE D 16 30.25 -23.76 33.06
CA PHE D 16 31.23 -22.73 32.76
C PHE D 16 31.53 -21.79 33.90
N VAL D 17 32.58 -21.01 33.70
CA VAL D 17 33.00 -20.03 34.68
C VAL D 17 33.23 -18.73 33.93
N ASP D 18 32.53 -17.71 34.41
CA ASP D 18 32.63 -16.44 33.77
C ASP D 18 33.49 -15.49 34.57
N LEU D 19 34.62 -15.15 33.99
CA LEU D 19 35.55 -14.27 34.62
C LEU D 19 35.16 -12.87 34.31
N ARG D 20 34.91 -12.09 35.34
CA ARG D 20 34.55 -10.71 35.10
C ARG D 20 35.44 -9.75 35.85
N PHE D 21 35.64 -8.60 35.23
CA PHE D 21 36.46 -7.56 35.80
C PHE D 21 35.95 -6.26 35.20
N THR D 22 36.48 -5.16 35.67
CA THR D 22 35.98 -3.87 35.23
C THR D 22 37.01 -2.98 34.56
N ASP D 23 36.62 -2.39 33.43
CA ASP D 23 37.51 -1.54 32.67
C ASP D 23 37.56 -0.14 33.24
N THR D 24 38.44 0.68 32.68
CA THR D 24 38.64 2.03 33.15
C THR D 24 37.36 2.86 33.19
N LYS D 25 36.62 2.89 32.07
CA LYS D 25 35.38 3.69 32.01
C LYS D 25 34.35 3.20 33.03
N GLY D 26 34.43 1.92 33.36
CA GLY D 26 33.52 1.39 34.36
C GLY D 26 32.71 0.23 33.86
N LYS D 27 32.84 -0.06 32.57
CA LYS D 27 32.09 -1.15 31.96
C LYS D 27 32.68 -2.50 32.38
N GLU D 28 31.80 -3.35 32.93
CA GLU D 28 32.18 -4.69 33.38
C GLU D 28 32.47 -5.59 32.16
N GLN D 29 33.60 -6.29 32.17
CA GLN D 29 33.99 -7.18 31.07
C GLN D 29 33.97 -8.63 31.56
N HIS D 30 33.92 -9.59 30.63
CA HIS D 30 33.86 -10.98 31.02
C HIS D 30 34.51 -11.99 30.08
N VAL D 31 34.86 -13.16 30.56
CA VAL D 31 35.43 -14.13 29.66
C VAL D 31 35.09 -15.49 30.22
N THR D 32 34.75 -16.39 29.32
CA THR D 32 34.30 -17.67 29.79
C THR D 32 35.25 -18.80 29.61
N ILE D 33 35.31 -19.59 30.67
CA ILE D 33 36.18 -20.72 30.78
C ILE D 33 35.36 -21.91 31.23
N PRO D 34 35.61 -23.08 30.63
CA PRO D 34 34.87 -24.29 30.99
C PRO D 34 35.21 -24.61 32.43
N ALA D 35 34.27 -25.18 33.16
CA ALA D 35 34.53 -25.50 34.55
C ALA D 35 35.77 -26.38 34.72
N HIS D 36 36.03 -27.25 33.76
CA HIS D 36 37.18 -28.15 33.86
C HIS D 36 38.52 -27.41 33.82
N GLN D 37 38.50 -26.20 33.29
CA GLN D 37 39.70 -25.39 33.20
C GLN D 37 40.06 -24.77 34.54
N VAL D 38 39.18 -25.01 35.52
CA VAL D 38 39.37 -24.50 36.87
C VAL D 38 40.02 -25.57 37.75
N ASN D 39 41.25 -25.26 38.15
CA ASN D 39 42.05 -26.16 38.97
C ASN D 39 42.79 -25.42 40.05
N ALA D 40 43.66 -26.18 40.72
CA ALA D 40 44.47 -25.71 41.82
C ALA D 40 45.23 -24.41 41.54
N GLU D 41 46.13 -24.44 40.55
CA GLU D 41 46.95 -23.27 40.24
C GLU D 41 46.19 -22.10 39.67
N PHE D 42 45.07 -22.39 39.01
CA PHE D 42 44.24 -21.35 38.44
C PHE D 42 44.01 -20.26 39.50
N PHE D 43 43.81 -20.71 40.74
CA PHE D 43 43.57 -19.79 41.84
C PHE D 43 44.75 -19.01 42.35
N GLU D 44 45.92 -19.63 42.36
CA GLU D 44 47.11 -18.95 42.84
C GLU D 44 47.83 -18.14 41.78
N GLU D 45 47.71 -18.53 40.50
CA GLU D 45 48.37 -17.76 39.44
C GLU D 45 47.45 -17.16 38.36
N GLY D 46 46.14 -17.36 38.49
CA GLY D 46 45.20 -16.81 37.54
C GLY D 46 45.38 -17.31 36.11
N LYS D 47 44.88 -16.53 35.15
CA LYS D 47 44.99 -16.89 33.74
C LYS D 47 45.54 -15.71 32.97
N MET D 48 46.13 -16.02 31.82
CA MET D 48 46.72 -15.02 30.98
C MET D 48 45.75 -14.43 29.98
N PHE D 49 45.94 -13.15 29.68
CA PHE D 49 45.11 -12.48 28.70
C PHE D 49 45.72 -11.13 28.29
N ASP D 50 45.40 -10.71 27.06
CA ASP D 50 45.88 -9.44 26.51
C ASP D 50 44.89 -8.30 26.75
N GLY D 51 45.33 -7.27 27.47
CA GLY D 51 44.46 -6.16 27.73
C GLY D 51 44.45 -5.12 26.62
N SER D 52 45.44 -5.18 25.74
CA SER D 52 45.60 -4.24 24.63
C SER D 52 44.36 -3.63 23.97
N SER D 53 43.35 -4.44 23.70
CA SER D 53 42.12 -3.96 23.06
C SER D 53 41.07 -3.53 24.08
N ILE D 54 41.55 -2.90 25.14
CA ILE D 54 40.70 -2.40 26.20
C ILE D 54 40.97 -0.91 26.36
N GLY D 55 39.94 -0.18 26.72
CA GLY D 55 40.06 1.25 26.89
C GLY D 55 41.12 1.69 27.87
N GLY D 56 42.16 2.35 27.34
CA GLY D 56 43.23 2.90 28.15
C GLY D 56 44.16 2.01 28.95
N TRP D 57 44.30 0.79 28.51
CA TRP D 57 45.16 -0.21 29.12
C TRP D 57 46.12 -0.58 28.04
N LYS D 58 45.77 0.07 26.97
CA LYS D 58 46.45 -0.05 25.71
C LYS D 58 47.86 -0.24 26.09
N GLY D 59 48.56 -0.72 25.11
CA GLY D 59 49.95 -1.04 25.27
C GLY D 59 50.12 -2.23 24.37
N ILE D 60 50.01 -1.94 23.09
CA ILE D 60 50.06 -3.04 22.14
C ILE D 60 51.48 -3.54 22.08
N ASN D 61 52.12 -3.55 23.23
CA ASN D 61 53.47 -4.01 23.31
C ASN D 61 53.76 -4.76 24.64
N GLU D 62 53.40 -4.12 25.74
CA GLU D 62 53.70 -4.70 27.09
C GLU D 62 52.51 -5.29 27.91
N SER D 63 51.29 -4.76 27.70
CA SER D 63 50.06 -5.10 28.47
C SER D 63 49.43 -6.48 28.26
N ASP D 64 50.21 -7.48 28.60
CA ASP D 64 49.76 -8.86 28.63
C ASP D 64 49.62 -9.12 30.10
N MET D 65 48.40 -8.93 30.61
CA MET D 65 48.11 -9.05 32.04
C MET D 65 47.47 -10.34 32.54
N VAL D 66 47.38 -10.43 33.88
CA VAL D 66 46.81 -11.57 34.59
C VAL D 66 45.43 -11.36 35.22
N LEU D 67 44.55 -12.31 35.00
CA LEU D 67 43.22 -12.26 35.59
C LEU D 67 43.31 -13.03 36.88
N MET D 68 43.18 -12.33 38.00
CA MET D 68 43.26 -13.02 39.25
C MET D 68 41.93 -13.21 39.93
N PRO D 69 41.41 -14.43 39.86
CA PRO D 69 40.13 -14.81 40.47
C PRO D 69 40.11 -14.49 41.95
N ASP D 70 38.95 -14.04 42.40
CA ASP D 70 38.74 -13.72 43.79
C ASP D 70 37.68 -14.72 44.28
N ALA D 71 38.17 -15.80 44.87
CA ALA D 71 37.33 -16.87 45.36
C ALA D 71 36.08 -16.44 46.10
N SER D 72 36.13 -15.28 46.77
CA SER D 72 34.97 -14.82 47.53
C SER D 72 33.77 -14.38 46.67
N THR D 73 34.07 -13.70 45.56
CA THR D 73 33.07 -13.16 44.64
C THR D 73 32.17 -14.14 43.86
N ALA D 74 32.45 -15.43 43.96
CA ALA D 74 31.71 -16.45 43.22
C ALA D 74 30.21 -16.54 43.40
N VAL D 75 29.50 -16.49 42.28
CA VAL D 75 28.06 -16.64 42.29
C VAL D 75 27.49 -16.93 40.90
N ILE D 76 26.50 -17.81 40.91
CA ILE D 76 25.81 -18.26 39.71
C ILE D 76 25.19 -17.15 38.86
N ASP D 77 25.28 -17.29 37.54
CA ASP D 77 24.65 -16.32 36.66
C ASP D 77 23.22 -16.83 36.47
N PRO D 78 22.24 -15.98 36.77
CA PRO D 78 20.83 -16.36 36.67
C PRO D 78 20.18 -16.19 35.33
N PHE D 79 20.93 -15.68 34.37
CA PHE D 79 20.39 -15.42 33.03
C PHE D 79 20.90 -16.42 31.98
N PHE D 80 22.14 -16.85 32.13
CA PHE D 80 22.75 -17.77 31.19
C PHE D 80 22.03 -19.11 31.14
N ALA D 81 21.97 -19.66 29.93
CA ALA D 81 21.28 -20.92 29.69
C ALA D 81 21.94 -22.14 30.27
N ASP D 82 23.26 -22.21 30.13
CA ASP D 82 23.99 -23.35 30.66
C ASP D 82 24.49 -22.90 32.02
N SER D 83 24.45 -23.76 33.03
CA SER D 83 24.84 -23.40 34.38
C SER D 83 26.22 -22.78 34.46
N THR D 84 26.32 -21.48 34.62
CA THR D 84 27.68 -20.92 34.73
C THR D 84 27.89 -20.11 36.02
N LEU D 85 29.15 -20.22 36.54
CA LEU D 85 29.58 -19.53 37.74
C LEU D 85 30.42 -18.29 37.39
N ILE D 86 30.06 -17.17 38.01
CA ILE D 86 30.76 -15.92 37.76
C ILE D 86 31.81 -15.73 38.86
N ILE D 87 32.95 -15.17 38.47
CA ILE D 87 34.01 -14.89 39.41
C ILE D 87 34.67 -13.60 39.00
N ARG D 88 34.58 -12.64 39.92
CA ARG D 88 35.16 -11.34 39.73
C ARG D 88 36.67 -11.52 39.83
N CYS D 89 37.39 -10.84 38.95
CA CYS D 89 38.83 -10.96 38.95
C CYS D 89 39.47 -9.62 39.15
N ASP D 90 40.75 -9.66 39.51
CA ASP D 90 41.58 -8.47 39.70
C ASP D 90 42.59 -8.54 38.57
N ILE D 91 43.01 -7.39 38.10
CA ILE D 91 44.02 -7.35 37.06
C ILE D 91 45.37 -7.11 37.70
N LEU D 92 46.21 -8.14 37.64
CA LEU D 92 47.54 -8.08 38.22
C LEU D 92 48.58 -7.95 37.15
N GLU D 93 49.73 -7.41 37.53
CA GLU D 93 50.87 -7.22 36.63
C GLU D 93 51.55 -8.61 36.48
N PRO D 94 51.90 -9.01 35.24
CA PRO D 94 52.54 -10.32 35.05
C PRO D 94 53.87 -10.47 35.80
N GLY D 95 54.03 -11.62 36.46
CA GLY D 95 55.24 -11.88 37.22
C GLY D 95 55.23 -11.21 38.58
N THR D 96 55.30 -9.87 38.57
CA THR D 96 55.28 -9.09 39.81
C THR D 96 54.06 -9.49 40.65
N LEU D 97 52.91 -9.54 39.98
CA LEU D 97 51.64 -9.95 40.56
C LEU D 97 51.06 -9.15 41.73
N GLN D 98 51.33 -7.86 41.85
CA GLN D 98 50.74 -7.15 42.99
C GLN D 98 49.57 -6.20 42.65
N GLY D 99 49.26 -6.05 41.37
CA GLY D 99 48.11 -5.20 41.05
C GLY D 99 48.33 -4.06 40.11
N TYR D 100 47.70 -4.17 38.94
CA TYR D 100 47.79 -3.18 37.88
C TYR D 100 47.39 -1.75 38.28
N ASP D 101 48.26 -0.82 37.89
CA ASP D 101 48.12 0.58 38.17
C ASP D 101 46.81 1.17 37.70
N ARG D 102 46.31 0.61 36.61
CA ARG D 102 45.08 1.05 36.01
C ARG D 102 43.84 0.22 36.32
N ASP D 103 44.02 -0.91 37.01
CA ASP D 103 42.89 -1.75 37.40
C ASP D 103 42.12 -1.00 38.49
N PRO D 104 40.94 -0.46 38.15
CA PRO D 104 40.08 0.30 39.05
C PRO D 104 39.78 -0.45 40.32
N ARG D 105 39.67 -1.76 40.23
CA ARG D 105 39.38 -2.52 41.43
C ARG D 105 40.60 -2.52 42.35
N SER D 106 41.79 -2.59 41.76
CA SER D 106 43.02 -2.57 42.57
C SER D 106 43.10 -1.22 43.27
N ILE D 107 42.84 -0.17 42.50
CA ILE D 107 42.86 1.19 43.01
C ILE D 107 41.89 1.37 44.18
N ALA D 108 40.73 0.75 44.10
CA ALA D 108 39.74 0.87 45.15
C ALA D 108 40.26 0.18 46.39
N LYS D 109 40.91 -0.98 46.20
CA LYS D 109 41.46 -1.74 47.32
C LYS D 109 42.60 -0.95 47.95
N ARG D 110 43.45 -0.37 47.11
CA ARG D 110 44.58 0.43 47.57
C ARG D 110 44.06 1.51 48.52
N ALA D 111 43.04 2.23 48.08
CA ALA D 111 42.42 3.27 48.88
C ALA D 111 41.88 2.74 50.21
N GLU D 112 41.33 1.52 50.23
CA GLU D 112 40.81 0.95 51.47
C GLU D 112 41.96 0.60 52.42
N ASP D 113 43.09 0.18 51.85
CA ASP D 113 44.28 -0.17 52.62
C ASP D 113 44.81 1.09 53.32
N TYR D 114 44.99 2.13 52.52
CA TYR D 114 45.47 3.43 52.98
C TYR D 114 44.57 4.01 54.08
N LEU D 115 43.32 3.59 54.15
CA LEU D 115 42.43 4.10 55.18
C LEU D 115 42.89 3.50 56.51
N ARG D 116 43.08 2.18 56.53
CA ARG D 116 43.52 1.50 57.75
C ARG D 116 44.95 1.89 58.10
N ALA D 117 45.74 2.18 57.07
CA ALA D 117 47.12 2.59 57.24
C ALA D 117 47.22 3.94 57.97
N THR D 118 46.44 4.93 57.58
CA THR D 118 46.49 6.23 58.27
C THR D 118 45.86 6.11 59.65
N GLY D 119 45.40 4.90 59.96
CA GLY D 119 44.77 4.64 61.25
C GLY D 119 43.55 5.49 61.54
N ILE D 120 43.14 6.34 60.59
CA ILE D 120 41.97 7.20 60.75
C ILE D 120 40.70 6.38 61.03
N ALA D 121 40.55 5.26 60.33
CA ALA D 121 39.39 4.35 60.51
C ALA D 121 39.78 2.97 59.96
N ASP D 122 38.97 1.96 60.26
CA ASP D 122 39.27 0.62 59.74
C ASP D 122 38.39 0.08 58.61
N THR D 123 37.30 0.79 58.30
CA THR D 123 36.39 0.44 57.20
C THR D 123 35.59 1.65 56.73
N VAL D 124 35.39 1.74 55.41
CA VAL D 124 34.60 2.82 54.79
C VAL D 124 33.27 2.25 54.38
N LEU D 125 32.20 3.01 54.59
CA LEU D 125 30.88 2.55 54.23
C LEU D 125 30.23 3.36 53.13
N PHE D 126 29.79 2.65 52.10
CA PHE D 126 29.12 3.26 50.94
C PHE D 126 27.74 2.69 50.71
N GLY D 127 26.80 3.60 50.49
CA GLY D 127 25.42 3.23 50.23
C GLY D 127 24.96 4.14 49.10
N PRO D 128 25.05 3.67 47.85
CA PRO D 128 24.64 4.43 46.68
C PRO D 128 23.20 4.13 46.25
N GLU D 129 22.55 5.17 45.73
CA GLU D 129 21.16 5.12 45.26
C GLU D 129 21.23 5.35 43.78
N PRO D 130 21.48 4.29 43.03
CA PRO D 130 21.60 4.35 41.58
C PRO D 130 20.27 4.25 40.87
N GLU D 131 19.85 5.36 40.27
CA GLU D 131 18.60 5.46 39.53
C GLU D 131 18.76 5.07 38.04
N PHE D 132 17.65 4.76 37.38
CA PHE D 132 17.69 4.40 35.95
C PHE D 132 16.34 4.51 35.29
N PHE D 133 16.35 4.31 33.97
CA PHE D 133 15.13 4.36 33.18
C PHE D 133 14.90 3.05 32.45
N LEU D 134 13.63 2.77 32.16
CA LEU D 134 13.23 1.58 31.42
C LEU D 134 12.38 1.98 30.21
N PHE D 135 12.96 1.81 29.04
CA PHE D 135 12.29 2.15 27.79
C PHE D 135 11.93 0.89 27.02
N ASP D 136 11.22 1.11 25.92
CA ASP D 136 10.75 0.02 25.09
C ASP D 136 11.55 0.10 23.81
N ASP D 137 11.91 1.32 23.44
CA ASP D 137 12.64 1.53 22.22
C ASP D 137 13.52 2.76 22.33
N ILE D 138 14.75 2.59 21.89
CA ILE D 138 15.77 3.63 21.87
C ILE D 138 16.56 3.61 20.56
N ARG D 139 16.51 4.72 19.83
CA ARG D 139 17.23 4.81 18.57
C ARG D 139 17.98 6.13 18.53
N PHE D 140 19.14 6.10 17.88
CA PHE D 140 19.98 7.27 17.77
C PHE D 140 21.09 7.04 16.75
N GLY D 141 21.73 8.13 16.35
CA GLY D 141 22.80 8.03 15.39
C GLY D 141 23.32 9.36 14.94
N ALA D 142 24.52 9.32 14.39
CA ALA D 142 25.18 10.53 13.89
C ALA D 142 25.96 10.15 12.66
N SER D 143 25.76 10.96 11.63
CA SER D 143 26.37 10.80 10.34
C SER D 143 26.67 12.24 9.91
N ILE D 144 27.32 12.38 8.76
CA ILE D 144 27.67 13.70 8.27
C ILE D 144 26.45 14.59 8.01
N SER D 145 25.40 13.98 7.46
CA SER D 145 24.16 14.68 7.10
C SER D 145 23.19 14.98 8.24
N GLY D 146 23.48 14.45 9.43
CA GLY D 146 22.64 14.72 10.58
C GLY D 146 22.91 13.83 11.78
N SER D 147 22.03 13.91 12.76
CA SER D 147 22.13 13.08 13.95
C SER D 147 20.78 13.10 14.61
N HIS D 148 20.57 12.14 15.52
CA HIS D 148 19.29 12.08 16.22
C HIS D 148 19.25 11.09 17.37
N VAL D 149 18.17 11.19 18.12
CA VAL D 149 17.91 10.31 19.24
C VAL D 149 16.38 10.24 19.40
N ALA D 150 15.90 9.05 19.69
CA ALA D 150 14.47 8.85 19.87
C ALA D 150 14.21 7.87 20.98
N ILE D 151 13.47 8.35 21.97
CA ILE D 151 13.15 7.52 23.10
C ILE D 151 11.69 7.18 23.05
N ASP D 152 11.39 6.00 23.55
CA ASP D 152 10.04 5.59 23.64
C ASP D 152 9.80 4.51 24.66
N ASP D 153 8.76 4.77 25.45
CA ASP D 153 8.30 3.83 26.43
C ASP D 153 6.80 3.93 26.48
N ILE D 154 6.22 2.85 26.96
CA ILE D 154 4.80 2.73 27.15
C ILE D 154 4.36 3.79 28.18
N GLU D 155 5.28 4.14 29.09
CA GLU D 155 4.96 5.12 30.12
C GLU D 155 5.11 6.56 29.67
N GLY D 156 5.81 6.76 28.57
CA GLY D 156 6.03 8.11 28.08
C GLY D 156 4.79 8.96 27.96
N ALA D 157 4.78 10.08 28.66
CA ALA D 157 3.65 10.98 28.63
C ALA D 157 3.23 11.37 27.22
N TRP D 158 4.19 11.43 26.31
CA TRP D 158 3.90 11.80 24.93
C TRP D 158 2.94 10.83 24.22
N ASN D 159 2.89 9.60 24.71
CA ASN D 159 2.02 8.57 24.17
C ASN D 159 0.53 8.65 24.55
N SER D 160 0.16 9.70 25.26
CA SER D 160 -1.25 9.86 25.65
C SER D 160 -2.11 9.95 24.40
N SER D 161 -1.48 10.41 23.32
CA SER D 161 -2.10 10.63 22.01
C SER D 161 -1.94 9.52 20.99
N THR D 162 -0.90 8.72 21.19
CA THR D 162 -0.50 7.63 20.35
C THR D 162 -1.49 6.50 20.12
N LYS D 163 -1.63 6.04 18.87
CA LYS D 163 -2.57 4.94 18.55
C LYS D 163 -1.88 3.60 18.76
N TYR D 164 -2.58 2.66 19.38
CA TYR D 164 -1.96 1.37 19.65
C TYR D 164 -2.72 0.25 18.98
N GLU D 165 -1.99 -0.84 18.73
CA GLU D 165 -2.52 -2.02 18.09
C GLU D 165 -3.85 -2.46 18.70
N GLY D 166 -3.83 -2.74 20.00
CA GLY D 166 -5.07 -3.14 20.65
C GLY D 166 -5.74 -2.04 21.46
N GLY D 167 -5.54 -0.78 21.05
CA GLY D 167 -6.11 0.34 21.76
C GLY D 167 -5.16 0.91 22.81
N ASN D 168 -5.23 2.23 23.01
CA ASN D 168 -4.42 2.96 23.99
C ASN D 168 -5.11 2.91 25.35
N LYS D 169 -4.46 2.29 26.35
CA LYS D 169 -5.09 2.11 27.69
C LYS D 169 -4.85 3.32 28.68
N GLY D 170 -4.17 4.33 28.14
CA GLY D 170 -3.89 5.67 28.69
C GLY D 170 -3.46 5.90 30.13
N HIS D 171 -3.03 4.95 30.98
CA HIS D 171 -2.60 5.33 32.36
C HIS D 171 -1.08 5.56 32.48
N ARG D 172 -0.68 6.79 32.15
CA ARG D 172 0.73 7.12 32.09
C ARG D 172 1.09 8.22 33.07
N PRO D 173 2.34 8.18 33.55
CA PRO D 173 2.92 9.14 34.48
C PRO D 173 3.16 10.43 33.69
N GLY D 174 2.74 11.57 34.25
N GLY D 174 3.11 10.21 35.59
CA GLY D 174 2.97 12.83 33.54
CA GLY D 174 3.61 11.19 34.63
C GLY D 174 4.41 13.28 33.74
C GLY D 174 4.79 11.97 35.22
N VAL D 175 4.80 14.42 33.17
N VAL D 175 5.12 13.12 34.62
CA VAL D 175 6.18 14.89 33.38
CA VAL D 175 6.23 13.94 35.09
C VAL D 175 6.39 15.09 34.90
C VAL D 175 6.26 13.98 36.64
N LYS D 176 7.39 14.41 35.44
N LYS D 176 7.36 13.48 37.24
CA LYS D 176 7.69 14.42 36.88
CA LYS D 176 7.47 13.50 38.69
C LYS D 176 6.50 13.74 37.59
C LYS D 176 6.61 12.40 39.31
N GLY D 177 5.65 13.15 36.82
N GLY D 177 6.22 11.53 38.37
CA GLY D 177 4.50 12.50 37.39
CA GLY D 177 5.41 10.33 38.53
C GLY D 177 4.77 11.19 38.12
C GLY D 177 4.64 10.37 39.83
N GLY D 178 5.87 10.53 37.67
N GLY D 178 4.59 11.55 40.47
CA GLY D 178 6.33 9.20 38.07
CA GLY D 178 3.90 11.59 41.75
C GLY D 178 6.79 8.98 39.51
C GLY D 178 3.99 10.18 42.22
N TYR D 179 5.98 9.41 40.41
N TYR D 179 5.01 9.88 42.95
CA TYR D 179 6.40 9.10 41.74
CA TYR D 179 5.19 8.47 43.17
C TYR D 179 5.23 8.58 42.51
C TYR D 179 4.48 7.79 44.28
N PHE D 180 5.45 7.32 42.74
N PHE D 180 4.41 6.48 44.03
CA PHE D 180 4.60 6.48 43.54
CA PHE D 180 3.83 5.48 44.89
C PHE D 180 3.18 6.29 43.02
C PHE D 180 2.31 5.58 44.97
N PRO D 181 2.70 6.77 41.86
CA PRO D 181 1.32 6.29 41.52
C PRO D 181 1.21 4.75 41.60
N VAL D 182 0.05 4.29 41.99
CA VAL D 182 -0.21 2.87 42.05
C VAL D 182 -0.39 2.41 40.65
N PRO D 183 -0.05 1.19 40.36
CA PRO D 183 -0.38 0.66 39.04
C PRO D 183 -1.88 0.87 38.82
N PRO D 184 -2.31 0.91 37.56
CA PRO D 184 -1.50 0.78 36.36
C PRO D 184 -0.68 1.95 35.91
N VAL D 185 -0.75 3.00 36.69
CA VAL D 185 0.04 4.12 36.19
C VAL D 185 1.53 3.72 36.13
N ASP D 186 1.95 2.97 37.16
CA ASP D 186 3.29 2.43 37.34
C ASP D 186 3.30 1.02 36.71
N SER D 187 3.74 0.96 35.46
CA SER D 187 3.77 -0.31 34.75
C SER D 187 4.85 -1.24 35.23
N ALA D 188 5.52 -0.95 36.36
CA ALA D 188 6.70 -1.80 36.62
C ALA D 188 6.85 -2.52 37.96
N GLN D 189 5.78 -2.86 38.67
CA GLN D 189 5.98 -3.54 39.94
C GLN D 189 6.69 -4.85 39.75
N ASP D 190 6.05 -5.70 38.97
CA ASP D 190 6.56 -7.02 38.70
C ASP D 190 8.01 -7.07 38.23
N ILE D 191 8.38 -6.07 37.42
CA ILE D 191 9.73 -5.95 36.87
C ILE D 191 10.71 -5.67 38.00
N ARG D 192 10.49 -4.58 38.71
CA ARG D 192 11.37 -4.21 39.82
C ARG D 192 11.48 -5.36 40.81
N SER D 193 10.34 -5.93 41.19
CA SER D 193 10.37 -7.04 42.12
C SER D 193 11.29 -8.16 41.65
N GLU D 194 11.36 -8.41 40.34
CA GLU D 194 12.25 -9.47 39.81
C GLU D 194 13.68 -9.04 40.05
N MET D 195 14.01 -7.83 39.57
CA MET D 195 15.35 -7.29 39.75
C MET D 195 15.74 -7.47 41.22
N CYS D 196 14.80 -7.22 42.12
CA CYS D 196 15.08 -7.39 43.53
C CYS D 196 15.40 -8.84 43.87
N LEU D 197 14.47 -9.73 43.63
CA LEU D 197 14.68 -11.14 43.91
C LEU D 197 16.03 -11.60 43.41
N VAL D 198 16.29 -11.29 42.15
CA VAL D 198 17.54 -11.66 41.49
C VAL D 198 18.75 -11.09 42.17
N MET D 199 18.76 -9.76 42.34
CA MET D 199 19.86 -9.08 43.03
C MET D 199 20.20 -9.77 44.35
N GLU D 200 19.18 -10.15 45.10
CA GLU D 200 19.38 -10.83 46.38
C GLU D 200 20.00 -12.19 46.18
N GLN D 201 19.51 -12.93 45.18
CA GLN D 201 20.05 -14.25 44.86
C GLN D 201 21.53 -14.12 44.48
N MET D 202 21.91 -12.95 44.00
CA MET D 202 23.28 -12.68 43.62
C MET D 202 24.06 -12.00 44.73
N GLY D 203 23.60 -12.17 45.96
CA GLY D 203 24.31 -11.58 47.08
C GLY D 203 23.95 -10.20 47.60
N LEU D 204 23.32 -9.35 46.78
CA LEU D 204 22.95 -8.02 47.28
C LEU D 204 21.80 -8.10 48.29
N VAL D 205 21.63 -7.02 49.05
CA VAL D 205 20.55 -6.94 50.02
C VAL D 205 19.69 -5.75 49.69
N VAL D 206 18.44 -6.06 49.34
CA VAL D 206 17.49 -5.06 48.93
C VAL D 206 16.71 -4.47 50.06
N GLU D 207 16.78 -3.15 50.19
CA GLU D 207 16.04 -2.46 51.23
C GLU D 207 14.68 -2.03 50.72
N ALA D 208 14.61 -1.80 49.41
CA ALA D 208 13.36 -1.39 48.79
C ALA D 208 13.49 -1.03 47.32
N HIS D 209 12.29 -0.86 46.72
CA HIS D 209 12.10 -0.43 45.31
C HIS D 209 10.87 0.42 45.10
N HIS D 210 10.93 1.26 44.08
N HIS D 210 12.34 0.69 44.01
CA HIS D 210 9.83 2.16 43.78
CA HIS D 210 11.46 1.84 44.21
C HIS D 210 9.99 2.80 42.41
C HIS D 210 11.47 2.78 42.98
N HIS D 211 8.91 3.32 41.86
N HIS D 211 10.29 3.29 42.60
CA HIS D 211 9.02 4.02 40.60
CA HIS D 211 10.06 4.14 41.42
C HIS D 211 9.75 5.30 40.98
C HIS D 211 10.25 5.65 41.70
N GLU D 212 10.08 6.15 40.00
N GLU D 212 10.21 6.52 40.66
CA GLU D 212 10.81 7.36 40.32
CA GLU D 212 10.45 7.91 40.95
C GLU D 212 10.26 8.52 39.49
C GLU D 212 11.02 8.51 39.67
N VAL D 213 10.38 9.75 40.00
CA VAL D 213 9.84 11.00 39.43
C VAL D 213 9.53 11.10 37.92
N ALA D 214 10.51 10.93 37.06
CA ALA D 214 10.33 11.09 35.60
C ALA D 214 9.39 10.10 34.90
N THR D 215 8.69 10.62 33.89
CA THR D 215 7.80 9.81 33.07
C THR D 215 8.71 8.87 32.26
N ALA D 216 8.11 7.97 31.49
CA ALA D 216 8.88 7.05 30.67
C ALA D 216 9.78 6.09 31.45
N GLY D 217 9.23 5.48 32.49
CA GLY D 217 9.91 4.43 33.24
C GLY D 217 11.13 4.71 34.11
N GLN D 218 11.24 5.85 34.76
CA GLN D 218 12.37 6.02 35.67
C GLN D 218 12.08 5.18 36.91
N ASN D 219 13.05 4.39 37.35
CA ASN D 219 12.89 3.52 38.53
C ASN D 219 14.16 3.45 39.34
N GLU D 220 14.04 2.98 40.59
CA GLU D 220 15.18 2.87 41.49
C GLU D 220 14.94 1.68 42.39
N VAL D 221 16.04 0.99 42.72
CA VAL D 221 16.08 -0.13 43.64
C VAL D 221 17.16 0.19 44.67
N ALA D 222 16.72 0.34 45.92
CA ALA D 222 17.60 0.67 47.01
C ALA D 222 18.21 -0.58 47.61
N THR D 223 19.53 -0.56 47.70
CA THR D 223 20.25 -1.67 48.25
C THR D 223 21.06 -1.24 49.45
N ARG D 224 21.22 -2.18 50.37
CA ARG D 224 21.97 -1.94 51.59
C ARG D 224 23.45 -1.73 51.31
N PHE D 225 24.02 -0.78 52.05
CA PHE D 225 25.43 -0.37 51.99
C PHE D 225 26.35 -1.55 52.26
N ASN D 226 27.65 -1.27 52.10
CA ASN D 226 28.70 -2.25 52.35
C ASN D 226 30.09 -1.60 52.29
N THR D 227 31.12 -2.37 52.64
CA THR D 227 32.49 -1.88 52.62
C THR D 227 32.72 -1.32 51.22
N MET D 228 33.30 -0.13 51.12
CA MET D 228 33.53 0.51 49.83
C MET D 228 33.80 -0.38 48.64
N THR D 229 34.79 -1.25 48.71
CA THR D 229 35.08 -2.10 47.56
C THR D 229 34.00 -3.12 47.23
N LYS D 230 33.50 -3.82 48.22
CA LYS D 230 32.44 -4.80 47.98
C LYS D 230 31.21 -4.09 47.38
N LYS D 231 30.98 -2.84 47.77
CA LYS D 231 29.83 -2.10 47.26
C LYS D 231 29.96 -1.80 45.77
N ALA D 232 31.12 -1.32 45.34
CA ALA D 232 31.34 -1.03 43.91
C ALA D 232 31.15 -2.32 43.09
N ASP D 233 31.44 -3.47 43.72
CA ASP D 233 31.24 -4.78 43.10
C ASP D 233 29.73 -4.91 42.88
N GLU D 234 29.00 -4.79 43.99
CA GLU D 234 27.56 -4.89 44.01
C GLU D 234 26.91 -3.96 43.00
N ILE D 235 27.53 -2.81 42.75
CA ILE D 235 27.01 -1.86 41.77
C ILE D 235 27.02 -2.50 40.39
N GLN D 236 28.15 -3.08 40.05
CA GLN D 236 28.27 -3.75 38.77
C GLN D 236 27.23 -4.86 38.66
N ILE D 237 27.03 -5.62 39.75
CA ILE D 237 26.04 -6.69 39.73
C ILE D 237 24.65 -6.10 39.53
N TYR D 238 24.41 -5.03 40.27
CA TYR D 238 23.17 -4.26 40.19
C TYR D 238 22.82 -3.95 38.74
N LYS D 239 23.73 -3.23 38.11
CA LYS D 239 23.55 -2.82 36.72
C LYS D 239 23.32 -4.00 35.80
N TYR D 240 24.03 -5.08 36.09
CA TYR D 240 23.89 -6.26 35.27
C TYR D 240 22.48 -6.77 35.42
N VAL D 241 22.09 -7.09 36.65
CA VAL D 241 20.75 -7.57 36.94
C VAL D 241 19.71 -6.66 36.31
N VAL D 242 19.87 -5.35 36.51
CA VAL D 242 18.93 -4.37 35.94
C VAL D 242 18.89 -4.51 34.42
N HIS D 243 20.03 -4.25 33.78
CA HIS D 243 20.13 -4.34 32.33
C HIS D 243 19.52 -5.57 31.71
N ASN D 244 19.81 -6.72 32.32
CA ASN D 244 19.36 -8.03 31.86
C ASN D 244 17.93 -8.41 32.18
N VAL D 245 17.48 -8.15 33.39
CA VAL D 245 16.10 -8.45 33.72
C VAL D 245 15.24 -7.60 32.76
N ALA D 246 15.65 -6.34 32.59
CA ALA D 246 14.96 -5.42 31.69
C ALA D 246 14.88 -6.04 30.31
N HIS D 247 16.03 -6.48 29.84
CA HIS D 247 16.13 -7.08 28.53
C HIS D 247 15.16 -8.23 28.38
N ARG D 248 15.21 -9.15 29.34
CA ARG D 248 14.33 -10.31 29.39
C ARG D 248 12.85 -9.93 29.45
N PHE D 249 12.51 -8.71 29.85
CA PHE D 249 11.10 -8.34 29.88
C PHE D 249 10.79 -7.52 28.65
N GLY D 250 11.69 -7.62 27.67
CA GLY D 250 11.48 -6.88 26.46
C GLY D 250 11.64 -5.39 26.67
N LYS D 251 12.34 -5.02 27.73
CA LYS D 251 12.60 -3.62 27.95
C LYS D 251 14.10 -3.40 27.74
N THR D 252 14.50 -2.13 27.78
CA THR D 252 15.90 -1.78 27.59
C THR D 252 16.22 -0.75 28.67
N ALA D 253 17.19 -1.05 29.54
CA ALA D 253 17.54 -0.11 30.62
C ALA D 253 18.76 0.74 30.34
N THR D 254 18.76 1.96 30.87
CA THR D 254 19.92 2.84 30.73
C THR D 254 20.26 3.58 32.01
N PHE D 255 21.54 3.55 32.34
CA PHE D 255 21.95 4.29 33.50
C PHE D 255 22.51 5.64 33.12
N MET D 256 22.29 6.09 31.89
CA MET D 256 22.80 7.39 31.53
C MET D 256 22.05 8.43 32.37
N PRO D 257 22.79 9.42 32.88
CA PRO D 257 22.30 10.51 33.72
C PRO D 257 21.16 11.42 33.27
N LYS D 258 21.18 11.83 32.02
CA LYS D 258 20.12 12.73 31.54
C LYS D 258 19.62 12.36 30.12
N PRO D 259 18.83 11.28 30.02
CA PRO D 259 18.30 10.81 28.74
C PRO D 259 17.35 11.81 28.16
N MET D 260 16.32 12.15 28.94
CA MET D 260 15.39 13.16 28.51
C MET D 260 15.70 14.45 29.24
N PHE D 261 15.25 15.51 28.62
N PHE D 261 15.48 15.51 28.52
CA PHE D 261 15.33 16.92 29.08
CA PHE D 261 15.72 16.84 29.05
C PHE D 261 13.97 17.41 29.53
C PHE D 261 14.67 17.00 30.12
N GLY D 262 13.89 18.08 30.67
N GLY D 262 13.48 16.54 29.76
CA GLY D 262 12.59 18.58 31.08
CA GLY D 262 12.33 16.57 30.62
C GLY D 262 11.96 17.73 32.15
C GLY D 262 12.45 17.11 32.03
N ASP D 263 12.59 16.64 32.46
N ASP D 263 12.78 16.23 32.98
CA ASP D 263 12.17 15.75 33.51
CA ASP D 263 12.83 16.64 34.39
C ASP D 263 13.42 15.32 34.21
C ASP D 263 13.67 15.82 35.39
N ASN D 264 13.23 14.65 35.29
N ASN D 264 13.46 16.09 36.72
CA ASN D 264 14.34 14.25 36.10
CA ASN D 264 14.01 15.43 37.82
C ASN D 264 15.39 13.47 35.40
C ASN D 264 14.77 14.21 37.23
N GLY D 265 16.59 13.75 35.86
N GLY D 265 16.09 14.31 37.05
CA GLY D 265 17.74 13.07 35.45
CA GLY D 265 16.84 13.24 36.35
C GLY D 265 17.91 11.97 36.50
C GLY D 265 17.25 12.00 37.16
N SER D 266 18.66 10.92 36.17
N SER D 266 18.17 11.20 36.58
CA SER D 266 18.90 9.85 37.09
CA SER D 266 18.72 9.94 37.19
C SER D 266 20.25 10.08 37.71
C SER D 266 20.13 10.20 37.75
N GLY D 267 20.31 9.86 39.00
CA GLY D 267 21.52 10.10 39.74
C GLY D 267 21.88 9.01 40.75
N MET D 268 23.12 9.01 41.19
CA MET D 268 23.56 8.03 42.17
C MET D 268 24.13 8.70 43.43
N HIS D 269 23.24 9.05 44.36
CA HIS D 269 23.62 9.68 45.63
C HIS D 269 24.49 8.72 46.41
N CYS D 270 25.47 9.27 47.12
CA CYS D 270 26.39 8.45 47.90
C CYS D 270 26.44 8.71 49.38
N HIS D 271 25.90 7.74 50.10
CA HIS D 271 25.89 7.76 51.54
C HIS D 271 27.19 7.18 51.99
N MET D 272 27.81 7.85 52.96
CA MET D 272 29.08 7.43 53.48
C MET D 272 29.18 7.69 54.95
N SER D 273 30.11 6.97 55.56
CA SER D 273 30.42 7.06 56.98
C SER D 273 31.64 6.17 57.23
N LEU D 274 32.43 6.53 58.23
CA LEU D 274 33.61 5.74 58.54
C LEU D 274 33.43 5.04 59.86
N ALA D 275 34.10 3.90 60.01
CA ALA D 275 34.01 3.13 61.24
C ALA D 275 35.36 2.64 61.74
N LYS D 276 35.40 2.29 63.02
CA LYS D 276 36.60 1.79 63.68
C LYS D 276 36.11 0.96 64.86
N ASN D 277 36.38 -0.34 64.80
CA ASN D 277 36.00 -1.28 65.85
C ASN D 277 34.53 -1.16 66.19
N GLY D 278 33.67 -1.43 65.19
CA GLY D 278 32.23 -1.34 65.38
C GLY D 278 31.63 -0.03 65.82
N THR D 279 32.43 1.04 65.91
CA THR D 279 31.91 2.34 66.32
C THR D 279 31.81 3.30 65.13
N ASN D 280 30.73 4.07 65.08
CA ASN D 280 30.56 4.99 63.97
C ASN D 280 31.21 6.34 64.21
N LEU D 281 32.39 6.49 63.64
CA LEU D 281 33.17 7.72 63.75
C LEU D 281 32.48 8.98 63.24
N PHE D 282 31.34 8.83 62.58
CA PHE D 282 30.64 9.99 62.05
C PHE D 282 29.60 10.61 62.97
N SER D 283 29.40 10.01 64.14
CA SER D 283 28.43 10.57 65.08
C SER D 283 29.16 11.41 66.13
N GLY D 284 28.53 12.48 66.57
CA GLY D 284 29.13 13.34 67.57
C GLY D 284 28.09 14.28 68.14
N ASP D 285 28.53 15.46 68.58
CA ASP D 285 27.64 16.45 69.16
C ASP D 285 27.56 17.78 68.39
N LYS D 286 28.17 17.83 67.22
CA LYS D 286 28.12 19.01 66.37
C LYS D 286 26.85 18.93 65.52
N TYR D 287 26.79 19.75 64.48
CA TYR D 287 25.61 19.77 63.60
C TYR D 287 24.92 18.44 63.29
N ALA D 288 23.62 18.39 63.53
CA ALA D 288 22.84 17.20 63.23
C ALA D 288 23.27 15.85 63.83
N GLY D 289 24.06 15.89 64.90
CA GLY D 289 24.49 14.65 65.51
C GLY D 289 25.79 14.10 64.94
N LEU D 290 26.44 14.94 64.12
CA LEU D 290 27.71 14.62 63.47
C LEU D 290 28.93 14.76 64.35
N SER D 291 29.98 14.01 64.01
CA SER D 291 31.24 14.11 64.73
C SER D 291 32.08 15.16 64.04
N GLU D 292 33.19 15.51 64.68
CA GLU D 292 34.12 16.49 64.15
C GLU D 292 34.61 15.88 62.84
N GLN D 293 35.01 14.62 62.93
CA GLN D 293 35.52 13.81 61.83
C GLN D 293 34.76 14.02 60.51
N ALA D 294 33.45 13.77 60.58
CA ALA D 294 32.57 13.90 59.44
C ALA D 294 32.70 15.25 58.75
N LEU D 295 32.71 16.32 59.53
CA LEU D 295 32.79 17.64 58.94
C LEU D 295 34.10 17.89 58.21
N TYR D 296 35.17 17.25 58.64
CA TYR D 296 36.43 17.39 57.93
C TYR D 296 36.32 16.64 56.60
N TYR D 297 35.63 15.49 56.65
CA TYR D 297 35.40 14.67 55.46
C TYR D 297 34.67 15.57 54.47
N ILE D 298 33.58 16.16 54.94
CA ILE D 298 32.76 17.07 54.14
C ILE D 298 33.58 18.18 53.55
N GLY D 299 34.47 18.74 54.37
CA GLY D 299 35.31 19.82 53.90
C GLY D 299 36.19 19.35 52.76
N GLY D 300 36.72 18.14 52.89
CA GLY D 300 37.58 17.58 51.85
C GLY D 300 36.81 17.39 50.57
N VAL D 301 35.66 16.72 50.69
CA VAL D 301 34.80 16.45 49.55
C VAL D 301 34.49 17.76 48.83
N ILE D 302 34.11 18.76 49.60
CA ILE D 302 33.81 20.06 49.04
C ILE D 302 35.04 20.70 48.38
N LYS D 303 36.21 20.48 48.97
CA LYS D 303 37.42 21.07 48.42
C LYS D 303 37.78 20.48 47.08
N HIS D 304 37.72 19.15 47.01
CA HIS D 304 38.09 18.41 45.81
C HIS D 304 36.95 18.11 44.84
N ALA D 305 35.77 18.64 45.12
CA ALA D 305 34.60 18.42 44.31
C ALA D 305 34.83 18.33 42.80
N LYS D 306 35.25 19.42 42.17
CA LYS D 306 35.47 19.41 40.72
C LYS D 306 36.35 18.23 40.24
N ALA D 307 37.33 17.86 41.04
CA ALA D 307 38.18 16.76 40.65
C ALA D 307 37.37 15.49 40.80
N ILE D 308 36.68 15.37 41.92
CA ILE D 308 35.85 14.19 42.15
C ILE D 308 34.82 14.06 41.02
N ASN D 309 34.33 15.19 40.53
CA ASN D 309 33.37 15.20 39.43
C ASN D 309 33.84 14.33 38.30
N ALA D 310 35.07 14.54 37.84
CA ALA D 310 35.65 13.74 36.77
C ALA D 310 35.45 12.23 36.97
N LEU D 311 35.34 11.77 38.21
CA LEU D 311 35.12 10.35 38.44
C LEU D 311 33.67 9.96 38.64
N ALA D 312 32.95 10.81 39.36
CA ALA D 312 31.55 10.59 39.69
C ALA D 312 30.57 11.24 38.70
N ASN D 313 31.08 11.86 37.64
CA ASN D 313 30.27 12.53 36.62
C ASN D 313 31.16 12.55 35.38
N PRO D 314 31.55 11.36 34.86
CA PRO D 314 32.43 11.15 33.71
C PRO D 314 31.90 11.41 32.32
N THR D 315 30.67 11.90 32.25
CA THR D 315 30.04 12.12 30.97
C THR D 315 29.60 13.55 30.72
N THR D 316 29.67 13.94 29.46
CA THR D 316 29.20 15.26 29.08
C THR D 316 27.72 15.37 29.49
N ASN D 317 27.01 14.25 29.33
CA ASN D 317 25.59 14.12 29.66
C ASN D 317 25.39 14.39 31.15
N SER D 318 26.37 13.97 31.96
CA SER D 318 26.35 14.13 33.40
C SER D 318 26.02 15.55 33.80
N TYR D 319 26.57 16.47 32.98
CA TYR D 319 26.41 17.91 33.18
C TYR D 319 25.10 18.47 32.69
N LYS D 320 24.34 17.65 31.99
CA LYS D 320 23.03 18.08 31.50
C LYS D 320 22.02 17.86 32.64
N ARG D 321 22.41 17.03 33.60
CA ARG D 321 21.62 16.72 34.79
C ARG D 321 21.80 17.74 35.89
N LEU D 322 23.06 18.09 36.11
CA LEU D 322 23.47 19.06 37.13
C LEU D 322 22.99 20.48 36.80
N VAL D 323 21.69 20.67 37.01
CA VAL D 323 20.99 21.94 36.79
C VAL D 323 19.85 22.08 37.82
N PRO D 324 19.44 23.32 38.11
CA PRO D 324 18.37 23.58 39.07
C PRO D 324 17.01 23.05 38.64
N GLY D 325 16.19 22.72 39.63
CA GLY D 325 14.84 22.28 39.35
C GLY D 325 14.51 20.82 39.19
N TYR D 326 15.55 19.96 39.15
CA TYR D 326 15.30 18.55 38.90
C TYR D 326 15.90 17.69 40.01
N GLU D 327 15.87 18.15 41.24
CA GLU D 327 16.39 17.42 42.40
C GLU D 327 17.89 17.07 42.27
N ALA D 328 18.60 17.83 41.42
CA ALA D 328 20.03 17.66 41.18
C ALA D 328 20.71 18.88 41.78
N PRO D 329 21.42 18.70 42.89
CA PRO D 329 22.10 19.80 43.54
C PRO D 329 23.44 20.11 42.94
N VAL D 330 23.69 21.41 42.77
CA VAL D 330 24.94 21.93 42.21
C VAL D 330 25.77 22.65 43.27
N MET D 331 25.07 23.12 44.30
CA MET D 331 25.67 23.84 45.42
C MET D 331 26.48 22.95 46.30
N LEU D 332 27.76 23.29 46.41
CA LEU D 332 28.70 22.55 47.24
C LEU D 332 28.58 22.99 48.70
N ALA D 333 27.50 22.55 49.34
CA ALA D 333 27.23 22.89 50.73
C ALA D 333 26.61 21.69 51.43
N TYR D 334 26.50 21.79 52.74
CA TYR D 334 25.88 20.70 53.47
C TYR D 334 24.75 21.24 54.32
N SER D 335 23.79 20.36 54.61
CA SER D 335 22.62 20.69 55.42
C SER D 335 21.78 19.45 55.65
N ALA D 336 21.00 19.47 56.72
CA ALA D 336 20.13 18.38 57.02
C ALA D 336 18.73 18.76 56.49
N ARG D 337 18.52 20.09 56.37
CA ARG D 337 17.28 20.71 55.92
C ARG D 337 17.19 20.93 54.42
N ASN D 338 17.83 22.04 54.04
CA ASN D 338 17.86 22.53 52.69
C ASN D 338 18.35 21.49 51.68
N ARG D 339 17.52 21.22 50.67
CA ARG D 339 17.87 20.24 49.68
C ARG D 339 18.37 20.82 48.37
N SER D 340 18.94 22.02 48.49
CA SER D 340 19.56 22.72 47.37
C SER D 340 21.06 22.36 47.48
N ALA D 341 21.40 21.79 48.63
CA ALA D 341 22.75 21.35 49.01
C ALA D 341 23.08 19.98 48.46
N SER D 342 24.27 19.89 47.86
CA SER D 342 24.74 18.63 47.27
C SER D 342 25.10 17.61 48.33
N ILE D 343 25.44 18.08 49.52
CA ILE D 343 25.72 17.15 50.61
C ILE D 343 24.55 17.35 51.54
N ARG D 344 23.87 16.26 51.85
CA ARG D 344 22.72 16.36 52.72
C ARG D 344 23.04 15.46 53.89
N ILE D 345 22.63 15.88 55.09
CA ILE D 345 22.88 15.11 56.28
C ILE D 345 21.60 14.45 56.71
N PRO D 346 21.51 13.14 56.53
CA PRO D 346 20.29 12.46 56.93
C PRO D 346 20.15 12.52 58.44
N VAL D 347 18.96 12.94 58.84
CA VAL D 347 18.62 13.04 60.25
C VAL D 347 18.15 11.65 60.65
N VAL D 348 18.61 11.18 61.79
CA VAL D 348 18.20 9.85 62.23
C VAL D 348 18.36 9.59 63.73
N ALA D 349 17.36 8.91 64.30
CA ALA D 349 17.33 8.55 65.72
C ALA D 349 18.69 8.22 66.37
N SER D 350 19.17 6.99 66.19
CA SER D 350 20.43 6.59 66.84
C SER D 350 21.65 7.32 66.28
N PRO D 351 22.80 7.02 66.87
CA PRO D 351 24.09 7.47 66.35
C PRO D 351 24.66 6.40 65.42
N LYS D 352 24.20 5.16 65.62
CA LYS D 352 24.66 4.01 64.85
C LYS D 352 24.51 4.21 63.35
N ALA D 353 23.55 5.04 62.97
CA ALA D 353 23.28 5.30 61.55
C ALA D 353 23.65 6.70 61.04
N ARG D 354 24.42 7.45 61.79
CA ARG D 354 24.78 8.79 61.35
C ARG D 354 25.72 8.68 60.14
N ARG D 355 25.58 9.59 59.18
CA ARG D 355 26.42 9.55 57.99
C ARG D 355 26.17 10.79 57.15
N ILE D 356 26.77 10.81 55.95
CA ILE D 356 26.56 11.91 55.02
C ILE D 356 26.13 11.35 53.67
N GLU D 357 25.46 12.18 52.87
CA GLU D 357 25.01 11.79 51.54
C GLU D 357 25.46 12.83 50.55
N VAL D 358 26.36 12.40 49.67
CA VAL D 358 26.86 13.28 48.62
C VAL D 358 26.03 12.98 47.40
N ARG D 359 25.16 13.90 47.11
CA ARG D 359 24.19 13.72 46.04
C ARG D 359 24.66 13.96 44.61
N PHE D 360 25.74 14.66 44.30
CA PHE D 360 26.05 14.94 42.89
C PHE D 360 26.50 13.77 42.00
N PRO D 361 27.07 12.70 42.58
CA PRO D 361 27.44 11.56 41.71
C PRO D 361 26.29 11.03 40.82
N ASP D 362 26.56 10.58 39.58
CA ASP D 362 25.53 9.93 38.77
C ASP D 362 25.99 8.50 38.41
N PRO D 363 25.07 7.72 37.77
CA PRO D 363 25.23 6.28 37.41
C PRO D 363 26.39 5.90 36.57
N ALA D 364 26.66 6.80 35.65
CA ALA D 364 27.71 6.61 34.70
C ALA D 364 29.09 6.48 35.32
N ALA D 365 29.24 6.90 36.56
CA ALA D 365 30.51 6.87 37.27
C ALA D 365 31.07 5.48 37.45
N ASN D 366 32.40 5.36 37.34
CA ASN D 366 33.04 4.07 37.56
C ASN D 366 32.98 3.95 39.08
N PRO D 367 32.17 3.03 39.60
CA PRO D 367 32.01 2.82 41.05
C PRO D 367 33.32 2.93 41.81
N TYR D 368 34.24 2.04 41.48
CA TYR D 368 35.55 2.00 42.10
C TYR D 368 36.23 3.37 42.13
N LEU D 369 36.48 3.92 40.96
CA LEU D 369 37.13 5.23 40.90
C LEU D 369 36.37 6.29 41.66
N CYS D 370 35.07 6.38 41.39
CA CYS D 370 34.22 7.35 42.02
C CYS D 370 34.29 7.26 43.54
N PHE D 371 34.06 6.05 44.07
CA PHE D 371 34.12 5.84 45.52
C PHE D 371 35.45 6.22 46.12
N ALA D 372 36.53 5.75 45.52
CA ALA D 372 37.88 6.06 45.98
C ALA D 372 38.06 7.58 46.09
N ALA D 373 37.78 8.30 45.01
CA ALA D 373 37.91 9.75 44.98
C ALA D 373 37.16 10.40 46.14
N LEU D 374 35.97 9.89 46.41
CA LEU D 374 35.18 10.41 47.50
C LEU D 374 35.92 10.18 48.81
N LEU D 375 36.38 8.95 49.01
CA LEU D 375 37.10 8.53 50.21
C LEU D 375 38.38 9.30 50.44
N MET D 376 39.20 9.38 49.40
CA MET D 376 40.48 10.07 49.48
C MET D 376 40.36 11.57 49.74
N ALA D 377 39.30 12.18 49.22
CA ALA D 377 39.08 13.60 49.43
C ALA D 377 38.59 13.77 50.85
N GLY D 378 37.94 12.73 51.37
CA GLY D 378 37.42 12.78 52.72
C GLY D 378 38.56 12.68 53.70
N LEU D 379 39.49 11.79 53.42
CA LEU D 379 40.66 11.58 54.27
C LEU D 379 41.53 12.83 54.28
N ASP D 380 41.71 13.43 53.11
CA ASP D 380 42.52 14.65 53.00
C ASP D 380 41.91 15.80 53.77
N GLY D 381 40.58 15.79 53.89
CA GLY D 381 39.92 16.85 54.61
C GLY D 381 40.12 16.69 56.10
N ILE D 382 40.31 15.44 56.51
CA ILE D 382 40.54 15.07 57.91
C ILE D 382 41.99 15.35 58.32
N LYS D 383 42.95 14.82 57.56
CA LYS D 383 44.36 15.03 57.84
C LYS D 383 44.60 16.53 57.96
N ASN D 384 44.24 17.29 56.94
CA ASN D 384 44.41 18.75 56.92
C ASN D 384 43.31 19.57 57.64
N LYS D 385 42.50 18.97 58.52
CA LYS D 385 41.42 19.66 59.27
C LYS D 385 40.71 20.78 58.49
N ILE D 386 40.25 20.40 57.28
CA ILE D 386 39.57 21.34 56.42
C ILE D 386 38.17 21.62 56.89
N HIS D 387 37.93 22.85 57.32
CA HIS D 387 36.61 23.15 57.80
C HIS D 387 35.61 23.43 56.69
N PRO D 388 34.46 22.73 56.76
CA PRO D 388 33.33 22.80 55.83
C PRO D 388 32.49 24.07 55.95
N GLY D 389 32.88 24.94 56.88
CA GLY D 389 32.15 26.17 57.06
C GLY D 389 30.78 25.94 57.69
N GLU D 390 29.88 26.89 57.50
CA GLU D 390 28.54 26.81 58.06
C GLU D 390 27.53 26.17 57.11
N PRO D 391 26.62 25.35 57.65
CA PRO D 391 25.57 24.65 56.90
C PRO D 391 24.59 25.61 56.23
N MET D 392 24.05 25.19 55.09
CA MET D 392 23.09 26.00 54.35
C MET D 392 21.70 25.69 54.84
N ASP D 393 21.06 26.64 55.50
CA ASP D 393 19.70 26.40 55.96
C ASP D 393 18.73 27.43 55.34
N LYS D 394 19.18 28.02 54.22
CA LYS D 394 18.44 29.04 53.45
C LYS D 394 17.49 28.50 52.35
N ASN D 395 17.32 29.29 51.28
CA ASN D 395 16.39 28.94 50.18
C ASN D 395 17.00 28.12 48.99
N LEU D 396 16.11 27.38 48.36
CA LEU D 396 16.34 26.36 47.31
C LEU D 396 17.15 26.74 46.04
N TYR D 397 16.57 26.86 44.83
CA TYR D 397 17.42 27.02 43.62
C TYR D 397 17.82 28.44 43.14
N ASP D 398 16.87 29.29 42.81
CA ASP D 398 17.20 30.68 42.45
C ASP D 398 16.50 31.85 43.17
N LEU D 399 16.75 31.83 44.47
CA LEU D 399 16.33 32.85 45.44
C LEU D 399 17.64 33.57 45.81
N PRO D 400 18.74 32.76 45.75
CA PRO D 400 20.11 33.21 46.08
C PRO D 400 20.63 34.53 45.49
N PRO D 401 20.75 34.76 44.15
CA PRO D 401 21.42 36.02 43.73
C PRO D 401 20.77 37.33 44.27
N GLU D 402 20.69 37.46 45.60
CA GLU D 402 20.14 38.59 46.33
C GLU D 402 21.34 39.43 46.78
N GLU D 403 22.47 38.74 46.73
CA GLU D 403 23.80 39.16 47.06
C GLU D 403 24.69 38.34 46.13
N ALA D 404 24.03 37.97 45.02
CA ALA D 404 24.51 37.12 43.92
C ALA D 404 25.36 36.03 44.56
N LYS D 405 24.72 35.09 45.27
CA LYS D 405 25.50 34.11 45.98
C LYS D 405 26.38 33.27 45.07
N GLU D 406 27.70 33.36 45.20
CA GLU D 406 28.60 32.55 44.46
C GLU D 406 29.39 31.60 45.38
N ILE D 407 28.69 30.75 46.13
CA ILE D 407 29.40 29.78 46.97
C ILE D 407 29.90 28.67 46.03
N PRO D 408 30.87 27.86 46.48
CA PRO D 408 31.43 26.78 45.66
C PRO D 408 30.40 25.86 44.97
N GLN D 409 30.72 25.46 43.74
CA GLN D 409 29.83 24.59 42.98
C GLN D 409 30.56 23.54 42.20
N VAL D 410 29.85 22.45 41.90
CA VAL D 410 30.41 21.35 41.13
C VAL D 410 30.81 21.82 39.74
N ALA D 411 31.67 21.06 39.09
CA ALA D 411 32.17 21.41 37.76
C ALA D 411 31.03 21.74 36.78
N GLY D 412 31.20 22.79 35.99
CA GLY D 412 30.17 23.17 35.05
C GLY D 412 30.09 22.32 33.78
N SER D 413 31.23 21.78 33.39
CA SER D 413 31.32 20.94 32.21
C SER D 413 32.19 19.74 32.52
N LEU D 414 32.51 18.97 31.49
CA LEU D 414 33.36 17.81 31.71
C LEU D 414 34.81 18.24 31.59
N GLU D 415 35.11 19.09 30.61
CA GLU D 415 36.47 19.59 30.37
C GLU D 415 36.98 20.17 31.68
N GLU D 416 36.10 20.91 32.35
CA GLU D 416 36.40 21.52 33.62
C GLU D 416 36.75 20.41 34.61
N ALA D 417 35.78 19.55 34.94
CA ALA D 417 35.97 18.45 35.88
C ALA D 417 37.27 17.71 35.62
N LEU D 418 37.61 17.56 34.34
CA LEU D 418 38.80 16.85 33.98
C LEU D 418 40.02 17.66 34.35
N ASN D 419 40.12 18.84 33.74
CA ASN D 419 41.24 19.73 34.01
C ASN D 419 41.46 19.91 35.53
N ALA D 420 40.37 19.93 36.31
CA ALA D 420 40.43 20.03 37.77
C ALA D 420 41.15 18.81 38.33
N LEU D 421 40.73 17.63 37.91
CA LEU D 421 41.37 16.41 38.36
C LEU D 421 42.84 16.43 37.92
N ASP D 422 43.12 17.09 36.81
CA ASP D 422 44.49 17.19 36.32
C ASP D 422 45.33 17.84 37.42
N LEU D 423 44.98 19.08 37.73
CA LEU D 423 45.64 19.88 38.75
C LEU D 423 45.55 19.29 40.16
N ASP D 424 44.35 19.35 40.74
CA ASP D 424 44.09 18.85 42.09
C ASP D 424 44.30 17.32 42.24
N ARG D 425 45.22 16.77 41.45
CA ARG D 425 45.46 15.34 41.49
C ARG D 425 46.22 14.87 42.71
N GLU D 426 46.75 15.81 43.48
CA GLU D 426 47.54 15.42 44.62
C GLU D 426 46.92 14.51 45.66
N PHE D 427 45.72 14.84 46.12
CA PHE D 427 45.13 14.00 47.14
C PHE D 427 44.83 12.57 46.72
N LEU D 428 44.82 12.33 45.41
CA LEU D 428 44.55 10.99 44.90
C LEU D 428 45.79 10.13 44.85
N LYS D 429 46.93 10.77 44.58
CA LYS D 429 48.19 10.06 44.49
C LYS D 429 48.71 9.60 45.85
N ALA D 430 48.14 10.18 46.90
CA ALA D 430 48.48 9.84 48.27
C ALA D 430 48.41 8.32 48.45
N GLY D 431 49.27 7.79 49.30
CA GLY D 431 49.31 6.35 49.56
C GLY D 431 49.55 5.53 48.32
N GLY D 432 49.97 6.18 47.22
CA GLY D 432 50.20 5.49 45.96
C GLY D 432 48.96 4.80 45.42
N VAL D 433 47.79 5.34 45.79
CA VAL D 433 46.49 4.82 45.39
C VAL D 433 46.33 5.09 43.89
N PHE D 434 46.37 6.37 43.54
CA PHE D 434 46.28 6.75 42.14
C PHE D 434 47.66 7.11 41.69
N THR D 435 47.98 6.70 40.48
CA THR D 435 49.28 7.01 39.93
C THR D 435 49.05 8.02 38.85
N ASP D 436 50.10 8.71 38.45
CA ASP D 436 49.97 9.73 37.44
C ASP D 436 49.44 9.22 36.12
N GLU D 437 50.08 8.23 35.51
CA GLU D 437 49.56 7.76 34.22
C GLU D 437 48.20 7.09 34.36
N ALA D 438 47.88 6.54 35.53
CA ALA D 438 46.55 5.93 35.72
C ALA D 438 45.57 7.07 35.51
N ILE D 439 45.90 8.19 36.14
CA ILE D 439 45.09 9.40 36.04
C ILE D 439 45.21 10.09 34.67
N ASP D 440 46.39 10.08 34.08
CA ASP D 440 46.57 10.73 32.79
C ASP D 440 45.87 9.96 31.68
N ALA D 441 45.77 8.64 31.86
CA ALA D 441 45.13 7.76 30.90
C ALA D 441 43.63 8.02 30.92
N TYR D 442 43.06 8.06 32.12
CA TYR D 442 41.63 8.32 32.29
C TYR D 442 41.29 9.65 31.60
N ILE D 443 42.02 10.70 31.94
CA ILE D 443 41.77 12.00 31.36
C ILE D 443 41.78 11.94 29.84
N ALA D 444 42.71 11.19 29.28
CA ALA D 444 42.83 11.06 27.83
C ALA D 444 41.58 10.48 27.15
N LEU D 445 41.04 9.42 27.75
CA LEU D 445 39.86 8.70 27.28
C LEU D 445 38.65 9.58 27.22
N ARG D 446 38.41 10.18 28.37
CA ARG D 446 37.30 11.08 28.52
C ARG D 446 37.46 12.30 27.61
N ARG D 447 38.69 12.71 27.39
CA ARG D 447 38.95 13.86 26.55
C ARG D 447 38.49 13.60 25.13
N GLU D 448 38.64 12.37 24.66
CA GLU D 448 38.24 12.06 23.31
C GLU D 448 36.74 11.91 23.21
N GLU D 449 36.09 11.47 24.29
CA GLU D 449 34.63 11.37 24.31
C GLU D 449 34.07 12.79 24.28
N ASP D 450 34.59 13.64 25.16
CA ASP D 450 34.17 15.04 25.21
C ASP D 450 34.35 15.68 23.81
N ASP D 451 35.42 15.32 23.10
CA ASP D 451 35.67 15.88 21.77
C ASP D 451 34.50 15.64 20.84
N ARG D 452 34.01 14.41 20.86
CA ARG D 452 32.92 14.02 19.99
C ARG D 452 31.70 14.87 20.18
N VAL D 453 31.28 14.99 21.42
CA VAL D 453 30.11 15.81 21.70
C VAL D 453 30.39 17.27 21.38
N ARG D 454 31.59 17.72 21.72
CA ARG D 454 31.93 19.12 21.50
C ARG D 454 32.06 19.49 20.05
N MET D 455 32.40 18.50 19.24
CA MET D 455 32.61 18.74 17.82
C MET D 455 31.45 18.44 16.89
N THR D 456 30.53 17.58 17.30
CA THR D 456 29.37 17.20 16.47
C THR D 456 28.22 18.21 16.63
N PRO D 457 27.72 18.78 15.52
CA PRO D 457 26.62 19.75 15.62
C PRO D 457 25.44 19.19 16.40
N HIS D 458 24.82 20.03 17.20
CA HIS D 458 23.68 19.62 18.01
C HIS D 458 22.41 20.04 17.31
N PRO D 459 21.40 19.17 17.31
CA PRO D 459 20.12 19.46 16.66
C PRO D 459 19.61 20.86 16.98
N VAL D 460 19.64 21.20 18.27
CA VAL D 460 19.18 22.50 18.75
C VAL D 460 19.87 23.69 18.10
N GLU D 461 21.10 23.45 17.64
CA GLU D 461 21.82 24.52 16.98
C GLU D 461 21.11 24.92 15.70
N PHE D 462 20.39 23.98 15.10
CA PHE D 462 19.70 24.31 13.87
C PHE D 462 18.45 25.14 14.17
N GLU D 463 17.83 24.70 15.26
CA GLU D 463 16.64 25.37 15.74
C GLU D 463 17.01 26.80 16.03
N LEU D 464 18.11 26.98 16.73
CA LEU D 464 18.62 28.29 17.10
C LEU D 464 19.36 29.03 16.01
N TYR D 465 20.09 28.34 15.13
CA TYR D 465 20.94 29.14 14.24
C TYR D 465 20.77 28.99 12.71
N TYR D 466 20.03 28.01 12.26
CA TYR D 466 19.91 27.81 10.80
C TYR D 466 19.54 29.06 10.02
N SER D 467 18.57 29.80 10.55
CA SER D 467 18.07 30.96 9.83
C SER D 467 18.85 32.21 10.12
N VAL D 468 20.07 32.01 10.60
CA VAL D 468 20.93 33.12 10.92
C VAL D 468 21.32 33.99 9.72
N SER E 1 -3.07 -4.74 64.04
CA SER E 1 -2.62 -6.16 63.90
C SER E 1 -1.08 -6.32 63.74
N ALA E 2 -0.30 -5.76 64.67
CA ALA E 2 1.17 -5.92 64.53
C ALA E 2 1.46 -7.43 64.46
N GLU E 3 0.92 -8.11 65.49
CA GLU E 3 1.02 -9.56 65.57
C GLU E 3 0.40 -10.25 64.33
N HIS E 4 -0.89 -9.99 64.07
CA HIS E 4 -1.62 -10.58 62.94
C HIS E 4 -0.81 -10.54 61.65
N VAL E 5 -0.29 -9.34 61.32
CA VAL E 5 0.53 -9.15 60.12
C VAL E 5 1.70 -10.14 60.06
N LEU E 6 2.46 -10.27 61.14
CA LEU E 6 3.59 -11.18 61.11
C LEU E 6 3.20 -12.58 60.74
N THR E 7 2.09 -13.06 61.28
CA THR E 7 1.61 -14.41 60.98
C THR E 7 1.20 -14.49 59.49
N MET E 8 0.56 -13.42 59.05
CA MET E 8 0.10 -13.30 57.68
C MET E 8 1.23 -13.31 56.62
N LEU E 9 2.45 -12.97 57.04
CA LEU E 9 3.59 -12.99 56.13
C LEU E 9 3.96 -14.47 55.86
N ASN E 10 4.00 -15.26 56.95
CA ASN E 10 4.35 -16.69 56.84
C ASN E 10 3.25 -17.50 56.20
N GLU E 11 2.02 -17.01 56.40
CA GLU E 11 0.84 -17.68 55.91
C GLU E 11 0.70 -17.61 54.38
N HIS E 12 1.23 -16.53 53.80
CA HIS E 12 1.15 -16.37 52.35
C HIS E 12 2.52 -16.36 51.68
N GLU E 13 3.56 -16.74 52.44
CA GLU E 13 4.95 -16.73 51.92
C GLU E 13 5.12 -15.42 51.19
N VAL E 14 4.75 -14.34 51.88
CA VAL E 14 4.82 -13.01 51.33
C VAL E 14 6.26 -12.64 51.04
N LYS E 15 6.49 -12.08 49.86
CA LYS E 15 7.82 -11.67 49.48
C LYS E 15 7.99 -10.16 49.67
N PHE E 16 6.93 -9.40 49.41
CA PHE E 16 7.02 -7.96 49.55
C PHE E 16 5.89 -7.33 50.33
N VAL E 17 6.10 -6.07 50.68
CA VAL E 17 5.12 -5.30 51.40
C VAL E 17 4.97 -3.98 50.70
N ASP E 18 3.74 -3.69 50.33
CA ASP E 18 3.48 -2.48 49.63
C ASP E 18 2.85 -1.44 50.52
N LEU E 19 3.60 -0.40 50.76
CA LEU E 19 3.15 0.67 51.61
C LEU E 19 2.36 1.62 50.77
N ARG E 20 1.11 1.84 51.15
CA ARG E 20 0.30 2.77 50.39
C ARG E 20 -0.28 3.85 51.27
N PHE E 21 -0.43 5.01 50.66
CA PHE E 21 -0.98 6.16 51.34
C PHE E 21 -1.58 7.03 50.26
N THR E 22 -2.26 8.09 50.67
CA THR E 22 -2.95 8.93 49.71
C THR E 22 -2.50 10.37 49.67
N ASP E 23 -2.29 10.88 48.46
CA ASP E 23 -1.83 12.25 48.28
C ASP E 23 -2.98 13.23 48.37
N THR E 24 -2.64 14.51 48.33
CA THR E 24 -3.63 15.56 48.47
C THR E 24 -4.75 15.49 47.46
N LYS E 25 -4.42 15.35 46.17
CA LYS E 25 -5.45 15.29 45.11
C LYS E 25 -6.35 14.07 45.31
N GLY E 26 -5.80 13.03 45.91
CA GLY E 26 -6.59 11.85 46.16
C GLY E 26 -6.02 10.60 45.56
N LYS E 27 -4.94 10.76 44.80
CA LYS E 27 -4.30 9.63 44.15
C LYS E 27 -3.52 8.80 45.17
N GLU E 28 -3.83 7.51 45.21
CA GLU E 28 -3.17 6.56 46.11
C GLU E 28 -1.72 6.33 45.65
N GLN E 29 -0.76 6.42 46.57
CA GLN E 29 0.65 6.21 46.26
C GLN E 29 1.14 4.95 46.95
N HIS E 30 2.28 4.39 46.49
CA HIS E 30 2.78 3.17 47.09
C HIS E 30 4.30 2.99 47.09
N VAL E 31 4.82 2.15 47.96
CA VAL E 31 6.25 1.92 47.93
C VAL E 31 6.49 0.53 48.44
N THR E 32 7.41 -0.14 47.80
CA THR E 32 7.61 -1.51 48.18
C THR E 32 8.85 -1.82 48.94
N ILE E 33 8.64 -2.65 49.94
CA ILE E 33 9.64 -3.07 50.88
C ILE E 33 9.61 -4.59 50.94
N PRO E 34 10.79 -5.22 50.98
CA PRO E 34 10.88 -6.67 51.06
C PRO E 34 10.29 -7.08 52.39
N ALA E 35 9.66 -8.24 52.45
CA ALA E 35 9.07 -8.68 53.69
C ALA E 35 10.08 -8.71 54.85
N HIS E 36 11.33 -9.02 54.54
CA HIS E 36 12.35 -9.09 55.59
C HIS E 36 12.64 -7.74 56.25
N GLN E 37 12.28 -6.66 55.56
CA GLN E 37 12.47 -5.31 56.07
C GLN E 37 11.42 -4.96 57.11
N VAL E 38 10.48 -5.88 57.29
CA VAL E 38 9.40 -5.71 58.26
C VAL E 38 9.76 -6.39 59.57
N ASN E 39 9.94 -5.55 60.58
CA ASN E 39 10.32 -6.00 61.91
C ASN E 39 9.55 -5.26 63.00
N ALA E 40 9.98 -5.52 64.22
CA ALA E 40 9.40 -4.96 65.42
C ALA E 40 9.23 -3.44 65.39
N GLU E 41 10.34 -2.71 65.29
CA GLU E 41 10.29 -1.25 65.30
C GLU E 41 9.62 -0.62 64.10
N PHE E 42 9.65 -1.33 62.97
CA PHE E 42 9.01 -0.84 61.76
C PHE E 42 7.60 -0.39 62.10
N PHE E 43 6.93 -1.15 62.96
CA PHE E 43 5.57 -0.84 63.37
C PHE E 43 5.37 0.32 64.31
N GLU E 44 6.32 0.49 65.23
CA GLU E 44 6.21 1.59 66.18
C GLU E 44 6.80 2.89 65.68
N GLU E 45 7.79 2.84 64.80
CA GLU E 45 8.39 4.07 64.27
C GLU E 45 8.29 4.28 62.75
N GLY E 46 7.65 3.35 62.04
CA GLY E 46 7.51 3.47 60.60
C GLY E 46 8.81 3.55 59.82
N LYS E 47 8.75 4.10 58.62
CA LYS E 47 9.92 4.24 57.77
C LYS E 47 10.03 5.66 57.29
N MET E 48 11.25 6.03 56.92
CA MET E 48 11.52 7.36 56.45
C MET E 48 11.37 7.51 54.96
N PHE E 49 10.92 8.69 54.55
CA PHE E 49 10.77 8.99 53.13
C PHE E 49 10.58 10.50 52.90
N ASP E 50 10.97 10.95 51.70
CA ASP E 50 10.85 12.34 51.32
C ASP E 50 9.56 12.61 50.55
N GLY E 51 8.73 13.49 51.09
CA GLY E 51 7.48 13.81 50.43
C GLY E 51 7.61 14.88 49.38
N SER E 52 8.72 15.63 49.40
CA SER E 52 8.99 16.73 48.48
C SER E 52 8.45 16.66 47.05
N SER E 53 8.58 15.50 46.40
CA SER E 53 8.12 15.34 45.02
C SER E 53 6.68 14.83 44.96
N ILE E 54 5.87 15.33 45.87
CA ILE E 54 4.47 14.98 45.94
C ILE E 54 3.65 16.27 45.87
N GLY E 55 2.48 16.15 45.26
CA GLY E 55 1.62 17.30 45.12
C GLY E 55 1.27 18.02 46.40
N GLY E 56 1.75 19.25 46.53
CA GLY E 56 1.44 20.10 47.67
C GLY E 56 1.89 19.74 49.07
N TRP E 57 2.95 18.97 49.15
CA TRP E 57 3.54 18.53 50.40
C TRP E 57 4.95 19.05 50.34
N LYS E 58 5.10 19.63 49.18
CA LYS E 58 6.32 20.22 48.76
C LYS E 58 6.89 20.79 49.99
N GLY E 59 8.14 21.06 49.87
CA GLY E 59 8.92 21.56 50.96
C GLY E 59 10.28 20.94 50.73
N ILE E 60 10.90 21.42 49.68
CA ILE E 60 12.17 20.82 49.29
C ILE E 60 13.19 21.26 50.30
N ASN E 61 12.76 21.34 51.55
CA ASN E 61 13.64 21.71 52.61
C ASN E 61 13.36 20.98 53.93
N GLU E 62 12.09 20.99 54.33
CA GLU E 62 11.69 20.38 55.63
C GLU E 62 10.89 19.03 55.59
N SER E 63 10.13 18.81 54.51
CA SER E 63 9.19 17.65 54.36
C SER E 63 9.81 16.26 54.13
N ASP E 64 10.54 15.84 55.13
CA ASP E 64 11.08 14.50 55.21
C ASP E 64 10.20 13.85 56.24
N MET E 65 9.15 13.18 55.77
CA MET E 65 8.14 12.57 56.62
C MET E 65 8.22 11.07 56.89
N VAL E 66 7.36 10.62 57.80
CA VAL E 66 7.25 9.23 58.24
C VAL E 66 6.03 8.45 57.73
N LEU E 67 6.27 7.24 57.24
CA LEU E 67 5.20 6.39 56.78
C LEU E 67 4.84 5.52 57.96
N MET E 68 3.64 5.72 58.49
CA MET E 68 3.26 4.93 59.63
C MET E 68 2.27 3.85 59.28
N PRO E 69 2.75 2.60 59.21
CA PRO E 69 1.91 1.44 58.90
C PRO E 69 0.76 1.30 59.87
N ASP E 70 -0.37 0.88 59.32
CA ASP E 70 -1.57 0.67 60.10
C ASP E 70 -1.85 -0.83 60.02
N ALA E 71 -1.37 -1.55 61.02
CA ALA E 71 -1.50 -2.98 61.09
C ALA E 71 -2.87 -3.54 60.70
N SER E 72 -3.92 -2.77 60.91
CA SER E 72 -5.26 -3.25 60.60
C SER E 72 -5.55 -3.38 59.09
N THR E 73 -5.06 -2.42 58.31
CA THR E 73 -5.27 -2.33 56.86
C THR E 73 -4.65 -3.42 55.97
N ALA E 74 -3.84 -4.29 56.55
CA ALA E 74 -3.15 -5.34 55.79
C ALA E 74 -3.97 -6.31 54.97
N VAL E 75 -3.61 -6.40 53.69
CA VAL E 75 -4.25 -7.34 52.80
C VAL E 75 -3.46 -7.56 51.51
N ILE E 76 -3.46 -8.82 51.08
CA ILE E 76 -2.77 -9.26 49.88
C ILE E 76 -3.16 -8.54 48.60
N ASP E 77 -2.17 -8.27 47.74
CA ASP E 77 -2.47 -7.65 46.45
C ASP E 77 -2.76 -8.83 45.51
N PRO E 78 -3.94 -8.80 44.88
CA PRO E 78 -4.35 -9.88 43.99
C PRO E 78 -3.90 -9.78 42.56
N PHE E 79 -3.19 -8.71 42.23
CA PHE E 79 -2.72 -8.49 40.87
C PHE E 79 -1.22 -8.73 40.69
N PHE E 80 -0.46 -8.38 41.72
CA PHE E 80 0.99 -8.53 41.68
C PHE E 80 1.42 -9.97 41.51
N ALA E 81 2.49 -10.16 40.74
CA ALA E 81 3.03 -11.47 40.42
C ALA E 81 3.67 -12.19 41.58
N ASP E 82 4.46 -11.46 42.35
CA ASP E 82 5.13 -12.07 43.49
C ASP E 82 4.23 -11.76 44.68
N SER E 83 4.05 -12.71 45.60
CA SER E 83 3.15 -12.54 46.72
C SER E 83 3.44 -11.29 47.53
N THR E 84 2.64 -10.23 47.38
CA THR E 84 2.93 -9.05 48.21
C THR E 84 1.72 -8.61 49.07
N LEU E 85 2.09 -8.12 50.27
CA LEU E 85 1.13 -7.62 51.25
C LEU E 85 1.07 -6.09 51.23
N ILE E 86 -0.16 -5.56 51.16
CA ILE E 86 -0.36 -4.12 51.14
C ILE E 86 -0.66 -3.65 52.55
N ILE E 87 -0.15 -2.47 52.87
CA ILE E 87 -0.40 -1.87 54.17
C ILE E 87 -0.55 -0.38 53.98
N ARG E 88 -1.72 0.10 54.35
CA ARG E 88 -2.06 1.49 54.26
C ARG E 88 -1.26 2.19 55.36
N CYS E 89 -0.72 3.34 55.04
CA CYS E 89 0.08 4.08 56.00
C CYS E 89 -0.51 5.44 56.23
N ASP E 90 -0.08 6.06 57.33
CA ASP E 90 -0.46 7.42 57.71
C ASP E 90 0.82 8.21 57.58
N ILE E 91 0.69 9.48 57.22
CA ILE E 91 1.85 10.33 57.12
C ILE E 91 1.97 11.13 58.41
N LEU E 92 3.02 10.82 59.16
CA LEU E 92 3.27 11.48 60.44
C LEU E 92 4.41 12.45 60.30
N GLU E 93 4.43 13.43 61.20
CA GLU E 93 5.48 14.44 61.25
C GLU E 93 6.69 13.78 61.93
N PRO E 94 7.91 13.98 61.37
CA PRO E 94 9.09 13.36 61.98
C PRO E 94 9.36 13.81 63.43
N GLY E 95 9.67 12.85 64.29
CA GLY E 95 9.93 13.15 65.69
C GLY E 95 8.65 13.34 66.49
N THR E 96 7.93 14.42 66.19
CA THR E 96 6.66 14.73 66.87
C THR E 96 5.73 13.50 66.77
N LEU E 97 5.62 12.98 65.56
CA LEU E 97 4.84 11.79 65.26
C LEU E 97 3.33 11.79 65.51
N GLN E 98 2.65 12.93 65.45
CA GLN E 98 1.22 12.87 65.69
C GLN E 98 0.31 13.02 64.47
N GLY E 99 0.90 13.29 63.30
CA GLY E 99 0.06 13.36 62.12
C GLY E 99 0.13 14.62 61.29
N TYR E 100 0.64 14.46 60.08
CA TYR E 100 0.81 15.55 59.12
C TYR E 100 -0.46 16.34 58.80
N ASP E 101 -0.29 17.66 58.86
CA ASP E 101 -1.34 18.62 58.61
C ASP E 101 -2.02 18.45 57.27
N ARG E 102 -1.24 17.98 56.31
CA ARG E 102 -1.72 17.77 54.95
C ARG E 102 -2.07 16.34 54.58
N ASP E 103 -1.78 15.40 55.47
CA ASP E 103 -2.12 13.99 55.23
C ASP E 103 -3.65 13.87 55.32
N PRO E 104 -4.32 13.71 54.17
CA PRO E 104 -5.77 13.59 54.07
C PRO E 104 -6.33 12.52 54.96
N ARG E 105 -5.58 11.45 55.15
CA ARG E 105 -6.07 10.40 56.02
C ARG E 105 -6.06 10.87 57.47
N SER E 106 -5.05 11.64 57.85
CA SER E 106 -4.98 12.15 59.22
C SER E 106 -6.15 13.08 59.43
N ILE E 107 -6.38 13.96 58.45
CA ILE E 107 -7.49 14.89 58.48
C ILE E 107 -8.83 14.20 58.65
N ALA E 108 -9.00 13.07 57.99
CA ALA E 108 -10.25 12.34 58.08
C ALA E 108 -10.41 11.79 59.47
N LYS E 109 -9.31 11.32 60.05
CA LYS E 109 -9.33 10.74 61.40
C LYS E 109 -9.62 11.86 62.39
N ARG E 110 -8.98 13.01 62.20
CA ARG E 110 -9.16 14.17 63.06
C ARG E 110 -10.66 14.48 63.13
N ALA E 111 -11.29 14.56 61.97
CA ALA E 111 -12.72 14.84 61.89
C ALA E 111 -13.56 13.78 62.63
N GLU E 112 -13.16 12.51 62.57
CA GLU E 112 -13.89 11.46 63.27
C GLU E 112 -13.75 11.61 64.79
N ASP E 113 -12.57 12.07 65.22
CA ASP E 113 -12.28 12.29 66.65
C ASP E 113 -13.19 13.40 67.16
N TYR E 114 -13.17 14.52 66.45
CA TYR E 114 -13.97 15.70 66.76
C TYR E 114 -15.47 15.37 66.83
N LEU E 115 -15.89 14.31 66.16
CA LEU E 115 -17.30 13.94 66.20
C LEU E 115 -17.60 13.41 67.59
N ARG E 116 -16.77 12.48 68.07
CA ARG E 116 -16.95 11.90 69.40
C ARG E 116 -16.70 12.93 70.47
N ALA E 117 -15.79 13.86 70.19
CA ALA E 117 -15.45 14.93 71.10
C ALA E 117 -16.64 15.87 71.37
N THR E 118 -17.34 16.30 70.32
CA THR E 118 -18.50 17.17 70.51
C THR E 118 -19.65 16.38 71.13
N GLY E 119 -19.41 15.09 71.35
CA GLY E 119 -20.42 14.22 71.93
C GLY E 119 -21.70 14.10 71.13
N ILE E 120 -21.76 14.77 69.97
CA ILE E 120 -22.94 14.73 69.10
C ILE E 120 -23.29 13.31 68.68
N ALA E 121 -22.27 12.51 68.36
CA ALA E 121 -22.44 11.11 67.97
C ALA E 121 -21.11 10.38 68.17
N ASP E 122 -21.13 9.04 68.11
CA ASP E 122 -19.88 8.29 68.27
C ASP E 122 -19.28 7.65 67.02
N THR E 123 -20.02 7.67 65.91
CA THR E 123 -19.56 7.14 64.62
C THR E 123 -20.35 7.73 63.45
N VAL E 124 -19.62 8.02 62.35
CA VAL E 124 -20.24 8.57 61.14
C VAL E 124 -20.31 7.45 60.11
N LEU E 125 -21.41 7.40 59.38
CA LEU E 125 -21.57 6.37 58.36
C LEU E 125 -21.64 6.91 56.96
N PHE E 126 -20.77 6.34 56.11
CA PHE E 126 -20.69 6.73 54.71
C PHE E 126 -20.91 5.55 53.77
N GLY E 127 -21.75 5.78 52.77
CA GLY E 127 -22.06 4.78 51.78
C GLY E 127 -22.07 5.50 50.45
N PRO E 128 -20.95 5.48 49.73
CA PRO E 128 -20.81 6.14 48.42
C PRO E 128 -21.08 5.18 47.26
N GLU E 129 -21.66 5.76 46.20
CA GLU E 129 -22.01 5.04 44.97
C GLU E 129 -21.15 5.63 43.90
N PRO E 130 -19.93 5.12 43.80
CA PRO E 130 -18.95 5.59 42.82
C PRO E 130 -19.10 4.92 41.47
N GLU E 131 -19.55 5.70 40.50
CA GLU E 131 -19.75 5.25 39.11
C GLU E 131 -18.47 5.40 38.25
N PHE E 132 -18.42 4.70 37.13
CA PHE E 132 -17.26 4.78 36.23
C PHE E 132 -17.56 4.25 34.85
N PHE E 133 -16.58 4.43 33.96
CA PHE E 133 -16.70 3.97 32.59
C PHE E 133 -15.60 2.97 32.24
N LEU E 134 -15.88 2.12 31.27
CA LEU E 134 -14.92 1.14 30.78
C LEU E 134 -14.78 1.26 29.27
N PHE E 135 -13.63 1.75 28.85
CA PHE E 135 -13.34 1.94 27.43
C PHE E 135 -12.31 0.94 26.95
N ASP E 136 -12.06 0.98 25.65
CA ASP E 136 -11.13 0.05 25.03
C ASP E 136 -9.94 0.88 24.62
N ASP E 137 -10.22 2.13 24.28
CA ASP E 137 -9.18 3.02 23.82
C ASP E 137 -9.52 4.46 24.17
N ILE E 138 -8.50 5.14 24.70
CA ILE E 138 -8.58 6.54 25.09
C ILE E 138 -7.31 7.29 24.67
N ARG E 139 -7.49 8.31 23.84
CA ARG E 139 -6.37 9.11 23.38
C ARG E 139 -6.72 10.58 23.52
N PHE E 140 -5.69 11.37 23.81
CA PHE E 140 -5.86 12.80 23.99
C PHE E 140 -4.51 13.50 24.03
N GLY E 141 -4.56 14.82 23.90
CA GLY E 141 -3.33 15.58 23.93
C GLY E 141 -3.54 17.04 23.62
N ALA E 142 -2.56 17.84 24.01
CA ALA E 142 -2.59 19.27 23.78
C ALA E 142 -1.17 19.73 23.49
N SER E 143 -1.07 20.50 22.43
CA SER E 143 0.16 21.05 21.94
C SER E 143 -0.21 22.45 21.48
N ILE E 144 0.78 23.21 21.04
CA ILE E 144 0.52 24.56 20.59
C ILE E 144 -0.42 24.63 19.38
N SER E 145 -0.24 23.68 18.45
CA SER E 145 -1.03 23.61 17.21
C SER E 145 -2.42 23.02 17.33
N GLY E 146 -2.75 22.47 18.50
CA GLY E 146 -4.08 21.93 18.71
C GLY E 146 -4.21 21.08 19.96
N SER E 147 -5.34 20.40 20.08
CA SER E 147 -5.60 19.52 21.20
C SER E 147 -6.71 18.60 20.79
N HIS E 148 -6.88 17.51 21.54
CA HIS E 148 -7.93 16.55 21.22
C HIS E 148 -8.14 15.48 22.27
N VAL E 149 -9.22 14.75 22.08
CA VAL E 149 -9.59 13.63 22.92
C VAL E 149 -10.41 12.69 22.06
N ALA E 150 -10.17 11.39 22.25
CA ALA E 150 -10.88 10.37 21.50
C ALA E 150 -11.19 9.19 22.37
N ILE E 151 -12.46 8.89 22.48
CA ILE E 151 -12.90 7.79 23.29
C ILE E 151 -13.41 6.70 22.38
N ASP E 152 -13.21 5.48 22.84
CA ASP E 152 -13.71 4.36 22.13
C ASP E 152 -13.89 3.13 22.98
N ASP E 153 -15.07 2.55 22.79
CA ASP E 153 -15.40 1.30 23.43
C ASP E 153 -16.24 0.52 22.47
N ILE E 154 -16.23 -0.77 22.70
CA ILE E 154 -16.99 -1.73 21.94
C ILE E 154 -18.49 -1.39 22.13
N GLU E 155 -18.83 -0.82 23.30
CA GLU E 155 -20.22 -0.49 23.58
C GLU E 155 -20.67 0.83 22.99
N GLY E 156 -19.71 1.67 22.61
CA GLY E 156 -20.05 2.96 22.07
C GLY E 156 -21.07 2.96 20.96
N ALA E 157 -22.18 3.65 21.18
CA ALA E 157 -23.23 3.71 20.19
C ALA E 157 -22.73 4.12 18.81
N TRP E 158 -21.69 4.94 18.77
CA TRP E 158 -21.15 5.42 17.49
C TRP E 158 -20.62 4.29 16.60
N ASN E 159 -20.27 3.17 17.23
CA ASN E 159 -19.75 1.98 16.54
C ASN E 159 -20.78 1.11 15.82
N SER E 160 -22.04 1.54 15.83
CA SER E 160 -23.09 0.78 15.15
C SER E 160 -22.75 0.66 13.66
N SER E 161 -21.99 1.64 13.19
CA SER E 161 -21.58 1.79 11.79
C SER E 161 -20.19 1.26 11.45
N THR E 162 -19.36 1.18 12.46
CA THR E 162 -17.97 0.76 12.39
C THR E 162 -17.69 -0.65 11.88
N LYS E 163 -16.68 -0.76 10.99
CA LYS E 163 -16.31 -2.09 10.44
C LYS E 163 -15.34 -2.80 11.36
N TYR E 164 -15.56 -4.08 11.59
CA TYR E 164 -14.69 -4.81 12.51
C TYR E 164 -14.01 -5.95 11.82
N GLU E 165 -12.86 -6.34 12.39
CA GLU E 165 -12.02 -7.40 11.88
C GLU E 165 -12.84 -8.65 11.56
N GLY E 166 -13.52 -9.19 12.58
CA GLY E 166 -14.34 -10.36 12.33
C GLY E 166 -15.83 -10.08 12.20
N GLY E 167 -16.17 -8.89 11.71
CA GLY E 167 -17.56 -8.50 11.57
C GLY E 167 -18.09 -7.77 12.80
N ASN E 168 -19.01 -6.83 12.57
CA ASN E 168 -19.67 -6.04 13.61
C ASN E 168 -20.86 -6.80 14.15
N LYS E 169 -20.85 -7.16 15.45
CA LYS E 169 -21.93 -7.99 16.04
C LYS E 169 -23.14 -7.15 16.60
N GLY E 170 -23.03 -5.84 16.40
CA GLY E 170 -24.01 -4.75 16.65
C GLY E 170 -24.87 -4.69 17.90
N HIS E 171 -24.67 -5.40 19.03
CA HIS E 171 -25.58 -5.19 20.20
C HIS E 171 -25.01 -4.17 21.22
N ARG E 172 -25.30 -2.90 20.94
CA ARG E 172 -24.76 -1.82 21.73
C ARG E 172 -25.84 -0.99 22.39
N PRO E 173 -25.50 -0.42 23.55
CA PRO E 173 -26.37 0.43 24.37
C PRO E 173 -26.47 1.75 23.63
N GLY E 174 -27.68 2.27 23.47
N GLY E 174 -27.61 1.10 25.02
CA GLY E 174 -27.83 3.57 22.79
CA GLY E 174 -27.29 2.38 24.41
C GLY E 174 -27.50 4.69 23.76
C GLY E 174 -27.53 3.54 25.39
N VAL E 175 -27.58 5.95 23.33
N VAL E 175 -27.62 4.77 24.90
CA VAL E 175 -27.30 7.05 24.26
CA VAL E 175 -27.84 5.92 25.75
C VAL E 175 -28.29 6.96 25.43
C VAL E 175 -28.86 5.59 26.88
N LYS E 176 -27.76 6.86 26.64
N LYS E 176 -28.43 5.68 28.14
CA LYS E 176 -28.56 6.68 27.86
CA LYS E 176 -29.32 5.40 29.25
C LYS E 176 -29.23 5.31 27.77
C LYS E 176 -29.54 3.90 29.40
N GLY E 177 -28.82 4.55 26.81
N GLY E 177 -28.62 3.22 28.69
CA GLY E 177 -29.40 3.24 26.62
CA GLY E 177 -28.45 1.78 28.59
C GLY E 177 -29.00 2.19 27.66
C GLY E 177 -29.71 1.05 29.00
N GLY E 178 -27.77 2.42 28.22
N GLY E 178 -30.82 1.80 29.14
CA GLY E 178 -27.04 1.53 29.14
CA GLY E 178 -32.02 1.12 29.59
C GLY E 178 -27.63 1.26 30.52
C GLY E 178 -31.47 -0.06 30.34
N TYR E 179 -28.86 0.92 30.53
N TYR E 179 -31.27 0.11 31.60
CA TYR E 179 -29.36 0.59 31.84
CA TYR E 179 -30.53 -0.94 32.22
C TYR E 179 -30.14 -0.67 31.75
C TYR E 179 -31.23 -2.15 32.73
N PHE E 180 -29.47 -1.59 32.38
N PHE E 180 -30.37 -3.15 32.84
CA PHE E 180 -29.93 -2.93 32.61
CA PHE E 180 -30.63 -4.49 33.32
C PHE E 180 -30.20 -3.76 31.36
C PHE E 180 -31.51 -5.29 32.37
N PRO E 181 -29.96 -3.37 30.09
CA PRO E 181 -30.15 -4.45 29.07
C PRO E 181 -29.38 -5.74 29.45
N VAL E 182 -29.95 -6.86 29.07
CA VAL E 182 -29.31 -8.13 29.31
C VAL E 182 -28.23 -8.25 28.31
N PRO E 183 -27.17 -8.94 28.63
CA PRO E 183 -26.17 -9.23 27.60
C PRO E 183 -26.90 -9.86 26.42
N PRO E 184 -26.32 -9.77 25.22
CA PRO E 184 -25.04 -9.10 24.93
C PRO E 184 -25.02 -7.61 24.84
N VAL E 185 -26.15 -7.03 25.09
CA VAL E 185 -26.07 -5.57 24.97
C VAL E 185 -25.06 -5.02 26.00
N ASP E 186 -25.10 -5.62 27.20
CA ASP E 186 -24.23 -5.32 28.34
C ASP E 186 -23.01 -6.27 28.24
N SER E 187 -21.94 -5.77 27.65
CA SER E 187 -20.74 -6.56 27.47
C SER E 187 -19.99 -6.79 28.76
N ALA E 188 -20.56 -6.47 29.92
CA ALA E 188 -19.66 -6.52 31.09
C ALA E 188 -20.05 -7.32 32.34
N GLN E 189 -20.86 -8.37 32.22
CA GLN E 189 -21.20 -9.12 33.44
C GLN E 189 -19.97 -9.67 34.10
N ASP E 190 -19.30 -10.53 33.34
CA ASP E 190 -18.12 -11.20 33.80
C ASP E 190 -17.05 -10.29 34.42
N ILE E 191 -16.91 -9.10 33.84
CA ILE E 191 -15.95 -8.11 34.29
C ILE E 191 -16.36 -7.60 35.67
N ARG E 192 -17.55 -7.03 35.76
CA ARG E 192 -18.04 -6.52 37.03
C ARG E 192 -17.99 -7.61 38.10
N SER E 193 -18.48 -8.79 37.77
CA SER E 193 -18.44 -9.88 38.73
C SER E 193 -17.03 -10.12 39.28
N GLU E 194 -16.00 -9.95 38.45
CA GLU E 194 -14.61 -10.14 38.92
C GLU E 194 -14.30 -9.04 39.92
N MET E 195 -14.50 -7.80 39.49
CA MET E 195 -14.27 -6.65 40.35
C MET E 195 -14.92 -6.93 41.70
N CYS E 196 -16.13 -7.49 41.68
CA CYS E 196 -16.81 -7.81 42.91
C CYS E 196 -16.05 -8.84 43.72
N LEU E 197 -15.85 -10.02 43.17
CA LEU E 197 -15.12 -11.07 43.85
C LEU E 197 -13.86 -10.53 44.49
N VAL E 198 -13.08 -9.83 43.68
CA VAL E 198 -11.82 -9.25 44.12
C VAL E 198 -11.99 -8.27 45.26
N MET E 199 -12.84 -7.28 45.05
CA MET E 199 -13.14 -6.28 46.08
C MET E 199 -13.43 -6.96 47.43
N GLU E 200 -14.23 -8.02 47.39
CA GLU E 200 -14.56 -8.75 48.61
C GLU E 200 -13.35 -9.40 49.21
N GLN E 201 -12.53 -10.02 48.36
CA GLN E 201 -11.29 -10.67 48.81
C GLN E 201 -10.38 -9.63 49.48
N MET E 202 -10.55 -8.38 49.08
CA MET E 202 -9.76 -7.30 49.63
C MET E 202 -10.48 -6.59 50.77
N GLY E 203 -11.42 -7.29 51.39
CA GLY E 203 -12.14 -6.70 52.51
C GLY E 203 -13.45 -5.95 52.30
N LEU E 204 -13.71 -5.44 51.10
CA LEU E 204 -14.97 -4.74 50.87
C LEU E 204 -16.16 -5.70 50.87
N VAL E 205 -17.36 -5.13 51.03
CA VAL E 205 -18.58 -5.93 51.01
C VAL E 205 -19.47 -5.41 49.91
N VAL E 206 -19.68 -6.27 48.92
CA VAL E 206 -20.46 -5.93 47.76
C VAL E 206 -21.92 -6.20 47.91
N GLU E 207 -22.73 -5.15 47.71
CA GLU E 207 -24.17 -5.29 47.81
C GLU E 207 -24.76 -5.60 46.45
N ALA E 208 -24.06 -5.14 45.41
CA ALA E 208 -24.52 -5.38 44.05
C ALA E 208 -23.69 -4.67 42.99
N HIS E 209 -24.00 -5.07 41.74
CA HIS E 209 -23.41 -4.50 40.50
C HIS E 209 -24.38 -4.49 39.33
N HIS E 210 -24.16 -3.55 38.42
N HIS E 210 -23.09 -3.16 39.45
CA HIS E 210 -25.02 -3.38 37.28
CA HIS E 210 -24.31 -2.82 38.72
C HIS E 210 -24.42 -2.45 36.24
C HIS E 210 -24.04 -1.76 37.61
N HIS E 211 -24.89 -2.54 35.00
N HIS E 211 -24.67 -1.95 36.44
CA HIS E 211 -24.42 -1.61 34.00
CA HIS E 211 -24.49 -1.12 35.24
C HIS E 211 -25.02 -0.28 34.43
C HIS E 211 -25.44 0.10 35.19
N GLU E 212 -24.70 0.80 33.73
N GLU E 212 -25.28 1.01 34.20
CA GLU E 212 -25.23 2.09 34.13
CA GLU E 212 -26.13 2.17 34.22
C GLU E 212 -25.63 2.89 32.89
C GLU E 212 -25.37 3.28 33.51
N VAL E 213 -26.59 3.80 33.03
CA VAL E 213 -27.21 4.62 31.95
C VAL E 213 -26.44 4.89 30.64
N ALA E 214 -25.28 5.52 30.71
CA ALA E 214 -24.51 5.91 29.50
C ALA E 214 -23.96 4.76 28.63
N THR E 215 -23.95 5.03 27.33
CA THR E 215 -23.39 4.08 26.36
C THR E 215 -21.87 4.06 26.61
N ALA E 216 -21.15 3.20 25.89
CA ALA E 216 -19.71 3.12 26.04
C ALA E 216 -19.23 2.69 27.42
N GLY E 217 -19.84 1.65 27.96
CA GLY E 217 -19.39 1.03 29.21
C GLY E 217 -19.50 1.73 30.56
N GLN E 218 -20.53 2.53 30.82
CA GLN E 218 -20.65 3.08 32.15
C GLN E 218 -21.14 1.95 33.06
N ASN E 219 -20.49 1.78 34.21
CA ASN E 219 -20.85 0.72 35.16
C ASN E 219 -20.70 1.19 36.59
N GLU E 220 -21.30 0.45 37.52
CA GLU E 220 -21.27 0.78 38.94
C GLU E 220 -21.29 -0.51 39.73
N VAL E 221 -20.57 -0.49 40.85
CA VAL E 221 -20.52 -1.59 41.82
C VAL E 221 -20.83 -0.96 43.18
N ALA E 222 -21.95 -1.40 43.74
CA ALA E 222 -22.41 -0.91 45.03
C ALA E 222 -21.78 -1.69 46.16
N THR E 223 -21.20 -0.94 47.07
CA THR E 223 -20.55 -1.54 48.22
C THR E 223 -21.19 -1.03 49.50
N ARG E 224 -21.17 -1.90 50.50
CA ARG E 224 -21.74 -1.58 51.80
C ARG E 224 -20.93 -0.50 52.51
N PHE E 225 -21.68 0.38 53.18
CA PHE E 225 -21.17 1.52 53.95
C PHE E 225 -20.21 1.06 55.03
N ASN E 226 -19.62 2.05 55.70
CA ASN E 226 -18.69 1.82 56.81
C ASN E 226 -18.33 3.14 57.50
N THR E 227 -17.61 3.04 58.63
CA THR E 227 -17.19 4.22 59.38
C THR E 227 -16.47 5.12 58.38
N MET E 228 -16.81 6.41 58.40
CA MET E 228 -16.22 7.37 57.46
C MET E 228 -14.78 7.11 57.00
N THR E 229 -13.84 6.97 57.93
CA THR E 229 -12.46 6.77 57.50
C THR E 229 -12.20 5.43 56.82
N LYS E 230 -12.71 4.35 57.38
CA LYS E 230 -12.52 3.04 56.76
C LYS E 230 -13.15 3.04 55.36
N LYS E 231 -14.23 3.79 55.17
CA LYS E 231 -14.88 3.84 53.86
C LYS E 231 -14.03 4.52 52.81
N ALA E 232 -13.44 5.66 53.14
CA ALA E 232 -12.57 6.36 52.18
C ALA E 232 -11.38 5.44 51.80
N ASP E 233 -11.00 4.55 52.72
CA ASP E 233 -9.94 3.57 52.48
C ASP E 233 -10.48 2.66 51.37
N GLU E 234 -11.63 2.06 51.66
CA GLU E 234 -12.32 1.15 50.76
C GLU E 234 -12.51 1.77 49.37
N ILE E 235 -12.69 3.09 49.32
CA ILE E 235 -12.84 3.77 48.03
C ILE E 235 -11.58 3.61 47.22
N GLN E 236 -10.45 3.89 47.86
CA GLN E 236 -9.17 3.74 47.19
C GLN E 236 -9.00 2.30 46.70
N ILE E 237 -9.38 1.33 47.54
CA ILE E 237 -9.25 -0.07 47.16
C ILE E 237 -10.15 -0.35 45.95
N TYR E 238 -11.37 0.16 46.06
CA TYR E 238 -12.36 0.08 45.00
C TYR E 238 -11.77 0.48 43.66
N LYS E 239 -11.32 1.73 43.62
CA LYS E 239 -10.73 2.29 42.41
C LYS E 239 -9.57 1.45 41.89
N TYR E 240 -8.78 0.94 42.83
CA TYR E 240 -7.65 0.14 42.46
C TYR E 240 -8.17 -1.11 41.77
N VAL E 241 -8.98 -1.88 42.48
CA VAL E 241 -9.57 -3.09 41.93
C VAL E 241 -10.19 -2.83 40.57
N VAL E 242 -10.99 -1.75 40.48
CA VAL E 242 -11.64 -1.38 39.22
C VAL E 242 -10.58 -1.13 38.15
N HIS E 243 -9.75 -0.14 38.37
CA HIS E 243 -8.70 0.22 37.42
C HIS E 243 -7.90 -0.95 36.89
N ASN E 244 -7.51 -1.84 37.80
CA ASN E 244 -6.68 -2.99 37.50
C ASN E 244 -7.39 -4.19 36.89
N VAL E 245 -8.55 -4.54 37.41
CA VAL E 245 -9.29 -5.66 36.81
C VAL E 245 -9.57 -5.23 35.36
N ALA E 246 -9.97 -3.98 35.18
CA ALA E 246 -10.25 -3.43 33.85
C ALA E 246 -9.03 -3.61 32.96
N HIS E 247 -7.90 -3.19 33.49
CA HIS E 247 -6.66 -3.28 32.78
C HIS E 247 -6.39 -4.70 32.33
N ARG E 248 -6.48 -5.63 33.27
CA ARG E 248 -6.28 -7.05 33.03
C ARG E 248 -7.28 -7.62 32.01
N PHE E 249 -8.40 -6.95 31.76
CA PHE E 249 -9.34 -7.47 30.77
C PHE E 249 -9.15 -6.70 29.49
N GLY E 250 -8.01 -6.03 29.40
CA GLY E 250 -7.74 -5.27 28.21
C GLY E 250 -8.65 -4.07 28.10
N LYS E 251 -9.20 -3.64 29.22
CA LYS E 251 -10.01 -2.44 29.19
C LYS E 251 -9.25 -1.36 29.96
N THR E 252 -9.79 -0.16 29.94
CA THR E 252 -9.19 0.97 30.63
C THR E 252 -10.31 1.70 31.36
N ALA E 253 -10.22 1.79 32.68
CA ALA E 253 -11.28 2.47 33.45
C ALA E 253 -10.97 3.90 33.82
N THR E 254 -12.02 4.73 33.89
CA THR E 254 -11.85 6.11 34.33
C THR E 254 -12.94 6.57 35.29
N PHE E 255 -12.50 7.20 36.36
CA PHE E 255 -13.46 7.72 37.28
C PHE E 255 -13.71 9.19 37.03
N MET E 256 -13.27 9.72 35.89
CA MET E 256 -13.52 11.13 35.64
C MET E 256 -15.03 11.30 35.49
N PRO E 257 -15.56 12.38 36.09
CA PRO E 257 -16.98 12.74 36.11
C PRO E 257 -17.77 12.91 34.82
N LYS E 258 -17.18 13.56 33.82
CA LYS E 258 -17.90 13.77 32.56
C LYS E 258 -17.01 13.55 31.33
N PRO E 259 -16.72 12.28 31.01
CA PRO E 259 -15.88 11.92 29.86
C PRO E 259 -16.56 12.30 28.57
N MET E 260 -17.76 11.79 28.37
CA MET E 260 -18.53 12.16 27.21
C MET E 260 -19.59 13.16 27.60
N PHE E 261 -20.01 13.89 26.60
N PHE E 261 -19.82 14.05 26.69
CA PHE E 261 -21.07 14.93 26.64
CA PHE E 261 -20.81 15.09 26.88
C PHE E 261 -22.32 14.42 25.94
C PHE E 261 -22.12 14.35 26.93
N GLY E 262 -23.48 14.63 26.54
N GLY E 262 -22.23 13.41 26.01
CA GLY E 262 -24.68 14.18 25.87
CA GLY E 262 -23.38 12.56 25.87
C GLY E 262 -25.22 12.89 26.44
C GLY E 262 -24.54 12.71 26.83
N ASP E 263 -24.49 12.32 27.35
N ASP E 263 -24.50 11.97 27.94
CA ASP E 263 -24.87 11.12 28.03
CA ASP E 263 -25.63 11.97 28.87
C ASP E 263 -24.46 11.33 29.46
C ASP E 263 -25.40 11.57 30.35
N ASN E 264 -24.89 10.43 30.29
N ASN E 264 -26.52 11.33 31.08
CA ASN E 264 -24.63 10.54 31.68
CA ASN E 264 -26.59 10.87 32.40
C ASN E 264 -23.20 10.70 32.07
C ASN E 264 -25.13 10.49 32.79
N GLY E 265 -23.07 11.50 33.11
N GLY E 265 -24.42 11.36 33.49
CA GLY E 265 -21.83 11.71 33.74
CA GLY E 265 -22.98 11.13 33.74
C GLY E 265 -21.81 10.70 34.87
C GLY E 265 -22.59 10.19 34.90
N SER E 266 -20.63 10.39 35.38
N SER E 266 -21.29 10.22 35.28
CA SER E 266 -20.51 9.46 36.47
CA SER E 266 -20.70 9.41 36.39
C SER E 266 -20.36 10.26 37.73
C SER E 266 -20.51 10.28 37.65
N GLY E 267 -21.05 9.81 38.75
CA GLY E 267 -21.06 10.50 40.02
C GLY E 267 -20.93 9.59 41.23
N MET E 268 -20.60 10.20 42.36
CA MET E 268 -20.45 9.45 43.60
C MET E 268 -21.38 9.98 44.70
N HIS E 269 -22.63 9.52 44.70
CA HIS E 269 -23.63 9.93 45.70
C HIS E 269 -23.15 9.48 47.07
N CYS E 270 -23.45 10.29 48.08
CA CYS E 270 -23.03 9.99 49.43
C CYS E 270 -24.11 9.86 50.47
N HIS E 271 -24.31 8.62 50.87
CA HIS E 271 -25.27 8.26 51.88
C HIS E 271 -24.59 8.44 53.21
N MET E 272 -25.28 9.08 54.13
CA MET E 272 -24.75 9.34 55.44
C MET E 272 -25.81 9.24 56.50
N SER E 273 -25.33 9.06 57.72
CA SER E 273 -26.16 8.97 58.92
C SER E 273 -25.21 8.90 60.11
N LEU E 274 -25.67 9.39 61.25
CA LEU E 274 -24.84 9.36 62.44
C LEU E 274 -25.39 8.39 63.44
N ALA E 275 -24.51 7.86 64.27
CA ALA E 275 -24.92 6.90 65.28
C ALA E 275 -24.29 7.17 66.65
N LYS E 276 -24.91 6.58 67.67
CA LYS E 276 -24.46 6.71 69.05
C LYS E 276 -24.99 5.50 69.79
N ASN E 277 -24.08 4.65 70.25
CA ASN E 277 -24.42 3.43 70.99
C ASN E 277 -25.46 2.62 70.23
N GLY E 278 -25.07 2.16 69.04
CA GLY E 278 -25.96 1.35 68.22
C GLY E 278 -27.30 1.93 67.80
N THR E 279 -27.57 3.20 68.12
CA THR E 279 -28.84 3.83 67.75
C THR E 279 -28.66 4.81 66.60
N ASN E 280 -29.59 4.82 65.66
CA ASN E 280 -29.48 5.70 64.52
C ASN E 280 -30.07 7.07 64.78
N LEU E 281 -29.20 8.01 65.11
CA LEU E 281 -29.58 9.39 65.39
C LEU E 281 -30.31 10.11 64.26
N PHE E 282 -30.37 9.50 63.07
CA PHE E 282 -31.03 10.15 61.95
C PHE E 282 -32.50 9.81 61.77
N SER E 283 -33.03 8.94 62.63
CA SER E 283 -34.45 8.58 62.54
C SER E 283 -35.24 9.40 63.55
N GLY E 284 -36.45 9.77 63.19
CA GLY E 284 -37.29 10.55 64.08
C GLY E 284 -38.72 10.56 63.57
N ASP E 285 -39.45 11.62 63.88
CA ASP E 285 -40.85 11.74 63.47
C ASP E 285 -41.15 12.93 62.53
N LYS E 286 -40.10 13.61 62.08
CA LYS E 286 -40.24 14.70 61.13
C LYS E 286 -40.27 14.12 59.72
N TYR E 287 -40.09 15.00 58.74
CA TYR E 287 -40.11 14.56 57.33
C TYR E 287 -39.50 13.19 56.99
N ALA E 288 -40.28 12.36 56.33
CA ALA E 288 -39.80 11.05 55.91
C ALA E 288 -39.20 10.10 56.95
N GLY E 289 -39.54 10.30 58.22
CA GLY E 289 -39.01 9.43 59.26
C GLY E 289 -37.68 9.89 59.83
N LEU E 290 -37.29 11.11 59.46
CA LEU E 290 -36.05 11.74 59.90
C LEU E 290 -36.10 12.34 61.29
N SER E 291 -34.94 12.44 61.92
CA SER E 291 -34.83 13.05 63.23
C SER E 291 -34.55 14.53 63.02
N GLU E 292 -34.61 15.28 64.11
CA GLU E 292 -34.36 16.71 64.09
C GLU E 292 -32.92 16.83 63.63
N GLN E 293 -32.06 16.04 64.27
CA GLN E 293 -30.62 15.98 64.02
C GLN E 293 -30.26 16.02 62.52
N ALA E 294 -30.82 15.07 61.78
CA ALA E 294 -30.59 14.94 60.35
C ALA E 294 -30.83 16.25 59.61
N LEU E 295 -31.95 16.90 59.91
CA LEU E 295 -32.27 18.13 59.21
C LEU E 295 -31.29 19.25 59.47
N TYR E 296 -30.66 19.26 60.65
CA TYR E 296 -29.65 20.25 60.93
C TYR E 296 -28.42 19.93 60.09
N TYR E 297 -28.14 18.63 59.96
CA TYR E 297 -27.01 18.14 59.16
C TYR E 297 -27.24 18.68 57.76
N ILE E 298 -28.43 18.39 57.23
CA ILE E 298 -28.83 18.84 55.90
C ILE E 298 -28.67 20.33 55.73
N GLY E 299 -29.08 21.07 56.75
CA GLY E 299 -28.96 22.51 56.71
C GLY E 299 -27.51 22.92 56.57
N GLY E 300 -26.64 22.24 57.32
CA GLY E 300 -25.23 22.55 57.28
C GLY E 300 -24.65 22.28 55.90
N VAL E 301 -24.92 21.07 55.41
CA VAL E 301 -24.45 20.65 54.10
C VAL E 301 -24.88 21.67 53.06
N ILE E 302 -26.15 22.05 53.10
CA ILE E 302 -26.67 23.05 52.17
C ILE E 302 -25.99 24.40 52.36
N LYS E 303 -25.66 24.76 53.59
CA LYS E 303 -25.04 26.04 53.83
C LYS E 303 -23.64 26.11 53.25
N HIS E 304 -22.87 25.06 53.51
CA HIS E 304 -21.48 24.99 53.07
C HIS E 304 -21.24 24.32 51.71
N ALA E 305 -22.32 24.01 51.02
CA ALA E 305 -22.25 23.36 49.72
C ALA E 305 -21.10 23.79 48.80
N LYS E 306 -21.10 25.04 48.37
CA LYS E 306 -20.03 25.51 47.48
C LYS E 306 -18.63 25.21 47.99
N ALA E 307 -18.43 25.29 49.31
CA ALA E 307 -17.12 25.00 49.85
C ALA E 307 -16.91 23.52 49.75
N ILE E 308 -17.92 22.75 50.13
CA ILE E 308 -17.80 21.28 50.05
C ILE E 308 -17.52 20.88 48.60
N ASN E 309 -18.09 21.60 47.65
CA ASN E 309 -17.85 21.34 46.24
C ASN E 309 -16.37 21.20 45.94
N ALA E 310 -15.58 22.18 46.37
CA ALA E 310 -14.14 22.15 46.18
C ALA E 310 -13.50 20.80 46.57
N LEU E 311 -14.11 20.07 47.50
CA LEU E 311 -13.56 18.78 47.88
C LEU E 311 -14.20 17.60 47.18
N ALA E 312 -15.52 17.68 47.02
CA ALA E 312 -16.31 16.63 46.38
C ALA E 312 -16.52 16.81 44.87
N ASN E 313 -15.92 17.85 44.30
CA ASN E 313 -16.03 18.16 42.86
C ASN E 313 -14.79 19.00 42.55
N PRO E 314 -13.59 18.42 42.73
CA PRO E 314 -12.27 19.03 42.54
C PRO E 314 -11.78 19.28 41.13
N THR E 315 -12.63 18.97 40.16
CA THR E 315 -12.23 19.11 38.78
C THR E 315 -13.10 20.02 37.96
N THR E 316 -12.47 20.69 37.00
CA THR E 316 -13.21 21.55 36.08
C THR E 316 -14.26 20.69 35.39
N ASN E 317 -13.88 19.44 35.10
CA ASN E 317 -14.74 18.45 34.44
C ASN E 317 -15.96 18.19 35.32
N SER E 318 -15.76 18.22 36.63
CA SER E 318 -16.81 17.96 37.61
C SER E 318 -18.04 18.80 37.32
N TYR E 319 -17.75 20.04 36.87
CA TYR E 319 -18.78 21.02 36.54
C TYR E 319 -19.43 20.84 35.21
N LYS E 320 -18.88 19.93 34.40
CA LYS E 320 -19.46 19.64 33.10
C LYS E 320 -20.59 18.61 33.30
N ARG E 321 -20.55 17.95 34.46
CA ARG E 321 -21.54 16.95 34.87
C ARG E 321 -22.74 17.59 35.52
N LEU E 322 -22.48 18.54 36.41
CA LEU E 322 -23.48 19.28 37.16
C LEU E 322 -24.30 20.19 36.26
N VAL E 323 -25.21 19.56 35.52
CA VAL E 323 -26.14 20.19 34.59
C VAL E 323 -27.46 19.40 34.54
N PRO E 324 -28.56 20.08 34.17
CA PRO E 324 -29.87 19.43 34.10
C PRO E 324 -29.96 18.35 33.04
N GLY E 325 -30.83 17.36 33.29
CA GLY E 325 -31.07 16.32 32.32
C GLY E 325 -30.31 15.03 32.36
N TYR E 326 -29.27 14.96 33.22
CA TYR E 326 -28.42 13.77 33.24
C TYR E 326 -28.36 13.18 34.64
N GLU E 327 -29.45 13.22 35.39
CA GLU E 327 -29.52 12.66 36.74
C GLU E 327 -28.51 13.27 37.71
N ALA E 328 -28.02 14.47 37.37
CA ALA E 328 -27.06 15.22 38.17
C ALA E 328 -27.79 16.42 38.74
N PRO E 329 -28.06 16.41 40.04
CA PRO E 329 -28.78 17.50 40.67
C PRO E 329 -27.89 18.66 41.03
N VAL E 330 -28.39 19.85 40.76
CA VAL E 330 -27.70 21.12 41.04
C VAL E 330 -28.40 21.89 42.16
N MET E 331 -29.69 21.61 42.33
CA MET E 331 -30.52 22.24 43.32
C MET E 331 -30.19 21.78 44.72
N LEU E 332 -29.81 22.75 45.55
CA LEU E 332 -29.47 22.51 46.94
C LEU E 332 -30.73 22.42 47.80
N ALA E 333 -31.44 21.31 47.66
CA ALA E 333 -32.66 21.08 48.39
C ALA E 333 -32.75 19.62 48.79
N TYR E 334 -33.73 19.31 49.63
CA TYR E 334 -33.89 17.92 50.02
C TYR E 334 -35.32 17.49 49.76
N SER E 335 -35.49 16.19 49.57
CA SER E 335 -36.78 15.58 49.30
C SER E 335 -36.65 14.08 49.24
N ALA E 336 -37.75 13.38 49.48
CA ALA E 336 -37.76 11.94 49.40
C ALA E 336 -38.33 11.57 48.01
N ARG E 337 -39.12 12.53 47.46
CA ARG E 337 -39.79 12.41 46.17
C ARG E 337 -38.99 12.91 44.99
N ASN E 338 -39.05 14.24 44.85
CA ASN E 338 -38.43 14.97 43.78
C ASN E 338 -36.93 14.69 43.64
N ARG E 339 -36.54 14.25 42.45
CA ARG E 339 -35.14 13.91 42.21
C ARG E 339 -34.38 14.99 41.45
N SER E 340 -34.86 16.22 41.59
CA SER E 340 -34.20 17.39 41.03
C SER E 340 -33.32 17.94 42.17
N ALA E 341 -33.58 17.41 43.37
CA ALA E 341 -32.91 17.74 44.62
C ALA E 341 -31.59 17.00 44.80
N SER E 342 -30.56 17.74 45.16
CA SER E 342 -29.23 17.17 45.36
C SER E 342 -29.15 16.32 46.60
N ILE E 343 -30.04 16.58 47.57
CA ILE E 343 -30.08 15.75 48.76
C ILE E 343 -31.39 15.01 48.61
N ARG E 344 -31.32 13.69 48.67
CA ARG E 344 -32.51 12.90 48.52
C ARG E 344 -32.60 12.10 49.79
N ILE E 345 -33.83 11.90 50.27
CA ILE E 345 -34.05 11.14 51.49
C ILE E 345 -34.60 9.79 51.11
N PRO E 346 -33.77 8.74 51.27
CA PRO E 346 -34.25 7.43 50.92
C PRO E 346 -35.36 7.03 51.89
N VAL E 347 -36.45 6.57 51.31
CA VAL E 347 -37.58 6.11 52.06
C VAL E 347 -37.30 4.65 52.39
N VAL E 348 -37.54 4.27 53.62
CA VAL E 348 -37.28 2.89 54.01
C VAL E 348 -38.04 2.41 55.26
N ALA E 349 -38.51 1.16 55.17
CA ALA E 349 -39.26 0.51 56.27
C ALA E 349 -38.82 0.88 57.69
N SER E 350 -37.76 0.23 58.19
CA SER E 350 -37.33 0.47 59.58
C SER E 350 -36.77 1.89 59.79
N PRO E 351 -36.40 2.15 61.03
CA PRO E 351 -35.67 3.37 61.39
C PRO E 351 -34.17 3.08 61.37
N LYS E 352 -33.83 1.80 61.53
CA LYS E 352 -32.45 1.36 61.55
C LYS E 352 -31.65 1.79 60.33
N ALA E 353 -32.35 1.99 59.22
CA ALA E 353 -31.71 2.38 57.98
C ALA E 353 -31.98 3.82 57.50
N ARG E 354 -32.53 4.67 58.35
CA ARG E 354 -32.82 6.04 57.94
C ARG E 354 -31.50 6.77 57.71
N ARG E 355 -31.46 7.64 56.70
CA ARG E 355 -30.23 8.39 56.40
C ARG E 355 -30.51 9.43 55.33
N ILE E 356 -29.45 10.07 54.86
CA ILE E 356 -29.56 11.04 53.78
C ILE E 356 -28.57 10.69 52.67
N GLU E 357 -28.86 11.16 51.45
CA GLU E 357 -27.99 10.91 50.30
C GLU E 357 -27.71 12.24 49.63
N VAL E 358 -26.44 12.63 49.69
CA VAL E 358 -26.01 13.86 49.05
C VAL E 358 -25.46 13.45 47.70
N ARG E 359 -26.23 13.74 46.69
CA ARG E 359 -25.91 13.32 45.35
C ARG E 359 -24.86 14.11 44.58
N PHE E 360 -24.53 15.36 44.89
CA PHE E 360 -23.62 16.10 44.00
C PHE E 360 -22.14 15.67 43.96
N PRO E 361 -21.62 15.01 45.01
CA PRO E 361 -20.23 14.55 44.91
C PRO E 361 -19.92 13.68 43.66
N ASP E 362 -18.71 13.79 43.06
CA ASP E 362 -18.33 12.89 41.97
C ASP E 362 -17.05 12.12 42.38
N PRO E 363 -16.65 11.14 41.50
CA PRO E 363 -15.52 10.20 41.71
C PRO E 363 -14.17 10.77 41.97
N ALA E 364 -13.95 11.85 41.25
CA ALA E 364 -12.70 12.54 41.31
C ALA E 364 -12.33 13.07 42.68
N ALA E 365 -13.31 13.18 43.57
CA ALA E 365 -13.14 13.71 44.91
C ALA E 365 -12.17 12.90 45.75
N ASN E 366 -11.37 13.59 46.57
CA ASN E 366 -10.46 12.90 47.47
C ASN E 366 -11.41 12.39 48.54
N PRO E 367 -11.63 11.07 48.62
CA PRO E 367 -12.54 10.46 49.60
C PRO E 367 -12.44 11.11 50.98
N TYR E 368 -11.26 11.01 51.56
CA TYR E 368 -11.00 11.58 52.87
C TYR E 368 -11.45 13.03 52.99
N LEU E 369 -10.88 13.91 52.17
CA LEU E 369 -11.26 15.31 52.23
C LEU E 369 -12.73 15.52 52.00
N CYS E 370 -13.26 14.91 50.95
CA CYS E 370 -14.65 15.04 50.61
C CYS E 370 -15.56 14.63 51.76
N PHE E 371 -15.33 13.43 52.29
CA PHE E 371 -16.12 12.94 53.42
C PHE E 371 -16.07 13.85 54.63
N ALA E 372 -14.87 14.24 55.02
CA ALA E 372 -14.68 15.15 56.15
C ALA E 372 -15.52 16.40 55.97
N ALA E 373 -15.37 17.07 54.82
CA ALA E 373 -16.11 18.30 54.52
C ALA E 373 -17.61 18.09 54.70
N LEU E 374 -18.09 16.94 54.25
CA LEU E 374 -19.50 16.64 54.39
C LEU E 374 -19.84 16.55 55.87
N LEU E 375 -19.03 15.80 56.62
CA LEU E 375 -19.24 15.60 58.05
C LEU E 375 -19.19 16.87 58.86
N MET E 376 -18.15 17.67 58.63
CA MET E 376 -17.95 18.92 59.35
C MET E 376 -19.03 19.95 59.07
N ALA E 377 -19.57 19.95 57.86
CA ALA E 377 -20.63 20.89 57.51
C ALA E 377 -21.89 20.39 58.17
N GLY E 378 -21.96 19.08 58.38
CA GLY E 378 -23.13 18.49 59.00
C GLY E 378 -23.15 18.82 60.46
N LEU E 379 -21.99 18.71 61.09
CA LEU E 379 -21.84 19.01 62.50
C LEU E 379 -22.13 20.49 62.78
N ASP E 380 -21.62 21.37 61.91
CA ASP E 380 -21.83 22.80 62.06
C ASP E 380 -23.29 23.16 61.92
N GLY E 381 -24.03 22.36 61.15
CA GLY E 381 -25.45 22.63 60.95
C GLY E 381 -26.22 22.27 62.20
N ILE E 382 -25.68 21.29 62.93
CA ILE E 382 -26.26 20.79 64.17
C ILE E 382 -25.98 21.74 65.34
N LYS E 383 -24.69 22.05 65.54
CA LYS E 383 -24.30 22.96 66.61
C LYS E 383 -25.10 24.24 66.48
N ASN E 384 -25.06 24.88 65.32
CA ASN E 384 -25.78 26.12 65.06
C ASN E 384 -27.27 25.96 64.65
N LYS E 385 -27.91 24.80 64.91
CA LYS E 385 -29.33 24.55 64.56
C LYS E 385 -29.81 25.21 63.26
N ILE E 386 -29.04 24.95 62.19
CA ILE E 386 -29.35 25.51 60.90
C ILE E 386 -30.52 24.81 60.24
N HIS E 387 -31.61 25.54 60.09
CA HIS E 387 -32.76 24.92 59.50
C HIS E 387 -32.68 24.82 57.99
N PRO E 388 -32.91 23.60 57.46
CA PRO E 388 -32.90 23.24 56.04
C PRO E 388 -34.12 23.72 55.27
N GLY E 389 -35.04 24.40 55.95
CA GLY E 389 -36.22 24.90 55.30
C GLY E 389 -37.17 23.79 54.94
N GLU E 390 -38.05 24.06 53.97
CA GLU E 390 -39.03 23.09 53.51
C GLU E 390 -38.56 22.25 52.34
N PRO E 391 -38.90 20.96 52.34
CA PRO E 391 -38.53 19.99 51.29
C PRO E 391 -39.13 20.35 49.93
N MET E 392 -38.41 20.00 48.87
CA MET E 392 -38.88 20.27 47.51
C MET E 392 -39.71 19.11 47.03
N ASP E 393 -41.00 19.33 46.85
CA ASP E 393 -41.84 18.25 46.35
C ASP E 393 -42.51 18.65 45.03
N LYS E 394 -41.89 19.64 44.36
CA LYS E 394 -42.34 20.21 43.08
C LYS E 394 -41.78 19.52 41.80
N ASN E 395 -41.61 20.30 40.73
CA ASN E 395 -41.16 19.76 39.42
C ASN E 395 -39.62 19.78 39.17
N LEU E 396 -39.23 18.83 38.32
CA LEU E 396 -37.85 18.43 37.98
C LEU E 396 -36.82 19.50 37.50
N TYR E 397 -36.40 19.55 36.23
CA TYR E 397 -35.27 20.47 35.87
C TYR E 397 -35.57 21.93 35.44
N ASP E 398 -36.31 22.13 34.37
CA ASP E 398 -36.70 23.50 33.98
C ASP E 398 -38.19 23.84 33.74
N LEU E 399 -38.90 23.64 34.85
CA LEU E 399 -40.32 23.97 35.00
C LEU E 399 -40.32 25.17 35.94
N PRO E 400 -39.27 25.19 36.82
CA PRO E 400 -39.05 26.25 37.85
C PRO E 400 -39.16 27.71 37.42
N PRO E 401 -38.35 28.30 36.49
CA PRO E 401 -38.48 29.77 36.31
C PRO E 401 -39.89 30.29 35.94
N GLU E 402 -40.87 30.02 36.81
CA GLU E 402 -42.27 30.42 36.70
C GLU E 402 -42.43 31.65 37.59
N GLU E 403 -41.44 31.76 38.46
CA GLU E 403 -41.24 32.77 39.46
C GLU E 403 -39.72 32.86 39.58
N ALA E 404 -39.12 32.47 38.44
CA ALA E 404 -37.68 32.34 38.19
C ALA E 404 -37.04 31.83 39.48
N LYS E 405 -37.30 30.55 39.79
CA LYS E 405 -36.80 30.06 41.06
C LYS E 405 -35.29 30.12 41.19
N GLU E 406 -34.77 30.91 42.12
CA GLU E 406 -33.38 30.97 42.38
C GLU E 406 -33.05 30.45 43.78
N ILE E 407 -33.40 29.20 44.09
CA ILE E 407 -33.05 28.65 45.39
C ILE E 407 -31.55 28.28 45.32
N PRO E 408 -30.90 28.11 46.48
CA PRO E 408 -29.47 27.77 46.52
C PRO E 408 -29.01 26.63 45.59
N GLN E 409 -27.82 26.80 45.03
CA GLN E 409 -27.28 25.80 44.12
C GLN E 409 -25.80 25.59 44.29
N VAL E 410 -25.35 24.41 43.89
CA VAL E 410 -23.93 24.04 43.97
C VAL E 410 -23.10 24.98 43.12
N ALA E 411 -21.80 25.04 43.41
CA ALA E 411 -20.89 25.92 42.69
C ALA E 411 -21.00 25.77 41.17
N GLY E 412 -21.00 26.89 40.46
CA GLY E 412 -21.12 26.83 39.01
C GLY E 412 -19.85 26.43 38.27
N SER E 413 -18.71 26.75 38.87
CA SER E 413 -17.42 26.44 38.28
C SER E 413 -16.50 25.93 39.37
N LEU E 414 -15.23 25.74 39.04
CA LEU E 414 -14.29 25.27 40.04
C LEU E 414 -13.73 26.47 40.80
N GLU E 415 -13.42 27.54 40.07
CA GLU E 415 -12.88 28.78 40.66
C GLU E 415 -13.80 29.19 41.79
N GLU E 416 -15.09 29.11 41.51
CA GLU E 416 -16.13 29.44 42.47
C GLU E 416 -15.97 28.53 43.69
N ALA E 417 -16.19 27.23 43.50
CA ALA E 417 -16.08 26.25 44.58
C ALA E 417 -14.83 26.47 45.42
N LEU E 418 -13.75 26.85 44.76
CA LEU E 418 -12.50 27.07 45.46
C LEU E 418 -12.60 28.31 46.31
N ASN E 419 -12.83 29.44 45.65
CA ASN E 419 -12.96 30.71 46.34
C ASN E 419 -13.94 30.61 47.54
N ALA E 420 -15.00 29.82 47.38
CA ALA E 420 -15.98 29.57 48.43
C ALA E 420 -15.30 28.87 49.61
N LEU E 421 -14.56 27.81 49.33
CA LEU E 421 -13.84 27.11 50.38
C LEU E 421 -12.83 28.08 51.02
N ASP E 422 -12.35 29.04 50.24
CA ASP E 422 -11.39 30.01 50.76
C ASP E 422 -12.06 30.73 51.93
N LEU E 423 -13.14 31.42 51.61
CA LEU E 423 -13.93 32.17 52.58
C LEU E 423 -14.58 31.32 53.67
N ASP E 424 -15.58 30.53 53.28
CA ASP E 424 -16.31 29.66 54.22
C ASP E 424 -15.43 28.55 54.83
N ARG E 425 -14.14 28.84 55.01
CA ARG E 425 -13.23 27.84 55.56
C ARG E 425 -13.38 27.60 57.05
N GLU E 426 -14.16 28.46 57.69
CA GLU E 426 -14.29 28.33 59.12
C GLU E 426 -14.76 27.00 59.70
N PHE E 427 -15.84 26.47 59.16
CA PHE E 427 -16.34 25.21 59.72
C PHE E 427 -15.38 24.03 59.58
N LEU E 428 -14.40 24.16 58.70
CA LEU E 428 -13.45 23.07 58.49
C LEU E 428 -12.31 23.13 59.48
N LYS E 429 -11.92 24.34 59.86
CA LYS E 429 -10.82 24.53 60.80
C LYS E 429 -11.20 24.13 62.23
N ALA E 430 -12.50 24.00 62.45
CA ALA E 430 -13.03 23.58 63.75
C ALA E 430 -12.32 22.32 64.21
N GLY E 431 -12.15 22.18 65.52
CA GLY E 431 -11.48 21.02 66.09
C GLY E 431 -10.07 20.81 65.56
N GLY E 432 -9.52 21.83 64.88
CA GLY E 432 -8.19 21.74 64.31
C GLY E 432 -8.06 20.61 63.29
N VAL E 433 -9.20 20.28 62.66
CA VAL E 433 -9.29 19.23 61.64
C VAL E 433 -8.55 19.72 60.41
N PHE E 434 -9.02 20.83 59.86
CA PHE E 434 -8.37 21.42 58.71
C PHE E 434 -7.59 22.60 59.19
N THR E 435 -6.40 22.76 58.64
CA THR E 435 -5.57 23.88 59.01
C THR E 435 -5.55 24.81 57.83
N ASP E 436 -5.16 26.05 58.06
CA ASP E 436 -5.14 27.02 57.00
C ASP E 436 -4.25 26.64 55.83
N GLU E 437 -2.97 26.38 56.06
CA GLU E 437 -2.13 26.03 54.93
C GLU E 437 -2.52 24.69 54.29
N ALA E 438 -3.12 23.79 55.07
CA ALA E 438 -3.57 22.51 54.49
C ALA E 438 -4.57 22.89 53.41
N ILE E 439 -5.45 23.81 53.79
CA ILE E 439 -6.49 24.32 52.91
C ILE E 439 -5.91 25.26 51.82
N ASP E 440 -4.94 26.07 52.17
CA ASP E 440 -4.38 27.01 51.20
C ASP E 440 -3.57 26.27 50.15
N ALA E 441 -2.98 25.14 50.55
CA ALA E 441 -2.17 24.32 49.65
C ALA E 441 -3.08 23.66 48.62
N TYR E 442 -4.17 23.06 49.10
CA TYR E 442 -5.15 22.42 48.23
C TYR E 442 -5.63 23.43 47.18
N ILE E 443 -6.07 24.59 47.64
CA ILE E 443 -6.56 25.61 46.74
C ILE E 443 -5.53 25.94 45.67
N ALA E 444 -4.27 26.02 46.07
CA ALA E 444 -3.19 26.34 45.14
C ALA E 444 -3.04 25.34 43.97
N LEU E 445 -3.09 24.06 44.31
CA LEU E 445 -2.96 22.94 43.40
C LEU E 445 -4.03 22.95 42.35
N ARG E 446 -5.25 23.01 42.85
CA ARG E 446 -6.41 23.02 42.02
C ARG E 446 -6.43 24.31 41.16
N ARG E 447 -5.89 25.39 41.71
CA ARG E 447 -5.88 26.64 40.98
C ARG E 447 -5.04 26.52 39.73
N GLU E 448 -3.95 25.76 39.81
CA GLU E 448 -3.09 25.62 38.65
C GLU E 448 -3.70 24.68 37.63
N GLU E 449 -4.47 23.69 38.10
CA GLU E 449 -5.16 22.77 37.20
C GLU E 449 -6.23 23.57 36.45
N ASP E 450 -7.03 24.32 37.21
CA ASP E 450 -8.06 25.15 36.60
C ASP E 450 -7.43 26.11 35.57
N ASP E 451 -6.22 26.61 35.86
CA ASP E 451 -5.54 27.52 34.92
C ASP E 451 -5.39 26.89 33.55
N ARG E 452 -4.94 25.65 33.55
CA ARG E 452 -4.69 24.93 32.31
C ARG E 452 -5.91 24.86 31.45
N VAL E 453 -7.01 24.41 32.03
CA VAL E 453 -8.23 24.31 31.27
C VAL E 453 -8.72 25.70 30.85
N ARG E 454 -8.60 26.65 31.77
CA ARG E 454 -9.08 28.00 31.48
C ARG E 454 -8.27 28.71 30.44
N MET E 455 -7.00 28.32 30.31
CA MET E 455 -6.13 28.98 29.38
C MET E 455 -5.91 28.32 28.03
N THR E 456 -6.16 27.01 27.94
CA THR E 456 -5.98 26.26 26.69
C THR E 456 -7.23 26.35 25.81
N PRO E 457 -7.08 26.78 24.54
CA PRO E 457 -8.24 26.90 23.64
C PRO E 457 -9.02 25.59 23.58
N HIS E 458 -10.34 25.70 23.53
CA HIS E 458 -11.19 24.54 23.48
C HIS E 458 -11.61 24.31 22.04
N PRO E 459 -11.62 23.04 21.60
CA PRO E 459 -12.00 22.69 20.23
C PRO E 459 -13.26 23.43 19.77
N VAL E 460 -14.29 23.40 20.63
CA VAL E 460 -15.57 24.04 20.35
C VAL E 460 -15.47 25.52 20.04
N GLU E 461 -14.43 26.15 20.57
CA GLU E 461 -14.24 27.56 20.30
C GLU E 461 -13.99 27.78 18.81
N PHE E 462 -13.42 26.78 18.16
CA PHE E 462 -13.16 26.95 16.74
C PHE E 462 -14.44 26.81 15.94
N GLU E 463 -15.21 25.84 16.42
CA GLU E 463 -16.50 25.57 15.82
C GLU E 463 -17.32 26.83 15.90
N LEU E 464 -17.33 27.43 17.08
CA LEU E 464 -18.06 28.66 17.35
C LEU E 464 -17.40 29.93 16.88
N TYR E 465 -16.06 30.01 16.89
CA TYR E 465 -15.52 31.35 16.60
C TYR E 465 -14.51 31.51 15.44
N TYR E 466 -14.04 30.42 14.88
CA TYR E 466 -13.03 30.56 13.82
C TYR E 466 -13.41 31.52 12.69
N SER E 467 -14.66 31.41 12.25
CA SER E 467 -15.09 32.22 11.13
C SER E 467 -15.61 33.57 11.53
N VAL E 468 -15.20 33.99 12.71
CA VAL E 468 -15.62 35.28 13.24
C VAL E 468 -15.14 36.48 12.40
N SER F 1 -40.59 -21.10 45.20
CA SER F 1 -39.48 -21.91 45.75
C SER F 1 -38.52 -21.11 46.68
N ALA F 2 -39.06 -20.46 47.72
CA ALA F 2 -38.14 -19.70 48.60
C ALA F 2 -37.09 -20.70 49.12
N GLU F 3 -37.63 -21.80 49.68
CA GLU F 3 -36.81 -22.89 50.16
C GLU F 3 -35.91 -23.48 49.05
N HIS F 4 -36.53 -23.96 47.97
CA HIS F 4 -35.82 -24.54 46.83
C HIS F 4 -34.59 -23.71 46.41
N VAL F 5 -34.81 -22.42 46.21
CA VAL F 5 -33.73 -21.50 45.85
C VAL F 5 -32.54 -21.57 46.81
N LEU F 6 -32.80 -21.51 48.12
CA LEU F 6 -31.69 -21.56 49.06
C LEU F 6 -30.84 -22.78 48.88
N THR F 7 -31.48 -23.93 48.68
CA THR F 7 -30.74 -25.19 48.48
C THR F 7 -29.93 -25.11 47.18
N MET F 8 -30.57 -24.54 46.17
CA MET F 8 -29.98 -24.36 44.85
C MET F 8 -28.71 -23.46 44.84
N LEU F 9 -28.58 -22.60 45.85
CA LEU F 9 -27.41 -21.74 45.93
C LEU F 9 -26.22 -22.61 46.35
N ASN F 10 -26.44 -23.47 47.36
CA ASN F 10 -25.37 -24.35 47.86
C ASN F 10 -25.05 -25.47 46.90
N GLU F 11 -26.06 -25.83 46.13
CA GLU F 11 -25.94 -26.91 45.17
C GLU F 11 -25.06 -26.56 43.97
N HIS F 12 -25.03 -25.28 43.63
CA HIS F 12 -24.22 -24.83 42.49
C HIS F 12 -23.11 -23.88 42.91
N GLU F 13 -22.87 -23.75 44.22
CA GLU F 13 -21.85 -22.82 44.75
C GLU F 13 -22.04 -21.52 43.98
N VAL F 14 -23.29 -21.06 43.98
CA VAL F 14 -23.66 -19.85 43.30
C VAL F 14 -22.98 -18.66 43.94
N LYS F 15 -22.41 -17.81 43.10
CA LYS F 15 -21.73 -16.62 43.58
C LYS F 15 -22.64 -15.40 43.44
N PHE F 16 -23.44 -15.35 42.39
CA PHE F 16 -24.32 -14.21 42.19
C PHE F 16 -25.74 -14.57 41.84
N VAL F 17 -26.58 -13.55 41.92
CA VAL F 17 -27.99 -13.69 41.61
C VAL F 17 -28.36 -12.57 40.67
N ASP F 18 -28.90 -12.97 39.53
CA ASP F 18 -29.27 -11.99 38.55
C ASP F 18 -30.75 -11.78 38.52
N LEU F 19 -31.13 -10.58 38.92
CA LEU F 19 -32.52 -10.21 38.96
C LEU F 19 -32.92 -9.73 37.61
N ARG F 20 -33.90 -10.37 37.01
CA ARG F 20 -34.35 -9.92 35.71
C ARG F 20 -35.83 -9.64 35.69
N PHE F 21 -36.18 -8.67 34.87
CA PHE F 21 -37.55 -8.26 34.71
C PHE F 21 -37.65 -7.65 33.32
N THR F 22 -38.85 -7.33 32.91
CA THR F 22 -39.04 -6.83 31.56
C THR F 22 -39.63 -5.44 31.46
N ASP F 23 -39.04 -4.61 30.59
CA ASP F 23 -39.48 -3.24 30.42
C ASP F 23 -40.66 -3.17 29.49
N THR F 24 -41.21 -1.96 29.37
CA THR F 24 -42.39 -1.74 28.56
C THR F 24 -42.24 -2.20 27.11
N LYS F 25 -41.16 -1.79 26.44
CA LYS F 25 -40.94 -2.17 25.04
C LYS F 25 -40.81 -3.69 24.89
N GLY F 26 -40.34 -4.34 25.95
CA GLY F 26 -40.22 -5.78 25.91
C GLY F 26 -38.83 -6.27 26.17
N LYS F 27 -37.89 -5.34 26.28
CA LYS F 27 -36.50 -5.68 26.52
C LYS F 27 -36.30 -6.13 27.96
N GLU F 28 -35.74 -7.32 28.12
CA GLU F 28 -35.45 -7.91 29.43
C GLU F 28 -34.30 -7.15 30.10
N GLN F 29 -34.48 -6.75 31.37
CA GLN F 29 -33.46 -6.01 32.11
C GLN F 29 -32.93 -6.89 33.24
N HIS F 30 -31.76 -6.56 33.79
CA HIS F 30 -31.20 -7.37 34.86
C HIS F 30 -30.34 -6.64 35.88
N VAL F 31 -30.16 -7.20 37.07
CA VAL F 31 -29.31 -6.56 38.03
C VAL F 31 -28.73 -7.62 38.90
N THR F 32 -27.46 -7.45 39.21
CA THR F 32 -26.82 -8.50 39.96
C THR F 32 -26.53 -8.21 41.39
N ILE F 33 -26.81 -9.25 42.17
CA ILE F 33 -26.67 -9.22 43.61
C ILE F 33 -25.87 -10.43 44.02
N PRO F 34 -24.95 -10.25 44.96
CA PRO F 34 -24.11 -11.36 45.45
C PRO F 34 -25.04 -12.35 46.12
N ALA F 35 -24.72 -13.62 46.05
CA ALA F 35 -25.58 -14.62 46.66
C ALA F 35 -25.81 -14.35 48.15
N HIS F 36 -24.81 -13.78 48.83
CA HIS F 36 -24.96 -13.51 50.26
C HIS F 36 -26.02 -12.47 50.57
N GLN F 37 -26.36 -11.66 49.57
CA GLN F 37 -27.37 -10.63 49.72
C GLN F 37 -28.77 -11.21 49.71
N VAL F 38 -28.83 -12.52 49.46
CA VAL F 38 -30.10 -13.25 49.41
C VAL F 38 -30.39 -13.90 50.75
N ASN F 39 -31.43 -13.39 51.39
CA ASN F 39 -31.86 -13.84 52.69
C ASN F 39 -33.36 -13.99 52.78
N ALA F 40 -33.80 -14.24 54.01
CA ALA F 40 -35.19 -14.43 54.35
C ALA F 40 -36.13 -13.34 53.83
N GLU F 41 -35.94 -12.12 54.29
CA GLU F 41 -36.81 -11.01 53.90
C GLU F 41 -36.71 -10.61 52.44
N PHE F 42 -35.56 -10.85 51.84
CA PHE F 42 -35.35 -10.54 50.44
C PHE F 42 -36.54 -11.10 49.64
N PHE F 43 -37.00 -12.28 50.02
CA PHE F 43 -38.12 -12.93 49.35
C PHE F 43 -39.50 -12.37 49.60
N GLU F 44 -39.73 -11.92 50.83
CA GLU F 44 -41.02 -11.37 51.17
C GLU F 44 -41.16 -9.88 50.87
N GLU F 45 -40.05 -9.13 50.89
CA GLU F 45 -40.13 -7.70 50.59
C GLU F 45 -39.30 -7.21 49.38
N GLY F 46 -38.62 -8.13 48.70
CA GLY F 46 -37.84 -7.76 47.53
C GLY F 46 -36.73 -6.76 47.81
N LYS F 47 -36.29 -6.07 46.76
CA LYS F 47 -35.22 -5.08 46.89
C LYS F 47 -35.66 -3.78 46.25
N MET F 48 -35.04 -2.71 46.69
CA MET F 48 -35.36 -1.39 46.20
C MET F 48 -34.56 -1.00 44.98
N PHE F 49 -35.19 -0.24 44.11
CA PHE F 49 -34.51 0.27 42.91
C PHE F 49 -35.31 1.39 42.24
N ASP F 50 -34.61 2.27 41.54
CA ASP F 50 -35.21 3.38 40.82
C ASP F 50 -35.51 3.03 39.36
N GLY F 51 -36.78 3.11 38.99
CA GLY F 51 -37.15 2.80 37.62
C GLY F 51 -37.01 3.98 36.68
N SER F 52 -36.90 5.18 37.24
CA SER F 52 -36.81 6.43 36.47
C SER F 52 -36.10 6.43 35.11
N SER F 53 -34.95 5.76 35.03
CA SER F 53 -34.19 5.70 33.78
C SER F 53 -34.56 4.49 32.93
N ILE F 54 -35.85 4.19 32.92
CA ILE F 54 -36.39 3.09 32.15
C ILE F 54 -37.48 3.65 31.24
N GLY F 55 -37.61 3.03 30.09
CA GLY F 55 -38.60 3.47 29.13
C GLY F 55 -40.02 3.50 29.63
N GLY F 56 -40.57 4.71 29.73
CA GLY F 56 -41.96 4.91 30.14
C GLY F 56 -42.43 4.53 31.52
N TRP F 57 -41.53 4.53 32.45
CA TRP F 57 -41.79 4.22 33.85
C TRP F 57 -41.36 5.44 34.58
N LYS F 58 -40.86 6.27 33.72
CA LYS F 58 -40.31 7.54 34.05
C LYS F 58 -41.16 8.01 35.16
N GLY F 59 -40.62 8.97 35.83
CA GLY F 59 -41.23 9.55 36.99
C GLY F 59 -40.05 9.89 37.86
N ILE F 60 -39.33 10.89 37.39
CA ILE F 60 -38.11 11.24 38.09
C ILE F 60 -38.52 11.93 39.36
N ASN F 61 -39.58 11.42 39.97
CA ASN F 61 -40.05 11.97 41.20
C ASN F 61 -40.63 10.90 42.15
N GLU F 62 -41.52 10.08 41.61
CA GLU F 62 -42.22 9.05 42.43
C GLU F 62 -41.82 7.56 42.22
N SER F 63 -41.36 7.20 41.01
CA SER F 63 -41.06 5.80 40.58
C SER F 63 -39.82 5.13 41.17
N ASP F 64 -39.86 4.98 42.47
CA ASP F 64 -38.87 4.22 43.22
C ASP F 64 -39.61 2.95 43.54
N MET F 65 -39.44 1.95 42.69
CA MET F 65 -40.14 0.67 42.80
C MET F 65 -39.42 -0.51 43.43
N VAL F 66 -40.18 -1.59 43.63
CA VAL F 66 -39.71 -2.84 44.22
C VAL F 66 -39.54 -4.02 43.26
N LEU F 67 -38.41 -4.70 43.38
CA LEU F 67 -38.16 -5.87 42.57
C LEU F 67 -38.61 -7.04 43.39
N MET F 68 -39.66 -7.71 42.95
CA MET F 68 -40.13 -8.83 43.71
C MET F 68 -39.79 -10.17 43.09
N PRO F 69 -38.78 -10.84 43.66
CA PRO F 69 -38.33 -12.15 43.19
C PRO F 69 -39.45 -13.16 43.17
N ASP F 70 -39.41 -14.00 42.15
CA ASP F 70 -40.39 -15.05 41.99
C ASP F 70 -39.62 -16.35 42.11
N ALA F 71 -39.63 -16.88 43.33
CA ALA F 71 -38.92 -18.10 43.66
C ALA F 71 -39.02 -19.23 42.63
N SER F 72 -40.13 -19.28 41.91
CA SER F 72 -40.29 -20.36 40.93
C SER F 72 -39.39 -20.25 39.69
N THR F 73 -39.19 -19.02 39.21
CA THR F 73 -38.40 -18.72 38.02
C THR F 73 -36.88 -18.98 38.05
N ALA F 74 -36.36 -19.35 39.22
CA ALA F 74 -34.93 -19.57 39.38
C ALA F 74 -34.24 -20.59 38.51
N VAL F 75 -33.18 -20.14 37.85
CA VAL F 75 -32.38 -21.02 37.02
C VAL F 75 -31.01 -20.41 36.67
N ILE F 76 -30.02 -21.29 36.68
CA ILE F 76 -28.63 -20.94 36.38
C ILE F 76 -28.40 -20.29 35.03
N ASP F 77 -27.51 -19.29 34.98
CA ASP F 77 -27.17 -18.67 33.72
C ASP F 77 -26.03 -19.52 33.15
N PRO F 78 -26.22 -20.02 31.92
CA PRO F 78 -25.23 -20.87 31.29
C PRO F 78 -24.13 -20.18 30.53
N PHE F 79 -24.18 -18.86 30.49
CA PHE F 79 -23.18 -18.08 29.76
C PHE F 79 -22.18 -17.36 30.67
N PHE F 80 -22.67 -16.90 31.82
CA PHE F 80 -21.85 -16.16 32.76
C PHE F 80 -20.69 -17.01 33.28
N ALA F 81 -19.55 -16.34 33.47
CA ALA F 81 -18.33 -16.98 33.93
C ALA F 81 -18.35 -17.46 35.35
N ASP F 82 -18.88 -16.63 36.25
CA ASP F 82 -18.94 -17.00 37.65
C ASP F 82 -20.34 -17.57 37.84
N SER F 83 -20.48 -18.64 38.62
CA SER F 83 -21.76 -19.31 38.79
C SER F 83 -22.86 -18.36 39.24
N THR F 84 -23.76 -17.97 38.36
CA THR F 84 -24.84 -17.09 38.84
C THR F 84 -26.25 -17.65 38.56
N LEU F 85 -27.14 -17.35 39.54
CA LEU F 85 -28.54 -17.76 39.48
C LEU F 85 -29.43 -16.61 39.04
N ILE F 86 -30.29 -16.87 38.07
CA ILE F 86 -31.21 -15.86 37.55
C ILE F 86 -32.55 -16.02 38.25
N ILE F 87 -33.18 -14.88 38.51
CA ILE F 87 -34.49 -14.88 39.13
C ILE F 87 -35.31 -13.76 38.54
N ARG F 88 -36.39 -14.15 37.91
CA ARG F 88 -37.30 -13.23 37.28
C ARG F 88 -38.03 -12.51 38.40
N CYS F 89 -38.21 -11.22 38.23
CA CYS F 89 -38.87 -10.43 39.25
C CYS F 89 -40.08 -9.75 38.70
N ASP F 90 -40.94 -9.31 39.61
CA ASP F 90 -42.16 -8.56 39.28
C ASP F 90 -41.90 -7.17 39.83
N ILE F 91 -42.46 -6.17 39.17
CA ILE F 91 -42.30 -4.82 39.64
C ILE F 91 -43.55 -4.44 40.44
N LEU F 92 -43.35 -4.27 41.73
CA LEU F 92 -44.42 -3.92 42.64
C LEU F 92 -44.33 -2.47 43.05
N GLU F 93 -45.47 -1.92 43.45
CA GLU F 93 -45.56 -0.55 43.91
C GLU F 93 -45.02 -0.52 45.36
N PRO F 94 -44.16 0.46 45.70
CA PRO F 94 -43.62 0.52 47.07
C PRO F 94 -44.69 0.66 48.16
N GLY F 95 -44.54 -0.13 49.22
CA GLY F 95 -45.50 -0.09 50.32
C GLY F 95 -46.76 -0.88 50.01
N THR F 96 -47.56 -0.38 49.05
CA THR F 96 -48.79 -1.03 48.64
C THR F 96 -48.49 -2.50 48.28
N LEU F 97 -47.45 -2.67 47.47
CA LEU F 97 -46.96 -3.98 47.05
C LEU F 97 -47.87 -4.91 46.25
N GLN F 98 -48.82 -4.38 45.48
CA GLN F 98 -49.66 -5.33 44.73
C GLN F 98 -49.40 -5.42 43.22
N GLY F 99 -48.49 -4.60 42.70
CA GLY F 99 -48.19 -4.72 41.28
C GLY F 99 -48.34 -3.49 40.43
N TYR F 100 -47.20 -3.02 39.93
CA TYR F 100 -47.11 -1.83 39.08
C TYR F 100 -48.00 -1.87 37.83
N ASP F 101 -48.70 -0.77 37.64
CA ASP F 101 -49.62 -0.56 36.53
C ASP F 101 -48.98 -0.76 35.18
N ARG F 102 -47.69 -0.42 35.12
CA ARG F 102 -46.93 -0.53 33.89
C ARG F 102 -46.05 -1.76 33.75
N ASP F 103 -45.93 -2.55 34.82
CA ASP F 103 -45.14 -3.78 34.77
C ASP F 103 -45.89 -4.77 33.88
N PRO F 104 -45.37 -5.00 32.66
CA PRO F 104 -45.97 -5.91 31.67
C PRO F 104 -46.21 -7.28 32.23
N ARG F 105 -45.35 -7.73 33.12
CA ARG F 105 -45.55 -9.05 33.69
C ARG F 105 -46.77 -9.04 34.61
N SER F 106 -46.95 -7.94 35.35
CA SER F 106 -48.10 -7.85 36.25
C SER F 106 -49.36 -7.85 35.40
N ILE F 107 -49.33 -7.06 34.33
CA ILE F 107 -50.44 -6.97 33.40
C ILE F 107 -50.83 -8.33 32.81
N ALA F 108 -49.82 -9.14 32.52
CA ALA F 108 -50.08 -10.45 31.95
C ALA F 108 -50.76 -11.32 32.97
N LYS F 109 -50.30 -11.20 34.23
CA LYS F 109 -50.88 -11.98 35.32
C LYS F 109 -52.30 -11.54 35.57
N ARG F 110 -52.53 -10.22 35.57
CA ARG F 110 -53.85 -9.64 35.77
C ARG F 110 -54.82 -10.27 34.77
N ALA F 111 -54.41 -10.29 33.51
CA ALA F 111 -55.23 -10.87 32.45
C ALA F 111 -55.51 -12.36 32.69
N GLU F 112 -54.55 -13.10 33.24
CA GLU F 112 -54.77 -14.52 33.52
C GLU F 112 -55.77 -14.70 34.67
N ASP F 113 -55.73 -13.77 35.63
CA ASP F 113 -56.64 -13.79 36.78
C ASP F 113 -58.07 -13.57 36.28
N TYR F 114 -58.24 -12.50 35.51
CA TYR F 114 -59.51 -12.13 34.91
C TYR F 114 -60.12 -13.26 34.06
N LEU F 115 -59.28 -14.17 33.58
CA LEU F 115 -59.78 -15.28 32.79
C LEU F 115 -60.54 -16.21 33.72
N ARG F 116 -59.91 -16.58 34.83
CA ARG F 116 -60.53 -17.47 35.81
C ARG F 116 -61.71 -16.77 36.49
N ALA F 117 -61.59 -15.46 36.64
CA ALA F 117 -62.64 -14.65 37.25
C ALA F 117 -63.93 -14.67 36.42
N THR F 118 -63.85 -14.49 35.12
CA THR F 118 -65.06 -14.53 34.28
C THR F 118 -65.56 -15.95 34.18
N GLY F 119 -64.85 -16.87 34.82
CA GLY F 119 -65.23 -18.28 34.80
C GLY F 119 -65.27 -18.90 33.42
N ILE F 120 -64.93 -18.13 32.38
CA ILE F 120 -64.93 -18.63 31.00
C ILE F 120 -64.02 -19.84 30.83
N ALA F 121 -62.84 -19.79 31.46
CA ALA F 121 -61.86 -20.88 31.43
C ALA F 121 -60.92 -20.74 32.63
N ASP F 122 -60.12 -21.77 32.90
CA ASP F 122 -59.18 -21.68 34.02
C ASP F 122 -57.70 -21.53 33.67
N THR F 123 -57.36 -21.67 32.39
CA THR F 123 -55.98 -21.49 31.90
C THR F 123 -55.95 -21.18 30.40
N VAL F 124 -55.04 -20.27 30.01
CA VAL F 124 -54.86 -19.90 28.60
C VAL F 124 -53.59 -20.55 28.11
N LEU F 125 -53.62 -21.04 26.87
CA LEU F 125 -52.46 -21.69 26.31
C LEU F 125 -51.87 -20.96 25.11
N PHE F 126 -50.58 -20.69 25.20
CA PHE F 126 -49.84 -20.00 24.16
C PHE F 126 -48.66 -20.81 23.65
N GLY F 127 -48.57 -20.87 22.32
CA GLY F 127 -47.50 -21.58 21.66
C GLY F 127 -47.05 -20.70 20.52
N PRO F 128 -46.02 -19.88 20.75
CA PRO F 128 -45.48 -18.97 19.72
C PRO F 128 -44.30 -19.58 18.96
N GLU F 129 -44.22 -19.20 17.68
CA GLU F 129 -43.19 -19.66 16.75
C GLU F 129 -42.40 -18.44 16.40
N PRO F 130 -41.43 -18.11 17.24
CA PRO F 130 -40.58 -16.94 17.05
C PRO F 130 -39.39 -17.21 16.16
N GLU F 131 -39.43 -16.61 14.97
CA GLU F 131 -38.37 -16.74 13.96
C GLU F 131 -37.26 -15.67 14.14
N PHE F 132 -36.09 -15.91 13.56
CA PHE F 132 -34.98 -14.96 13.64
C PHE F 132 -33.92 -15.20 12.58
N PHE F 133 -32.96 -14.28 12.54
CA PHE F 133 -31.87 -14.37 11.60
C PHE F 133 -30.53 -14.41 12.32
N LEU F 134 -29.54 -15.00 11.65
CA LEU F 134 -28.19 -15.09 12.18
C LEU F 134 -27.20 -14.54 11.14
N PHE F 135 -26.63 -13.40 11.47
CA PHE F 135 -25.67 -12.73 10.59
C PHE F 135 -24.28 -12.80 11.18
N ASP F 136 -23.33 -12.30 10.40
CA ASP F 136 -21.93 -12.34 10.78
C ASP F 136 -21.55 -10.90 11.05
N ASP F 137 -22.18 -10.00 10.32
CA ASP F 137 -21.88 -8.59 10.44
C ASP F 137 -23.10 -7.75 10.11
N ILE F 138 -23.34 -6.78 10.98
CA ILE F 138 -24.42 -5.82 10.86
C ILE F 138 -23.95 -4.41 11.19
N ARG F 139 -24.10 -3.51 10.22
CA ARG F 139 -23.69 -2.13 10.42
C ARG F 139 -24.80 -1.21 9.93
N PHE F 140 -24.94 -0.08 10.58
CA PHE F 140 -25.96 0.90 10.24
C PHE F 140 -25.72 2.20 10.98
N GLY F 141 -26.41 3.24 10.53
CA GLY F 141 -26.26 4.54 11.16
C GLY F 141 -27.00 5.62 10.42
N ALA F 142 -27.23 6.71 11.14
CA ALA F 142 -27.91 7.87 10.60
C ALA F 142 -27.29 9.11 11.20
N SER F 143 -26.98 10.03 10.30
CA SER F 143 -26.37 11.29 10.62
C SER F 143 -27.06 12.28 9.69
N ILE F 144 -26.71 13.56 9.82
CA ILE F 144 -27.33 14.57 8.99
C ILE F 144 -27.04 14.37 7.51
N SER F 145 -25.81 13.97 7.19
CA SER F 145 -25.35 13.79 5.81
C SER F 145 -25.77 12.49 5.14
N GLY F 146 -26.38 11.58 5.90
CA GLY F 146 -26.87 10.34 5.32
C GLY F 146 -27.27 9.29 6.34
N SER F 147 -27.51 8.09 5.86
CA SER F 147 -27.86 6.98 6.73
C SER F 147 -27.62 5.72 5.94
N HIS F 148 -27.57 4.59 6.65
CA HIS F 148 -27.33 3.30 5.98
C HIS F 148 -27.50 2.10 6.86
N VAL F 149 -27.50 0.95 6.20
CA VAL F 149 -27.58 -0.34 6.85
C VAL F 149 -26.89 -1.34 5.94
N ALA F 150 -26.15 -2.26 6.56
CA ALA F 150 -25.43 -3.27 5.82
C ALA F 150 -25.47 -4.59 6.54
N ILE F 151 -26.00 -5.57 5.86
CA ILE F 151 -26.11 -6.90 6.43
C ILE F 151 -25.15 -7.82 5.73
N ASP F 152 -24.66 -8.76 6.50
CA ASP F 152 -23.80 -9.74 5.94
C ASP F 152 -23.72 -11.01 6.74
N ASP F 153 -23.86 -12.10 5.99
CA ASP F 153 -23.74 -13.42 6.55
C ASP F 153 -23.07 -14.27 5.51
N ILE F 154 -22.48 -15.34 6.01
CA ILE F 154 -21.81 -16.33 5.21
C ILE F 154 -22.86 -16.98 4.29
N GLU F 155 -24.12 -17.01 4.76
CA GLU F 155 -25.18 -17.63 3.98
C GLU F 155 -25.78 -16.72 2.93
N GLY F 156 -25.54 -15.42 3.07
CA GLY F 156 -26.10 -14.46 2.13
C GLY F 156 -25.87 -14.78 0.68
N ALA F 157 -26.97 -14.93 -0.06
CA ALA F 157 -26.88 -15.24 -1.46
C ALA F 157 -25.98 -14.29 -2.24
N TRP F 158 -25.90 -13.05 -1.80
CA TRP F 158 -25.07 -12.05 -2.49
C TRP F 158 -23.57 -12.41 -2.49
N ASN F 159 -23.17 -13.22 -1.53
CA ASN F 159 -21.79 -13.68 -1.40
C ASN F 159 -21.33 -14.78 -2.36
N SER F 160 -22.20 -15.17 -3.28
CA SER F 160 -21.83 -16.20 -4.26
C SER F 160 -20.64 -15.73 -5.08
N SER F 161 -20.52 -14.41 -5.17
CA SER F 161 -19.49 -13.70 -5.94
C SER F 161 -18.27 -13.24 -5.14
N THR F 162 -18.47 -13.07 -3.85
CA THR F 162 -17.50 -12.59 -2.89
C THR F 162 -16.21 -13.38 -2.74
N LYS F 163 -15.07 -12.69 -2.67
CA LYS F 163 -13.76 -13.36 -2.51
C LYS F 163 -13.47 -13.58 -1.03
N TYR F 164 -12.99 -14.77 -0.69
CA TYR F 164 -12.75 -15.06 0.72
C TYR F 164 -11.30 -15.39 0.97
N GLU F 165 -10.88 -15.17 2.21
CA GLU F 165 -9.53 -15.39 2.66
C GLU F 165 -9.01 -16.75 2.21
N GLY F 166 -9.70 -17.82 2.63
CA GLY F 166 -9.27 -19.15 2.22
C GLY F 166 -10.08 -19.75 1.09
N GLY F 167 -10.63 -18.89 0.22
CA GLY F 167 -11.44 -19.37 -0.88
C GLY F 167 -12.93 -19.40 -0.53
N ASN F 168 -13.76 -19.14 -1.53
CA ASN F 168 -15.23 -19.16 -1.41
C ASN F 168 -15.74 -20.58 -1.61
N LYS F 169 -16.37 -21.17 -0.58
CA LYS F 169 -16.82 -22.58 -0.65
C LYS F 169 -18.26 -22.77 -1.25
N GLY F 170 -18.82 -21.64 -1.64
CA GLY F 170 -20.09 -21.41 -2.39
C GLY F 170 -21.38 -22.17 -2.06
N HIS F 171 -21.61 -22.89 -0.95
CA HIS F 171 -22.94 -23.54 -0.75
C HIS F 171 -23.91 -22.67 0.09
N ARG F 172 -24.59 -21.78 -0.61
CA ARG F 172 -25.47 -20.82 0.03
C ARG F 172 -26.90 -20.95 -0.40
N PRO F 173 -27.83 -20.61 0.50
CA PRO F 173 -29.27 -20.65 0.31
C PRO F 173 -29.60 -19.49 -0.62
N GLY F 174 -30.40 -19.74 -1.66
N GLY F 174 -30.70 -21.00 -0.20
CA GLY F 174 -30.77 -18.66 -2.56
CA GLY F 174 -30.88 -19.67 -0.75
C GLY F 174 -31.89 -17.82 -1.93
C GLY F 174 -32.31 -19.15 -0.49
N VAL F 175 -32.37 -16.79 -2.61
N VAL F 175 -32.73 -18.12 -1.22
CA VAL F 175 -33.47 -15.99 -2.05
CA VAL F 175 -34.06 -17.56 -1.03
C VAL F 175 -34.68 -16.93 -1.83
C VAL F 175 -35.10 -18.68 -0.81
N LYS F 176 -35.14 -17.00 -0.59
N LYS F 176 -35.76 -18.67 0.35
CA LYS F 176 -36.23 -17.90 -0.19
CA LYS F 176 -36.77 -19.69 0.64
C LYS F 176 -35.71 -19.34 -0.34
C LYS F 176 -36.12 -21.02 0.98
N GLY F 177 -34.44 -19.46 -0.57
N GLY F 177 -34.81 -20.83 1.25
CA GLY F 177 -33.87 -20.76 -0.75
CA GLY F 177 -33.84 -21.83 1.65
C GLY F 177 -33.73 -21.60 0.52
C GLY F 177 -34.30 -23.24 1.30
N GLY F 178 -33.62 -20.87 1.67
N GLY F 178 -35.38 -23.33 0.50
CA GLY F 178 -33.35 -21.36 3.02
CA GLY F 178 -35.88 -24.66 0.20
C GLY F 178 -34.39 -22.25 3.69
C GLY F 178 -35.42 -25.45 1.39
N TYR F 179 -34.81 -23.23 2.98
N TYR F 179 -36.24 -25.51 2.39
CA TYR F 179 -35.72 -24.10 3.68
CA TYR F 179 -35.67 -26.07 3.58
C TYR F 179 -35.32 -25.51 3.43
C TYR F 179 -35.66 -27.53 3.79
N PHE F 180 -34.86 -25.99 4.55
N PHE F 180 -34.72 -27.84 4.69
CA PHE F 180 -34.48 -27.36 4.74
CA PHE F 180 -34.41 -29.15 5.19
C PHE F 180 -33.33 -27.85 3.88
C PHE F 180 -33.75 -30.04 4.14
N PRO F 181 -32.61 -27.09 3.03
CA PRO F 181 -31.41 -27.80 2.46
C PRO F 181 -30.53 -28.45 3.55
N VAL F 182 -29.94 -29.56 3.19
CA VAL F 182 -29.04 -30.24 4.10
C VAL F 182 -27.78 -29.46 4.12
N PRO F 183 -27.07 -29.47 5.20
CA PRO F 183 -25.74 -28.87 5.19
C PRO F 183 -24.97 -29.48 4.03
N PRO F 184 -23.95 -28.77 3.53
CA PRO F 184 -23.51 -27.46 3.97
C PRO F 184 -24.30 -26.25 3.56
N VAL F 185 -25.35 -26.51 2.85
CA VAL F 185 -26.08 -25.30 2.44
C VAL F 185 -26.55 -24.54 3.70
N ASP F 186 -27.01 -25.33 4.69
CA ASP F 186 -27.50 -24.89 6.00
C ASP F 186 -26.29 -24.89 6.96
N SER F 187 -25.66 -23.74 7.09
CA SER F 187 -24.49 -23.62 7.95
C SER F 187 -24.83 -23.69 9.42
N ALA F 188 -26.06 -24.06 9.81
CA ALA F 188 -26.34 -23.87 11.25
C ALA F 188 -26.89 -25.03 12.08
N GLN F 189 -26.61 -26.28 11.75
CA GLN F 189 -27.15 -27.36 12.59
C GLN F 189 -26.64 -27.25 13.99
N ASP F 190 -25.32 -27.33 14.09
CA ASP F 190 -24.66 -27.29 15.37
C ASP F 190 -25.05 -26.13 16.28
N ILE F 191 -25.29 -24.97 15.65
CA ILE F 191 -25.67 -23.75 16.35
C ILE F 191 -27.07 -23.94 16.95
N ARG F 192 -28.04 -24.22 16.09
CA ARG F 192 -29.41 -24.42 16.55
C ARG F 192 -29.46 -25.49 17.63
N SER F 193 -28.80 -26.61 17.37
CA SER F 193 -28.79 -27.67 18.36
C SER F 193 -28.31 -27.19 19.73
N GLU F 194 -27.35 -26.26 19.76
CA GLU F 194 -26.86 -25.73 21.05
C GLU F 194 -27.98 -24.93 21.70
N MET F 195 -28.52 -23.98 20.93
CA MET F 195 -29.63 -23.17 21.42
C MET F 195 -30.67 -24.09 22.03
N CYS F 196 -30.93 -25.22 21.37
CA CYS F 196 -31.89 -26.17 21.89
C CYS F 196 -31.44 -26.72 23.23
N LEU F 197 -30.31 -27.40 23.25
CA LEU F 197 -29.80 -27.97 24.49
C LEU F 197 -29.89 -26.98 25.63
N VAL F 198 -29.38 -25.78 25.38
CA VAL F 198 -29.37 -24.71 26.37
C VAL F 198 -30.76 -24.33 26.82
N MET F 199 -31.62 -24.00 25.86
CA MET F 199 -33.01 -23.65 26.17
C MET F 199 -33.65 -24.67 27.11
N GLU F 200 -33.41 -25.95 26.84
CA GLU F 200 -33.94 -27.01 27.67
C GLU F 200 -33.36 -26.98 29.06
N GLN F 201 -32.04 -26.78 29.15
CA GLN F 201 -31.36 -26.68 30.44
C GLN F 201 -31.93 -25.51 31.24
N MET F 202 -32.48 -24.54 30.53
CA MET F 202 -33.06 -23.37 31.16
C MET F 202 -34.57 -23.53 31.33
N GLY F 203 -35.05 -24.76 31.35
CA GLY F 203 -36.46 -25.00 31.53
C GLY F 203 -37.41 -25.10 30.34
N LEU F 204 -37.04 -24.56 29.18
CA LEU F 204 -37.92 -24.68 28.03
C LEU F 204 -37.97 -26.13 27.49
N VAL F 205 -38.98 -26.41 26.69
CA VAL F 205 -39.12 -27.73 26.07
C VAL F 205 -39.14 -27.56 24.57
N VAL F 206 -38.11 -28.12 23.95
CA VAL F 206 -37.93 -28.00 22.52
C VAL F 206 -38.62 -29.10 21.75
N GLU F 207 -39.47 -28.68 20.83
CA GLU F 207 -40.18 -29.65 19.99
C GLU F 207 -39.40 -29.89 18.71
N ALA F 208 -38.64 -28.88 18.29
CA ALA F 208 -37.84 -28.98 17.08
C ALA F 208 -37.16 -27.70 16.68
N HIS F 209 -36.26 -27.87 15.68
CA HIS F 209 -35.50 -26.78 15.03
C HIS F 209 -35.22 -27.04 13.56
N HIS F 210 -35.07 -25.96 12.83
N HIS F 210 -35.41 -25.29 14.16
CA HIS F 210 -34.82 -26.05 11.40
CA HIS F 210 -35.74 -25.55 12.75
C HIS F 210 -34.39 -24.71 10.82
C HIS F 210 -35.49 -24.31 11.87
N HIS F 211 -33.77 -24.75 9.64
N HIS F 211 -34.93 -24.51 10.68
CA HIS F 211 -33.41 -23.50 9.00
CA HIS F 211 -34.54 -23.47 9.71
C HIS F 211 -34.75 -22.92 8.58
C HIS F 211 -35.67 -23.07 8.75
N GLU F 212 -34.77 -21.71 8.01
N GLU F 212 -35.48 -22.01 7.92
CA GLU F 212 -36.03 -21.11 7.63
CA GLU F 212 -36.58 -21.60 7.08
C GLU F 212 -35.88 -20.42 6.28
C GLU F 212 -36.37 -20.11 6.80
N VAL F 213 -36.97 -20.29 5.51
CA VAL F 213 -37.03 -19.75 4.14
C VAL F 213 -35.96 -18.77 3.64
N ALA F 214 -35.79 -17.62 4.28
CA ALA F 214 -34.84 -16.59 3.82
C ALA F 214 -33.35 -16.95 3.84
N THR F 215 -32.63 -16.41 2.85
CA THR F 215 -31.19 -16.59 2.76
C THR F 215 -30.58 -15.79 3.93
N ALA F 216 -29.27 -15.87 4.09
CA ALA F 216 -28.61 -15.13 5.16
C ALA F 216 -29.03 -15.54 6.57
N GLY F 217 -29.08 -16.83 6.82
CA GLY F 217 -29.30 -17.36 8.16
C GLY F 217 -30.65 -17.22 8.89
N GLN F 218 -31.78 -17.25 8.19
CA GLN F 218 -33.03 -17.23 8.94
C GLN F 218 -33.22 -18.60 9.56
N ASN F 219 -33.55 -18.65 10.85
CA ASN F 219 -33.73 -19.92 11.56
C ASN F 219 -34.87 -19.83 12.57
N GLU F 220 -35.35 -20.98 13.02
CA GLU F 220 -36.44 -21.05 13.98
C GLU F 220 -36.23 -22.27 14.86
N VAL F 221 -36.61 -22.11 16.13
CA VAL F 221 -36.59 -23.17 17.14
C VAL F 221 -37.99 -23.21 17.74
N ALA F 222 -38.65 -24.33 17.54
CA ALA F 222 -40.00 -24.54 18.03
C ALA F 222 -39.99 -25.07 19.44
N THR F 223 -40.72 -24.37 20.29
CA THR F 223 -40.80 -24.75 21.68
C THR F 223 -42.24 -25.04 22.06
N ARG F 224 -42.39 -25.96 23.00
CA ARG F 224 -43.70 -26.35 23.50
C ARG F 224 -44.38 -25.23 24.25
N PHE F 225 -45.69 -25.14 24.03
CA PHE F 225 -46.59 -24.15 24.62
C PHE F 225 -46.57 -24.22 26.14
N ASN F 226 -47.28 -23.26 26.75
CA ASN F 226 -47.41 -23.20 28.20
C ASN F 226 -48.43 -22.13 28.60
N THR F 227 -48.75 -22.07 29.90
CA THR F 227 -49.71 -21.10 30.42
C THR F 227 -49.23 -19.73 29.94
N MET F 228 -50.14 -18.92 29.41
CA MET F 228 -49.79 -17.60 28.88
C MET F 228 -48.64 -16.87 29.55
N THR F 229 -48.69 -16.67 30.86
CA THR F 229 -47.60 -15.92 31.50
C THR F 229 -46.26 -16.64 31.51
N LYS F 230 -46.27 -17.92 31.86
CA LYS F 230 -45.02 -18.68 31.87
C LYS F 230 -44.41 -18.69 30.45
N LYS F 231 -45.25 -18.69 29.43
CA LYS F 231 -44.76 -18.70 28.06
C LYS F 231 -44.03 -17.41 27.68
N ALA F 232 -44.61 -16.25 28.02
CA ALA F 232 -43.95 -14.99 27.72
C ALA F 232 -42.59 -14.92 28.46
N ASP F 233 -42.49 -15.62 29.59
CA ASP F 233 -41.25 -15.72 30.35
C ASP F 233 -40.27 -16.47 29.43
N GLU F 234 -40.69 -17.66 29.04
CA GLU F 234 -39.92 -18.54 28.17
C GLU F 234 -39.46 -17.84 26.91
N ILE F 235 -40.27 -16.90 26.42
CA ILE F 235 -39.90 -16.13 25.22
C ILE F 235 -38.65 -15.33 25.50
N GLN F 236 -38.67 -14.62 26.62
CA GLN F 236 -37.51 -13.83 27.00
C GLN F 236 -36.28 -14.73 27.14
N ILE F 237 -36.47 -15.91 27.74
CA ILE F 237 -35.34 -16.84 27.90
C ILE F 237 -34.85 -17.28 26.53
N TYR F 238 -35.82 -17.60 25.68
CA TYR F 238 -35.58 -17.98 24.29
C TYR F 238 -34.63 -16.99 23.61
N LYS F 239 -35.10 -15.75 23.56
CA LYS F 239 -34.34 -14.67 22.94
C LYS F 239 -32.96 -14.52 23.54
N TYR F 240 -32.88 -14.71 24.85
CA TYR F 240 -31.61 -14.59 25.52
C TYR F 240 -30.70 -15.69 25.00
N VAL F 241 -31.13 -16.94 25.18
CA VAL F 241 -30.35 -18.07 24.71
C VAL F 241 -29.95 -17.89 23.26
N VAL F 242 -30.89 -17.50 22.42
CA VAL F 242 -30.61 -17.26 20.99
C VAL F 242 -29.53 -16.20 20.84
N HIS F 243 -29.83 -14.99 21.29
CA HIS F 243 -28.89 -13.88 21.20
C HIS F 243 -27.48 -14.19 21.64
N ASN F 244 -27.37 -14.88 22.77
CA ASN F 244 -26.10 -15.24 23.38
C ASN F 244 -25.36 -16.42 22.79
N VAL F 245 -26.08 -17.51 22.49
CA VAL F 245 -25.42 -18.64 21.87
C VAL F 245 -24.85 -18.12 20.53
N ALA F 246 -25.66 -17.32 19.83
CA ALA F 246 -25.25 -16.73 18.56
C ALA F 246 -23.96 -15.95 18.76
N HIS F 247 -23.99 -15.10 19.78
CA HIS F 247 -22.84 -14.28 20.08
C HIS F 247 -21.61 -15.12 20.29
N ARG F 248 -21.74 -16.13 21.15
CA ARG F 248 -20.67 -17.06 21.46
C ARG F 248 -20.17 -17.82 20.22
N PHE F 249 -20.95 -17.89 19.16
CA PHE F 249 -20.47 -18.60 17.96
C PHE F 249 -19.98 -17.56 16.98
N GLY F 250 -19.74 -16.36 17.48
CA GLY F 250 -19.27 -15.32 16.61
C GLY F 250 -20.34 -14.87 15.64
N LYS F 251 -21.59 -15.13 15.97
CA LYS F 251 -22.66 -14.66 15.14
C LYS F 251 -23.41 -13.58 15.90
N THR F 252 -24.35 -12.95 15.23
CA THR F 252 -25.13 -11.88 15.83
C THR F 252 -26.59 -12.15 15.44
N ALA F 253 -27.46 -12.35 16.42
CA ALA F 253 -28.88 -12.63 16.11
C ALA F 253 -29.79 -11.43 16.22
N THR F 254 -30.82 -11.40 15.38
CA THR F 254 -31.82 -10.33 15.45
C THR F 254 -33.25 -10.84 15.33
N PHE F 255 -34.09 -10.35 16.22
CA PHE F 255 -35.47 -10.73 16.12
C PHE F 255 -36.28 -9.67 15.41
N MET F 256 -35.62 -8.73 14.74
CA MET F 256 -36.39 -7.71 14.04
C MET F 256 -37.14 -8.41 12.92
N PRO F 257 -38.41 -8.02 12.73
CA PRO F 257 -39.34 -8.56 11.73
C PRO F 257 -38.98 -8.56 10.25
N LYS F 258 -38.41 -7.47 9.75
CA LYS F 258 -38.08 -7.41 8.33
C LYS F 258 -36.70 -6.77 8.07
N PRO F 259 -35.62 -7.52 8.35
CA PRO F 259 -34.25 -7.02 8.17
C PRO F 259 -33.96 -6.79 6.71
N MET F 260 -34.14 -7.83 5.91
CA MET F 260 -33.97 -7.70 4.49
C MET F 260 -35.32 -7.63 3.83
N PHE F 261 -35.30 -7.05 2.65
N PHE F 261 -35.35 -6.84 2.80
CA PHE F 261 -36.44 -6.86 1.73
CA PHE F 261 -36.57 -6.65 2.03
C PHE F 261 -36.32 -7.81 0.54
C PHE F 261 -36.83 -7.99 1.40
N GLY F 262 -37.41 -8.47 0.17
N GLY F 262 -35.74 -8.56 0.92
CA GLY F 262 -37.31 -9.34 -0.98
CA GLY F 262 -35.73 -9.84 0.27
C GLY F 262 -37.20 -10.79 -0.60
C GLY F 262 -37.02 -10.63 0.17
N ASP F 263 -37.10 -11.04 0.68
N ASP F 263 -37.30 -11.46 1.17
CA ASP F 263 -37.06 -12.37 1.21
CA ASP F 263 -38.47 -12.34 1.11
C ASP F 263 -37.90 -12.32 2.46
C ASP F 263 -39.08 -12.89 2.42
N ASN F 264 -38.13 -13.47 2.99
N ASN F 264 -39.99 -13.91 2.28
CA ASN F 264 -38.98 -13.58 4.13
CA ASN F 264 -40.61 -14.64 3.30
C ASN F 264 -38.62 -12.73 5.30
C ASN F 264 -39.92 -14.19 4.61
N GLY F 265 -39.69 -12.29 5.93
N GLY F 265 -40.53 -13.27 5.36
CA GLY F 265 -39.60 -11.57 7.13
CA GLY F 265 -39.85 -12.69 6.55
C GLY F 265 -39.75 -12.62 8.21
C GLY F 265 -39.86 -13.48 7.86
N SER F 266 -39.32 -12.31 9.43
N SER F 266 -39.49 -12.80 8.97
CA SER F 266 -39.43 -13.23 10.52
CA SER F 266 -39.46 -13.38 10.35
C SER F 266 -40.64 -12.85 11.31
C SER F 266 -40.68 -12.90 11.16
N GLY F 267 -41.39 -13.85 11.72
CA GLY F 267 -42.62 -13.62 12.44
C GLY F 267 -42.82 -14.55 13.62
N MET F 268 -43.75 -14.18 14.50
CA MET F 268 -44.05 -14.99 15.67
C MET F 268 -45.53 -15.37 15.73
N HIS F 269 -45.88 -16.45 15.03
CA HIS F 269 -47.26 -16.96 14.99
C HIS F 269 -47.66 -17.38 16.40
N CYS F 270 -48.94 -17.17 16.72
CA CYS F 270 -49.44 -17.50 18.04
C CYS F 270 -50.57 -18.48 18.11
N HIS F 271 -50.22 -19.66 18.58
CA HIS F 271 -51.16 -20.74 18.77
C HIS F 271 -51.78 -20.53 20.12
N MET F 272 -53.10 -20.67 20.17
CA MET F 272 -53.83 -20.47 21.39
C MET F 272 -54.99 -21.43 21.48
N SER F 273 -55.45 -21.60 22.71
CA SER F 273 -56.59 -22.44 23.06
C SER F 273 -56.85 -22.25 24.55
N LEU F 274 -58.10 -22.41 24.94
CA LEU F 274 -58.45 -22.25 26.35
C LEU F 274 -58.82 -23.58 26.95
N ALA F 275 -58.61 -23.70 28.25
CA ALA F 275 -58.93 -24.92 28.96
C ALA F 275 -59.66 -24.70 30.28
N LYS F 276 -60.30 -25.76 30.75
CA LYS F 276 -61.05 -25.74 32.00
C LYS F 276 -61.10 -27.17 32.48
N ASN F 277 -60.46 -27.43 33.62
CA ASN F 277 -60.41 -28.75 34.24
C ASN F 277 -59.96 -29.79 33.23
N GLY F 278 -58.73 -29.64 32.73
CA GLY F 278 -58.17 -30.58 31.78
C GLY F 278 -58.91 -30.79 30.46
N THR F 279 -59.97 -30.03 30.20
CA THR F 279 -60.72 -30.18 28.94
C THR F 279 -60.44 -29.03 27.99
N ASN F 280 -60.31 -29.34 26.71
CA ASN F 280 -60.01 -28.29 25.74
C ASN F 280 -61.26 -27.63 25.19
N LEU F 281 -61.57 -26.47 25.76
CA LEU F 281 -62.74 -25.70 25.37
C LEU F 281 -62.78 -25.27 23.91
N PHE F 282 -61.69 -25.49 23.17
CA PHE F 282 -61.66 -25.08 21.77
C PHE F 282 -62.07 -26.15 20.77
N SER F 283 -62.41 -27.34 21.26
CA SER F 283 -62.83 -28.41 20.37
C SER F 283 -64.35 -28.49 20.37
N GLY F 284 -64.93 -28.81 19.22
CA GLY F 284 -66.38 -28.90 19.12
C GLY F 284 -66.76 -29.60 17.83
N ASP F 285 -67.93 -29.26 17.30
CA ASP F 285 -68.43 -29.87 16.07
C ASP F 285 -68.65 -28.89 14.91
N LYS F 286 -68.21 -27.64 15.10
CA LYS F 286 -68.30 -26.63 14.04
C LYS F 286 -67.07 -26.76 13.16
N TYR F 287 -66.83 -25.72 12.35
CA TYR F 287 -65.68 -25.73 11.44
C TYR F 287 -64.37 -26.36 11.95
N ALA F 288 -63.85 -27.29 11.17
CA ALA F 288 -62.57 -27.93 11.51
C ALA F 288 -62.43 -28.59 12.89
N GLY F 289 -63.53 -28.93 13.53
CA GLY F 289 -63.44 -29.57 14.83
C GLY F 289 -63.42 -28.59 16.00
N LEU F 290 -63.69 -27.32 15.67
CA LEU F 290 -63.72 -26.23 16.63
C LEU F 290 -65.00 -26.12 17.45
N SER F 291 -64.88 -25.54 18.63
CA SER F 291 -66.03 -25.33 19.49
C SER F 291 -66.62 -23.96 19.15
N GLU F 292 -67.79 -23.69 19.69
CA GLU F 292 -68.46 -22.43 19.49
C GLU F 292 -67.52 -21.38 20.06
N GLN F 293 -67.06 -21.66 21.28
CA GLN F 293 -66.14 -20.82 22.04
C GLN F 293 -65.01 -20.21 21.20
N ALA F 294 -64.26 -21.09 20.55
CA ALA F 294 -63.15 -20.70 19.70
C ALA F 294 -63.53 -19.64 18.68
N LEU F 295 -64.66 -19.84 18.00
CA LEU F 295 -65.06 -18.90 16.99
C LEU F 295 -65.40 -17.52 17.53
N TYR F 296 -65.85 -17.46 18.77
CA TYR F 296 -66.10 -16.16 19.38
C TYR F 296 -64.76 -15.50 19.67
N TYR F 297 -63.79 -16.31 20.09
CA TYR F 297 -62.43 -15.85 20.37
C TYR F 297 -61.93 -15.21 19.07
N ILE F 298 -62.02 -15.99 17.99
CA ILE F 298 -61.60 -15.55 16.67
C ILE F 298 -62.27 -14.24 16.28
N GLY F 299 -63.56 -14.16 16.56
CA GLY F 299 -64.30 -12.96 16.24
C GLY F 299 -63.74 -11.77 16.98
N GLY F 300 -63.40 -11.99 18.26
CA GLY F 300 -62.85 -10.92 19.07
C GLY F 300 -61.51 -10.46 18.52
N VAL F 301 -60.63 -11.43 18.30
CA VAL F 301 -59.30 -11.16 17.77
C VAL F 301 -59.42 -10.36 16.49
N ILE F 302 -60.30 -10.80 15.60
CA ILE F 302 -60.52 -10.10 14.35
C ILE F 302 -61.09 -8.69 14.57
N LYS F 303 -61.93 -8.54 15.59
CA LYS F 303 -62.52 -7.23 15.84
C LYS F 303 -61.48 -6.23 16.31
N HIS F 304 -60.67 -6.66 17.26
CA HIS F 304 -59.64 -5.83 17.86
C HIS F 304 -58.27 -5.86 17.21
N ALA F 305 -58.17 -6.56 16.10
CA ALA F 305 -56.91 -6.70 15.38
C ALA F 305 -55.99 -5.47 15.37
N LYS F 306 -56.42 -4.39 14.73
CA LYS F 306 -55.59 -3.19 14.67
C LYS F 306 -55.05 -2.74 16.03
N ALA F 307 -55.85 -2.90 17.08
CA ALA F 307 -55.40 -2.49 18.40
C ALA F 307 -54.37 -3.51 18.84
N ILE F 308 -54.67 -4.79 18.64
CA ILE F 308 -53.73 -5.84 19.02
C ILE F 308 -52.41 -5.63 18.28
N ASN F 309 -52.49 -5.16 17.05
CA ASN F 309 -51.30 -4.89 16.25
C ASN F 309 -50.30 -4.06 17.04
N ALA F 310 -50.75 -2.95 17.61
CA ALA F 310 -49.88 -2.09 18.42
C ALA F 310 -49.06 -2.88 19.46
N LEU F 311 -49.55 -4.02 19.91
CA LEU F 311 -48.77 -4.82 20.87
C LEU F 311 -47.95 -5.92 20.25
N ALA F 312 -48.55 -6.58 19.25
CA ALA F 312 -47.93 -7.69 18.55
C ALA F 312 -47.15 -7.31 17.29
N ASN F 313 -47.07 -6.01 17.00
CA ASN F 313 -46.38 -5.47 15.81
C ASN F 313 -46.05 -4.02 16.19
N PRO F 314 -45.23 -3.83 17.25
CA PRO F 314 -44.80 -2.54 17.81
C PRO F 314 -43.79 -1.72 17.06
N THR F 315 -43.39 -2.21 15.89
CA THR F 315 -42.37 -1.53 15.12
C THR F 315 -42.79 -1.11 13.75
N THR F 316 -42.23 0.01 13.29
CA THR F 316 -42.50 0.48 11.94
C THR F 316 -42.08 -0.64 10.97
N ASN F 317 -40.98 -1.30 11.32
CA ASN F 317 -40.41 -2.41 10.55
C ASN F 317 -41.43 -3.53 10.45
N SER F 318 -42.21 -3.72 11.51
CA SER F 318 -43.23 -4.76 11.59
C SER F 318 -44.13 -4.75 10.39
N TYR F 319 -44.41 -3.52 9.93
CA TYR F 319 -45.27 -3.26 8.78
C TYR F 319 -44.61 -3.44 7.44
N LYS F 320 -43.30 -3.63 7.45
CA LYS F 320 -42.56 -3.88 6.22
C LYS F 320 -42.66 -5.37 5.89
N ARG F 321 -43.02 -6.15 6.90
CA ARG F 321 -43.21 -7.60 6.80
C ARG F 321 -44.60 -7.96 6.33
N LEU F 322 -45.58 -7.29 6.92
CA LEU F 322 -47.00 -7.48 6.61
C LEU F 322 -47.35 -7.01 5.19
N VAL F 323 -46.93 -7.84 4.23
CA VAL F 323 -47.17 -7.65 2.81
C VAL F 323 -47.34 -9.02 2.11
N PRO F 324 -48.03 -9.03 0.96
CA PRO F 324 -48.26 -10.27 0.22
C PRO F 324 -46.99 -10.90 -0.33
N GLY F 325 -47.02 -12.23 -0.46
CA GLY F 325 -45.91 -12.95 -1.06
C GLY F 325 -44.82 -13.53 -0.20
N TYR F 326 -44.83 -13.19 1.10
CA TYR F 326 -43.73 -13.64 1.97
C TYR F 326 -44.27 -14.41 3.17
N GLU F 327 -45.32 -15.19 2.99
CA GLU F 327 -45.92 -16.00 4.04
C GLU F 327 -46.39 -15.18 5.24
N ALA F 328 -46.62 -13.89 5.02
CA ALA F 328 -47.10 -12.95 6.03
C ALA F 328 -48.52 -12.58 5.65
N PRO F 329 -49.50 -13.07 6.41
CA PRO F 329 -50.89 -12.78 6.12
C PRO F 329 -51.36 -11.46 6.67
N VAL F 330 -52.11 -10.74 5.85
CA VAL F 330 -52.67 -9.44 6.18
C VAL F 330 -54.19 -9.51 6.34
N MET F 331 -54.77 -10.52 5.69
CA MET F 331 -56.21 -10.75 5.70
C MET F 331 -56.69 -11.25 7.03
N LEU F 332 -57.60 -10.49 7.63
CA LEU F 332 -58.19 -10.82 8.91
C LEU F 332 -59.33 -11.83 8.72
N ALA F 333 -58.95 -13.08 8.45
CA ALA F 333 -59.90 -14.15 8.24
C ALA F 333 -59.37 -15.43 8.83
N TYR F 334 -60.22 -16.45 8.88
CA TYR F 334 -59.76 -17.71 9.40
C TYR F 334 -60.05 -18.81 8.39
N SER F 335 -59.26 -19.88 8.47
CA SER F 335 -59.38 -21.03 7.59
C SER F 335 -58.40 -22.11 8.02
N ALA F 336 -58.72 -23.34 7.65
CA ALA F 336 -57.84 -24.44 7.94
C ALA F 336 -57.01 -24.72 6.67
N ARG F 337 -57.59 -24.28 5.52
CA ARG F 337 -57.01 -24.45 4.20
C ARG F 337 -56.13 -23.31 3.74
N ASN F 338 -56.83 -22.27 3.26
CA ASN F 338 -56.25 -21.08 2.71
C ASN F 338 -55.25 -20.40 3.67
N ARG F 339 -54.03 -20.22 3.17
CA ARG F 339 -52.99 -19.62 3.99
C ARG F 339 -52.73 -18.15 3.68
N SER F 340 -53.77 -17.50 3.16
CA SER F 340 -53.76 -16.07 2.88
C SER F 340 -54.38 -15.42 4.13
N ALA F 341 -54.98 -16.29 4.96
CA ALA F 341 -55.65 -15.95 6.21
C ALA F 341 -54.69 -15.82 7.38
N SER F 342 -54.84 -14.73 8.12
CA SER F 342 -53.98 -14.46 9.27
C SER F 342 -54.27 -15.39 10.43
N ILE F 343 -55.48 -15.92 10.49
CA ILE F 343 -55.80 -16.91 11.52
C ILE F 343 -55.93 -18.20 10.75
N ARG F 344 -55.17 -19.19 11.17
CA ARG F 344 -55.20 -20.46 10.49
C ARG F 344 -55.63 -21.46 11.54
N ILE F 345 -56.43 -22.43 11.13
CA ILE F 345 -56.90 -23.46 12.05
C ILE F 345 -56.16 -24.72 11.78
N PRO F 346 -55.25 -25.10 12.69
CA PRO F 346 -54.50 -26.33 12.46
C PRO F 346 -55.45 -27.51 12.54
N VAL F 347 -55.35 -28.35 11.52
CA VAL F 347 -56.15 -29.55 11.44
C VAL F 347 -55.38 -30.60 12.22
N VAL F 348 -56.08 -31.35 13.05
CA VAL F 348 -55.42 -32.37 13.84
C VAL F 348 -56.33 -33.49 14.36
N ALA F 349 -55.80 -34.71 14.31
CA ALA F 349 -56.50 -35.92 14.78
C ALA F 349 -57.42 -35.74 15.99
N SER F 350 -56.85 -35.75 17.20
CA SER F 350 -57.68 -35.67 18.41
C SER F 350 -58.34 -34.29 18.58
N PRO F 351 -59.13 -34.17 19.63
CA PRO F 351 -59.71 -32.90 20.06
C PRO F 351 -58.77 -32.26 21.09
N LYS F 352 -57.98 -33.10 21.75
CA LYS F 352 -57.05 -32.64 22.79
C LYS F 352 -56.12 -31.54 22.32
N ALA F 353 -55.85 -31.53 21.01
CA ALA F 353 -54.95 -30.54 20.43
C ALA F 353 -55.58 -29.46 19.56
N ARG F 354 -56.90 -29.32 19.60
CA ARG F 354 -57.57 -28.32 18.77
C ARG F 354 -57.19 -26.93 19.27
N ARG F 355 -57.01 -25.98 18.36
CA ARG F 355 -56.63 -24.61 18.76
C ARG F 355 -56.66 -23.70 17.55
N ILE F 356 -56.20 -22.47 17.73
CA ILE F 356 -56.11 -21.51 16.64
C ILE F 356 -54.70 -20.94 16.58
N GLU F 357 -54.32 -20.44 15.40
CA GLU F 357 -53.00 -19.84 15.20
C GLU F 357 -53.19 -18.49 14.57
N VAL F 358 -52.81 -17.47 15.33
CA VAL F 358 -52.89 -16.11 14.85
C VAL F 358 -51.49 -15.77 14.35
N ARG F 359 -51.40 -15.73 13.05
CA ARG F 359 -50.12 -15.55 12.41
C ARG F 359 -49.55 -14.14 12.32
N PHE F 360 -50.31 -13.05 12.45
CA PHE F 360 -49.70 -11.72 12.22
C PHE F 360 -48.69 -11.20 13.26
N PRO F 361 -48.73 -11.68 14.51
CA PRO F 361 -47.71 -11.20 15.47
C PRO F 361 -46.26 -11.39 14.99
N ASP F 362 -45.33 -10.47 15.32
CA ASP F 362 -43.91 -10.69 15.01
C ASP F 362 -43.10 -10.64 16.32
N PRO F 363 -41.77 -10.96 16.21
CA PRO F 363 -40.79 -11.09 17.33
C PRO F 363 -40.63 -9.92 18.25
N ALA F 364 -40.68 -8.79 17.60
CA ALA F 364 -40.49 -7.55 18.28
C ALA F 364 -41.51 -7.26 19.37
N ALA F 365 -42.64 -7.97 19.35
CA ALA F 365 -43.71 -7.78 20.29
C ALA F 365 -43.32 -8.07 21.72
N ASN F 366 -43.85 -7.27 22.66
CA ASN F 366 -43.59 -7.51 24.08
C ASN F 366 -44.47 -8.72 24.35
N PRO F 367 -43.88 -9.89 24.59
CA PRO F 367 -44.61 -11.14 24.86
C PRO F 367 -45.84 -10.91 25.74
N TYR F 368 -45.58 -10.45 26.96
CA TYR F 368 -46.62 -10.18 27.92
C TYR F 368 -47.76 -9.34 27.35
N LEU F 369 -47.45 -8.13 26.92
CA LEU F 369 -48.47 -7.26 26.35
C LEU F 369 -49.19 -7.89 25.18
N CYS F 370 -48.41 -8.41 24.24
CA CYS F 370 -48.95 -9.03 23.05
C CYS F 370 -49.92 -10.16 23.40
N PHE F 371 -49.46 -11.09 24.22
CA PHE F 371 -50.30 -12.21 24.64
C PHE F 371 -51.58 -11.78 25.31
N ALA F 372 -51.47 -10.87 26.29
CA ALA F 372 -52.63 -10.34 26.98
C ALA F 372 -53.66 -9.80 25.98
N ALA F 373 -53.22 -8.90 25.10
CA ALA F 373 -54.09 -8.30 24.09
C ALA F 373 -54.83 -9.36 23.29
N LEU F 374 -54.12 -10.42 22.95
CA LEU F 374 -54.72 -11.51 22.21
C LEU F 374 -55.83 -12.14 23.07
N LEU F 375 -55.48 -12.45 24.32
CA LEU F 375 -56.40 -13.08 25.26
C LEU F 375 -57.63 -12.26 25.56
N MET F 376 -57.41 -10.99 25.87
CA MET F 376 -58.50 -10.07 26.20
C MET F 376 -59.45 -9.83 25.03
N ALA F 377 -58.93 -9.83 23.82
CA ALA F 377 -59.77 -9.62 22.65
C ALA F 377 -60.54 -10.90 22.43
N GLY F 378 -59.96 -12.02 22.85
CA GLY F 378 -60.59 -13.31 22.68
C GLY F 378 -61.75 -13.43 23.64
N LEU F 379 -61.53 -12.99 24.87
CA LEU F 379 -62.55 -13.02 25.90
C LEU F 379 -63.72 -12.10 25.54
N ASP F 380 -63.39 -10.92 25.03
CA ASP F 380 -64.42 -9.96 24.64
C ASP F 380 -65.26 -10.48 23.49
N GLY F 381 -64.67 -11.34 22.66
CA GLY F 381 -65.40 -11.89 21.54
C GLY F 381 -66.39 -12.93 22.02
N ILE F 382 -66.03 -13.57 23.13
CA ILE F 382 -66.84 -14.60 23.77
C ILE F 382 -68.01 -13.98 24.56
N LYS F 383 -67.68 -13.06 25.47
CA LYS F 383 -68.71 -12.38 26.26
C LYS F 383 -69.76 -11.82 25.32
N ASN F 384 -69.34 -11.00 24.35
CA ASN F 384 -70.25 -10.38 23.38
C ASN F 384 -70.63 -11.27 22.15
N LYS F 385 -70.44 -12.60 22.23
CA LYS F 385 -70.78 -13.53 21.12
C LYS F 385 -70.55 -12.96 19.70
N ILE F 386 -69.32 -12.46 19.51
CA ILE F 386 -68.95 -11.88 18.23
C ILE F 386 -68.70 -12.93 17.18
N HIS F 387 -69.57 -12.96 16.18
CA HIS F 387 -69.38 -13.96 15.16
C HIS F 387 -68.31 -13.63 14.16
N PRO F 388 -67.39 -14.57 13.94
CA PRO F 388 -66.25 -14.50 13.02
C PRO F 388 -66.63 -14.63 11.55
N GLY F 389 -67.92 -14.80 11.28
CA GLY F 389 -68.37 -14.93 9.91
C GLY F 389 -67.95 -16.25 9.31
N GLU F 390 -67.93 -16.30 7.98
CA GLU F 390 -67.55 -17.51 7.25
C GLU F 390 -66.07 -17.60 6.93
N PRO F 391 -65.50 -18.81 7.03
CA PRO F 391 -64.08 -19.08 6.76
C PRO F 391 -63.70 -18.82 5.32
N MET F 392 -62.45 -18.41 5.10
CA MET F 392 -61.95 -18.13 3.76
C MET F 392 -61.38 -19.40 3.17
N ASP F 393 -62.03 -19.93 2.14
CA ASP F 393 -61.50 -21.13 1.51
C ASP F 393 -61.20 -20.87 0.03
N LYS F 394 -61.03 -19.58 -0.29
CA LYS F 394 -60.75 -19.07 -1.65
C LYS F 394 -59.24 -18.97 -2.02
N ASN F 395 -58.91 -18.00 -2.89
CA ASN F 395 -57.52 -17.83 -3.39
C ASN F 395 -56.59 -16.88 -2.56
N LEU F 396 -55.31 -17.18 -2.69
CA LEU F 396 -54.17 -16.61 -1.94
C LEU F 396 -53.96 -15.07 -1.88
N TYR F 397 -52.95 -14.46 -2.53
CA TYR F 397 -52.69 -13.02 -2.28
C TYR F 397 -53.39 -11.94 -3.16
N ASP F 398 -53.17 -11.94 -4.46
CA ASP F 398 -53.90 -11.01 -5.33
C ASP F 398 -54.68 -11.55 -6.55
N LEU F 399 -55.65 -12.38 -6.18
CA LEU F 399 -56.63 -12.97 -7.07
C LEU F 399 -57.93 -12.26 -6.71
N PRO F 400 -58.00 -11.87 -5.39
CA PRO F 400 -59.18 -11.17 -4.78
C PRO F 400 -59.78 -9.99 -5.53
N PRO F 401 -59.11 -8.84 -5.83
CA PRO F 401 -59.90 -7.72 -6.39
C PRO F 401 -60.66 -8.03 -7.72
N GLU F 402 -61.56 -9.03 -7.65
CA GLU F 402 -62.40 -9.50 -8.75
C GLU F 402 -63.77 -8.85 -8.52
N GLU F 403 -63.92 -8.41 -7.29
CA GLU F 403 -65.05 -7.76 -6.70
C GLU F 403 -64.42 -6.85 -5.64
N ALA F 404 -63.16 -6.52 -5.97
CA ALA F 404 -62.20 -5.72 -5.19
C ALA F 404 -62.43 -6.08 -3.72
N LYS F 405 -62.03 -7.30 -3.33
CA LYS F 405 -62.33 -7.72 -1.97
C LYS F 405 -61.71 -6.83 -0.92
N GLU F 406 -62.49 -6.14 -0.12
CA GLU F 406 -62.03 -5.36 0.96
C GLU F 406 -62.47 -5.92 2.32
N ILE F 407 -62.12 -7.17 2.62
CA ILE F 407 -62.48 -7.73 3.92
C ILE F 407 -61.48 -7.13 4.94
N PRO F 408 -61.81 -7.18 6.24
CA PRO F 408 -60.95 -6.63 7.28
C PRO F 408 -59.46 -7.02 7.19
N GLN F 409 -58.59 -6.06 7.52
CA GLN F 409 -57.16 -6.30 7.48
C GLN F 409 -56.42 -5.66 8.62
N VAL F 410 -55.24 -6.23 8.93
CA VAL F 410 -54.39 -5.71 10.00
C VAL F 410 -53.97 -4.28 9.70
N ALA F 411 -53.55 -3.56 10.73
CA ALA F 411 -53.12 -2.18 10.58
C ALA F 411 -52.11 -1.98 9.46
N GLY F 412 -52.28 -0.93 8.67
CA GLY F 412 -51.36 -0.69 7.57
C GLY F 412 -50.03 -0.09 7.96
N SER F 413 -50.03 0.67 9.06
CA SER F 413 -48.83 1.32 9.55
C SER F 413 -48.79 1.17 11.05
N LEU F 414 -47.85 1.85 11.69
CA LEU F 414 -47.75 1.77 13.13
C LEU F 414 -48.66 2.84 13.73
N GLU F 415 -48.66 4.03 13.15
CA GLU F 415 -49.47 5.16 13.62
C GLU F 415 -50.91 4.68 13.72
N GLU F 416 -51.32 3.94 12.69
CA GLU F 416 -52.64 3.36 12.62
C GLU F 416 -52.84 2.43 13.83
N ALA F 417 -52.07 1.35 13.89
CA ALA F 417 -52.15 0.39 14.98
C ALA F 417 -52.21 1.05 16.34
N LEU F 418 -51.48 2.15 16.47
CA LEU F 418 -51.44 2.86 17.72
C LEU F 418 -52.75 3.56 17.96
N ASN F 419 -53.08 4.47 17.05
CA ASN F 419 -54.32 5.22 17.15
C ASN F 419 -55.53 4.27 17.39
N ALA F 420 -55.49 3.08 16.79
CA ALA F 420 -56.53 2.06 16.97
C ALA F 420 -56.55 1.63 18.43
N LEU F 421 -55.40 1.30 18.98
CA LEU F 421 -55.33 0.90 20.37
C LEU F 421 -55.80 2.08 21.24
N ASP F 422 -55.59 3.30 20.76
CA ASP F 422 -56.02 4.48 21.51
C ASP F 422 -57.53 4.36 21.74
N LEU F 423 -58.26 4.36 20.62
CA LEU F 423 -59.71 4.25 20.61
C LEU F 423 -60.25 2.94 21.19
N ASP F 424 -60.04 1.84 20.47
CA ASP F 424 -60.52 0.52 20.88
C ASP F 424 -59.84 0.01 22.17
N ARG F 425 -59.48 0.92 23.06
CA ARG F 425 -58.82 0.53 24.29
C ARG F 425 -59.72 -0.11 25.32
N GLU F 426 -61.02 -0.06 25.08
CA GLU F 426 -61.94 -0.58 26.05
C GLU F 426 -61.79 -2.02 26.48
N PHE F 427 -61.66 -2.93 25.53
CA PHE F 427 -61.55 -4.33 25.92
C PHE F 427 -60.32 -4.68 26.74
N LEU F 428 -59.33 -3.79 26.72
CA LEU F 428 -58.10 -4.03 27.46
C LEU F 428 -58.21 -3.58 28.90
N LYS F 429 -58.97 -2.51 29.12
CA LYS F 429 -59.14 -1.95 30.46
C LYS F 429 -60.02 -2.84 31.33
N ALA F 430 -60.75 -3.75 30.69
CA ALA F 430 -61.61 -4.70 31.37
C ALA F 430 -60.83 -5.39 32.48
N GLY F 431 -61.52 -5.72 33.57
CA GLY F 431 -60.89 -6.38 34.70
C GLY F 431 -59.73 -5.60 35.28
N GLY F 432 -59.61 -4.32 34.90
CA GLY F 432 -58.51 -3.49 35.39
C GLY F 432 -57.14 -4.04 35.02
N VAL F 433 -57.10 -4.79 33.91
CA VAL F 433 -55.88 -5.41 33.40
C VAL F 433 -54.99 -4.30 32.87
N PHE F 434 -55.51 -3.57 31.88
CA PHE F 434 -54.76 -2.45 31.33
C PHE F 434 -55.37 -1.20 31.89
N THR F 435 -54.52 -0.26 32.22
CA THR F 435 -54.99 1.01 32.76
C THR F 435 -54.75 2.03 31.68
N ASP F 436 -55.41 3.16 31.79
CA ASP F 436 -55.26 4.19 30.80
C ASP F 436 -53.86 4.70 30.63
N GLU F 437 -53.22 5.18 31.70
CA GLU F 437 -51.85 5.67 31.51
C GLU F 437 -50.87 4.56 31.15
N ALA F 438 -51.16 3.32 31.53
CA ALA F 438 -50.26 2.21 31.17
C ALA F 438 -50.28 2.19 29.64
N ILE F 439 -51.50 2.31 29.10
CA ILE F 439 -51.71 2.34 27.67
C ILE F 439 -51.27 3.66 27.02
N ASP F 440 -51.49 4.77 27.71
CA ASP F 440 -51.11 6.06 27.14
C ASP F 440 -49.59 6.21 27.10
N ALA F 441 -48.92 5.58 28.05
CA ALA F 441 -47.45 5.62 28.15
C ALA F 441 -46.86 4.84 26.98
N TYR F 442 -47.37 3.63 26.76
CA TYR F 442 -46.92 2.79 25.66
C TYR F 442 -47.05 3.55 24.35
N ILE F 443 -48.24 4.08 24.10
CA ILE F 443 -48.47 4.82 22.87
C ILE F 443 -47.45 5.94 22.69
N ALA F 444 -47.14 6.64 23.78
CA ALA F 444 -46.18 7.74 23.73
C ALA F 444 -44.78 7.33 23.24
N LEU F 445 -44.30 6.21 23.79
CA LEU F 445 -42.98 5.65 23.50
C LEU F 445 -42.84 5.30 22.03
N ARG F 446 -43.80 4.52 21.60
CA ARG F 446 -43.84 4.07 20.23
C ARG F 446 -44.03 5.26 19.29
N ARG F 447 -44.74 6.28 19.76
CA ARG F 447 -44.99 7.44 18.93
C ARG F 447 -43.68 8.15 18.61
N GLU F 448 -42.75 8.16 19.57
CA GLU F 448 -41.49 8.84 19.33
C GLU F 448 -40.59 8.01 18.45
N GLU F 449 -40.71 6.68 18.53
CA GLU F 449 -39.94 5.79 17.65
C GLU F 449 -40.44 5.98 16.23
N ASP F 450 -41.76 5.92 16.06
CA ASP F 450 -42.36 6.12 14.75
C ASP F 450 -41.92 7.49 14.18
N ASP F 451 -41.79 8.49 15.05
CA ASP F 451 -41.36 9.83 14.58
C ASP F 451 -40.04 9.77 13.86
N ARG F 452 -39.10 9.06 14.46
CA ARG F 452 -37.77 8.94 13.92
C ARG F 452 -37.76 8.40 12.53
N VAL F 453 -38.42 7.27 12.35
CA VAL F 453 -38.48 6.69 11.03
C VAL F 453 -39.25 7.59 10.06
N ARG F 454 -40.33 8.19 10.56
CA ARG F 454 -41.15 9.01 9.70
C ARG F 454 -40.48 10.30 9.30
N MET F 455 -39.56 10.75 10.13
CA MET F 455 -38.89 12.01 9.86
C MET F 455 -37.53 11.96 9.20
N THR F 456 -36.84 10.82 9.31
CA THR F 456 -35.50 10.65 8.72
C THR F 456 -35.60 10.22 7.24
N PRO F 457 -34.94 10.95 6.33
CA PRO F 457 -35.01 10.59 4.90
C PRO F 457 -34.60 9.14 4.68
N HIS F 458 -35.29 8.48 3.76
CA HIS F 458 -35.01 7.08 3.46
C HIS F 458 -34.14 7.03 2.21
N PRO F 459 -33.14 6.15 2.20
CA PRO F 459 -32.23 6.00 1.07
C PRO F 459 -32.99 5.95 -0.27
N VAL F 460 -34.03 5.13 -0.30
CA VAL F 460 -34.85 4.96 -1.50
C VAL F 460 -35.45 6.26 -2.03
N GLU F 461 -35.64 7.21 -1.14
CA GLU F 461 -36.17 8.48 -1.56
C GLU F 461 -35.21 9.16 -2.52
N PHE F 462 -33.94 8.88 -2.36
CA PHE F 462 -32.97 9.51 -3.26
C PHE F 462 -33.00 8.87 -4.63
N GLU F 463 -33.14 7.56 -4.54
CA GLU F 463 -33.24 6.75 -5.73
C GLU F 463 -34.42 7.23 -6.52
N LEU F 464 -35.54 7.41 -5.84
CA LEU F 464 -36.79 7.87 -6.42
C LEU F 464 -36.87 9.36 -6.67
N TYR F 465 -36.27 10.19 -5.81
CA TYR F 465 -36.58 11.61 -6.00
C TYR F 465 -35.41 12.61 -6.22
N TYR F 466 -34.18 12.18 -6.03
CA TYR F 466 -33.08 13.13 -6.18
C TYR F 466 -33.09 13.93 -7.47
N SER F 467 -33.35 13.24 -8.58
CA SER F 467 -33.29 13.89 -9.87
C SER F 467 -34.59 14.55 -10.25
N VAL F 468 -35.40 14.82 -9.24
CA VAL F 468 -36.69 15.46 -9.47
C VAL F 468 -36.60 16.87 -10.06
N SER G 1 -19.45 7.73 -60.67
CA SER G 1 -18.65 8.98 -60.71
C SER G 1 -17.14 8.75 -60.99
N ALA G 2 -16.81 8.06 -62.09
CA ALA G 2 -15.37 7.84 -62.37
C ALA G 2 -14.71 9.22 -62.43
N GLU G 3 -15.32 10.06 -63.29
CA GLU G 3 -14.90 11.44 -63.45
C GLU G 3 -14.95 12.22 -62.12
N HIS G 4 -16.15 12.28 -61.50
CA HIS G 4 -16.36 12.98 -60.24
C HIS G 4 -15.24 12.69 -59.21
N VAL G 5 -14.97 11.39 -59.00
CA VAL G 5 -13.92 10.97 -58.08
C VAL G 5 -12.58 11.62 -58.37
N LEU G 6 -12.15 11.60 -59.64
CA LEU G 6 -10.86 12.21 -59.96
C LEU G 6 -10.78 13.65 -59.54
N THR G 7 -11.84 14.40 -59.77
CA THR G 7 -11.86 15.82 -59.38
C THR G 7 -11.81 15.94 -57.86
N MET G 8 -12.54 15.05 -57.21
CA MET G 8 -12.61 14.99 -55.75
C MET G 8 -11.27 14.69 -55.06
N LEU G 9 -10.33 14.07 -55.80
CA LEU G 9 -9.02 13.78 -55.23
C LEU G 9 -8.25 15.10 -55.14
N ASN G 10 -8.31 15.90 -56.22
CA ASN G 10 -7.60 17.19 -56.26
C ASN G 10 -8.25 18.23 -55.38
N GLU G 11 -9.55 18.06 -55.20
CA GLU G 11 -10.34 19.00 -54.41
C GLU G 11 -10.07 18.90 -52.92
N HIS G 12 -9.68 17.71 -52.48
CA HIS G 12 -9.39 17.52 -51.05
C HIS G 12 -7.93 17.16 -50.79
N GLU G 13 -7.07 17.28 -51.82
CA GLU G 13 -5.66 16.91 -51.72
C GLU G 13 -5.62 15.57 -51.01
N VAL G 14 -6.41 14.64 -51.54
CA VAL G 14 -6.53 13.32 -50.97
C VAL G 14 -5.22 12.59 -51.10
N LYS G 15 -4.81 11.95 -50.00
CA LYS G 15 -3.56 11.22 -49.99
C LYS G 15 -3.84 9.72 -50.16
N PHE G 16 -4.93 9.24 -49.59
CA PHE G 16 -5.25 7.82 -49.71
C PHE G 16 -6.67 7.52 -50.11
N VAL G 17 -6.89 6.26 -50.47
CA VAL G 17 -8.18 5.78 -50.86
C VAL G 17 -8.45 4.52 -50.09
N ASP G 18 -9.57 4.53 -49.38
CA ASP G 18 -9.91 3.39 -48.59
C ASP G 18 -11.00 2.58 -49.24
N LEU G 19 -10.63 1.38 -49.63
CA LEU G 19 -11.55 0.50 -50.28
C LEU G 19 -12.29 -0.26 -49.22
N ARG G 20 -13.60 -0.14 -49.24
CA ARG G 20 -14.37 -0.87 -48.25
C ARG G 20 -15.43 -1.74 -48.89
N PHE G 21 -15.69 -2.85 -48.22
CA PHE G 21 -16.67 -3.80 -48.68
C PHE G 21 -17.14 -4.53 -47.45
N THR G 22 -18.15 -5.38 -47.61
CA THR G 22 -18.72 -6.05 -46.46
C THR G 22 -18.66 -7.56 -46.50
N ASP G 23 -18.26 -8.16 -45.38
CA ASP G 23 -18.12 -9.60 -45.29
C ASP G 23 -19.44 -10.26 -45.02
N THR G 24 -19.44 -11.59 -45.04
CA THR G 24 -20.65 -12.35 -44.85
C THR G 24 -21.39 -12.04 -43.56
N LYS G 25 -20.68 -12.04 -42.43
CA LYS G 25 -21.33 -11.76 -41.13
C LYS G 25 -21.92 -10.35 -41.10
N GLY G 26 -21.32 -9.45 -41.87
CA GLY G 26 -21.84 -8.11 -41.93
C GLY G 26 -20.83 -7.06 -41.57
N LYS G 27 -19.66 -7.51 -41.13
CA LYS G 27 -18.60 -6.60 -40.73
C LYS G 27 -17.96 -5.95 -41.96
N GLU G 28 -17.93 -4.62 -41.96
CA GLU G 28 -17.33 -3.83 -43.04
C GLU G 28 -15.80 -3.99 -43.00
N GLN G 29 -15.19 -4.28 -44.16
CA GLN G 29 -13.74 -4.45 -44.26
C GLN G 29 -13.16 -3.31 -45.11
N HIS G 30 -11.85 -3.08 -45.01
CA HIS G 30 -11.24 -1.99 -45.77
C HIS G 30 -9.80 -2.19 -46.19
N VAL G 31 -9.35 -1.48 -47.20
CA VAL G 31 -7.96 -1.62 -47.58
C VAL G 31 -7.54 -0.31 -48.18
N THR G 32 -6.33 0.09 -47.86
CA THR G 32 -5.91 1.38 -48.32
C THR G 32 -4.90 1.39 -49.41
N ILE G 33 -5.18 2.30 -50.34
CA ILE G 33 -4.39 2.49 -51.53
C ILE G 33 -4.07 3.96 -51.65
N PRO G 34 -2.83 4.28 -52.04
CA PRO G 34 -2.41 5.67 -52.19
C PRO G 34 -3.22 6.26 -53.31
N ALA G 35 -3.53 7.55 -53.23
CA ALA G 35 -4.32 8.17 -54.27
C ALA G 35 -3.70 7.97 -55.67
N HIS G 36 -2.38 7.96 -55.73
CA HIS G 36 -1.71 7.81 -57.03
C HIS G 36 -1.97 6.46 -57.69
N GLN G 37 -2.38 5.48 -56.89
CA GLN G 37 -2.67 4.14 -57.38
C GLN G 37 -4.02 4.10 -58.08
N VAL G 38 -4.72 5.22 -58.03
CA VAL G 38 -6.03 5.37 -58.65
C VAL G 38 -5.90 5.99 -60.02
N ASN G 39 -6.23 5.16 -61.02
CA ASN G 39 -6.13 5.55 -62.41
C ASN G 39 -7.33 5.07 -63.22
N ALA G 40 -7.20 5.26 -64.52
CA ALA G 40 -8.21 4.90 -65.48
C ALA G 40 -8.75 3.46 -65.36
N GLU G 41 -7.87 2.49 -65.54
CA GLU G 41 -8.29 1.08 -65.48
C GLU G 41 -8.72 0.60 -64.12
N PHE G 42 -8.21 1.23 -63.08
CA PHE G 42 -8.57 0.88 -61.73
C PHE G 42 -10.10 0.81 -61.63
N PHE G 43 -10.76 1.74 -62.31
CA PHE G 43 -12.22 1.78 -62.31
C PHE G 43 -12.95 0.75 -63.12
N GLU G 44 -12.38 0.37 -64.25
CA GLU G 44 -13.01 -0.62 -65.10
C GLU G 44 -12.64 -2.05 -64.74
N GLU G 45 -11.46 -2.27 -64.17
CA GLU G 45 -11.08 -3.63 -63.78
C GLU G 45 -10.79 -3.87 -62.29
N GLY G 46 -10.95 -2.84 -61.47
CA GLY G 46 -10.72 -2.98 -60.03
C GLY G 46 -9.32 -3.40 -59.65
N LYS G 47 -9.17 -3.96 -58.44
CA LYS G 47 -7.87 -4.41 -57.96
C LYS G 47 -7.99 -5.82 -57.48
N MET G 48 -6.85 -6.50 -57.46
CA MET G 48 -6.78 -7.88 -57.03
C MET G 48 -6.56 -8.04 -55.56
N PHE G 49 -7.15 -9.09 -54.99
CA PHE G 49 -6.97 -9.39 -53.58
C PHE G 49 -7.45 -10.81 -53.25
N ASP G 50 -6.87 -11.39 -52.20
CA ASP G 50 -7.21 -12.73 -51.74
C ASP G 50 -8.27 -12.69 -50.64
N GLY G 51 -9.41 -13.32 -50.89
CA GLY G 51 -10.47 -13.34 -49.90
C GLY G 51 -10.30 -14.45 -48.89
N SER G 52 -9.47 -15.43 -49.20
CA SER G 52 -9.23 -16.62 -48.34
C SER G 52 -9.32 -16.46 -46.82
N SER G 53 -8.73 -15.40 -46.29
CA SER G 53 -8.74 -15.18 -44.83
C SER G 53 -9.93 -14.32 -44.39
N ILE G 54 -11.06 -14.59 -45.01
CA ILE G 54 -12.30 -13.89 -44.70
C ILE G 54 -13.34 -14.94 -44.36
N GLY G 55 -14.24 -14.55 -43.46
CA GLY G 55 -15.27 -15.46 -43.03
C GLY G 55 -16.15 -16.01 -44.15
N GLY G 56 -16.03 -17.33 -44.36
CA GLY G 56 -16.84 -18.04 -45.34
C GLY G 56 -16.74 -17.74 -46.82
N TRP G 57 -15.59 -17.25 -47.21
CA TRP G 57 -15.27 -16.94 -48.60
C TRP G 57 -14.09 -17.79 -48.91
N LYS G 58 -13.76 -18.43 -47.83
CA LYS G 58 -12.66 -19.32 -47.74
C LYS G 58 -12.61 -19.96 -49.06
N GLY G 59 -11.48 -20.55 -49.29
CA GLY G 59 -11.19 -21.19 -50.54
C GLY G 59 -9.73 -20.93 -50.72
N ILE G 60 -8.96 -21.57 -49.86
CA ILE G 60 -7.54 -21.33 -49.86
C ILE G 60 -6.97 -21.97 -51.11
N ASN G 61 -7.73 -21.89 -52.19
CA ASN G 61 -7.31 -22.45 -53.43
C ASN G 61 -7.76 -21.61 -54.64
N GLU G 62 -9.05 -21.29 -54.67
CA GLU G 62 -9.65 -20.55 -55.83
C GLU G 62 -10.03 -19.06 -55.62
N SER G 63 -10.38 -18.68 -54.38
CA SER G 63 -10.92 -17.34 -54.01
C SER G 63 -9.95 -16.16 -54.02
N ASP G 64 -9.44 -15.89 -55.19
CA ASP G 64 -8.62 -14.73 -55.46
C ASP G 64 -9.58 -13.85 -56.23
N MET G 65 -10.25 -12.95 -55.51
CA MET G 65 -11.28 -12.08 -56.07
C MET G 65 -10.90 -10.63 -56.40
N VAL G 66 -11.85 -9.95 -57.05
CA VAL G 66 -11.72 -8.56 -57.48
C VAL G 66 -12.51 -7.53 -56.68
N LEU G 67 -11.86 -6.44 -56.33
CA LEU G 67 -12.51 -5.36 -55.62
C LEU G 67 -12.96 -4.38 -56.68
N MET G 68 -14.27 -4.26 -56.85
CA MET G 68 -14.74 -3.35 -57.86
C MET G 68 -15.30 -2.08 -57.29
N PRO G 69 -14.52 -1.00 -57.39
CA PRO G 69 -14.92 0.33 -56.91
C PRO G 69 -16.23 0.78 -57.52
N ASP G 70 -17.03 1.44 -56.69
CA ASP G 70 -18.30 1.98 -57.11
C ASP G 70 -18.16 3.49 -57.01
N ALA G 71 -17.83 4.10 -58.14
CA ALA G 71 -17.62 5.54 -58.22
C ALA G 71 -18.63 6.39 -57.48
N SER G 72 -19.86 5.92 -57.37
CA SER G 72 -20.89 6.71 -56.70
C SER G 72 -20.71 6.84 -55.17
N THR G 73 -20.28 5.76 -54.54
CA THR G 73 -20.09 5.68 -53.08
C THR G 73 -19.00 6.55 -52.44
N ALA G 74 -18.19 7.22 -53.25
CA ALA G 74 -17.07 8.02 -52.75
C ALA G 74 -17.37 9.14 -51.77
N VAL G 75 -16.66 9.10 -50.65
CA VAL G 75 -16.77 10.13 -49.64
C VAL G 75 -15.62 10.10 -48.64
N ILE G 76 -15.19 11.30 -48.27
CA ILE G 76 -14.10 11.52 -47.33
C ILE G 76 -14.28 10.87 -45.96
N ASP G 77 -13.19 10.33 -45.40
CA ASP G 77 -13.25 9.76 -44.07
C ASP G 77 -12.98 10.93 -43.13
N PRO G 78 -13.90 11.17 -42.19
CA PRO G 78 -13.77 12.29 -41.26
C PRO G 78 -12.97 12.03 -40.01
N PHE G 79 -12.49 10.81 -39.86
CA PHE G 79 -11.73 10.44 -38.66
C PHE G 79 -10.23 10.29 -38.93
N PHE G 80 -9.88 9.80 -40.11
CA PHE G 80 -8.49 9.58 -40.48
C PHE G 80 -7.69 10.87 -40.49
N ALA G 81 -6.44 10.75 -40.06
CA ALA G 81 -5.53 11.88 -39.96
C ALA G 81 -5.09 12.45 -41.27
N ASP G 82 -4.75 11.58 -42.21
CA ASP G 82 -4.29 12.05 -43.51
C ASP G 82 -5.53 12.02 -44.39
N SER G 83 -5.72 13.01 -45.25
CA SER G 83 -6.91 13.11 -46.07
C SER G 83 -7.18 11.85 -46.89
N THR G 84 -8.14 11.03 -46.48
CA THR G 84 -8.40 9.85 -47.31
C THR G 84 -9.86 9.75 -47.78
N LEU G 85 -9.98 9.22 -49.02
CA LEU G 85 -11.27 9.00 -49.67
C LEU G 85 -11.70 7.55 -49.59
N ILE G 86 -12.95 7.34 -49.17
CA ILE G 86 -13.49 5.99 -49.03
C ILE G 86 -14.28 5.66 -50.27
N ILE G 87 -14.20 4.39 -50.69
CA ILE G 87 -14.93 3.92 -51.84
C ILE G 87 -15.38 2.51 -51.57
N ARG G 88 -16.69 2.36 -51.58
CA ARG G 88 -17.32 1.08 -51.35
C ARG G 88 -17.07 0.26 -52.60
N CYS G 89 -16.76 -1.01 -52.40
CA CYS G 89 -16.47 -1.88 -53.52
C CYS G 89 -17.41 -3.05 -53.53
N ASP G 90 -17.48 -3.71 -54.69
CA ASP G 90 -18.28 -4.93 -54.88
C ASP G 90 -17.25 -6.00 -55.09
N ILE G 91 -17.58 -7.21 -54.68
CA ILE G 91 -16.70 -8.34 -54.87
C ILE G 91 -17.14 -9.08 -56.11
N LEU G 92 -16.30 -9.02 -57.13
CA LEU G 92 -16.59 -9.67 -58.41
C LEU G 92 -15.74 -10.90 -58.56
N GLU G 93 -16.22 -11.82 -59.39
CA GLU G 93 -15.51 -13.07 -59.69
C GLU G 93 -14.40 -12.71 -60.71
N PRO G 94 -13.16 -13.21 -60.51
CA PRO G 94 -12.08 -12.88 -61.45
C PRO G 94 -12.35 -13.34 -62.89
N GLY G 95 -12.06 -12.44 -63.84
CA GLY G 95 -12.29 -12.76 -65.25
C GLY G 95 -13.75 -12.59 -65.65
N THR G 96 -14.61 -13.47 -65.12
CA THR G 96 -16.05 -13.43 -65.41
C THR G 96 -16.58 -12.02 -65.10
N LEU G 97 -16.21 -11.52 -63.92
CA LEU G 97 -16.56 -10.18 -63.46
C LEU G 97 -18.03 -9.81 -63.27
N GLN G 98 -18.92 -10.75 -62.99
CA GLN G 98 -20.31 -10.31 -62.82
C GLN G 98 -20.85 -10.30 -61.38
N GLY G 99 -20.04 -10.73 -60.42
CA GLY G 99 -20.51 -10.65 -59.05
C GLY G 99 -20.52 -11.91 -58.24
N TYR G 100 -19.66 -11.92 -57.22
CA TYR G 100 -19.50 -13.05 -56.31
C TYR G 100 -20.79 -13.52 -55.62
N ASP G 101 -20.98 -14.84 -55.67
CA ASP G 101 -22.12 -15.52 -55.11
C ASP G 101 -22.34 -15.23 -53.64
N ARG G 102 -21.23 -15.01 -52.94
CA ARG G 102 -21.24 -14.73 -51.53
C ARG G 102 -21.11 -13.28 -51.12
N ASP G 103 -20.85 -12.39 -52.09
CA ASP G 103 -20.76 -10.96 -51.81
C ASP G 103 -22.17 -10.46 -51.49
N PRO G 104 -22.43 -10.17 -50.19
CA PRO G 104 -23.72 -9.71 -49.68
C PRO G 104 -24.22 -8.50 -50.43
N ARG G 105 -23.31 -7.65 -50.88
CA ARG G 105 -23.75 -6.48 -51.60
C ARG G 105 -24.27 -6.88 -52.97
N SER G 106 -23.61 -7.86 -53.59
CA SER G 106 -24.06 -8.33 -54.90
C SER G 106 -25.44 -8.93 -54.76
N ILE G 107 -25.60 -9.75 -53.72
CA ILE G 107 -26.86 -10.39 -53.40
C ILE G 107 -27.99 -9.38 -53.21
N ALA G 108 -27.68 -8.26 -52.56
CA ALA G 108 -28.68 -7.25 -52.33
C ALA G 108 -29.09 -6.62 -53.64
N LYS G 109 -28.11 -6.41 -54.51
CA LYS G 109 -28.36 -5.81 -55.82
C LYS G 109 -29.18 -6.78 -56.66
N ARG G 110 -28.82 -8.06 -56.62
CA ARG G 110 -29.53 -9.10 -57.36
C ARG G 110 -31.01 -9.04 -56.99
N ALA G 111 -31.29 -9.00 -55.70
CA ALA G 111 -32.65 -8.92 -55.20
C ALA G 111 -33.38 -7.66 -55.71
N GLU G 112 -32.67 -6.54 -55.83
CA GLU G 112 -33.29 -5.30 -56.32
C GLU G 112 -33.62 -5.43 -57.82
N ASP G 113 -32.76 -6.15 -58.55
CA ASP G 113 -32.95 -6.38 -59.99
C ASP G 113 -34.22 -7.21 -60.18
N TYR G 114 -34.27 -8.34 -59.48
CA TYR G 114 -35.40 -9.26 -59.49
C TYR G 114 -36.72 -8.57 -59.16
N LEU G 115 -36.67 -7.46 -58.44
CA LEU G 115 -37.88 -6.76 -58.09
C LEU G 115 -38.43 -6.11 -59.36
N ARG G 116 -37.55 -5.40 -60.09
CA ARG G 116 -37.96 -4.74 -61.33
C ARG G 116 -38.29 -5.78 -62.40
N ALA G 117 -37.59 -6.90 -62.35
CA ALA G 117 -37.79 -7.99 -63.28
C ALA G 117 -39.20 -8.60 -63.16
N THR G 118 -39.67 -8.87 -61.95
CA THR G 118 -41.01 -9.43 -61.78
C THR G 118 -42.05 -8.35 -62.08
N GLY G 119 -41.57 -7.16 -62.41
CA GLY G 119 -42.44 -6.04 -62.71
C GLY G 119 -43.39 -5.64 -61.59
N ILE G 120 -43.29 -6.31 -60.43
CA ILE G 120 -44.13 -6.02 -59.27
C ILE G 120 -43.99 -4.57 -58.82
N ALA G 121 -42.75 -4.06 -58.83
CA ALA G 121 -42.44 -2.67 -58.45
C ALA G 121 -41.09 -2.29 -59.05
N ASP G 122 -40.76 -1.00 -59.03
CA ASP G 122 -39.46 -0.57 -59.56
C ASP G 122 -38.40 -0.14 -58.55
N THR G 123 -38.78 -0.01 -57.28
CA THR G 123 -37.85 0.34 -56.19
C THR G 123 -38.40 -0.09 -54.83
N VAL G 124 -37.50 -0.58 -53.96
CA VAL G 124 -37.86 -1.01 -52.61
C VAL G 124 -37.37 0.05 -51.64
N LEU G 125 -38.17 0.34 -50.63
CA LEU G 125 -37.78 1.35 -49.66
C LEU G 125 -37.58 0.80 -48.26
N PHE G 126 -36.41 1.09 -47.72
CA PHE G 126 -36.03 0.66 -46.37
C PHE G 126 -35.68 1.82 -45.46
N GLY G 127 -36.25 1.77 -44.26
CA GLY G 127 -36.01 2.78 -43.26
C GLY G 127 -35.82 2.04 -41.95
N PRO G 128 -34.57 1.74 -41.58
CA PRO G 128 -34.25 1.03 -40.34
C PRO G 128 -33.93 1.98 -39.18
N GLU G 129 -34.31 1.52 -37.98
CA GLU G 129 -34.12 2.28 -36.73
C GLU G 129 -33.16 1.44 -35.92
N PRO G 130 -31.87 1.63 -36.18
CA PRO G 130 -30.82 0.90 -35.50
C PRO G 130 -30.40 1.53 -34.18
N GLU G 131 -30.75 0.85 -33.10
CA GLU G 131 -30.44 1.29 -31.73
C GLU G 131 -29.04 0.79 -31.25
N PHE G 132 -28.50 1.42 -30.22
CA PHE G 132 -27.20 1.03 -29.68
C PHE G 132 -26.96 1.56 -28.28
N PHE G 133 -25.85 1.12 -27.71
CA PHE G 133 -25.47 1.54 -26.36
C PHE G 133 -24.10 2.20 -26.38
N LEU G 134 -23.88 3.08 -25.40
CA LEU G 134 -22.61 3.77 -25.24
C LEU G 134 -22.09 3.56 -23.82
N PHE G 135 -21.02 2.79 -23.72
CA PHE G 135 -20.40 2.48 -22.43
C PHE G 135 -19.06 3.18 -22.31
N ASP G 136 -18.48 3.03 -21.12
CA ASP G 136 -17.21 3.67 -20.81
C ASP G 136 -16.20 2.56 -20.72
N ASP G 137 -16.67 1.40 -20.28
CA ASP G 137 -15.80 0.27 -20.10
C ASP G 137 -16.56 -1.03 -20.28
N ILE G 138 -15.94 -1.91 -21.06
CA ILE G 138 -16.47 -3.24 -21.36
C ILE G 138 -15.37 -4.29 -21.28
N ARG G 139 -15.55 -5.27 -20.40
CA ARG G 139 -14.57 -6.34 -20.24
C ARG G 139 -15.30 -7.67 -20.23
N PHE G 140 -14.64 -8.67 -20.76
CA PHE G 140 -15.20 -10.02 -20.83
C PHE G 140 -14.12 -11.03 -21.22
N GLY G 141 -14.45 -12.30 -21.04
CA GLY G 141 -13.52 -13.34 -21.39
C GLY G 141 -13.99 -14.70 -20.99
N ALA G 142 -13.38 -15.71 -21.60
CA ALA G 142 -13.70 -17.10 -21.31
C ALA G 142 -12.43 -17.90 -21.42
N SER G 143 -12.22 -18.71 -20.41
CA SER G 143 -11.07 -19.56 -20.27
C SER G 143 -11.65 -20.84 -19.66
N ILE G 144 -10.79 -21.84 -19.48
CA ILE G 144 -11.24 -23.10 -18.93
C ILE G 144 -11.79 -22.97 -17.51
N SER G 145 -11.14 -22.14 -16.71
CA SER G 145 -11.49 -21.93 -15.30
C SER G 145 -12.67 -20.99 -15.04
N GLY G 146 -13.17 -20.35 -16.08
CA GLY G 146 -14.32 -19.47 -15.94
C GLY G 146 -14.59 -18.58 -17.13
N SER G 147 -15.51 -17.65 -16.95
CA SER G 147 -15.84 -16.69 -18.00
C SER G 147 -16.52 -15.53 -17.32
N HIS G 148 -16.62 -14.41 -18.04
CA HIS G 148 -17.27 -13.23 -17.47
C HIS G 148 -17.49 -12.11 -18.45
N VAL G 149 -18.26 -11.14 -17.99
CA VAL G 149 -18.56 -9.93 -18.75
C VAL G 149 -18.85 -8.84 -17.72
N ALA G 150 -18.36 -7.64 -18.02
CA ALA G 150 -18.55 -6.52 -17.13
C ALA G 150 -18.78 -5.26 -17.93
N ILE G 151 -19.93 -4.65 -17.68
CA ILE G 151 -20.29 -3.44 -18.37
C ILE G 151 -20.23 -2.29 -17.40
N ASP G 152 -19.88 -1.15 -17.95
CA ASP G 152 -19.87 0.04 -17.15
C ASP G 152 -19.96 1.30 -17.95
N ASP G 153 -20.85 2.15 -17.47
CA ASP G 153 -21.04 3.46 -18.05
C ASP G 153 -21.36 4.40 -16.92
N ILE G 154 -21.09 5.66 -17.19
CA ILE G 154 -21.34 6.74 -16.28
C ILE G 154 -22.88 6.79 -16.03
N GLU G 155 -23.65 6.37 -17.03
CA GLU G 155 -25.10 6.40 -16.90
C GLU G 155 -25.68 5.21 -16.17
N GLY G 156 -24.90 4.15 -16.04
CA GLY G 156 -25.38 2.96 -15.38
C GLY G 156 -26.01 3.18 -14.02
N ALA G 157 -27.27 2.79 -13.91
CA ALA G 157 -27.99 2.95 -12.66
C ALA G 157 -27.25 2.38 -11.46
N TRP G 158 -26.47 1.33 -11.68
CA TRP G 158 -25.72 0.69 -10.59
C TRP G 158 -24.71 1.62 -9.93
N ASN G 159 -24.27 2.64 -10.67
CA ASN G 159 -23.32 3.62 -10.19
C ASN G 159 -23.86 4.71 -9.24
N SER G 160 -25.13 4.60 -8.88
CA SER G 160 -25.72 5.58 -7.97
C SER G 160 -24.97 5.56 -6.63
N SER G 161 -24.37 4.40 -6.36
CA SER G 161 -23.63 4.10 -5.13
C SER G 161 -22.12 4.26 -5.20
N THR G 162 -21.61 4.16 -6.42
CA THR G 162 -20.20 4.23 -6.76
C THR G 162 -19.44 5.50 -6.38
N LYS G 163 -18.23 5.34 -5.82
CA LYS G 163 -17.40 6.50 -5.44
C LYS G 163 -16.59 6.98 -6.63
N TYR G 164 -16.53 8.30 -6.83
CA TYR G 164 -15.80 8.81 -7.98
C TYR G 164 -14.69 9.73 -7.56
N GLU G 165 -13.70 9.83 -8.44
CA GLU G 165 -12.51 10.63 -8.22
C GLU G 165 -12.88 12.03 -7.73
N GLY G 166 -13.65 12.76 -8.53
CA GLY G 166 -14.06 14.09 -8.11
C GLY G 166 -15.47 14.17 -7.55
N GLY G 167 -15.95 13.09 -6.95
CA GLY G 167 -17.30 13.07 -6.41
C GLY G 167 -18.31 12.53 -7.42
N ASN G 168 -19.33 11.84 -6.91
CA ASN G 168 -20.42 11.27 -7.69
C ASN G 168 -21.49 12.33 -7.90
N LYS G 169 -21.76 12.72 -9.16
CA LYS G 169 -22.73 13.80 -9.46
C LYS G 169 -24.21 13.32 -9.62
N GLY G 170 -24.37 12.02 -9.42
CA GLY G 170 -25.62 11.22 -9.34
C GLY G 170 -26.80 11.41 -10.30
N HIS G 171 -26.75 12.09 -11.47
CA HIS G 171 -27.97 12.15 -12.33
C HIS G 171 -27.98 11.06 -13.42
N ARG G 172 -28.47 9.90 -13.03
CA ARG G 172 -28.47 8.75 -13.90
C ARG G 172 -29.86 8.23 -14.21
N PRO G 173 -30.02 7.65 -15.40
CA PRO G 173 -31.26 7.07 -15.90
C PRO G 173 -31.47 5.78 -15.12
N GLY G 174 -32.68 5.56 -14.61
N GLY G 174 -32.76 6.74 -16.15
CA GLY G 174 -32.95 4.32 -13.87
CA GLY G 174 -32.61 5.40 -15.62
C GLY G 174 -33.19 3.19 -14.86
C GLY G 174 -33.39 4.38 -16.46
N VAL G 175 -33.46 1.98 -14.38
N VAL G 175 -33.64 3.19 -15.91
CA VAL G 175 -33.73 0.87 -15.30
CA VAL G 175 -34.37 2.16 -16.64
C VAL G 175 -34.96 1.25 -16.15
C VAL G 175 -35.55 2.77 -17.42
N LYS G 176 -34.78 1.26 -17.47
N LYS G 176 -35.52 2.61 -18.77
CA LYS G 176 -35.81 1.67 -18.42
CA LYS G 176 -36.59 3.16 -19.59
C LYS G 176 -36.08 3.17 -18.20
C LYS G 176 -36.46 4.67 -19.72
N GLY G 177 -35.23 3.77 -17.41
N GLY G 177 -35.24 5.07 -19.33
CA GLY G 177 -35.39 5.17 -17.13
CA GLY G 177 -34.70 6.42 -19.33
C GLY G 177 -35.05 6.12 -18.26
C GLY G 177 -35.80 7.45 -19.39
N GLY G 178 -34.13 5.63 -19.14
N GLY G 178 -37.05 7.01 -19.19
CA GLY G 178 -33.49 6.33 -20.26
CA GLY G 178 -38.13 7.98 -19.31
C GLY G 178 -34.35 6.79 -21.42
C GLY G 178 -37.55 9.01 -20.22
N TYR G 179 -35.42 7.43 -21.11
N TYR G 179 -37.75 8.85 -21.49
CA TYR G 179 -36.15 7.92 -22.23
CA TYR G 179 -36.97 9.70 -22.33
C TYR G 179 -36.54 9.32 -21.98
C TYR G 179 -37.46 11.06 -22.66
N PHE G 180 -35.87 10.08 -22.79
N PHE G 180 -36.44 11.83 -23.04
CA PHE G 180 -36.04 11.50 -22.93
CA PHE G 180 -36.50 13.20 -23.48
C PHE G 180 -35.73 12.32 -21.69
C PHE G 180 -36.84 14.16 -22.34
N PRO G 181 -35.25 11.83 -20.53
CA PRO G 181 -34.86 12.89 -19.53
C PRO G 181 -33.94 13.97 -20.16
N VAL G 182 -34.09 15.18 -19.68
CA VAL G 182 -33.24 16.26 -20.14
C VAL G 182 -31.93 16.07 -19.48
N PRO G 183 -30.87 16.49 -20.11
CA PRO G 183 -29.58 16.48 -19.41
C PRO G 183 -29.77 17.24 -18.09
N PRO G 184 -28.92 16.95 -17.11
CA PRO G 184 -27.82 15.98 -17.15
C PRO G 184 -28.14 14.53 -17.02
N VAL G 185 -29.40 14.26 -16.92
CA VAL G 185 -29.66 12.81 -16.78
C VAL G 185 -29.15 12.07 -18.02
N ASP G 186 -29.37 12.70 -19.19
CA ASP G 186 -28.96 12.25 -20.51
C ASP G 186 -27.57 12.85 -20.79
N SER G 187 -26.53 12.08 -20.51
CA SER G 187 -25.18 12.55 -20.71
C SER G 187 -24.78 12.63 -22.16
N ALA G 188 -25.71 12.50 -23.11
CA ALA G 188 -25.19 12.37 -24.48
C ALA G 188 -25.71 13.29 -25.60
N GLN G 189 -26.16 14.50 -25.30
CA GLN G 189 -26.63 15.34 -26.40
C GLN G 189 -25.53 15.61 -27.39
N ASP G 190 -24.50 16.23 -26.88
CA ASP G 190 -23.36 16.62 -27.68
C ASP G 190 -22.76 15.49 -28.53
N ILE G 191 -22.76 14.28 -27.98
CA ILE G 191 -22.26 13.10 -28.64
C ILE G 191 -23.13 12.76 -29.83
N ARG G 192 -24.41 12.52 -29.57
CA ARG G 192 -25.35 12.19 -30.63
C ARG G 192 -25.33 13.26 -31.72
N SER G 193 -25.40 14.53 -31.30
CA SER G 193 -25.36 15.59 -32.28
C SER G 193 -24.15 15.50 -33.20
N GLU G 194 -23.01 15.05 -32.69
CA GLU G 194 -21.79 14.90 -33.54
C GLU G 194 -22.06 13.80 -34.54
N MET G 195 -22.44 12.63 -34.02
CA MET G 195 -22.74 11.49 -34.89
C MET G 195 -23.66 11.97 -36.00
N CYS G 196 -24.63 12.82 -35.65
CA CYS G 196 -25.53 13.34 -36.65
C CYS G 196 -24.80 14.17 -37.69
N LEU G 197 -24.16 15.25 -37.25
CA LEU G 197 -23.42 16.11 -38.16
C LEU G 197 -22.56 15.30 -39.10
N VAL G 198 -21.79 14.40 -38.52
CA VAL G 198 -20.87 13.54 -39.27
C VAL G 198 -21.60 12.68 -40.28
N MET G 199 -22.58 11.92 -39.81
CA MET G 199 -23.39 11.07 -40.68
C MET G 199 -23.87 11.84 -41.91
N GLU G 200 -24.34 13.07 -41.70
CA GLU G 200 -24.81 13.90 -42.79
C GLU G 200 -23.68 14.26 -43.73
N GLN G 201 -22.54 14.62 -43.17
CA GLN G 201 -21.36 14.95 -43.98
C GLN G 201 -20.95 13.74 -44.83
N MET G 202 -21.31 12.56 -44.36
CA MET G 202 -21.00 11.34 -45.07
C MET G 202 -22.17 10.87 -45.93
N GLY G 203 -23.04 11.81 -46.29
CA GLY G 203 -24.16 11.46 -47.14
C GLY G 203 -25.50 11.05 -46.55
N LEU G 204 -25.53 10.57 -45.30
CA LEU G 204 -26.81 10.20 -44.71
C LEU G 204 -27.67 11.43 -44.41
N VAL G 205 -28.98 11.18 -44.20
CA VAL G 205 -29.90 12.25 -43.88
C VAL G 205 -30.55 11.92 -42.55
N VAL G 206 -30.26 12.79 -41.58
CA VAL G 206 -30.74 12.60 -40.23
C VAL G 206 -32.08 13.22 -39.97
N GLU G 207 -33.01 12.40 -39.52
CA GLU G 207 -34.34 12.90 -39.22
C GLU G 207 -34.43 13.30 -37.77
N ALA G 208 -33.62 12.65 -36.94
CA ALA G 208 -33.60 12.94 -35.51
C ALA G 208 -32.71 12.01 -34.70
N HIS G 209 -32.56 12.41 -33.43
CA HIS G 209 -31.81 11.68 -32.39
C HIS G 209 -32.38 11.86 -30.99
N HIS G 210 -32.15 10.87 -30.16
N HIS G 210 -31.54 10.27 -31.42
CA HIS G 210 -32.67 10.89 -28.80
CA HIS G 210 -32.55 10.22 -30.36
C HIS G 210 -32.05 9.79 -27.95
C HIS G 210 -32.25 9.09 -29.34
N HIS G 211 -32.13 9.95 -26.62
N HIS G 211 -32.46 9.37 -28.05
CA HIS G 211 -31.63 8.90 -25.77
CA HIS G 211 -32.18 8.50 -26.92
C HIS G 211 -32.64 7.78 -25.95
C HIS G 211 -33.34 7.55 -26.55
N GLU G 212 -32.42 6.62 -25.35
N GLU G 212 -33.14 6.58 -25.62
CA GLU G 212 -33.35 5.51 -25.53
CA GLU G 212 -34.22 5.68 -25.36
C GLU G 212 -33.57 4.80 -24.20
C GLU G 212 -33.59 4.38 -24.86
N VAL G 213 -34.73 4.16 -24.03
CA VAL G 213 -35.19 3.48 -22.79
C VAL G 213 -34.18 2.99 -21.75
N ALA G 214 -33.28 2.09 -22.12
CA ALA G 214 -32.33 1.49 -21.15
C ALA G 214 -31.29 2.42 -20.51
N THR G 215 -30.97 2.11 -19.25
CA THR G 215 -29.95 2.86 -18.52
C THR G 215 -28.61 2.52 -19.19
N ALA G 216 -27.53 3.15 -18.73
CA ALA G 216 -26.22 2.86 -19.28
C ALA G 216 -26.05 3.20 -20.75
N GLY G 217 -26.50 4.40 -21.14
CA GLY G 217 -26.28 4.93 -22.48
C GLY G 217 -26.94 4.33 -23.72
N GLN G 218 -28.16 3.81 -23.64
CA GLN G 218 -28.78 3.36 -24.88
C GLN G 218 -29.21 4.61 -25.66
N ASN G 219 -28.89 4.65 -26.95
CA ASN G 219 -29.22 5.80 -27.80
C ASN G 219 -29.60 5.36 -29.19
N GLU G 220 -30.24 6.27 -29.94
CA GLU G 220 -30.69 5.98 -31.30
C GLU G 220 -30.61 7.26 -32.10
N VAL G 221 -30.25 7.11 -33.38
CA VAL G 221 -30.20 8.19 -34.37
C VAL G 221 -31.04 7.72 -35.55
N ALA G 222 -32.12 8.44 -35.80
CA ALA G 222 -33.03 8.12 -36.89
C ALA G 222 -32.57 8.77 -38.17
N THR G 223 -32.47 7.93 -39.19
CA THR G 223 -32.05 8.39 -40.49
C THR G 223 -33.12 8.10 -41.51
N ARG G 224 -33.17 8.97 -42.51
CA ARG G 224 -34.13 8.85 -43.59
C ARG G 224 -33.85 7.63 -44.46
N PHE G 225 -34.94 6.99 -44.86
CA PHE G 225 -34.97 5.80 -45.70
C PHE G 225 -34.27 6.03 -47.03
N ASN G 226 -34.16 4.95 -47.79
CA ASN G 226 -33.56 4.99 -49.13
C ASN G 226 -33.74 3.65 -49.84
N THR G 227 -33.36 3.61 -51.12
CA THR G 227 -33.47 2.39 -51.93
C THR G 227 -32.75 1.29 -51.14
N MET G 228 -33.38 0.13 -51.02
CA MET G 228 -32.81 -0.98 -50.25
C MET G 228 -31.29 -1.10 -50.22
N THR G 229 -30.64 -1.16 -51.38
CA THR G 229 -29.19 -1.32 -51.35
C THR G 229 -28.43 -0.12 -50.82
N LYS G 230 -28.78 1.08 -51.26
CA LYS G 230 -28.11 2.27 -50.76
C LYS G 230 -28.30 2.38 -49.24
N LYS G 231 -29.44 1.92 -48.73
CA LYS G 231 -29.69 1.98 -47.29
C LYS G 231 -28.77 1.07 -46.49
N ALA G 232 -28.60 -0.17 -46.94
CA ALA G 232 -27.69 -1.10 -46.24
C ALA G 232 -26.26 -0.52 -46.23
N ASP G 233 -25.94 0.29 -47.26
CA ASP G 233 -24.66 0.97 -47.36
C ASP G 233 -24.62 1.94 -46.17
N GLU G 234 -25.63 2.82 -46.15
CA GLU G 234 -25.78 3.82 -45.13
C GLU G 234 -25.72 3.23 -43.73
N ILE G 235 -26.20 2.01 -43.58
CA ILE G 235 -26.16 1.34 -42.27
C ILE G 235 -24.71 1.15 -41.85
N GLN G 236 -23.92 0.62 -42.77
CA GLN G 236 -22.51 0.42 -42.49
C GLN G 236 -21.86 1.76 -42.12
N ILE G 237 -22.20 2.82 -42.86
CA ILE G 237 -21.62 4.14 -42.58
C ILE G 237 -22.05 4.59 -41.18
N TYR G 238 -23.34 4.38 -40.92
CA TYR G 238 -23.96 4.68 -39.63
C TYR G 238 -23.13 4.10 -38.50
N LYS G 239 -23.00 2.77 -38.54
CA LYS G 239 -22.26 2.04 -37.52
C LYS G 239 -20.83 2.54 -37.38
N TYR G 240 -20.24 2.88 -38.52
CA TYR G 240 -18.87 3.36 -38.51
C TYR G 240 -18.86 4.67 -37.74
N VAL G 241 -19.63 5.65 -38.23
CA VAL G 241 -19.71 6.95 -37.57
C VAL G 241 -19.98 6.79 -36.10
N VAL G 242 -20.95 5.95 -35.75
CA VAL G 242 -21.29 5.71 -34.34
C VAL G 242 -20.09 5.16 -33.60
N HIS G 243 -19.62 3.99 -34.01
CA HIS G 243 -18.47 3.35 -33.38
C HIS G 243 -17.28 4.27 -33.14
N ASN G 244 -16.96 5.07 -34.15
CA ASN G 244 -15.82 5.97 -34.12
C ASN G 244 -16.00 7.29 -33.39
N VAL G 245 -17.14 7.93 -33.57
CA VAL G 245 -17.38 9.17 -32.84
C VAL G 245 -17.35 8.78 -31.35
N ALA G 246 -17.98 7.65 -31.02
CA ALA G 246 -18.01 7.14 -29.66
C ALA G 246 -16.58 6.99 -29.14
N HIS G 247 -15.78 6.32 -29.95
CA HIS G 247 -14.40 6.08 -29.62
C HIS G 247 -13.68 7.37 -29.30
N ARG G 248 -13.79 8.32 -30.22
CA ARG G 248 -13.19 9.64 -30.10
C ARG G 248 -13.69 10.40 -28.87
N PHE G 249 -14.83 10.03 -28.30
CA PHE G 249 -15.30 10.72 -27.10
C PHE G 249 -14.94 9.88 -25.89
N GLY G 250 -14.04 8.95 -26.10
CA GLY G 250 -13.64 8.10 -25.01
C GLY G 250 -14.74 7.15 -24.60
N LYS G 251 -15.68 6.92 -25.51
CA LYS G 251 -16.71 5.96 -25.22
C LYS G 251 -16.50 4.75 -26.12
N THR G 252 -17.30 3.72 -25.91
CA THR G 252 -17.20 2.51 -26.70
C THR G 252 -18.63 2.11 -27.05
N ALA G 253 -18.94 2.04 -28.34
CA ALA G 253 -20.31 1.68 -28.76
C ALA G 253 -20.48 0.22 -29.16
N THR G 254 -21.67 -0.32 -28.91
CA THR G 254 -21.98 -1.68 -29.33
C THR G 254 -23.37 -1.82 -29.92
N PHE G 255 -23.42 -2.50 -31.05
CA PHE G 255 -24.70 -2.73 -31.65
C PHE G 255 -25.23 -4.11 -31.28
N MET G 256 -24.63 -4.77 -30.30
CA MET G 256 -25.15 -6.07 -29.93
C MET G 256 -26.55 -5.87 -29.36
N PRO G 257 -27.47 -6.77 -29.75
CA PRO G 257 -28.88 -6.77 -29.36
C PRO G 257 -29.29 -6.77 -27.89
N LYS G 258 -28.62 -7.58 -27.07
CA LYS G 258 -29.00 -7.66 -25.66
C LYS G 258 -27.78 -7.71 -24.73
N PRO G 259 -27.10 -6.56 -24.55
CA PRO G 259 -25.91 -6.46 -23.70
C PRO G 259 -26.27 -6.72 -22.26
N MET G 260 -27.21 -5.93 -21.75
CA MET G 260 -27.68 -6.13 -20.41
C MET G 260 -29.03 -6.83 -20.45
N PHE G 261 -29.32 -7.47 -19.34
N PHE G 261 -29.20 -7.66 -19.48
CA PHE G 261 -30.57 -8.20 -19.05
CA PHE G 261 -30.44 -8.42 -19.36
C PHE G 261 -31.41 -7.44 -18.04
C PHE G 261 -31.48 -7.38 -19.06
N GLY G 262 -32.70 -7.32 -18.29
N GLY G 262 -31.09 -6.47 -18.19
CA GLY G 262 -33.52 -6.61 -17.32
CA GLY G 262 -31.92 -5.37 -17.74
C GLY G 262 -33.85 -5.21 -17.76
C GLY G 262 -33.29 -5.19 -18.34
N ASP G 263 -33.29 -4.80 -18.87
N ASP G 263 -33.39 -4.45 -19.45
CA ASP G 263 -33.55 -3.52 -19.46
CA ASP G 263 -34.69 -4.14 -20.02
C ASP G 263 -33.61 -3.78 -20.93
C ASP G 263 -34.79 -3.75 -21.52
N ASN G 264 -34.01 -2.78 -21.64
N ASN G 264 -35.98 -3.22 -21.93
CA ASN G 264 -34.20 -2.90 -23.05
CA ASN G 264 -36.29 -2.69 -23.18
C ASN G 264 -33.03 -3.39 -23.82
C ASN G 264 -34.96 -2.68 -23.97
N GLY G 265 -33.38 -4.16 -24.82
N GLY G 265 -34.71 -3.68 -24.81
CA GLY G 265 -32.46 -4.65 -25.76
CA GLY G 265 -33.39 -3.79 -25.48
C GLY G 265 -32.51 -3.63 -26.88
C GLY G 265 -33.12 -2.94 -26.72
N SER G 266 -31.47 -3.60 -27.71
N SER G 266 -32.03 -3.28 -27.45
CA SER G 266 -31.44 -2.70 -28.83
CA SER G 266 -31.59 -2.60 -28.70
C SER G 266 -31.86 -3.46 -30.05
C SER G 266 -31.98 -3.44 -29.93
N GLY G 267 -32.67 -2.81 -30.86
CA GLY G 267 -33.20 -3.45 -32.04
C GLY G 267 -33.19 -2.55 -33.28
N MET G 268 -33.36 -3.18 -34.44
CA MET G 268 -33.39 -2.44 -35.69
C MET G 268 -34.68 -2.69 -36.47
N HIS G 269 -35.73 -1.94 -36.13
CA HIS G 269 -37.02 -2.05 -36.80
C HIS G 269 -36.86 -1.68 -38.26
N CYS G 270 -37.62 -2.35 -39.12
CA CYS G 270 -37.54 -2.12 -40.54
C CYS G 270 -38.80 -1.68 -41.24
N HIS G 271 -38.78 -0.41 -41.62
CA HIS G 271 -39.87 0.20 -42.33
C HIS G 271 -39.65 -0.10 -43.79
N MET G 272 -40.71 -0.50 -44.45
CA MET G 272 -40.65 -0.85 -45.85
C MET G 272 -41.91 -0.45 -46.57
N SER G 273 -41.76 -0.34 -47.89
CA SER G 273 -42.83 -0.01 -48.81
C SER G 273 -42.28 -0.13 -50.21
N LEU G 274 -43.14 -0.45 -51.17
CA LEU G 274 -42.70 -0.60 -52.54
C LEU G 274 -43.25 0.53 -53.38
N ALA G 275 -42.53 0.85 -54.45
CA ALA G 275 -42.95 1.93 -55.34
C ALA G 275 -42.82 1.56 -56.81
N LYS G 276 -43.54 2.31 -57.64
CA LYS G 276 -43.53 2.12 -59.09
C LYS G 276 -43.94 3.45 -59.68
N ASN G 277 -43.01 4.07 -60.42
CA ASN G 277 -43.23 5.36 -61.07
C ASN G 277 -43.77 6.38 -60.08
N GLY G 278 -42.97 6.68 -59.07
CA GLY G 278 -43.36 7.66 -58.06
C GLY G 278 -44.64 7.41 -57.27
N THR G 279 -45.29 6.25 -57.45
CA THR G 279 -46.52 5.95 -56.72
C THR G 279 -46.27 4.91 -55.63
N ASN G 280 -46.88 5.11 -54.47
CA ASN G 280 -46.67 4.18 -53.37
C ASN G 280 -47.64 3.01 -53.41
N LEU G 281 -47.16 1.90 -53.93
CA LEU G 281 -47.93 0.67 -54.05
C LEU G 281 -48.46 0.11 -52.73
N PHE G 282 -48.04 0.67 -51.61
CA PHE G 282 -48.50 0.16 -50.32
C PHE G 282 -49.72 0.85 -49.75
N SER G 283 -50.24 1.85 -50.45
CA SER G 283 -51.44 2.55 -49.97
C SER G 283 -52.66 1.99 -50.70
N GLY G 284 -53.78 1.92 -50.00
CA GLY G 284 -55.00 1.40 -50.59
C GLY G 284 -56.18 1.74 -49.70
N ASP G 285 -57.22 0.90 -49.76
CA ASP G 285 -58.43 1.11 -48.96
C ASP G 285 -58.73 0.00 -47.95
N LYS G 286 -57.79 -0.93 -47.77
CA LYS G 286 -57.95 -1.99 -46.79
C LYS G 286 -57.43 -1.47 -45.44
N TYR G 287 -57.20 -2.40 -44.52
CA TYR G 287 -56.73 -2.02 -43.18
C TYR G 287 -55.72 -0.86 -43.08
N ALA G 288 -56.05 0.12 -42.26
CA ALA G 288 -55.17 1.25 -42.03
C ALA G 288 -54.67 2.06 -43.24
N GLY G 289 -55.38 1.99 -44.35
CA GLY G 289 -54.97 2.74 -45.52
C GLY G 289 -54.01 2.00 -46.43
N LEU G 290 -53.85 0.70 -46.13
CA LEU G 290 -52.97 -0.20 -46.88
C LEU G 290 -53.55 -0.72 -48.19
N SER G 291 -52.67 -1.08 -49.11
CA SER G 291 -53.09 -1.65 -50.38
C SER G 291 -53.15 -3.17 -50.20
N GLU G 292 -53.70 -3.83 -51.21
CA GLU G 292 -53.81 -5.28 -51.20
C GLU G 292 -52.37 -5.78 -51.15
N GLN G 293 -51.56 -5.20 -52.05
CA GLN G 293 -50.14 -5.51 -52.20
C GLN G 293 -49.40 -5.69 -50.87
N ALA G 294 -49.47 -4.65 -50.04
CA ALA G 294 -48.83 -4.64 -48.73
C ALA G 294 -49.17 -5.88 -47.91
N LEU G 295 -50.45 -6.22 -47.86
CA LEU G 295 -50.86 -7.35 -47.05
C LEU G 295 -50.29 -8.68 -47.54
N TYR G 296 -50.06 -8.79 -48.84
CA TYR G 296 -49.44 -10.00 -49.36
C TYR G 296 -47.98 -10.01 -48.91
N TYR G 297 -47.35 -8.83 -48.92
CA TYR G 297 -45.97 -8.67 -48.48
C TYR G 297 -45.92 -9.19 -47.05
N ILE G 298 -46.81 -8.63 -46.22
CA ILE G 298 -46.92 -9.01 -44.81
C ILE G 298 -47.09 -10.50 -44.64
N GLY G 299 -47.94 -11.07 -45.49
CA GLY G 299 -48.18 -12.50 -45.41
C GLY G 299 -46.90 -13.27 -45.68
N GLY G 300 -46.13 -12.80 -46.66
CA GLY G 300 -44.87 -13.45 -47.01
C GLY G 300 -43.90 -13.37 -45.85
N VAL G 301 -43.71 -12.16 -45.36
CA VAL G 301 -42.80 -11.91 -44.24
C VAL G 301 -43.17 -12.84 -43.09
N ILE G 302 -44.45 -12.89 -42.77
CA ILE G 302 -44.91 -13.75 -41.69
C ILE G 302 -44.67 -15.23 -42.01
N LYS G 303 -44.80 -15.61 -43.27
CA LYS G 303 -44.61 -17.00 -43.64
C LYS G 303 -43.17 -17.43 -43.47
N HIS G 304 -42.26 -16.60 -43.96
CA HIS G 304 -40.84 -16.88 -43.93
C HIS G 304 -40.07 -16.35 -42.72
N ALA G 305 -40.80 -15.80 -41.76
CA ALA G 305 -40.20 -15.24 -40.56
C ALA G 305 -38.99 -15.98 -39.99
N LYS G 306 -39.17 -17.21 -39.52
CA LYS G 306 -38.06 -17.95 -38.95
C LYS G 306 -36.82 -17.99 -39.85
N ALA G 307 -37.03 -18.07 -41.16
CA ALA G 307 -35.89 -18.10 -42.07
C ALA G 307 -35.29 -16.72 -42.08
N ILE G 308 -36.15 -15.71 -42.19
CA ILE G 308 -35.66 -14.32 -42.18
C ILE G 308 -34.88 -14.05 -40.90
N ASN G 309 -35.33 -14.66 -39.80
CA ASN G 309 -34.66 -14.50 -38.52
C ASN G 309 -33.16 -14.75 -38.66
N ALA G 310 -32.79 -15.88 -39.25
CA ALA G 310 -31.40 -16.21 -39.48
C ALA G 310 -30.58 -15.05 -40.08
N LEU G 311 -31.23 -14.16 -40.82
CA LEU G 311 -30.50 -13.02 -41.39
C LEU G 311 -30.59 -11.76 -40.58
N ALA G 312 -31.80 -11.50 -40.05
CA ALA G 312 -32.09 -10.32 -39.26
C ALA G 312 -31.91 -10.49 -37.75
N ASN G 313 -31.45 -11.67 -37.33
CA ASN G 313 -31.24 -12.00 -35.91
C ASN G 313 -30.21 -13.12 -35.93
N PRO G 314 -28.99 -12.86 -36.46
CA PRO G 314 -27.87 -13.79 -36.62
C PRO G 314 -27.09 -14.20 -35.39
N THR G 315 -27.52 -13.73 -34.24
CA THR G 315 -26.80 -14.00 -33.02
C THR G 315 -27.60 -14.71 -31.96
N THR G 316 -26.91 -15.54 -31.19
CA THR G 316 -27.55 -16.23 -30.08
C THR G 316 -28.14 -15.15 -29.14
N ASN G 317 -27.38 -14.05 -29.01
CA ASN G 317 -27.75 -12.91 -28.19
C ASN G 317 -29.06 -12.32 -28.69
N SER G 318 -29.25 -12.35 -30.01
CA SER G 318 -30.44 -11.80 -30.66
C SER G 318 -31.71 -12.32 -30.01
N TYR G 319 -31.62 -13.60 -29.61
CA TYR G 319 -32.72 -14.31 -28.98
C TYR G 319 -32.91 -14.02 -27.51
N LYS G 320 -31.95 -13.32 -26.93
CA LYS G 320 -32.05 -12.93 -25.53
C LYS G 320 -32.91 -11.65 -25.44
N ARG G 321 -33.03 -10.97 -26.59
CA ARG G 321 -33.82 -9.76 -26.74
C ARG G 321 -35.27 -10.05 -27.00
N LEU G 322 -35.50 -10.99 -27.91
CA LEU G 322 -36.83 -11.44 -28.31
C LEU G 322 -37.56 -12.15 -27.19
N VAL G 323 -38.03 -11.34 -26.24
CA VAL G 323 -38.80 -11.77 -25.07
C VAL G 323 -39.83 -10.66 -24.69
N PRO G 324 -40.90 -11.06 -24.00
CA PRO G 324 -41.93 -10.11 -23.58
C PRO G 324 -41.46 -9.08 -22.58
N GLY G 325 -42.09 -7.91 -22.62
CA GLY G 325 -41.79 -6.86 -21.65
C GLY G 325 -40.76 -5.81 -21.96
N TYR G 326 -40.03 -5.97 -23.07
CA TYR G 326 -38.96 -5.03 -23.37
C TYR G 326 -39.14 -4.42 -24.74
N GLU G 327 -40.36 -4.15 -25.16
CA GLU G 327 -40.67 -3.55 -26.45
C GLU G 327 -40.14 -4.36 -27.65
N ALA G 328 -39.91 -5.65 -27.42
CA ALA G 328 -39.42 -6.58 -28.43
C ALA G 328 -40.56 -7.54 -28.72
N PRO G 329 -41.17 -7.41 -29.90
CA PRO G 329 -42.29 -8.28 -30.27
C PRO G 329 -41.85 -9.61 -30.82
N VAL G 330 -42.53 -10.66 -30.38
CA VAL G 330 -42.28 -12.03 -30.79
C VAL G 330 -43.43 -12.57 -31.64
N MET G 331 -44.60 -11.97 -31.45
CA MET G 331 -45.82 -12.34 -32.16
C MET G 331 -45.78 -11.94 -33.60
N LEU G 332 -45.91 -12.93 -34.47
CA LEU G 332 -45.91 -12.73 -35.91
C LEU G 332 -47.31 -12.30 -36.39
N ALA G 333 -47.64 -11.05 -36.09
CA ALA G 333 -48.93 -10.50 -36.46
C ALA G 333 -48.76 -9.05 -36.87
N TYR G 334 -49.82 -8.48 -37.41
CA TYR G 334 -49.74 -7.08 -37.79
C TYR G 334 -50.88 -6.32 -37.15
N SER G 335 -50.67 -5.02 -36.97
CA SER G 335 -51.64 -4.12 -36.37
C SER G 335 -51.13 -2.70 -36.40
N ALA G 336 -52.05 -1.74 -36.36
CA ALA G 336 -51.68 -0.36 -36.32
C ALA G 336 -51.73 0.09 -34.85
N ARG G 337 -52.53 -0.66 -34.06
CA ARG G 337 -52.77 -0.42 -32.64
C ARG G 337 -51.82 -1.15 -31.70
N ASN G 338 -52.17 -2.43 -31.51
CA ASN G 338 -51.48 -3.33 -30.63
C ASN G 338 -49.98 -3.42 -30.93
N ARG G 339 -49.17 -3.14 -29.91
CA ARG G 339 -47.73 -3.17 -30.09
C ARG G 339 -47.07 -4.43 -29.53
N SER G 340 -47.86 -5.50 -29.49
CA SER G 340 -47.39 -6.82 -29.10
C SER G 340 -47.03 -7.53 -30.42
N ALA G 341 -47.47 -6.90 -31.51
CA ALA G 341 -47.28 -7.35 -32.89
C ALA G 341 -45.93 -6.94 -33.45
N SER G 342 -45.25 -7.91 -34.06
CA SER G 342 -43.93 -7.68 -34.64
C SER G 342 -43.99 -6.82 -35.90
N ILE G 343 -45.15 -6.83 -36.56
CA ILE G 343 -45.31 -5.97 -37.72
C ILE G 343 -46.30 -4.93 -37.25
N ARG G 344 -45.93 -3.67 -37.36
CA ARG G 344 -46.79 -2.62 -36.92
C ARG G 344 -47.03 -1.77 -38.14
N ILE G 345 -48.26 -1.25 -38.26
CA ILE G 345 -48.62 -0.42 -39.39
C ILE G 345 -48.69 1.01 -38.93
N PRO G 346 -47.70 1.81 -39.35
CA PRO G 346 -47.73 3.21 -38.93
C PRO G 346 -48.92 3.90 -39.57
N VAL G 347 -49.65 4.59 -38.71
CA VAL G 347 -50.81 5.34 -39.14
C VAL G 347 -50.28 6.69 -39.57
N VAL G 348 -50.75 7.18 -40.72
CA VAL G 348 -50.28 8.46 -41.21
C VAL G 348 -51.21 9.16 -42.20
N ALA G 349 -51.32 10.48 -42.03
CA ALA G 349 -52.15 11.33 -42.91
C ALA G 349 -52.23 10.92 -44.38
N SER G 350 -51.23 11.31 -45.17
CA SER G 350 -51.28 11.01 -46.63
C SER G 350 -51.16 9.52 -46.93
N PRO G 351 -51.25 9.20 -48.22
CA PRO G 351 -50.97 7.86 -48.72
C PRO G 351 -49.49 7.77 -49.13
N LYS G 352 -48.91 8.93 -49.42
CA LYS G 352 -47.51 9.01 -49.85
C LYS G 352 -46.55 8.35 -48.88
N ALA G 353 -46.93 8.30 -47.62
CA ALA G 353 -46.09 7.71 -46.59
C ALA G 353 -46.56 6.37 -46.00
N ARG G 354 -47.52 5.72 -46.63
CA ARG G 354 -48.01 4.44 -46.11
C ARG G 354 -46.91 3.39 -46.23
N ARG G 355 -46.80 2.51 -45.24
CA ARG G 355 -45.76 1.47 -45.28
C ARG G 355 -45.98 0.50 -44.13
N ILE G 356 -45.02 -0.41 -43.96
CA ILE G 356 -45.07 -1.36 -42.85
C ILE G 356 -43.76 -1.30 -42.08
N GLU G 357 -43.80 -1.72 -40.81
CA GLU G 357 -42.62 -1.75 -39.95
C GLU G 357 -42.49 -3.12 -39.35
N VAL G 358 -41.43 -3.81 -39.74
CA VAL G 358 -41.15 -5.13 -39.21
C VAL G 358 -40.16 -4.93 -38.09
N ARG G 359 -40.67 -5.05 -36.89
CA ARG G 359 -39.90 -4.77 -35.71
C ARG G 359 -38.91 -5.83 -35.22
N PHE G 360 -38.99 -7.11 -35.58
CA PHE G 360 -38.08 -8.08 -34.95
C PHE G 360 -36.59 -8.03 -35.34
N PRO G 361 -36.24 -7.48 -36.51
CA PRO G 361 -34.80 -7.39 -36.83
C PRO G 361 -33.96 -6.66 -35.74
N ASP G 362 -32.69 -7.10 -35.51
CA ASP G 362 -31.81 -6.35 -34.60
C ASP G 362 -30.55 -5.92 -35.37
N PRO G 363 -29.69 -5.10 -34.68
CA PRO G 363 -28.45 -4.46 -35.23
C PRO G 363 -27.42 -5.34 -35.83
N ALA G 364 -27.30 -6.46 -35.17
CA ALA G 364 -26.32 -7.43 -35.54
C ALA G 364 -26.50 -8.00 -36.95
N ALA G 365 -27.67 -7.82 -37.53
CA ALA G 365 -28.01 -8.33 -38.84
C ALA G 365 -27.15 -7.75 -39.95
N ASN G 366 -26.81 -8.58 -40.93
CA ASN G 366 -26.04 -8.12 -42.08
C ASN G 366 -27.11 -7.35 -42.86
N PRO G 367 -27.00 -6.01 -42.91
CA PRO G 367 -27.97 -5.17 -43.63
C PRO G 367 -28.43 -5.76 -44.94
N TYR G 368 -27.47 -5.94 -45.84
CA TYR G 368 -27.73 -6.51 -47.15
C TYR G 368 -28.55 -7.81 -47.09
N LEU G 369 -28.00 -8.82 -46.44
CA LEU G 369 -28.71 -10.09 -46.33
C LEU G 369 -30.08 -9.92 -45.69
N CYS G 370 -30.11 -9.25 -44.56
CA CYS G 370 -31.35 -9.04 -43.83
C CYS G 370 -32.41 -8.38 -44.71
N PHE G 371 -32.05 -7.25 -45.32
CA PHE G 371 -32.97 -6.53 -46.20
C PHE G 371 -33.49 -7.39 -47.34
N ALA G 372 -32.59 -8.05 -48.04
CA ALA G 372 -32.95 -8.94 -49.14
C ALA G 372 -34.00 -9.95 -48.68
N ALA G 373 -33.70 -10.67 -47.61
CA ALA G 373 -34.60 -11.69 -47.07
C ALA G 373 -35.99 -11.11 -46.83
N LEU G 374 -36.03 -9.90 -46.30
CA LEU G 374 -37.29 -9.25 -46.05
C LEU G 374 -38.01 -9.03 -47.38
N LEU G 375 -37.29 -8.48 -48.35
CA LEU G 375 -37.82 -8.17 -49.67
C LEU G 375 -38.31 -9.39 -50.42
N MET G 376 -37.48 -10.42 -50.46
CA MET G 376 -37.81 -11.66 -51.16
C MET G 376 -39.00 -12.40 -50.56
N ALA G 377 -39.15 -12.31 -49.24
CA ALA G 377 -40.27 -12.97 -48.58
C ALA G 377 -41.50 -12.15 -48.88
N GLY G 378 -41.30 -10.85 -49.10
CA GLY G 378 -42.41 -9.97 -49.38
C GLY G 378 -42.93 -10.23 -50.78
N LEU G 379 -41.99 -10.41 -51.71
CA LEU G 379 -42.33 -10.68 -53.11
C LEU G 379 -43.04 -12.03 -53.23
N ASP G 380 -42.54 -13.02 -52.51
CA ASP G 380 -43.12 -14.36 -52.54
C ASP G 380 -44.54 -14.35 -51.98
N GLY G 381 -44.80 -13.42 -51.06
CA GLY G 381 -46.13 -13.34 -50.47
C GLY G 381 -47.11 -12.74 -51.46
N ILE G 382 -46.58 -11.91 -52.34
CA ILE G 382 -47.34 -11.24 -53.39
C ILE G 382 -47.63 -12.18 -54.57
N LYS G 383 -46.58 -12.79 -55.11
CA LYS G 383 -46.74 -13.73 -56.21
C LYS G 383 -47.76 -14.78 -55.82
N ASN G 384 -47.55 -15.45 -54.70
CA ASN G 384 -48.46 -16.49 -54.19
C ASN G 384 -49.69 -15.97 -53.39
N LYS G 385 -50.06 -14.69 -53.50
CA LYS G 385 -51.23 -14.10 -52.78
C LYS G 385 -51.46 -14.68 -51.37
N ILE G 386 -50.39 -14.64 -50.58
CA ILE G 386 -50.45 -15.16 -49.22
C ILE G 386 -51.18 -14.22 -48.29
N HIS G 387 -52.33 -14.66 -47.82
CA HIS G 387 -53.07 -13.78 -46.94
C HIS G 387 -52.55 -13.77 -45.53
N PRO G 388 -52.32 -12.55 -45.00
CA PRO G 388 -51.83 -12.26 -43.65
C PRO G 388 -52.87 -12.45 -42.55
N GLY G 389 -54.07 -12.86 -42.93
CA GLY G 389 -55.11 -13.07 -41.96
C GLY G 389 -55.61 -11.77 -41.37
N GLU G 390 -56.22 -11.86 -40.20
CA GLU G 390 -56.77 -10.69 -39.51
C GLU G 390 -55.80 -10.04 -38.55
N PRO G 391 -55.79 -8.70 -38.51
CA PRO G 391 -54.92 -7.89 -37.63
C PRO G 391 -55.18 -8.14 -36.15
N MET G 392 -54.13 -8.01 -35.35
CA MET G 392 -54.25 -8.21 -33.91
C MET G 392 -54.60 -6.90 -33.25
N ASP G 393 -55.80 -6.80 -32.71
CA ASP G 393 -56.18 -5.56 -32.03
C ASP G 393 -56.52 -5.83 -30.56
N LYS G 394 -56.00 -6.96 -30.06
CA LYS G 394 -56.21 -7.45 -28.68
C LYS G 394 -55.16 -6.97 -27.65
N ASN G 395 -54.91 -7.81 -26.63
CA ASN G 395 -53.98 -7.45 -25.51
C ASN G 395 -52.49 -7.85 -25.72
N LEU G 396 -51.64 -7.07 -25.04
CA LEU G 396 -50.18 -7.02 -25.11
C LEU G 396 -49.36 -8.33 -24.90
N TYR G 397 -48.61 -8.54 -23.80
CA TYR G 397 -47.70 -9.72 -23.74
C TYR G 397 -48.22 -11.07 -23.19
N ASP G 398 -48.66 -11.12 -21.94
CA ASP G 398 -49.24 -12.36 -21.41
C ASP G 398 -50.64 -12.33 -20.75
N LEU G 399 -51.57 -11.93 -21.63
CA LEU G 399 -53.01 -11.89 -21.38
C LEU G 399 -53.56 -13.02 -22.22
N PRO G 400 -52.84 -13.26 -23.36
CA PRO G 400 -53.19 -14.30 -24.37
C PRO G 400 -53.54 -15.70 -23.88
N PRO G 401 -52.67 -16.51 -23.19
CA PRO G 401 -53.09 -17.91 -22.94
C PRO G 401 -54.43 -18.08 -22.17
N GLU G 402 -55.52 -17.55 -22.73
CA GLU G 402 -56.88 -17.58 -22.22
C GLU G 402 -57.59 -18.70 -22.98
N GLU G 403 -56.94 -19.03 -24.09
CA GLU G 403 -57.29 -20.02 -25.07
C GLU G 403 -55.94 -20.47 -25.61
N ALA G 404 -54.96 -20.29 -24.70
CA ALA G 404 -53.52 -20.53 -24.86
C ALA G 404 -53.17 -20.14 -26.29
N LYS G 405 -53.17 -18.83 -26.57
CA LYS G 405 -52.95 -18.42 -27.95
C LYS G 405 -51.60 -18.86 -28.49
N GLU G 406 -51.57 -19.72 -29.49
CA GLU G 406 -50.37 -20.12 -30.13
C GLU G 406 -50.33 -19.64 -31.60
N ILE G 407 -50.42 -18.34 -31.83
CA ILE G 407 -50.32 -17.84 -33.20
C ILE G 407 -48.83 -17.87 -33.57
N PRO G 408 -48.50 -17.80 -34.87
CA PRO G 408 -47.10 -17.84 -35.32
C PRO G 408 -46.14 -16.89 -34.59
N GLN G 409 -44.92 -17.36 -34.37
CA GLN G 409 -43.92 -16.56 -33.70
C GLN G 409 -42.54 -16.71 -34.28
N VAL G 410 -41.71 -15.69 -34.06
CA VAL G 410 -40.34 -15.69 -34.56
C VAL G 410 -39.55 -16.84 -33.94
N ALA G 411 -38.45 -17.21 -34.58
CA ALA G 411 -37.61 -18.32 -34.11
C ALA G 411 -37.26 -18.20 -32.62
N GLY G 412 -37.33 -19.31 -31.90
CA GLY G 412 -37.02 -19.27 -30.48
C GLY G 412 -35.54 -19.23 -30.15
N SER G 413 -34.72 -19.79 -31.02
CA SER G 413 -33.30 -19.83 -30.83
C SER G 413 -32.61 -19.52 -32.16
N LEU G 414 -31.30 -19.68 -32.20
CA LEU G 414 -30.60 -19.42 -33.43
C LEU G 414 -30.59 -20.69 -34.28
N GLU G 415 -30.36 -21.83 -33.63
CA GLU G 415 -30.32 -23.13 -34.30
C GLU G 415 -31.60 -23.27 -35.11
N GLU G 416 -32.71 -22.88 -34.48
CA GLU G 416 -34.01 -22.90 -35.10
C GLU G 416 -33.99 -22.02 -36.34
N ALA G 417 -33.81 -20.72 -36.15
CA ALA G 417 -33.75 -19.75 -37.25
C ALA G 417 -32.89 -20.25 -38.40
N LEU G 418 -31.81 -20.91 -38.06
CA LEU G 418 -30.90 -21.40 -39.07
C LEU G 418 -31.53 -22.56 -39.81
N ASN G 419 -31.84 -23.61 -39.08
CA ASN G 419 -32.46 -24.78 -39.65
C ASN G 419 -33.68 -24.39 -40.54
N ALA G 420 -34.42 -23.37 -40.12
CA ALA G 420 -35.58 -22.85 -40.87
C ALA G 420 -35.09 -22.31 -42.20
N LEU G 421 -34.07 -21.48 -42.18
CA LEU G 421 -33.52 -20.94 -43.42
C LEU G 421 -33.00 -22.09 -44.27
N ASP G 422 -32.56 -23.17 -43.63
CA ASP G 422 -32.07 -24.33 -44.36
C ASP G 422 -33.20 -24.82 -45.27
N LEU G 423 -34.29 -25.24 -44.63
CA LEU G 423 -35.47 -25.74 -45.31
C LEU G 423 -36.16 -24.71 -46.22
N ASP G 424 -36.79 -23.71 -45.59
CA ASP G 424 -37.51 -22.65 -46.31
C ASP G 424 -36.59 -21.77 -47.19
N ARG G 425 -35.52 -22.36 -47.70
CA ARG G 425 -34.59 -21.61 -48.53
C ARG G 425 -35.08 -21.28 -49.92
N GLU G 426 -36.20 -21.89 -50.29
CA GLU G 426 -36.67 -21.69 -51.64
C GLU G 426 -36.96 -20.27 -52.10
N PHE G 427 -37.67 -19.49 -51.29
CA PHE G 427 -37.98 -18.14 -51.74
C PHE G 427 -36.76 -17.24 -51.92
N LEU G 428 -35.64 -17.64 -51.34
CA LEU G 428 -34.43 -16.83 -51.45
C LEU G 428 -33.66 -17.13 -52.72
N LYS G 429 -33.71 -18.39 -53.15
CA LYS G 429 -32.99 -18.81 -54.35
C LYS G 429 -33.64 -18.28 -55.63
N ALA G 430 -34.88 -17.82 -55.49
CA ALA G 430 -35.63 -17.24 -56.59
C ALA G 430 -34.79 -16.16 -57.28
N GLY G 431 -34.96 -16.03 -58.59
CA GLY G 431 -34.21 -15.05 -59.36
C GLY G 431 -32.70 -15.22 -59.25
N GLY G 432 -32.26 -16.37 -58.72
CA GLY G 432 -30.84 -16.63 -58.55
C GLY G 432 -30.16 -15.61 -57.64
N VAL G 433 -30.95 -15.03 -56.73
CA VAL G 433 -30.49 -14.03 -55.77
C VAL G 433 -29.59 -14.73 -54.78
N PHE G 434 -30.14 -15.70 -54.08
CA PHE G 434 -29.37 -16.48 -53.13
C PHE G 434 -29.07 -17.80 -53.77
N THR G 435 -27.86 -18.27 -53.57
CA THR G 435 -27.46 -19.54 -54.12
C THR G 435 -27.34 -20.49 -52.95
N ASP G 436 -27.36 -21.78 -53.24
CA ASP G 436 -27.27 -22.76 -52.20
C ASP G 436 -26.03 -22.66 -51.34
N GLU G 437 -24.85 -22.72 -51.94
CA GLU G 437 -23.67 -22.62 -51.09
C GLU G 437 -23.52 -21.25 -50.42
N ALA G 438 -24.08 -20.21 -51.02
CA ALA G 438 -24.00 -18.88 -50.40
C ALA G 438 -24.73 -19.04 -49.07
N ILE G 439 -25.88 -19.69 -49.14
CA ILE G 439 -26.71 -19.96 -47.99
C ILE G 439 -26.12 -21.05 -47.08
N ASP G 440 -25.51 -22.08 -47.66
CA ASP G 440 -24.95 -23.15 -46.85
C ASP G 440 -23.73 -22.68 -46.09
N ALA G 441 -23.00 -21.71 -46.68
CA ALA G 441 -21.79 -21.14 -46.08
C ALA G 441 -22.19 -20.33 -44.86
N TYR G 442 -23.19 -19.46 -45.04
CA TYR G 442 -23.69 -18.63 -43.94
C TYR G 442 -24.09 -19.52 -42.77
N ILE G 443 -24.92 -20.51 -43.04
CA ILE G 443 -25.37 -21.42 -42.01
C ILE G 443 -24.20 -22.03 -41.26
N ALA G 444 -23.17 -22.41 -41.99
CA ALA G 444 -21.99 -23.02 -41.39
C ALA G 444 -21.27 -22.13 -40.35
N LEU G 445 -21.10 -20.86 -40.71
CA LEU G 445 -20.44 -19.85 -39.90
C LEU G 445 -21.15 -19.63 -38.60
N ARG G 446 -22.43 -19.36 -38.74
CA ARG G 446 -23.28 -19.13 -37.61
C ARG G 446 -23.37 -20.38 -36.74
N ARG G 447 -23.30 -21.55 -37.38
CA ARG G 447 -23.40 -22.79 -36.64
C ARG G 447 -22.23 -22.93 -35.68
N GLU G 448 -21.06 -22.45 -36.09
CA GLU G 448 -19.90 -22.58 -35.22
C GLU G 448 -19.94 -21.55 -34.10
N GLU G 449 -20.54 -20.39 -34.38
CA GLU G 449 -20.70 -19.36 -33.34
C GLU G 449 -21.69 -19.90 -32.30
N ASP G 450 -22.82 -20.40 -32.78
CA ASP G 450 -23.83 -20.97 -31.88
C ASP G 450 -23.18 -22.08 -31.04
N ASP G 451 -22.26 -22.85 -31.63
CA ASP G 451 -21.61 -23.94 -30.88
C ASP G 451 -20.92 -23.43 -29.64
N ARG G 452 -20.20 -22.33 -29.80
CA ARG G 452 -19.45 -21.74 -28.72
C ARG G 452 -20.31 -21.40 -27.55
N VAL G 453 -21.38 -20.67 -27.82
CA VAL G 453 -22.28 -20.31 -26.74
C VAL G 453 -22.96 -21.54 -26.16
N ARG G 454 -23.34 -22.47 -27.04
CA ARG G 454 -24.03 -23.65 -26.58
C ARG G 454 -23.18 -24.57 -25.78
N MET G 455 -21.88 -24.53 -26.03
CA MET G 455 -20.95 -25.42 -25.36
C MET G 455 -20.22 -24.88 -24.14
N THR G 456 -20.10 -23.56 -24.04
CA THR G 456 -19.40 -22.92 -22.91
C THR G 456 -20.33 -22.73 -21.71
N PRO G 457 -19.94 -23.24 -20.52
CA PRO G 457 -20.81 -23.08 -19.33
C PRO G 457 -21.18 -21.62 -19.10
N HIS G 458 -22.42 -21.41 -18.69
CA HIS G 458 -22.91 -20.07 -18.43
C HIS G 458 -22.84 -19.80 -16.95
N PRO G 459 -22.41 -18.59 -16.57
CA PRO G 459 -22.30 -18.21 -15.15
C PRO G 459 -23.52 -18.62 -14.34
N VAL G 460 -24.69 -18.30 -14.88
CA VAL G 460 -25.97 -18.62 -14.23
C VAL G 460 -26.15 -20.09 -13.90
N GLU G 461 -25.49 -20.94 -14.68
CA GLU G 461 -25.59 -22.36 -14.42
C GLU G 461 -25.00 -22.69 -13.06
N PHE G 462 -24.04 -21.90 -12.64
CA PHE G 462 -23.44 -22.16 -11.34
C PHE G 462 -24.37 -21.74 -10.21
N GLU G 463 -24.98 -20.60 -10.49
CA GLU G 463 -25.94 -20.04 -9.57
C GLU G 463 -27.03 -21.05 -9.37
N LEU G 464 -27.53 -21.58 -10.48
CA LEU G 464 -28.59 -22.58 -10.50
C LEU G 464 -28.16 -23.99 -10.17
N TYR G 465 -26.95 -24.40 -10.56
CA TYR G 465 -26.69 -25.84 -10.38
C TYR G 465 -25.46 -26.29 -9.55
N TYR G 466 -24.59 -25.38 -9.18
CA TYR G 466 -23.40 -25.80 -8.44
C TYR G 466 -23.68 -26.67 -7.21
N SER G 467 -24.69 -26.28 -6.45
CA SER G 467 -24.98 -26.99 -5.21
C SER G 467 -25.91 -28.15 -5.42
N VAL G 468 -25.96 -28.63 -6.65
CA VAL G 468 -26.81 -29.74 -6.99
C VAL G 468 -26.42 -31.05 -6.28
N SER H 1 25.51 9.85 -58.13
CA SER H 1 25.25 11.31 -57.95
C SER H 1 26.32 12.04 -57.11
N ALA H 2 27.60 11.95 -57.51
CA ALA H 2 28.63 12.66 -56.72
C ALA H 2 28.21 14.14 -56.68
N GLU H 3 27.99 14.66 -57.90
CA GLU H 3 27.53 16.02 -58.07
C GLU H 3 26.19 16.27 -57.34
N HIS H 4 25.16 15.51 -57.68
CA HIS H 4 23.83 15.62 -57.08
C HIS H 4 23.90 15.77 -55.56
N VAL H 5 24.62 14.86 -54.91
CA VAL H 5 24.79 14.89 -53.46
C VAL H 5 25.30 16.24 -52.96
N LEU H 6 26.36 16.78 -53.58
CA LEU H 6 26.87 18.06 -53.12
C LEU H 6 25.82 19.14 -53.11
N THR H 7 25.01 19.19 -54.15
CA THR H 7 23.94 20.20 -54.24
C THR H 7 22.91 19.95 -53.14
N MET H 8 22.62 18.68 -52.93
CA MET H 8 21.67 18.23 -51.91
C MET H 8 22.08 18.59 -50.46
N LEU H 9 23.38 18.81 -50.24
CA LEU H 9 23.83 19.18 -48.91
C LEU H 9 23.41 20.64 -48.66
N ASN H 10 23.64 21.50 -49.67
CA ASN H 10 23.29 22.93 -49.55
C ASN H 10 21.80 23.16 -49.59
N GLU H 11 21.12 22.25 -50.28
CA GLU H 11 19.69 22.35 -50.46
C GLU H 11 18.90 22.06 -49.18
N HIS H 12 19.48 21.23 -48.32
CA HIS H 12 18.81 20.89 -47.05
C HIS H 12 19.59 21.37 -45.83
N GLU H 13 20.62 22.20 -46.05
CA GLU H 13 21.48 22.69 -44.96
C GLU H 13 21.80 21.48 -44.08
N VAL H 14 22.27 20.43 -44.76
CA VAL H 14 22.59 19.18 -44.11
C VAL H 14 23.75 19.38 -43.17
N LYS H 15 23.60 18.86 -41.96
CA LYS H 15 24.64 18.97 -40.96
C LYS H 15 25.47 17.67 -40.90
N PHE H 16 24.81 16.54 -41.08
CA PHE H 16 25.54 15.27 -41.03
C PHE H 16 25.24 14.34 -42.17
N VAL H 17 26.08 13.30 -42.26
CA VAL H 17 25.94 12.29 -43.27
C VAL H 17 26.03 10.95 -42.58
N ASP H 18 24.99 10.16 -42.80
CA ASP H 18 24.95 8.88 -42.17
C ASP H 18 25.27 7.77 -43.15
N LEU H 19 26.41 7.14 -42.91
CA LEU H 19 26.86 6.08 -43.75
C LEU H 19 26.23 4.81 -43.29
N ARG H 20 25.50 4.16 -44.18
CA ARG H 20 24.89 2.91 -43.80
C ARG H 20 25.25 1.78 -44.73
N PHE H 21 25.32 0.60 -44.16
CA PHE H 21 25.66 -0.59 -44.89
C PHE H 21 25.03 -1.74 -44.12
N THR H 22 25.11 -2.93 -44.69
CA THR H 22 24.45 -4.07 -44.08
C THR H 22 25.37 -5.21 -43.70
N ASP H 23 25.18 -5.72 -42.48
CA ASP H 23 26.00 -6.81 -41.97
C ASP H 23 25.53 -8.14 -42.49
N THR H 24 26.29 -9.17 -42.17
CA THR H 24 26.00 -10.51 -42.63
C THR H 24 24.60 -11.00 -42.27
N LYS H 25 24.22 -10.88 -40.99
CA LYS H 25 22.89 -11.34 -40.55
C LYS H 25 21.78 -10.57 -41.26
N GLY H 26 22.08 -9.34 -41.64
CA GLY H 26 21.09 -8.56 -42.35
C GLY H 26 20.78 -7.25 -41.68
N LYS H 27 21.33 -7.04 -40.49
CA LYS H 27 21.09 -5.83 -39.74
C LYS H 27 21.85 -4.65 -40.36
N GLU H 28 21.11 -3.59 -40.66
CA GLU H 28 21.66 -2.38 -41.25
C GLU H 28 22.51 -1.64 -40.20
N GLN H 29 23.74 -1.24 -40.56
CA GLN H 29 24.63 -0.52 -39.64
C GLN H 29 24.83 0.90 -40.15
N HIS H 30 25.29 1.81 -39.29
CA HIS H 30 25.49 3.18 -39.70
C HIS H 30 26.61 3.95 -39.02
N VAL H 31 27.09 5.02 -39.62
CA VAL H 31 28.11 5.79 -38.96
C VAL H 31 27.99 7.20 -39.44
N THR H 32 28.16 8.13 -38.51
CA THR H 32 27.94 9.49 -38.88
C THR H 32 29.16 10.34 -39.02
N ILE H 33 29.11 11.12 -40.08
CA ILE H 33 30.17 12.01 -40.49
C ILE H 33 29.58 13.38 -40.71
N PRO H 34 30.28 14.43 -40.26
CA PRO H 34 29.80 15.80 -40.44
C PRO H 34 29.78 16.08 -41.92
N ALA H 35 28.85 16.89 -42.38
CA ALA H 35 28.78 17.18 -43.80
C ALA H 35 30.10 17.73 -44.34
N HIS H 36 30.83 18.48 -43.53
CA HIS H 36 32.09 19.05 -43.98
C HIS H 36 33.16 18.00 -44.30
N GLN H 37 32.98 16.81 -43.75
CA GLN H 37 33.91 15.71 -43.97
C GLN H 37 33.70 15.09 -45.34
N VAL H 38 32.67 15.57 -46.03
CA VAL H 38 32.33 15.10 -47.36
C VAL H 38 32.95 15.98 -48.43
N ASN H 39 33.90 15.40 -49.15
CA ASN H 39 34.64 16.10 -50.19
C ASN H 39 34.81 15.23 -51.42
N ALA H 40 35.62 15.78 -52.33
CA ALA H 40 35.95 15.16 -53.60
C ALA H 40 36.40 13.70 -53.50
N GLU H 41 37.52 13.46 -52.82
CA GLU H 41 38.08 12.11 -52.71
C GLU H 41 37.23 11.15 -51.90
N PHE H 42 36.46 11.69 -50.96
CA PHE H 42 35.59 10.87 -50.13
C PHE H 42 34.80 9.92 -51.05
N PHE H 43 34.37 10.45 -52.19
CA PHE H 43 33.60 9.67 -53.15
C PHE H 43 34.35 8.63 -53.95
N GLU H 44 35.59 8.93 -54.31
CA GLU H 44 36.38 8.01 -55.08
C GLU H 44 37.15 6.99 -54.24
N GLU H 45 37.50 7.35 -53.01
CA GLU H 45 38.22 6.40 -52.14
C GLU H 45 37.52 6.01 -50.83
N GLY H 46 36.32 6.54 -50.59
CA GLY H 46 35.58 6.21 -49.38
C GLY H 46 36.29 6.58 -48.09
N LYS H 47 35.89 5.92 -46.99
CA LYS H 47 36.49 6.18 -45.69
C LYS H 47 36.92 4.88 -45.07
N MET H 48 37.87 4.99 -44.14
CA MET H 48 38.40 3.83 -43.47
C MET H 48 37.65 3.48 -42.22
N PHE H 49 37.58 2.18 -41.95
CA PHE H 49 36.93 1.70 -40.74
C PHE H 49 37.26 0.23 -40.47
N ASP H 50 37.21 -0.15 -39.19
CA ASP H 50 37.49 -1.52 -38.76
C ASP H 50 36.22 -2.36 -38.66
N GLY H 51 36.16 -3.44 -39.43
CA GLY H 51 35.00 -4.29 -39.40
C GLY H 51 35.04 -5.32 -38.29
N SER H 52 36.23 -5.55 -37.73
CA SER H 52 36.46 -6.55 -36.68
C SER H 52 35.34 -6.86 -35.68
N SER H 53 34.68 -5.82 -35.17
CA SER H 53 33.61 -6.00 -34.19
C SER H 53 32.24 -6.11 -34.84
N ILE H 54 32.22 -6.81 -35.97
CA ILE H 54 31.00 -7.03 -36.72
C ILE H 54 30.84 -8.53 -36.90
N GLY H 55 29.59 -8.96 -36.93
CA GLY H 55 29.30 -10.36 -37.08
C GLY H 55 29.89 -11.02 -38.30
N GLY H 56 30.82 -11.94 -38.06
CA GLY H 56 31.45 -12.72 -39.12
C GLY H 56 32.30 -12.06 -40.20
N TRP H 57 32.87 -10.93 -39.85
CA TRP H 57 33.75 -10.16 -40.72
C TRP H 57 35.03 -10.09 -39.97
N LYS H 58 34.85 -10.67 -38.82
CA LYS H 58 35.87 -10.77 -37.81
C LYS H 58 37.11 -10.93 -38.58
N GLY H 59 38.16 -10.70 -37.86
CA GLY H 59 39.48 -10.72 -38.42
C GLY H 59 40.20 -9.64 -37.65
N ILE H 60 40.39 -9.93 -36.38
CA ILE H 60 40.98 -8.93 -35.52
C ILE H 60 42.44 -8.82 -35.89
N ASN H 61 42.71 -8.92 -37.18
CA ASN H 61 44.04 -8.81 -37.66
C ASN H 61 44.13 -8.11 -39.04
N GLU H 62 43.31 -8.58 -39.97
CA GLU H 62 43.35 -8.05 -41.36
C GLU H 62 42.17 -7.15 -41.83
N SER H 63 40.97 -7.35 -41.26
CA SER H 63 39.70 -6.69 -41.67
C SER H 63 39.53 -5.21 -41.34
N ASP H 64 40.40 -4.42 -41.93
CA ASP H 64 40.33 -2.98 -41.87
C ASP H 64 39.84 -2.64 -43.25
N MET H 65 38.52 -2.49 -43.38
CA MET H 65 37.88 -2.24 -44.66
C MET H 65 37.47 -0.81 -45.02
N VAL H 66 37.02 -0.66 -46.26
CA VAL H 66 36.59 0.62 -46.83
C VAL H 66 35.08 0.79 -47.04
N LEU H 67 34.56 1.93 -46.60
CA LEU H 67 33.15 2.23 -46.79
C LEU H 67 33.06 3.01 -48.08
N MET H 68 32.46 2.41 -49.09
CA MET H 68 32.34 3.10 -50.34
C MET H 68 30.98 3.64 -50.61
N PRO H 69 30.82 4.97 -50.45
CA PRO H 69 29.55 5.66 -50.68
C PRO H 69 29.03 5.43 -52.07
N ASP H 70 27.71 5.30 -52.16
CA ASP H 70 27.04 5.10 -53.42
C ASP H 70 26.19 6.34 -53.62
N ALA H 71 26.75 7.30 -54.36
CA ALA H 71 26.09 8.57 -54.64
C ALA H 71 24.61 8.48 -54.98
N SER H 72 24.19 7.38 -55.58
CA SER H 72 22.78 7.27 -55.96
C SER H 72 21.80 7.09 -54.78
N THR H 73 22.22 6.33 -53.78
CA THR H 73 21.42 6.02 -52.59
C THR H 73 21.06 7.16 -51.62
N ALA H 74 21.62 8.35 -51.85
CA ALA H 74 21.40 9.49 -50.96
C ALA H 74 19.99 9.97 -50.72
N VAL H 75 19.65 10.05 -49.44
CA VAL H 75 18.34 10.56 -49.03
C VAL H 75 18.29 10.94 -47.56
N ILE H 76 17.59 12.04 -47.30
CA ILE H 76 17.41 12.59 -45.98
C ILE H 76 16.80 11.65 -44.96
N ASP H 77 17.29 11.70 -43.72
CA ASP H 77 16.71 10.90 -42.65
C ASP H 77 15.57 11.74 -42.08
N PRO H 78 14.36 11.18 -42.07
CA PRO H 78 13.19 11.90 -41.59
C PRO H 78 12.93 11.85 -40.11
N PHE H 79 13.76 11.12 -39.38
CA PHE H 79 13.59 10.97 -37.94
C PHE H 79 14.61 11.75 -37.11
N PHE H 80 15.82 11.85 -37.62
CA PHE H 80 16.89 12.56 -36.94
C PHE H 80 16.58 14.04 -36.73
N ALA H 81 16.99 14.54 -35.57
CA ALA H 81 16.75 15.92 -35.19
C ALA H 81 17.51 16.96 -35.98
N ASP H 82 18.78 16.69 -36.23
CA ASP H 82 19.59 17.63 -36.98
C ASP H 82 19.56 17.11 -38.41
N SER H 83 19.45 18.01 -39.39
CA SER H 83 19.33 17.60 -40.79
C SER H 83 20.44 16.66 -41.24
N THR H 84 20.15 15.37 -41.37
CA THR H 84 21.23 14.50 -41.85
C THR H 84 20.85 13.71 -43.11
N LEU H 85 21.89 13.53 -43.96
CA LEU H 85 21.78 12.80 -45.21
C LEU H 85 22.33 11.37 -45.08
N ILE H 86 21.55 10.40 -45.53
CA ILE H 86 21.94 9.00 -45.45
C ILE H 86 22.55 8.60 -46.79
N ILE H 87 23.57 7.75 -46.72
CA ILE H 87 24.22 7.25 -47.92
C ILE H 87 24.62 5.81 -47.66
N ARG H 88 24.04 4.95 -48.49
CA ARG H 88 24.29 3.54 -48.42
C ARG H 88 25.70 3.33 -48.95
N CYS H 89 26.45 2.47 -48.30
CA CYS H 89 27.81 2.22 -48.71
C CYS H 89 28.00 0.76 -49.04
N ASP H 90 29.09 0.49 -49.75
CA ASP H 90 29.51 -0.86 -50.12
C ASP H 90 30.78 -1.09 -49.34
N ILE H 91 31.03 -2.34 -48.96
CA ILE H 91 32.23 -2.66 -48.24
C ILE H 91 33.24 -3.20 -49.24
N LEU H 92 34.29 -2.42 -49.46
CA LEU H 92 35.34 -2.79 -50.39
C LEU H 92 36.58 -3.23 -49.65
N GLU H 93 37.39 -4.03 -50.34
CA GLU H 93 38.66 -4.53 -49.79
C GLU H 93 39.68 -3.37 -49.89
N PRO H 94 40.45 -3.12 -48.82
CA PRO H 94 41.43 -2.02 -48.87
C PRO H 94 42.48 -2.18 -49.97
N GLY H 95 42.74 -1.08 -50.69
CA GLY H 95 43.72 -1.11 -51.76
C GLY H 95 43.15 -1.71 -53.04
N THR H 96 42.87 -3.01 -53.02
CA THR H 96 42.30 -3.72 -54.16
C THR H 96 41.04 -2.99 -54.63
N LEU H 97 40.17 -2.68 -53.66
CA LEU H 97 38.94 -1.93 -53.88
C LEU H 97 37.86 -2.51 -54.80
N GLN H 98 37.76 -3.83 -54.94
CA GLN H 98 36.70 -4.31 -55.84
C GLN H 98 35.49 -4.95 -55.15
N GLY H 99 35.51 -5.07 -53.83
CA GLY H 99 34.34 -5.61 -53.17
C GLY H 99 34.51 -6.81 -52.28
N TYR H 100 34.30 -6.59 -50.99
CA TYR H 100 34.42 -7.61 -49.96
C TYR H 100 33.59 -8.88 -50.18
N ASP H 101 34.27 -10.00 -50.02
CA ASP H 101 33.70 -11.32 -50.19
C ASP H 101 32.48 -11.58 -49.36
N ARG H 102 32.46 -10.95 -48.18
CA ARG H 102 31.38 -11.09 -47.24
C ARG H 102 30.36 -9.96 -47.22
N ASP H 103 30.62 -8.89 -47.96
CA ASP H 103 29.67 -7.77 -48.05
C ASP H 103 28.47 -8.27 -48.85
N PRO H 104 27.34 -8.50 -48.16
CA PRO H 104 26.08 -8.98 -48.75
C PRO H 104 25.64 -8.13 -49.91
N ARG H 105 25.89 -6.84 -49.84
CA ARG H 105 25.48 -5.99 -50.94
C ARG H 105 26.34 -6.26 -52.16
N SER H 106 27.63 -6.52 -51.95
CA SER H 106 28.52 -6.81 -53.07
C SER H 106 28.07 -8.11 -53.71
N ILE H 107 27.78 -9.09 -52.86
CA ILE H 107 27.30 -10.39 -53.31
C ILE H 107 26.03 -10.28 -54.15
N ALA H 108 25.13 -9.39 -53.76
CA ALA H 108 23.89 -9.21 -54.49
C ALA H 108 24.19 -8.63 -55.85
N LYS H 109 25.13 -7.69 -55.88
CA LYS H 109 25.52 -7.05 -57.14
C LYS H 109 26.20 -8.06 -58.04
N ARG H 110 27.08 -8.87 -57.46
CA ARG H 110 27.79 -9.92 -58.19
C ARG H 110 26.76 -10.79 -58.91
N ALA H 111 25.76 -11.23 -58.17
CA ALA H 111 24.70 -12.06 -58.73
C ALA H 111 23.95 -11.35 -59.87
N GLU H 112 23.75 -10.05 -59.78
CA GLU H 112 23.06 -9.31 -60.83
C GLU H 112 23.93 -9.23 -62.08
N ASP H 113 25.25 -9.13 -61.88
CA ASP H 113 26.22 -9.07 -62.98
C ASP H 113 26.18 -10.39 -63.74
N TYR H 114 26.33 -11.48 -62.99
CA TYR H 114 26.30 -12.84 -63.51
C TYR H 114 25.01 -13.12 -64.30
N LEU H 115 23.94 -12.40 -64.02
CA LEU H 115 22.70 -12.62 -64.74
C LEU H 115 22.89 -12.11 -66.16
N ARG H 116 23.40 -10.88 -66.29
CA ARG H 116 23.64 -10.28 -67.60
C ARG H 116 24.75 -11.02 -68.34
N ALA H 117 25.71 -11.52 -67.57
CA ALA H 117 26.83 -12.27 -68.10
C ALA H 117 26.38 -13.56 -68.79
N THR H 118 25.51 -14.35 -68.15
CA THR H 118 25.04 -15.59 -68.77
C THR H 118 24.09 -15.25 -69.92
N GLY H 119 23.87 -13.96 -70.14
CA GLY H 119 22.99 -13.51 -71.20
C GLY H 119 21.56 -14.00 -71.10
N ILE H 120 21.25 -14.75 -70.04
CA ILE H 120 19.89 -15.27 -69.83
C ILE H 120 18.84 -14.16 -69.76
N ALA H 121 19.20 -13.07 -69.09
CA ALA H 121 18.32 -11.89 -68.97
C ALA H 121 19.17 -10.68 -68.61
N ASP H 122 18.60 -9.47 -68.69
CA ASP H 122 19.36 -8.29 -68.33
C ASP H 122 19.00 -7.58 -67.01
N THR H 123 17.90 -8.01 -66.38
CA THR H 123 17.46 -7.48 -65.08
C THR H 123 16.55 -8.46 -64.35
N VAL H 124 16.72 -8.55 -63.03
CA VAL H 124 15.89 -9.43 -62.18
C VAL H 124 14.92 -8.54 -61.43
N LEU H 125 13.69 -9.01 -61.29
CA LEU H 125 12.68 -8.24 -60.59
C LEU H 125 12.19 -8.90 -59.31
N PHE H 126 12.26 -8.14 -58.22
CA PHE H 126 11.82 -8.60 -56.91
C PHE H 126 10.75 -7.71 -56.31
N GLY H 127 9.71 -8.36 -55.80
CA GLY H 127 8.61 -7.68 -55.17
C GLY H 127 8.27 -8.48 -53.92
N PRO H 128 8.84 -8.10 -52.77
CA PRO H 128 8.60 -8.78 -51.49
C PRO H 128 7.46 -8.13 -50.69
N GLU H 129 6.75 -9.00 -49.97
CA GLU H 129 5.61 -8.61 -49.13
C GLU H 129 6.04 -8.92 -47.71
N PRO H 130 6.75 -7.98 -47.11
CA PRO H 130 7.27 -8.13 -45.76
C PRO H 130 6.25 -7.71 -44.69
N GLU H 131 5.76 -8.71 -43.98
CA GLU H 131 4.78 -8.52 -42.90
C GLU H 131 5.46 -8.25 -41.53
N PHE H 132 4.71 -7.69 -40.59
CA PHE H 132 5.23 -7.40 -39.25
C PHE H 132 4.14 -7.19 -38.22
N PHE H 133 4.59 -7.06 -36.97
CA PHE H 133 3.67 -6.83 -35.87
C PHE H 133 3.99 -5.53 -35.15
N LEU H 134 2.98 -4.96 -34.52
CA LEU H 134 3.12 -3.73 -33.74
C LEU H 134 2.58 -3.95 -32.32
N PHE H 135 3.49 -3.97 -31.36
CA PHE H 135 3.14 -4.18 -29.98
C PHE H 135 3.34 -2.91 -29.17
N ASP H 136 2.96 -2.98 -27.91
CA ASP H 136 3.02 -1.83 -27.02
C ASP H 136 4.11 -2.16 -26.02
N ASP H 137 4.23 -3.45 -25.73
CA ASP H 137 5.21 -3.89 -24.76
C ASP H 137 5.67 -5.31 -25.07
N ILE H 138 6.99 -5.46 -25.01
CA ILE H 138 7.67 -6.72 -25.24
C ILE H 138 8.78 -6.95 -24.21
N ARG H 139 8.66 -8.04 -23.47
CA ARG H 139 9.66 -8.37 -22.45
C ARG H 139 10.03 -9.83 -22.59
N PHE H 140 11.30 -10.12 -22.29
CA PHE H 140 11.81 -11.46 -22.38
C PHE H 140 13.18 -11.56 -21.73
N GLY H 141 13.61 -12.79 -21.50
CA GLY H 141 14.91 -13.00 -20.89
C GLY H 141 15.17 -14.44 -20.56
N ALA H 142 16.45 -14.74 -20.37
CA ALA H 142 16.89 -16.08 -20.03
C ALA H 142 18.06 -15.96 -19.09
N SER H 143 17.96 -16.73 -18.03
CA SER H 143 18.93 -16.79 -16.97
C SER H 143 18.98 -18.27 -16.59
N ILE H 144 19.87 -18.62 -15.67
CA ILE H 144 19.99 -19.99 -15.26
C ILE H 144 18.71 -20.55 -14.62
N SER H 145 18.05 -19.73 -13.82
CA SER H 145 16.83 -20.10 -13.09
C SER H 145 15.54 -20.11 -13.89
N GLY H 146 15.60 -19.61 -15.13
CA GLY H 146 14.43 -19.63 -15.99
C GLY H 146 14.57 -18.78 -17.24
N SER H 147 13.45 -18.60 -17.92
CA SER H 147 13.42 -17.78 -19.13
C SER H 147 11.98 -17.42 -19.38
N HIS H 148 11.76 -16.42 -20.23
CA HIS H 148 10.39 -16.00 -20.53
C HIS H 148 10.29 -14.99 -21.65
N VAL H 149 9.04 -14.78 -22.05
CA VAL H 149 8.70 -13.82 -23.09
C VAL H 149 7.27 -13.37 -22.81
N ALA H 150 7.04 -12.07 -22.99
CA ALA H 150 5.72 -11.52 -22.76
C ALA H 150 5.41 -10.45 -23.79
N ILE H 151 4.33 -10.70 -24.51
CA ILE H 151 3.91 -9.77 -25.52
C ILE H 151 2.66 -9.08 -25.07
N ASP H 152 2.55 -7.84 -25.52
CA ASP H 152 1.37 -7.09 -25.24
C ASP H 152 1.12 -5.96 -26.18
N ASP H 153 -0.12 -5.91 -26.62
CA ASP H 153 -0.59 -4.85 -27.47
C ASP H 153 -2.00 -4.57 -27.09
N ILE H 154 -2.42 -3.36 -27.42
CA ILE H 154 -3.75 -2.87 -27.20
C ILE H 154 -4.72 -3.75 -28.02
N GLU H 155 -4.22 -4.28 -29.15
CA GLU H 155 -5.06 -5.11 -30.01
C GLU H 155 -5.15 -6.55 -29.57
N GLY H 156 -4.24 -6.98 -28.71
CA GLY H 156 -4.24 -8.36 -28.25
C GLY H 156 -5.57 -8.86 -27.75
N ALA H 157 -6.05 -9.91 -28.38
CA ALA H 157 -7.32 -10.50 -28.00
C ALA H 157 -7.41 -10.82 -26.51
N TRP H 158 -6.27 -11.16 -25.90
CA TRP H 158 -6.24 -11.50 -24.49
C TRP H 158 -6.69 -10.35 -23.57
N ASN H 159 -6.55 -9.13 -24.07
CA ASN H 159 -6.94 -7.92 -23.34
C ASN H 159 -8.45 -7.62 -23.27
N SER H 160 -9.27 -8.50 -23.81
CA SER H 160 -10.72 -8.29 -23.78
C SER H 160 -11.18 -8.21 -22.33
N SER H 161 -10.41 -8.86 -21.46
CA SER H 161 -10.67 -8.97 -20.02
C SER H 161 -9.94 -7.97 -19.13
N THR H 162 -8.84 -7.47 -19.65
CA THR H 162 -7.95 -6.53 -18.99
C THR H 162 -8.52 -5.20 -18.54
N LYS H 163 -8.17 -4.77 -17.31
CA LYS H 163 -8.67 -3.48 -16.78
C LYS H 163 -7.75 -2.35 -17.23
N TYR H 164 -8.34 -1.24 -17.65
CA TYR H 164 -7.51 -0.14 -18.12
C TYR H 164 -7.74 1.11 -17.33
N GLU H 165 -6.73 1.97 -17.33
CA GLU H 165 -6.73 3.22 -16.60
C GLU H 165 -8.01 3.99 -16.83
N GLY H 166 -8.30 4.32 -18.08
CA GLY H 166 -9.53 5.04 -18.37
C GLY H 166 -10.65 4.18 -18.91
N GLY H 167 -10.68 2.89 -18.53
CA GLY H 167 -11.70 1.98 -19.01
C GLY H 167 -11.26 1.24 -20.27
N ASN H 168 -11.72 -0.01 -20.38
CA ASN H 168 -11.43 -0.89 -21.53
C ASN H 168 -12.44 -0.61 -22.64
N LYS H 169 -11.97 -0.14 -23.80
CA LYS H 169 -12.89 0.24 -24.92
C LYS H 169 -13.25 -0.94 -25.88
N GLY H 170 -12.74 -2.11 -25.52
CA GLY H 170 -12.96 -3.47 -26.08
C GLY H 170 -13.04 -3.73 -27.58
N HIS H 171 -12.64 -2.89 -28.56
CA HIS H 171 -12.74 -3.32 -29.99
C HIS H 171 -11.42 -3.92 -30.52
N ARG H 172 -11.27 -5.21 -30.27
CA ARG H 172 -10.04 -5.90 -30.61
C ARG H 172 -10.26 -7.01 -31.61
N PRO H 173 -9.23 -7.28 -32.42
CA PRO H 173 -9.20 -8.31 -33.46
C PRO H 173 -9.08 -9.64 -32.72
N GLY H 174 -9.91 -10.62 -33.08
N GLY H 174 -9.61 -9.35 -34.54
CA GLY H 174 -9.83 -11.92 -32.43
CA GLY H 174 -9.12 -10.46 -33.73
C GLY H 174 -8.66 -12.71 -33.02
C GLY H 174 -8.40 -11.50 -34.59
N VAL H 175 -8.42 -13.93 -32.54
N VAL H 175 -8.21 -12.72 -34.07
CA VAL H 175 -7.34 -14.74 -33.12
CA VAL H 175 -7.53 -13.76 -34.81
C VAL H 175 -7.62 -14.92 -34.62
C VAL H 175 -7.94 -13.74 -36.29
N LYS H 176 -6.68 -14.49 -35.45
N LYS H 176 -6.98 -13.52 -37.20
CA LYS H 176 -6.82 -14.52 -36.92
CA LYS H 176 -7.30 -13.51 -38.62
C LYS H 176 -7.94 -13.55 -37.29
C LYS H 176 -8.00 -12.21 -39.01
N GLY H 177 -8.36 -12.79 -36.32
N GLY H 177 -7.85 -11.30 -38.03
CA GLY H 177 -9.43 -11.84 -36.57
CA GLY H 177 -8.35 -9.94 -38.00
C GLY H 177 -9.05 -10.63 -37.39
C GLY H 177 -9.45 -9.72 -39.01
N GLY H 178 -7.73 -10.28 -37.31
N GLY H 178 -9.97 -10.83 -39.58
CA GLY H 178 -7.08 -9.09 -37.86
CA GLY H 178 -10.99 -10.65 -40.59
C GLY H 178 -7.02 -8.94 -39.37
C GLY H 178 -10.68 -9.28 -41.13
N TYR H 179 -8.13 -9.11 -40.00
N TYR H 179 -9.87 -9.22 -42.13
CA TYR H 179 -8.05 -8.87 -41.40
CA TYR H 179 -9.41 -7.89 -42.44
C TYR H 179 -9.21 -8.04 -41.81
C TYR H 179 -10.21 -7.02 -43.33
N PHE H 180 -8.75 -6.86 -42.14
N PHE H 180 -9.88 -5.75 -43.13
CA PHE H 180 -9.56 -5.80 -42.69
CA PHE H 180 -10.40 -4.59 -43.81
C PHE H 180 -10.67 -5.29 -41.80
C PHE H 180 -11.85 -4.31 -43.45
N PRO H 181 -10.91 -5.68 -40.54
CA PRO H 181 -11.96 -4.87 -39.83
C PRO H 181 -11.70 -3.36 -39.94
N VAL H 182 -12.77 -2.60 -39.99
CA VAL H 182 -12.66 -1.17 -40.04
C VAL H 182 -12.31 -0.72 -38.66
N PRO H 183 -11.60 0.35 -38.52
CA PRO H 183 -11.41 0.91 -37.18
C PRO H 183 -12.78 1.07 -36.54
N PRO H 184 -12.83 1.08 -35.21
CA PRO H 184 -11.70 0.96 -34.30
C PRO H 184 -11.12 -0.40 -34.05
N VAL H 185 -11.66 -1.36 -34.73
CA VAL H 185 -11.07 -2.67 -34.45
C VAL H 185 -9.58 -2.66 -34.83
N ASP H 186 -9.29 -2.00 -35.96
CA ASP H 186 -7.97 -1.81 -36.54
C ASP H 186 -7.42 -0.47 -35.98
N SER H 187 -6.65 -0.57 -34.91
CA SER H 187 -6.10 0.62 -34.29
C SER H 187 -5.00 1.26 -35.10
N ALA H 188 -4.78 0.86 -36.35
CA ALA H 188 -3.55 1.40 -36.97
C ALA H 188 -3.61 2.10 -38.33
N GLN H 189 -4.71 2.73 -38.71
CA GLN H 189 -4.71 3.39 -40.01
C GLN H 189 -3.67 4.46 -40.08
N ASP H 190 -3.83 5.42 -39.18
CA ASP H 190 -2.95 6.55 -39.12
C ASP H 190 -1.46 6.22 -39.07
N ILE H 191 -1.13 5.13 -38.38
CA ILE H 191 0.23 4.65 -38.23
C ILE H 191 0.75 4.18 -39.58
N ARG H 192 0.06 3.19 -40.16
CA ARG H 192 0.47 2.66 -41.46
C ARG H 192 0.58 3.79 -42.48
N SER H 193 -0.44 4.64 -42.53
CA SER H 193 -0.40 5.75 -43.48
C SER H 193 0.87 6.59 -43.33
N GLU H 194 1.38 6.75 -42.11
CA GLU H 194 2.62 7.53 -41.89
C GLU H 194 3.77 6.75 -42.52
N MET H 195 3.90 5.49 -42.10
CA MET H 195 4.95 4.64 -42.64
C MET H 195 4.94 4.76 -44.17
N CYS H 196 3.75 4.80 -44.75
CA CYS H 196 3.64 4.95 -46.19
C CYS H 196 4.22 6.27 -46.65
N LEU H 197 3.64 7.37 -46.19
CA LEU H 197 4.12 8.69 -46.57
C LEU H 197 5.62 8.77 -46.49
N VAL H 198 6.15 8.35 -45.35
CA VAL H 198 7.59 8.38 -45.09
C VAL H 198 8.36 7.53 -46.07
N MET H 199 7.99 6.27 -46.19
CA MET H 199 8.63 5.36 -47.14
C MET H 199 8.75 5.99 -48.51
N GLU H 200 7.68 6.64 -48.97
CA GLU H 200 7.68 7.29 -50.26
C GLU H 200 8.66 8.45 -50.29
N GLN H 201 8.67 9.25 -49.23
CA GLN H 201 9.61 10.37 -49.12
C GLN H 201 11.04 9.86 -49.18
N MET H 202 11.23 8.61 -48.79
CA MET H 202 12.54 8.00 -48.79
C MET H 202 12.77 7.18 -50.06
N GLY H 203 12.04 7.52 -51.12
CA GLY H 203 12.23 6.81 -52.37
C GLY H 203 11.39 5.58 -52.72
N LEU H 204 10.84 4.89 -51.72
CA LEU H 204 10.01 3.72 -52.04
C LEU H 204 8.68 4.12 -52.69
N VAL H 205 8.03 3.15 -53.32
CA VAL H 205 6.73 3.38 -53.95
C VAL H 205 5.73 2.43 -53.34
N VAL H 206 4.76 3.04 -52.67
CA VAL H 206 3.75 2.29 -51.95
C VAL H 206 2.55 1.97 -52.80
N GLU H 207 2.25 0.68 -52.89
CA GLU H 207 1.09 0.23 -53.66
C GLU H 207 -0.12 0.15 -52.76
N ALA H 208 0.12 -0.11 -51.47
CA ALA H 208 -0.96 -0.21 -50.51
C ALA H 208 -0.51 -0.65 -49.13
N HIS H 209 -1.49 -0.54 -48.21
CA HIS H 209 -1.37 -0.95 -46.79
C HIS H 209 -2.68 -1.48 -46.21
N HIS H 210 -2.54 -2.34 -45.22
N HIS H 210 -1.07 -2.16 -45.58
CA HIS H 210 -3.69 -2.94 -44.58
CA HIS H 210 -2.23 -3.03 -45.47
C HIS H 210 -3.31 -3.66 -43.30
C HIS H 210 -2.11 -3.99 -44.26
N HIS H 211 -4.30 -3.91 -42.44
N HIS H 211 -3.22 -4.20 -43.55
CA HIS H 211 -4.01 -4.67 -41.24
CA HIS H 211 -3.31 -5.02 -42.32
C HIS H 211 -3.77 -6.08 -41.76
C HIS H 211 -3.60 -6.50 -42.59
N GLU H 212 -3.40 -7.01 -40.89
N GLU H 212 -3.56 -7.38 -41.55
CA GLU H 212 -3.12 -8.36 -41.36
CA GLU H 212 -3.77 -8.77 -41.84
C GLU H 212 -3.70 -9.37 -40.37
C GLU H 212 -3.03 -9.56 -40.76
N VAL H 213 -4.03 -10.57 -40.85
CA VAL H 213 -4.69 -11.67 -40.10
C VAL H 213 -4.57 -11.75 -38.56
N ALA H 214 -3.37 -11.86 -38.02
CA ALA H 214 -3.16 -12.02 -36.57
C ALA H 214 -3.59 -10.86 -35.66
N THR H 215 -4.07 -11.23 -34.48
CA THR H 215 -4.46 -10.24 -33.46
C THR H 215 -3.15 -9.59 -32.98
N ALA H 216 -3.26 -8.61 -32.11
CA ALA H 216 -2.08 -7.94 -31.58
C ALA H 216 -1.23 -7.21 -32.61
N GLY H 217 -1.88 -6.45 -33.48
CA GLY H 217 -1.19 -5.57 -34.43
C GLY H 217 -0.38 -6.11 -35.60
N GLN H 218 -0.76 -7.23 -36.22
CA GLN H 218 -0.01 -7.63 -37.40
C GLN H 218 -0.43 -6.70 -38.54
N ASN H 219 0.55 -6.17 -39.26
CA ASN H 219 0.28 -5.24 -40.37
C ASN H 219 1.25 -5.47 -41.53
N GLU H 220 0.90 -4.94 -42.69
CA GLU H 220 1.72 -5.07 -43.89
C GLU H 220 1.55 -3.82 -44.73
N VAL H 221 2.65 -3.44 -45.38
CA VAL H 221 2.70 -2.31 -46.32
C VAL H 221 3.33 -2.86 -47.60
N ALA H 222 2.53 -2.85 -48.66
CA ALA H 222 2.95 -3.35 -49.95
C ALA H 222 3.65 -2.28 -50.74
N THR H 223 4.84 -2.62 -51.20
CA THR H 223 5.64 -1.69 -51.97
C THR H 223 5.93 -2.27 -53.34
N ARG H 224 6.06 -1.38 -54.30
CA ARG H 224 6.35 -1.75 -55.67
C ARG H 224 7.73 -2.34 -55.82
N PHE H 225 7.81 -3.37 -56.66
CA PHE H 225 9.02 -4.12 -56.99
C PHE H 225 10.10 -3.21 -57.55
N ASN H 226 11.27 -3.81 -57.76
CA ASN H 226 12.42 -3.12 -58.34
C ASN H 226 13.55 -4.10 -58.65
N THR H 227 14.60 -3.60 -59.31
CA THR H 227 15.75 -4.43 -59.67
C THR H 227 16.23 -5.08 -58.36
N MET H 228 16.48 -6.38 -58.40
CA MET H 228 16.90 -7.12 -57.21
C MET H 228 17.72 -6.36 -56.17
N THR H 229 18.84 -5.77 -56.56
CA THR H 229 19.65 -5.07 -55.56
C THR H 229 19.01 -3.83 -54.97
N LYS H 230 18.43 -2.98 -55.81
CA LYS H 230 17.77 -1.78 -55.31
C LYS H 230 16.63 -2.17 -54.36
N LYS H 231 15.98 -3.30 -54.63
CA LYS H 231 14.89 -3.74 -53.77
C LYS H 231 15.35 -4.14 -52.38
N ALA H 232 16.42 -4.91 -52.28
CA ALA H 232 16.96 -5.30 -50.96
C ALA H 232 17.34 -4.03 -50.17
N ASP H 233 17.71 -2.97 -50.90
CA ASP H 233 18.04 -1.68 -50.29
C ASP H 233 16.75 -1.18 -49.66
N GLU H 234 15.73 -1.06 -50.51
CA GLU H 234 14.41 -0.61 -50.11
C GLU H 234 13.86 -1.38 -48.92
N ILE H 235 14.22 -2.66 -48.83
CA ILE H 235 13.78 -3.49 -47.70
C ILE H 235 14.34 -2.92 -46.42
N GLN H 236 15.64 -2.65 -46.43
CA GLN H 236 16.28 -2.09 -45.27
C GLN H 236 15.62 -0.76 -44.90
N ILE H 237 15.32 0.06 -45.90
CA ILE H 237 14.68 1.36 -45.65
C ILE H 237 13.31 1.13 -45.04
N TYR H 238 12.60 0.19 -45.64
CA TYR H 238 11.28 -0.25 -45.19
C TYR H 238 11.29 -0.51 -43.68
N LYS H 239 12.13 -1.48 -43.31
CA LYS H 239 12.26 -1.89 -41.92
C LYS H 239 12.61 -0.72 -41.02
N TYR H 240 13.46 0.17 -41.53
CA TYR H 240 13.86 1.31 -40.75
C TYR H 240 12.63 2.16 -40.51
N VAL H 241 12.01 2.62 -41.59
CA VAL H 241 10.81 3.43 -41.49
C VAL H 241 9.80 2.79 -40.57
N VAL H 242 9.56 1.50 -40.74
CA VAL H 242 8.61 0.77 -39.90
C VAL H 242 9.05 0.84 -38.44
N HIS H 243 10.21 0.30 -38.15
CA HIS H 243 10.74 0.28 -36.79
C HIS H 243 10.67 1.61 -36.07
N ASN H 244 11.04 2.66 -36.78
CA ASN H 244 11.09 4.02 -36.25
C ASN H 244 9.78 4.77 -36.17
N VAL H 245 8.95 4.69 -37.19
CA VAL H 245 7.65 5.34 -37.11
C VAL H 245 6.92 4.70 -35.93
N ALA H 246 7.03 3.37 -35.83
CA ALA H 246 6.42 2.61 -34.74
C ALA H 246 6.89 3.18 -33.41
N HIS H 247 8.20 3.30 -33.31
CA HIS H 247 8.82 3.80 -32.11
C HIS H 247 8.26 5.15 -31.73
N ARG H 248 8.26 6.06 -32.71
CA ARG H 248 7.72 7.41 -32.53
C ARG H 248 6.25 7.43 -32.16
N PHE H 249 5.51 6.34 -32.40
CA PHE H 249 4.09 6.33 -32.01
C PHE H 249 3.96 5.58 -30.72
N GLY H 250 5.08 5.41 -30.04
CA GLY H 250 5.06 4.70 -28.79
C GLY H 250 4.77 3.23 -28.99
N LYS H 251 5.03 2.74 -30.19
CA LYS H 251 4.85 1.32 -30.42
C LYS H 251 6.23 0.71 -30.64
N THR H 252 6.28 -0.60 -30.75
CA THR H 252 7.52 -1.31 -30.96
C THR H 252 7.26 -2.34 -32.05
N ALA H 253 7.97 -2.26 -33.16
CA ALA H 253 7.77 -3.21 -34.26
C ALA H 253 8.75 -4.35 -34.31
N THR H 254 8.29 -5.52 -34.77
CA THR H 254 9.18 -6.66 -34.94
C THR H 254 8.94 -7.41 -36.23
N PHE H 255 10.04 -7.70 -36.91
CA PHE H 255 9.90 -8.46 -38.12
C PHE H 255 10.18 -9.93 -37.86
N MET H 256 10.22 -10.36 -36.61
CA MET H 256 10.46 -11.77 -36.36
C MET H 256 9.27 -12.55 -36.92
N PRO H 257 9.56 -13.66 -37.58
CA PRO H 257 8.58 -14.57 -38.21
C PRO H 257 7.43 -15.16 -37.42
N LYS H 258 7.70 -15.63 -36.20
CA LYS H 258 6.63 -16.24 -35.41
C LYS H 258 6.67 -15.82 -33.93
N PRO H 259 6.24 -14.57 -33.65
CA PRO H 259 6.23 -14.03 -32.28
C PRO H 259 5.27 -14.79 -31.42
N MET H 260 4.01 -14.82 -31.85
CA MET H 260 3.02 -15.58 -31.15
C MET H 260 2.75 -16.87 -31.89
N PHE H 261 2.25 -17.81 -31.12
N PHE H 261 2.50 -17.87 -31.10
CA PHE H 261 1.84 -19.17 -31.54
CA PHE H 261 2.23 -19.20 -31.63
C PHE H 261 0.32 -19.29 -31.56
C PHE H 261 0.92 -19.04 -32.34
N GLY H 262 -0.23 -19.87 -32.61
N GLY H 262 0.03 -18.32 -31.68
CA GLY H 262 -1.68 -20.01 -32.61
CA GLY H 262 -1.29 -18.02 -32.18
C GLY H 262 -2.35 -18.99 -33.49
C GLY H 262 -1.70 -18.52 -33.54
N ASP H 263 -1.58 -18.09 -34.01
N ASP H 263 -1.45 -17.72 -34.57
CA ASP H 263 -2.04 -17.07 -34.91
CA ASP H 263 -1.92 -18.08 -35.92
C ASP H 263 -0.97 -16.95 -35.96
C ASP H 263 -1.21 -17.45 -37.15
N ASN H 264 -1.29 -16.22 -36.98
N ASN H 264 -1.85 -17.61 -38.34
CA ASN H 264 -0.40 -16.07 -38.08
CA ASN H 264 -1.49 -17.07 -39.58
C ASN H 264 0.98 -15.61 -37.74
C ASN H 264 -0.32 -16.10 -39.29
N GLY H 265 1.88 -16.17 -38.52
N GLY H 265 0.92 -16.54 -39.49
CA GLY H 265 3.23 -15.81 -38.47
CA GLY H 265 2.10 -15.73 -39.07
C GLY H 265 3.37 -14.76 -39.56
C GLY H 265 2.56 -14.60 -40.00
N SER H 266 4.42 -13.94 -39.49
N SER H 266 3.78 -14.08 -39.73
CA SER H 266 4.65 -12.94 -40.49
CA SER H 266 4.43 -12.98 -40.52
C SER H 266 5.66 -13.47 -41.46
C SER H 266 5.51 -13.57 -41.45
N GLY H 267 5.41 -13.23 -42.71
CA GLY H 267 6.26 -13.74 -43.77
C GLY H 267 6.56 -12.73 -44.87
N MET H 268 7.59 -13.02 -45.65
CA MET H 268 7.97 -12.15 -46.75
C MET H 268 7.97 -12.89 -48.10
N HIS H 269 6.79 -12.97 -48.72
CA HIS H 269 6.62 -13.64 -50.01
C HIS H 269 7.45 -12.89 -51.05
N CYS H 270 8.01 -13.65 -51.99
CA CYS H 270 8.84 -13.06 -53.03
C CYS H 270 8.40 -13.26 -54.45
N HIS H 271 7.94 -12.17 -55.02
CA HIS H 271 7.51 -12.12 -56.39
C HIS H 271 8.74 -11.87 -57.22
N MET H 272 8.86 -12.64 -58.29
CA MET H 272 10.00 -12.52 -59.17
C MET H 272 9.60 -12.75 -60.60
N SER H 273 10.47 -12.26 -61.48
CA SER H 273 10.34 -12.38 -62.93
C SER H 273 11.61 -11.82 -63.54
N LEU H 274 11.98 -12.33 -64.71
CA LEU H 274 13.17 -11.85 -65.38
C LEU H 274 12.80 -11.07 -66.61
N ALA H 275 13.67 -10.14 -66.99
CA ALA H 275 13.43 -9.32 -68.16
C ALA H 275 14.66 -9.17 -69.06
N LYS H 276 14.41 -8.79 -70.31
CA LYS H 276 15.47 -8.59 -71.29
C LYS H 276 14.90 -7.61 -72.31
N ASN H 277 15.49 -6.42 -72.38
CA ASN H 277 15.07 -5.37 -73.31
C ASN H 277 13.58 -5.11 -73.20
N GLY H 278 13.15 -4.68 -72.02
CA GLY H 278 11.75 -4.38 -71.80
C GLY H 278 10.72 -5.49 -71.99
N THR H 279 11.17 -6.72 -72.27
CA THR H 279 10.24 -7.83 -72.46
C THR H 279 10.25 -8.77 -71.27
N ASN H 280 9.07 -9.25 -70.87
CA ASN H 280 8.99 -10.14 -69.73
C ASN H 280 9.18 -11.60 -70.10
N LEU H 281 10.41 -12.07 -69.89
CA LEU H 281 10.78 -13.44 -70.17
C LEU H 281 9.97 -14.50 -69.44
N PHE H 282 9.14 -14.10 -68.48
CA PHE H 282 8.36 -15.07 -67.74
C PHE H 282 6.98 -15.36 -68.29
N SER H 283 6.60 -14.70 -69.38
CA SER H 283 5.29 -14.95 -69.99
C SER H 283 5.46 -15.90 -71.16
N GLY H 284 4.48 -16.76 -71.37
CA GLY H 284 4.53 -17.71 -72.46
C GLY H 284 3.17 -18.33 -72.69
N ASP H 285 3.16 -19.56 -73.18
CA ASP H 285 1.91 -20.28 -73.46
C ASP H 285 1.72 -21.57 -72.65
N LYS H 286 2.61 -21.82 -71.69
CA LYS H 286 2.50 -22.98 -70.82
C LYS H 286 1.59 -22.61 -69.64
N TYR H 287 1.63 -23.44 -68.61
CA TYR H 287 0.78 -23.20 -67.43
C TYR H 287 0.57 -21.74 -66.98
N ALA H 288 -0.68 -21.35 -66.85
CA ALA H 288 -1.02 -20.02 -66.38
C ALA H 288 -0.45 -18.81 -67.12
N GLY H 289 -0.05 -18.99 -68.37
CA GLY H 289 0.50 -17.87 -69.13
C GLY H 289 2.00 -17.71 -68.97
N LEU H 290 2.62 -18.71 -68.35
CA LEU H 290 4.06 -18.74 -68.09
C LEU H 290 4.91 -19.16 -69.28
N SER H 291 6.16 -18.72 -69.29
CA SER H 291 7.09 -19.09 -70.32
C SER H 291 7.80 -20.36 -69.87
N GLU H 292 8.56 -20.95 -70.79
CA GLU H 292 9.32 -22.15 -70.51
C GLU H 292 10.30 -21.74 -69.41
N GLN H 293 10.96 -20.62 -69.66
CA GLN H 293 11.96 -20.01 -68.78
C GLN H 293 11.57 -20.06 -67.29
N ALA H 294 10.41 -19.49 -66.99
CA ALA H 294 9.88 -19.43 -65.65
C ALA H 294 9.86 -20.80 -64.97
N LEU H 295 9.37 -21.81 -65.69
CA LEU H 295 9.29 -23.12 -65.10
C LEU H 295 10.64 -23.73 -64.75
N TYR H 296 11.67 -23.37 -65.51
CA TYR H 296 13.01 -23.85 -65.17
C TYR H 296 13.46 -23.15 -63.90
N TYR H 297 13.11 -21.86 -63.79
CA TYR H 297 13.45 -21.05 -62.62
C TYR H 297 12.82 -21.78 -61.43
N ILE H 298 11.52 -22.05 -61.54
CA ILE H 298 10.77 -22.75 -60.51
C ILE H 298 11.42 -24.07 -60.14
N GLY H 299 11.86 -24.79 -61.16
CA GLY H 299 12.50 -26.07 -60.91
C GLY H 299 13.76 -25.89 -60.08
N GLY H 300 14.52 -24.83 -60.41
CA GLY H 300 15.74 -24.55 -59.68
C GLY H 300 15.45 -24.23 -58.23
N VAL H 301 14.54 -23.28 -58.05
CA VAL H 301 14.13 -22.85 -56.72
C VAL H 301 13.72 -24.06 -55.90
N ILE H 302 12.89 -24.91 -56.49
CA ILE H 302 12.44 -26.11 -55.82
C ILE H 302 13.60 -27.07 -55.51
N LYS H 303 14.58 -27.13 -56.42
CA LYS H 303 15.70 -28.03 -56.22
C LYS H 303 16.56 -27.60 -55.05
N HIS H 304 16.87 -26.30 -55.02
CA HIS H 304 17.73 -25.72 -54.00
C HIS H 304 17.04 -25.18 -52.76
N ALA H 305 15.73 -25.40 -52.68
CA ALA H 305 14.93 -24.90 -51.57
C ALA H 305 15.59 -24.94 -50.19
N LYS H 306 15.90 -26.12 -49.67
CA LYS H 306 16.51 -26.22 -48.35
C LYS H 306 17.75 -25.33 -48.19
N ALA H 307 18.54 -25.18 -49.24
CA ALA H 307 19.71 -24.34 -49.14
C ALA H 307 19.24 -22.92 -49.11
N ILE H 308 18.30 -22.58 -49.99
CA ILE H 308 17.78 -21.21 -50.01
C ILE H 308 17.18 -20.87 -48.64
N ASN H 309 16.57 -21.86 -47.99
CA ASN H 309 16.00 -21.68 -46.67
C ASN H 309 16.98 -20.99 -45.74
N ALA H 310 18.20 -21.53 -45.65
CA ALA H 310 19.24 -20.95 -44.82
C ALA H 310 19.38 -19.43 -45.01
N LEU H 311 19.04 -18.90 -46.18
CA LEU H 311 19.13 -17.46 -46.40
C LEU H 311 17.84 -16.72 -46.18
N ALA H 312 16.75 -17.33 -46.64
CA ALA H 312 15.41 -16.75 -46.56
C ALA H 312 14.62 -17.17 -45.31
N ASN H 313 15.24 -17.93 -44.42
CA ASN H 313 14.62 -18.42 -43.18
C ASN H 313 15.79 -18.72 -42.24
N PRO H 314 16.60 -17.69 -41.91
CA PRO H 314 17.80 -17.74 -41.06
C PRO H 314 17.63 -17.92 -39.57
N THR H 315 16.39 -18.07 -39.14
CA THR H 315 16.12 -18.19 -37.72
C THR H 315 15.43 -19.46 -37.31
N THR H 316 15.74 -19.91 -36.11
CA THR H 316 15.08 -21.09 -35.56
C THR H 316 13.57 -20.80 -35.52
N ASN H 317 13.24 -19.54 -35.21
CA ASN H 317 11.88 -19.05 -35.13
C ASN H 317 11.20 -19.20 -36.49
N SER H 318 11.98 -19.02 -37.55
CA SER H 318 11.50 -19.10 -38.93
C SER H 318 10.73 -20.38 -39.17
N TYR H 319 11.23 -21.44 -38.51
CA TYR H 319 10.66 -22.78 -38.59
C TYR H 319 9.45 -23.01 -37.73
N LYS H 320 9.16 -22.05 -36.87
CA LYS H 320 7.98 -22.15 -36.02
C LYS H 320 6.76 -21.64 -36.82
N ARG H 321 7.07 -20.91 -37.88
CA ARG H 321 6.08 -20.35 -38.81
C ARG H 321 5.67 -21.35 -39.88
N LEU H 322 6.69 -22.00 -40.45
CA LEU H 322 6.53 -22.99 -41.49
C LEU H 322 5.82 -24.26 -40.99
N VAL H 323 4.51 -24.11 -40.81
CA VAL H 323 3.61 -25.16 -40.36
C VAL H 323 2.21 -24.96 -41.02
N PRO H 324 1.45 -26.05 -41.13
CA PRO H 324 0.12 -26.00 -41.73
C PRO H 324 -0.88 -25.16 -40.96
N GLY H 325 -1.84 -24.59 -41.67
CA GLY H 325 -2.91 -23.84 -41.05
C GLY H 325 -2.78 -22.34 -40.85
N TYR H 326 -1.60 -21.78 -41.14
CA TYR H 326 -1.40 -20.36 -40.89
C TYR H 326 -0.94 -19.65 -42.14
N GLU H 327 -1.44 -20.03 -43.30
CA GLU H 327 -1.10 -19.42 -44.58
C GLU H 327 0.41 -19.46 -44.90
N ALA H 328 1.11 -20.40 -44.26
CA ALA H 328 2.55 -20.62 -44.44
C ALA H 328 2.70 -21.94 -45.16
N PRO H 329 3.08 -21.90 -46.44
CA PRO H 329 3.24 -23.12 -47.21
C PRO H 329 4.58 -23.77 -47.01
N VAL H 330 4.53 -25.10 -46.87
CA VAL H 330 5.71 -25.94 -46.67
C VAL H 330 5.99 -26.81 -47.90
N MET H 331 4.93 -27.05 -48.68
CA MET H 331 4.99 -27.85 -49.88
C MET H 331 5.71 -27.16 -51.00
N LEU H 332 6.77 -27.80 -51.46
CA LEU H 332 7.60 -27.30 -52.55
C LEU H 332 6.96 -27.63 -53.90
N ALA H 333 5.89 -26.91 -54.21
CA ALA H 333 5.16 -27.11 -55.46
C ALA H 333 4.69 -25.78 -55.99
N TYR H 334 4.19 -25.79 -57.21
CA TYR H 334 3.68 -24.55 -57.76
C TYR H 334 2.26 -24.75 -58.24
N SER H 335 1.52 -23.65 -58.28
CA SER H 335 0.12 -23.64 -58.71
C SER H 335 -0.40 -22.22 -58.74
N ALA H 336 -1.44 -22.01 -59.54
CA ALA H 336 -2.06 -20.72 -59.61
C ALA H 336 -3.29 -20.75 -58.69
N ARG H 337 -3.79 -21.99 -58.47
CA ARG H 337 -4.97 -22.28 -57.67
C ARG H 337 -4.68 -22.54 -56.20
N ASN H 338 -4.26 -23.79 -55.97
CA ASN H 338 -3.98 -24.33 -54.67
C ASN H 338 -2.97 -23.48 -53.88
N ARG H 339 -3.38 -23.06 -52.70
CA ARG H 339 -2.52 -22.22 -51.88
C ARG H 339 -1.83 -22.97 -50.74
N SER H 340 -1.66 -24.27 -50.97
CA SER H 340 -0.93 -25.14 -50.05
C SER H 340 0.52 -25.17 -50.60
N ALA H 341 0.64 -24.66 -51.83
CA ALA H 341 1.89 -24.56 -52.58
C ALA H 341 2.72 -23.34 -52.20
N SER H 342 4.00 -23.57 -51.96
CA SER H 342 4.92 -22.50 -51.58
C SER H 342 5.21 -21.56 -52.73
N ILE H 343 5.06 -22.06 -53.96
CA ILE H 343 5.25 -21.19 -55.12
C ILE H 343 3.85 -21.05 -55.66
N ARG H 344 3.41 -19.82 -55.81
CA ARG H 344 2.08 -19.58 -56.30
C ARG H 344 2.27 -18.76 -57.57
N ILE H 345 1.44 -19.02 -58.56
CA ILE H 345 1.52 -18.28 -59.81
C ILE H 345 0.38 -17.30 -59.88
N PRO H 346 0.69 -16.02 -59.73
CA PRO H 346 -0.39 -15.04 -59.79
C PRO H 346 -0.96 -15.01 -61.19
N VAL H 347 -2.28 -15.08 -61.22
CA VAL H 347 -3.02 -15.05 -62.47
C VAL H 347 -3.23 -13.57 -62.76
N VAL H 348 -3.00 -13.18 -64.01
CA VAL H 348 -3.17 -11.78 -64.37
C VAL H 348 -3.38 -11.52 -65.86
N ALA H 349 -4.30 -10.58 -66.14
CA ALA H 349 -4.64 -10.17 -67.50
C ALA H 349 -3.49 -10.18 -68.53
N SER H 350 -2.68 -9.11 -68.53
CA SER H 350 -1.60 -9.02 -69.53
C SER H 350 -0.49 -10.05 -69.31
N PRO H 351 0.49 -10.03 -70.22
CA PRO H 351 1.71 -10.81 -70.07
C PRO H 351 2.78 -9.95 -69.38
N LYS H 352 2.61 -8.62 -69.49
CA LYS H 352 3.55 -7.67 -68.93
C LYS H 352 3.78 -7.88 -67.44
N ALA H 353 2.78 -8.45 -66.77
CA ALA H 353 2.87 -8.69 -65.33
C ALA H 353 3.01 -10.15 -64.89
N ARG H 354 3.31 -11.05 -65.81
CA ARG H 354 3.45 -12.46 -65.44
C ARG H 354 4.68 -12.64 -64.56
N ARG H 355 4.59 -13.50 -63.56
CA ARG H 355 5.72 -13.74 -62.65
C ARG H 355 5.41 -14.91 -61.73
N ILE H 356 6.30 -15.11 -60.76
CA ILE H 356 6.10 -16.17 -59.77
C ILE H 356 6.23 -15.57 -58.37
N GLU H 357 5.63 -16.24 -57.38
CA GLU H 357 5.68 -15.80 -55.99
C GLU H 357 6.13 -16.95 -55.14
N VAL H 358 7.31 -16.80 -54.57
CA VAL H 358 7.86 -17.81 -53.68
C VAL H 358 7.50 -17.36 -52.27
N ARG H 359 6.54 -18.04 -51.71
CA ARG H 359 6.01 -17.67 -50.44
C ARG H 359 6.79 -18.06 -49.18
N PHE H 360 7.71 -19.03 -49.18
CA PHE H 360 8.30 -19.44 -47.90
C PHE H 360 9.28 -18.46 -47.22
N PRO H 361 9.91 -17.55 -47.97
CA PRO H 361 10.80 -16.57 -47.28
C PRO H 361 10.11 -15.79 -46.13
N ASP H 362 10.84 -15.47 -45.03
CA ASP H 362 10.28 -14.62 -43.99
C ASP H 362 11.17 -13.37 -43.83
N PRO H 363 10.69 -12.40 -42.97
CA PRO H 363 11.31 -11.06 -42.72
C PRO H 363 12.73 -11.03 -42.27
N ALA H 364 13.00 -12.01 -41.44
CA ALA H 364 14.29 -12.13 -40.83
C ALA H 364 15.43 -12.33 -41.81
N ALA H 365 15.11 -12.72 -43.05
CA ALA H 365 16.08 -12.98 -44.08
C ALA H 365 16.90 -11.77 -44.46
N ASN H 366 18.19 -11.99 -44.75
CA ASN H 366 19.06 -10.91 -45.18
C ASN H 366 18.59 -10.71 -46.62
N PRO H 367 17.92 -9.59 -46.92
CA PRO H 367 17.41 -9.30 -48.27
C PRO H 367 18.39 -9.71 -49.37
N TYR H 368 19.56 -9.08 -49.35
CA TYR H 368 20.60 -9.35 -50.32
C TYR H 368 20.88 -10.85 -50.49
N LEU H 369 21.29 -11.51 -49.42
CA LEU H 369 21.59 -12.92 -49.50
C LEU H 369 20.40 -13.73 -49.97
N CYS H 370 19.25 -13.50 -49.34
CA CYS H 370 18.04 -14.20 -49.67
C CYS H 370 17.69 -14.06 -51.15
N PHE H 371 17.63 -12.83 -51.64
CA PHE H 371 17.33 -12.58 -53.04
C PHE H 371 18.29 -13.26 -53.99
N ALA H 372 19.59 -13.09 -53.74
CA ALA H 372 20.61 -13.73 -54.55
C ALA H 372 20.37 -15.23 -54.66
N ALA H 373 20.23 -15.90 -53.52
CA ALA H 373 20.00 -17.35 -53.47
C ALA H 373 18.81 -17.74 -54.34
N LEU H 374 17.75 -16.93 -54.28
CA LEU H 374 16.59 -17.19 -55.08
C LEU H 374 16.96 -17.10 -56.56
N LEU H 375 17.65 -16.02 -56.92
CA LEU H 375 18.07 -15.76 -58.30
C LEU H 375 18.99 -16.81 -58.86
N MET H 376 20.02 -17.14 -58.09
CA MET H 376 21.01 -18.13 -58.50
C MET H 376 20.44 -19.53 -58.66
N ALA H 377 19.46 -19.87 -57.84
CA ALA H 377 18.83 -21.19 -57.93
C ALA H 377 17.93 -21.17 -59.15
N GLY H 378 17.45 -19.98 -59.49
CA GLY H 378 16.57 -19.84 -60.63
C GLY H 378 17.36 -19.99 -61.91
N LEU H 379 18.54 -19.38 -61.93
CA LEU H 379 19.43 -19.44 -63.08
C LEU H 379 19.91 -20.87 -63.30
N ASP H 380 20.26 -21.55 -62.22
CA ASP H 380 20.74 -22.92 -62.30
C ASP H 380 19.65 -23.85 -62.81
N GLY H 381 18.40 -23.50 -62.55
CA GLY H 381 17.30 -24.33 -63.02
C GLY H 381 17.11 -24.18 -64.50
N ILE H 382 17.48 -23.00 -65.00
CA ILE H 382 17.40 -22.65 -66.41
C ILE H 382 18.55 -23.27 -67.21
N LYS H 383 19.78 -23.02 -66.77
CA LYS H 383 20.95 -23.57 -67.44
C LYS H 383 20.76 -25.08 -67.56
N ASN H 384 20.53 -25.76 -66.46
CA ASN H 384 20.32 -27.22 -66.44
C ASN H 384 18.88 -27.70 -66.79
N LYS H 385 18.04 -26.88 -67.42
CA LYS H 385 16.65 -27.25 -67.81
C LYS H 385 15.94 -28.18 -66.80
N ILE H 386 15.95 -27.75 -65.54
CA ILE H 386 15.34 -28.52 -64.48
C ILE H 386 13.83 -28.41 -64.52
N HIS H 387 13.18 -29.53 -64.82
CA HIS H 387 11.75 -29.47 -64.89
C HIS H 387 11.07 -29.51 -63.53
N PRO H 388 10.16 -28.55 -63.29
CA PRO H 388 9.37 -28.37 -62.08
C PRO H 388 8.24 -29.38 -61.92
N GLY H 389 8.11 -30.29 -62.88
CA GLY H 389 7.06 -31.29 -62.80
C GLY H 389 5.70 -30.68 -63.03
N GLU H 390 4.66 -31.39 -62.56
CA GLU H 390 3.28 -30.95 -62.70
C GLU H 390 2.79 -30.12 -61.53
N PRO H 391 2.00 -29.07 -61.82
CA PRO H 391 1.42 -28.15 -60.83
C PRO H 391 0.46 -28.86 -59.87
N MET H 392 0.39 -28.37 -58.64
CA MET H 392 -0.49 -28.94 -57.63
C MET H 392 -1.84 -28.27 -57.72
N ASP H 393 -2.85 -29.00 -58.13
CA ASP H 393 -4.18 -28.40 -58.19
C ASP H 393 -5.16 -29.18 -57.29
N LYS H 394 -4.58 -29.90 -56.32
CA LYS H 394 -5.30 -30.73 -55.33
C LYS H 394 -5.72 -30.01 -54.02
N ASN H 395 -5.77 -30.78 -52.92
CA ASN H 395 -6.24 -30.25 -51.61
C ASN H 395 -5.13 -29.66 -50.68
N LEU H 396 -5.59 -28.73 -49.85
CA LEU H 396 -4.82 -27.86 -48.95
C LEU H 396 -3.79 -28.46 -47.94
N TYR H 397 -4.03 -28.49 -46.62
CA TYR H 397 -2.93 -28.91 -45.70
C TYR H 397 -2.78 -30.41 -45.31
N ASP H 398 -3.78 -30.99 -44.68
CA ASP H 398 -3.73 -32.44 -44.38
C ASP H 398 -4.88 -33.36 -44.83
N LEU H 399 -5.01 -33.36 -46.15
CA LEU H 399 -5.93 -34.20 -46.91
C LEU H 399 -5.01 -35.20 -47.61
N PRO H 400 -3.77 -34.71 -47.91
CA PRO H 400 -2.71 -35.47 -48.60
C PRO H 400 -2.40 -36.89 -48.13
N PRO H 401 -1.96 -37.22 -46.87
CA PRO H 401 -1.55 -38.61 -46.63
C PRO H 401 -2.63 -39.70 -46.90
N GLU H 402 -3.11 -39.75 -48.15
CA GLU H 402 -4.12 -40.67 -48.66
C GLU H 402 -3.34 -41.77 -49.39
N GLU H 403 -2.11 -41.39 -49.69
CA GLU H 403 -1.09 -42.13 -50.38
C GLU H 403 0.20 -41.58 -49.77
N ALA H 404 0.00 -41.11 -48.53
CA ALA H 404 0.98 -40.44 -47.65
C ALA H 404 1.86 -39.59 -48.54
N LYS H 405 1.30 -38.49 -49.07
CA LYS H 405 2.07 -37.71 -50.01
C LYS H 405 3.36 -37.15 -49.42
N GLU H 406 4.52 -37.57 -49.91
CA GLU H 406 5.77 -37.04 -49.50
C GLU H 406 6.48 -36.29 -50.63
N ILE H 407 5.84 -35.26 -51.19
CA ILE H 407 6.49 -34.48 -52.23
C ILE H 407 7.50 -33.56 -51.51
N PRO H 408 8.48 -33.01 -52.25
CA PRO H 408 9.50 -32.13 -51.66
C PRO H 408 8.98 -31.01 -50.74
N GLN H 409 9.72 -30.75 -49.67
CA GLN H 409 9.34 -29.72 -48.72
C GLN H 409 10.50 -28.92 -48.22
N VAL H 410 10.20 -27.70 -47.76
CA VAL H 410 11.22 -26.80 -47.22
C VAL H 410 11.86 -27.42 -45.99
N ALA H 411 13.05 -26.92 -45.64
CA ALA H 411 13.79 -27.43 -44.50
C ALA H 411 12.95 -27.51 -43.22
N GLY H 412 13.06 -28.60 -42.48
CA GLY H 412 12.27 -28.74 -41.26
C GLY H 412 12.77 -27.95 -40.07
N SER H 413 14.08 -27.72 -40.03
CA SER H 413 14.71 -26.99 -38.96
C SER H 413 15.74 -26.03 -39.54
N LEU H 414 16.52 -25.41 -38.68
CA LEU H 414 17.53 -24.50 -39.17
C LEU H 414 18.81 -25.29 -39.46
N GLU H 415 19.14 -26.22 -38.57
CA GLU H 415 20.33 -27.06 -38.71
C GLU H 415 20.30 -27.69 -40.10
N GLU H 416 19.10 -28.16 -40.45
CA GLU H 416 18.85 -28.78 -41.74
C GLU H 416 19.18 -27.75 -42.83
N ALA H 417 18.40 -26.67 -42.90
CA ALA H 417 18.60 -25.62 -43.89
C ALA H 417 20.07 -25.24 -44.03
N LEU H 418 20.78 -25.23 -42.92
CA LEU H 418 22.17 -24.85 -42.94
C LEU H 418 22.98 -25.93 -43.60
N ASN H 419 22.94 -27.12 -43.02
CA ASN H 419 23.67 -28.25 -43.55
C ASN H 419 23.40 -28.43 -45.07
N ALA H 420 22.17 -28.14 -45.50
CA ALA H 420 21.78 -28.20 -46.91
C ALA H 420 22.60 -27.17 -47.70
N LEU H 421 22.62 -25.94 -47.23
CA LEU H 421 23.39 -24.91 -47.88
C LEU H 421 24.87 -25.32 -47.88
N ASP H 422 25.29 -26.08 -46.87
CA ASP H 422 26.67 -26.53 -46.79
C ASP H 422 26.97 -27.33 -48.06
N LEU H 423 26.24 -28.43 -48.21
CA LEU H 423 26.36 -29.32 -49.35
C LEU H 423 26.01 -28.69 -50.70
N ASP H 424 24.73 -28.41 -50.90
CA ASP H 424 24.24 -27.81 -52.14
C ASP H 424 24.77 -26.38 -52.38
N ARG H 425 25.98 -26.11 -51.92
CA ARG H 425 26.56 -24.78 -52.09
C ARG H 425 27.03 -24.47 -53.49
N GLU H 426 27.05 -25.49 -54.34
CA GLU H 426 27.57 -25.27 -55.67
C GLU H 426 26.93 -24.19 -56.52
N PHE H 427 25.61 -24.19 -56.60
CA PHE H 427 24.97 -23.19 -57.46
C PHE H 427 25.20 -21.75 -57.01
N LEU H 428 25.61 -21.57 -55.77
CA LEU H 428 25.85 -20.22 -55.25
C LEU H 428 27.22 -19.71 -55.59
N LYS H 429 28.19 -20.62 -55.62
CA LYS H 429 29.57 -20.25 -55.92
C LYS H 429 29.77 -19.89 -57.39
N ALA H 430 28.80 -20.27 -58.22
CA ALA H 430 28.81 -19.96 -59.64
C ALA H 430 29.07 -18.47 -59.84
N GLY H 431 29.77 -18.14 -60.93
CA GLY H 431 30.09 -16.76 -61.23
C GLY H 431 30.87 -16.06 -60.14
N GLY H 432 31.41 -16.85 -59.19
CA GLY H 432 32.16 -16.29 -58.07
C GLY H 432 31.33 -15.33 -57.22
N VAL H 433 30.02 -15.54 -57.22
CA VAL H 433 29.06 -14.73 -56.49
C VAL H 433 29.27 -15.01 -55.01
N PHE H 434 29.09 -16.26 -54.63
CA PHE H 434 29.30 -16.66 -53.26
C PHE H 434 30.61 -17.38 -53.20
N THR H 435 31.36 -17.11 -52.15
CA THR H 435 32.64 -17.75 -51.98
C THR H 435 32.48 -18.72 -50.84
N ASP H 436 33.40 -19.67 -50.74
CA ASP H 436 33.30 -20.66 -49.69
C ASP H 436 33.32 -20.09 -48.30
N GLU H 437 34.34 -19.31 -47.93
CA GLU H 437 34.34 -18.78 -46.57
C GLU H 437 33.20 -17.78 -46.33
N ALA H 438 32.72 -17.12 -47.38
CA ALA H 438 31.60 -16.19 -47.22
C ALA H 438 30.46 -17.05 -46.69
N ILE H 439 30.29 -18.20 -47.33
CA ILE H 439 29.27 -19.17 -46.97
C ILE H 439 29.59 -19.91 -45.67
N ASP H 440 30.86 -20.23 -45.45
CA ASP H 440 31.23 -20.95 -44.24
C ASP H 440 31.09 -20.07 -43.01
N ALA H 441 31.29 -18.77 -43.20
CA ALA H 441 31.19 -17.78 -42.12
C ALA H 441 29.74 -17.66 -41.70
N TYR H 442 28.86 -17.50 -42.69
CA TYR H 442 27.42 -17.40 -42.44
C TYR H 442 26.95 -18.61 -41.63
N ILE H 443 27.27 -19.80 -42.12
CA ILE H 443 26.88 -21.03 -41.45
C ILE H 443 27.34 -21.02 -39.99
N ALA H 444 28.56 -20.56 -39.76
CA ALA H 444 29.10 -20.52 -38.40
C ALA H 444 28.28 -19.67 -37.42
N LEU H 445 27.89 -18.48 -37.88
CA LEU H 445 27.12 -17.50 -37.12
C LEU H 445 25.79 -18.05 -36.68
N ARG H 446 25.09 -18.53 -37.69
CA ARG H 446 23.78 -19.11 -37.49
C ARG H 446 23.89 -20.36 -36.62
N ARG H 447 25.00 -21.08 -36.74
CA ARG H 447 25.18 -22.30 -35.97
C ARG H 447 25.21 -21.98 -34.49
N GLU H 448 25.81 -20.84 -34.13
CA GLU H 448 25.90 -20.49 -32.72
C GLU H 448 24.57 -19.98 -32.21
N GLU H 449 23.79 -19.35 -33.07
CA GLU H 449 22.44 -18.88 -32.69
C GLU H 449 21.57 -20.12 -32.44
N ASP H 450 21.60 -21.03 -33.40
CA ASP H 450 20.83 -22.27 -33.28
C ASP H 450 21.24 -22.99 -31.98
N ASP H 451 22.52 -22.93 -31.61
CA ASP H 451 22.99 -23.60 -30.39
C ASP H 451 22.23 -23.12 -29.17
N ARG H 452 22.09 -21.80 -29.09
CA ARG H 452 21.43 -21.17 -27.96
C ARG H 452 20.04 -21.69 -27.76
N VAL H 453 19.25 -21.65 -28.84
CA VAL H 453 17.89 -22.14 -28.73
C VAL H 453 17.87 -23.63 -28.46
N ARG H 454 18.77 -24.36 -29.10
CA ARG H 454 18.79 -25.79 -28.94
C ARG H 454 19.23 -26.24 -27.58
N MET H 455 20.03 -25.40 -26.93
CA MET H 455 20.57 -25.74 -25.63
C MET H 455 19.83 -25.21 -24.41
N THR H 456 19.08 -24.12 -24.57
CA THR H 456 18.34 -23.49 -23.46
C THR H 456 16.98 -24.17 -23.26
N PRO H 457 16.69 -24.63 -22.02
CA PRO H 457 15.41 -25.30 -21.76
C PRO H 457 14.23 -24.42 -22.20
N HIS H 458 13.21 -25.05 -22.76
CA HIS H 458 12.04 -24.33 -23.23
C HIS H 458 10.95 -24.45 -22.18
N PRO H 459 10.23 -23.35 -21.91
CA PRO H 459 9.16 -23.32 -20.92
C PRO H 459 8.25 -24.54 -21.03
N VAL H 460 7.82 -24.83 -22.26
CA VAL H 460 6.93 -25.94 -22.55
C VAL H 460 7.46 -27.30 -22.07
N GLU H 461 8.78 -27.40 -22.00
CA GLU H 461 9.37 -28.64 -21.53
C GLU H 461 8.97 -28.90 -20.09
N PHE H 462 8.72 -27.82 -19.34
CA PHE H 462 8.34 -28.02 -17.96
C PHE H 462 6.90 -28.49 -17.86
N GLU H 463 6.12 -27.87 -18.73
CA GLU H 463 4.72 -28.19 -18.83
C GLU H 463 4.61 -29.66 -19.16
N LEU H 464 5.38 -30.09 -20.14
CA LEU H 464 5.43 -31.47 -20.60
C LEU H 464 6.22 -32.41 -19.74
N TYR H 465 7.33 -31.97 -19.13
CA TYR H 465 8.16 -32.98 -18.48
C TYR H 465 8.49 -32.85 -16.98
N TYR H 466 8.17 -31.73 -16.37
CA TYR H 466 8.54 -31.57 -14.96
C TYR H 466 8.09 -32.72 -14.05
N SER H 467 6.86 -33.16 -14.25
CA SER H 467 6.31 -34.19 -13.37
C SER H 467 6.64 -35.59 -13.84
N VAL H 468 7.68 -35.68 -14.64
CA VAL H 468 8.10 -36.96 -15.17
C VAL H 468 8.57 -37.95 -14.09
N SER I 1 44.93 36.58 -27.58
CA SER I 1 43.84 37.51 -28.01
C SER I 1 43.41 38.50 -26.90
N ALA I 2 44.35 39.26 -26.32
CA ALA I 2 43.93 40.21 -25.27
C ALA I 2 42.86 41.12 -25.89
N GLU I 3 43.24 41.70 -27.05
CA GLU I 3 42.34 42.53 -27.82
C GLU I 3 41.06 41.77 -28.23
N HIS I 4 41.23 40.67 -28.95
CA HIS I 4 40.10 39.84 -29.42
C HIS I 4 39.05 39.61 -28.33
N VAL I 5 39.51 39.17 -27.16
CA VAL I 5 38.63 38.93 -26.01
C VAL I 5 37.78 40.15 -25.67
N LEU I 6 38.40 41.32 -25.57
CA LEU I 6 37.61 42.51 -25.23
C LEU I 6 36.47 42.74 -26.18
N THR I 7 36.73 42.57 -27.47
CA THR I 7 35.69 42.76 -28.49
C THR I 7 34.59 41.69 -28.31
N MET I 8 35.04 40.48 -28.03
CA MET I 8 34.17 39.34 -27.80
C MET I 8 33.21 39.49 -26.59
N LEU I 9 33.57 40.36 -25.65
CA LEU I 9 32.72 40.58 -24.50
C LEU I 9 31.51 41.41 -24.96
N ASN I 10 31.79 42.46 -25.75
CA ASN I 10 30.73 43.34 -26.26
C ASN I 10 29.88 42.67 -27.33
N GLU I 11 30.52 41.74 -28.02
CA GLU I 11 29.87 41.03 -29.10
C GLU I 11 28.82 40.04 -28.63
N HIS I 12 29.01 39.52 -27.43
CA HIS I 12 28.05 38.55 -26.89
C HIS I 12 27.36 39.07 -25.62
N GLU I 13 27.53 40.37 -25.31
CA GLU I 13 26.95 40.97 -24.10
C GLU I 13 27.24 40.00 -22.97
N VAL I 14 28.51 39.62 -22.87
CA VAL I 14 28.96 38.67 -21.87
C VAL I 14 28.80 39.26 -20.50
N LYS I 15 28.24 38.47 -19.60
CA LYS I 15 28.03 38.91 -18.24
C LYS I 15 29.14 38.36 -17.32
N PHE I 16 29.59 37.15 -17.59
CA PHE I 16 30.64 36.56 -16.76
C PHE I 16 31.78 35.95 -17.52
N VAL I 17 32.83 35.65 -16.78
CA VAL I 17 34.02 35.04 -17.33
C VAL I 17 34.37 33.87 -16.44
N ASP I 18 34.46 32.71 -17.07
CA ASP I 18 34.77 31.54 -16.32
C ASP I 18 36.20 31.11 -16.53
N LEU I 19 36.95 31.21 -15.45
CA LEU I 19 38.34 30.85 -15.48
C LEU I 19 38.45 29.39 -15.24
N ARG I 20 39.05 28.69 -16.18
CA ARG I 20 39.22 27.25 -16.00
C ARG I 20 40.66 26.83 -16.13
N PHE I 21 41.00 25.80 -15.37
CA PHE I 21 42.32 25.26 -15.37
C PHE I 21 42.18 23.81 -14.94
N THR I 22 43.27 23.07 -14.99
CA THR I 22 43.19 21.65 -14.69
C THR I 22 44.05 21.20 -13.53
N ASP I 23 43.45 20.38 -12.66
CA ASP I 23 44.15 19.89 -11.47
C ASP I 23 45.03 18.70 -11.81
N THR I 24 45.78 18.26 -10.82
CA THR I 24 46.71 17.17 -11.00
C THR I 24 46.07 15.89 -11.53
N LYS I 25 44.98 15.45 -10.89
CA LYS I 25 44.29 14.22 -11.32
C LYS I 25 43.76 14.34 -12.75
N GLY I 26 43.46 15.57 -13.15
CA GLY I 26 42.99 15.78 -14.51
C GLY I 26 41.65 16.46 -14.57
N LYS I 27 41.02 16.64 -13.40
CA LYS I 27 39.71 17.27 -13.34
C LYS I 27 39.82 18.76 -13.58
N GLU I 28 39.04 19.25 -14.55
CA GLU I 28 39.00 20.65 -14.92
C GLU I 28 38.30 21.45 -13.81
N GLN I 29 38.91 22.56 -13.37
CA GLN I 29 38.35 23.41 -12.31
C GLN I 29 37.96 24.76 -12.92
N HIS I 30 37.11 25.52 -12.22
CA HIS I 30 36.68 26.80 -12.76
C HIS I 30 36.34 27.88 -11.73
N VAL I 31 36.36 29.14 -12.12
CA VAL I 31 35.99 30.17 -11.16
C VAL I 31 35.43 31.31 -11.96
N THR I 32 34.38 31.90 -11.42
CA THR I 32 33.74 32.92 -12.18
C THR I 32 33.93 34.32 -11.71
N ILE I 33 34.15 35.16 -12.70
CA ILE I 33 34.43 36.57 -12.51
C ILE I 33 33.50 37.34 -13.42
N PRO I 34 32.95 38.45 -12.90
CA PRO I 34 32.04 39.28 -13.69
C PRO I 34 32.85 39.86 -14.83
N ALA I 35 32.22 40.07 -15.98
CA ALA I 35 32.94 40.61 -17.10
C ALA I 35 33.64 41.93 -16.78
N HIS I 36 33.03 42.74 -15.91
CA HIS I 36 33.63 44.02 -15.56
C HIS I 36 34.96 43.90 -14.83
N GLN I 37 35.19 42.73 -14.24
CA GLN I 37 36.43 42.47 -13.51
C GLN I 37 37.59 42.20 -14.46
N VAL I 38 37.25 42.16 -15.75
CA VAL I 38 38.23 41.92 -16.80
C VAL I 38 38.71 43.23 -17.38
N ASN I 39 40.00 43.50 -17.13
CA ASN I 39 40.64 44.73 -17.58
C ASN I 39 42.03 44.47 -18.11
N ALA I 40 42.70 45.58 -18.37
CA ALA I 40 44.05 45.61 -18.91
C ALA I 40 45.05 44.70 -18.17
N GLU I 41 45.29 45.00 -16.90
CA GLU I 41 46.26 44.24 -16.11
C GLU I 41 45.87 42.81 -15.84
N PHE I 42 44.57 42.54 -15.81
CA PHE I 42 44.07 41.20 -15.57
C PHE I 42 44.82 40.24 -16.50
N PHE I 43 45.06 40.69 -17.73
CA PHE I 43 45.76 39.87 -18.71
C PHE I 43 47.24 39.70 -18.53
N GLU I 44 47.91 40.73 -18.06
CA GLU I 44 49.34 40.66 -17.86
C GLU I 44 49.75 40.11 -16.51
N GLU I 45 48.91 40.28 -15.48
CA GLU I 45 49.24 39.74 -14.15
C GLU I 45 48.26 38.71 -13.57
N GLY I 46 47.21 38.37 -14.32
CA GLY I 46 46.25 37.38 -13.84
C GLY I 46 45.53 37.75 -12.56
N LYS I 47 45.00 36.75 -11.87
CA LYS I 47 44.29 36.97 -10.62
C LYS I 47 44.85 36.06 -9.56
N MET I 48 44.65 36.46 -8.31
CA MET I 48 45.12 35.70 -7.18
C MET I 48 44.14 34.68 -6.70
N PHE I 49 44.67 33.55 -6.21
CA PHE I 49 43.83 32.50 -5.65
C PHE I 49 44.67 31.48 -4.86
N ASP I 50 44.02 30.85 -3.88
CA ASP I 50 44.67 29.84 -3.04
C ASP I 50 44.45 28.43 -3.59
N GLY I 51 45.55 27.74 -3.90
CA GLY I 51 45.45 26.40 -4.42
C GLY I 51 45.34 25.35 -3.33
N SER I 52 45.69 25.72 -2.11
CA SER I 52 45.68 24.81 -0.95
C SER I 52 44.65 23.68 -0.88
N SER I 53 43.39 23.98 -1.21
CA SER I 53 42.33 22.97 -1.16
C SER I 53 42.15 22.26 -2.50
N ILE I 54 43.28 21.99 -3.14
CA ILE I 54 43.29 21.30 -4.41
C ILE I 54 44.19 20.08 -4.26
N GLY I 55 43.84 19.04 -4.99
CA GLY I 55 44.60 17.81 -4.93
C GLY I 55 46.08 17.95 -5.24
N GLY I 56 46.91 17.71 -4.22
CA GLY I 56 48.36 17.73 -4.37
C GLY I 56 49.09 19.00 -4.75
N TRP I 57 48.50 20.11 -4.42
CA TRP I 57 49.06 21.44 -4.67
C TRP I 57 49.17 22.05 -3.31
N LYS I 58 48.65 21.21 -2.47
CA LYS I 58 48.54 21.46 -1.06
C LYS I 58 49.76 22.25 -0.76
N GLY I 59 49.68 22.86 0.38
CA GLY I 59 50.70 23.74 0.85
C GLY I 59 49.93 24.80 1.59
N ILE I 60 49.37 24.37 2.70
CA ILE I 60 48.51 25.28 3.44
C ILE I 60 49.41 26.30 4.09
N ASN I 61 50.45 26.69 3.38
CA ASN I 61 51.35 27.68 3.87
C ASN I 61 51.89 28.61 2.76
N GLU I 62 52.38 28.01 1.69
CA GLU I 62 53.00 28.78 0.58
C GLU I 62 52.20 28.92 -0.75
N SER I 63 51.36 27.93 -1.07
CA SER I 63 50.63 27.81 -2.36
C SER I 63 49.47 28.78 -2.61
N ASP I 64 49.83 30.04 -2.67
CA ASP I 64 48.93 31.11 -3.03
C ASP I 64 49.40 31.44 -4.43
N MET I 65 48.76 30.82 -5.43
CA MET I 65 49.14 30.96 -6.83
C MET I 65 48.35 31.93 -7.70
N VAL I 66 48.86 32.10 -8.93
CA VAL I 66 48.28 32.98 -9.94
C VAL I 66 47.57 32.29 -11.12
N LEU I 67 46.38 32.78 -11.44
CA LEU I 67 45.64 32.25 -12.56
C LEU I 67 45.99 33.12 -13.73
N MET I 68 46.70 32.54 -14.71
CA MET I 68 47.07 33.34 -15.86
C MET I 68 46.26 33.03 -17.08
N PRO I 69 45.31 33.93 -17.40
CA PRO I 69 44.45 33.80 -18.56
C PRO I 69 45.24 33.66 -19.85
N ASP I 70 44.72 32.83 -20.72
CA ASP I 70 45.33 32.59 -22.01
C ASP I 70 44.33 33.12 -23.04
N ALA I 71 44.54 34.36 -23.45
CA ALA I 71 43.67 35.05 -24.39
C ALA I 71 43.21 34.22 -25.58
N SER I 72 44.03 33.26 -26.00
CA SER I 72 43.65 32.45 -27.16
C SER I 72 42.50 31.47 -26.91
N THR I 73 42.48 30.86 -25.73
CA THR I 73 41.49 29.86 -25.32
C THR I 73 40.02 30.30 -25.16
N ALA I 74 39.77 31.60 -25.25
CA ALA I 74 38.43 32.15 -25.06
C ALA I 74 37.30 31.64 -25.93
N VAL I 75 36.24 31.19 -25.27
CA VAL I 75 35.04 30.74 -25.95
C VAL I 75 33.84 30.64 -25.03
N ILE I 76 32.69 31.02 -25.59
CA ILE I 76 31.41 31.03 -24.90
C ILE I 76 30.99 29.67 -24.33
N ASP I 77 30.39 29.70 -23.14
CA ASP I 77 29.87 28.47 -22.55
C ASP I 77 28.46 28.33 -23.10
N PRO I 78 28.17 27.20 -23.74
CA PRO I 78 26.86 26.96 -24.34
C PRO I 78 25.80 26.40 -23.44
N PHE I 79 26.15 26.13 -22.20
CA PHE I 79 25.21 25.56 -21.24
C PHE I 79 24.71 26.55 -20.19
N PHE I 80 25.58 27.46 -19.79
CA PHE I 80 25.26 28.45 -18.78
C PHE I 80 24.13 29.37 -19.22
N ALA I 81 23.29 29.71 -18.24
CA ALA I 81 22.11 30.55 -18.48
C ALA I 81 22.42 31.98 -18.82
N ASP I 82 23.36 32.58 -18.09
CA ASP I 82 23.71 33.97 -18.35
C ASP I 82 24.93 33.90 -19.25
N SER I 83 25.01 34.77 -20.26
CA SER I 83 26.09 34.74 -21.22
C SER I 83 27.46 34.76 -20.58
N THR I 84 28.16 33.62 -20.54
CA THR I 84 29.49 33.68 -19.95
C THR I 84 30.59 33.16 -20.90
N LEU I 85 31.77 33.83 -20.78
CA LEU I 85 32.95 33.50 -21.55
C LEU I 85 33.95 32.69 -20.74
N ILE I 86 34.41 31.59 -21.31
CA ILE I 86 35.37 30.71 -20.65
C ILE I 86 36.77 31.09 -21.10
N ILE I 87 37.71 30.99 -20.18
CA ILE I 87 39.10 31.27 -20.48
C ILE I 87 39.95 30.33 -19.68
N ARG I 88 40.71 29.53 -20.41
CA ARG I 88 41.60 28.56 -19.84
C ARG I 88 42.75 29.35 -19.25
N CYS I 89 43.20 28.94 -18.08
CA CYS I 89 44.28 29.63 -17.42
C CYS I 89 45.42 28.69 -17.15
N ASP I 90 46.58 29.29 -16.88
CA ASP I 90 47.80 28.56 -16.53
C ASP I 90 48.04 28.93 -15.08
N ILE I 91 48.63 28.01 -14.33
CA ILE I 91 48.94 28.27 -12.94
C ILE I 91 50.40 28.68 -12.87
N LEU I 92 50.62 29.94 -12.54
CA LEU I 92 51.95 30.49 -12.42
C LEU I 92 52.33 30.68 -10.98
N GLU I 93 53.64 30.70 -10.72
CA GLU I 93 54.19 30.91 -9.39
C GLU I 93 54.09 32.43 -9.09
N PRO I 94 53.62 32.80 -7.89
CA PRO I 94 53.51 34.23 -7.57
C PRO I 94 54.84 34.99 -7.63
N GLY I 95 54.81 36.18 -8.25
CA GLY I 95 56.00 36.98 -8.37
C GLY I 95 56.91 36.50 -9.51
N THR I 96 57.49 35.31 -9.33
CA THR I 96 58.38 34.72 -10.34
C THR I 96 57.64 34.68 -11.69
N LEU I 97 56.41 34.18 -11.64
CA LEU I 97 55.52 34.11 -12.79
C LEU I 97 55.92 33.26 -14.00
N GLN I 98 56.72 32.21 -13.83
CA GLN I 98 57.06 31.45 -15.04
C GLN I 98 56.38 30.08 -15.18
N GLY I 99 55.60 29.67 -14.18
CA GLY I 99 54.90 28.41 -14.34
C GLY I 99 55.09 27.36 -13.29
N TYR I 100 54.01 27.08 -12.56
CA TYR I 100 53.99 26.10 -11.48
C TYR I 100 54.45 24.69 -11.86
N ASP I 101 55.32 24.17 -11.02
CA ASP I 101 55.92 22.86 -11.17
C ASP I 101 54.91 21.75 -11.31
N ARG I 102 53.78 21.94 -10.63
CA ARG I 102 52.70 20.97 -10.64
C ARG I 102 51.54 21.25 -11.58
N ASP I 103 51.54 22.42 -12.21
CA ASP I 103 50.49 22.76 -13.17
C ASP I 103 50.70 21.89 -14.41
N PRO I 104 49.83 20.88 -14.59
CA PRO I 104 49.88 19.93 -15.71
C PRO I 104 49.93 20.62 -17.04
N ARG I 105 49.27 21.75 -17.16
CA ARG I 105 49.30 22.45 -18.42
C ARG I 105 50.68 23.04 -18.67
N SER I 106 51.32 23.54 -17.61
CA SER I 106 52.66 24.10 -17.75
C SER I 106 53.60 22.98 -18.18
N ILE I 107 53.46 21.84 -17.51
CA ILE I 107 54.26 20.66 -17.81
C ILE I 107 54.13 20.23 -19.27
N ALA I 108 52.91 20.31 -19.79
CA ALA I 108 52.69 19.92 -21.17
C ALA I 108 53.39 20.87 -22.09
N LYS I 109 53.34 22.16 -21.75
CA LYS I 109 53.98 23.19 -22.56
C LYS I 109 55.49 23.02 -22.50
N ARG I 110 56.01 22.75 -21.30
CA ARG I 110 57.43 22.53 -21.10
C ARG I 110 57.91 21.44 -22.05
N ALA I 111 57.19 20.32 -22.06
CA ALA I 111 57.50 19.21 -22.94
C ALA I 111 57.48 19.61 -24.43
N GLU I 112 56.55 20.49 -24.82
CA GLU I 112 56.49 20.93 -26.22
C GLU I 112 57.69 21.81 -26.56
N ASP I 113 58.15 22.59 -25.58
CA ASP I 113 59.31 23.48 -25.75
C ASP I 113 60.55 22.61 -25.98
N TYR I 114 60.76 21.66 -25.07
CA TYR I 114 61.86 20.72 -25.11
C TYR I 114 61.91 19.95 -26.44
N LEU I 115 60.79 19.83 -27.12
CA LEU I 115 60.77 19.12 -28.39
C LEU I 115 61.51 19.97 -29.41
N ARG I 116 61.13 21.26 -29.49
CA ARG I 116 61.76 22.18 -30.42
C ARG I 116 63.21 22.44 -30.03
N ALA I 117 63.47 22.41 -28.73
CA ALA I 117 64.80 22.60 -28.19
C ALA I 117 65.78 21.50 -28.64
N THR I 118 65.38 20.23 -28.56
CA THR I 118 66.27 19.15 -29.00
C THR I 118 66.36 19.15 -30.51
N GLY I 119 65.65 20.09 -31.14
CA GLY I 119 65.66 20.19 -32.59
C GLY I 119 65.16 18.96 -33.32
N ILE I 120 64.75 17.93 -32.58
CA ILE I 120 64.25 16.69 -33.17
C ILE I 120 63.05 16.93 -34.09
N ALA I 121 62.15 17.82 -33.67
CA ALA I 121 60.96 18.20 -34.45
C ALA I 121 60.46 19.54 -33.94
N ASP I 122 59.54 20.17 -34.69
CA ASP I 122 58.99 21.45 -34.24
C ASP I 122 57.56 21.46 -33.71
N THR I 123 56.85 20.34 -33.87
CA THR I 123 55.47 20.18 -33.36
C THR I 123 55.11 18.70 -33.19
N VAL I 124 54.38 18.41 -32.11
CA VAL I 124 53.92 17.04 -31.81
C VAL I 124 52.44 16.98 -32.14
N LEU I 125 52.01 15.86 -32.73
CA LEU I 125 50.61 15.71 -33.08
C LEU I 125 49.91 14.60 -32.32
N PHE I 126 48.79 14.95 -31.69
CA PHE I 126 47.99 14.02 -30.92
C PHE I 126 46.55 13.95 -31.42
N GLY I 127 46.10 12.72 -31.57
CA GLY I 127 44.74 12.45 -32.02
C GLY I 127 44.22 11.32 -31.14
N PRO I 128 43.52 11.66 -30.05
CA PRO I 128 42.96 10.68 -29.12
C PRO I 128 41.51 10.32 -29.45
N GLU I 129 41.17 9.07 -29.17
CA GLU I 129 39.84 8.49 -29.42
C GLU I 129 39.31 8.14 -28.05
N PRO I 130 38.72 9.14 -27.39
CA PRO I 130 38.16 8.99 -26.06
C PRO I 130 36.74 8.46 -26.06
N GLU I 131 36.60 7.22 -25.61
CA GLU I 131 35.30 6.54 -25.53
C GLU I 131 34.59 6.81 -24.19
N PHE I 132 33.27 6.57 -24.14
CA PHE I 132 32.49 6.77 -22.92
C PHE I 132 31.16 6.05 -22.94
N PHE I 133 30.49 6.10 -21.81
CA PHE I 133 29.18 5.47 -21.67
C PHE I 133 28.12 6.50 -21.29
N LEU I 134 26.88 6.19 -21.64
CA LEU I 134 25.74 7.04 -21.30
C LEU I 134 24.67 6.20 -20.59
N PHE I 135 24.51 6.47 -19.31
CA PHE I 135 23.55 5.76 -18.48
C PHE I 135 22.39 6.67 -18.11
N ASP I 136 21.41 6.07 -17.44
CA ASP I 136 20.21 6.79 -17.05
C ASP I 136 20.27 6.91 -15.55
N ASP I 137 20.89 5.91 -14.93
CA ASP I 137 20.98 5.89 -13.49
C ASP I 137 22.22 5.13 -13.05
N ILE I 138 22.92 5.76 -12.10
CA ILE I 138 24.13 5.22 -11.50
C ILE I 138 24.13 5.43 -9.99
N ARG I 139 24.21 4.33 -9.25
CA ARG I 139 24.22 4.41 -7.79
C ARG I 139 25.34 3.52 -7.27
N PHE I 140 25.93 3.94 -6.18
CA PHE I 140 27.02 3.21 -5.55
C PHE I 140 27.31 3.77 -4.17
N GLY I 141 28.08 3.00 -3.41
CA GLY I 141 28.44 3.44 -2.07
C GLY I 141 29.18 2.40 -1.30
N ALA I 142 29.86 2.85 -0.25
CA ALA I 142 30.62 1.97 0.62
C ALA I 142 30.51 2.50 2.03
N SER I 143 30.21 1.58 2.92
CA SER I 143 30.02 1.84 4.33
C SER I 143 30.65 0.61 5.00
N ILE I 144 30.68 0.63 6.32
CA ILE I 144 31.27 -0.47 7.05
C ILE I 144 30.55 -1.80 6.81
N SER I 145 29.21 -1.74 6.74
CA SER I 145 28.35 -2.91 6.56
C SER I 145 28.24 -3.46 5.14
N GLY I 146 28.81 -2.74 4.18
CA GLY I 146 28.80 -3.20 2.80
C GLY I 146 29.20 -2.16 1.79
N SER I 147 29.00 -2.49 0.52
CA SER I 147 29.29 -1.57 -0.56
C SER I 147 28.54 -2.07 -1.78
N HIS I 148 28.42 -1.21 -2.78
CA HIS I 148 27.70 -1.59 -3.99
C HIS I 148 27.81 -0.59 -5.13
N VAL I 149 27.34 -1.05 -6.28
CA VAL I 149 27.30 -0.24 -7.48
C VAL I 149 26.15 -0.78 -8.33
N ALA I 150 25.42 0.14 -8.95
CA ALA I 150 24.29 -0.24 -9.78
C ALA I 150 24.21 0.66 -10.99
N ILE I 151 24.28 0.02 -12.14
CA ILE I 151 24.22 0.75 -13.38
C ILE I 151 22.91 0.45 -14.06
N ASP I 152 22.44 1.46 -14.76
CA ASP I 152 21.24 1.29 -15.51
C ASP I 152 21.08 2.28 -16.64
N ASP I 153 20.74 1.70 -17.78
CA ASP I 153 20.45 2.47 -18.96
C ASP I 153 19.34 1.78 -19.69
N ILE I 154 18.66 2.56 -20.50
CA ILE I 154 17.58 2.12 -21.34
C ILE I 154 18.16 1.08 -22.33
N GLU I 155 19.44 1.23 -22.66
CA GLU I 155 20.07 0.32 -23.62
C GLU I 155 20.56 -0.97 -23.00
N GLY I 156 20.68 -0.99 -21.68
CA GLY I 156 21.17 -2.17 -21.00
C GLY I 156 20.49 -3.46 -21.37
N ALA I 157 21.26 -4.40 -21.88
CA ALA I 157 20.73 -5.69 -22.28
C ALA I 157 19.90 -6.35 -21.19
N TRP I 158 20.25 -6.11 -19.94
CA TRP I 158 19.53 -6.71 -18.81
C TRP I 158 18.05 -6.30 -18.74
N ASN I 159 17.74 -5.15 -19.33
CA ASN I 159 16.39 -4.62 -19.37
C ASN I 159 15.43 -5.26 -20.38
N SER I 160 15.88 -6.29 -21.08
CA SER I 160 15.03 -6.97 -22.05
C SER I 160 13.81 -7.54 -21.34
N SER I 161 13.99 -7.82 -20.05
CA SER I 161 12.98 -8.41 -19.15
C SER I 161 12.19 -7.43 -18.30
N THR I 162 12.77 -6.27 -18.09
CA THR I 162 12.25 -5.19 -17.28
C THR I 162 10.90 -4.60 -17.67
N LYS I 163 10.03 -4.38 -16.67
CA LYS I 163 8.70 -3.79 -16.95
C LYS I 163 8.79 -2.27 -16.96
N TYR I 164 8.14 -1.63 -17.93
CA TYR I 164 8.22 -0.18 -18.01
C TYR I 164 6.87 0.46 -17.90
N GLU I 165 6.88 1.72 -17.47
CA GLU I 165 5.69 2.50 -17.27
C GLU I 165 4.76 2.42 -18.48
N GLY I 166 5.25 2.83 -19.64
CA GLY I 166 4.41 2.75 -20.83
C GLY I 166 4.72 1.55 -21.73
N GLY I 167 5.18 0.45 -21.13
CA GLY I 167 5.52 -0.73 -21.91
C GLY I 167 7.00 -0.74 -22.33
N ASN I 168 7.57 -1.95 -22.40
CA ASN I 168 8.96 -2.18 -22.81
C ASN I 168 9.02 -2.27 -24.32
N LYS I 169 9.76 -1.34 -24.97
CA LYS I 169 9.81 -1.31 -26.46
C LYS I 169 10.94 -2.19 -27.08
N GLY I 170 11.64 -2.89 -26.19
CA GLY I 170 12.66 -3.94 -26.39
C GLY I 170 13.76 -3.82 -27.45
N HIS I 171 14.11 -2.69 -28.09
CA HIS I 171 15.24 -2.72 -29.07
C HIS I 171 16.59 -2.29 -28.43
N ARG I 172 17.25 -3.27 -27.83
CA ARG I 172 18.47 -3.03 -27.09
C ARG I 172 19.65 -3.76 -27.66
N PRO I 173 20.84 -3.17 -27.50
CA PRO I 173 22.13 -3.71 -27.96
C PRO I 173 22.46 -4.86 -27.02
N GLY I 174 22.86 -6.01 -27.57
N GLY I 174 23.23 -4.49 -28.73
CA GLY I 174 23.21 -7.13 -26.72
CA GLY I 174 23.57 -5.27 -27.55
C GLY I 174 24.63 -6.93 -26.17
C GLY I 174 25.09 -5.44 -27.43
N VAL I 175 25.14 -7.86 -25.37
N VAL I 175 25.54 -6.40 -26.63
CA VAL I 175 26.51 -7.72 -24.87
CA VAL I 175 26.96 -6.64 -26.44
C VAL I 175 27.46 -7.65 -26.08
C VAL I 175 27.72 -6.51 -27.77
N LYS I 176 28.22 -6.57 -26.16
N LYS I 176 28.66 -5.55 -27.85
CA LYS I 176 29.13 -6.31 -27.29
CA LYS I 176 29.43 -5.37 -29.08
C LYS I 176 28.26 -6.10 -28.53
C LYS I 176 28.58 -4.68 -30.14
N GLY I 177 26.98 -6.00 -28.32
N GLY I 177 27.50 -4.12 -29.59
CA GLY I 177 26.08 -5.81 -29.42
CA GLY I 177 26.45 -3.35 -30.25
C GLY I 177 26.10 -4.44 -30.09
C GLY I 177 26.45 -3.57 -31.73
N GLY I 178 26.49 -3.43 -29.24
N GLY I 178 27.20 -4.59 -32.19
CA GLY I 178 26.50 -1.99 -29.52
CA GLY I 178 27.26 -4.79 -33.63
C GLY I 178 27.43 -1.46 -30.61
C GLY I 178 26.97 -3.41 -34.16
N TYR I 179 27.39 -2.09 -31.72
N TYR I 179 28.00 -2.64 -34.36
CA TYR I 179 28.21 -1.51 -32.74
CA TYR I 179 27.66 -1.27 -34.62
C TYR I 179 27.44 -1.43 -34.01
C TYR I 179 27.35 -0.84 -36.00
N PHE I 180 27.20 -0.17 -34.24
N PHE I 180 26.65 0.29 -35.96
CA PHE I 180 26.56 0.32 -35.43
CA PHE I 180 26.19 1.06 -37.09
C PHE I 180 25.13 -0.14 -35.65
C PHE I 180 25.07 0.35 -37.85
N PRO I 181 24.42 -0.90 -34.81
CA PRO I 181 22.97 -1.05 -35.20
C PRO I 181 22.30 0.31 -35.49
N VAL I 182 21.38 0.29 -36.42
CA VAL I 182 20.63 1.49 -36.74
C VAL I 182 19.64 1.69 -35.65
N PRO I 183 19.29 2.90 -35.36
CA PRO I 183 18.19 3.12 -34.42
C PRO I 183 17.00 2.28 -34.89
N PRO I 184 16.10 1.94 -33.99
CA PRO I 184 16.13 2.27 -32.56
C PRO I 184 17.03 1.49 -31.66
N VAL I 185 17.76 0.59 -32.26
CA VAL I 185 18.62 -0.15 -31.34
C VAL I 185 19.59 0.80 -30.64
N ASP I 186 20.10 1.77 -31.43
CA ASP I 186 21.02 2.82 -31.02
C ASP I 186 20.16 4.04 -30.61
N SER I 187 19.89 4.15 -29.33
CA SER I 187 19.08 5.23 -28.82
C SER I 187 19.78 6.57 -28.85
N ALA I 188 20.93 6.70 -29.50
CA ALA I 188 21.63 7.98 -29.27
C ALA I 188 22.09 8.83 -30.46
N GLN I 189 21.44 8.77 -31.61
CA GLN I 189 21.91 9.61 -32.71
C GLN I 189 21.85 11.07 -32.36
N ASP I 190 20.63 11.50 -32.06
CA ASP I 190 20.37 12.87 -31.73
C ASP I 190 21.27 13.46 -30.64
N ILE I 191 21.60 12.62 -29.66
CA ILE I 191 22.45 13.01 -28.54
C ILE I 191 23.86 13.27 -29.04
N ARG I 192 24.47 12.26 -29.66
CA ARG I 192 25.82 12.40 -30.17
C ARG I 192 25.90 13.59 -31.13
N SER I 193 24.95 13.68 -32.05
CA SER I 193 24.95 14.80 -32.97
C SER I 193 24.99 16.15 -32.26
N GLU I 194 24.35 16.26 -31.09
CA GLU I 194 24.37 17.53 -30.33
C GLU I 194 25.79 17.75 -29.83
N MET I 195 26.31 16.73 -29.13
CA MET I 195 27.67 16.81 -28.61
C MET I 195 28.59 17.28 -29.74
N CYS I 196 28.36 16.76 -30.94
CA CYS I 196 29.17 17.18 -32.07
C CYS I 196 28.99 18.66 -32.37
N LEU I 197 27.78 19.07 -32.69
CA LEU I 197 27.51 20.46 -32.99
C LEU I 197 28.16 21.37 -31.97
N VAL I 198 27.90 21.07 -30.70
CA VAL I 198 28.42 21.85 -29.59
C VAL I 198 29.93 21.88 -29.57
N MET I 199 30.55 20.71 -29.57
CA MET I 199 32.01 20.61 -29.60
C MET I 199 32.61 21.52 -30.67
N GLU I 200 32.00 21.51 -31.85
CA GLU I 200 32.48 22.35 -32.94
C GLU I 200 32.33 23.81 -32.62
N GLN I 201 31.17 24.18 -32.07
CA GLN I 201 30.91 25.57 -31.66
C GLN I 201 31.95 26.02 -30.64
N MET I 202 32.50 25.05 -29.92
CA MET I 202 33.50 25.33 -28.91
C MET I 202 34.91 25.15 -29.46
N GLY I 203 35.06 25.25 -30.77
CA GLY I 203 36.38 25.12 -31.37
C GLY I 203 36.90 23.76 -31.84
N LEU I 204 36.37 22.66 -31.32
CA LEU I 204 36.85 21.35 -31.78
C LEU I 204 36.38 21.06 -33.21
N VAL I 205 37.04 20.09 -33.85
CA VAL I 205 36.67 19.68 -35.20
C VAL I 205 36.33 18.20 -35.17
N VAL I 206 35.06 17.95 -35.47
CA VAL I 206 34.53 16.61 -35.44
C VAL I 206 34.68 15.87 -36.74
N GLU I 207 35.32 14.71 -36.67
CA GLU I 207 35.51 13.89 -37.86
C GLU I 207 34.38 12.90 -37.99
N ALA I 208 33.80 12.53 -36.84
CA ALA I 208 32.70 11.57 -36.84
C ALA I 208 32.26 11.16 -35.44
N HIS I 209 31.12 10.45 -35.46
CA HIS I 209 30.48 9.84 -34.26
C HIS I 209 29.76 8.54 -34.56
N HIS I 210 29.68 7.70 -33.54
N HIS I 210 30.53 8.79 -32.89
CA HIS I 210 29.03 6.41 -33.69
CA HIS I 210 30.38 7.40 -33.35
C HIS I 210 28.79 5.74 -32.34
C HIS I 210 30.21 6.42 -32.15
N HIS I 211 27.89 4.78 -32.30
N HIS I 211 29.32 5.44 -32.31
CA HIS I 211 27.67 4.05 -31.07
CA HIS I 211 28.93 4.46 -31.29
C HIS I 211 28.96 3.23 -30.93
C HIS I 211 29.83 3.19 -31.29
N GLU I 212 29.10 2.50 -29.82
N GLU I 212 29.66 2.29 -30.30
CA GLU I 212 30.32 1.73 -29.63
CA GLU I 212 30.56 1.15 -30.29
C GLU I 212 29.97 0.37 -29.04
C GLU I 212 30.65 0.69 -28.84
N VAL I 213 30.80 -0.65 -29.29
CA VAL I 213 30.63 -2.07 -28.89
C VAL I 213 29.72 -2.44 -27.71
N ALA I 214 30.02 -1.97 -26.51
CA ALA I 214 29.26 -2.34 -25.30
C ALA I 214 27.78 -1.91 -25.22
N THR I 215 26.99 -2.77 -24.60
CA THR I 215 25.57 -2.46 -24.38
C THR I 215 25.53 -1.33 -23.36
N ALA I 216 24.33 -0.84 -23.05
CA ALA I 216 24.19 0.22 -22.07
C ALA I 216 24.87 1.54 -22.44
N GLY I 217 24.67 1.97 -23.68
CA GLY I 217 25.12 3.29 -24.13
C GLY I 217 26.60 3.63 -24.31
N GLN I 218 27.46 2.69 -24.70
CA GLN I 218 28.83 3.10 -24.96
C GLN I 218 28.84 3.87 -26.28
N ASN I 219 29.49 5.03 -26.30
CA ASN I 219 29.55 5.87 -27.51
C ASN I 219 30.91 6.53 -27.64
N GLU I 220 31.19 7.04 -28.84
CA GLU I 220 32.47 7.71 -29.12
C GLU I 220 32.22 8.78 -30.15
N VAL I 221 32.96 9.88 -30.00
CA VAL I 221 32.96 11.02 -30.92
C VAL I 221 34.41 11.27 -31.29
N ALA I 222 34.71 11.08 -32.56
CA ALA I 222 36.05 11.25 -33.09
C ALA I 222 36.30 12.69 -33.47
N THR I 223 37.38 13.23 -32.93
CA THR I 223 37.75 14.59 -33.19
C THR I 223 39.12 14.65 -33.83
N ARG I 224 39.30 15.67 -34.68
CA ARG I 224 40.56 15.88 -35.36
C ARG I 224 41.68 16.26 -34.42
N PHE I 225 42.85 15.71 -34.70
CA PHE I 225 44.09 15.91 -33.95
C PHE I 225 44.47 17.38 -33.88
N ASN I 226 45.53 17.64 -33.12
CA ASN I 226 46.07 18.99 -32.96
C ASN I 226 47.39 18.95 -32.18
N THR I 227 48.06 20.11 -32.10
CA THR I 227 49.34 20.22 -31.40
C THR I 227 49.09 19.66 -29.99
N MET I 228 49.98 18.81 -29.51
CA MET I 228 49.83 18.18 -28.20
C MET I 228 49.11 18.98 -27.12
N THR I 229 49.58 20.19 -26.82
CA THR I 229 48.93 20.95 -25.75
C THR I 229 47.51 21.41 -26.08
N LYS I 230 47.30 21.94 -27.27
CA LYS I 230 45.95 22.37 -27.66
C LYS I 230 44.99 21.16 -27.61
N LYS I 231 45.50 19.98 -27.94
CA LYS I 231 44.66 18.79 -27.93
C LYS I 231 44.19 18.40 -26.54
N ALA I 232 45.10 18.40 -25.56
CA ALA I 232 44.72 18.08 -24.19
C ALA I 232 43.67 19.09 -23.68
N ASP I 233 43.72 20.31 -24.23
CA ASP I 233 42.75 21.35 -23.91
C ASP I 233 41.40 20.83 -24.43
N GLU I 234 41.40 20.55 -25.73
CA GLU I 234 40.22 20.04 -26.44
C GLU I 234 39.63 18.83 -25.75
N ILE I 235 40.47 18.02 -25.11
CA ILE I 235 39.98 16.85 -24.39
C ILE I 235 39.09 17.29 -23.25
N GLN I 236 39.59 18.24 -22.47
CA GLN I 236 38.82 18.77 -21.37
C GLN I 236 37.49 19.33 -21.88
N ILE I 237 37.53 20.05 -23.00
CA ILE I 237 36.31 20.62 -23.57
C ILE I 237 35.37 19.50 -23.97
N TYR I 238 35.95 18.51 -24.62
CA TYR I 238 35.26 17.29 -25.05
C TYR I 238 34.43 16.72 -23.90
N LYS I 239 35.15 16.36 -22.84
CA LYS I 239 34.53 15.78 -21.65
C LYS I 239 33.45 16.67 -21.08
N TYR I 240 33.69 17.97 -21.12
CA TYR I 240 32.73 18.90 -20.60
C TYR I 240 31.48 18.80 -21.44
N VAL I 241 31.61 19.05 -22.74
CA VAL I 241 30.49 18.97 -23.66
C VAL I 241 29.76 17.66 -23.50
N VAL I 242 30.50 16.56 -23.44
CA VAL I 242 29.89 15.23 -23.27
C VAL I 242 29.11 15.18 -21.97
N HIS I 243 29.81 15.35 -20.86
CA HIS I 243 29.18 15.31 -19.54
C HIS I 243 27.91 16.12 -19.41
N ASN I 244 27.95 17.34 -19.95
CA ASN I 244 26.86 18.29 -19.89
C ASN I 244 25.73 18.09 -20.87
N VAL I 245 26.04 17.80 -22.12
CA VAL I 245 24.98 17.54 -23.08
C VAL I 245 24.21 16.33 -22.55
N ALA I 246 24.96 15.32 -22.07
CA ALA I 246 24.37 14.12 -21.50
C ALA I 246 23.42 14.50 -20.38
N HIS I 247 23.93 15.33 -19.48
CA HIS I 247 23.16 15.78 -18.35
C HIS I 247 21.85 16.41 -18.80
N ARG I 248 21.96 17.36 -19.72
CA ARG I 248 20.83 18.06 -20.29
C ARG I 248 19.84 17.13 -21.00
N PHE I 249 20.26 15.92 -21.37
CA PHE I 249 19.31 15.00 -22.02
C PHE I 249 18.83 14.02 -20.98
N GLY I 250 19.05 14.36 -19.72
CA GLY I 250 18.61 13.48 -18.67
C GLY I 250 19.45 12.22 -18.61
N LYS I 251 20.64 12.28 -19.19
CA LYS I 251 21.52 11.14 -19.11
C LYS I 251 22.68 11.52 -18.20
N THR I 252 23.54 10.54 -17.92
CA THR I 252 24.69 10.77 -17.07
C THR I 252 25.87 10.09 -17.76
N ALA I 253 26.91 10.84 -18.10
CA ALA I 253 28.06 10.25 -18.79
C ALA I 253 29.24 9.94 -17.88
N THR I 254 29.98 8.89 -18.21
CA THR I 254 31.19 8.55 -17.46
C THR I 254 32.35 8.15 -18.35
N PHE I 255 33.50 8.73 -18.04
CA PHE I 255 34.66 8.36 -18.80
C PHE I 255 35.47 7.31 -18.06
N MET I 256 34.91 6.68 -17.03
CA MET I 256 35.68 5.67 -16.34
C MET I 256 35.90 4.52 -17.30
N PRO I 257 37.12 3.97 -17.31
CA PRO I 257 37.57 2.88 -18.16
C PRO I 257 36.83 1.54 -18.19
N LYS I 258 36.43 1.03 -17.03
CA LYS I 258 35.73 -0.26 -17.01
C LYS I 258 34.55 -0.27 -16.04
N PRO I 259 33.44 0.38 -16.43
CA PRO I 259 32.23 0.46 -15.60
C PRO I 259 31.62 -0.90 -15.42
N MET I 260 31.31 -1.55 -16.54
CA MET I 260 30.79 -2.89 -16.49
C MET I 260 31.89 -3.86 -16.86
N PHE I 261 31.68 -5.07 -16.40
N PHE I 261 31.82 -4.98 -16.20
CA PHE I 261 32.54 -6.26 -16.62
CA PHE I 261 32.79 -6.04 -16.42
C PHE I 261 31.87 -7.22 -17.58
C PHE I 261 32.53 -6.49 -17.83
N GLY I 262 32.61 -7.75 -18.55
N GLY I 262 31.24 -6.61 -18.12
CA GLY I 262 31.99 -8.68 -19.46
CA GLY I 262 30.74 -7.02 -19.41
C GLY I 262 31.64 -8.05 -20.78
C GLY I 262 31.72 -7.31 -20.52
N ASP I 263 31.84 -6.78 -20.90
N ASP I 263 32.06 -6.28 -21.30
CA ASP I 263 31.62 -6.04 -22.09
CA ASP I 263 32.92 -6.49 -22.47
C ASP I 263 32.77 -5.06 -22.18
C ASP I 263 33.72 -5.30 -23.05
N ASN I 264 32.85 -4.42 -23.29
N ASN I 264 34.27 -5.49 -24.29
CA ASN I 264 33.93 -3.52 -23.54
CA ASN I 264 34.95 -4.55 -25.07
C ASN I 264 34.13 -2.45 -22.52
C ASN I 264 34.78 -3.19 -24.34
N GLY I 265 35.39 -2.18 -22.34
N GLY I 265 35.78 -2.76 -23.56
CA GLY I 265 35.82 -1.12 -21.52
CA GLY I 265 35.61 -1.57 -22.71
C GLY I 265 36.00 0.04 -22.49
C GLY I 265 35.80 -0.18 -23.36
N SER I 266 36.01 1.26 -21.95
N SER I 266 35.92 0.86 -22.51
CA SER I 266 36.20 2.43 -22.77
CA SER I 266 36.13 2.28 -22.93
C SER I 266 37.63 2.83 -22.66
C SER I 266 37.61 2.68 -22.74
N GLY I 267 38.19 3.19 -23.79
CA GLY I 267 39.59 3.55 -23.85
C GLY I 267 39.88 4.78 -24.70
N MET I 268 41.07 5.34 -24.51
CA MET I 268 41.48 6.51 -25.27
C MET I 268 42.78 6.27 -26.04
N HIS I 269 42.66 5.68 -27.24
CA HIS I 269 43.80 5.39 -28.10
C HIS I 269 44.46 6.70 -28.49
N CYS I 270 45.79 6.67 -28.61
CA CYS I 270 46.54 7.86 -28.95
C CYS I 270 47.37 7.81 -30.20
N HIS I 271 46.88 8.54 -31.19
CA HIS I 271 47.55 8.66 -32.47
C HIS I 271 48.55 9.77 -32.32
N MET I 272 49.76 9.52 -32.80
CA MET I 272 50.82 10.48 -32.72
C MET I 272 51.70 10.43 -33.95
N SER I 273 52.42 11.53 -34.14
CA SER I 273 53.38 11.72 -35.22
C SER I 273 54.07 13.04 -34.97
N LEU I 274 55.31 13.14 -35.44
CA LEU I 274 56.06 14.38 -35.25
C LEU I 274 56.25 15.07 -36.58
N ALA I 275 56.39 16.39 -36.52
CA ALA I 275 56.57 17.18 -37.72
C ALA I 275 57.68 18.23 -37.60
N LYS I 276 58.14 18.69 -38.74
CA LYS I 276 59.19 19.71 -38.82
C LYS I 276 59.01 20.39 -40.17
N ASN I 277 58.67 21.66 -40.13
CA ASN I 277 58.48 22.47 -41.34
C ASN I 277 57.53 21.79 -42.30
N GLY I 278 56.29 21.59 -41.84
CA GLY I 278 55.28 20.96 -42.68
C GLY I 278 55.54 19.55 -43.20
N THR I 279 56.64 18.92 -42.79
CA THR I 279 56.96 17.56 -43.25
C THR I 279 56.72 16.54 -42.15
N ASN I 280 56.15 15.39 -42.52
CA ASN I 280 55.87 14.38 -41.52
C ASN I 280 57.05 13.44 -41.29
N LEU I 281 57.78 13.73 -40.22
CA LEU I 281 58.94 12.94 -39.83
C LEU I 281 58.67 11.47 -39.56
N PHE I 282 57.41 11.06 -39.53
CA PHE I 282 57.09 9.67 -39.26
C PHE I 282 56.94 8.79 -40.48
N SER I 283 57.09 9.36 -41.67
CA SER I 283 56.99 8.57 -42.89
C SER I 283 58.39 8.21 -43.37
N GLY I 284 58.53 7.02 -43.95
CA GLY I 284 59.82 6.58 -44.45
C GLY I 284 59.65 5.37 -45.33
N ASP I 285 60.67 4.53 -45.38
CA ASP I 285 60.66 3.32 -46.20
C ASP I 285 60.77 2.01 -45.42
N LYS I 286 60.72 2.09 -44.11
CA LYS I 286 60.77 0.90 -43.26
C LYS I 286 59.33 0.37 -43.11
N TYR I 287 59.15 -0.50 -42.12
CA TYR I 287 57.83 -1.10 -41.89
C TYR I 287 56.60 -0.19 -42.09
N ALA I 288 55.67 -0.65 -42.91
CA ALA I 288 54.42 0.07 -43.14
C ALA I 288 54.50 1.53 -43.61
N GLY I 289 55.62 1.93 -44.18
CA GLY I 289 55.74 3.30 -44.65
C GLY I 289 56.29 4.26 -43.61
N LEU I 290 56.75 3.69 -42.49
CA LEU I 290 57.31 4.42 -41.37
C LEU I 290 58.74 4.89 -41.56
N SER I 291 59.11 5.95 -40.86
CA SER I 291 60.47 6.46 -40.90
C SER I 291 61.25 5.78 -39.78
N GLU I 292 62.56 5.98 -39.80
CA GLU I 292 63.43 5.41 -38.80
C GLU I 292 62.97 6.02 -37.48
N GLN I 293 62.81 7.34 -37.52
CA GLN I 293 62.37 8.17 -36.39
C GLN I 293 61.24 7.54 -35.56
N ALA I 294 60.14 7.23 -36.25
CA ALA I 294 58.97 6.64 -35.66
C ALA I 294 59.31 5.40 -34.83
N LEU I 295 60.11 4.51 -35.40
CA LEU I 295 60.44 3.29 -34.70
C LEU I 295 61.23 3.51 -33.42
N TYR I 296 62.02 4.58 -33.38
CA TYR I 296 62.74 4.89 -32.15
C TYR I 296 61.72 5.39 -31.13
N TYR I 297 60.73 6.16 -31.60
CA TYR I 297 59.66 6.68 -30.75
C TYR I 297 59.00 5.47 -30.12
N ILE I 298 58.60 4.53 -30.98
CA ILE I 298 57.96 3.30 -30.56
C ILE I 298 58.78 2.56 -29.53
N GLY I 299 60.08 2.50 -29.79
CA GLY I 299 60.97 1.82 -28.86
C GLY I 299 60.94 2.48 -27.50
N GLY I 300 60.92 3.81 -27.51
CA GLY I 300 60.89 4.56 -26.26
C GLY I 300 59.61 4.28 -25.50
N VAL I 301 58.49 4.45 -26.21
CA VAL I 301 57.18 4.22 -25.64
C VAL I 301 57.13 2.83 -25.01
N ILE I 302 57.60 1.84 -25.75
CA ILE I 302 57.62 0.48 -25.25
C ILE I 302 58.55 0.34 -24.04
N LYS I 303 59.65 1.08 -24.03
CA LYS I 303 60.59 0.97 -22.93
C LYS I 303 60.00 1.52 -21.65
N HIS I 304 59.39 2.69 -21.75
CA HIS I 304 58.82 3.38 -20.61
C HIS I 304 57.34 3.10 -20.33
N ALA I 305 56.77 2.16 -21.05
CA ALA I 305 55.37 1.81 -20.91
C ALA I 305 54.82 1.82 -19.48
N LYS I 306 55.31 0.94 -18.61
CA LYS I 306 54.80 0.89 -17.25
C LYS I 306 54.78 2.26 -16.55
N ALA I 307 55.78 3.09 -16.83
CA ALA I 307 55.82 4.40 -16.21
C ALA I 307 54.74 5.23 -16.86
N ILE I 308 54.67 5.18 -18.18
CA ILE I 308 53.64 5.93 -18.90
C ILE I 308 52.25 5.51 -18.39
N ASN I 309 52.10 4.23 -18.07
CA ASN I 309 50.83 3.71 -17.55
C ASN I 309 50.33 4.58 -16.42
N ALA I 310 51.17 4.84 -15.42
CA ALA I 310 50.80 5.69 -14.30
C ALA I 310 50.12 7.01 -14.73
N LEU I 311 50.43 7.50 -15.92
CA LEU I 311 49.78 8.74 -16.37
C LEU I 311 48.58 8.51 -17.26
N ALA I 312 48.70 7.53 -18.15
CA ALA I 312 47.65 7.18 -19.11
C ALA I 312 46.68 6.09 -18.63
N ASN I 313 46.85 5.63 -17.40
CA ASN I 313 46.01 4.58 -16.79
C ASN I 313 46.15 4.80 -15.28
N PRO I 314 45.73 5.98 -14.78
CA PRO I 314 45.79 6.42 -13.37
C PRO I 314 44.84 5.82 -12.38
N THR I 315 44.04 4.87 -12.84
CA THR I 315 43.03 4.27 -11.97
C THR I 315 43.15 2.79 -11.81
N THR I 316 42.78 2.32 -10.62
CA THR I 316 42.77 0.88 -10.36
C THR I 316 41.84 0.24 -11.40
N ASN I 317 40.75 0.94 -11.71
CA ASN I 317 39.75 0.52 -12.67
C ASN I 317 40.39 0.35 -14.04
N SER I 318 41.37 1.20 -14.34
CA SER I 318 42.07 1.20 -15.61
C SER I 318 42.58 -0.18 -15.95
N TYR I 319 43.02 -0.87 -14.89
CA TYR I 319 43.57 -2.22 -14.98
C TYR I 319 42.53 -3.32 -15.09
N LYS I 320 41.28 -2.96 -14.91
CA LYS I 320 40.19 -3.92 -15.05
C LYS I 320 39.83 -4.03 -16.54
N ARG I 321 40.25 -3.02 -17.30
CA ARG I 321 40.05 -2.93 -18.74
C ARG I 321 41.11 -3.67 -19.51
N LEU I 322 42.37 -3.46 -19.09
CA LEU I 322 43.54 -4.06 -19.69
C LEU I 322 43.60 -5.57 -19.47
N VAL I 323 42.74 -6.26 -20.23
CA VAL I 323 42.62 -7.71 -20.23
C VAL I 323 42.25 -8.21 -21.66
N PRO I 324 42.57 -9.47 -21.96
CA PRO I 324 42.28 -10.04 -23.27
C PRO I 324 40.79 -10.16 -23.58
N GLY I 325 40.47 -10.09 -24.86
CA GLY I 325 39.09 -10.27 -25.30
C GLY I 325 38.17 -9.09 -25.47
N TYR I 326 38.62 -7.90 -25.05
CA TYR I 326 37.74 -6.74 -25.09
C TYR I 326 38.38 -5.59 -25.87
N GLU I 327 39.11 -5.90 -26.93
CA GLU I 327 39.76 -4.91 -27.78
C GLU I 327 40.74 -4.01 -27.02
N ALA I 328 41.21 -4.49 -25.86
CA ALA I 328 42.16 -3.78 -24.99
C ALA I 328 43.46 -4.54 -25.07
N PRO I 329 44.46 -3.97 -25.74
CA PRO I 329 45.76 -4.63 -25.88
C PRO I 329 46.65 -4.43 -24.70
N VAL I 330 47.30 -5.52 -24.29
CA VAL I 330 48.23 -5.54 -23.16
C VAL I 330 49.66 -5.74 -23.64
N MET I 331 49.79 -6.35 -24.82
CA MET I 331 51.07 -6.65 -25.44
C MET I 331 51.76 -5.41 -25.94
N LEU I 332 52.95 -5.19 -25.41
CA LEU I 332 53.78 -4.04 -25.78
C LEU I 332 54.54 -4.34 -27.08
N ALA I 333 53.81 -4.32 -28.18
CA ALA I 333 54.38 -4.58 -29.48
C ALA I 333 53.73 -3.69 -30.52
N TYR I 334 54.29 -3.68 -31.72
CA TYR I 334 53.70 -2.87 -32.76
C TYR I 334 53.43 -3.74 -33.98
N SER I 335 52.46 -3.30 -34.77
CA SER I 335 52.04 -3.99 -35.98
C SER I 335 50.99 -3.18 -36.71
N ALA I 336 50.88 -3.41 -38.02
CA ALA I 336 49.88 -2.74 -38.81
C ALA I 336 48.70 -3.72 -38.95
N ARG I 337 49.01 -5.02 -38.79
CA ARG I 337 48.08 -6.13 -38.91
C ARG I 337 47.41 -6.53 -37.61
N ASN I 338 48.18 -7.31 -36.85
CA ASN I 338 47.77 -7.89 -35.60
C ASN I 338 47.27 -6.84 -34.60
N ARG I 339 46.05 -7.05 -34.13
CA ARG I 339 45.45 -6.11 -33.20
C ARG I 339 45.48 -6.57 -31.75
N SER I 340 46.46 -7.42 -31.46
CA SER I 340 46.72 -7.91 -30.11
C SER I 340 47.80 -6.96 -29.55
N ALA I 341 48.38 -6.19 -30.47
CA ALA I 341 49.43 -5.21 -30.22
C ALA I 341 48.88 -3.87 -29.73
N SER I 342 49.50 -3.37 -28.66
CA SER I 342 49.08 -2.10 -28.07
C SER I 342 49.44 -0.91 -28.93
N ILE I 343 50.46 -1.08 -29.78
CA ILE I 343 50.80 -0.01 -30.71
C ILE I 343 50.39 -0.57 -32.05
N ARG I 344 49.57 0.16 -32.76
CA ARG I 344 49.10 -0.29 -34.04
C ARG I 344 49.55 0.77 -35.02
N ILE I 345 49.95 0.34 -36.21
CA ILE I 345 50.38 1.27 -37.24
C ILE I 345 49.30 1.38 -38.28
N PRO I 346 48.61 2.52 -38.30
CA PRO I 346 47.56 2.68 -39.29
C PRO I 346 48.18 2.72 -40.68
N VAL I 347 47.60 1.91 -41.54
CA VAL I 347 48.03 1.82 -42.92
C VAL I 347 47.28 2.92 -43.64
N VAL I 348 47.98 3.67 -44.48
CA VAL I 348 47.33 4.75 -45.20
C VAL I 348 48.05 5.19 -46.48
N ALA I 349 47.24 5.47 -47.51
CA ALA I 349 47.73 5.93 -48.82
C ALA I 349 48.97 6.84 -48.79
N SER I 350 48.76 8.14 -48.54
CA SER I 350 49.89 9.08 -48.58
C SER I 350 50.89 8.87 -47.43
N PRO I 351 51.95 9.67 -47.45
CA PRO I 351 52.90 9.73 -46.34
C PRO I 351 52.48 10.85 -45.38
N LYS I 352 51.71 11.81 -45.91
CA LYS I 352 51.26 12.95 -45.14
C LYS I 352 50.52 12.55 -43.87
N ALA I 353 49.91 11.37 -43.88
CA ALA I 353 49.15 10.88 -42.75
C ALA I 353 49.77 9.71 -41.97
N ARG I 354 51.04 9.41 -42.19
CA ARG I 354 51.67 8.30 -41.49
C ARG I 354 51.80 8.66 -40.01
N ARG I 355 51.60 7.67 -39.13
CA ARG I 355 51.70 7.93 -37.69
C ARG I 355 51.61 6.62 -36.93
N ILE I 356 51.54 6.72 -35.61
CA ILE I 356 51.39 5.54 -34.76
C ILE I 356 50.19 5.73 -33.83
N GLU I 357 49.63 4.62 -33.34
CA GLU I 357 48.49 4.65 -32.43
C GLU I 357 48.82 3.80 -31.23
N VAL I 358 48.94 4.46 -30.09
CA VAL I 358 49.21 3.76 -28.85
C VAL I 358 47.86 3.57 -28.19
N ARG I 359 47.41 2.33 -28.25
CA ARG I 359 46.10 2.00 -27.77
C ARG I 359 45.88 1.84 -26.26
N PHE I 360 46.89 1.61 -25.42
CA PHE I 360 46.57 1.33 -24.01
C PHE I 360 46.05 2.47 -23.14
N PRO I 361 46.33 3.74 -23.50
CA PRO I 361 45.75 4.83 -22.68
C PRO I 361 44.22 4.76 -22.50
N ASP I 362 43.68 5.15 -21.32
CA ASP I 362 42.22 5.23 -21.17
C ASP I 362 41.83 6.69 -20.79
N PRO I 363 40.49 6.95 -20.73
CA PRO I 363 39.86 8.29 -20.50
C PRO I 363 40.24 9.01 -19.26
N ALA I 364 40.38 8.21 -18.24
CA ALA I 364 40.70 8.71 -16.94
C ALA I 364 42.02 9.46 -16.85
N ALA I 365 42.88 9.27 -17.84
CA ALA I 365 44.19 9.89 -17.87
C ALA I 365 44.16 11.40 -17.91
N ASN I 366 45.11 12.04 -17.22
CA ASN I 366 45.20 13.49 -17.25
C ASN I 366 45.79 13.73 -18.63
N PRO I 367 45.02 14.29 -19.56
CA PRO I 367 45.49 14.56 -20.93
C PRO I 367 46.91 15.08 -20.98
N TYR I 368 47.12 16.22 -20.36
CA TYR I 368 48.42 16.86 -20.31
C TYR I 368 49.53 15.90 -19.87
N LEU I 369 49.41 15.37 -18.65
CA LEU I 369 50.42 14.45 -18.16
C LEU I 369 50.61 13.25 -19.07
N CYS I 370 49.50 12.61 -19.43
CA CYS I 370 49.53 11.45 -20.27
C CYS I 370 50.24 11.72 -21.59
N PHE I 371 49.82 12.77 -22.29
CA PHE I 371 50.45 13.15 -23.56
C PHE I 371 51.93 13.40 -23.43
N ALA I 372 52.31 14.22 -22.45
CA ALA I 372 53.71 14.52 -22.20
C ALA I 372 54.53 13.23 -22.05
N ALA I 373 54.09 12.36 -21.15
CA ALA I 373 54.77 11.08 -20.90
C ALA I 373 54.98 10.31 -22.20
N LEU I 374 53.97 10.31 -23.04
CA LEU I 374 54.06 9.63 -24.32
C LEU I 374 55.16 10.29 -25.14
N LEU I 375 55.11 11.61 -25.24
CA LEU I 375 56.07 12.40 -26.02
C LEU I 375 57.50 12.26 -25.54
N MET I 376 57.70 12.40 -24.24
CA MET I 376 59.02 12.30 -23.63
C MET I 376 59.65 10.93 -23.76
N ALA I 377 58.82 9.89 -23.73
CA ALA I 377 59.32 8.53 -23.86
C ALA I 377 59.68 8.32 -25.32
N GLY I 378 58.98 9.05 -26.19
CA GLY I 378 59.22 8.94 -27.61
C GLY I 378 60.53 9.59 -27.96
N LEU I 379 60.76 10.76 -27.37
CA LEU I 379 61.99 11.50 -27.60
C LEU I 379 63.20 10.74 -27.07
N ASP I 380 63.04 10.13 -25.90
CA ASP I 380 64.12 9.36 -25.29
C ASP I 380 64.46 8.14 -26.13
N GLY I 381 63.48 7.63 -26.85
CA GLY I 381 63.71 6.46 -27.68
C GLY I 381 64.50 6.84 -28.91
N ILE I 382 64.33 8.09 -29.33
CA ILE I 382 65.01 8.67 -30.48
C ILE I 382 66.46 9.05 -30.14
N LYS I 383 66.63 9.84 -29.08
CA LYS I 383 67.96 10.25 -28.65
C LYS I 383 68.82 9.00 -28.48
N ASN I 384 68.37 8.06 -27.67
CA ASN I 384 69.09 6.81 -27.42
C ASN I 384 68.90 5.69 -28.48
N LYS I 385 68.42 6.00 -29.70
CA LYS I 385 68.20 5.01 -30.77
C LYS I 385 67.72 3.62 -30.29
N ILE I 386 66.65 3.65 -29.49
CA ILE I 386 66.10 2.43 -28.95
C ILE I 386 65.33 1.64 -29.97
N HIS I 387 65.84 0.49 -30.33
CA HIS I 387 65.15 -0.28 -31.33
C HIS I 387 63.95 -1.04 -30.79
N PRO I 388 62.81 -0.88 -31.46
CA PRO I 388 61.51 -1.49 -31.16
C PRO I 388 61.43 -2.98 -31.52
N GLY I 389 62.52 -3.52 -32.06
CA GLY I 389 62.52 -4.91 -32.43
C GLY I 389 61.65 -5.18 -33.63
N GLU I 390 61.25 -6.44 -33.79
CA GLU I 390 60.41 -6.85 -34.90
C GLU I 390 58.91 -6.79 -34.61
N PRO I 391 58.12 -6.35 -35.60
CA PRO I 391 56.65 -6.23 -35.50
C PRO I 391 55.97 -7.57 -35.26
N MET I 392 54.85 -7.52 -34.55
CA MET I 392 54.08 -8.73 -34.27
C MET I 392 53.08 -8.97 -35.37
N ASP I 393 53.27 -10.03 -36.14
CA ASP I 393 52.31 -10.30 -37.20
C ASP I 393 51.68 -11.70 -37.01
N LYS I 394 51.75 -12.16 -35.75
CA LYS I 394 51.23 -13.47 -35.30
C LYS I 394 49.75 -13.49 -34.83
N ASN I 395 49.45 -14.39 -33.88
CA ASN I 395 48.05 -14.55 -33.38
C ASN I 395 47.66 -13.69 -32.14
N LEU I 396 46.35 -13.45 -32.08
CA LEU I 396 45.65 -12.54 -31.16
C LEU I 396 45.83 -12.68 -29.62
N TYR I 397 44.87 -13.16 -28.82
CA TYR I 397 45.04 -13.08 -27.34
C TYR I 397 45.71 -14.25 -26.58
N ASP I 398 45.16 -15.45 -26.64
CA ASP I 398 45.81 -16.61 -26.02
C ASP I 398 46.07 -17.88 -26.86
N LEU I 399 46.86 -17.62 -27.89
CA LEU I 399 47.40 -18.62 -28.81
C LEU I 399 48.89 -18.70 -28.46
N PRO I 400 49.41 -17.52 -27.98
CA PRO I 400 50.83 -17.34 -27.59
C PRO I 400 51.48 -18.38 -26.69
N PRO I 401 51.06 -18.69 -25.43
CA PRO I 401 51.90 -19.60 -24.62
C PRO I 401 52.18 -21.00 -25.25
N GLU I 402 52.77 -21.01 -26.44
CA GLU I 402 53.15 -22.18 -27.21
C GLU I 402 54.64 -22.41 -26.96
N GLU I 403 55.22 -21.32 -26.47
CA GLU I 403 56.59 -21.13 -26.10
C GLU I 403 56.52 -20.12 -24.97
N ALA I 404 55.34 -20.18 -24.33
CA ALA I 404 54.86 -19.31 -23.24
C ALA I 404 55.39 -17.91 -23.51
N LYS I 405 54.82 -17.26 -24.54
CA LYS I 405 55.38 -15.96 -24.90
C LYS I 405 55.31 -14.94 -23.79
N GLU I 406 56.43 -14.47 -23.28
CA GLU I 406 56.47 -13.44 -22.30
C GLU I 406 57.14 -12.17 -22.84
N ILE I 407 56.59 -11.59 -23.92
CA ILE I 407 57.15 -10.35 -24.43
C ILE I 407 56.65 -9.23 -23.50
N PRO I 408 57.30 -8.06 -23.53
CA PRO I 408 56.91 -6.93 -22.66
C PRO I 408 55.41 -6.60 -22.64
N GLN I 409 54.93 -6.22 -21.45
CA GLN I 409 53.52 -5.88 -21.29
C GLN I 409 53.30 -4.70 -20.38
N VAL I 410 52.16 -4.05 -20.56
CA VAL I 410 51.79 -2.89 -19.75
C VAL I 410 51.66 -3.30 -18.29
N ALA I 411 51.72 -2.33 -17.39
CA ALA I 411 51.63 -2.58 -15.96
C ALA I 411 50.42 -3.44 -15.58
N GLY I 412 50.63 -4.41 -14.71
CA GLY I 412 49.52 -5.27 -14.31
C GLY I 412 48.53 -4.66 -13.33
N SER I 413 49.02 -3.74 -12.51
CA SER I 413 48.20 -3.08 -11.52
C SER I 413 48.54 -1.60 -11.51
N LEU I 414 48.00 -0.87 -10.55
CA LEU I 414 48.30 0.54 -10.48
C LEU I 414 49.57 0.74 -9.65
N GLU I 415 49.69 -0.02 -8.55
CA GLU I 415 50.84 0.05 -7.66
C GLU I 415 52.10 -0.12 -8.51
N GLU I 416 52.01 -1.08 -9.43
CA GLU I 416 53.09 -1.39 -10.35
C GLU I 416 53.37 -0.13 -11.17
N ALA I 417 52.41 0.28 -12.00
CA ALA I 417 52.56 1.47 -12.86
C ALA I 417 53.16 2.64 -12.11
N LEU I 418 52.77 2.77 -10.85
CA LEU I 418 53.25 3.88 -10.05
C LEU I 418 54.70 3.67 -9.72
N ASN I 419 54.99 2.58 -9.02
CA ASN I 419 56.35 2.25 -8.64
C ASN I 419 57.31 2.34 -9.85
N ALA I 420 56.82 1.96 -11.03
CA ALA I 420 57.59 2.03 -12.28
C ALA I 420 57.92 3.50 -12.58
N LEU I 421 56.91 4.36 -12.53
CA LEU I 421 57.13 5.77 -12.76
C LEU I 421 58.08 6.31 -11.69
N ASP I 422 58.06 5.70 -10.51
CA ASP I 422 58.95 6.13 -9.43
C ASP I 422 60.39 5.99 -9.94
N LEU I 423 60.76 4.75 -10.25
CA LEU I 423 62.08 4.40 -10.75
C LEU I 423 62.42 5.04 -12.10
N ASP I 424 61.77 4.57 -13.15
CA ASP I 424 62.00 5.06 -14.51
C ASP I 424 61.60 6.54 -14.71
N ARG I 425 61.73 7.33 -13.65
CA ARG I 425 61.37 8.73 -13.74
C ARG I 425 62.34 9.60 -14.51
N GLU I 426 63.48 9.04 -14.84
CA GLU I 426 64.48 9.83 -15.50
C GLU I 426 64.11 10.51 -16.81
N PHE I 427 63.51 9.78 -17.72
CA PHE I 427 63.17 10.39 -19.01
C PHE I 427 62.18 11.53 -18.92
N LEU I 428 61.46 11.60 -17.80
CA LEU I 428 60.46 12.66 -17.62
C LEU I 428 61.06 13.94 -17.10
N LYS I 429 62.09 13.79 -16.26
CA LYS I 429 62.76 14.96 -15.67
C LYS I 429 63.62 15.71 -16.68
N ALA I 430 63.88 15.06 -17.81
CA ALA I 430 64.65 15.66 -18.89
C ALA I 430 64.06 17.02 -19.24
N GLY I 431 64.92 17.95 -19.65
CA GLY I 431 64.49 19.29 -20.01
C GLY I 431 63.76 20.00 -18.89
N GLY I 432 63.84 19.47 -17.67
CA GLY I 432 63.17 20.06 -16.52
C GLY I 432 61.65 20.13 -16.71
N VAL I 433 61.13 19.20 -17.51
CA VAL I 433 59.70 19.10 -17.82
C VAL I 433 59.00 18.63 -16.56
N PHE I 434 59.38 17.45 -16.08
CA PHE I 434 58.82 16.93 -14.85
C PHE I 434 59.84 17.11 -13.77
N THR I 435 59.36 17.50 -12.61
CA THR I 435 60.25 17.69 -11.49
C THR I 435 59.97 16.56 -10.54
N ASP I 436 60.91 16.32 -9.62
CA ASP I 436 60.74 15.25 -8.68
C ASP I 436 59.51 15.35 -7.82
N GLU I 437 59.33 16.45 -7.09
CA GLU I 437 58.13 16.53 -6.26
C GLU I 437 56.84 16.59 -7.09
N ALA I 438 56.92 17.08 -8.32
CA ALA I 438 55.71 17.13 -9.17
C ALA I 438 55.31 15.66 -9.32
N ILE I 439 56.31 14.84 -9.60
CA ILE I 439 56.13 13.41 -9.75
C ILE I 439 55.86 12.68 -8.42
N ASP I 440 56.51 13.11 -7.35
CA ASP I 440 56.32 12.46 -6.07
C ASP I 440 54.94 12.76 -5.50
N ALA I 441 54.41 13.94 -5.85
CA ALA I 441 53.09 14.38 -5.39
C ALA I 441 52.04 13.54 -6.07
N TYR I 442 52.15 13.40 -7.39
CA TYR I 442 51.23 12.58 -8.18
C TYR I 442 51.18 11.17 -7.59
N ILE I 443 52.34 10.55 -7.44
CA ILE I 443 52.40 9.21 -6.90
C ILE I 443 51.67 9.11 -5.56
N ALA I 444 51.85 10.11 -4.71
CA ALA I 444 51.21 10.13 -3.41
C ALA I 444 49.66 10.07 -3.45
N LEU I 445 49.09 10.87 -4.34
CA LEU I 445 47.66 11.00 -4.54
C LEU I 445 47.04 9.71 -4.96
N ARG I 446 47.62 9.17 -6.02
CA ARG I 446 47.18 7.93 -6.57
C ARG I 446 47.38 6.79 -5.57
N ARG I 447 48.42 6.91 -4.74
CA ARG I 447 48.70 5.87 -3.77
C ARG I 447 47.56 5.77 -2.77
N GLU I 448 46.97 6.91 -2.41
CA GLU I 448 45.90 6.88 -1.45
C GLU I 448 44.61 6.39 -2.07
N GLU I 449 44.42 6.65 -3.36
CA GLU I 449 43.25 6.14 -4.08
C GLU I 449 43.37 4.62 -4.16
N ASP I 450 44.53 4.15 -4.59
CA ASP I 450 44.79 2.71 -4.69
C ASP I 450 44.54 2.06 -3.30
N ASP I 451 44.91 2.77 -2.22
CA ASP I 451 44.71 2.21 -0.88
C ASP I 451 43.27 1.85 -0.62
N ARG I 452 42.39 2.77 -0.98
CA ARG I 452 40.97 2.60 -0.79
C ARG I 452 40.45 1.34 -1.42
N VAL I 453 40.74 1.20 -2.70
CA VAL I 453 40.29 0.01 -3.39
C VAL I 453 40.95 -1.25 -2.82
N ARG I 454 42.24 -1.13 -2.52
CA ARG I 454 42.97 -2.28 -2.02
C ARG I 454 42.54 -2.71 -0.64
N MET I 455 42.03 -1.76 0.12
CA MET I 455 41.64 -2.04 1.49
C MET I 455 40.17 -2.35 1.75
N THR I 456 39.29 -1.89 0.86
CA THR I 456 37.84 -2.11 1.02
C THR I 456 37.42 -3.47 0.45
N PRO I 457 36.73 -4.31 1.26
CA PRO I 457 36.31 -5.62 0.77
C PRO I 457 35.52 -5.51 -0.53
N HIS I 458 35.74 -6.45 -1.43
CA HIS I 458 35.06 -6.46 -2.71
C HIS I 458 33.91 -7.43 -2.64
N PRO I 459 32.75 -7.05 -3.21
CA PRO I 459 31.56 -7.91 -3.20
C PRO I 459 31.88 -9.35 -3.57
N VAL I 460 32.64 -9.51 -4.65
CA VAL I 460 33.03 -10.83 -5.15
C VAL I 460 33.76 -11.70 -4.12
N GLU I 461 34.42 -11.03 -3.17
CA GLU I 461 35.10 -11.77 -2.14
C GLU I 461 34.11 -12.56 -1.31
N PHE I 462 32.89 -12.05 -1.21
CA PHE I 462 31.91 -12.77 -0.42
C PHE I 462 31.40 -13.99 -1.17
N GLU I 463 31.24 -13.74 -2.45
CA GLU I 463 30.80 -14.78 -3.36
C GLU I 463 31.81 -15.90 -3.29
N LEU I 464 33.07 -15.54 -3.38
CA LEU I 464 34.18 -16.48 -3.33
C LEU I 464 34.56 -16.97 -1.95
N TYR I 465 34.44 -16.13 -0.90
CA TYR I 465 35.02 -16.60 0.36
C TYR I 465 34.11 -16.69 1.61
N TYR I 466 32.92 -16.15 1.55
CA TYR I 466 32.08 -16.17 2.75
C TYR I 466 31.92 -17.54 3.41
N SER I 467 31.70 -18.55 2.58
CA SER I 467 31.45 -19.87 3.11
C SER I 467 32.71 -20.66 3.34
N VAL I 468 33.81 -19.94 3.47
CA VAL I 468 35.10 -20.56 3.70
C VAL I 468 35.19 -21.31 5.03
N SER J 1 19.48 61.03 0.35
CA SER J 1 18.66 61.24 -0.89
C SER J 1 17.16 61.48 -0.61
N ALA J 2 16.84 62.48 0.22
CA ALA J 2 15.39 62.72 0.48
C ALA J 2 14.74 62.97 -0.87
N GLU J 3 15.35 63.94 -1.60
CA GLU J 3 14.92 64.27 -2.94
C GLU J 3 14.97 63.05 -3.89
N HIS J 4 16.15 62.44 -4.04
CA HIS J 4 16.36 61.27 -4.89
C HIS J 4 15.25 60.23 -4.74
N VAL J 5 15.00 59.85 -3.47
CA VAL J 5 13.94 58.88 -3.17
C VAL J 5 12.59 59.26 -3.78
N LEU J 6 12.16 60.51 -3.58
CA LEU J 6 10.86 60.90 -4.14
C LEU J 6 10.77 60.67 -5.61
N THR J 7 11.83 61.01 -6.35
CA THR J 7 11.86 60.81 -7.80
C THR J 7 11.79 59.31 -8.12
N MET J 8 12.54 58.55 -7.32
CA MET J 8 12.61 57.09 -7.45
C MET J 8 11.25 56.38 -7.23
N LEU J 9 10.33 57.03 -6.53
CA LEU J 9 9.02 56.43 -6.31
C LEU J 9 8.24 56.51 -7.63
N ASN J 10 8.29 57.68 -8.28
CA ASN J 10 7.58 57.89 -9.54
C ASN J 10 8.22 57.15 -10.69
N GLU J 11 9.52 56.95 -10.56
CA GLU J 11 10.31 56.30 -11.58
C GLU J 11 10.04 54.80 -11.68
N HIS J 12 9.65 54.20 -10.56
CA HIS J 12 9.36 52.76 -10.56
C HIS J 12 7.91 52.47 -10.22
N GLU J 13 7.05 53.49 -10.20
CA GLU J 13 5.64 53.35 -9.85
C GLU J 13 5.60 52.46 -8.60
N VAL J 14 6.40 52.88 -7.62
CA VAL J 14 6.52 52.15 -6.38
C VAL J 14 5.21 52.17 -5.64
N LYS J 15 4.80 51.00 -5.15
CA LYS J 15 3.57 50.90 -4.41
C LYS J 15 3.85 50.87 -2.91
N PHE J 16 4.95 50.25 -2.51
CA PHE J 16 5.27 50.18 -1.08
C PHE J 16 6.69 50.54 -0.74
N VAL J 17 6.92 50.72 0.55
CA VAL J 17 8.22 51.05 1.06
C VAL J 17 8.48 50.13 2.22
N ASP J 18 9.60 49.42 2.11
CA ASP J 18 9.95 48.49 3.14
C ASP J 18 11.05 49.02 4.02
N LEU J 19 10.68 49.27 5.25
CA LEU J 19 11.60 49.79 6.21
C LEU J 19 12.34 48.65 6.82
N ARG J 20 13.66 48.67 6.71
CA ARG J 20 14.44 47.60 7.30
C ARG J 20 15.49 48.12 8.23
N PHE J 21 15.76 47.32 9.25
CA PHE J 21 16.74 47.65 10.24
C PHE J 21 17.22 46.32 10.81
N THR J 22 18.23 46.38 11.66
CA THR J 22 18.81 45.15 12.18
C THR J 22 18.74 45.00 13.67
N ASP J 23 18.35 43.81 14.12
CA ASP J 23 18.22 43.53 15.54
C ASP J 23 19.55 43.17 16.16
N THR J 24 19.55 43.02 17.48
CA THR J 24 20.77 42.73 18.21
C THR J 24 21.50 41.50 17.72
N LYS J 25 20.80 40.37 17.58
CA LYS J 25 21.44 39.12 17.13
C LYS J 25 22.02 39.27 15.73
N GLY J 26 21.41 40.16 14.94
CA GLY J 26 21.93 40.40 13.61
C GLY J 26 20.91 40.17 12.53
N LYS J 27 19.74 39.67 12.92
CA LYS J 27 18.69 39.40 11.97
C LYS J 27 18.03 40.69 11.49
N GLU J 28 18.00 40.87 10.17
CA GLU J 28 17.40 42.04 9.54
C GLU J 28 15.87 41.99 9.69
N GLN J 29 15.26 43.10 10.14
CA GLN J 29 13.81 43.17 10.32
C GLN J 29 13.23 44.17 9.31
N HIS J 30 11.92 44.09 9.07
CA HIS J 30 11.31 44.99 8.10
C HIS J 30 9.87 45.39 8.36
N VAL J 31 9.41 46.48 7.78
CA VAL J 31 8.02 46.84 7.98
C VAL J 31 7.59 47.61 6.76
N THR J 32 6.38 47.34 6.33
CA THR J 32 5.96 47.96 5.12
C THR J 32 4.95 49.06 5.25
N ILE J 33 5.22 50.08 4.46
CA ILE J 33 4.44 51.29 4.43
C ILE J 33 4.10 51.60 2.99
N PRO J 34 2.87 52.02 2.74
CA PRO J 34 2.44 52.36 1.36
C PRO J 34 3.25 53.55 0.94
N ALA J 35 3.56 53.64 -0.35
CA ALA J 35 4.35 54.74 -0.84
C ALA J 35 3.73 56.10 -0.46
N HIS J 36 2.40 56.17 -0.42
CA HIS J 36 1.74 57.43 -0.10
C HIS J 36 2.01 57.92 1.31
N GLN J 37 2.42 56.99 2.18
CA GLN J 37 2.71 57.31 3.57
C GLN J 37 4.07 58.00 3.70
N VAL J 38 4.76 58.09 2.57
CA VAL J 38 6.07 58.72 2.50
C VAL J 38 5.94 60.17 2.06
N ASN J 39 6.26 61.05 3.01
CA ASN J 39 6.18 62.48 2.80
C ASN J 39 7.37 63.21 3.38
N ALA J 40 7.26 64.53 3.36
CA ALA J 40 8.26 65.44 3.85
C ALA J 40 8.81 65.13 5.24
N GLU J 41 7.94 65.18 6.25
CA GLU J 41 8.35 64.94 7.63
C GLU J 41 8.80 63.53 7.92
N PHE J 42 8.27 62.58 7.16
CA PHE J 42 8.63 61.19 7.34
C PHE J 42 10.17 61.09 7.39
N PHE J 43 10.83 61.88 6.55
CA PHE J 43 12.27 61.89 6.49
C PHE J 43 13.02 62.55 7.62
N GLU J 44 12.45 63.62 8.14
CA GLU J 44 13.09 64.34 9.24
C GLU J 44 12.73 63.80 10.61
N GLU J 45 11.55 63.20 10.77
CA GLU J 45 11.16 62.64 12.07
C GLU J 45 10.88 61.12 12.11
N GLY J 46 11.04 60.44 10.97
CA GLY J 46 10.81 59.01 10.93
C GLY J 46 9.40 58.57 11.30
N LYS J 47 9.25 57.31 11.70
CA LYS J 47 7.96 56.77 12.08
C LYS J 47 8.08 56.11 13.43
N MET J 48 6.95 56.01 14.11
CA MET J 48 6.89 55.41 15.42
C MET J 48 6.66 53.92 15.38
N PHE J 49 7.26 53.22 16.35
CA PHE J 49 7.08 51.79 16.47
C PHE J 49 7.57 51.27 17.83
N ASP J 50 6.98 50.16 18.27
CA ASP J 50 7.34 49.53 19.53
C ASP J 50 8.39 48.43 19.35
N GLY J 51 9.53 48.60 20.00
CA GLY J 51 10.59 47.62 19.89
C GLY J 51 10.44 46.46 20.86
N SER J 52 9.60 46.65 21.88
CA SER J 52 9.38 45.65 22.93
C SER J 52 9.45 44.16 22.59
N SER J 53 8.86 43.76 21.47
CA SER J 53 8.86 42.35 21.06
C SER J 53 10.04 42.02 20.15
N ILE J 54 11.18 42.61 20.48
CA ILE J 54 12.42 42.39 19.75
C ILE J 54 13.47 41.91 20.75
N GLY J 55 14.36 41.07 20.24
CA GLY J 55 15.40 40.53 21.07
C GLY J 55 16.28 41.56 21.76
N GLY J 56 16.17 41.60 23.10
CA GLY J 56 16.98 42.48 23.92
C GLY J 56 16.87 43.99 23.82
N TRP J 57 15.73 44.44 23.40
CA TRP J 57 15.41 45.85 23.26
C TRP J 57 14.24 46.06 24.15
N LYS J 58 13.91 44.90 24.64
CA LYS J 58 12.80 44.69 25.53
C LYS J 58 12.77 45.92 26.34
N GLY J 59 11.65 46.08 26.95
CA GLY J 59 11.35 47.23 27.75
C GLY J 59 9.88 47.44 27.52
N ILE J 60 9.12 46.51 28.06
CA ILE J 60 7.70 46.54 27.82
C ILE J 60 7.14 47.70 28.63
N ASN J 61 7.91 48.77 28.68
CA ASN J 61 7.48 49.94 29.39
C ASN J 61 7.93 51.25 28.71
N GLU J 62 9.22 51.32 28.40
CA GLU J 62 9.81 52.56 27.82
C GLU J 62 10.19 52.54 26.30
N SER J 63 10.54 51.36 25.77
CA SER J 63 11.07 51.17 24.38
C SER J 63 10.09 51.33 23.22
N ASP J 64 9.59 52.54 23.11
CA ASP J 64 8.76 52.96 21.99
C ASP J 64 9.70 53.82 21.21
N MET J 65 10.38 53.22 20.24
CA MET J 65 11.40 53.89 19.43
C MET J 65 11.01 54.42 18.05
N VAL J 66 11.96 55.14 17.46
CA VAL J 66 11.83 55.76 16.12
C VAL J 66 12.61 55.10 14.99
N LEU J 67 11.95 54.88 13.87
CA LEU J 67 12.60 54.32 12.71
C LEU J 67 13.05 55.49 11.88
N MET J 68 14.34 55.69 11.77
CA MET J 68 14.83 56.80 10.99
C MET J 68 15.38 56.40 9.66
N PRO J 69 14.60 56.65 8.60
CA PRO J 69 14.99 56.34 7.23
C PRO J 69 16.29 57.00 6.85
N ASP J 70 17.08 56.27 6.08
CA ASP J 70 18.35 56.75 5.60
C ASP J 70 18.21 56.84 4.08
N ALA J 71 17.87 58.04 3.63
CA ALA J 71 17.65 58.32 2.21
C ALA J 71 18.66 57.69 1.27
N SER J 72 19.90 57.51 1.71
CA SER J 72 20.92 56.96 0.83
C SER J 72 20.75 55.47 0.51
N THR J 73 20.31 54.69 1.50
CA THR J 73 20.12 53.24 1.39
C THR J 73 19.02 52.70 0.46
N ALA J 74 18.22 53.60 -0.10
CA ALA J 74 17.10 53.22 -0.96
C ALA J 74 17.38 52.39 -2.20
N VAL J 75 16.67 51.26 -2.29
CA VAL J 75 16.77 50.40 -3.44
C VAL J 75 15.62 49.41 -3.54
N ILE J 76 15.19 49.19 -4.78
CA ILE J 76 14.09 48.30 -5.11
C ILE J 76 14.28 46.86 -4.65
N ASP J 77 13.19 46.24 -4.18
CA ASP J 77 13.25 44.83 -3.80
C ASP J 77 12.97 44.05 -5.07
N PRO J 78 13.89 43.16 -5.44
CA PRO J 78 13.76 42.37 -6.66
C PRO J 78 12.96 41.10 -6.56
N PHE J 79 12.48 40.79 -5.37
CA PHE J 79 11.72 39.57 -5.15
C PHE J 79 10.22 39.81 -4.96
N PHE J 80 9.88 40.92 -4.32
CA PHE J 80 8.49 41.26 -4.05
C PHE J 80 7.68 41.44 -5.32
N ALA J 81 6.43 40.99 -5.25
CA ALA J 81 5.51 41.03 -6.39
C ALA J 81 5.07 42.41 -6.79
N ASP J 82 4.73 43.23 -5.80
CA ASP J 82 4.28 44.59 -6.09
C ASP J 82 5.53 45.45 -5.94
N SER J 83 5.71 46.42 -6.82
CA SER J 83 6.90 47.26 -6.82
C SER J 83 7.17 47.90 -5.46
N THR J 84 8.14 47.39 -4.70
CA THR J 84 8.40 48.06 -3.43
C THR J 84 9.87 48.51 -3.28
N LEU J 85 10.00 49.68 -2.60
CA LEU J 85 11.28 50.29 -2.30
C LEU J 85 11.73 50.02 -0.87
N ILE J 86 12.96 49.57 -0.72
CA ILE J 86 13.52 49.26 0.59
C ILE J 86 14.31 50.46 1.08
N ILE J 87 14.24 50.70 2.39
CA ILE J 87 14.97 51.79 3.00
C ILE J 87 15.42 51.34 4.37
N ARG J 88 16.74 51.32 4.51
CA ARG J 88 17.38 50.92 5.74
C ARG J 88 17.13 52.05 6.73
N CYS J 89 16.82 51.70 7.95
CA CYS J 89 16.55 52.69 8.96
C CYS J 89 17.49 52.54 10.12
N ASP J 90 17.56 53.60 10.93
CA ASP J 90 18.37 53.65 12.14
C ASP J 90 17.34 53.72 13.26
N ILE J 91 17.69 53.14 14.40
CA ILE J 91 16.80 53.19 15.54
C ILE J 91 17.25 54.32 16.45
N LEU J 92 16.42 55.35 16.51
CA LEU J 92 16.70 56.52 17.32
C LEU J 92 15.85 56.52 18.57
N GLU J 93 16.34 57.22 19.60
CA GLU J 93 15.63 57.37 20.87
C GLU J 93 14.53 58.42 20.65
N PRO J 94 13.30 58.15 21.13
CA PRO J 94 12.21 59.13 20.93
C PRO J 94 12.49 60.50 21.56
N GLY J 95 12.20 61.56 20.81
CA GLY J 95 12.43 62.91 21.29
C GLY J 95 13.89 63.33 21.18
N THR J 96 14.75 62.69 21.97
CA THR J 96 16.19 62.98 21.96
C THR J 96 16.71 62.86 20.52
N LEU J 97 16.33 61.75 19.88
CA LEU J 97 16.68 61.46 18.49
C LEU J 97 18.14 61.33 18.08
N GLN J 98 19.04 60.94 18.98
CA GLN J 98 20.43 60.82 18.52
C GLN J 98 20.96 59.40 18.31
N GLY J 99 20.16 58.38 18.62
CA GLY J 99 20.62 57.04 18.36
C GLY J 99 20.64 56.06 19.50
N TYR J 100 19.78 55.06 19.39
CA TYR J 100 19.63 54.01 20.40
C TYR J 100 20.92 53.26 20.77
N ASP J 101 21.11 53.14 22.07
CA ASP J 101 22.26 52.49 22.66
C ASP J 101 22.48 51.07 22.18
N ARG J 102 21.37 50.42 21.88
CA ARG J 102 21.38 49.04 21.43
C ARG J 102 21.23 48.82 19.93
N ASP J 103 20.97 49.90 19.18
CA ASP J 103 20.87 49.81 17.73
C ASP J 103 22.28 49.56 17.18
N PRO J 104 22.53 48.31 16.73
CA PRO J 104 23.82 47.87 16.19
C PRO J 104 24.32 48.77 15.09
N ARG J 105 23.40 49.31 14.31
CA ARG J 105 23.84 50.19 13.24
C ARG J 105 24.35 51.49 13.81
N SER J 106 23.72 51.98 14.86
CA SER J 106 24.16 53.23 15.49
C SER J 106 25.56 52.99 16.07
N ILE J 107 25.70 51.86 16.75
CA ILE J 107 26.98 51.46 17.34
C ILE J 107 28.09 51.41 16.30
N ALA J 108 27.78 50.91 15.11
CA ALA J 108 28.78 50.81 14.07
C ALA J 108 29.18 52.19 13.62
N LYS J 109 28.20 53.09 13.52
CA LYS J 109 28.45 54.46 13.10
C LYS J 109 29.28 55.17 14.16
N ARG J 110 28.93 54.96 15.43
CA ARG J 110 29.64 55.55 16.57
C ARG J 110 31.11 55.20 16.44
N ALA J 111 31.39 53.92 16.23
CA ALA J 111 32.76 53.44 16.09
C ALA J 111 33.48 54.11 14.89
N GLU J 112 32.77 54.37 13.80
CA GLU J 112 33.39 55.01 12.64
C GLU J 112 33.70 56.48 12.96
N ASP J 113 32.86 57.11 13.77
CA ASP J 113 33.05 58.50 14.19
C ASP J 113 34.32 58.60 15.03
N TYR J 114 34.38 57.75 16.05
CA TYR J 114 35.51 57.64 16.96
C TYR J 114 36.83 57.40 16.23
N LEU J 115 36.77 56.84 15.04
CA LEU J 115 37.98 56.58 14.28
C LEU J 115 38.53 57.93 13.82
N ARG J 116 37.65 58.74 13.20
CA ARG J 116 38.05 60.06 12.71
C ARG J 116 38.38 60.98 13.87
N ALA J 117 37.68 60.78 14.98
CA ALA J 117 37.90 61.56 16.19
C ALA J 117 39.31 61.37 16.76
N THR J 118 39.78 60.13 16.88
CA THR J 118 41.13 59.90 17.39
C THR J 118 42.16 60.33 16.37
N GLY J 119 41.67 60.81 15.23
CA GLY J 119 42.55 61.25 14.16
C GLY J 119 43.48 60.19 13.61
N ILE J 120 43.38 58.96 14.13
CA ILE J 120 44.22 57.84 13.67
C ILE J 120 44.07 57.58 12.18
N ALA J 121 42.84 57.66 11.68
CA ALA J 121 42.52 57.47 10.26
C ALA J 121 41.17 58.11 9.97
N ASP J 122 40.83 58.26 8.68
CA ASP J 122 39.53 58.85 8.34
C ASP J 122 38.47 57.90 7.79
N THR J 123 38.85 56.66 7.49
CA THR J 123 37.92 55.62 7.01
C THR J 123 38.47 54.21 7.25
N VAL J 124 37.57 53.30 7.64
CA VAL J 124 37.93 51.89 7.87
C VAL J 124 37.43 51.08 6.70
N LEU J 125 38.22 50.11 6.27
CA LEU J 125 37.83 49.27 5.15
C LEU J 125 37.64 47.81 5.52
N PHE J 126 36.46 47.31 5.17
CA PHE J 126 36.08 45.92 5.43
C PHE J 126 35.72 45.17 4.16
N GLY J 127 36.28 43.98 4.05
CA GLY J 127 36.04 43.11 2.91
C GLY J 127 35.86 41.72 3.48
N PRO J 128 34.61 41.31 3.73
CA PRO J 128 34.29 40.00 4.28
C PRO J 128 33.97 38.97 3.19
N GLU J 129 34.35 37.72 3.48
CA GLU J 129 34.15 36.58 2.58
C GLU J 129 33.20 35.66 3.31
N PRO J 130 31.91 35.95 3.16
CA PRO J 130 30.85 35.18 3.80
C PRO J 130 30.44 33.95 3.00
N GLU J 131 30.79 32.79 3.54
CA GLU J 131 30.47 31.49 2.93
C GLU J 131 29.08 30.96 3.36
N PHE J 132 28.53 30.02 2.61
CA PHE J 132 27.23 29.43 2.93
C PHE J 132 26.98 28.11 2.23
N PHE J 133 25.88 27.48 2.60
CA PHE J 133 25.49 26.21 2.00
C PHE J 133 24.12 26.32 1.35
N LEU J 134 23.89 25.45 0.36
CA LEU J 134 22.62 25.38 -0.34
C LEU J 134 22.10 23.94 -0.31
N PHE J 135 21.03 23.75 0.44
CA PHE J 135 20.42 22.44 0.59
C PHE J 135 19.07 22.39 -0.12
N ASP J 136 18.49 21.20 -0.12
CA ASP J 136 17.22 20.98 -0.80
C ASP J 136 16.22 20.74 0.30
N ASP J 137 16.69 20.16 1.39
CA ASP J 137 15.82 19.83 2.50
C ASP J 137 16.60 19.85 3.80
N ILE J 138 15.98 20.50 4.78
CA ILE J 138 16.51 20.63 6.13
C ILE J 138 15.41 20.41 7.17
N ARG J 139 15.61 19.41 8.02
CA ARG J 139 14.63 19.12 9.07
C ARG J 139 15.36 18.93 10.38
N PHE J 140 14.70 19.33 11.45
CA PHE J 140 15.28 19.22 12.80
C PHE J 140 14.21 19.49 13.85
N GLY J 141 14.54 19.13 15.09
CA GLY J 141 13.61 19.35 16.17
C GLY J 141 14.09 18.76 17.46
N ALA J 142 13.48 19.25 18.54
CA ALA J 142 13.81 18.78 19.88
C ALA J 142 12.54 18.79 20.69
N SER J 143 12.34 17.68 21.37
CA SER J 143 11.20 17.42 22.20
C SER J 143 11.78 16.65 23.40
N ILE J 144 10.92 16.36 24.37
CA ILE J 144 11.38 15.64 25.54
C ILE J 144 11.92 14.26 25.22
N SER J 145 11.26 13.56 24.30
CA SER J 145 11.62 12.20 23.90
C SER J 145 12.79 12.06 22.94
N GLY J 146 13.29 13.18 22.43
CA GLY J 146 14.44 13.14 21.54
C GLY J 146 14.70 14.45 20.81
N SER J 147 15.61 14.38 19.85
CA SER J 147 15.94 15.54 19.04
C SER J 147 16.63 15.02 17.79
N HIS J 148 16.72 15.88 16.78
CA HIS J 148 17.35 15.47 15.53
C HIS J 148 17.57 16.59 14.55
N VAL J 149 18.33 16.26 13.52
CA VAL J 149 18.63 17.16 12.43
C VAL J 149 18.92 16.29 11.19
N ALA J 150 18.42 16.74 10.06
CA ALA J 150 18.61 16.00 8.82
C ALA J 150 18.83 16.97 7.67
N ILE J 151 19.97 16.79 7.04
CA ILE J 151 20.33 17.64 5.93
C ILE J 151 20.27 16.82 4.66
N ASP J 152 19.91 17.52 3.60
CA ASP J 152 19.89 16.88 2.33
C ASP J 152 19.98 17.84 1.17
N ASP J 153 20.86 17.48 0.27
CA ASP J 153 21.05 18.21 -0.96
C ASP J 153 21.36 17.21 -2.03
N ILE J 154 21.09 17.64 -3.25
CA ILE J 154 21.33 16.88 -4.44
C ILE J 154 22.87 16.64 -4.54
N GLU J 155 23.64 17.58 -3.99
CA GLU J 155 25.09 17.46 -4.05
C GLU J 155 25.67 16.58 -2.96
N GLY J 156 24.90 16.31 -1.93
CA GLY J 156 25.38 15.50 -0.83
C GLY J 156 26.02 14.18 -1.23
N ALA J 157 27.27 14.02 -0.86
CA ALA J 157 27.99 12.80 -1.19
C ALA J 157 27.25 11.54 -0.77
N TRP J 158 26.48 11.62 0.30
CA TRP J 158 25.74 10.45 0.79
C TRP J 158 24.72 9.92 -0.21
N ASN J 159 24.28 10.79 -1.12
CA ASN J 159 23.31 10.45 -2.16
C ASN J 159 23.85 9.64 -3.35
N SER J 160 25.11 9.27 -3.31
CA SER J 160 25.71 8.49 -4.40
C SER J 160 24.95 7.16 -4.54
N SER J 161 24.36 6.74 -3.43
CA SER J 161 23.62 5.49 -3.29
C SER J 161 22.11 5.58 -3.42
N THR J 162 21.60 6.77 -3.17
CA THR J 162 20.19 7.11 -3.19
C THR J 162 19.43 6.91 -4.49
N LYS J 163 18.21 6.34 -4.40
CA LYS J 163 17.38 6.10 -5.60
C LYS J 163 16.57 7.34 -5.92
N TYR J 164 16.51 7.72 -7.19
CA TYR J 164 15.77 8.92 -7.55
C TYR J 164 14.66 8.63 -8.50
N GLU J 165 13.66 9.51 -8.49
CA GLU J 165 12.48 9.40 -9.31
C GLU J 165 12.83 9.09 -10.76
N GLY J 166 13.60 9.98 -11.38
CA GLY J 166 13.99 9.74 -12.76
C GLY J 166 15.41 9.21 -12.92
N GLY J 167 15.90 8.46 -11.92
CA GLY J 167 17.24 7.93 -11.98
C GLY J 167 18.26 8.85 -11.32
N ASN J 168 19.28 8.25 -10.71
CA ASN J 168 20.38 8.97 -10.05
C ASN J 168 21.45 9.30 -11.07
N LYS J 169 21.71 10.60 -11.30
CA LYS J 169 22.67 11.04 -12.34
C LYS J 169 24.16 11.14 -11.84
N GLY J 170 24.33 10.77 -10.58
CA GLY J 170 25.58 10.58 -9.81
C GLY J 170 26.75 11.56 -9.88
N HIS J 171 26.70 12.81 -10.40
CA HIS J 171 27.92 13.66 -10.36
C HIS J 171 27.94 14.61 -9.13
N ARG J 172 28.44 14.07 -8.04
CA ARG J 172 28.44 14.79 -6.78
C ARG J 172 29.83 15.02 -6.24
N PRO J 173 30.00 16.12 -5.49
CA PRO J 173 31.24 16.55 -4.86
C PRO J 173 31.46 15.61 -3.69
N GLY J 174 32.68 15.07 -3.55
N GLY J 174 32.74 16.76 -4.52
CA GLY J 174 32.94 14.18 -2.42
CA GLY J 174 32.60 16.05 -3.26
C GLY J 174 33.19 15.01 -1.17
C GLY J 174 33.39 16.75 -2.14
N VAL J 175 33.46 14.37 -0.03
N VAL J 175 33.65 16.05 -1.04
CA VAL J 175 33.74 15.15 1.19
CA VAL J 175 34.38 16.64 0.08
C VAL J 175 34.97 16.04 0.91
C VAL J 175 35.55 17.50 -0.43
N LYS J 176 34.80 17.35 1.08
N LYS J 176 35.53 18.80 -0.11
CA LYS J 176 35.84 18.34 0.79
CA LYS J 176 36.60 19.69 -0.53
C LYS J 176 36.07 18.32 -0.73
C LYS J 176 36.46 20.02 -2.03
N GLY J 177 35.23 17.62 -1.42
N GLY J 177 35.24 19.69 -2.46
CA GLY J 177 35.39 17.52 -2.85
CA GLY J 177 34.69 19.87 -3.79
C GLY J 177 35.05 18.77 -3.65
C GLY J 177 35.79 20.06 -4.82
N GLY J 178 34.12 19.57 -3.03
N GLY J 178 37.04 19.80 -4.41
CA GLY J 178 33.48 20.78 -3.58
CA GLY J 178 38.11 20.04 -5.37
C GLY J 178 34.35 21.99 -3.89
C GLY J 178 37.53 21.08 -6.27
N TYR J 179 35.41 21.75 -4.58
N TYR J 179 37.73 22.32 -5.94
CA TYR J 179 36.15 22.93 -4.91
CA TYR J 179 36.95 23.27 -6.68
C TYR J 179 36.53 22.87 -6.34
C TYR J 179 37.43 23.76 -7.98
N PHE J 180 35.84 23.77 -6.98
N PHE J 180 36.41 24.24 -8.68
CA PHE J 180 36.00 24.09 -8.37
CA PHE J 180 36.46 24.86 -9.99
C PHE J 180 35.70 22.97 -9.35
C PHE J 180 36.79 23.85 -11.09
N PRO J 181 35.22 21.75 -9.01
CA PRO J 181 34.83 20.91 -10.19
C PRO J 181 33.90 21.66 -11.16
N VAL J 182 34.04 21.35 -12.43
CA VAL J 182 33.19 21.94 -13.44
C VAL J 182 31.87 21.27 -13.34
N PRO J 183 30.81 21.94 -13.66
CA PRO J 183 29.52 21.24 -13.74
C PRO J 183 29.71 20.04 -14.65
N PRO J 184 28.86 19.03 -14.49
CA PRO J 184 27.76 18.94 -13.53
C PRO J 184 28.09 18.63 -12.11
N VAL J 185 29.36 18.49 -11.85
CA VAL J 185 29.62 18.17 -10.44
C VAL J 185 29.10 19.31 -9.54
N ASP J 186 29.32 20.55 -10.02
CA ASP J 186 28.92 21.79 -9.39
C ASP J 186 27.53 22.16 -9.94
N SER J 187 26.50 21.77 -9.21
CA SER J 187 25.14 22.03 -9.64
C SER J 187 24.74 23.48 -9.54
N ALA J 188 25.68 24.41 -9.29
CA ALA J 188 25.15 25.75 -8.98
C ALA J 188 25.68 26.97 -9.75
N GLN J 189 26.12 26.84 -10.99
CA GLN J 189 26.59 28.04 -11.69
C GLN J 189 25.50 29.05 -11.82
N ASP J 190 24.44 28.63 -12.49
CA ASP J 190 23.31 29.48 -12.77
C ASP J 190 22.73 30.17 -11.54
N ILE J 191 22.73 29.47 -10.42
CA ILE J 191 22.22 29.97 -9.15
C ILE J 191 23.11 31.11 -8.66
N ARG J 192 24.38 30.81 -8.46
CA ARG J 192 25.33 31.83 -8.00
C ARG J 192 25.30 33.03 -8.93
N SER J 193 25.36 32.79 -10.23
CA SER J 193 25.32 33.90 -11.17
C SER J 193 24.11 34.80 -10.95
N GLU J 194 22.97 34.24 -10.56
CA GLU J 194 21.76 35.05 -10.30
C GLU J 194 22.03 35.91 -9.08
N MET J 195 22.42 35.25 -7.99
CA MET J 195 22.73 35.95 -6.75
C MET J 195 23.65 37.12 -7.08
N CYS J 196 24.61 36.88 -7.97
CA CYS J 196 25.51 37.95 -8.36
C CYS J 196 24.77 39.07 -9.05
N LEU J 197 24.13 38.78 -10.17
CA LEU J 197 23.39 39.79 -10.90
C LEU J 197 22.53 40.63 -9.98
N VAL J 198 21.76 39.93 -9.15
CA VAL J 198 20.85 40.57 -8.20
C VAL J 198 21.59 41.45 -7.21
N MET J 199 22.58 40.88 -6.53
CA MET J 199 23.38 41.63 -5.57
C MET J 199 23.86 42.96 -6.19
N GLU J 200 24.33 42.90 -7.42
CA GLU J 200 24.79 44.10 -8.11
C GLU J 200 23.66 45.08 -8.34
N GLN J 201 22.51 44.57 -8.78
CA GLN J 201 21.33 45.42 -8.98
C GLN J 201 20.93 46.10 -7.68
N MET J 202 21.29 45.48 -6.57
CA MET J 202 21.00 46.02 -5.27
C MET J 202 22.16 46.82 -4.70
N GLY J 203 23.03 47.30 -5.57
CA GLY J 203 24.15 48.10 -5.13
C GLY J 203 25.50 47.46 -4.80
N LEU J 204 25.53 46.16 -4.50
CA LEU J 204 26.81 45.52 -4.21
C LEU J 204 27.67 45.38 -5.46
N VAL J 205 28.97 45.15 -5.25
CA VAL J 205 29.89 44.96 -6.37
C VAL J 205 30.54 43.60 -6.22
N VAL J 206 30.24 42.75 -7.20
CA VAL J 206 30.72 41.39 -7.18
C VAL J 206 32.06 41.21 -7.85
N GLU J 207 33.00 40.67 -7.11
CA GLU J 207 34.33 40.41 -7.63
C GLU J 207 34.42 39.03 -8.22
N ALA J 208 33.60 38.13 -7.68
CA ALA J 208 33.58 36.75 -8.15
C ALA J 208 32.70 35.83 -7.33
N HIS J 209 32.53 34.62 -7.90
CA HIS J 209 31.79 33.50 -7.30
C HIS J 209 32.36 32.13 -7.67
N HIS J 210 32.13 31.17 -6.79
N HIS J 210 31.52 32.35 -6.03
CA HIS J 210 32.65 29.84 -6.99
CA HIS J 210 32.54 31.29 -6.11
C HIS J 210 32.03 28.85 -6.01
C HIS J 210 32.25 30.14 -5.13
N HIS J 211 32.11 27.56 -6.34
N HIS J 211 32.45 28.90 -5.58
CA HIS J 211 31.61 26.57 -5.40
CA HIS J 211 32.16 27.65 -4.85
C HIS J 211 32.64 26.61 -4.27
C HIS J 211 33.33 27.17 -3.97
N GLU J 212 32.42 25.85 -3.20
N GLU J 212 33.14 26.12 -3.13
CA GLU J 212 33.35 25.90 -2.09
CA GLU J 212 34.22 25.74 -2.27
C GLU J 212 33.58 24.48 -1.56
C GLU J 212 33.60 25.08 -1.05
N VAL J 213 34.73 24.22 -0.95
CA VAL J 213 35.20 22.91 -0.44
C VAL J 213 34.19 21.81 -0.08
N ALA J 214 33.29 22.06 0.87
CA ALA J 214 32.34 21.03 1.34
C ALA J 214 31.30 20.52 0.34
N THR J 215 30.99 19.23 0.48
CA THR J 215 29.95 18.60 -0.35
C THR J 215 28.63 19.22 0.09
N ALA J 216 27.54 18.84 -0.59
CA ALA J 216 26.23 19.36 -0.24
C ALA J 216 26.06 20.86 -0.39
N GLY J 217 26.51 21.40 -1.51
CA GLY J 217 26.28 22.79 -1.87
C GLY J 217 26.95 23.95 -1.11
N GLN J 218 28.17 23.80 -0.62
CA GLN J 218 28.80 24.97 -0.01
C GLN J 218 29.22 25.90 -1.15
N ASN J 219 28.90 27.19 -1.03
CA ASN J 219 29.22 28.17 -2.06
C ASN J 219 29.61 29.51 -1.45
N GLU J 220 30.24 30.37 -2.24
CA GLU J 220 30.69 31.67 -1.79
C GLU J 220 30.61 32.64 -2.95
N VAL J 221 30.26 33.88 -2.63
CA VAL J 221 30.21 35.00 -3.58
C VAL J 221 31.04 36.11 -2.96
N ALA J 222 32.11 36.46 -3.65
CA ALA J 222 33.04 37.49 -3.20
C ALA J 222 32.58 38.85 -3.66
N THR J 223 32.48 39.75 -2.70
CA THR J 223 32.05 41.09 -2.99
C THR J 223 33.12 42.08 -2.57
N ARG J 224 33.17 43.18 -3.31
CA ARG J 224 34.13 44.24 -3.05
C ARG J 224 33.86 44.94 -1.73
N PHE J 225 34.96 45.25 -1.04
CA PHE J 225 34.99 45.93 0.26
C PHE J 225 34.30 47.28 0.19
N ASN J 226 34.19 47.90 1.36
CA ASN J 226 33.59 49.22 1.50
C ASN J 226 33.78 49.76 2.93
N THR J 227 33.40 51.03 3.13
CA THR J 227 33.52 51.66 4.43
C THR J 227 32.80 50.74 5.43
N MET J 228 33.44 50.46 6.57
CA MET J 228 32.87 49.56 7.57
C MET J 228 31.36 49.52 7.68
N THR J 229 30.71 50.65 7.91
CA THR J 229 29.26 50.61 8.07
C THR J 229 28.49 50.23 6.81
N LYS J 230 28.84 50.83 5.67
CA LYS J 230 28.17 50.49 4.43
C LYS J 230 28.35 48.99 4.13
N LYS J 231 29.49 48.43 4.51
CA LYS J 231 29.74 47.02 4.27
C LYS J 231 28.82 46.11 5.07
N ALA J 232 28.66 46.38 6.36
CA ALA J 232 27.75 45.57 7.19
C ALA J 232 26.32 45.64 6.62
N ASP J 233 26.01 46.76 5.95
CA ASP J 233 24.71 46.95 5.30
C ASP J 233 24.66 45.91 4.18
N GLU J 234 25.66 45.99 3.31
CA GLU J 234 25.82 45.11 2.17
C GLU J 234 25.75 43.64 2.57
N ILE J 235 26.25 43.33 3.77
CA ILE J 235 26.20 41.95 4.27
C ILE J 235 24.75 41.51 4.40
N GLN J 236 23.97 42.36 5.05
CA GLN J 236 22.56 42.04 5.23
C GLN J 236 21.90 41.86 3.85
N ILE J 237 22.23 42.73 2.90
CA ILE J 237 21.65 42.62 1.56
C ILE J 237 22.07 41.30 0.93
N TYR J 238 23.36 41.01 1.08
CA TYR J 238 23.98 39.77 0.62
C TYR J 238 23.15 38.57 1.06
N LYS J 239 23.03 38.44 2.37
CA LYS J 239 22.28 37.33 2.97
C LYS J 239 20.87 37.27 2.46
N TYR J 240 20.26 38.43 2.28
CA TYR J 240 18.91 38.49 1.81
C TYR J 240 18.88 37.90 0.41
N VAL J 241 19.64 38.50 -0.50
CA VAL J 241 19.72 38.03 -1.88
C VAL J 241 19.99 36.54 -1.91
N VAL J 242 20.96 36.09 -1.12
CA VAL J 242 21.31 34.66 -1.07
C VAL J 242 20.10 33.85 -0.62
N HIS J 243 19.63 34.11 0.59
CA HIS J 243 18.49 33.39 1.15
C HIS J 243 17.30 33.27 0.21
N ASN J 244 16.97 34.38 -0.44
CA ASN J 244 15.83 34.48 -1.34
C ASN J 244 16.00 33.93 -2.73
N VAL J 245 17.15 34.19 -3.36
CA VAL J 245 17.38 33.62 -4.68
C VAL J 245 17.34 32.10 -4.49
N ALA J 246 17.98 31.62 -3.41
CA ALA J 246 18.01 30.20 -3.09
C ALA J 246 16.58 29.68 -3.00
N HIS J 247 15.78 30.39 -2.22
CA HIS J 247 14.40 30.02 -2.02
C HIS J 247 13.67 29.90 -3.33
N ARG J 248 13.79 30.92 -4.15
CA ARG J 248 13.17 30.97 -5.48
C ARG J 248 13.67 29.85 -6.40
N PHE J 249 14.81 29.23 -6.10
CA PHE J 249 15.28 28.13 -6.95
C PHE J 249 14.93 26.84 -6.28
N GLY J 250 14.02 26.91 -5.32
CA GLY J 250 13.63 25.72 -4.62
C GLY J 250 14.74 25.19 -3.74
N LYS J 251 15.68 26.06 -3.40
CA LYS J 251 16.71 25.65 -2.49
C LYS J 251 16.51 26.39 -1.17
N THR J 252 17.31 26.04 -0.18
CA THR J 252 17.21 26.66 1.13
C THR J 252 18.64 26.97 1.56
N ALA J 253 18.96 28.24 1.80
CA ALA J 253 20.33 28.60 2.20
C ALA J 253 20.52 28.81 3.69
N THR J 254 21.71 28.48 4.19
CA THR J 254 22.02 28.73 5.59
C THR J 254 23.41 29.30 5.81
N PHE J 255 23.47 30.33 6.63
CA PHE J 255 24.75 30.88 6.93
C PHE J 255 25.29 30.35 8.24
N MET J 256 24.69 29.28 8.77
CA MET J 256 25.21 28.75 10.01
C MET J 256 26.60 28.22 9.74
N PRO J 257 27.54 28.48 10.66
CA PRO J 257 28.95 28.10 10.61
C PRO J 257 29.36 26.64 10.42
N LYS J 258 28.69 25.72 11.13
CA LYS J 258 29.07 24.32 11.02
C LYS J 258 27.84 23.38 10.95
N PRO J 259 27.17 23.35 9.79
CA PRO J 259 25.97 22.52 9.58
C PRO J 259 26.33 21.06 9.65
N MET J 260 27.27 20.66 8.80
CA MET J 260 27.74 19.31 8.83
C MET J 260 29.08 19.26 9.51
N PHE J 261 29.38 18.07 10.00
N PHE J 261 29.27 18.19 10.21
CA PHE J 261 30.63 17.69 10.69
CA PHE J 261 30.51 17.96 10.94
C PHE J 261 31.46 16.79 9.79
C PHE J 261 31.54 17.80 9.86
N GLY J 262 32.76 17.05 9.70
N GLY J 262 31.14 17.05 8.85
CA GLY J 262 33.58 16.18 8.87
CA GLY J 262 31.95 16.76 7.70
C GLY J 262 33.90 16.79 7.54
C GLY J 262 33.34 17.36 7.60
N ASP J 263 33.33 17.95 7.28
N ASP J 263 33.43 18.56 7.00
CA ASP J 263 33.58 18.70 6.09
CA ASP J 263 34.74 19.18 6.77
C ASP J 263 33.65 20.13 6.53
C ASP J 263 34.83 20.71 6.57
N ASN J 264 34.05 20.96 5.63
N ASN J 264 36.02 21.18 6.09
CA ASN J 264 34.24 22.34 5.92
CA ASN J 264 36.34 22.49 5.73
C ASN J 264 33.07 23.04 6.53
C ASN J 264 35.00 23.27 5.82
N GLY J 265 33.43 23.93 7.41
N GLY J 265 34.76 23.99 6.93
CA GLY J 265 32.51 24.80 8.02
CA GLY J 265 33.44 24.63 7.13
C GLY J 265 32.56 26.05 7.16
C GLY J 265 33.16 25.98 6.46
N SER J 266 31.53 26.88 7.25
N SER J 266 32.07 26.65 6.90
CA SER J 266 31.48 28.10 6.50
CA SER J 266 31.65 27.99 6.38
C SER J 266 31.92 29.22 7.41
C SER J 266 32.04 29.09 7.38
N GLY J 267 32.72 30.09 6.87
CA GLY J 267 33.26 31.19 7.65
C GLY J 267 33.25 32.53 6.92
N MET J 268 33.40 33.60 7.69
CA MET J 268 33.43 34.94 7.12
C MET J 268 34.74 35.67 7.46
N HIS J 269 35.78 35.44 6.67
CA HIS J 269 37.07 36.08 6.85
C HIS J 269 36.91 37.58 6.68
N CYS J 270 37.68 38.34 7.46
CA CYS J 270 37.60 39.79 7.41
C CYS J 270 38.85 40.53 7.06
N HIS J 271 38.84 41.07 5.85
CA HIS J 271 39.92 41.86 5.33
C HIS J 271 39.70 43.26 5.81
N MET J 272 40.77 43.87 6.31
CA MET J 272 40.71 45.22 6.82
C MET J 272 41.96 45.98 6.51
N SER J 273 41.82 47.29 6.59
CA SER J 273 42.90 48.26 6.37
C SER J 273 42.33 49.63 6.68
N LEU J 274 43.20 50.54 7.12
CA LEU J 274 42.76 51.88 7.43
C LEU J 274 43.31 52.86 6.43
N ALA J 275 42.58 53.96 6.24
CA ALA J 275 43.00 54.98 5.30
C ALA J 275 42.88 56.39 5.85
N LYS J 276 43.59 57.31 5.21
CA LYS J 276 43.60 58.72 5.59
C LYS J 276 43.99 59.48 4.34
N ASN J 277 43.05 60.29 3.83
CA ASN J 277 43.27 61.10 2.63
C ASN J 277 43.81 60.26 1.49
N GLY J 278 43.00 59.29 1.06
CA GLY J 278 43.39 58.42 -0.03
C GLY J 278 44.68 57.61 0.10
N THR J 279 45.33 57.63 1.27
CA THR J 279 46.55 56.87 1.47
C THR J 279 46.31 55.65 2.36
N ASN J 280 46.91 54.53 2.00
CA ASN J 280 46.71 53.32 2.78
C ASN J 280 47.68 53.20 3.95
N LEU J 281 47.20 53.57 5.12
CA LEU J 281 47.98 53.53 6.35
C LEU J 281 48.52 52.16 6.73
N PHE J 282 48.09 51.11 6.03
CA PHE J 282 48.56 49.77 6.37
C PHE J 282 49.78 49.29 5.60
N SER J 283 50.29 50.12 4.69
CA SER J 283 51.49 49.74 3.94
C SER J 283 52.71 50.39 4.58
N GLY J 284 53.83 49.67 4.55
CA GLY J 284 55.05 50.19 5.13
C GLY J 284 56.23 49.37 4.68
N ASP J 285 57.27 49.30 5.51
CA ASP J 285 58.48 48.54 5.20
C ASP J 285 58.79 47.39 6.16
N LYS J 286 57.86 47.10 7.07
CA LYS J 286 58.01 45.99 7.99
C LYS J 286 57.49 44.72 7.31
N TYR J 287 57.26 43.69 8.11
CA TYR J 287 56.79 42.40 7.55
C TYR J 287 55.78 42.45 6.41
N ALA J 288 56.09 41.77 5.33
CA ALA J 288 55.21 41.69 4.17
C ALA J 288 54.71 42.99 3.53
N GLY J 289 55.41 44.09 3.75
CA GLY J 289 55.01 45.35 3.15
C GLY J 289 54.05 46.15 4.02
N LEU J 290 53.90 45.69 5.26
CA LEU J 290 53.03 46.31 6.26
C LEU J 290 53.62 47.54 6.94
N SER J 291 52.73 48.41 7.42
CA SER J 291 53.16 49.59 8.15
C SER J 291 53.23 49.22 9.63
N GLU J 292 53.78 50.12 10.42
CA GLU J 292 53.89 49.93 11.85
C GLU J 292 52.46 49.83 12.34
N GLN J 293 51.65 50.78 11.89
CA GLN J 293 50.23 50.91 12.22
C GLN J 293 49.48 49.56 12.23
N ALA J 294 49.55 48.86 11.10
CA ALA J 294 48.90 47.57 10.92
C ALA J 294 49.26 46.59 12.03
N LEU J 295 50.54 46.49 12.36
CA LEU J 295 50.95 45.56 13.38
C LEU J 295 50.40 45.87 14.76
N TYR J 296 50.15 47.13 15.04
CA TYR J 296 49.54 47.49 16.31
C TYR J 296 48.08 47.05 16.28
N TYR J 297 47.45 47.21 15.10
CA TYR J 297 46.06 46.80 14.90
C TYR J 297 46.02 45.31 15.22
N ILE J 298 46.91 44.56 14.55
CA ILE J 298 47.01 43.12 14.75
C ILE J 298 47.19 42.75 16.21
N GLY J 299 48.04 43.51 16.88
CA GLY J 299 48.29 43.26 18.29
C GLY J 299 47.01 43.42 19.09
N GLY J 300 46.24 44.46 18.75
CA GLY J 300 44.99 44.72 19.45
C GLY J 300 44.02 43.59 19.23
N VAL J 301 43.82 43.25 17.95
CA VAL J 301 42.91 42.18 17.58
C VAL J 301 43.28 40.91 18.34
N ILE J 302 44.56 40.59 18.35
CA ILE J 302 45.02 39.41 19.06
C ILE J 302 44.79 39.53 20.57
N LYS J 303 44.93 40.74 21.10
CA LYS J 303 44.74 40.92 22.53
C LYS J 303 43.31 40.69 22.95
N HIS J 304 42.40 41.29 22.19
CA HIS J 304 40.97 41.22 22.48
C HIS J 304 40.20 40.09 21.79
N ALA J 305 40.93 39.21 21.13
CA ALA J 305 40.32 38.09 20.41
C ALA J 305 39.11 37.44 21.07
N LYS J 306 39.31 36.82 22.23
CA LYS J 306 38.19 36.15 22.90
C LYS J 306 36.95 37.04 23.07
N ALA J 307 37.16 38.32 23.30
CA ALA J 307 36.03 39.22 23.46
C ALA J 307 35.43 39.41 22.10
N ILE J 308 36.28 39.66 21.10
CA ILE J 308 35.78 39.84 19.73
C ILE J 308 35.00 38.60 19.30
N ASN J 309 35.45 37.43 19.75
CA ASN J 309 34.77 36.17 19.44
C ASN J 309 33.28 36.28 19.71
N ALA J 310 32.92 36.72 20.91
CA ALA J 310 31.52 36.89 21.27
C ALA J 310 30.70 37.65 20.20
N LEU J 311 31.34 38.51 19.42
CA LEU J 311 30.61 39.22 18.37
C LEU J 311 30.71 38.57 17.00
N ALA J 312 31.90 38.08 16.69
CA ALA J 312 32.18 37.45 15.40
C ALA J 312 32.01 35.93 15.38
N ASN J 313 31.55 35.36 16.50
CA ASN J 313 31.34 33.91 16.64
C ASN J 313 30.32 33.78 17.76
N PRO J 314 29.10 34.34 17.57
CA PRO J 314 27.98 34.38 18.52
C PRO J 314 27.19 33.12 18.77
N THR J 315 27.63 32.03 18.15
CA THR J 315 26.91 30.78 18.27
C THR J 315 27.71 29.64 18.82
N THR J 316 27.02 28.77 19.55
CA THR J 316 27.68 27.58 20.09
C THR J 316 28.24 26.79 18.90
N ASN J 317 27.49 26.80 17.80
CA ASN J 317 27.85 26.13 16.55
C ASN J 317 29.15 26.70 16.03
N SER J 318 29.35 28.01 16.23
CA SER J 318 30.53 28.72 15.77
C SER J 318 31.80 28.02 16.20
N TYR J 319 31.73 27.46 17.41
CA TYR J 319 32.83 26.73 18.02
C TYR J 319 33.01 25.32 17.54
N LYS J 320 32.05 24.84 16.78
CA LYS J 320 32.14 23.49 16.20
C LYS J 320 32.99 23.57 14.92
N ARG J 321 33.11 24.80 14.40
CA ARG J 321 33.89 25.10 13.21
C ARG J 321 35.35 25.33 13.52
N LEU J 322 35.58 26.10 14.58
CA LEU J 322 36.91 26.46 15.06
C LEU J 322 37.66 25.24 15.63
N VAL J 323 38.12 24.41 14.69
CA VAL J 323 38.88 23.20 14.96
C VAL J 323 39.90 22.96 13.81
N PRO J 324 40.98 22.22 14.12
CA PRO J 324 42.01 21.92 13.11
C PRO J 324 41.52 21.06 11.96
N GLY J 325 42.15 21.26 10.81
CA GLY J 325 41.84 20.43 9.64
C GLY J 325 40.82 20.87 8.63
N TYR J 326 40.09 21.96 8.95
CA TYR J 326 39.01 22.37 8.05
C TYR J 326 39.18 23.82 7.63
N GLU J 327 40.40 24.26 7.42
CA GLU J 327 40.72 25.63 6.99
C GLU J 327 40.20 26.71 7.95
N ALA J 328 39.96 26.31 9.20
CA ALA J 328 39.48 27.20 10.26
C ALA J 328 40.63 27.35 11.24
N PRO J 329 41.24 28.54 11.27
CA PRO J 329 42.36 28.80 12.16
C PRO J 329 41.93 29.17 13.54
N VAL J 330 42.62 28.59 14.52
CA VAL J 330 42.37 28.83 15.95
C VAL J 330 43.53 29.61 16.59
N MET J 331 44.69 29.49 15.96
CA MET J 331 45.92 30.14 16.42
C MET J 331 45.88 31.63 16.20
N LEU J 332 46.01 32.36 17.30
CA LEU J 332 46.02 33.81 17.30
C LEU J 332 47.41 34.34 16.92
N ALA J 333 47.74 34.21 15.64
CA ALA J 333 49.02 34.65 15.13
C ALA J 333 48.85 35.24 13.76
N TYR J 334 49.90 35.84 13.25
CA TYR J 334 49.82 36.41 11.92
C TYR J 334 50.96 35.88 11.07
N SER J 335 50.73 35.86 9.76
CA SER J 335 51.71 35.39 8.79
C SER J 335 51.17 35.60 7.38
N ALA J 336 52.09 35.68 6.43
CA ALA J 336 51.72 35.82 5.04
C ALA J 336 51.77 34.42 4.42
N ARG J 337 52.57 33.53 5.05
CA ARG J 337 52.81 32.16 4.63
C ARG J 337 51.86 31.14 5.23
N ASN J 338 52.21 30.78 6.46
CA ASN J 338 51.53 29.80 7.26
C ASN J 338 50.03 30.08 7.40
N ARG J 339 49.22 29.11 6.98
CA ARG J 339 47.78 29.28 7.04
C ARG J 339 47.13 28.56 8.23
N SER J 340 47.92 28.39 9.27
CA SER J 340 47.46 27.82 10.54
C SER J 340 47.10 29.04 11.41
N ALA J 341 47.54 30.20 10.93
CA ALA J 341 47.35 31.51 11.55
C ALA J 341 46.00 32.12 11.23
N SER J 342 45.32 32.60 12.27
CA SER J 342 44.00 33.21 12.13
C SER J 342 44.07 34.56 11.44
N ILE J 343 45.22 35.23 11.53
CA ILE J 343 45.39 36.49 10.82
C ILE J 343 46.38 36.14 9.73
N ARG J 344 45.98 36.42 8.50
CA ARG J 344 46.84 36.12 7.38
C ARG J 344 47.09 37.45 6.70
N ILE J 345 48.31 37.63 6.20
CA ILE J 345 48.67 38.86 5.53
C ILE J 345 48.72 38.59 4.04
N PRO J 346 47.74 39.11 3.31
CA PRO J 346 47.76 38.87 1.87
C PRO J 346 48.95 39.59 1.26
N VAL J 347 49.67 38.84 0.46
CA VAL J 347 50.83 39.36 -0.23
C VAL J 347 50.29 39.97 -1.52
N VAL J 348 50.76 41.16 -1.85
CA VAL J 348 50.28 41.81 -3.05
C VAL J 348 51.21 42.89 -3.62
N ALA J 349 51.32 42.90 -4.95
CA ALA J 349 52.14 43.86 -5.69
C ALA J 349 52.23 45.28 -5.09
N SER J 350 51.22 46.12 -5.36
CA SER J 350 51.28 47.51 -4.88
C SER J 350 51.16 47.63 -3.36
N PRO J 351 51.25 48.86 -2.88
CA PRO J 351 50.99 49.18 -1.48
C PRO J 351 49.52 49.57 -1.33
N LYS J 352 48.92 50.01 -2.45
CA LYS J 352 47.53 50.46 -2.47
C LYS J 352 46.57 49.42 -1.93
N ALA J 353 46.95 48.15 -2.05
CA ALA J 353 46.11 47.05 -1.59
C ALA J 353 46.58 46.30 -0.35
N ARG J 354 47.54 46.84 0.38
CA ARG J 354 48.05 46.15 1.58
C ARG J 354 46.94 46.13 2.64
N ARG J 355 46.84 45.05 3.38
CA ARG J 355 45.81 44.94 4.43
C ARG J 355 46.03 43.68 5.25
N ILE J 356 45.07 43.38 6.12
CA ILE J 356 45.13 42.17 6.92
C ILE J 356 43.81 41.40 6.77
N GLU J 357 43.86 40.10 7.03
CA GLU J 357 42.67 39.25 6.94
C GLU J 357 42.55 38.48 8.23
N VAL J 358 41.50 38.77 8.98
CA VAL J 358 41.23 38.07 10.21
C VAL J 358 40.22 36.98 9.85
N ARG J 359 40.74 35.79 9.83
CA ARG J 359 39.96 34.65 9.41
C ARG J 359 38.97 34.03 10.40
N PHE J 360 39.07 34.22 11.70
CA PHE J 360 38.15 33.46 12.59
C PHE J 360 36.67 33.85 12.60
N PRO J 361 36.32 35.09 12.21
CA PRO J 361 34.88 35.42 12.17
C PRO J 361 34.04 34.44 11.32
N ASP J 362 32.77 34.15 11.72
CA ASP J 362 31.89 33.34 10.88
C ASP J 362 30.62 34.16 10.54
N PRO J 363 29.75 33.59 9.65
CA PRO J 363 28.52 34.22 9.08
C PRO J 363 27.49 34.70 10.04
N ALA J 364 27.36 33.90 11.07
CA ALA J 364 26.40 34.15 12.09
C ALA J 364 26.58 35.46 12.83
N ALA J 365 27.76 36.05 12.72
CA ALA J 365 28.10 37.29 13.40
C ALA J 365 27.23 38.47 12.97
N ASN J 366 26.90 39.34 13.93
CA ASN J 366 26.14 40.53 13.61
C ASN J 366 27.19 41.40 12.95
N PRO J 367 27.08 41.63 11.64
CA PRO J 367 28.04 42.45 10.87
C PRO J 367 28.51 43.68 11.64
N TYR J 368 27.55 44.55 11.94
CA TYR J 368 27.81 45.77 12.67
C TYR J 368 28.64 45.54 13.94
N LEU J 369 28.10 44.76 14.86
CA LEU J 369 28.81 44.49 16.10
C LEU J 369 30.18 43.88 15.86
N CYS J 370 30.22 42.84 15.04
CA CYS J 370 31.44 42.15 14.72
C CYS J 370 32.50 43.10 14.18
N PHE J 371 32.14 43.85 13.15
CA PHE J 371 33.06 44.82 12.54
C PHE J 371 33.58 45.83 13.54
N ALA J 372 32.68 46.45 14.29
CA ALA J 372 33.05 47.42 15.30
C ALA J 372 34.10 46.84 16.25
N ALA J 373 33.80 45.68 16.83
CA ALA J 373 34.71 45.01 17.77
C ALA J 373 36.09 44.85 17.15
N LEU J 374 36.12 44.48 15.88
CA LEU J 374 37.39 44.33 15.20
C LEU J 374 38.11 45.66 15.15
N LEU J 375 37.38 46.70 14.73
CA LEU J 375 37.92 48.05 14.59
C LEU J 375 38.41 48.63 15.90
N MET J 376 37.59 48.54 16.93
CA MET J 376 37.92 49.07 18.25
C MET J 376 39.11 48.38 18.90
N ALA J 377 39.27 47.09 18.64
CA ALA J 377 40.39 46.34 19.20
C ALA J 377 41.62 46.75 18.42
N GLY J 378 41.41 47.14 17.17
CA GLY J 378 42.52 47.53 16.32
C GLY J 378 43.03 48.88 16.76
N LEU J 379 42.10 49.78 17.06
CA LEU J 379 42.44 51.13 17.50
C LEU J 379 43.15 51.07 18.86
N ASP J 380 42.66 50.22 19.75
CA ASP J 380 43.26 50.08 21.07
C ASP J 380 44.67 49.53 20.99
N GLY J 381 44.93 48.74 19.95
CA GLY J 381 46.25 48.16 19.79
C GLY J 381 47.22 49.22 19.32
N ILE J 382 46.69 50.21 18.60
CA ILE J 382 47.45 51.34 18.07
C ILE J 382 47.75 52.38 19.16
N LYS J 383 46.70 52.83 19.84
CA LYS J 383 46.87 53.80 20.91
C LYS J 383 47.89 53.28 21.90
N ASN J 384 47.69 52.08 22.42
CA ASN J 384 48.60 51.45 23.37
C ASN J 384 49.83 50.72 22.76
N LYS J 385 50.19 51.00 21.50
CA LYS J 385 51.35 50.35 20.82
C LYS J 385 51.59 48.89 21.20
N ILE J 386 50.52 48.09 21.07
CA ILE J 386 50.58 46.70 21.41
C ILE J 386 51.30 45.89 20.36
N HIS J 387 52.46 45.37 20.71
CA HIS J 387 53.20 44.61 19.73
C HIS J 387 52.67 43.20 19.53
N PRO J 388 52.43 42.84 18.25
CA PRO J 388 51.93 41.55 17.79
C PRO J 388 52.98 40.42 17.84
N GLY J 389 54.18 40.75 18.29
CA GLY J 389 55.22 39.75 18.36
C GLY J 389 55.71 39.35 17.00
N GLU J 390 56.34 38.17 16.93
CA GLU J 390 56.87 37.64 15.68
C GLU J 390 55.88 36.77 14.91
N PRO J 391 55.87 36.90 13.58
CA PRO J 391 54.99 36.14 12.67
C PRO J 391 55.26 34.64 12.73
N MET J 392 54.21 33.86 12.50
CA MET J 392 54.33 32.40 12.50
C MET J 392 54.68 31.92 11.11
N ASP J 393 55.87 31.40 10.94
CA ASP J 393 56.24 30.89 9.62
C ASP J 393 56.59 29.40 9.70
N LYS J 394 56.08 28.76 10.76
CA LYS J 394 56.27 27.33 11.07
C LYS J 394 55.23 26.36 10.45
N ASN J 395 54.97 25.25 11.16
CA ASN J 395 54.04 24.18 10.66
C ASN J 395 52.55 24.33 11.09
N LEU J 396 51.72 23.76 10.23
CA LEU J 396 50.24 23.84 10.22
C LEU J 396 49.42 23.47 11.48
N TYR J 397 48.69 22.35 11.55
CA TYR J 397 47.77 22.13 12.71
C TYR J 397 48.30 21.41 13.97
N ASP J 398 48.73 20.16 13.87
CA ASP J 398 49.33 19.48 15.02
C ASP J 398 50.73 18.84 14.90
N LEU J 399 51.65 19.75 14.61
CA LEU J 399 53.09 19.50 14.53
C LEU J 399 53.65 20.20 15.76
N PRO J 400 52.94 21.30 16.15
CA PRO J 400 53.29 22.16 17.32
C PRO J 400 53.64 21.48 18.64
N PRO J 401 52.78 20.70 19.35
CA PRO J 401 53.21 20.27 20.71
C PRO J 401 54.55 19.48 20.77
N GLU J 402 55.63 20.11 20.30
CA GLU J 402 56.99 19.60 20.27
C GLU J 402 57.70 20.21 21.47
N GLU J 403 57.07 21.27 21.95
CA GLU J 403 57.41 22.11 23.05
C GLU J 403 56.06 22.58 23.58
N ALA J 404 55.09 21.71 23.28
CA ALA J 404 53.65 21.83 23.55
C ALA J 404 53.29 23.30 23.36
N LYS J 405 53.30 23.75 22.09
CA LYS J 405 53.07 25.17 21.87
C LYS J 405 51.72 25.65 22.38
N GLU J 406 51.70 26.54 23.35
CA GLU J 406 50.51 27.13 23.84
C GLU J 406 50.45 28.64 23.56
N ILE J 407 50.55 29.03 22.30
CA ILE J 407 50.45 30.45 21.98
C ILE J 407 48.96 30.82 22.06
N PRO J 408 48.63 32.12 22.18
CA PRO J 408 47.24 32.56 22.27
C PRO J 408 46.27 31.96 21.23
N GLN J 409 45.04 31.68 21.68
CA GLN J 409 44.03 31.12 20.81
C GLN J 409 42.66 31.69 21.04
N VAL J 410 41.83 31.59 20.00
CA VAL J 410 40.45 32.09 20.08
C VAL J 410 39.68 31.32 21.14
N ALA J 411 38.57 31.91 21.59
CA ALA J 411 37.74 31.30 22.63
C ALA J 411 37.38 29.84 22.32
N GLY J 412 37.47 28.98 23.34
CA GLY J 412 37.15 27.58 23.11
C GLY J 412 35.66 27.25 23.03
N SER J 413 34.86 28.05 23.71
CA SER J 413 33.42 27.86 23.73
C SER J 413 32.76 29.21 23.60
N LEU J 414 31.44 29.23 23.76
CA LEU J 414 30.73 30.49 23.67
C LEU J 414 30.73 31.16 25.04
N GLU J 415 30.51 30.37 26.09
CA GLU J 415 30.48 30.87 27.47
C GLU J 415 31.75 31.65 27.71
N GLU J 416 32.86 31.08 27.23
CA GLU J 416 34.16 31.69 27.33
C GLU J 416 34.13 33.04 26.62
N ALA J 417 33.94 33.02 25.29
CA ALA J 417 33.89 34.23 24.49
C ALA J 417 33.04 35.30 25.13
N LEU J 418 31.95 34.88 25.75
CA LEU J 418 31.05 35.81 26.37
C LEU J 418 31.69 36.41 27.60
N ASN J 419 32.00 35.54 28.55
CA ASN J 419 32.63 35.96 29.79
C ASN J 419 33.85 36.89 29.51
N ALA J 420 34.59 36.60 28.44
CA ALA J 420 35.74 37.41 28.02
C ALA J 420 35.25 38.81 27.66
N LEU J 421 34.23 38.90 26.84
CA LEU J 421 33.67 40.19 26.46
C LEU J 421 33.16 40.89 27.72
N ASP J 422 32.73 40.12 28.71
CA ASP J 422 32.24 40.69 29.96
C ASP J 422 33.37 41.53 30.56
N LEU J 423 34.47 40.84 30.88
CA LEU J 423 35.66 41.45 31.45
C LEU J 423 36.34 42.48 30.55
N ASP J 424 36.95 41.99 29.48
CA ASP J 424 37.68 42.84 28.53
C ASP J 424 36.75 43.82 27.77
N ARG J 425 35.69 44.26 28.42
CA ARG J 425 34.75 45.17 27.78
C ARG J 425 35.25 46.59 27.64
N GLU J 426 36.36 46.89 28.29
CA GLU J 426 36.84 48.24 28.26
C GLU J 426 37.11 48.89 26.92
N PHE J 427 37.82 48.19 26.03
CA PHE J 427 38.13 48.80 24.75
C PHE J 427 36.91 49.10 23.88
N LEU J 428 35.78 48.48 24.21
CA LEU J 428 34.57 48.69 23.44
C LEU J 428 33.80 49.91 23.89
N LYS J 429 33.85 50.17 25.20
CA LYS J 429 33.15 51.31 25.77
C LYS J 429 33.80 52.64 25.42
N ALA J 430 35.04 52.56 24.93
CA ALA J 430 35.78 53.74 24.50
C ALA J 430 34.93 54.55 23.53
N GLY J 431 35.11 55.87 23.57
CA GLY J 431 34.35 56.77 22.70
C GLY J 431 32.85 56.63 22.85
N GLY J 432 32.41 55.96 23.93
CA GLY J 432 30.98 55.76 24.17
C GLY J 432 30.31 54.99 23.05
N VAL J 433 31.09 54.16 22.35
CA VAL J 433 30.63 53.35 21.23
C VAL J 433 29.72 52.27 21.80
N PHE J 434 30.28 51.45 22.68
CA PHE J 434 29.50 50.41 23.32
C PHE J 434 29.22 50.87 24.72
N THR J 435 28.00 50.61 25.16
CA THR J 435 27.62 50.99 26.50
C THR J 435 27.51 49.71 27.29
N ASP J 436 27.52 49.83 28.60
CA ASP J 436 27.45 48.66 29.44
C ASP J 436 26.20 47.84 29.24
N GLU J 437 25.02 48.41 29.38
CA GLU J 437 23.83 47.58 29.18
C GLU J 437 23.67 47.10 27.74
N ALA J 438 24.23 47.83 26.77
CA ALA J 438 24.14 47.39 25.38
C ALA J 438 24.88 46.04 25.36
N ILE J 439 26.02 46.04 26.01
CA ILE J 439 26.86 44.85 26.13
C ILE J 439 26.27 43.81 27.09
N ASP J 440 25.68 44.26 28.18
CA ASP J 440 25.12 43.32 29.14
C ASP J 440 23.89 42.62 28.58
N ALA J 441 23.17 43.33 27.70
CA ALA J 441 21.96 42.81 27.07
C ALA J 441 22.34 41.71 26.10
N TYR J 442 23.34 41.99 25.26
CA TYR J 442 23.84 41.02 24.29
C TYR J 442 24.24 39.74 25.02
N ILE J 443 25.07 39.88 26.04
CA ILE J 443 25.53 38.73 26.80
C ILE J 443 24.35 37.91 27.31
N ALA J 444 23.32 38.59 27.79
CA ALA J 444 22.13 37.91 28.32
C ALA J 444 21.43 37.00 27.31
N LEU J 445 21.25 37.53 26.09
CA LEU J 445 20.59 36.85 24.98
C LEU J 445 21.29 35.59 24.60
N ARG J 446 22.57 35.76 24.35
CA ARG J 446 23.42 34.67 23.96
C ARG J 446 23.52 33.65 25.10
N ARG J 447 23.45 34.13 26.33
CA ARG J 447 23.55 33.24 27.47
C ARG J 447 22.39 32.26 27.49
N GLU J 448 21.20 32.73 27.08
CA GLU J 448 20.05 31.85 27.09
C GLU J 448 20.09 30.89 25.93
N GLU J 449 20.68 31.30 24.81
CA GLU J 449 20.84 30.41 23.66
C GLU J 449 21.83 29.31 24.04
N ASP J 450 22.97 29.72 24.60
CA ASP J 450 23.97 28.75 25.05
C ASP J 450 23.33 27.77 26.05
N ASP J 451 22.41 28.25 26.89
CA ASP J 451 21.75 27.38 27.88
C ASP J 451 21.07 26.21 27.20
N ARG J 452 20.34 26.52 26.14
CA ARG J 452 19.59 25.52 25.43
C ARG J 452 20.46 24.41 24.93
N VAL J 453 21.52 24.76 24.23
CA VAL J 453 22.41 23.74 23.73
C VAL J 453 23.09 23.01 24.87
N ARG J 454 23.48 23.76 25.90
CA ARG J 454 24.18 23.15 27.01
C ARG J 454 23.32 22.23 27.83
N MET J 455 22.03 22.49 27.82
CA MET J 455 21.11 21.71 28.63
C MET J 455 20.37 20.58 27.94
N THR J 456 20.24 20.64 26.62
CA THR J 456 19.53 19.61 25.83
C THR J 456 20.47 18.44 25.49
N PRO J 457 20.08 17.20 25.83
CA PRO J 457 20.94 16.04 25.53
C PRO J 457 21.32 15.99 24.05
N HIS J 458 22.55 15.62 23.78
CA HIS J 458 23.03 15.54 22.40
C HIS J 458 22.96 14.09 21.95
N PRO J 459 22.52 13.87 20.71
CA PRO J 459 22.40 12.53 20.13
C PRO J 459 23.62 11.66 20.44
N VAL J 460 24.81 12.24 20.19
CA VAL J 460 26.08 11.55 20.40
C VAL J 460 26.27 11.04 21.83
N GLU J 461 25.62 11.71 22.78
CA GLU J 461 25.72 11.26 24.15
C GLU J 461 25.14 9.87 24.30
N PHE J 462 24.16 9.55 23.45
CA PHE J 462 23.57 8.22 23.57
C PHE J 462 24.49 7.17 22.99
N GLU J 463 25.09 7.59 21.89
CA GLU J 463 26.05 6.76 21.21
C GLU J 463 27.15 6.43 22.19
N LEU J 464 27.65 7.45 22.85
CA LEU J 464 28.71 7.34 23.84
C LEU J 464 28.29 6.83 25.20
N TYR J 465 27.08 7.16 25.66
CA TYR J 465 26.83 6.81 27.07
C TYR J 465 25.61 5.91 27.41
N TYR J 466 24.73 5.66 26.46
CA TYR J 466 23.54 4.88 26.80
C TYR J 466 23.82 3.55 27.49
N SER J 467 24.82 2.85 26.99
CA SER J 467 25.11 1.53 27.54
C SER J 467 26.04 1.58 28.72
N VAL J 468 26.11 2.74 29.34
CA VAL J 468 26.97 2.93 30.50
C VAL J 468 26.59 2.05 31.71
N SER K 1 -25.30 58.94 -2.27
CA SER K 1 -25.02 58.94 -3.73
C SER K 1 -26.10 58.21 -4.57
N ALA K 2 -27.37 58.60 -4.44
CA ALA K 2 -28.39 57.91 -5.26
C ALA K 2 -27.98 58.06 -6.72
N GLU K 3 -27.75 59.34 -7.08
CA GLU K 3 -27.28 59.69 -8.41
C GLU K 3 -25.94 58.99 -8.74
N HIS K 4 -24.90 59.23 -7.93
CA HIS K 4 -23.58 58.65 -8.12
C HIS K 4 -23.64 57.15 -8.46
N VAL K 5 -24.38 56.39 -7.63
CA VAL K 5 -24.56 54.96 -7.87
C VAL K 5 -25.05 54.64 -9.27
N LEU K 6 -26.10 55.33 -9.73
CA LEU K 6 -26.61 55.04 -11.06
C LEU K 6 -25.56 55.17 -12.12
N THR K 7 -24.74 56.21 -12.05
CA THR K 7 -23.67 56.43 -13.02
C THR K 7 -22.64 55.29 -12.91
N MET K 8 -22.36 54.92 -11.67
CA MET K 8 -21.41 53.85 -11.35
C MET K 8 -21.82 52.45 -11.90
N LEU K 9 -23.12 52.28 -12.16
CA LEU K 9 -23.58 51.00 -12.70
C LEU K 9 -23.15 50.94 -14.18
N ASN K 10 -23.37 52.05 -14.90
CA ASN K 10 -23.02 52.13 -16.33
C ASN K 10 -21.51 52.19 -16.55
N GLU K 11 -20.85 52.75 -15.55
CA GLU K 11 -19.41 52.93 -15.60
C GLU K 11 -18.63 51.63 -15.49
N HIS K 12 -19.22 50.66 -14.78
CA HIS K 12 -18.54 49.37 -14.61
C HIS K 12 -19.33 48.22 -15.24
N GLU K 13 -20.35 48.55 -16.05
CA GLU K 13 -21.21 47.53 -16.67
C GLU K 13 -21.53 46.51 -15.59
N VAL K 14 -22.00 47.05 -14.46
CA VAL K 14 -22.34 46.24 -13.32
C VAL K 14 -23.51 45.33 -13.65
N LYS K 15 -23.37 44.07 -13.27
CA LYS K 15 -24.40 43.10 -13.52
C LYS K 15 -25.24 42.87 -12.26
N PHE K 16 -24.59 42.91 -11.10
CA PHE K 16 -25.31 42.69 -9.86
C PHE K 16 -25.03 43.70 -8.78
N VAL K 17 -25.88 43.65 -7.76
CA VAL K 17 -25.74 44.52 -6.61
C VAL K 17 -25.84 43.67 -5.38
N ASP K 18 -24.81 43.78 -4.55
CA ASP K 18 -24.78 43.00 -3.37
C ASP K 18 -25.10 43.82 -2.15
N LEU K 19 -26.25 43.49 -1.56
CA LEU K 19 -26.71 44.19 -0.40
C LEU K 19 -26.08 43.58 0.80
N ARG K 20 -25.36 44.37 1.57
CA ARG K 20 -24.75 43.82 2.76
C ARG K 20 -25.13 44.61 4.00
N PHE K 21 -25.20 43.87 5.09
CA PHE K 21 -25.55 44.45 6.37
C PHE K 21 -24.93 43.55 7.41
N THR K 22 -25.01 43.96 8.67
CA THR K 22 -24.37 43.19 9.72
C THR K 22 -25.28 42.66 10.79
N ASP K 23 -25.10 41.41 11.15
CA ASP K 23 -25.94 40.76 12.16
C ASP K 23 -25.47 41.10 13.55
N THR K 24 -26.25 40.65 14.53
CA THR K 24 -25.95 40.94 15.92
C THR K 24 -24.56 40.51 16.36
N LYS K 25 -24.19 39.25 16.08
CA LYS K 25 -22.86 38.75 16.48
C LYS K 25 -21.74 39.54 15.82
N GLY K 26 -22.03 40.09 14.64
CA GLY K 26 -21.03 40.89 13.97
C GLY K 26 -20.71 40.39 12.59
N LYS K 27 -21.27 39.25 12.23
CA LYS K 27 -21.02 38.66 10.93
C LYS K 27 -21.78 39.42 9.84
N GLU K 28 -21.03 39.86 8.84
CA GLU K 28 -21.57 40.60 7.69
C GLU K 28 -22.42 39.66 6.81
N GLN K 29 -23.63 40.06 6.47
CA GLN K 29 -24.53 39.26 5.63
C GLN K 29 -24.73 39.95 4.28
N HIS K 30 -25.18 39.21 3.27
CA HIS K 30 -25.36 39.80 1.96
C HIS K 30 -26.47 39.23 1.10
N VAL K 31 -26.95 39.97 0.11
CA VAL K 31 -27.97 39.42 -0.75
C VAL K 31 -27.83 40.07 -2.08
N THR K 32 -28.00 39.27 -3.11
CA THR K 32 -27.77 39.82 -4.41
C THR K 32 -28.98 40.07 -5.25
N ILE K 33 -28.92 41.23 -5.89
CA ILE K 33 -29.98 41.74 -6.72
C ILE K 33 -29.38 42.14 -8.05
N PRO K 34 -30.07 41.83 -9.15
CA PRO K 34 -29.58 42.19 -10.49
C PRO K 34 -29.56 43.69 -10.57
N ALA K 35 -28.62 44.25 -11.31
CA ALA K 35 -28.54 45.69 -11.42
C ALA K 35 -29.86 46.31 -11.90
N HIS K 36 -30.58 45.59 -12.75
CA HIS K 36 -31.85 46.13 -13.27
C HIS K 36 -32.91 46.31 -12.19
N GLN K 37 -32.75 45.61 -11.09
CA GLN K 37 -33.69 45.69 -9.97
C GLN K 37 -33.49 46.97 -9.16
N VAL K 38 -32.45 47.71 -9.55
CA VAL K 38 -32.11 48.97 -8.90
C VAL K 38 -32.71 50.14 -9.65
N ASN K 39 -33.67 50.78 -8.98
CA ASN K 39 -34.40 51.90 -9.54
C ASN K 39 -34.58 53.02 -8.53
N ALA K 40 -35.38 53.99 -8.96
CA ALA K 40 -35.71 55.16 -8.18
C ALA K 40 -36.17 54.88 -6.75
N GLU K 41 -37.30 54.18 -6.61
CA GLU K 41 -37.85 53.90 -5.29
C GLU K 41 -37.02 52.97 -4.43
N PHE K 42 -36.25 52.10 -5.09
CA PHE K 42 -35.39 51.17 -4.38
C PHE K 42 -34.60 51.95 -3.32
N PHE K 43 -34.17 53.16 -3.68
CA PHE K 43 -33.41 54.00 -2.78
C PHE K 43 -34.15 54.66 -1.65
N GLU K 44 -35.39 55.06 -1.92
CA GLU K 44 -36.18 55.71 -0.90
C GLU K 44 -36.96 54.75 -0.01
N GLU K 45 -37.31 53.57 -0.52
CA GLU K 45 -38.04 52.59 0.29
C GLU K 45 -37.35 51.24 0.52
N GLY K 46 -36.15 51.07 -0.03
CA GLY K 46 -35.41 49.82 0.15
C GLY K 46 -36.12 48.59 -0.39
N LYS K 47 -35.74 47.42 0.12
CA LYS K 47 -36.32 46.17 -0.31
C LYS K 47 -36.77 45.38 0.89
N MET K 48 -37.73 44.49 0.66
CA MET K 48 -38.27 43.66 1.71
C MET K 48 -37.51 42.38 1.91
N PHE K 49 -37.45 41.94 3.16
CA PHE K 49 -36.80 40.67 3.49
C PHE K 49 -37.15 40.21 4.91
N ASP K 50 -37.11 38.90 5.12
CA ASP K 50 -37.40 38.29 6.42
C ASP K 50 -36.12 38.08 7.24
N GLY K 51 -36.09 38.71 8.42
CA GLY K 51 -34.92 38.56 9.27
C GLY K 51 -34.97 37.33 10.15
N SER K 52 -36.16 36.75 10.29
CA SER K 52 -36.40 35.58 11.14
C SER K 52 -35.29 34.54 11.32
N SER K 53 -34.63 34.17 10.24
CA SER K 53 -33.57 33.16 10.29
C SER K 53 -32.19 33.79 10.50
N ILE K 54 -32.17 34.83 11.33
CA ILE K 54 -30.95 35.54 11.66
C ILE K 54 -30.80 35.51 13.17
N GLY K 55 -29.55 35.48 13.61
CA GLY K 55 -29.27 35.45 15.02
C GLY K 55 -29.86 36.58 15.83
N GLY K 56 -30.81 36.23 16.70
CA GLY K 56 -31.44 37.18 17.61
C GLY K 56 -32.28 38.33 17.09
N TRP K 57 -32.84 38.14 15.92
CA TRP K 57 -33.71 39.10 15.26
C TRP K 57 -35.00 38.37 15.09
N LYS K 58 -34.82 37.16 15.51
CA LYS K 58 -35.84 36.14 15.48
C LYS K 58 -37.08 36.89 15.74
N GLY K 59 -38.13 36.22 15.40
CA GLY K 59 -39.46 36.77 15.48
C GLY K 59 -40.16 36.16 14.31
N ILE K 60 -40.37 34.86 14.44
CA ILE K 60 -40.95 34.13 13.32
C ILE K 60 -42.40 34.52 13.25
N ASN K 61 -42.67 35.79 13.52
CA ASN K 61 -44.01 36.28 13.46
C ASN K 61 -44.07 37.74 12.95
N GLU K 62 -43.27 38.60 13.55
CA GLU K 62 -43.29 40.05 13.19
C GLU K 62 -42.11 40.63 12.37
N SER K 63 -40.91 40.03 12.51
CA SER K 63 -39.64 40.52 11.91
C SER K 63 -39.45 40.38 10.41
N ASP K 64 -40.31 41.06 9.69
CA ASP K 64 -40.24 41.19 8.25
C ASP K 64 -39.75 42.61 8.09
N MET K 65 -38.43 42.76 7.98
CA MET K 65 -37.77 44.06 7.90
C MET K 65 -37.36 44.59 6.53
N VAL K 66 -36.92 45.85 6.55
CA VAL K 66 -36.46 46.57 5.35
C VAL K 66 -34.94 46.79 5.22
N LEU K 67 -34.43 46.52 4.04
CA LEU K 67 -33.02 46.74 3.77
C LEU K 67 -32.92 48.10 3.17
N MET K 68 -32.30 49.02 3.90
CA MET K 68 -32.19 50.36 3.38
C MET K 68 -30.82 50.70 2.88
N PRO K 69 -30.66 50.70 1.55
CA PRO K 69 -29.39 51.01 0.89
C PRO K 69 -28.86 52.37 1.31
N ASP K 70 -27.55 52.43 1.46
CA ASP K 70 -26.88 53.65 1.83
C ASP K 70 -26.00 54.02 0.62
N ALA K 71 -26.55 54.88 -0.22
CA ALA K 71 -25.89 55.31 -1.44
C ALA K 71 -24.42 55.63 -1.31
N SER K 72 -23.99 56.08 -0.13
CA SER K 72 -22.59 56.44 0.04
C SER K 72 -21.62 55.25 0.06
N THR K 73 -22.05 54.16 0.68
CA THR K 73 -21.24 52.94 0.84
C THR K 73 -20.88 52.13 -0.42
N ALA K 74 -21.43 52.50 -1.56
CA ALA K 74 -21.21 51.77 -2.80
C ALA K 74 -19.79 51.59 -3.30
N VAL K 75 -19.45 50.33 -3.55
CA VAL K 75 -18.14 49.99 -4.10
C VAL K 75 -18.09 48.57 -4.67
N ILE K 76 -17.38 48.47 -5.79
CA ILE K 76 -17.21 47.22 -6.51
C ILE K 76 -16.60 46.08 -5.70
N ASP K 77 -17.09 44.86 -5.92
CA ASP K 77 -16.52 43.70 -5.25
C ASP K 77 -15.38 43.25 -6.16
N PRO K 78 -14.17 43.15 -5.60
CA PRO K 78 -13.00 42.76 -6.37
C PRO K 78 -12.74 41.29 -6.50
N PHE K 79 -13.59 40.47 -5.88
CA PHE K 79 -13.41 39.03 -5.91
C PHE K 79 -14.42 38.31 -6.82
N PHE K 80 -15.65 38.84 -6.85
CA PHE K 80 -16.70 38.24 -7.65
C PHE K 80 -16.38 38.23 -9.13
N ALA K 81 -16.81 37.16 -9.79
CA ALA K 81 -16.55 36.95 -11.21
C ALA K 81 -17.29 37.88 -12.12
N ASP K 82 -18.58 38.08 -11.84
CA ASP K 82 -19.37 38.96 -12.68
C ASP K 82 -19.34 40.31 -11.99
N SER K 83 -19.22 41.40 -12.74
CA SER K 83 -19.11 42.73 -12.16
C SER K 83 -20.21 43.06 -11.18
N THR K 84 -19.93 43.02 -9.88
CA THR K 84 -21.02 43.39 -8.96
C THR K 84 -20.64 44.53 -8.01
N LEU K 85 -21.69 45.36 -7.72
CA LEU K 85 -21.57 46.50 -6.83
C LEU K 85 -22.14 46.18 -5.45
N ILE K 86 -21.36 46.50 -4.43
CA ILE K 86 -21.76 46.25 -3.04
C ILE K 86 -22.38 47.51 -2.48
N ILE K 87 -23.40 47.35 -1.65
CA ILE K 87 -24.04 48.47 -1.00
C ILE K 87 -24.45 48.03 0.38
N ARG K 88 -23.89 48.73 1.35
CA ARG K 88 -24.14 48.49 2.75
C ARG K 88 -25.56 49.00 3.01
N CYS K 89 -26.31 48.23 3.77
CA CYS K 89 -27.67 48.61 4.07
C CYS K 89 -27.87 48.76 5.55
N ASP K 90 -28.96 49.43 5.91
CA ASP K 90 -29.39 49.62 7.29
C ASP K 90 -30.66 48.82 7.40
N ILE K 91 -30.92 48.28 8.59
CA ILE K 91 -32.13 47.54 8.81
C ILE K 91 -33.13 48.46 9.47
N LEU K 92 -34.18 48.78 8.73
CA LEU K 92 -35.23 49.66 9.20
C LEU K 92 -36.48 48.87 9.54
N GLU K 93 -37.29 49.44 10.41
CA GLU K 93 -38.56 48.84 10.83
C GLU K 93 -39.57 49.10 9.69
N PRO K 94 -40.35 48.06 9.29
CA PRO K 94 -41.31 48.26 8.21
C PRO K 94 -42.37 49.35 8.49
N GLY K 95 -42.62 50.20 7.50
CA GLY K 95 -43.60 51.26 7.66
C GLY K 95 -43.03 52.45 8.42
N THR K 96 -42.75 52.25 9.71
CA THR K 96 -42.18 53.29 10.58
C THR K 96 -40.92 53.86 9.91
N LEU K 97 -40.06 52.93 9.49
CA LEU K 97 -38.82 53.24 8.78
C LEU K 97 -37.74 54.07 9.48
N GLN K 98 -37.64 54.05 10.81
CA GLN K 98 -36.59 54.86 11.41
C GLN K 98 -35.38 54.10 11.96
N GLY K 99 -35.41 52.77 11.92
CA GLY K 99 -34.24 52.05 12.37
C GLY K 99 -34.42 51.01 13.44
N TYR K 100 -34.21 49.76 13.05
CA TYR K 100 -34.34 48.60 13.94
C TYR K 100 -33.52 48.66 15.22
N ASP K 101 -34.20 48.35 16.31
CA ASP K 101 -33.65 48.35 17.65
C ASP K 101 -32.43 47.48 17.80
N ARG K 102 -32.42 46.40 17.02
CA ARG K 102 -31.33 45.45 17.05
C ARG K 102 -30.30 45.56 15.93
N ASP K 103 -30.55 46.45 14.96
CA ASP K 103 -29.60 46.66 13.87
C ASP K 103 -28.40 47.39 14.47
N PRO K 104 -27.27 46.68 14.63
CA PRO K 104 -26.02 47.19 15.19
C PRO K 104 -25.57 48.46 14.50
N ARG K 105 -25.81 48.56 13.21
CA ARG K 105 -25.39 49.75 12.51
C ARG K 105 -26.25 50.93 12.93
N SER K 106 -27.54 50.69 13.15
CA SER K 106 -28.44 51.77 13.57
C SER K 106 -27.99 52.23 14.95
N ILE K 107 -27.71 51.27 15.82
CA ILE K 107 -27.23 51.54 17.17
C ILE K 107 -25.96 52.38 17.17
N ALA K 108 -25.06 52.10 16.24
CA ALA K 108 -23.82 52.85 16.16
C ALA K 108 -24.11 54.28 15.77
N LYS K 109 -25.04 54.44 14.84
CA LYS K 109 -25.42 55.76 14.36
C LYS K 109 -26.11 56.53 15.48
N ARG K 110 -26.99 55.85 16.20
CA ARG K 110 -27.70 56.45 17.33
C ARG K 110 -26.68 57.04 18.30
N ALA K 111 -25.69 56.25 18.65
CA ALA K 111 -24.63 56.69 19.55
C ALA K 111 -23.88 57.91 19.00
N GLU K 112 -23.67 57.97 17.69
CA GLU K 112 -22.97 59.12 17.10
C GLU K 112 -23.84 60.38 17.17
N ASP K 113 -25.16 60.19 17.05
CA ASP K 113 -26.12 61.29 17.11
C ASP K 113 -26.10 61.88 18.53
N TYR K 114 -26.25 60.99 19.50
CA TYR K 114 -26.22 61.34 20.92
C TYR K 114 -24.94 62.08 21.32
N LEU K 115 -23.88 61.88 20.57
CA LEU K 115 -22.63 62.57 20.89
C LEU K 115 -22.81 64.05 20.57
N ARG K 116 -23.31 64.33 19.36
CA ARG K 116 -23.54 65.71 18.94
C ARG K 116 -24.66 66.34 19.75
N ALA K 117 -25.62 65.52 20.14
CA ALA K 117 -26.74 65.96 20.96
C ALA K 117 -26.30 66.47 22.33
N THR K 118 -25.44 65.73 23.03
CA THR K 118 -24.96 66.19 24.34
C THR K 118 -24.02 67.37 24.17
N GLY K 119 -23.79 67.75 22.91
CA GLY K 119 -22.90 68.86 22.61
C GLY K 119 -21.48 68.69 23.09
N ILE K 120 -21.17 67.55 23.71
CA ILE K 120 -19.82 67.25 24.20
C ILE K 120 -18.77 67.33 23.10
N ALA K 121 -19.12 66.81 21.92
CA ALA K 121 -18.23 66.83 20.74
C ALA K 121 -19.07 66.64 19.49
N ASP K 122 -18.49 66.88 18.32
CA ASP K 122 -19.25 66.68 17.08
C ASP K 122 -18.89 65.47 16.22
N THR K 123 -17.80 64.79 16.56
CA THR K 123 -17.36 63.56 15.87
C THR K 123 -16.44 62.70 16.76
N VAL K 124 -16.63 61.38 16.67
CA VAL K 124 -15.81 60.42 17.43
C VAL K 124 -14.83 59.79 16.46
N LEU K 125 -13.60 59.58 16.93
CA LEU K 125 -12.59 58.98 16.08
C LEU K 125 -12.10 57.64 16.57
N PHE K 126 -12.17 56.66 15.67
CA PHE K 126 -11.74 55.29 15.96
C PHE K 126 -10.66 54.81 15.01
N GLY K 127 -9.64 54.21 15.60
CA GLY K 127 -8.52 53.67 14.84
C GLY K 127 -8.19 52.34 15.48
N PRO K 128 -8.75 51.25 14.94
CA PRO K 128 -8.53 49.89 15.46
C PRO K 128 -7.39 49.17 14.72
N GLU K 129 -6.68 48.34 15.48
CA GLU K 129 -5.54 47.55 15.00
C GLU K 129 -5.98 46.11 15.13
N PRO K 130 -6.69 45.65 14.11
CA PRO K 130 -7.20 44.28 14.07
C PRO K 130 -6.19 43.27 13.53
N GLU K 131 -5.70 42.43 14.43
CA GLU K 131 -4.73 41.39 14.11
C GLU K 131 -5.41 40.06 13.65
N PHE K 132 -4.65 39.20 12.99
CA PHE K 132 -5.18 37.92 12.52
C PHE K 132 -4.10 36.92 12.18
N PHE K 133 -4.53 35.70 11.89
CA PHE K 133 -3.63 34.63 11.53
C PHE K 133 -3.93 34.09 10.14
N LEU K 134 -2.92 33.53 9.50
CA LEU K 134 -3.06 32.92 8.18
C LEU K 134 -2.51 31.49 8.22
N PHE K 135 -3.43 30.55 8.11
CA PHE K 135 -3.09 29.12 8.15
C PHE K 135 -3.28 28.51 6.77
N ASP K 136 -2.89 27.24 6.68
CA ASP K 136 -2.96 26.51 5.43
C ASP K 136 -4.05 25.47 5.62
N ASP K 137 -4.19 25.02 6.86
CA ASP K 137 -5.16 24.01 7.16
C ASP K 137 -5.63 24.13 8.60
N ILE K 138 -6.96 24.05 8.74
CA ILE K 138 -7.65 24.13 10.02
C ILE K 138 -8.76 23.08 10.10
N ARG K 139 -8.65 22.19 11.09
CA ARG K 139 -9.65 21.15 11.27
C ARG K 139 -10.04 21.10 12.73
N PHE K 140 -11.30 20.77 12.98
CA PHE K 140 -11.83 20.68 14.32
C PHE K 140 -13.20 20.03 14.32
N GLY K 141 -13.64 19.63 15.51
CA GLY K 141 -14.93 19.01 15.62
C GLY K 141 -15.21 18.51 17.01
N ALA K 142 -16.49 18.28 17.28
CA ALA K 142 -16.94 17.77 18.55
C ALA K 142 -18.12 16.85 18.31
N SER K 143 -18.03 15.70 18.94
CA SER K 143 -18.99 14.64 18.85
C SER K 143 -19.05 14.08 20.27
N ILE K 144 -19.95 13.12 20.49
CA ILE K 144 -20.08 12.54 21.80
C ILE K 144 -18.81 11.83 22.28
N SER K 145 -18.14 11.14 21.36
CA SER K 145 -16.93 10.37 21.65
C SER K 145 -15.63 11.16 21.76
N GLY K 146 -15.70 12.45 21.43
CA GLY K 146 -14.51 13.29 21.56
C GLY K 146 -14.64 14.65 20.89
N SER K 147 -13.52 15.35 20.80
CA SER K 147 -13.48 16.64 20.14
C SER K 147 -12.04 16.93 19.83
N HIS K 148 -11.82 17.90 18.96
CA HIS K 148 -10.44 18.26 18.58
C HIS K 148 -10.33 19.50 17.73
N VAL K 149 -9.08 19.92 17.58
CA VAL K 149 -8.74 21.07 16.76
C VAL K 149 -7.29 20.84 16.29
N ALA K 150 -7.05 21.19 15.03
CA ALA K 150 -5.74 21.03 14.46
C ALA K 150 -5.41 22.19 13.55
N ILE K 151 -4.34 22.86 13.88
CA ILE K 151 -3.91 24.00 13.10
C ILE K 151 -2.65 23.64 12.37
N ASP K 152 -2.53 24.24 11.20
CA ASP K 152 -1.34 24.05 10.42
C ASP K 152 -1.09 25.13 9.42
N ASP K 153 0.16 25.57 9.45
CA ASP K 153 0.63 26.55 8.50
C ASP K 153 2.05 26.20 8.19
N ILE K 154 2.47 26.69 7.03
CA ILE K 154 3.81 26.53 6.53
C ILE K 154 4.76 27.23 7.51
N GLU K 155 4.27 28.27 8.18
CA GLU K 155 5.10 29.02 9.12
C GLU K 155 5.19 28.39 10.50
N GLY K 156 4.27 27.48 10.79
CA GLY K 156 4.26 26.86 12.10
C GLY K 156 5.58 26.28 12.55
N ALA K 157 6.06 26.78 13.67
CA ALA K 157 7.32 26.31 14.22
C ALA K 157 7.40 24.80 14.35
N TRP K 158 6.27 24.16 14.59
CA TRP K 158 6.23 22.71 14.75
C TRP K 158 6.68 21.95 13.49
N ASN K 159 6.57 22.60 12.34
CA ASN K 159 6.95 22.04 11.05
C ASN K 159 8.47 22.01 10.75
N SER K 160 9.27 22.42 11.70
CA SER K 160 10.73 22.41 11.51
C SER K 160 11.19 20.98 11.23
N SER K 161 10.41 20.04 11.77
CA SER K 161 10.67 18.60 11.69
C SER K 161 9.94 17.85 10.57
N THR K 162 8.84 18.43 10.14
CA THR K 162 7.96 17.90 9.12
C THR K 162 8.54 17.62 7.74
N LYS K 163 8.19 16.46 7.16
CA LYS K 163 8.69 16.10 5.81
C LYS K 163 7.79 16.69 4.74
N TYR K 164 8.38 17.25 3.70
CA TYR K 164 7.57 17.88 2.66
C TYR K 164 7.80 17.24 1.33
N GLU K 165 6.80 17.36 0.47
CA GLU K 165 6.80 16.80 -0.87
C GLU K 165 8.10 17.12 -1.61
N GLY K 166 8.39 18.41 -1.76
CA GLY K 166 9.61 18.78 -2.43
C GLY K 166 10.74 19.20 -1.49
N GLY K 167 10.75 18.66 -0.27
CA GLY K 167 11.76 19.02 0.69
C GLY K 167 11.32 20.16 1.61
N ASN K 168 11.77 20.12 2.86
CA ASN K 168 11.50 21.14 3.87
C ASN K 168 12.50 22.27 3.75
N LYS K 169 12.03 23.49 3.43
CA LYS K 169 12.96 24.64 3.20
C LYS K 169 13.32 25.44 4.50
N GLY K 170 12.79 24.94 5.61
CA GLY K 170 13.02 25.31 7.03
C GLY K 170 13.09 26.77 7.49
N HIS K 171 12.70 27.84 6.78
CA HIS K 171 12.80 29.20 7.39
C HIS K 171 11.47 29.65 8.04
N ARG K 172 11.31 29.24 9.29
CA ARG K 172 10.09 29.50 10.01
C ARG K 172 10.29 30.34 11.25
N PRO K 173 9.26 31.12 11.61
CA PRO K 173 9.23 32.01 12.77
C PRO K 173 9.11 31.11 13.99
N GLY K 174 9.93 31.34 15.01
N GLY K 174 9.64 32.94 13.95
CA GLY K 174 9.83 30.52 16.22
CA GLY K 174 9.14 32.00 14.93
C GLY K 174 8.67 31.00 17.07
C GLY K 174 8.41 32.72 16.07
N VAL K 175 8.41 30.38 18.22
N VAL K 175 8.22 32.05 17.20
CA VAL K 175 7.33 30.85 19.08
CA VAL K 175 7.52 32.65 18.33
C VAL K 175 7.61 32.32 19.46
C VAL K 175 7.95 34.12 18.52
N LYS K 176 6.68 33.20 19.14
N LYS K 176 6.98 35.05 18.40
CA LYS K 176 6.82 34.64 19.36
CA LYS K 176 7.30 36.46 18.57
C LYS K 176 7.95 35.13 18.44
C LYS K 176 8.01 37.01 17.35
N GLY K 177 8.37 34.28 17.57
N GLY K 177 7.88 36.15 16.31
CA GLY K 177 9.44 34.63 16.67
CA GLY K 177 8.38 36.31 14.96
C GLY K 177 9.08 35.62 15.57
C GLY K 177 9.49 37.33 14.89
N GLY K 178 7.76 35.58 15.21
N GLY K 178 10.00 37.76 16.06
CA GLY K 178 7.12 36.28 14.09
CA GLY K 178 11.02 38.78 16.03
C GLY K 178 7.06 37.80 14.14
C GLY K 178 10.73 39.49 14.73
N TYR K 179 8.17 38.39 14.40
N TYR K 179 9.91 40.49 14.80
CA TYR K 179 8.09 39.82 14.34
CA TYR K 179 9.46 40.97 13.53
C TYR K 179 9.26 40.34 13.59
C TYR K 179 10.27 41.96 12.77
N PHE K 180 8.81 40.81 12.45
N PHE K 180 9.95 41.93 11.49
CA PHE K 180 9.63 41.49 11.48
CA PHE K 180 10.48 42.75 10.43
C PHE K 180 10.75 40.68 10.86
C PHE K 180 11.93 42.43 10.12
N PRO K 181 10.98 39.37 11.09
CA PRO K 181 12.02 38.77 10.21
C PRO K 181 11.78 39.08 8.71
N VAL K 182 12.86 39.22 7.98
CA VAL K 182 12.76 39.44 6.56
C VAL K 182 12.41 38.14 5.94
N PRO K 183 11.71 38.15 4.85
CA PRO K 183 11.51 36.89 4.12
C PRO K 183 12.88 36.27 3.90
N PRO K 184 12.92 34.96 3.70
CA PRO K 184 11.79 34.03 3.70
C PRO K 184 11.21 33.62 5.01
N VAL K 185 11.75 34.17 6.05
CA VAL K 185 11.15 33.71 7.31
C VAL K 185 9.66 34.10 7.34
N ASP K 186 9.38 35.31 6.84
CA ASP K 186 8.05 35.91 6.70
C ASP K 186 7.51 35.54 5.31
N SER K 187 6.74 34.47 5.26
CA SER K 187 6.19 34.00 4.00
C SER K 187 5.10 34.89 3.46
N ALA K 188 4.88 36.09 4.02
CA ALA K 188 3.65 36.77 3.56
C ALA K 188 3.73 38.21 3.04
N GLN K 189 4.83 38.67 2.47
CA GLN K 189 4.84 40.04 1.98
C GLN K 189 3.81 40.25 0.92
N ASP K 190 3.97 39.49 -0.14
CA ASP K 190 3.09 39.57 -1.29
C ASP K 190 1.60 39.49 -0.97
N ILE K 191 1.27 38.66 0.02
CA ILE K 191 -0.10 38.46 0.47
C ILE K 191 -0.62 39.73 1.11
N ARG K 192 0.06 40.18 2.17
CA ARG K 192 -0.35 41.39 2.86
C ARG K 192 -0.44 42.56 1.87
N SER K 193 0.58 42.72 1.05
CA SER K 193 0.54 43.79 0.07
C SER K 193 -0.72 43.76 -0.79
N GLU K 194 -1.22 42.57 -1.12
CA GLU K 194 -2.46 42.46 -1.92
C GLU K 194 -3.61 42.99 -1.08
N MET K 195 -3.75 42.42 0.11
CA MET K 195 -4.81 42.84 1.04
C MET K 195 -4.80 44.37 1.10
N CYS K 196 -3.60 44.95 1.14
CA CYS K 196 -3.48 46.39 1.19
C CYS K 196 -4.06 47.02 -0.07
N LEU K 197 -3.47 46.71 -1.22
CA LEU K 197 -3.94 47.26 -2.48
C LEU K 197 -5.44 47.20 -2.57
N VAL K 198 -5.97 46.01 -2.32
CA VAL K 198 -7.42 45.76 -2.38
C VAL K 198 -8.19 46.62 -1.42
N MET K 199 -7.83 46.58 -0.15
CA MET K 199 -8.47 47.40 0.88
C MET K 199 -8.59 48.85 0.42
N GLU K 200 -7.51 49.38 -0.15
CA GLU K 200 -7.51 50.75 -0.64
C GLU K 200 -8.48 50.93 -1.78
N GLN K 201 -8.48 49.98 -2.71
CA GLN K 201 -9.41 50.02 -3.85
C GLN K 201 -10.85 50.03 -3.34
N MET K 202 -11.05 49.47 -2.15
CA MET K 202 -12.36 49.40 -1.55
C MET K 202 -12.60 50.55 -0.58
N GLY K 203 -11.86 51.64 -0.77
CA GLY K 203 -12.04 52.79 0.09
C GLY K 203 -11.22 52.97 1.36
N LEU K 204 -10.67 51.90 1.92
CA LEU K 204 -9.85 52.05 3.12
C LEU K 204 -8.52 52.74 2.81
N VAL K 205 -7.88 53.26 3.88
CA VAL K 205 -6.58 53.90 3.72
C VAL K 205 -5.58 53.17 4.59
N VAL K 206 -4.61 52.57 3.92
CA VAL K 206 -3.60 51.77 4.57
C VAL K 206 -2.40 52.56 5.00
N GLU K 207 -2.11 52.48 6.31
CA GLU K 207 -0.95 53.18 6.84
C GLU K 207 0.26 52.28 6.83
N ALA K 208 0.01 50.97 6.92
CA ALA K 208 1.09 49.99 6.90
C ALA K 208 0.63 48.58 7.15
N HIS K 209 1.61 47.67 6.92
CA HIS K 209 1.48 46.21 7.15
C HIS K 209 2.79 45.56 7.60
N HIS K 210 2.64 44.46 8.33
N HIS K 210 1.17 44.86 8.18
CA HIS K 210 3.79 43.75 8.85
CA HIS K 210 2.33 44.62 9.05
C HIS K 210 3.40 42.39 9.39
C HIS K 210 2.20 43.30 9.85
N HIS K 211 4.38 41.50 9.53
N HIS K 211 3.30 42.55 9.96
CA HIS K 211 4.09 40.22 10.13
CA HIS K 211 3.38 41.25 10.61
C HIS K 211 3.83 40.55 11.60
C HIS K 211 3.66 41.32 12.12
N GLU K 212 3.45 39.56 12.41
N GLU K 212 3.62 40.17 12.86
CA GLU K 212 3.17 39.86 13.80
CA GLU K 212 3.82 40.28 14.27
C GLU K 212 3.73 38.74 14.68
C GLU K 212 3.07 39.10 14.91
N VAL K 213 4.07 39.06 15.94
CA VAL K 213 4.71 38.18 16.94
C VAL K 213 4.58 36.64 16.81
N ALA K 214 3.39 36.10 16.84
CA ALA K 214 3.19 34.63 16.81
C ALA K 214 3.61 33.88 15.54
N THR K 215 4.09 32.65 15.77
CA THR K 215 4.48 31.78 14.65
C THR K 215 3.17 31.40 13.93
N ALA K 216 3.28 30.66 12.85
CA ALA K 216 2.10 30.21 12.11
C ALA K 216 1.26 31.34 11.52
N GLY K 217 1.92 32.29 10.87
CA GLY K 217 1.24 33.35 10.12
C GLY K 217 0.43 34.45 10.80
N GLN K 218 0.80 34.92 11.99
CA GLN K 218 0.06 36.04 12.54
C GLN K 218 0.49 37.29 11.77
N ASN K 219 -0.49 38.08 11.33
CA ASN K 219 -0.21 39.29 10.56
C ASN K 219 -1.18 40.41 10.93
N GLU K 220 -0.82 41.63 10.55
CA GLU K 220 -1.64 42.81 10.84
C GLU K 220 -1.45 43.81 9.71
N VAL K 221 -2.55 44.50 9.40
CA VAL K 221 -2.60 45.58 8.41
C VAL K 221 -3.22 46.77 9.12
N ALA K 222 -2.42 47.83 9.25
CA ALA K 222 -2.84 49.05 9.91
C ALA K 222 -3.54 49.97 8.94
N THR K 223 -4.73 50.39 9.33
CA THR K 223 -5.52 51.26 8.52
C THR K 223 -5.81 52.55 9.26
N ARG K 224 -5.93 53.63 8.50
CA ARG K 224 -6.22 54.93 9.04
C ARG K 224 -7.61 55.01 9.64
N PHE K 225 -7.69 55.71 10.77
CA PHE K 225 -8.90 55.94 11.55
C PHE K 225 -9.98 56.61 10.71
N ASN K 226 -11.15 56.76 11.33
CA ASN K 226 -12.29 57.42 10.71
C ASN K 226 -13.43 57.60 11.71
N THR K 227 -14.48 58.33 11.30
CA THR K 227 -15.64 58.58 12.16
C THR K 227 -16.11 57.20 12.63
N MET K 228 -16.37 57.07 13.92
CA MET K 228 -16.81 55.80 14.49
C MET K 228 -17.62 54.86 13.61
N THR K 229 -18.73 55.33 13.06
CA THR K 229 -19.55 54.43 12.23
C THR K 229 -18.90 54.01 10.93
N LYS K 230 -18.31 54.96 10.20
CA LYS K 230 -17.64 54.60 8.95
C LYS K 230 -16.50 53.61 9.23
N LYS K 231 -15.86 53.72 10.39
CA LYS K 231 -14.78 52.83 10.73
C LYS K 231 -15.24 51.39 10.93
N ALA K 232 -16.32 51.19 11.67
CA ALA K 232 -16.86 49.84 11.88
C ALA K 232 -17.25 49.22 10.52
N ASP K 233 -17.61 50.08 9.56
CA ASP K 233 -17.93 49.65 8.20
C ASP K 233 -16.62 49.08 7.63
N GLU K 234 -15.61 49.94 7.64
CA GLU K 234 -14.28 49.61 7.14
C GLU K 234 -13.74 48.32 7.76
N ILE K 235 -14.11 48.06 9.01
CA ILE K 235 -13.68 46.83 9.67
C ILE K 235 -14.24 45.64 8.95
N GLN K 236 -15.53 45.69 8.68
CA GLN K 236 -16.18 44.60 7.96
C GLN K 236 -15.51 44.41 6.61
N ILE K 237 -15.21 45.51 5.92
CA ILE K 237 -14.56 45.44 4.61
C ILE K 237 -13.18 44.79 4.77
N TYR K 238 -12.48 45.26 5.78
CA TYR K 238 -11.17 44.75 6.17
C TYR K 238 -11.19 43.23 6.23
N LYS K 239 -12.03 42.74 7.13
CA LYS K 239 -12.17 41.30 7.35
C LYS K 239 -12.51 40.56 6.08
N TYR K 240 -13.35 41.18 5.26
CA TYR K 240 -13.76 40.56 4.02
C TYR K 240 -12.52 40.44 3.16
N VAL K 241 -11.89 41.56 2.85
CA VAL K 241 -10.68 41.57 2.03
C VAL K 241 -9.67 40.56 2.56
N VAL K 242 -9.45 40.57 3.87
CA VAL K 242 -8.50 39.64 4.49
C VAL K 242 -8.94 38.20 4.22
N HIS K 243 -10.11 37.85 4.72
CA HIS K 243 -10.64 36.49 4.55
C HIS K 243 -10.56 35.95 3.14
N ASN K 244 -10.92 36.79 2.18
CA ASN K 244 -10.97 36.44 0.77
C ASN K 244 -9.65 36.44 0.03
N VAL K 245 -8.81 37.45 0.25
CA VAL K 245 -7.52 37.47 -0.40
C VAL K 245 -6.79 36.20 0.09
N ALA K 246 -6.91 35.93 1.40
CA ALA K 246 -6.30 34.74 2.00
C ALA K 246 -6.78 33.51 1.26
N HIS K 247 -8.09 33.42 1.13
CA HIS K 247 -8.71 32.31 0.47
C HIS K 247 -8.13 32.09 -0.92
N ARG K 248 -8.13 33.17 -1.69
CA ARG K 248 -7.59 33.19 -3.05
C ARG K 248 -6.11 32.81 -3.10
N PHE K 249 -5.37 32.91 -2.00
CA PHE K 249 -3.96 32.52 -2.03
C PHE K 249 -3.84 31.13 -1.45
N GLY K 250 -4.97 30.45 -1.37
CA GLY K 250 -4.94 29.11 -0.83
C GLY K 250 -4.67 29.12 0.66
N LYS K 251 -4.93 30.25 1.29
CA LYS K 251 -4.76 30.29 2.72
C LYS K 251 -6.14 30.43 3.36
N THR K 252 -6.19 30.37 4.67
CA THR K 252 -7.44 30.49 5.39
C THR K 252 -7.19 31.44 6.55
N ALA K 253 -7.90 32.55 6.61
CA ALA K 253 -7.69 33.52 7.70
C ALA K 253 -8.69 33.42 8.84
N THR K 254 -8.24 33.73 10.05
CA THR K 254 -9.13 33.75 11.21
C THR K 254 -8.90 34.94 12.12
N PHE K 255 -9.99 35.57 12.48
CA PHE K 255 -9.86 36.68 13.40
C PHE K 255 -10.15 36.23 14.83
N MET K 256 -10.18 34.93 15.08
CA MET K 256 -10.45 34.50 16.44
C MET K 256 -9.26 34.94 17.29
N PRO K 257 -9.55 35.46 18.50
CA PRO K 257 -8.59 35.96 19.47
C PRO K 257 -7.44 35.10 19.96
N LYS K 258 -7.71 33.83 20.27
CA LYS K 258 -6.64 32.96 20.78
C LYS K 258 -6.69 31.55 20.17
N PRO K 259 -6.25 31.44 18.91
CA PRO K 259 -6.25 30.15 18.19
C PRO K 259 -5.27 29.19 18.83
N MET K 260 -4.03 29.62 18.93
CA MET K 260 -3.04 28.82 19.59
C MET K 260 -2.78 29.38 20.98
N PHE K 261 -2.29 28.50 21.81
N PHE K 261 -2.54 28.46 21.86
CA PHE K 261 -1.89 28.73 23.22
CA PHE K 261 -2.28 28.82 23.24
C PHE K 261 -0.37 28.73 23.35
C PHE K 261 -0.96 29.56 23.19
N GLY K 262 0.19 29.69 24.07
N GLY K 262 -0.07 28.98 22.39
CA GLY K 262 1.63 29.68 24.21
CA GLY K 262 1.26 29.50 22.18
C GLY K 262 2.31 30.67 23.32
C GLY K 262 1.67 30.79 22.85
N ASP K 263 1.54 31.32 22.48
N ASP K 263 1.42 31.92 22.19
CA ASP K 263 2.03 32.34 21.60
CA ASP K 263 1.89 33.21 22.71
C ASP K 263 0.96 33.40 21.61
C ASP K 263 1.19 34.51 22.25
N ASN K 264 1.28 34.49 21.01
N ASN K 264 1.84 35.67 22.57
CA ASN K 264 0.39 35.62 21.00
CA ASN K 264 1.47 36.98 22.19
C ASN K 264 -0.98 35.34 20.49
C ASN K 264 0.30 36.80 21.18
N GLY K 265 -1.88 36.03 21.14
N GLY K 265 -0.94 36.96 21.64
CA GLY K 265 -3.24 36.05 20.77
CA GLY K 265 -2.10 36.65 20.78
C GLY K 265 -3.36 37.26 19.87
C GLY K 265 -2.55 37.72 19.77
N SER K 266 -4.40 37.31 19.05
N SER K 266 -3.77 37.53 19.21
CA SER K 266 -4.63 38.42 18.18
CA SER K 266 -4.41 38.45 18.22
C SER K 266 -5.64 39.31 18.83
C SER K 266 -5.49 39.30 18.92
N GLY K 267 -5.39 40.60 18.76
CA GLY K 267 -6.24 41.58 19.38
C GLY K 267 -6.54 42.80 18.53
N MET K 268 -7.56 43.54 18.92
CA MET K 268 -7.94 44.74 18.19
C MET K 268 -7.93 45.98 19.11
N HIS K 269 -6.76 46.58 19.26
CA HIS K 269 -6.58 47.78 20.10
C HIS K 269 -7.41 48.91 19.48
N CYS K 270 -7.97 49.75 20.35
CA CYS K 270 -8.80 50.85 19.89
C CYS K 270 -8.36 52.23 20.29
N HIS K 271 -7.89 52.94 19.27
CA HIS K 271 -7.45 54.31 19.41
C HIS K 271 -8.68 55.16 19.26
N MET K 272 -8.81 56.14 20.16
CA MET K 272 -9.94 57.02 20.15
C MET K 272 -9.54 58.41 20.56
N SER K 273 -10.40 59.35 20.19
CA SER K 273 -10.27 60.77 20.50
C SER K 273 -11.53 61.45 20.01
N LEU K 274 -11.89 62.54 20.66
CA LEU K 274 -13.09 63.28 20.27
C LEU K 274 -12.72 64.59 19.66
N ALA K 275 -13.58 65.09 18.79
CA ALA K 275 -13.33 66.36 18.13
C ALA K 275 -14.55 67.27 18.08
N LYS K 276 -14.30 68.56 17.86
CA LYS K 276 -15.34 69.57 17.78
C LYS K 276 -14.77 70.70 16.96
N ASN K 277 -15.35 70.92 15.79
CA ASN K 277 -14.93 71.98 14.86
C ASN K 277 -13.43 71.90 14.61
N GLY K 278 -13.00 70.79 14.03
CA GLY K 278 -11.60 70.60 13.71
C GLY K 278 -10.58 70.65 14.84
N THR K 279 -11.04 70.76 16.09
CA THR K 279 -10.11 70.81 17.23
C THR K 279 -10.14 69.50 18.01
N ASN K 280 -8.96 69.05 18.44
CA ASN K 280 -8.89 67.79 19.16
C ASN K 280 -9.09 67.97 20.66
N LEU K 281 -10.32 67.70 21.09
CA LEU K 281 -10.70 67.80 22.49
C LEU K 281 -9.90 66.94 23.46
N PHE K 282 -9.06 66.05 22.94
CA PHE K 282 -8.29 65.18 23.81
C PHE K 282 -6.91 65.69 24.18
N SER K 283 -6.53 66.86 23.66
CA SER K 283 -5.22 67.42 24.00
C SER K 283 -5.40 68.46 25.09
N GLY K 284 -4.42 68.55 25.97
CA GLY K 284 -4.47 69.51 27.06
C GLY K 284 -3.11 69.64 27.72
N ASP K 285 -3.12 69.98 29.00
CA ASP K 285 -1.87 70.15 29.75
C ASP K 285 -1.69 69.18 30.93
N LYS K 286 -2.58 68.21 31.04
CA LYS K 286 -2.47 67.19 32.08
C LYS K 286 -1.57 66.07 31.57
N TYR K 287 -1.62 64.94 32.26
CA TYR K 287 -0.77 63.79 31.88
C TYR K 287 -0.55 63.54 30.38
N ALA K 288 0.71 63.45 29.98
CA ALA K 288 1.06 63.16 28.60
C ALA K 288 0.48 64.06 27.49
N GLY K 289 0.08 65.27 27.82
CA GLY K 289 -0.46 66.17 26.81
C GLY K 289 -1.95 66.04 26.62
N LEU K 290 -2.58 65.29 27.52
CA LEU K 290 -4.02 65.04 27.51
C LEU K 290 -4.87 66.16 28.08
N SER K 291 -6.12 66.24 27.63
CA SER K 291 -7.05 67.22 28.14
C SER K 291 -7.77 66.60 29.33
N GLU K 292 -8.52 67.44 30.02
CA GLU K 292 -9.29 67.01 31.17
C GLU K 292 -10.27 65.99 30.62
N GLN K 293 -10.93 66.38 29.53
CA GLN K 293 -11.92 65.58 28.81
C GLN K 293 -11.54 64.10 28.67
N ALA K 294 -10.37 63.87 28.08
CA ALA K 294 -9.84 62.54 27.85
C ALA K 294 -9.84 61.69 29.12
N LEU K 295 -9.36 62.27 30.21
CA LEU K 295 -9.29 61.52 31.44
C LEU K 295 -10.64 61.11 31.99
N TYR K 296 -11.67 61.89 31.72
CA TYR K 296 -13.00 61.52 32.14
C TYR K 296 -13.46 60.34 31.28
N TYR K 297 -13.11 60.40 29.99
CA TYR K 297 -13.43 59.34 29.04
C TYR K 297 -12.82 58.07 29.61
N ILE K 298 -11.52 58.14 29.90
CA ILE K 298 -10.78 57.03 30.47
C ILE K 298 -11.43 56.49 31.72
N GLY K 299 -11.88 57.40 32.57
CA GLY K 299 -12.53 56.99 33.79
C GLY K 299 -13.78 56.21 33.49
N GLY K 300 -14.54 56.66 32.49
CA GLY K 300 -15.77 55.98 32.12
C GLY K 300 -15.47 54.59 31.60
N VAL K 301 -14.55 54.52 30.65
CA VAL K 301 -14.14 53.27 30.05
C VAL K 301 -13.74 52.29 31.15
N ILE K 302 -12.92 52.76 32.07
CA ILE K 302 -12.48 51.93 33.18
C ILE K 302 -13.65 51.52 34.08
N LYS K 303 -14.62 52.41 34.24
CA LYS K 303 -15.75 52.10 35.10
C LYS K 303 -16.61 51.00 34.52
N HIS K 304 -16.92 51.14 33.24
CA HIS K 304 -17.78 50.20 32.53
C HIS K 304 -17.07 49.04 31.83
N ALA K 305 -15.77 48.93 32.03
CA ALA K 305 -14.97 47.89 31.41
C ALA K 305 -15.63 46.52 31.26
N LYS K 306 -15.95 45.86 32.37
CA LYS K 306 -16.56 44.54 32.29
C LYS K 306 -17.80 44.49 31.38
N ALA K 307 -18.58 45.56 31.36
CA ALA K 307 -19.76 45.58 30.52
C ALA K 307 -19.27 45.72 29.10
N ILE K 308 -18.34 46.64 28.88
CA ILE K 308 -17.80 46.84 27.53
C ILE K 308 -17.20 45.52 27.02
N ASN K 309 -16.59 44.75 27.93
CA ASN K 309 -16.02 43.45 27.57
C ASN K 309 -17.01 42.63 26.76
N ALA K 310 -18.22 42.47 27.28
CA ALA K 310 -19.27 41.72 26.58
C ALA K 310 -19.40 42.11 25.10
N LEU K 311 -19.05 43.34 24.75
CA LEU K 311 -19.14 43.74 23.34
C LEU K 311 -17.84 43.62 22.58
N ALA K 312 -16.74 44.00 23.25
CA ALA K 312 -15.41 43.98 22.69
C ALA K 312 -14.62 42.69 22.93
N ASN K 313 -15.25 41.71 23.57
CA ASN K 313 -14.63 40.42 23.89
C ASN K 313 -15.81 39.45 24.06
N PRO K 314 -16.61 39.25 22.99
CA PRO K 314 -17.81 38.41 22.93
C PRO K 314 -17.65 36.91 22.91
N THR K 315 -16.40 36.46 23.02
CA THR K 315 -16.14 35.03 22.94
C THR K 315 -15.46 34.47 24.16
N THR K 316 -15.78 33.21 24.45
CA THR K 316 -15.13 32.51 25.55
C THR K 316 -13.62 32.51 25.27
N ASN K 317 -13.28 32.36 23.98
CA ASN K 317 -11.91 32.34 23.49
C ASN K 317 -11.24 33.66 23.82
N SER K 318 -12.01 34.75 23.77
CA SER K 318 -11.53 36.10 24.04
C SER K 318 -10.76 36.16 25.34
N TYR K 319 -11.28 35.38 26.31
CA TYR K 319 -10.71 35.29 27.65
C TYR K 319 -9.51 34.40 27.77
N LYS K 320 -9.21 33.67 26.72
CA LYS K 320 -8.04 32.80 26.70
C LYS K 320 -6.82 33.67 26.32
N ARG K 321 -7.11 34.82 25.72
CA ARG K 321 -6.11 35.80 25.29
C ARG K 321 -5.72 36.73 26.42
N LEU K 322 -6.74 37.21 27.14
CA LEU K 322 -6.57 38.12 28.27
C LEU K 322 -5.88 37.46 29.45
N VAL K 323 -4.57 37.29 29.29
CA VAL K 323 -3.68 36.71 30.29
C VAL K 323 -2.27 37.38 30.19
N PRO K 324 -1.52 37.35 31.29
CA PRO K 324 -0.18 37.95 31.32
C PRO K 324 0.81 37.29 30.39
N GLY K 325 1.77 38.07 29.92
CA GLY K 325 2.85 37.53 29.10
C GLY K 325 2.74 37.54 27.60
N TYR K 326 1.56 37.90 27.07
CA TYR K 326 1.37 37.83 25.63
C TYR K 326 0.91 39.17 25.07
N GLU K 327 1.41 40.27 25.61
CA GLU K 327 1.08 41.62 25.17
C GLU K 327 -0.42 41.93 25.25
N ALA K 328 -1.13 41.18 26.09
CA ALA K 328 -2.57 41.34 26.32
C ALA K 328 -2.73 41.88 27.72
N PRO K 329 -3.12 43.16 27.84
CA PRO K 329 -3.28 43.77 29.16
C PRO K 329 -4.62 43.48 29.77
N VAL K 330 -4.59 43.18 31.07
CA VAL K 330 -5.77 42.87 31.87
C VAL K 330 -6.04 43.99 32.88
N MET K 331 -4.99 44.71 33.23
CA MET K 331 -5.04 45.80 34.19
C MET K 331 -5.77 47.00 33.63
N LEU K 332 -6.84 47.38 34.32
CA LEU K 332 -7.65 48.53 33.96
C LEU K 332 -7.01 49.83 34.47
N ALA K 333 -5.93 50.22 33.80
CA ALA K 333 -5.20 51.43 34.17
C ALA K 333 -4.73 52.13 32.92
N TYR K 334 -4.22 53.34 33.09
CA TYR K 334 -3.71 54.05 31.95
C TYR K 334 -2.28 54.49 32.22
N SER K 335 -1.53 54.67 31.13
CA SER K 335 -0.14 55.08 31.18
C SER K 335 0.40 55.30 29.79
N ALA K 336 1.44 56.12 29.68
CA ALA K 336 2.06 56.36 28.41
C ALA K 336 3.30 55.44 28.34
N ARG K 337 3.79 55.05 29.53
CA ARG K 337 4.96 54.21 29.74
C ARG K 337 4.67 52.73 29.80
N ASN K 338 4.25 52.34 31.01
CA ASN K 338 3.95 50.98 31.37
C ASN K 338 2.95 50.32 30.42
N ARG K 339 3.36 49.20 29.84
CA ARG K 339 2.50 48.48 28.90
C ARG K 339 1.80 47.27 29.50
N SER K 340 1.62 47.32 30.81
CA SER K 340 0.88 46.30 31.55
C SER K 340 -0.56 46.85 31.64
N ALA K 341 -0.68 48.14 31.30
CA ALA K 341 -1.92 48.89 31.30
C ALA K 341 -2.74 48.68 30.03
N SER K 342 -4.03 48.42 30.22
CA SER K 342 -4.94 48.18 29.10
C SER K 342 -5.23 49.45 28.32
N ILE K 343 -5.09 50.61 28.96
CA ILE K 343 -5.26 51.86 28.25
C ILE K 343 -3.85 52.42 28.20
N ARG K 344 -3.40 52.72 27.00
CA ARG K 344 -2.07 53.24 26.84
C ARG K 344 -2.25 54.59 26.17
N ILE K 345 -1.42 55.55 26.57
CA ILE K 345 -1.50 56.89 26.00
C ILE K 345 -0.35 57.07 25.05
N PRO K 346 -0.65 57.10 23.75
CA PRO K 346 0.43 57.27 22.80
C PRO K 346 1.02 58.66 22.95
N VAL K 347 2.34 58.69 23.04
CA VAL K 347 3.07 59.92 23.17
C VAL K 347 3.29 60.41 21.75
N VAL K 348 3.07 61.70 21.52
CA VAL K 348 3.25 62.22 20.18
C VAL K 348 3.47 63.74 20.11
N ALA K 349 4.39 64.13 19.23
CA ALA K 349 4.74 65.54 19.00
C ALA K 349 3.59 66.56 19.12
N SER K 350 2.79 66.70 18.06
CA SER K 350 1.71 67.71 18.10
C SER K 350 0.59 67.37 19.09
N PRO K 351 -0.37 68.26 19.18
CA PRO K 351 -1.61 68.03 19.92
C PRO K 351 -2.67 67.46 18.97
N LYS K 352 -2.49 67.74 17.68
CA LYS K 352 -3.42 67.30 16.64
C LYS K 352 -3.66 65.80 16.67
N ALA K 353 -2.68 65.06 17.15
CA ALA K 353 -2.77 63.61 17.20
C ALA K 353 -2.92 62.98 18.59
N ARG K 354 -3.23 63.77 19.60
CA ARG K 354 -3.36 63.22 20.95
C ARG K 354 -4.60 62.33 21.00
N ARG K 355 -4.52 61.22 21.74
CA ARG K 355 -5.66 60.30 21.83
C ARG K 355 -5.37 59.24 22.88
N ILE K 356 -6.26 58.25 22.95
CA ILE K 356 -6.06 57.13 23.87
C ILE K 356 -6.19 55.82 23.09
N GLU K 357 -5.59 54.75 23.64
CA GLU K 357 -5.65 53.44 23.01
C GLU K 357 -6.11 52.43 24.05
N VAL K 358 -7.28 51.89 23.82
CA VAL K 358 -7.84 50.88 24.71
C VAL K 358 -7.49 49.55 24.07
N ARG K 359 -6.53 48.90 24.69
CA ARG K 359 -6.00 47.67 24.16
C ARG K 359 -6.79 46.38 24.37
N PHE K 360 -7.71 46.26 25.33
CA PHE K 360 -8.31 44.94 25.56
C PHE K 360 -9.28 44.40 24.50
N PRO K 361 -9.91 45.26 23.67
CA PRO K 361 -10.79 44.71 22.62
C PRO K 361 -10.11 43.66 21.71
N ASP K 362 -10.83 42.62 21.24
CA ASP K 362 -10.26 41.69 20.26
C ASP K 362 -11.15 41.70 19.00
N PRO K 363 -10.66 40.97 17.93
CA PRO K 363 -11.27 40.91 16.57
C PRO K 363 -12.70 40.46 16.47
N ALA K 364 -12.97 39.51 17.32
CA ALA K 364 -14.26 38.90 17.35
C ALA K 364 -15.40 39.85 17.67
N ALA K 365 -15.08 41.02 18.22
CA ALA K 365 -16.05 42.02 18.62
C ALA K 365 -16.87 42.55 17.45
N ASN K 366 -18.16 42.81 17.70
CA ASN K 366 -19.01 43.39 16.68
C ASN K 366 -18.55 44.85 16.68
N PRO K 367 -17.87 45.28 15.61
CA PRO K 367 -17.35 46.66 15.49
C PRO K 367 -18.32 47.69 16.03
N TYR K 368 -19.50 47.75 15.41
CA TYR K 368 -20.53 48.69 15.80
C TYR K 368 -20.82 48.67 17.30
N LEU K 369 -21.25 47.52 17.81
CA LEU K 369 -21.55 47.41 19.22
C LEU K 369 -20.36 47.77 20.10
N CYS K 370 -19.22 47.18 19.79
CA CYS K 370 -18.01 47.41 20.54
C CYS K 370 -17.66 48.89 20.60
N PHE K 371 -17.59 49.53 19.44
CA PHE K 371 -17.28 50.96 19.36
C PHE K 371 -18.25 51.81 20.16
N ALA K 372 -19.54 51.59 19.96
CA ALA K 372 -20.57 52.32 20.68
C ALA K 372 -20.34 52.23 22.19
N ALA K 373 -20.20 51.00 22.70
CA ALA K 373 -19.98 50.77 24.13
C ALA K 373 -18.79 51.58 24.64
N LEU K 374 -17.73 51.62 23.84
CA LEU K 374 -16.56 52.38 24.21
C LEU K 374 -16.93 53.86 24.31
N LEU K 375 -17.61 54.36 23.28
CA LEU K 375 -18.03 55.76 23.19
C LEU K 375 -18.96 56.18 24.30
N MET K 376 -19.99 55.38 24.53
CA MET K 376 -20.99 55.67 25.55
C MET K 376 -20.42 55.64 26.97
N ALA K 377 -19.45 54.78 27.21
CA ALA K 377 -18.83 54.69 28.53
C ALA K 377 -17.93 55.90 28.67
N GLY K 378 -17.43 56.40 27.54
CA GLY K 378 -16.55 57.55 27.56
C GLY K 378 -17.35 58.78 27.87
N LEU K 379 -18.51 58.90 27.26
CA LEU K 379 -19.40 60.03 27.46
C LEU K 379 -19.90 60.07 28.90
N ASP K 380 -20.25 58.90 29.44
CA ASP K 380 -20.74 58.80 30.81
C ASP K 380 -19.66 59.19 31.81
N GLY K 381 -18.40 58.98 31.43
CA GLY K 381 -17.31 59.32 32.31
C GLY K 381 -17.12 60.82 32.36
N ILE K 382 -17.48 61.46 31.24
CA ILE K 382 -17.39 62.91 31.08
C ILE K 382 -18.54 63.63 31.79
N LYS K 383 -19.77 63.23 31.49
CA LYS K 383 -20.94 63.82 32.12
C LYS K 383 -20.77 63.75 33.62
N ASN K 384 -20.53 62.56 34.16
CA ASN K 384 -20.34 62.35 35.60
C ASN K 384 -18.91 62.63 36.14
N LYS K 385 -18.06 63.37 35.40
CA LYS K 385 -16.68 63.69 35.84
C LYS K 385 -15.97 62.57 36.63
N ILE K 386 -15.97 61.38 36.04
CA ILE K 386 -15.36 60.23 36.67
C ILE K 386 -13.86 60.27 36.59
N HIS K 387 -13.22 60.43 37.73
CA HIS K 387 -11.78 60.50 37.69
C HIS K 387 -11.11 59.14 37.56
N PRO K 388 -10.20 59.03 36.58
CA PRO K 388 -9.40 57.85 36.25
C PRO K 388 -8.28 57.55 37.24
N GLY K 389 -8.15 58.38 38.26
CA GLY K 389 -7.12 58.18 39.25
C GLY K 389 -5.75 58.47 38.69
N GLU K 390 -4.72 57.91 39.33
CA GLU K 390 -3.34 58.11 38.93
C GLU K 390 -2.83 57.06 37.95
N PRO K 391 -2.05 57.48 36.95
CA PRO K 391 -1.46 56.60 35.92
C PRO K 391 -0.51 55.57 36.51
N MET K 392 -0.44 54.41 35.86
CA MET K 392 0.44 53.33 36.30
C MET K 392 1.78 53.49 35.66
N ASP K 393 2.80 53.80 36.44
CA ASP K 393 4.13 53.94 35.87
C ASP K 393 5.11 52.95 36.52
N LYS K 394 4.52 51.90 37.11
CA LYS K 394 5.23 50.80 37.81
C LYS K 394 5.65 49.60 36.93
N ASN K 395 5.70 48.41 37.55
CA ASN K 395 6.16 47.17 36.84
C ASN K 395 5.05 46.33 36.15
N LEU K 396 5.52 45.62 35.13
CA LEU K 396 4.75 44.85 34.13
C LEU K 396 3.72 43.77 34.60
N TYR K 397 3.94 42.46 34.45
CA TYR K 397 2.85 41.49 34.74
C TYR K 397 2.69 40.91 36.17
N ASP K 398 3.69 40.21 36.68
CA ASP K 398 3.62 39.73 38.07
C ASP K 398 4.76 40.04 39.05
N LEU K 399 4.91 41.36 39.22
CA LEU K 399 5.81 42.00 40.17
C LEU K 399 4.90 42.57 41.24
N PRO K 400 3.65 42.92 40.78
CA PRO K 400 2.59 43.53 41.62
C PRO K 400 2.28 42.87 42.97
N PRO K 401 1.83 41.59 43.11
CA PRO K 401 1.41 41.16 44.47
C PRO K 401 2.48 41.29 45.59
N GLU K 402 2.96 42.51 45.80
CA GLU K 402 3.96 42.90 46.79
C GLU K 402 3.18 43.48 47.97
N GLU K 403 1.95 43.83 47.63
CA GLU K 403 0.93 44.42 48.44
C GLU K 403 -0.36 43.90 47.81
N ALA K 404 -0.16 42.72 47.18
CA ALA K 404 -1.13 41.94 46.40
C ALA K 404 -2.02 42.94 45.67
N LYS K 405 -1.44 43.60 44.64
CA LYS K 405 -2.21 44.64 43.99
C LYS K 405 -3.49 44.13 43.36
N GLU K 406 -4.65 44.57 43.82
CA GLU K 406 -5.89 44.23 43.24
C GLU K 406 -6.60 45.46 42.63
N ILE K 407 -5.94 46.13 41.68
CA ILE K 407 -6.59 47.28 41.05
C ILE K 407 -7.60 46.68 40.03
N PRO K 408 -8.57 47.49 39.59
CA PRO K 408 -9.59 47.02 38.64
C PRO K 408 -9.05 46.26 37.40
N GLN K 409 -9.80 45.23 37.00
CA GLN K 409 -9.42 44.43 35.86
C GLN K 409 -10.57 44.03 34.99
N VAL K 410 -10.27 43.74 33.72
CA VAL K 410 -11.28 43.33 32.75
C VAL K 410 -11.93 42.02 33.20
N ALA K 411 -13.11 41.74 32.65
CA ALA K 411 -13.86 40.55 33.00
C ALA K 411 -13.02 39.27 32.92
N GLY K 412 -13.15 38.40 33.91
CA GLY K 412 -12.36 37.16 33.90
C GLY K 412 -12.86 36.09 32.96
N SER K 413 -14.16 36.09 32.72
CA SER K 413 -14.79 35.11 31.84
C SER K 413 -15.81 35.82 30.97
N LEU K 414 -16.58 35.05 30.23
CA LEU K 414 -17.59 35.66 29.38
C LEU K 414 -18.87 35.85 30.20
N GLU K 415 -19.21 34.85 31.00
CA GLU K 415 -20.41 34.88 31.85
C GLU K 415 -20.38 36.17 32.65
N GLU K 416 -19.19 36.47 33.17
CA GLU K 416 -18.94 37.65 33.95
C GLU K 416 -19.26 38.87 33.07
N ALA K 417 -18.47 39.07 32.02
CA ALA K 417 -18.67 40.19 31.10
C ALA K 417 -20.12 40.40 30.73
N LEU K 418 -20.83 39.30 30.58
CA LEU K 418 -22.22 39.36 30.20
C LEU K 418 -23.05 39.89 31.34
N ASN K 419 -23.02 39.15 32.45
CA ASN K 419 -23.75 39.54 33.64
C ASN K 419 -23.48 41.02 34.00
N ALA K 420 -22.25 41.48 33.79
CA ALA K 420 -21.86 42.87 34.03
C ALA K 420 -22.65 43.78 33.12
N LEU K 421 -22.68 43.47 31.83
CA LEU K 421 -23.44 44.26 30.88
C LEU K 421 -24.92 44.21 31.28
N ASP K 422 -25.34 43.12 31.90
CA ASP K 422 -26.73 42.97 32.33
C ASP K 422 -27.03 44.13 33.29
N LEU K 423 -26.30 44.14 34.40
CA LEU K 423 -26.43 45.15 35.44
C LEU K 423 -26.08 46.57 34.98
N ASP K 424 -24.80 46.81 34.73
CA ASP K 424 -24.30 48.12 34.31
C ASP K 424 -24.82 48.54 32.92
N ARG K 425 -26.03 48.12 32.58
CA ARG K 425 -26.59 48.46 31.29
C ARG K 425 -27.06 49.89 31.15
N GLU K 426 -27.09 50.60 32.27
CA GLU K 426 -27.60 51.95 32.23
C GLU K 426 -26.96 52.93 31.28
N PHE K 427 -25.64 53.01 31.28
CA PHE K 427 -24.98 53.97 30.41
C PHE K 427 -25.20 53.73 28.92
N LEU K 428 -25.62 52.52 28.58
CA LEU K 428 -25.85 52.18 27.18
C LEU K 428 -27.22 52.59 26.70
N LYS K 429 -28.19 52.50 27.61
CA LYS K 429 -29.57 52.86 27.28
C LYS K 429 -29.76 54.37 27.10
N ALA K 430 -28.78 55.13 27.59
CA ALA K 430 -28.80 56.58 27.47
C ALA K 430 -29.05 56.97 26.02
N GLY K 431 -29.74 58.10 25.83
CA GLY K 431 -30.05 58.58 24.50
C GLY K 431 -30.83 57.59 23.66
N GLY K 432 -31.37 56.54 24.31
CA GLY K 432 -32.13 55.51 23.61
C GLY K 432 -31.29 54.80 22.55
N VAL K 433 -29.98 54.76 22.77
CA VAL K 433 -29.01 54.13 21.87
C VAL K 433 -29.23 52.63 21.96
N PHE K 434 -29.06 52.09 23.15
CA PHE K 434 -29.28 50.67 23.37
C PHE K 434 -30.60 50.53 24.07
N THR K 435 -31.35 49.53 23.65
CA THR K 435 -32.63 49.28 24.26
C THR K 435 -32.48 48.03 25.08
N ASP K 436 -33.40 47.80 26.00
CA ASP K 436 -33.32 46.64 26.84
C ASP K 436 -33.33 45.33 26.09
N GLU K 437 -34.35 45.07 25.27
CA GLU K 437 -34.34 43.80 24.57
C GLU K 437 -33.21 43.68 23.56
N ALA K 438 -32.71 44.81 23.04
CA ALA K 438 -31.59 44.76 22.10
C ALA K 438 -30.45 44.12 22.89
N ILE K 439 -30.30 44.61 24.11
CA ILE K 439 -29.29 44.13 25.03
C ILE K 439 -29.62 42.74 25.61
N ASP K 440 -30.88 42.48 25.88
CA ASP K 440 -31.26 41.19 26.44
C ASP K 440 -31.11 40.08 25.41
N ALA K 441 -31.30 40.44 24.13
CA ALA K 441 -31.20 39.50 23.03
C ALA K 441 -29.75 39.09 22.86
N TYR K 442 -28.86 40.09 22.82
CA TYR K 442 -27.42 39.85 22.71
C TYR K 442 -26.97 38.90 23.81
N ILE K 443 -27.30 39.23 25.05
CA ILE K 443 -26.92 38.40 26.18
C ILE K 443 -27.38 36.97 25.98
N ALA K 444 -28.59 36.78 25.48
CA ALA K 444 -29.14 35.45 25.26
C ALA K 444 -28.32 34.58 24.30
N LEU K 445 -27.91 35.19 23.19
CA LEU K 445 -27.14 34.56 22.12
C LEU K 445 -25.81 34.05 22.62
N ARG K 446 -25.11 34.99 23.23
CA ARG K 446 -23.82 34.71 23.77
C ARG K 446 -23.93 33.68 24.91
N ARG K 447 -25.04 33.72 25.63
CA ARG K 447 -25.23 32.79 26.74
C ARG K 447 -25.27 31.37 26.23
N GLU K 448 -25.86 31.16 25.06
CA GLU K 448 -25.95 29.81 24.52
C GLU K 448 -24.61 29.36 23.96
N GLU K 449 -23.83 30.31 23.44
CA GLU K 449 -22.48 29.98 22.94
C GLU K 449 -21.63 29.57 24.13
N ASP K 450 -21.65 30.40 25.18
CA ASP K 450 -20.89 30.11 26.40
C ASP K 450 -21.31 28.73 26.94
N ASP K 451 -22.59 28.38 26.82
CA ASP K 451 -23.07 27.08 27.31
C ASP K 451 -22.30 25.94 26.68
N ARG K 452 -22.16 26.03 25.37
CA ARG K 452 -21.50 24.99 24.61
C ARG K 452 -20.10 24.73 25.10
N VAL K 453 -19.33 25.79 25.21
CA VAL K 453 -17.97 25.62 25.68
C VAL K 453 -17.96 25.15 27.13
N ARG K 454 -18.86 25.70 27.93
CA ARG K 454 -18.89 25.35 29.34
C ARG K 454 -19.34 23.94 29.59
N MET K 455 -20.13 23.41 28.68
CA MET K 455 -20.67 22.07 28.85
C MET K 455 -19.94 20.94 28.16
N THR K 456 -19.18 21.24 27.11
CA THR K 456 -18.45 20.21 26.35
C THR K 456 -17.08 19.92 27.00
N PRO K 457 -16.80 18.63 27.31
CA PRO K 457 -15.51 18.29 27.93
C PRO K 457 -14.34 18.83 27.13
N HIS K 458 -13.32 19.30 27.83
CA HIS K 458 -12.14 19.85 27.19
C HIS K 458 -11.06 18.79 27.17
N PRO K 459 -10.33 18.68 26.05
CA PRO K 459 -9.26 17.69 25.91
C PRO K 459 -8.35 17.63 27.14
N VAL K 460 -7.93 18.82 27.58
CA VAL K 460 -7.05 18.96 28.73
C VAL K 460 -7.59 18.31 30.00
N GLU K 461 -8.91 18.22 30.09
CA GLU K 461 -9.50 17.60 31.25
C GLU K 461 -9.11 16.14 31.32
N PHE K 462 -8.86 15.54 30.17
CA PHE K 462 -8.48 14.13 30.19
C PHE K 462 -7.04 13.97 30.65
N GLU K 463 -6.26 14.92 30.14
CA GLU K 463 -4.86 14.97 30.49
C GLU K 463 -4.75 15.10 31.99
N LEU K 464 -5.53 16.02 32.53
CA LEU K 464 -5.58 16.30 33.97
C LEU K 464 -6.39 15.32 34.78
N TYR K 465 -7.49 14.78 34.25
CA TYR K 465 -8.33 14.02 35.18
C TYR K 465 -8.65 12.54 34.84
N TYR K 466 -8.34 12.08 33.66
CA TYR K 466 -8.70 10.70 33.32
C TYR K 466 -8.27 9.65 34.34
N SER K 467 -7.04 9.79 34.81
CA SER K 467 -6.50 8.79 35.71
C SER K 467 -6.83 9.07 37.16
N VAL K 468 -7.87 9.86 37.36
CA VAL K 468 -8.30 10.21 38.70
C VAL K 468 -8.79 9.02 39.52
N SER L 1 -44.85 32.22 -32.76
CA SER L 1 -43.75 32.75 -33.64
C SER L 1 -43.32 31.77 -34.76
N ALA L 2 -44.27 31.31 -35.59
CA ALA L 2 -43.84 30.39 -36.67
C ALA L 2 -42.76 31.11 -37.49
N GLU L 3 -43.15 32.33 -37.91
CA GLU L 3 -42.24 33.20 -38.65
C GLU L 3 -40.96 33.50 -37.84
N HIS L 4 -41.12 34.08 -36.63
CA HIS L 4 -40.00 34.43 -35.76
C HIS L 4 -38.95 33.31 -35.67
N VAL L 5 -39.42 32.09 -35.37
CA VAL L 5 -38.55 30.92 -35.29
C VAL L 5 -37.69 30.75 -36.54
N LEU L 6 -38.30 30.80 -37.72
CA LEU L 6 -37.51 30.61 -38.94
C LEU L 6 -36.38 31.57 -39.04
N THR L 7 -36.62 32.83 -38.70
CA THR L 7 -35.58 33.86 -38.76
C THR L 7 -34.49 33.54 -37.72
N MET L 8 -34.95 33.11 -36.56
CA MET L 8 -34.07 32.74 -35.45
C MET L 8 -33.13 31.55 -35.76
N LEU L 9 -33.49 30.73 -36.74
CA LEU L 9 -32.64 29.60 -37.11
C LEU L 9 -31.42 30.17 -37.87
N ASN L 10 -31.69 31.10 -38.81
CA ASN L 10 -30.63 31.70 -39.62
C ASN L 10 -29.78 32.66 -38.81
N GLU L 11 -30.41 33.24 -37.80
CA GLU L 11 -29.77 34.22 -36.96
C GLU L 11 -28.71 33.62 -36.04
N HIS L 12 -28.92 32.35 -35.67
CA HIS L 12 -27.96 31.69 -34.78
C HIS L 12 -27.27 30.50 -35.46
N GLU L 13 -27.45 30.37 -36.78
CA GLU L 13 -26.87 29.24 -37.53
C GLU L 13 -27.17 27.99 -36.72
N VAL L 14 -28.44 27.86 -36.35
CA VAL L 14 -28.89 26.75 -35.55
C VAL L 14 -28.74 25.45 -36.31
N LYS L 15 -28.19 24.46 -35.63
CA LYS L 15 -27.98 23.17 -36.25
C LYS L 15 -29.09 22.19 -35.82
N PHE L 16 -29.55 22.31 -34.59
CA PHE L 16 -30.60 21.41 -34.11
C PHE L 16 -31.74 22.10 -33.41
N VAL L 17 -32.80 21.32 -33.22
CA VAL L 17 -33.98 21.80 -32.54
C VAL L 17 -34.35 20.77 -31.50
N ASP L 18 -34.44 21.24 -30.27
CA ASP L 18 -34.74 20.35 -29.19
C ASP L 18 -36.18 20.50 -28.74
N LEU L 19 -36.94 19.45 -28.98
CA LEU L 19 -38.32 19.45 -28.63
C LEU L 19 -38.45 19.02 -27.21
N ARG L 20 -39.04 19.87 -26.39
CA ARG L 20 -39.21 19.50 -25.00
C ARG L 20 -40.65 19.58 -24.56
N PHE L 21 -40.99 18.70 -23.65
CA PHE L 21 -42.32 18.64 -23.10
C PHE L 21 -42.18 18.02 -21.72
N THR L 22 -43.27 17.99 -20.99
CA THR L 22 -43.21 17.50 -19.61
C THR L 22 -44.07 16.30 -19.31
N ASP L 23 -43.48 15.32 -18.62
CA ASP L 23 -44.18 14.10 -18.29
C ASP L 23 -45.05 14.28 -17.06
N THR L 24 -45.82 13.24 -16.77
CA THR L 24 -46.74 13.29 -15.65
C THR L 24 -46.10 13.64 -14.32
N LYS L 25 -45.02 12.96 -13.96
CA LYS L 25 -44.33 13.21 -12.68
C LYS L 25 -43.80 14.65 -12.62
N GLY L 26 -43.48 15.20 -13.79
CA GLY L 26 -43.01 16.56 -13.82
C GLY L 26 -41.67 16.71 -14.47
N LYS L 27 -41.05 15.57 -14.81
CA LYS L 27 -39.75 15.58 -15.44
C LYS L 27 -39.84 16.02 -16.89
N GLU L 28 -39.07 17.04 -17.24
CA GLU L 28 -39.01 17.59 -18.59
C GLU L 28 -38.31 16.58 -19.53
N GLN L 29 -38.93 16.28 -20.68
CA GLN L 29 -38.36 15.35 -21.66
C GLN L 29 -37.97 16.11 -22.92
N HIS L 30 -37.12 15.53 -23.76
CA HIS L 30 -36.68 16.21 -24.97
C HIS L 30 -36.35 15.33 -26.16
N VAL L 31 -36.36 15.88 -27.36
CA VAL L 31 -35.99 15.08 -28.50
C VAL L 31 -35.43 16.00 -29.53
N THR L 32 -34.38 15.54 -30.17
CA THR L 32 -33.73 16.42 -31.10
C THR L 32 -33.92 16.12 -32.54
N ILE L 33 -34.14 17.21 -33.25
CA ILE L 33 -34.41 17.22 -34.66
C ILE L 33 -33.48 18.21 -35.32
N PRO L 34 -32.93 17.83 -36.48
CA PRO L 34 -32.01 18.73 -37.21
C PRO L 34 -32.81 19.93 -37.63
N ALA L 35 -32.18 21.08 -37.69
CA ALA L 35 -32.90 22.29 -38.09
C ALA L 35 -33.59 22.13 -39.44
N HIS L 36 -32.99 21.37 -40.34
CA HIS L 36 -33.58 21.19 -41.67
C HIS L 36 -34.91 20.45 -41.65
N GLN L 37 -35.15 19.73 -40.57
CA GLN L 37 -36.39 18.97 -40.41
C GLN L 37 -37.55 19.89 -40.02
N VAL L 38 -37.20 21.16 -39.81
CA VAL L 38 -38.18 22.18 -39.45
C VAL L 38 -38.66 22.92 -40.66
N ASN L 39 -39.94 22.72 -40.97
CA ASN L 39 -40.58 23.31 -42.13
C ASN L 39 -41.96 23.83 -41.81
N ALA L 40 -42.64 24.23 -42.88
CA ALA L 40 -43.98 24.77 -42.84
C ALA L 40 -44.99 23.92 -42.03
N GLU L 41 -45.23 22.70 -42.49
CA GLU L 41 -46.21 21.83 -41.84
C GLU L 41 -45.82 21.37 -40.46
N PHE L 42 -44.52 21.29 -40.20
CA PHE L 42 -44.03 20.89 -38.90
C PHE L 42 -44.77 21.70 -37.82
N PHE L 43 -45.01 22.97 -38.11
CA PHE L 43 -45.70 23.84 -37.17
C PHE L 43 -47.19 23.66 -37.02
N GLU L 44 -47.86 23.32 -38.12
CA GLU L 44 -49.30 23.12 -38.07
C GLU L 44 -49.71 21.70 -37.70
N GLU L 45 -48.87 20.70 -38.00
CA GLU L 45 -49.21 19.32 -37.64
C GLU L 45 -48.23 18.61 -36.69
N GLY L 46 -47.19 19.30 -36.25
CA GLY L 46 -46.23 18.70 -35.33
C GLY L 46 -45.52 17.47 -35.87
N LYS L 47 -44.99 16.66 -34.96
CA LYS L 47 -44.28 15.44 -35.34
C LYS L 47 -44.84 14.27 -34.56
N MET L 48 -44.65 13.09 -35.12
CA MET L 48 -45.13 11.87 -34.51
C MET L 48 -44.16 11.25 -33.56
N PHE L 49 -44.69 10.63 -32.52
CA PHE L 49 -43.86 9.94 -31.54
C PHE L 49 -44.69 9.03 -30.64
N ASP L 50 -44.06 7.97 -30.12
CA ASP L 50 -44.71 7.02 -29.23
C ASP L 50 -44.49 7.37 -27.76
N GLY L 51 -45.60 7.60 -27.05
CA GLY L 51 -45.49 7.94 -25.64
C GLY L 51 -45.39 6.73 -24.75
N SER L 52 -45.74 5.56 -25.26
CA SER L 52 -45.75 4.29 -24.52
C SER L 52 -44.72 4.08 -23.40
N SER L 53 -43.47 4.44 -23.66
CA SER L 53 -42.40 4.25 -22.67
C SER L 53 -42.21 5.49 -21.79
N ILE L 54 -43.34 6.09 -21.43
CA ILE L 54 -43.36 7.26 -20.59
C ILE L 54 -44.26 6.97 -19.40
N GLY L 55 -43.90 7.55 -18.27
CA GLY L 55 -44.67 7.33 -17.07
C GLY L 55 -46.15 7.67 -17.16
N GLY L 56 -46.98 6.64 -17.07
CA GLY L 56 -48.42 6.80 -17.07
C GLY L 56 -49.16 7.34 -18.28
N TRP L 57 -48.57 7.16 -19.43
CA TRP L 57 -49.12 7.56 -20.70
C TRP L 57 -49.22 6.31 -21.49
N LYS L 58 -48.72 5.35 -20.77
CA LYS L 58 -48.62 3.99 -21.19
C LYS L 58 -49.83 3.79 -22.01
N GLY L 59 -49.75 2.75 -22.77
CA GLY L 59 -50.78 2.39 -23.70
C GLY L 59 -50.00 1.80 -24.85
N ILE L 60 -49.45 0.64 -24.56
CA ILE L 60 -48.60 0.01 -25.55
C ILE L 60 -49.49 -0.50 -26.65
N ASN L 61 -50.52 0.27 -26.95
CA ASN L 61 -51.43 -0.09 -28.00
C ASN L 61 -51.97 1.12 -28.77
N GLU L 62 -52.45 2.12 -28.04
CA GLU L 62 -53.07 3.32 -28.66
C GLU L 62 -52.26 4.65 -28.64
N SER L 63 -51.42 4.84 -27.61
CA SER L 63 -50.68 6.11 -27.32
C SER L 63 -49.51 6.48 -28.25
N ASP L 64 -49.87 6.69 -29.49
CA ASP L 64 -48.97 7.19 -30.51
C ASP L 64 -49.44 8.62 -30.65
N MET L 65 -48.78 9.52 -29.92
CA MET L 65 -49.16 10.93 -29.88
C MET L 65 -48.36 11.92 -30.71
N VAL L 66 -48.88 13.16 -30.73
CA VAL L 66 -48.28 14.28 -31.48
C VAL L 66 -47.58 15.34 -30.63
N LEU L 67 -46.38 15.73 -31.07
CA LEU L 67 -45.63 16.77 -30.40
C LEU L 67 -45.98 18.04 -31.12
N MET L 68 -46.68 18.94 -30.43
CA MET L 68 -47.05 20.17 -31.06
C MET L 68 -46.23 21.35 -30.61
N PRO L 69 -45.28 21.77 -31.45
CA PRO L 69 -44.41 22.91 -31.17
C PRO L 69 -45.19 24.17 -30.88
N ASP L 70 -44.67 24.93 -29.93
CA ASP L 70 -45.28 26.18 -29.54
C ASP L 70 -44.27 27.27 -29.92
N ALA L 71 -44.48 27.83 -31.10
CA ALA L 71 -43.60 28.85 -31.65
C ALA L 71 -43.14 29.91 -30.68
N SER L 72 -43.95 30.22 -29.68
CA SER L 72 -43.58 31.26 -28.72
C SER L 72 -42.43 30.88 -27.78
N THR L 73 -42.42 29.63 -27.34
CA THR L 73 -41.43 29.09 -26.39
C THR L 73 -39.96 28.98 -26.85
N ALA L 74 -39.70 29.25 -28.12
CA ALA L 74 -38.37 29.11 -28.68
C ALA L 74 -37.23 29.91 -28.07
N VAL L 75 -36.18 29.18 -27.71
CA VAL L 75 -34.98 29.79 -27.16
C VAL L 75 -33.78 28.86 -27.18
N ILE L 76 -32.63 29.47 -27.49
CA ILE L 76 -31.36 28.78 -27.58
C ILE L 76 -30.93 28.03 -26.31
N ASP L 77 -30.34 26.85 -26.49
CA ASP L 77 -29.83 26.11 -25.35
C ASP L 77 -28.41 26.63 -25.13
N PRO L 78 -28.13 27.12 -23.91
CA PRO L 78 -26.82 27.67 -23.61
C PRO L 78 -25.76 26.71 -23.16
N PHE L 79 -26.11 25.44 -23.06
CA PHE L 79 -25.18 24.42 -22.61
C PHE L 79 -24.69 23.50 -23.73
N PHE L 80 -25.56 23.21 -24.68
CA PHE L 80 -25.23 22.35 -25.80
C PHE L 80 -24.10 22.89 -26.65
N ALA L 81 -23.25 21.97 -27.12
CA ALA L 81 -22.08 22.31 -27.91
C ALA L 81 -22.38 22.83 -29.29
N ASP L 82 -23.32 22.18 -29.97
CA ASP L 82 -23.67 22.62 -31.32
C ASP L 82 -24.88 23.52 -31.14
N SER L 83 -24.95 24.62 -31.88
CA SER L 83 -26.03 25.58 -31.72
C SER L 83 -27.41 24.96 -31.82
N THR L 84 -28.11 24.77 -30.70
CA THR L 84 -29.46 24.20 -30.84
C THR L 84 -30.54 25.08 -30.21
N LEU L 85 -31.72 25.06 -30.90
CA LEU L 85 -32.90 25.78 -30.48
C LEU L 85 -33.91 24.87 -29.77
N ILE L 86 -34.36 25.31 -28.61
CA ILE L 86 -35.32 24.54 -27.82
C ILE L 86 -36.73 25.04 -28.14
N ILE L 87 -37.67 24.12 -28.17
CA ILE L 87 -39.06 24.46 -28.41
C ILE L 87 -39.92 23.55 -27.58
N ARG L 88 -40.67 24.18 -26.68
CA ARG L 88 -41.57 23.49 -25.80
C ARG L 88 -42.73 23.01 -26.66
N CYS L 89 -43.17 21.79 -26.41
CA CYS L 89 -44.25 21.23 -27.18
C CYS L 89 -45.40 20.86 -26.28
N ASP L 90 -46.56 20.67 -26.91
CA ASP L 90 -47.79 20.24 -26.24
C ASP L 90 -48.03 18.84 -26.80
N ILE L 91 -48.63 18.00 -25.97
CA ILE L 91 -48.95 16.66 -26.41
C ILE L 91 -50.41 16.64 -26.84
N LEU L 92 -50.62 16.47 -28.13
CA LEU L 92 -51.95 16.43 -28.70
C LEU L 92 -52.33 15.03 -29.07
N GLU L 93 -53.64 14.79 -29.12
CA GLU L 93 -54.20 13.49 -29.50
C GLU L 93 -54.10 13.39 -31.04
N PRO L 94 -53.64 12.24 -31.57
CA PRO L 94 -53.52 12.11 -33.02
C PRO L 94 -54.85 12.27 -33.78
N GLY L 95 -54.81 13.04 -34.86
CA GLY L 95 -56.00 13.28 -35.65
C GLY L 95 -56.90 14.33 -35.04
N THR L 96 -57.50 14.02 -33.89
CA THR L 96 -58.38 14.95 -33.16
C THR L 96 -57.64 16.27 -32.96
N LEU L 97 -56.40 16.15 -32.47
CA LEU L 97 -55.50 17.28 -32.23
C LEU L 97 -55.90 18.37 -31.24
N GLN L 98 -56.70 18.07 -30.23
CA GLN L 98 -57.05 19.17 -29.32
C GLN L 98 -56.38 19.14 -27.94
N GLY L 99 -55.59 18.09 -27.67
CA GLY L 99 -54.89 18.08 -26.38
C GLY L 99 -55.09 16.91 -25.48
N TYR L 100 -54.02 16.14 -25.30
CA TYR L 100 -54.00 14.94 -24.47
C TYR L 100 -54.46 15.15 -23.03
N ASP L 101 -55.34 14.25 -22.61
CA ASP L 101 -55.95 14.23 -21.29
C ASP L 101 -54.93 14.21 -20.17
N ARG L 102 -53.81 13.57 -20.45
CA ARG L 102 -52.74 13.44 -19.48
C ARG L 102 -51.57 14.40 -19.64
N ASP L 103 -51.56 15.18 -20.72
CA ASP L 103 -50.51 16.18 -20.93
C ASP L 103 -50.72 17.30 -19.90
N PRO L 104 -49.84 17.34 -18.88
CA PRO L 104 -49.89 18.32 -17.79
C PRO L 104 -49.94 19.74 -18.31
N ARG L 105 -49.27 19.99 -19.42
CA ARG L 105 -49.29 21.34 -19.95
C ARG L 105 -50.66 21.66 -20.49
N SER L 106 -51.31 20.68 -21.13
CA SER L 106 -52.65 20.90 -21.67
C SER L 106 -53.60 21.18 -20.51
N ILE L 107 -53.47 20.37 -19.46
CA ILE L 107 -54.26 20.52 -18.26
C ILE L 107 -54.12 21.91 -17.64
N ALA L 108 -52.91 22.44 -17.65
CA ALA L 108 -52.67 23.76 -17.08
C ALA L 108 -53.37 24.80 -17.92
N LYS L 109 -53.32 24.62 -19.24
CA LYS L 109 -53.95 25.56 -20.16
C LYS L 109 -55.46 25.49 -20.00
N ARG L 110 -55.98 24.26 -19.88
CA ARG L 110 -57.41 24.04 -19.69
C ARG L 110 -57.88 24.85 -18.48
N ALA L 111 -57.16 24.72 -17.38
CA ALA L 111 -57.48 25.44 -16.17
C ALA L 111 -57.45 26.97 -16.38
N GLU L 112 -56.52 27.47 -17.19
CA GLU L 112 -56.45 28.91 -17.45
C GLU L 112 -57.65 29.36 -18.28
N ASP L 113 -58.12 28.50 -19.18
CA ASP L 113 -59.27 28.78 -20.04
C ASP L 113 -60.51 28.91 -19.16
N TYR L 114 -60.72 27.89 -18.33
CA TYR L 114 -61.83 27.81 -17.39
C TYR L 114 -61.87 29.03 -16.46
N LEU L 115 -60.75 29.68 -16.25
CA LEU L 115 -60.73 30.85 -15.38
C LEU L 115 -61.45 31.98 -16.11
N ARG L 116 -61.07 32.22 -17.36
CA ARG L 116 -61.70 33.26 -18.16
C ARG L 116 -63.15 32.91 -18.47
N ALA L 117 -63.41 31.62 -18.60
CA ALA L 117 -64.75 31.12 -18.88
C ALA L 117 -65.72 31.43 -17.72
N THR L 118 -65.33 31.18 -16.48
CA THR L 118 -66.22 31.48 -15.36
C THR L 118 -66.31 32.98 -15.16
N GLY L 119 -65.59 33.72 -16.00
CA GLY L 119 -65.59 35.18 -15.93
C GLY L 119 -65.10 35.75 -14.61
N ILE L 120 -64.69 34.87 -13.67
CA ILE L 120 -64.19 35.30 -12.36
C ILE L 120 -62.99 36.23 -12.49
N ALA L 121 -62.08 35.93 -13.42
CA ALA L 121 -60.90 36.74 -13.69
C ALA L 121 -60.38 36.41 -15.09
N ASP L 122 -59.46 37.22 -15.62
CA ASP L 122 -58.92 36.94 -16.94
C ASP L 122 -57.48 36.42 -17.01
N THR L 123 -56.78 36.42 -15.88
CA THR L 123 -55.40 35.89 -15.78
C THR L 123 -55.04 35.53 -14.34
N VAL L 124 -54.32 34.42 -14.18
CA VAL L 124 -53.86 33.95 -12.86
C VAL L 124 -52.38 34.25 -12.76
N LEU L 125 -51.95 34.69 -11.58
CA LEU L 125 -50.55 35.01 -11.37
C LEU L 125 -49.87 34.12 -10.36
N PHE L 126 -48.75 33.54 -10.81
CA PHE L 126 -47.95 32.65 -9.98
C PHE L 126 -46.51 33.12 -9.83
N GLY L 127 -46.05 33.10 -8.59
CA GLY L 127 -44.70 33.51 -8.27
C GLY L 127 -44.19 32.50 -7.26
N PRO L 128 -43.48 31.46 -7.74
CA PRO L 128 -42.93 30.41 -6.88
C PRO L 128 -41.48 30.68 -6.48
N GLU L 129 -41.15 30.24 -5.26
CA GLU L 129 -39.82 30.41 -4.67
C GLU L 129 -39.29 29.00 -4.50
N PRO L 130 -38.71 28.48 -5.57
CA PRO L 130 -38.16 27.13 -5.59
C PRO L 130 -36.73 27.06 -5.07
N GLU L 131 -36.60 26.46 -3.89
CA GLU L 131 -35.30 26.28 -3.22
C GLU L 131 -34.59 24.98 -3.66
N PHE L 132 -33.28 24.89 -3.42
CA PHE L 132 -32.51 23.70 -3.78
C PHE L 132 -31.17 23.63 -3.06
N PHE L 133 -30.50 22.50 -3.26
CA PHE L 133 -29.20 22.28 -2.65
C PHE L 133 -28.14 22.03 -3.71
N LEU L 134 -26.90 22.33 -3.36
CA LEU L 134 -25.76 22.10 -4.24
C LEU L 134 -24.70 21.29 -3.50
N PHE L 135 -24.54 20.05 -3.93
CA PHE L 135 -23.58 19.13 -3.33
C PHE L 135 -22.42 18.87 -4.28
N ASP L 136 -21.45 18.13 -3.77
CA ASP L 136 -20.24 17.82 -4.53
C ASP L 136 -20.32 16.35 -4.84
N ASP L 137 -20.94 15.61 -3.93
CA ASP L 137 -21.04 14.18 -4.09
C ASP L 137 -22.28 13.65 -3.41
N ILE L 138 -22.98 12.80 -4.14
CA ILE L 138 -24.20 12.14 -3.70
C ILE L 138 -24.20 10.67 -4.10
N ARG L 139 -24.29 9.81 -3.10
CA ARG L 139 -24.31 8.36 -3.36
C ARG L 139 -25.42 7.74 -2.55
N PHE L 140 -26.02 6.70 -3.11
CA PHE L 140 -27.12 6.00 -2.46
C PHE L 140 -27.42 4.70 -3.20
N GLY L 141 -28.19 3.84 -2.55
CA GLY L 141 -28.56 2.58 -3.14
C GLY L 141 -29.30 1.68 -2.20
N ALA L 142 -29.98 0.71 -2.79
CA ALA L 142 -30.75 -0.27 -2.04
C ALA L 142 -30.65 -1.59 -2.75
N SER L 143 -30.35 -2.59 -1.95
CA SER L 143 -30.18 -3.96 -2.38
C SER L 143 -30.81 -4.78 -1.26
N ILE L 144 -30.84 -6.09 -1.44
CA ILE L 144 -31.43 -6.95 -0.44
C ILE L 144 -30.71 -6.89 0.91
N SER L 145 -29.38 -6.82 0.85
CA SER L 145 -28.53 -6.80 2.05
C SER L 145 -28.42 -5.46 2.77
N GLY L 146 -28.96 -4.41 2.17
CA GLY L 146 -28.95 -3.10 2.82
C GLY L 146 -29.35 -1.96 1.91
N SER L 147 -29.14 -0.75 2.40
CA SER L 147 -29.43 0.45 1.64
C SER L 147 -28.68 1.59 2.28
N HIS L 148 -28.54 2.69 1.55
CA HIS L 148 -27.82 3.84 2.09
C HIS L 148 -27.93 5.09 1.24
N VAL L 149 -27.45 6.18 1.84
CA VAL L 149 -27.40 7.47 1.20
C VAL L 149 -26.25 8.23 1.85
N ALA L 150 -25.51 8.96 1.02
CA ALA L 150 -24.38 9.73 1.51
C ALA L 150 -24.29 11.05 0.77
N ILE L 151 -24.36 12.11 1.54
CA ILE L 151 -24.29 13.43 0.98
C ILE L 151 -22.98 14.06 1.36
N ASP L 152 -22.49 14.88 0.46
CA ASP L 152 -21.30 15.60 0.72
C ASP L 152 -21.14 16.84 -0.10
N ASP L 153 -20.79 17.90 0.61
CA ASP L 153 -20.49 19.17 -0.01
C ASP L 153 -19.38 19.79 0.79
N ILE L 154 -18.70 20.70 0.11
CA ILE L 154 -17.62 21.46 0.67
C ILE L 154 -18.19 22.31 1.82
N GLU L 155 -19.47 22.68 1.71
CA GLU L 155 -20.09 23.51 2.73
C GLU L 155 -20.60 22.73 3.93
N GLY L 156 -20.72 21.42 3.78
CA GLY L 156 -21.22 20.60 4.86
C GLY L 156 -20.53 20.80 6.19
N ALA L 157 -21.31 21.18 7.18
CA ALA L 157 -20.77 21.41 8.51
C ALA L 157 -19.95 20.25 9.04
N TRP L 158 -20.31 19.03 8.63
CA TRP L 158 -19.60 17.84 9.09
C TRP L 158 -18.12 17.81 8.68
N ASN L 159 -17.81 18.54 7.61
CA ASN L 159 -16.45 18.64 7.09
C ASN L 159 -15.48 19.56 7.86
N SER L 160 -15.94 20.12 8.97
CA SER L 160 -15.09 20.99 9.77
C SER L 160 -13.86 20.22 10.25
N SER L 161 -14.05 18.90 10.35
CA SER L 161 -13.06 17.94 10.82
C SER L 161 -12.26 17.21 9.75
N THR L 162 -12.85 17.14 8.57
CA THR L 162 -12.32 16.48 7.40
C THR L 162 -10.97 16.93 6.86
N LYS L 163 -10.09 15.97 6.51
CA LYS L 163 -8.76 16.31 5.97
C LYS L 163 -8.85 16.52 4.46
N TYR L 164 -8.19 17.56 3.96
CA TYR L 164 -8.28 17.83 2.54
C TYR L 164 -6.92 17.80 1.89
N GLU L 165 -6.93 17.53 0.59
CA GLU L 165 -5.74 17.43 -0.23
C GLU L 165 -4.80 18.60 0.02
N GLY L 166 -5.29 19.81 -0.23
CA GLY L 166 -4.44 20.98 0.00
C GLY L 166 -4.75 21.72 1.30
N GLY L 167 -5.23 21.00 2.31
CA GLY L 167 -5.57 21.62 3.58
C GLY L 167 -7.03 22.03 3.64
N ASN L 168 -7.61 21.95 4.84
CA ASN L 168 -8.99 22.33 5.12
C ASN L 168 -9.05 23.82 5.41
N LYS L 169 -9.78 24.58 4.58
CA LYS L 169 -9.83 26.07 4.72
C LYS L 169 -10.96 26.57 5.69
N GLY L 170 -11.66 25.61 6.25
CA GLY L 170 -12.69 25.67 7.33
C GLY L 170 -13.78 26.74 7.34
N HIS L 171 -14.12 27.53 6.31
CA HIS L 171 -15.25 28.50 6.47
C HIS L 171 -16.60 27.92 5.95
N ARG L 172 -17.26 27.21 6.84
CA ARG L 172 -18.49 26.52 6.50
C ARG L 172 -19.67 26.99 7.30
N PRO L 173 -20.86 26.92 6.69
CA PRO L 173 -22.14 27.31 7.28
C PRO L 173 -22.49 26.23 8.30
N GLY L 174 -22.88 26.63 9.50
N GLY L 174 -23.24 27.98 8.15
CA GLY L 174 -23.24 25.63 10.51
CA GLY L 174 -23.59 26.71 8.78
C GLY L 174 -24.66 25.14 10.24
C GLY L 174 -25.11 26.58 8.93
N VAL L 175 -25.17 24.22 11.06
N VAL L 175 -25.57 25.65 9.78
CA VAL L 175 -26.55 23.75 10.84
CA VAL L 175 -27.00 25.45 9.99
C VAL L 175 -27.50 24.96 10.93
C VAL L 175 -27.74 26.79 10.03
N LYS L 176 -28.26 25.18 9.87
N LYS L 176 -28.68 26.99 9.08
CA LYS L 176 -29.15 26.35 9.75
CA LYS L 176 -29.44 28.24 9.05
C LYS L 176 -28.27 27.60 9.72
C LYS L 176 -28.60 29.38 8.50
N GLY L 177 -27.00 27.39 9.58
N GLY L 177 -27.50 28.89 7.89
CA GLY L 177 -26.09 28.51 9.55
CA GLY L 177 -26.46 29.64 7.21
C GLY L 177 -26.11 29.34 8.27
C GLY L 177 -26.45 31.09 7.62
N GLY L 178 -26.50 28.64 7.17
N GLY L 178 -27.20 31.42 8.69
CA GLY L 178 -26.50 29.11 5.77
CA GLY L 178 -27.26 32.81 9.06
C GLY L 178 -27.43 30.25 5.38
C GLY L 178 -26.96 33.52 7.77
N TYR L 179 -27.38 31.28 6.15
N TYR L 179 -27.98 33.82 7.03
CA TYR L 179 -28.21 32.36 5.69
CA TYR L 179 -27.65 34.26 5.71
C TYR L 179 -27.43 33.62 5.78
C TYR L 179 -27.32 35.67 5.45
N PHE L 180 -27.18 34.01 4.57
N PHE L 180 -26.62 35.78 4.32
CA PHE L 180 -26.53 35.26 4.22
CA PHE L 180 -26.15 36.99 3.71
C PHE L 180 -25.11 35.41 4.71
C PHE L 180 -25.02 37.65 4.52
N PRO L 181 -24.40 34.48 5.36
CA PRO L 181 -22.95 34.83 5.56
C PRO L 181 -22.27 35.29 4.25
N VAL L 182 -21.35 36.20 4.40
CA VAL L 182 -20.59 36.67 3.26
C VAL L 182 -19.61 35.61 2.92
N PRO L 183 -19.25 35.49 1.68
CA PRO L 183 -18.15 34.57 1.35
C PRO L 183 -16.97 34.93 2.23
N PRO L 184 -16.07 33.98 2.46
CA PRO L 184 -16.10 32.61 1.95
C PRO L 184 -17.02 31.63 2.61
N VAL L 185 -17.75 32.11 3.57
CA VAL L 185 -18.61 31.10 4.20
C VAL L 185 -19.58 30.53 3.15
N ASP L 186 -20.09 31.44 2.29
CA ASP L 186 -21.00 31.18 1.19
C ASP L 186 -20.14 30.92 -0.07
N SER L 187 -19.89 29.65 -0.34
CA SER L 187 -19.06 29.29 -1.48
C SER L 187 -19.76 29.49 -2.80
N ALA L 188 -20.91 30.16 -2.85
CA ALA L 188 -21.61 30.10 -4.14
C ALA L 188 -22.07 31.40 -4.83
N GLN L 189 -21.40 32.53 -4.63
CA GLN L 189 -21.86 33.73 -5.32
C GLN L 189 -21.81 33.56 -6.80
N ASP L 190 -20.60 33.32 -7.27
CA ASP L 190 -20.33 33.17 -8.68
C ASP L 190 -21.24 32.17 -9.40
N ILE L 191 -21.56 31.08 -8.70
CA ILE L 191 -22.42 30.03 -9.22
C ILE L 191 -23.83 30.57 -9.42
N ARG L 192 -24.44 31.04 -8.34
CA ARG L 192 -25.79 31.59 -8.42
C ARG L 192 -25.86 32.69 -9.48
N SER L 193 -24.90 33.61 -9.45
CA SER L 193 -24.90 34.67 -10.43
C SER L 193 -24.94 34.13 -11.86
N GLU L 194 -24.30 32.99 -12.12
CA GLU L 194 -24.32 32.40 -13.48
C GLU L 194 -25.74 31.94 -13.76
N MET L 195 -26.27 31.12 -12.85
CA MET L 195 -27.64 30.62 -13.00
C MET L 195 -28.54 31.79 -13.32
N CYS L 196 -28.31 32.92 -12.66
CA CYS L 196 -29.11 34.10 -12.92
C CYS L 196 -28.93 34.58 -14.35
N LEU L 197 -27.71 34.95 -14.71
CA LEU L 197 -27.44 35.42 -16.06
C LEU L 197 -28.09 34.54 -17.09
N VAL L 198 -27.84 33.24 -16.96
CA VAL L 198 -28.37 32.23 -17.87
C VAL L 198 -29.87 32.22 -17.91
N MET L 199 -30.49 32.08 -16.74
CA MET L 199 -31.95 32.09 -16.65
C MET L 199 -32.54 33.29 -17.41
N GLU L 200 -31.94 34.45 -17.26
CA GLU L 200 -32.40 35.64 -17.95
C GLU L 200 -32.25 35.51 -19.44
N GLN L 201 -31.10 35.00 -19.88
CA GLN L 201 -30.84 34.79 -21.30
C GLN L 201 -31.88 33.82 -21.88
N MET L 202 -32.43 32.99 -21.02
CA MET L 202 -33.44 32.03 -21.42
C MET L 202 -34.86 32.55 -21.17
N GLY L 203 -34.99 33.87 -21.10
CA GLY L 203 -36.30 34.46 -20.90
C GLY L 203 -36.82 34.75 -19.50
N LEU L 204 -36.30 34.09 -18.47
CA LEU L 204 -36.77 34.38 -17.12
C LEU L 204 -36.31 35.76 -16.64
N VAL L 205 -36.97 36.27 -15.59
CA VAL L 205 -36.60 37.56 -15.02
C VAL L 205 -36.25 37.34 -13.56
N VAL L 206 -34.98 37.60 -13.26
CA VAL L 206 -34.45 37.39 -11.93
C VAL L 206 -34.60 38.59 -11.04
N GLU L 207 -35.25 38.37 -9.90
CA GLU L 207 -35.43 39.45 -8.93
C GLU L 207 -34.31 39.44 -7.93
N ALA L 208 -33.74 38.26 -7.71
CA ALA L 208 -32.64 38.12 -6.76
C ALA L 208 -32.20 36.69 -6.53
N HIS L 209 -31.07 36.60 -5.82
CA HIS L 209 -30.43 35.33 -5.37
C HIS L 209 -29.71 35.46 -4.03
N HIS L 210 -29.64 34.34 -3.34
N HIS L 210 -30.49 33.84 -4.50
CA HIS L 210 -29.00 34.32 -2.03
CA HIS L 210 -30.34 34.12 -3.07
C HIS L 210 -28.77 32.89 -1.55
C HIS L 210 -30.18 32.82 -2.25
N HIS L 211 -27.86 32.73 -0.59
N HIS L 211 -29.28 32.84 -1.25
CA HIS L 211 -27.66 31.41 -0.03
CA HIS L 211 -28.91 31.69 -0.40
C HIS L 211 -28.94 31.17 0.77
C HIS L 211 -29.80 31.54 0.84
N GLU L 212 -29.10 29.98 1.35
N GLU L 212 -29.65 30.43 1.62
CA GLU L 212 -30.31 29.69 2.08
CA GLU L 212 -30.54 30.28 2.74
C GLU L 212 -29.97 28.94 3.36
C GLU L 212 -30.66 28.78 3.01
N VAL L 213 -30.81 29.06 4.40
CA VAL L 213 -30.63 28.49 5.75
C VAL L 213 -29.73 27.26 5.97
N ALA L 214 -30.03 26.13 5.35
CA ALA L 214 -29.28 24.88 5.57
C ALA L 214 -27.81 24.86 5.12
N THR L 215 -27.02 24.12 5.90
CA THR L 215 -25.60 23.93 5.58
C THR L 215 -25.56 23.06 4.32
N ALA L 216 -24.36 22.81 3.79
CA ALA L 216 -24.22 21.98 2.62
C ALA L 216 -24.89 22.52 1.36
N GLY L 217 -24.70 23.80 1.09
CA GLY L 217 -25.13 24.43 -0.16
C GLY L 217 -26.62 24.65 -0.47
N GLN L 218 -27.48 24.93 0.50
CA GLN L 218 -28.84 25.24 0.13
C GLN L 218 -28.85 26.65 -0.47
N ASN L 219 -29.49 26.82 -1.61
CA ASN L 219 -29.55 28.12 -2.29
C ASN L 219 -30.90 28.35 -2.94
N GLU L 220 -31.18 29.60 -3.29
CA GLU L 220 -32.45 29.97 -3.91
C GLU L 220 -32.20 31.14 -4.85
N VAL L 221 -32.93 31.12 -5.96
CA VAL L 221 -32.92 32.18 -6.97
C VAL L 221 -34.38 32.59 -7.17
N ALA L 222 -34.67 33.84 -6.83
CA ALA L 222 -36.01 34.38 -6.93
C ALA L 222 -36.25 34.94 -8.31
N THR L 223 -37.34 34.48 -8.91
CA THR L 223 -37.70 34.92 -10.23
C THR L 223 -39.07 35.57 -10.21
N ARG L 224 -39.24 36.53 -11.11
CA ARG L 224 -40.48 37.26 -11.24
C ARG L 224 -41.61 36.36 -11.74
N PHE L 225 -42.79 36.59 -11.16
CA PHE L 225 -44.03 35.87 -11.45
C PHE L 225 -44.41 35.99 -12.91
N ASN L 226 -45.47 35.28 -13.27
CA ASN L 226 -46.01 35.29 -14.63
C ASN L 226 -47.33 34.53 -14.70
N THR L 227 -47.99 34.60 -15.86
CA THR L 227 -49.27 33.92 -16.07
C THR L 227 -49.03 32.45 -15.70
N MET L 228 -49.94 31.88 -14.91
CA MET L 228 -49.79 30.49 -14.46
C MET L 228 -49.07 29.52 -15.38
N THR L 229 -49.54 29.38 -16.62
CA THR L 229 -48.89 28.42 -17.51
C THR L 229 -47.47 28.79 -17.92
N LYS L 230 -47.24 30.04 -18.30
CA LYS L 230 -45.91 30.46 -18.67
C LYS L 230 -44.95 30.27 -17.48
N LYS L 231 -45.46 30.44 -16.26
CA LYS L 231 -44.61 30.27 -15.08
C LYS L 231 -44.16 28.84 -14.88
N ALA L 232 -45.07 27.88 -14.99
CA ALA L 232 -44.70 26.46 -14.86
C ALA L 232 -43.65 26.09 -15.93
N ASP L 233 -43.69 26.80 -17.07
CA ASP L 233 -42.71 26.61 -18.14
C ASP L 233 -41.38 27.06 -17.55
N GLU L 234 -41.36 28.31 -17.10
CA GLU L 234 -40.19 28.93 -16.51
C GLU L 234 -39.59 28.08 -15.40
N ILE L 235 -40.44 27.36 -14.67
CA ILE L 235 -39.96 26.49 -13.60
C ILE L 235 -39.07 25.41 -14.18
N GLN L 236 -39.57 24.77 -15.24
CA GLN L 236 -38.81 23.74 -15.89
C GLN L 236 -37.48 24.31 -16.38
N ILE L 237 -37.51 25.52 -16.95
CA ILE L 237 -36.28 26.15 -17.44
C ILE L 237 -35.34 26.39 -16.28
N TYR L 238 -35.93 26.92 -15.21
CA TYR L 238 -35.23 27.18 -13.95
C TYR L 238 -34.41 25.96 -13.53
N LYS L 239 -35.14 24.87 -13.31
CA LYS L 239 -34.53 23.62 -12.88
C LYS L 239 -33.44 23.15 -13.84
N TYR L 240 -33.69 23.36 -15.12
CA TYR L 240 -32.72 22.96 -16.10
C TYR L 240 -31.46 23.77 -15.89
N VAL L 241 -31.60 25.10 -15.99
CA VAL L 241 -30.47 25.99 -15.79
C VAL L 241 -29.74 25.66 -14.50
N VAL L 242 -30.48 25.48 -13.42
CA VAL L 242 -29.88 25.13 -12.13
C VAL L 242 -29.11 23.82 -12.23
N HIS L 243 -29.81 22.75 -12.54
CA HIS L 243 -29.19 21.44 -12.68
C HIS L 243 -27.91 21.41 -13.50
N ASN L 244 -27.95 22.10 -14.64
CA ASN L 244 -26.85 22.14 -15.58
C ASN L 244 -25.72 23.09 -15.26
N VAL L 245 -26.03 24.30 -14.81
CA VAL L 245 -24.97 25.22 -14.43
C VAL L 245 -24.20 24.52 -13.29
N ALA L 246 -24.95 23.92 -12.36
CA ALA L 246 -24.37 23.20 -11.23
C ALA L 246 -23.42 22.13 -11.76
N HIS L 247 -23.93 21.35 -12.69
CA HIS L 247 -23.17 20.28 -13.29
C HIS L 247 -21.86 20.80 -13.85
N ARG L 248 -21.96 21.84 -14.67
CA ARG L 248 -20.82 22.49 -15.29
C ARG L 248 -19.84 23.06 -14.27
N PHE L 249 -20.25 23.28 -13.03
CA PHE L 249 -19.30 23.80 -12.03
C PHE L 249 -18.84 22.64 -11.19
N GLY L 250 -19.05 21.44 -11.70
CA GLY L 250 -18.63 20.28 -10.96
C GLY L 250 -19.46 20.08 -9.71
N LYS L 251 -20.66 20.65 -9.71
CA LYS L 251 -21.53 20.43 -8.59
C LYS L 251 -22.71 19.59 -9.08
N THR L 252 -23.56 19.19 -8.15
CA THR L 252 -24.72 18.37 -8.48
C THR L 252 -25.90 18.98 -7.72
N ALA L 253 -26.93 19.43 -8.44
CA ALA L 253 -28.08 20.03 -7.75
C ALA L 253 -29.27 19.09 -7.56
N THR L 254 -30.01 19.29 -6.47
CA THR L 254 -31.22 18.52 -6.24
C THR L 254 -32.38 19.35 -5.74
N PHE L 255 -33.53 19.13 -6.35
CA PHE L 255 -34.68 19.83 -5.89
C PHE L 255 -35.51 18.97 -4.95
N MET L 256 -34.94 17.87 -4.46
CA MET L 256 -35.72 17.05 -3.54
C MET L 256 -35.94 17.87 -2.28
N PRO L 257 -37.17 17.80 -1.73
CA PRO L 257 -37.62 18.51 -0.54
C PRO L 257 -36.88 18.37 0.79
N LYS L 258 -36.48 17.15 1.15
CA LYS L 258 -35.79 16.96 2.42
C LYS L 258 -34.61 15.99 2.31
N PRO L 259 -33.50 16.45 1.72
CA PRO L 259 -32.29 15.63 1.55
C PRO L 259 -31.68 15.28 2.87
N MET L 260 -31.38 16.31 3.65
CA MET L 260 -30.86 16.09 4.98
C MET L 260 -31.96 16.33 5.99
N PHE L 261 -31.76 15.72 7.13
N PHE L 261 -31.90 15.53 7.00
CA PHE L 261 -32.61 15.78 8.33
CA PHE L 261 -32.87 15.62 8.08
C PHE L 261 -31.94 16.62 9.41
C PHE L 261 -32.59 16.96 8.72
N GLY L 262 -32.69 17.51 10.05
N GLY L 262 -31.31 17.22 8.87
CA GLY L 262 -32.05 18.29 11.10
CA GLY L 262 -30.81 18.44 9.44
C GLY L 262 -31.70 19.68 10.65
C GLY L 262 -31.78 19.51 9.87
N ASP L 263 -31.90 19.96 9.39
N ASP L 263 -32.12 20.42 8.95
CA ASP L 263 -31.67 21.24 8.82
CA ASP L 263 -32.96 21.56 9.31
C ASP L 263 -32.81 21.46 7.86
C ASP L 263 -33.76 22.30 8.20
N ASN L 264 -32.89 22.64 7.36
N ASN L 264 -34.30 23.50 8.54
CA ASN L 264 -33.96 23.00 6.50
CA ASN L 264 -34.98 24.40 7.72
C ASN L 264 -34.16 22.13 5.31
C ASN L 264 -34.81 23.83 6.28
N GLY L 265 -35.43 21.99 5.01
N GLY L 265 -35.81 23.13 5.75
CA GLY L 265 -35.86 21.31 3.85
CA GLY L 265 -35.65 22.44 4.45
C GLY L 265 -36.03 22.42 2.83
C GLY L 265 -35.83 23.27 3.17
N SER L 266 -36.04 22.05 1.54
N SER L 266 -35.96 22.55 2.02
CA SER L 266 -36.22 23.02 0.50
CA SER L 266 -36.16 23.15 0.67
C SER L 266 -37.66 22.98 0.08
C SER L 266 -37.63 23.02 0.25
N GLY L 267 -38.21 24.14 -0.13
CA GLY L 267 -39.61 24.25 -0.49
C GLY L 267 -39.90 25.25 -1.59
N MET L 268 -41.08 25.14 -2.17
CA MET L 268 -41.49 26.04 -3.24
C MET L 268 -42.78 26.79 -2.90
N HIS L 269 -42.65 27.89 -2.17
CA HIS L 269 -43.80 28.72 -1.77
C HIS L 269 -44.45 29.28 -3.02
N CYS L 270 -45.77 29.40 -2.98
CA CYS L 270 -46.52 29.90 -4.12
C CYS L 270 -47.35 31.13 -3.91
N HIS L 271 -46.85 32.21 -4.50
CA HIS L 271 -47.52 33.48 -4.47
C HIS L 271 -48.51 33.49 -5.59
N MET L 272 -49.72 33.95 -5.27
CA MET L 272 -50.78 33.99 -6.23
C MET L 272 -51.65 35.20 -6.04
N SER L 273 -52.37 35.53 -7.10
CA SER L 273 -53.31 36.64 -7.15
C SER L 273 -54.01 36.57 -8.50
N LEU L 274 -55.25 37.05 -8.55
CA LEU L 274 -55.99 37.03 -9.78
C LEU L 274 -56.18 38.44 -10.31
N ALA L 275 -56.31 38.54 -11.62
CA ALA L 275 -56.48 39.83 -12.25
C ALA L 275 -57.59 39.85 -13.30
N LYS L 276 -58.05 41.06 -13.63
CA LYS L 276 -59.10 41.26 -14.62
C LYS L 276 -58.91 42.69 -15.12
N ASN L 277 -58.56 42.82 -16.40
CA ASN L 277 -58.36 44.11 -17.05
C ASN L 277 -57.41 44.98 -16.24
N GLY L 278 -56.17 44.50 -16.10
CA GLY L 278 -55.16 45.23 -15.36
C GLY L 278 -55.43 45.57 -13.90
N THR L 279 -56.54 45.09 -13.33
CA THR L 279 -56.85 45.37 -11.93
C THR L 279 -56.62 44.15 -11.05
N ASN L 280 -56.06 44.37 -9.87
CA ASN L 280 -55.78 43.25 -8.98
C ASN L 280 -56.96 42.90 -8.09
N LEU L 281 -57.69 41.87 -8.51
CA LEU L 281 -58.86 41.40 -7.79
C LEU L 281 -58.60 40.94 -6.36
N PHE L 282 -57.34 40.85 -5.96
CA PHE L 282 -57.02 40.39 -4.60
C PHE L 282 -56.87 41.50 -3.57
N SER L 283 -57.01 42.76 -3.99
CA SER L 283 -56.90 43.86 -3.04
C SER L 283 -58.30 44.30 -2.64
N GLY L 284 -58.44 44.71 -1.38
CA GLY L 284 -59.73 45.16 -0.89
C GLY L 284 -59.57 45.89 0.43
N ASP L 285 -60.60 45.83 1.27
CA ASP L 285 -60.57 46.49 2.57
C ASP L 285 -60.70 45.55 3.78
N LYS L 286 -60.65 44.25 3.52
CA LYS L 286 -60.70 43.25 4.59
C LYS L 286 -59.27 43.03 5.10
N TYR L 287 -59.09 41.95 5.85
CA TYR L 287 -57.78 41.63 6.41
C TYR L 287 -56.54 41.94 5.54
N ALA L 288 -55.61 42.68 6.10
CA ALA L 288 -54.36 43.00 5.41
C ALA L 288 -54.43 43.65 4.02
N GLY L 289 -55.55 44.28 3.70
CA GLY L 289 -55.67 44.93 2.40
C GLY L 289 -56.21 44.01 1.31
N LEU L 290 -56.68 42.85 1.74
CA LEU L 290 -57.25 41.82 0.86
C LEU L 290 -58.68 42.08 0.43
N SER L 291 -59.04 41.53 -0.72
CA SER L 291 -60.40 41.63 -1.22
C SER L 291 -61.18 40.44 -0.68
N GLU L 292 -62.49 40.49 -0.89
CA GLU L 292 -63.37 39.42 -0.45
C GLU L 292 -62.92 38.20 -1.24
N GLN L 293 -62.75 38.40 -2.54
CA GLN L 293 -62.32 37.38 -3.50
C GLN L 293 -61.19 36.48 -2.98
N ALA L 294 -60.09 37.13 -2.58
CA ALA L 294 -58.93 36.44 -2.07
C ALA L 294 -59.27 35.47 -0.95
N LEU L 295 -60.07 35.93 0.01
CA LEU L 295 -60.41 35.08 1.13
C LEU L 295 -61.21 33.84 0.74
N TYR L 296 -61.99 33.94 -0.32
CA TYR L 296 -62.71 32.77 -0.80
C TYR L 296 -61.69 31.81 -1.42
N TYR L 297 -60.71 32.37 -2.12
CA TYR L 297 -59.64 31.60 -2.74
C TYR L 297 -58.99 30.80 -1.62
N ILE L 298 -58.58 31.54 -0.58
CA ILE L 298 -57.94 30.96 0.59
C ILE L 298 -58.78 29.85 1.19
N GLY L 299 -60.07 30.10 1.28
CA GLY L 299 -60.96 29.10 1.84
C GLY L 299 -60.93 27.85 1.01
N GLY L 300 -60.91 28.01 -0.32
CA GLY L 300 -60.89 26.87 -1.22
C GLY L 300 -59.61 26.08 -1.04
N VAL L 301 -58.49 26.80 -1.10
CA VAL L 301 -57.18 26.19 -0.95
C VAL L 301 -57.14 25.39 0.34
N ILE L 302 -57.61 26.01 1.42
CA ILE L 302 -57.64 25.33 2.71
C ILE L 302 -58.58 24.12 2.70
N LYS L 303 -59.67 24.21 1.95
CA LYS L 303 -60.62 23.11 1.91
C LYS L 303 -60.03 21.90 1.22
N HIS L 304 -59.42 22.15 0.06
CA HIS L 304 -58.85 21.11 -0.77
C HIS L 304 -57.38 20.78 -0.53
N ALA L 305 -56.81 21.39 0.50
CA ALA L 305 -55.41 21.18 0.84
C ALA L 305 -54.85 19.77 0.64
N LYS L 306 -55.36 18.80 1.40
CA LYS L 306 -54.85 17.44 1.27
C LYS L 306 -54.84 16.91 -0.17
N ALA L 307 -55.84 17.31 -0.96
CA ALA L 307 -55.87 16.86 -2.33
C ALA L 307 -54.78 17.60 -3.08
N ILE L 308 -54.71 18.91 -2.86
CA ILE L 308 -53.66 19.70 -3.51
C ILE L 308 -52.29 19.15 -3.15
N ASN L 309 -52.14 18.66 -1.92
CA ASN L 309 -50.89 18.07 -1.47
C ASN L 309 -50.37 17.06 -2.48
N ALA L 310 -51.22 16.12 -2.87
CA ALA L 310 -50.86 15.11 -3.86
C ALA L 310 -50.17 15.69 -5.10
N LEU L 311 -50.47 16.95 -5.44
CA LEU L 311 -49.82 17.55 -6.61
C LEU L 311 -48.61 18.40 -6.27
N ALA L 312 -48.73 19.16 -5.18
CA ALA L 312 -47.69 20.05 -4.71
C ALA L 312 -46.72 19.43 -3.69
N ASN L 313 -46.89 18.15 -3.39
CA ASN L 313 -46.04 17.41 -2.43
C ASN L 313 -46.19 15.94 -2.83
N PRO L 314 -45.78 15.59 -4.07
CA PRO L 314 -45.86 14.26 -4.68
C PRO L 314 -44.90 13.19 -4.21
N THR L 315 -44.09 13.52 -3.21
CA THR L 315 -43.11 12.58 -2.73
C THR L 315 -43.23 12.23 -1.28
N THR L 316 -42.85 10.99 -0.96
CA THR L 316 -42.85 10.54 0.43
C THR L 316 -41.92 11.48 1.20
N ASN L 317 -40.83 11.87 0.54
CA ASN L 317 -39.82 12.77 1.10
C ASN L 317 -40.46 14.11 1.44
N SER L 318 -41.43 14.53 0.62
CA SER L 318 -42.14 15.79 0.78
C SER L 318 -42.65 15.96 2.20
N TYR L 319 -43.08 14.82 2.75
CA TYR L 319 -43.63 14.73 4.10
C TYR L 319 -42.61 14.69 5.19
N LYS L 320 -41.35 14.56 4.82
CA LYS L 320 -40.26 14.56 5.80
C LYS L 320 -39.90 16.03 6.10
N ARG L 321 -40.31 16.91 5.19
CA ARG L 321 -40.11 18.35 5.28
C ARG L 321 -41.17 19.03 6.11
N LEU L 322 -42.42 18.64 5.84
CA LEU L 322 -43.60 19.16 6.52
C LEU L 322 -43.65 18.75 8.00
N VAL L 323 -42.81 19.42 8.77
CA VAL L 323 -42.68 19.23 10.22
C VAL L 323 -42.31 20.57 10.89
N PRO L 324 -42.63 20.71 12.18
CA PRO L 324 -42.33 21.94 12.92
C PRO L 324 -40.85 22.22 13.08
N GLY L 325 -40.51 23.51 13.16
CA GLY L 325 -39.14 23.91 13.41
C GLY L 325 -38.21 24.22 12.27
N TYR L 326 -38.66 23.95 11.02
CA TYR L 326 -37.78 24.15 9.88
C TYR L 326 -38.41 25.07 8.85
N GLU L 327 -39.14 26.08 9.29
CA GLU L 327 -39.79 27.05 8.41
C GLU L 327 -40.76 26.42 7.41
N ALA L 328 -41.24 25.22 7.74
CA ALA L 328 -42.18 24.46 6.93
C ALA L 328 -43.49 24.44 7.70
N PRO L 329 -44.49 25.19 7.20
CA PRO L 329 -45.77 25.25 7.88
C PRO L 329 -46.68 24.09 7.52
N VAL L 330 -47.33 23.56 8.55
CA VAL L 330 -48.28 22.45 8.43
C VAL L 330 -49.71 22.90 8.68
N MET L 331 -49.83 23.99 9.44
CA MET L 331 -51.11 24.58 9.81
C MET L 331 -51.79 25.23 8.65
N LEU L 332 -52.98 24.74 8.35
CA LEU L 332 -53.81 25.26 7.27
C LEU L 332 -54.57 26.51 7.73
N ALA L 333 -53.83 27.61 7.85
CA ALA L 333 -54.39 28.87 8.28
C ALA L 333 -53.74 30.00 7.52
N TYR L 334 -54.29 31.20 7.68
CA TYR L 334 -53.70 32.33 7.00
C TYR L 334 -53.42 33.43 8.02
N SER L 335 -52.44 34.26 7.69
CA SER L 335 -52.02 35.37 8.53
C SER L 335 -50.97 36.20 7.82
N ALA L 336 -50.85 37.46 8.21
CA ALA L 336 -49.85 38.32 7.66
C ALA L 336 -48.66 38.33 8.65
N ARG L 337 -48.99 38.01 9.92
CA ARG L 337 -48.05 37.98 11.03
C ARG L 337 -47.38 36.64 11.27
N ASN L 338 -48.17 35.79 11.94
CA ASN L 338 -47.77 34.47 12.36
C ASN L 338 -47.27 33.61 11.20
N ARG L 339 -46.04 33.12 11.33
CA ARG L 339 -45.45 32.30 10.28
C ARG L 339 -45.48 30.81 10.56
N SER L 340 -46.47 30.42 11.36
CA SER L 340 -46.73 29.02 11.67
C SER L 340 -47.81 28.59 10.66
N ALA L 341 -48.39 29.61 10.01
CA ALA L 341 -49.44 29.49 9.00
C ALA L 341 -48.89 29.17 7.62
N SER L 342 -49.51 28.17 6.98
CA SER L 342 -49.10 27.75 5.64
C SER L 342 -49.45 28.77 4.58
N ILE L 343 -50.46 29.59 4.85
CA ILE L 343 -50.80 30.65 3.90
C ILE L 343 -50.39 31.90 4.64
N ARG L 344 -49.55 32.70 4.00
CA ARG L 344 -49.08 33.90 4.62
C ARG L 344 -49.51 35.01 3.69
N ILE L 345 -49.91 36.15 4.27
CA ILE L 345 -50.34 37.28 3.48
C ILE L 345 -49.25 38.33 3.50
N PRO L 346 -48.57 38.48 2.37
CA PRO L 346 -47.51 39.49 2.34
C PRO L 346 -48.12 40.88 2.48
N VAL L 347 -47.53 41.62 3.41
CA VAL L 347 -47.97 42.98 3.66
C VAL L 347 -47.21 43.83 2.67
N VAL L 348 -47.90 44.76 2.03
CA VAL L 348 -47.24 45.62 1.06
C VAL L 348 -47.95 46.94 0.76
N ALA L 349 -47.14 47.99 0.64
CA ALA L 349 -47.63 49.36 0.35
C ALA L 349 -48.86 49.45 -0.57
N SER L 350 -48.65 49.37 -1.88
CA SER L 350 -49.79 49.54 -2.82
C SER L 350 -50.78 48.38 -2.75
N PRO L 351 -51.84 48.49 -3.55
CA PRO L 351 -52.80 47.42 -3.75
C PRO L 351 -52.38 46.60 -4.98
N LYS L 352 -51.60 47.24 -5.86
CA LYS L 352 -51.15 46.62 -7.10
C LYS L 352 -50.42 45.31 -6.86
N ALA L 353 -49.82 45.18 -5.68
CA ALA L 353 -49.06 43.98 -5.34
C ALA L 353 -49.68 43.06 -4.29
N ARG L 354 -50.95 43.25 -3.96
CA ARG L 354 -51.59 42.41 -2.95
C ARG L 354 -51.72 40.98 -3.49
N ARG L 355 -51.54 39.99 -2.64
CA ARG L 355 -51.64 38.59 -3.08
C ARG L 355 -51.57 37.67 -1.87
N ILE L 356 -51.49 36.37 -2.14
CA ILE L 356 -51.34 35.38 -1.08
C ILE L 356 -50.15 34.48 -1.39
N GLU L 357 -49.60 33.85 -0.35
CA GLU L 357 -48.47 32.94 -0.49
C GLU L 357 -48.80 31.65 0.20
N VAL L 358 -48.93 30.61 -0.60
CA VAL L 358 -49.19 29.28 -0.06
C VAL L 358 -47.85 28.59 0.05
N ARG L 359 -47.42 28.48 1.27
CA ARG L 359 -46.10 27.97 1.55
C ARG L 359 -45.89 26.45 1.52
N PHE L 360 -46.89 25.59 1.63
CA PHE L 360 -46.60 24.16 1.73
C PHE L 360 -46.07 23.44 0.47
N PRO L 361 -46.35 23.95 -0.73
CA PRO L 361 -45.77 23.29 -1.92
C PRO L 361 -44.23 23.09 -1.87
N ASP L 362 -43.70 21.97 -2.41
CA ASP L 362 -42.24 21.81 -2.51
C ASP L 362 -41.86 21.63 -4.00
N PRO L 363 -40.51 21.60 -4.25
CA PRO L 363 -39.88 21.53 -5.61
C PRO L 363 -40.26 20.40 -6.50
N ALA L 364 -40.41 19.28 -5.83
CA ALA L 364 -40.73 18.06 -6.49
C ALA L 364 -42.05 18.08 -7.25
N ALA L 365 -42.91 19.03 -6.93
CA ALA L 365 -44.23 19.16 -7.54
C ALA L 365 -44.18 19.38 -9.03
N ASN L 366 -45.12 18.79 -9.76
CA ASN L 366 -45.22 19.00 -11.20
C ASN L 366 -45.81 20.41 -11.27
N PRO L 367 -45.02 21.41 -11.70
CA PRO L 367 -45.47 22.80 -11.79
C PRO L 367 -46.90 22.92 -12.30
N TYR L 368 -47.13 22.45 -13.52
CA TYR L 368 -48.42 22.48 -14.16
C TYR L 368 -49.54 21.93 -13.26
N LEU L 369 -49.42 20.66 -12.89
CA LEU L 369 -50.43 20.06 -12.04
C LEU L 369 -50.62 20.80 -10.73
N CYS L 370 -49.52 21.07 -10.07
CA CYS L 370 -49.53 21.76 -8.80
C CYS L 370 -50.24 23.11 -8.90
N PHE L 371 -49.82 23.93 -9.86
CA PHE L 371 -50.44 25.23 -10.07
C PHE L 371 -51.93 25.15 -10.33
N ALA L 372 -52.31 24.29 -11.27
CA ALA L 372 -53.71 24.08 -11.60
C ALA L 372 -54.53 23.78 -10.35
N ALA L 373 -54.09 22.77 -9.58
CA ALA L 373 -54.78 22.36 -8.36
C ALA L 373 -54.99 23.55 -7.43
N LEU L 374 -53.97 24.39 -7.32
CA LEU L 374 -54.06 25.56 -6.48
C LEU L 374 -55.15 26.47 -7.02
N LEU L 375 -55.10 26.73 -8.33
CA LEU L 375 -56.05 27.61 -9.01
C LEU L 375 -57.48 27.12 -8.94
N MET L 376 -57.68 25.85 -9.25
CA MET L 376 -59.02 25.25 -9.23
C MET L 376 -59.65 25.20 -7.85
N ALA L 377 -58.82 25.04 -6.82
CA ALA L 377 -59.33 24.99 -5.45
C ALA L 377 -59.67 26.41 -5.07
N GLY L 378 -58.97 27.37 -5.68
CA GLY L 378 -59.20 28.76 -5.38
C GLY L 378 -60.51 29.20 -5.99
N LEU L 379 -60.74 28.77 -7.23
CA LEU L 379 -61.97 29.09 -7.94
C LEU L 379 -63.18 28.48 -7.24
N ASP L 380 -63.03 27.24 -6.80
CA ASP L 380 -64.12 26.55 -6.11
C ASP L 380 -64.45 27.22 -4.79
N GLY L 381 -63.46 27.86 -4.19
CA GLY L 381 -63.70 28.54 -2.92
C GLY L 381 -64.48 29.81 -3.15
N ILE L 382 -64.31 30.38 -4.34
CA ILE L 382 -64.99 31.61 -4.76
C ILE L 382 -66.43 31.33 -5.18
N LYS L 383 -66.61 30.38 -6.11
CA LYS L 383 -67.94 30.01 -6.56
C LYS L 383 -68.80 29.68 -5.36
N ASN L 384 -68.36 28.75 -4.52
CA ASN L 384 -69.08 28.36 -3.31
C ASN L 384 -68.88 29.26 -2.07
N LYS L 385 -68.40 30.49 -2.22
CA LYS L 385 -68.19 31.44 -1.09
C LYS L 385 -67.71 30.78 0.22
N ILE L 386 -66.65 29.99 0.08
CA ILE L 386 -66.10 29.29 1.23
C ILE L 386 -65.32 30.21 2.14
N HIS L 387 -65.84 30.41 3.34
CA HIS L 387 -65.15 31.30 4.23
C HIS L 387 -63.95 30.66 4.91
N PRO L 388 -62.80 31.34 4.84
CA PRO L 388 -61.51 30.95 5.41
C PRO L 388 -61.43 31.12 6.93
N GLY L 389 -62.51 31.59 7.53
CA GLY L 389 -62.52 31.78 8.97
C GLY L 389 -61.65 32.94 9.39
N GLU L 390 -61.24 32.92 10.66
CA GLU L 390 -60.40 33.98 11.22
C GLU L 390 -58.91 33.69 11.11
N PRO L 391 -58.11 34.72 10.81
CA PRO L 391 -56.64 34.63 10.68
C PRO L 391 -55.96 34.22 11.97
N MET L 392 -54.84 33.51 11.85
CA MET L 392 -54.07 33.06 13.01
C MET L 392 -53.08 34.13 13.38
N ASP L 393 -53.26 34.76 14.52
CA ASP L 393 -52.31 35.78 14.94
C ASP L 393 -51.68 35.40 16.31
N LYS L 394 -51.75 34.09 16.61
CA LYS L 394 -51.24 33.47 17.85
C LYS L 394 -49.76 33.00 17.80
N ASN L 395 -49.46 31.94 18.57
CA ASN L 395 -48.08 31.41 18.68
C ASN L 395 -47.69 30.30 17.66
N LEU L 396 -46.37 30.26 17.42
CA LEU L 396 -45.67 29.46 16.40
C LEU L 396 -45.87 27.92 16.34
N TYR L 397 -44.91 27.06 16.71
CA TYR L 397 -45.08 25.60 16.45
C TYR L 397 -45.76 24.71 17.51
N ASP L 398 -45.20 24.60 18.71
CA ASP L 398 -45.87 23.85 19.78
C ASP L 398 -46.13 24.51 21.15
N LEU L 399 -46.92 25.56 21.02
CA LEU L 399 -47.45 26.35 22.13
C LEU L 399 -48.94 26.00 22.16
N PRO L 400 -49.46 25.68 20.93
CA PRO L 400 -50.88 25.33 20.68
C PRO L 400 -51.54 24.30 21.61
N PRO L 401 -51.12 23.01 21.76
CA PRO L 401 -51.97 22.10 22.55
C PRO L 401 -52.25 22.54 24.02
N GLU L 402 -52.84 23.72 24.18
CA GLU L 402 -53.22 24.35 25.44
C GLU L 402 -54.70 24.07 25.63
N GLU L 403 -55.29 23.72 24.49
CA GLU L 403 -56.67 23.39 24.25
C GLU L 403 -56.60 22.40 23.09
N ALA L 404 -55.41 21.76 23.07
CA ALA L 404 -54.94 20.78 22.08
C ALA L 404 -55.46 21.24 20.73
N LYS L 405 -54.90 22.33 20.21
CA LYS L 405 -55.44 22.86 18.97
C LYS L 405 -55.37 21.89 17.82
N GLU L 406 -56.50 21.44 17.28
CA GLU L 406 -56.54 20.61 16.13
C GLU L 406 -57.19 21.32 14.94
N ILE L 407 -56.64 22.46 14.52
CA ILE L 407 -57.19 23.13 13.34
C ILE L 407 -56.70 22.34 12.11
N PRO L 408 -57.35 22.53 10.95
CA PRO L 408 -56.96 21.81 9.73
C PRO L 408 -55.46 21.82 9.39
N GLN L 409 -54.98 20.69 8.87
CA GLN L 409 -53.58 20.57 8.51
C GLN L 409 -53.35 19.81 7.23
N VAL L 410 -52.21 20.08 6.60
CA VAL L 410 -51.84 19.41 5.35
C VAL L 410 -51.71 17.91 5.58
N ALA L 411 -51.78 17.15 4.49
CA ALA L 411 -51.70 15.69 4.56
C ALA L 411 -50.50 15.21 5.36
N GLY L 412 -50.70 14.21 6.21
CA GLY L 412 -49.60 13.70 7.03
C GLY L 412 -48.62 12.80 6.30
N SER L 413 -49.11 12.11 5.27
CA SER L 413 -48.29 11.22 4.49
C SER L 413 -48.63 11.40 3.03
N LEU L 414 -48.10 10.53 2.18
CA LEU L 414 -48.38 10.64 0.77
C LEU L 414 -49.65 9.85 0.47
N GLU L 415 -49.78 8.67 1.07
CA GLU L 415 -50.95 7.80 0.89
C GLU L 415 -52.19 8.63 1.16
N GLU L 416 -52.11 9.40 2.23
CA GLU L 416 -53.17 10.29 2.65
C GLU L 416 -53.46 11.27 1.51
N ALA L 417 -52.49 12.14 1.21
CA ALA L 417 -52.63 13.14 0.15
C ALA L 417 -53.23 12.55 -1.11
N LEU L 418 -52.85 11.32 -1.41
CA LEU L 418 -53.33 10.67 -2.60
C LEU L 418 -54.79 10.32 -2.45
N ASN L 419 -55.07 9.49 -1.45
CA ASN L 419 -56.43 9.07 -1.18
C ASN L 419 -57.39 10.30 -1.12
N ALA L 420 -56.90 11.42 -0.59
CA ALA L 420 -57.66 12.67 -0.51
C ALA L 420 -57.98 13.15 -1.92
N LEU L 421 -56.97 13.20 -2.77
CA LEU L 421 -57.19 13.62 -4.15
C LEU L 421 -58.15 12.64 -4.81
N ASP L 422 -58.14 11.38 -4.37
CA ASP L 422 -59.03 10.37 -4.93
C ASP L 422 -60.46 10.87 -4.73
N LEU L 423 -60.84 11.01 -3.46
CA LEU L 423 -62.15 11.48 -3.06
C LEU L 423 -62.49 12.89 -3.51
N ASP L 424 -61.83 13.87 -2.91
CA ASP L 424 -62.05 15.29 -3.22
C ASP L 424 -61.65 15.67 -4.66
N ARG L 425 -61.79 14.72 -5.59
CA ARG L 425 -61.42 14.99 -6.97
C ARG L 425 -62.38 15.87 -7.73
N GLU L 426 -63.53 16.13 -7.13
CA GLU L 426 -64.52 16.90 -7.84
C GLU L 426 -64.15 18.27 -8.34
N PHE L 427 -63.54 19.09 -7.49
CA PHE L 427 -63.20 20.44 -7.93
C PHE L 427 -62.19 20.49 -9.07
N LEU L 428 -61.48 19.39 -9.29
CA LEU L 428 -60.48 19.34 -10.35
C LEU L 428 -61.09 18.99 -11.70
N LYS L 429 -62.12 18.14 -11.66
CA LYS L 429 -62.78 17.71 -12.88
C LYS L 429 -63.63 18.81 -13.51
N ALA L 430 -63.90 19.85 -12.73
CA ALA L 430 -64.65 21.01 -13.18
C ALA L 430 -64.06 21.52 -14.48
N GLY L 431 -64.92 22.05 -15.35
CA GLY L 431 -64.48 22.59 -16.63
C GLY L 431 -63.75 21.57 -17.48
N GLY L 432 -63.85 20.28 -17.11
CA GLY L 432 -63.17 19.22 -17.85
C GLY L 432 -61.66 19.40 -17.89
N VAL L 433 -61.13 20.08 -16.86
CA VAL L 433 -59.71 20.36 -16.71
C VAL L 433 -59.01 19.04 -16.41
N PHE L 434 -59.40 18.42 -15.31
CA PHE L 434 -58.84 17.14 -14.94
C PHE L 434 -59.87 16.10 -15.27
N THR L 435 -59.39 14.99 -15.80
CA THR L 435 -60.29 13.91 -16.13
C THR L 435 -60.02 12.81 -15.14
N ASP L 436 -60.96 11.88 -15.02
CA ASP L 436 -60.79 10.81 -14.07
C ASP L 436 -59.57 9.96 -14.29
N GLU L 437 -59.39 9.38 -15.47
CA GLU L 437 -58.20 8.56 -15.65
C GLU L 437 -56.90 9.37 -15.60
N ALA L 438 -56.97 10.67 -15.93
CA ALA L 438 -55.77 11.51 -15.86
C ALA L 438 -55.35 11.46 -14.39
N ILE L 439 -56.36 11.64 -13.55
CA ILE L 439 -56.19 11.62 -12.10
C ILE L 439 -55.93 10.20 -11.55
N ASP L 440 -56.58 9.20 -12.12
CA ASP L 440 -56.39 7.84 -11.64
C ASP L 440 -55.02 7.31 -12.00
N ALA L 441 -54.48 7.80 -13.12
CA ALA L 441 -53.17 7.40 -13.61
C ALA L 441 -52.11 7.96 -12.69
N TYR L 442 -52.22 9.25 -12.38
CA TYR L 442 -51.28 9.92 -11.48
C TYR L 442 -51.24 9.16 -10.15
N ILE L 443 -52.41 8.93 -9.56
CA ILE L 443 -52.48 8.22 -8.30
C ILE L 443 -51.76 6.88 -8.37
N ALA L 444 -51.93 6.17 -9.48
CA ALA L 444 -51.30 4.87 -9.65
C ALA L 444 -49.76 4.90 -9.59
N LEU L 445 -49.18 5.88 -10.27
CA LEU L 445 -47.74 6.10 -10.37
C LEU L 445 -47.12 6.34 -9.02
N ARG L 446 -47.71 7.33 -8.37
CA ARG L 446 -47.26 7.71 -7.07
C ARG L 446 -47.48 6.57 -6.06
N ARG L 447 -48.51 5.78 -6.28
CA ARG L 447 -48.79 4.67 -5.38
C ARG L 447 -47.68 3.66 -5.41
N GLU L 448 -47.08 3.46 -6.58
CA GLU L 448 -46.00 2.49 -6.68
C GLU L 448 -44.72 3.03 -6.10
N GLU L 449 -44.52 4.35 -6.20
CA GLU L 449 -43.35 4.99 -5.60
C GLU L 449 -43.47 4.87 -4.07
N ASP L 450 -44.64 5.25 -3.56
CA ASP L 450 -44.89 5.15 -2.13
C ASP L 450 -44.65 3.70 -1.66
N ASP L 451 -45.03 2.73 -2.49
CA ASP L 451 -44.84 1.32 -2.12
C ASP L 451 -43.39 1.01 -1.79
N ARG L 452 -42.51 1.50 -2.65
CA ARG L 452 -41.10 1.26 -2.50
C ARG L 452 -40.57 1.72 -1.17
N VAL L 453 -40.86 2.97 -0.86
CA VAL L 453 -40.40 3.51 0.41
C VAL L 453 -41.08 2.79 1.57
N ARG L 454 -42.37 2.50 1.41
CA ARG L 454 -43.10 1.87 2.49
C ARG L 454 -42.68 0.45 2.74
N MET L 455 -42.16 -0.19 1.70
CA MET L 455 -41.78 -1.59 1.81
C MET L 455 -40.33 -1.89 2.08
N THR L 456 -39.43 -0.96 1.74
CA THR L 456 -37.99 -1.15 1.93
C THR L 456 -37.57 -0.76 3.36
N PRO L 457 -36.89 -1.67 4.09
CA PRO L 457 -36.46 -1.36 5.47
C PRO L 457 -35.67 -0.06 5.52
N HIS L 458 -35.89 0.72 6.57
CA HIS L 458 -35.20 1.98 6.74
C HIS L 458 -34.05 1.77 7.69
N PRO L 459 -32.89 2.38 7.40
CA PRO L 459 -31.70 2.26 8.24
C PRO L 459 -32.02 2.43 9.73
N VAL L 460 -32.77 3.50 10.02
CA VAL L 460 -33.17 3.82 11.39
C VAL L 460 -33.90 2.69 12.10
N GLU L 461 -34.56 1.85 11.33
CA GLU L 461 -35.26 0.73 11.93
C GLU L 461 -34.28 -0.20 12.61
N PHE L 462 -33.06 -0.24 12.10
CA PHE L 462 -32.08 -1.12 12.71
C PHE L 462 -31.57 -0.54 14.02
N GLU L 463 -31.39 0.77 13.93
CA GLU L 463 -30.96 1.54 15.08
C GLU L 463 -31.97 1.32 16.18
N LEU L 464 -33.23 1.47 15.83
CA LEU L 464 -34.35 1.30 16.76
C LEU L 464 -34.73 -0.13 17.07
N TYR L 465 -34.61 -1.05 16.10
CA TYR L 465 -35.19 -2.37 16.40
C TYR L 465 -34.30 -3.62 16.33
N TYR L 466 -33.10 -3.51 15.81
CA TYR L 466 -32.27 -4.70 15.67
C TYR L 466 -32.11 -5.53 16.95
N SER L 467 -31.89 -4.84 18.05
CA SER L 467 -31.65 -5.52 19.30
C SER L 467 -32.92 -5.86 20.05
N VAL L 468 -34.01 -5.88 19.31
CA VAL L 468 -35.30 -6.19 19.90
C VAL L 468 -35.41 -7.61 20.48
MN MN M . -15.66 -42.79 -14.15
MN MN N . -18.97 -46.28 -16.37
PB ADP O . -17.31 -48.52 -15.35
O1B ADP O . -15.90 -48.98 -15.85
O2B ADP O . -18.38 -48.56 -16.36
O3B ADP O . -17.13 -46.97 -14.70
PA ADP O . -17.29 -49.57 -12.29
O1A ADP O . -15.89 -50.13 -11.94
O2A ADP O . -17.45 -48.16 -11.66
O3A ADP O . -17.56 -49.55 -13.99
O5' ADP O . -18.25 -50.68 -11.57
C5' ADP O . -19.43 -50.76 -10.78
C4' ADP O . -20.90 -50.72 -10.97
O4' ADP O . -21.64 -51.85 -11.71
C3' ADP O . -21.36 -50.85 -9.59
O3' ADP O . -22.26 -49.74 -9.37
C2' ADP O . -21.91 -52.28 -9.62
O2' ADP O . -22.43 -52.63 -8.37
C1' ADP O . -22.82 -52.07 -10.80
N9 ADP O . -24.00 -53.25 -11.12
C8 ADP O . -25.37 -52.95 -11.55
N7 ADP O . -26.22 -53.96 -11.76
C5 ADP O . -25.41 -55.04 -11.48
C6 ADP O . -25.70 -56.42 -11.51
N6 ADP O . -26.83 -56.76 -11.84
N1 ADP O . -24.78 -57.34 -11.20
C2 ADP O . -23.55 -56.94 -10.84
N3 ADP O . -23.06 -55.65 -10.75
C4 ADP O . -24.06 -54.69 -11.09
NP PPQ P . -16.94 -38.34 -17.09
CAP PPQ P . -17.58 -38.93 -18.25
CBP PPQ P . -17.50 -40.44 -18.13
CGP PPQ P . -16.10 -40.95 -17.82
PDP PPQ P . -15.40 -42.58 -17.73
CEP PPQ P . -16.45 -43.98 -17.79
OEA PPQ P . -14.59 -42.65 -16.52
OEB PPQ P . -14.43 -42.77 -18.93
CP PPQ P . -19.04 -38.44 -18.35
OP PPQ P . -19.98 -39.24 -18.46
OTP PPQ P . -19.22 -37.21 -18.48
MN MN Q . 25.93 -39.06 -9.74
MN MN R . 27.70 -43.14 -12.62
PB ADP S . 29.14 -44.20 -10.24
O1B ADP S . 30.43 -43.62 -9.58
O2B ADP S . 29.28 -44.59 -11.66
O3B ADP S . 27.91 -43.03 -10.05
PA ADP S . 27.75 -45.74 -7.77
O1A ADP S . 28.54 -45.47 -6.48
O2A ADP S . 26.45 -44.89 -7.78
O3A ADP S . 28.72 -45.48 -9.18
O5' ADP S . 27.43 -47.35 -7.61
C5' ADP S . 26.37 -48.27 -7.78
C4' ADP S . 25.74 -49.03 -8.89
O4' ADP S . 26.49 -50.16 -9.61
C3' ADP S . 24.67 -49.73 -8.17
O3' ADP S . 23.45 -49.43 -8.86
C2' ADP S . 25.23 -51.16 -8.18
O2' ADP S . 24.35 -52.04 -7.55
C1' ADP S . 25.42 -51.22 -9.68
N9 ADP S . 25.71 -52.75 -10.39
C8 ADP S . 25.13 -53.20 -11.66
N7 ADP S . 25.43 -54.42 -12.11
C5 ADP S . 26.26 -54.87 -11.10
C6 ADP S . 26.91 -56.11 -10.98
N6 ADP S . 26.75 -56.94 -11.86
N1 ADP S . 27.70 -56.39 -9.91
C2 ADP S . 27.86 -55.46 -8.96
N3 ADP S . 27.30 -54.19 -8.91
C4 ADP S . 26.48 -53.93 -10.04
NP PPQ T . 24.67 -35.57 -13.79
CAP PPQ T . 25.45 -36.12 -14.90
CBP PPQ T . 26.28 -37.29 -14.39
CGP PPQ T . 27.06 -36.97 -13.12
PDP PPQ T . 28.29 -37.87 -12.20
CEP PPQ T . 28.58 -39.55 -12.58
OEA PPQ T . 27.93 -37.75 -10.78
OEB PPQ T . 29.65 -37.16 -12.36
CP PPQ T . 24.50 -36.54 -16.05
OP PPQ T . 24.56 -37.68 -16.53
OTP PPQ T . 23.81 -35.65 -16.55
MN MN U . 41.63 -13.51 19.54
MN MN V . 46.73 -14.97 19.64
PB ADP W . 46.50 -15.58 22.54
O1B ADP W . 46.39 -14.56 23.73
O2B ADP W . 47.72 -15.45 21.72
O3B ADP W . 45.10 -15.41 21.60
PA ADP W . 45.09 -18.20 23.79
O1A ADP W . 44.48 -17.87 25.17
O2A ADP W . 43.96 -18.28 22.72
O3A ADP W . 46.33 -17.09 23.35
O5' ADP W . 45.75 -19.68 24.09
C5' ADP W . 45.85 -20.96 23.50
C4' ADP W . 46.69 -21.64 22.47
O4' ADP W . 48.19 -21.91 22.73
C3' ADP W . 46.09 -22.98 22.47
O3' ADP W . 45.77 -23.26 21.09
C2' ADP W . 47.20 -23.78 23.17
O2' ADP W . 46.84 -25.13 23.26
C1' ADP W . 48.30 -23.34 22.25
N9 ADP W . 49.78 -24.19 22.30
C8 ADP W . 50.58 -24.55 21.11
N7 ADP W . 51.71 -25.22 21.29
C5 ADP W . 51.73 -25.36 22.66
C6 ADP W . 52.70 -25.99 23.49
N6 ADP W . 53.66 -26.51 22.95
N1 ADP W . 52.55 -26.03 24.82
C2 ADP W . 51.47 -25.45 25.38
N3 ADP W . 50.43 -24.79 24.75
C4 ADP W . 50.60 -24.76 23.34
NP PPQ X . 41.66 -10.48 14.97
CAP PPQ X . 43.08 -10.19 14.82
CBP PPQ X . 43.82 -10.76 16.00
CGP PPQ X . 43.20 -10.38 17.35
PDP PPQ X . 43.73 -10.62 19.03
CEP PPQ X . 45.09 -11.67 19.37
OEA PPQ X . 42.57 -11.08 19.78
OEB PPQ X . 44.12 -9.24 19.63
CP PPQ X . 43.59 -10.77 13.48
OP PPQ X . 44.59 -11.50 13.45
OTP PPQ X . 43.07 -10.34 12.44
MN MN Y . 15.71 8.28 44.43
MN MN Z . 19.04 10.00 48.18
PB ADP AA . 17.38 8.69 50.26
O1B ADP AA . 15.97 9.13 50.79
O2B ADP AA . 18.45 9.68 50.44
O3B ADP AA . 17.20 8.25 48.64
PA ADP AA . 17.34 5.52 50.89
O1A ADP AA . 15.95 5.10 51.40
O2A ADP AA . 17.51 5.08 49.41
O3A ADP AA . 17.62 7.21 51.10
O5' ADP AA . 18.31 4.66 51.91
C5' ADP AA . 19.48 3.86 51.86
C4' ADP AA . 20.96 4.05 51.85
O4' ADP AA . 21.70 4.63 53.07
C3' ADP AA . 21.42 2.66 51.80
O3' ADP AA . 22.31 2.58 50.66
C2' ADP AA . 21.96 2.50 53.22
O2' ADP AA . 22.50 1.21 53.38
C1' ADP AA . 22.88 3.69 53.15
N9 ADP AA . 24.07 3.85 54.37
C8 ADP AA . 25.44 4.31 54.13
N7 ADP AA . 26.28 4.39 55.15
C5 ADP AA . 25.48 3.97 56.20
C6 ADP AA . 25.78 3.82 57.56
N6 ADP AA . 26.91 4.09 57.94
N1 ADP AA . 24.85 3.37 58.44
C2 ADP AA . 23.61 3.08 57.99
N3 ADP AA . 23.14 3.16 56.69
C4 ADP AA . 24.13 3.62 55.79
NP PPQ BA . 17.00 11.78 40.41
CAP PPQ BA . 17.64 12.85 41.15
CBP PPQ BA . 17.55 12.54 42.63
CGP PPQ BA . 16.16 12.15 43.10
PDP PPQ BA . 15.46 11.86 44.70
CEP PPQ BA . 16.52 11.72 46.10
OEA PPQ BA . 14.65 10.65 44.61
OEB PPQ BA . 14.49 13.01 45.05
CP PPQ BA . 19.09 13.02 40.67
OP PPQ BA . 20.03 13.01 41.49
OTP PPQ BA . 19.27 13.31 39.48
MN MN CA . -25.99 4.60 40.04
MN MN DA . -27.76 6.93 44.46
PB ADP EA . -29.21 4.44 45.20
O1B ADP EA . -30.51 3.86 44.54
O2B ADP EA . -29.35 5.80 45.77
O3B ADP EA . -27.99 4.40 44.02
PA ADP EA . -27.84 1.79 46.42
O1A ADP EA . -28.63 0.54 45.99
O2A ADP EA . -26.53 1.90 45.58
O3A ADP EA . -28.80 3.22 46.33
O5' ADP EA . -27.52 1.42 47.99
C5' ADP EA . -26.45 1.46 48.92
C4' ADP EA . -25.83 2.47 49.83
O4' ADP EA . -26.58 3.04 51.04
C3' ADP EA . -24.76 1.65 50.43
O3' ADP EA . -23.54 2.39 50.23
C2' ADP EA . -25.33 1.49 51.85
O2' ADP EA . -24.44 0.75 52.64
C1' ADP EA . -25.52 2.96 52.11
N9 ADP EA . -25.79 3.47 53.70
C8 ADP EA . -25.22 4.67 54.32
N7 ADP EA . -25.52 4.96 55.58
C5 ADP EA . -26.36 3.91 55.90
C6 ADP EA . -27.01 3.63 57.12
N6 ADP EA . -26.85 4.39 58.05
N1 ADP EA . -27.80 2.54 57.25
C2 ADP EA . -27.96 1.72 56.20
N3 ADP EA . -27.40 1.82 54.93
C4 ADP EA . -26.57 2.97 54.82
NP PPQ FA . -24.72 9.06 37.12
CAP PPQ FA . -25.49 10.09 37.80
CBP PPQ FA . -26.32 9.44 38.88
CGP PPQ FA . -27.11 8.23 38.40
PDP PPQ FA . -28.33 7.19 39.18
CEP PPQ FA . -28.64 7.35 40.89
OEA PPQ FA . -27.99 5.81 38.88
OEB PPQ FA . -29.70 7.46 38.49
CP PPQ FA . -24.54 11.18 38.36
OP PPQ FA . -24.60 11.51 39.55
OTP PPQ FA . -23.85 11.79 37.55
MN MN GA . -41.70 -21.07 10.74
MN MN HA . -46.78 -21.37 12.16
PB ADP IA . -46.56 -24.32 12.38
O1B ADP IA . -46.44 -25.37 11.21
O2B ADP IA . -47.78 -23.49 12.36
O3B ADP IA . -45.17 -23.37 12.34
PA ADP IA . -45.15 -25.91 14.82
O1A ADP IA . -44.54 -27.23 14.31
O2A ADP IA . -44.02 -24.86 15.04
O3A ADP IA . -46.39 -25.32 13.77
O5' ADP IA . -45.80 -26.40 16.24
C5' ADP IA . -45.91 -25.98 17.60
C4' ADP IA . -46.77 -25.06 18.40
O4' ADP IA . -48.26 -25.35 18.63
C3' ADP IA . -46.16 -25.24 19.73
O3' ADP IA . -45.84 -23.90 20.19
C2' ADP IA . -47.27 -26.04 20.42
O2' ADP IA . -46.92 -26.31 21.75
C1' ADP IA . -48.37 -25.07 20.11
N9 ADP IA . -49.85 -25.23 20.95
C8 ADP IA . -50.65 -24.12 21.45
N7 ADP IA . -51.79 -24.37 22.10
C5 ADP IA . -51.81 -25.74 22.05
C6 ADP IA . -52.77 -26.65 22.56
N6 ADP IA . -53.74 -26.20 23.15
N1 ADP IA . -52.63 -27.98 22.42
C2 ADP IA . -51.54 -28.46 21.77
N3 ADP IA . -50.50 -27.74 21.20
C4 ADP IA . -50.68 -26.34 21.37
NP PPQ JA . -41.72 -16.13 8.34
CAP PPQ JA . -43.13 -15.94 8.07
CBP PPQ JA . -43.88 -17.21 8.47
CGP PPQ JA . -43.26 -18.48 7.92
PDP PPQ JA . -43.78 -20.18 7.94
CEP PPQ JA . -45.14 -20.65 8.93
OEA PPQ JA . -42.62 -20.99 8.30
OEB PPQ JA . -44.16 -20.59 6.50
CP PPQ JA . -43.66 -14.69 8.82
OP PPQ JA . -44.65 -14.77 9.55
OTP PPQ JA . -43.13 -13.62 8.53
MN MN KA . -36.32 3.50 -30.90
MN MN LA . -39.78 1.83 -34.56
PB ADP MA . -40.71 4.63 -34.96
O1B ADP MA . -41.58 5.49 -33.99
O2B ADP MA . -41.34 3.38 -35.42
O3B ADP MA . -39.24 4.34 -34.17
PA ADP MA . -39.12 6.90 -36.61
O1A ADP MA . -39.42 8.29 -36.01
O2A ADP MA . -37.70 6.45 -36.16
O3A ADP MA . -40.34 5.74 -36.20
O5' ADP MA . -39.17 7.24 -38.21
C5' ADP MA . -38.46 6.97 -39.41
C4' ADP MA . -38.38 5.87 -40.41
O4' ADP MA . -39.56 5.56 -41.34
C3' ADP MA . -37.35 6.42 -41.32
O3' ADP MA . -36.35 5.40 -41.43
C2' ADP MA . -38.24 6.77 -42.53
O2' ADP MA . -37.45 7.31 -43.56
C1' ADP MA . -38.84 5.40 -42.67
N9 ADP MA . -39.68 5.04 -44.10
C8 ADP MA . -39.62 3.75 -44.81
N7 ADP MA . -40.32 3.59 -45.93
C5 ADP MA . -40.92 4.83 -46.04
C6 ADP MA . -41.81 5.31 -47.02
N6 ADP MA . -42.10 4.56 -47.95
N1 ADP MA . -42.29 6.56 -46.98
C2 ADP MA . -41.95 7.36 -45.96
N3 ADP MA . -41.10 7.07 -44.90
C4 ADP MA . -40.59 5.76 -44.98
NP PPQ NA . -35.43 -1.25 -28.29
CAP PPQ NA . -36.59 -2.03 -28.69
CBP PPQ NA . -37.50 -1.15 -29.52
CGP PPQ NA . -37.79 0.21 -28.89
PDP PPQ NA . -38.90 1.53 -29.33
CEP PPQ NA . -39.70 1.52 -30.88
OEA PPQ NA . -38.15 2.78 -29.19
OEB PPQ NA . -40.04 1.59 -28.27
CP PPQ NA . -36.14 -3.29 -29.46
OP PPQ NA . -36.61 -3.55 -30.58
OTP PPQ NA . -35.42 -4.09 -28.85
MN MN OA . 0.01 -10.32 -46.66
MN MN PA . 1.57 -12.68 -51.14
PB ADP QA . -0.22 -10.91 -52.71
O1B ADP QA . -1.79 -10.97 -52.80
O2B ADP QA . 0.47 -12.15 -53.15
O3B ADP QA . 0.18 -10.51 -51.12
PA ADP QA . 0.37 -7.82 -53.42
O1A ADP QA . -0.96 -7.04 -53.52
O2A ADP QA . 1.06 -7.49 -52.06
O3A ADP QA . 0.14 -9.52 -53.64
O5' ADP QA . 1.20 -7.19 -54.69
C5' ADP QA . 2.49 -6.71 -55.02
C4' ADP QA . 3.81 -7.28 -55.42
O4' ADP QA . 4.00 -7.98 -56.78
C3' ADP QA . 4.60 -6.05 -55.54
O3' ADP QA . 5.77 -6.25 -54.72
C2' ADP QA . 4.75 -5.98 -57.07
O2' ADP QA . 5.51 -4.85 -57.42
C1' ADP QA . 5.31 -7.36 -57.23
N9 ADP QA . 6.02 -7.77 -58.72
C8 ADP QA . 7.24 -8.57 -58.87
N7 ADP QA . 7.71 -8.83 -60.09
C5 ADP QA . 6.78 -8.17 -60.87
C6 ADP QA . 6.70 -8.04 -62.28
N6 ADP QA . 7.57 -8.57 -62.95
N1 ADP QA . 5.71 -7.35 -62.86
C2 ADP QA . 4.76 -6.77 -62.09
N3 ADP QA . 4.66 -6.78 -60.72
C4 ADP QA . 5.73 -7.51 -60.11
NP PPQ RA . 1.45 -14.19 -43.05
CAP PPQ RA . 1.57 -15.35 -43.91
CBP PPQ RA . 1.15 -14.97 -45.32
CGP PPQ RA . -0.18 -14.23 -45.37
PDP PPQ RA . -1.21 -13.71 -46.73
CEP PPQ RA . -0.60 -13.80 -48.36
OEA PPQ RA . -1.62 -12.34 -46.45
OEB PPQ RA . -2.50 -14.56 -46.72
CP PPQ RA . 3.01 -15.91 -43.86
OP PPQ RA . 3.64 -16.10 -44.90
OTP PPQ RA . 3.43 -16.29 -42.75
MN MN SA . 36.45 3.33 -30.87
MN MN TA . 41.51 3.49 -32.44
PB ADP UA . 40.65 4.23 -35.19
O1B ADP UA . 39.96 3.30 -36.25
O2B ADP UA . 41.97 3.78 -34.74
O3B ADP UA . 39.57 4.39 -33.89
PA ADP UA . 39.62 7.15 -36.10
O1A ADP UA . 38.59 7.01 -37.24
O2A ADP UA . 38.88 7.47 -34.77
O3A ADP UA . 40.63 5.75 -35.97
O5' ADP UA . 40.50 8.44 -36.63
C5' ADP UA . 41.08 9.64 -36.14
C4' ADP UA . 42.32 10.05 -35.42
O4' ADP UA . 43.70 9.96 -36.09
C3' ADP UA . 42.08 11.50 -35.31
O3' ADP UA . 42.23 11.82 -33.90
C2' ADP UA . 43.10 12.02 -36.32
O2' ADP UA . 43.08 13.42 -36.37
C1' ADP UA . 44.29 11.30 -35.73
N9 ADP UA . 45.84 11.77 -36.21
C8 ADP UA . 47.01 11.88 -35.32
N7 ADP UA . 48.18 12.26 -35.82
C5 ADP UA . 47.85 12.42 -37.15
C6 ADP UA . 48.66 12.83 -38.24
N6 ADP UA . 49.83 13.08 -38.02
N1 ADP UA . 48.16 12.94 -39.48
C2 ADP UA . 46.86 12.66 -39.69
N3 ADP UA . 45.91 12.26 -38.77
C4 ADP UA . 46.46 12.14 -37.47
NP PPQ VA . 37.02 0.25 -26.37
CAP PPQ VA . 38.31 -0.38 -26.60
CBP PPQ VA . 38.80 0.02 -27.98
CGP PPQ VA . 37.76 -0.16 -29.08
PDP PPQ VA . 37.85 0.00 -30.84
CEP PPQ VA . 39.26 0.69 -31.59
OEA PPQ VA . 36.66 0.76 -31.27
OEB PPQ VA . 37.70 -1.41 -31.47
CP PPQ VA . 39.29 0.00 -25.48
OP PPQ VA . 40.41 0.47 -25.76
OTP PPQ VA . 39.00 -0.31 -24.32
MN MN WA . 36.34 30.95 0.60
MN MN XA . 39.81 34.37 2.70
PB ADP YA . 40.72 35.12 -0.02
O1B ADP YA . 41.60 34.26 -1.01
O2B ADP YA . 41.36 35.41 1.27
O3B ADP YA . 39.25 34.30 0.17
PA ADP YA . 39.12 37.05 -2.06
O1A ADP YA . 39.43 36.64 -3.52
O2A ADP YA . 37.71 36.55 -1.65
O3A ADP YA . 40.35 36.50 -0.97
O5' ADP YA . 39.18 38.68 -2.18
C5' ADP YA . 38.47 39.84 -1.75
C4' ADP YA . 38.39 40.70 -0.53
O4' ADP YA . 39.58 41.57 -0.09
C3' ADP YA . 37.37 41.66 -0.95
O3' ADP YA . 36.36 41.65 0.07
C2' ADP YA . 38.25 42.91 -1.15
O2' ADP YA . 37.46 44.00 -1.53
C1' ADP YA . 38.87 42.87 0.23
N9 ADP YA . 39.71 44.25 0.77
C8 ADP YA . 39.65 44.78 2.13
N7 ADP YA . 40.35 45.87 2.44
C5 ADP YA . 40.95 46.13 1.22
C6 ADP YA . 41.84 47.18 0.87
N6 ADP YA . 42.13 47.99 1.72
N1 ADP YA . 42.32 47.29 -0.38
C2 ADP YA . 41.97 46.38 -1.31
N3 ADP YA . 41.11 45.29 -1.15
C4 ADP YA . 40.61 45.21 0.16
NP PPQ ZA . 35.47 27.75 4.97
CAP PPQ ZA . 36.63 28.05 5.79
CBP PPQ ZA . 37.55 28.99 5.02
CGP PPQ ZA . 37.83 28.53 3.59
PDP PPQ ZA . 38.92 29.13 2.33
CEP PPQ ZA . 39.73 30.67 2.54
OEA PPQ ZA . 38.17 29.15 1.08
OEB PPQ ZA . 40.07 28.11 2.12
CP PPQ ZA . 36.19 28.65 7.14
OP PPQ ZA . 36.67 29.71 7.54
OTP PPQ ZA . 35.47 27.94 7.86
MN MN AB . 0.04 44.87 16.41
MN MN BB . -1.53 49.01 19.33
PB ADP CB . 0.27 50.79 17.78
O1B ADP CB . 1.84 50.86 17.86
O2B ADP CB . -0.42 51.06 19.06
O3B ADP CB . -0.13 49.27 17.18
PA ADP CB . -0.28 51.90 14.81
O1A ADP CB . 1.04 52.10 14.05
O2A ADP CB . -0.98 50.60 14.30
O3A ADP CB . -0.07 51.90 16.52
O5' ADP CB . -1.11 53.24 14.34
C5' ADP CB . -2.40 53.63 13.90
C4' ADP CB . -3.72 53.96 14.51
O4' ADP CB . -3.92 55.22 15.37
C3' ADP CB . -4.50 54.24 13.30
O3' ADP CB . -5.68 53.40 13.39
C2' ADP CB . -4.64 55.77 13.42
O2' ADP CB . -5.40 56.28 12.36
C1' ADP CB . -5.21 55.75 14.81
N9 ADP CB . -5.92 57.18 15.41
C8 ADP CB . -7.15 57.22 16.21
N7 ADP CB . -7.62 58.41 16.63
C5 ADP CB . -6.67 59.26 16.08
C6 ADP CB . -6.60 60.66 16.14
N6 ADP CB . -7.46 61.26 16.75
N1 ADP CB . -5.59 61.33 15.54
C2 ADP CB . -4.66 60.64 14.87
N3 ADP CB . -4.56 59.27 14.69
C4 ADP CB . -5.63 58.59 15.33
NP PPQ DB . -1.44 40.80 19.77
CAP PPQ DB . -1.56 41.49 21.03
CBP PPQ DB . -1.13 42.93 20.85
CGP PPQ DB . 0.20 43.09 20.14
PDP PPQ DB . 1.23 44.49 19.78
CEP PPQ DB . 0.62 46.10 20.08
OEA PPQ DB . 1.66 44.39 18.40
OEB PPQ DB . 2.52 44.38 20.65
CP PPQ DB . -3.00 41.38 21.57
OP PPQ DB . -3.64 42.39 21.90
OTP PPQ DB . -3.43 40.24 21.79
MN MN EB . -36.44 31.17 0.65
MN MN FB . -41.49 32.77 0.67
PB ADP GB . -40.61 35.58 0.30
O1B ADP GB . -39.92 36.52 1.35
O2B ADP GB . -41.94 35.08 0.68
O3B ADP GB . -39.53 34.31 -0.02
PA ADP GB . -39.57 36.86 -2.49
O1A ADP GB . -38.53 37.97 -2.20
O2A ADP GB . -38.84 35.58 -2.97
O3A ADP GB . -40.58 36.55 -1.12
O5' ADP GB . -40.45 37.55 -3.69
C5' ADP GB . -41.02 37.23 -4.95
C4' ADP GB . -42.26 36.58 -5.46
O4' ADP GB . -43.65 37.23 -5.28
C3' ADP GB . -42.02 36.64 -6.90
O3' ADP GB . -42.18 35.29 -7.39
C2' ADP GB . -43.05 37.73 -7.28
O2' ADP GB . -43.01 37.94 -8.67
C1' ADP GB . -44.23 37.04 -6.66
N9 ADP GB . -45.78 37.59 -7.06
C8 ADP GB . -46.95 36.73 -7.29
N7 ADP GB . -48.12 37.28 -7.60
C5 ADP GB . -47.78 38.62 -7.60
C6 ADP GB . -48.59 39.75 -7.85
N6 ADP GB . -49.76 39.57 -8.13
N1 ADP GB . -48.08 41.00 -7.80
C2 ADP GB . -46.78 41.16 -7.50
N3 ADP GB . -45.84 40.19 -7.21
C4 ADP GB . -46.39 38.88 -7.27
NP PPQ HB . -37.03 26.31 3.12
CAP PPQ HB . -38.32 26.46 3.77
CBP PPQ HB . -38.81 27.88 3.55
CGP PPQ HB . -37.77 28.95 3.86
PDP PPQ HB . -37.84 30.72 3.94
CEP PPQ HB . -39.25 31.55 3.35
OEA PPQ HB . -36.65 31.23 3.25
OEB PPQ HB . -37.69 31.17 5.42
CP PPQ HB . -39.32 25.41 3.24
OP PPQ HB . -40.42 25.75 2.81
OTP PPQ HB . -39.02 24.22 3.41
#